data_8E6U
#
_entry.id   8E6U
#
_cell.length_a   1.00
_cell.length_b   1.00
_cell.length_c   1.00
_cell.angle_alpha   90.00
_cell.angle_beta   90.00
_cell.angle_gamma   90.00
#
_symmetry.space_group_name_H-M   'P 1'
#
loop_
_entity.id
_entity.type
_entity.pdbx_description
1 polymer 'Transient receptor potential cation channel subfamily M member 2'
2 non-polymer '[(2R,3S,5R)-5-(6-amino-8-phenyl-9H-purin-9-yl)-3-hydroxyoxolan-2-yl]methyl [(2R,3S,4S,5R)-3,4,5-trihydroxyoxolan-2-yl]methyl dihydrogen diphosphate (non-preferred name)'
#
_entity_poly.entity_id   1
_entity_poly.type   'polypeptide(L)'
_entity_poly.pdbx_seq_one_letter_code
;MEPSALRKAGSEQEEGFEGLPRRVTDLGMVSNLRRSNSSLFKSWRLQCPFGNNDKQESLSSWIPENIKKKECVYFVESSK
LSDAGKVVCQCGYTHEQHLEEATKPHTFQGTQWDPKKHVQEMPTDAFGDIVFTGLSQKVKKYVRVSQDTPSSVIYHLMTQ
HWGLDVPNLLISVTGGAKNFNMKPRLKSIFRRGLVKVAQTTGAWIITGGSHTGVMKQVGEAVRDFSLSSSYKEGELITIG
VATWGTVHRREGLIHPTGSFPAEYILDEDGQGNLTCLDSNHSHFILVDDGTHGQYGVEIPLRTRLEKFISEQTKERGGVA
IKIPIVCVVLEGGPGTLHTIDNATTNGTPCVVVEGSGRVADVIAQVANLPVSDITISLIQQKLSVFFQEMFETFTESRIV
EWTKKIQDIVRRRQLLTVFREGKDGQQDVDVAILQALLKASRSQDHFGHENWDHQLKLAVAWNRVDIARSEIFMDEWQWK
PSDLHPTMTAALISNKPEFVKLFLENGVQLKEFVTWDTLLYLYENLDPSCLFHSKLQKVLVEDPERPACAPAAPRLQMHH
VAQVLRELLGDFTQPLYPRPRHNDRLRLLLPVPHVKLNVQGVSLRSLYKRSSGHVTFTMDPIRDLLIWAIVQNRRELAGI
IWAQSQDCIAAALACSKILKELSKEEEDTDSSEEMLALAEEYEHRAIGVFTECYRKDEERAQKLLTRVSEAWGKTTCLQL
ALEAKDMKFVSHGGIQAFLTKVWWGQLSVDNGLWRVTLCMLAFPLLLTGLISFREKRLQDVGTPAARARAFFTAPVVVFH
LNILSYFAFLCLFAYVLMVDFQPVPSWCECAIYLWLFSLVCEEMRQLFYDPDECGLMKKAALYFSDFWNKLDVGAILLFV
AGLTCRLIPATLYPGRVILSLDFILFCLRLMHIFTISKTLGPKIIIVKRMMKDVFFFLFLLAVWVVSFGVAKQAILIHNE
RRVDWLFRGAVYHSYLTIFGQIPGYIDGVNFNPEHCSPNGTDPYKPKCPESDATQQRPAFPEWLTVLLLCLYLLFTNILL
LNLLIAMFNYTFQQVQEHTDQIWKFQRHDLIEEYHGRPAAPPPFILLSHLQLFIKRVVLKTPAKRHKQLKNKLEKNEEAA
LLSWEIYLKENYLQNRQFQQKQRPEQKIEDISNKVDAMVDLLDLDPLKRSGSMEQRLASLEEQVAQTAQALHWIVRTLRA
SGFSSEADVPTLASQKAAEEPDAEPGGRKKTEEPGDSYHVNARHLLYPNCPVTRFPVPNEKVPWETEFLIYDPPFYTAER
KDAAAMDPMGDTLEPLSTIQYNVVDGLRDRRSFHGPYTVQAGLPLNPMGRTGLRGRGSLSCFGPNHTLYPMVTRWRRNED
GAICRKSIKKMLEVLVVKLPLSEHWALPGGSREPGEMLPRKLKRILRQEHWPSFENLLKCGMEVYKGYMDDPRNTDNAWI
ETVAVSVHFQDQNDVELNRLNSNLHACDSGASIRWQVVDRRIPLYANHKTLLQKAAAEFGAHY
;
_entity_poly.pdbx_strand_id   A,B,C,D
#
loop_
_chem_comp.id
_chem_comp.type
_chem_comp.name
_chem_comp.formula
UOZ non-polymer '[(2R,3S,5R)-5-(6-amino-8-phenyl-9H-purin-9-yl)-3-hydroxyoxolan-2-yl]methyl [(2R,3S,4S,5R)-3,4,5-trihydroxyoxolan-2-yl]methyl dihydrogen diphosphate (non-preferred name)' 'C21 H27 N5 O13 P2'
#
# COMPACT_ATOMS: atom_id res chain seq x y z
N ILE A 67 56.84 25.33 -3.16
CA ILE A 67 55.44 25.16 -3.51
C ILE A 67 54.56 25.96 -2.54
N LYS A 68 54.70 27.28 -2.60
CA LYS A 68 53.92 28.23 -1.79
C LYS A 68 54.13 27.99 -0.30
N LYS A 69 55.41 27.94 0.06
CA LYS A 69 55.78 28.05 1.47
C LYS A 69 56.40 29.40 1.76
N LYS A 70 56.32 30.36 0.83
CA LYS A 70 57.04 31.62 0.94
C LYS A 70 56.13 32.82 1.19
N GLU A 71 54.84 32.73 0.83
CA GLU A 71 53.89 33.78 1.13
C GLU A 71 53.27 33.61 2.50
N CYS A 72 53.00 32.38 2.90
CA CYS A 72 52.48 32.09 4.23
C CYS A 72 53.65 32.01 5.21
N VAL A 73 53.76 33.01 6.09
CA VAL A 73 54.80 33.05 7.10
C VAL A 73 54.16 32.77 8.46
N TYR A 74 55.01 32.60 9.46
CA TYR A 74 54.56 32.34 10.82
C TYR A 74 55.38 33.16 11.81
N PHE A 75 54.68 33.74 12.78
CA PHE A 75 55.28 34.56 13.83
C PHE A 75 56.06 33.63 14.75
N VAL A 76 57.38 33.80 14.77
CA VAL A 76 58.26 33.07 15.68
C VAL A 76 59.29 34.04 16.22
N GLU A 77 59.56 33.93 17.53
CA GLU A 77 60.55 34.76 18.20
C GLU A 77 60.80 34.18 19.58
N SER A 78 62.04 34.32 20.05
CA SER A 78 62.38 33.92 21.39
C SER A 78 61.49 34.63 22.40
N SER A 79 60.95 33.86 23.34
CA SER A 79 60.04 34.39 24.34
C SER A 79 60.71 34.66 25.68
N LYS A 80 61.84 34.00 25.96
CA LYS A 80 62.50 34.20 27.25
C LYS A 80 63.78 35.01 27.05
N LEU A 81 63.72 36.01 26.17
CA LEU A 81 64.78 37.00 26.10
C LEU A 81 64.86 37.70 27.45
N SER A 82 63.79 38.41 27.80
CA SER A 82 63.59 38.91 29.15
C SER A 82 62.08 39.02 29.37
N ASP A 83 61.47 37.95 29.85
CA ASP A 83 60.06 37.91 30.19
C ASP A 83 59.82 36.84 31.24
N ALA A 84 59.66 37.27 32.49
CA ALA A 84 59.53 36.30 33.57
C ALA A 84 58.14 36.35 34.22
N GLY A 85 57.77 37.51 34.74
CA GLY A 85 56.68 37.66 35.68
C GLY A 85 57.15 37.57 37.13
N LYS A 86 57.41 36.39 37.67
CA LYS A 86 56.89 35.12 37.17
C LYS A 86 55.44 34.94 37.65
N VAL A 87 54.56 34.46 36.77
CA VAL A 87 53.18 34.22 37.16
C VAL A 87 52.82 32.76 36.91
N VAL A 88 53.45 32.17 35.91
CA VAL A 88 53.09 30.84 35.42
C VAL A 88 54.35 29.99 35.55
N CYS A 89 55.06 30.19 36.66
CA CYS A 89 56.46 29.80 36.84
C CYS A 89 56.84 28.50 36.15
N GLN A 90 56.13 27.40 36.46
CA GLN A 90 56.40 26.10 35.88
C GLN A 90 57.89 25.81 35.79
N CYS A 91 58.49 26.08 34.63
CA CYS A 91 59.93 25.96 34.44
C CYS A 91 60.49 27.25 33.86
N GLY A 92 59.73 27.88 32.97
CA GLY A 92 60.16 29.11 32.34
C GLY A 92 59.19 29.51 31.25
N TYR A 93 59.38 30.74 30.78
CA TYR A 93 58.52 31.26 29.72
C TYR A 93 58.97 30.72 28.37
N THR A 94 58.71 29.43 28.14
CA THR A 94 59.11 28.72 26.93
C THR A 94 60.57 28.98 26.60
N HIS A 95 61.47 28.57 27.49
CA HIS A 95 62.89 28.89 27.40
C HIS A 95 63.57 27.98 26.38
N GLU A 96 64.91 27.94 26.41
CA GLU A 96 65.73 27.19 25.46
C GLU A 96 65.22 25.77 25.23
N GLN A 97 65.46 25.24 24.04
CA GLN A 97 64.99 23.92 23.62
C GLN A 97 63.46 23.86 23.65
N HIS A 98 62.86 24.82 22.96
CA HIS A 98 61.41 24.92 22.82
C HIS A 98 61.14 25.51 21.43
N LEU A 99 59.93 26.04 21.24
CA LEU A 99 59.63 26.77 20.02
C LEU A 99 60.55 27.97 19.85
N GLU A 100 61.16 28.43 20.94
CA GLU A 100 62.20 29.47 20.87
C GLU A 100 63.52 28.83 20.44
N GLU A 101 63.94 29.11 19.20
CA GLU A 101 65.18 28.55 18.66
C GLU A 101 66.05 29.55 17.94
N ALA A 102 65.53 30.67 17.44
CA ALA A 102 66.28 31.53 16.53
C ALA A 102 67.34 32.36 17.25
N THR A 103 66.91 33.23 18.17
CA THR A 103 67.82 34.16 18.84
C THR A 103 68.27 33.64 20.20
N LYS A 104 68.56 32.34 20.31
CA LYS A 104 69.15 31.77 21.51
C LYS A 104 70.49 32.42 21.89
N PRO A 105 71.29 33.00 20.96
CA PRO A 105 72.42 33.81 21.43
C PRO A 105 71.96 35.15 21.97
N HIS A 106 72.91 36.02 22.33
CA HIS A 106 72.59 37.28 22.97
C HIS A 106 72.08 38.28 21.94
N THR A 107 70.85 38.74 22.14
CA THR A 107 70.31 39.88 21.40
C THR A 107 70.85 41.16 22.04
N PHE A 108 70.31 42.32 21.67
CA PHE A 108 70.89 43.56 22.19
C PHE A 108 70.60 43.75 23.68
N GLN A 109 69.34 43.96 24.06
CA GLN A 109 68.99 43.91 25.48
C GLN A 109 67.79 43.00 25.76
N GLY A 110 66.72 43.15 24.99
CA GLY A 110 65.47 42.45 25.26
C GLY A 110 64.39 43.37 25.80
N THR A 111 64.80 44.34 26.62
CA THR A 111 63.93 45.37 27.19
C THR A 111 62.74 44.77 27.94
N GLN A 112 61.55 44.77 27.33
CA GLN A 112 60.33 44.33 27.99
C GLN A 112 59.46 43.45 27.11
N TRP A 113 60.05 42.75 26.13
CA TRP A 113 59.35 41.83 25.26
C TRP A 113 58.39 42.59 24.35
N ASP A 114 57.35 43.21 24.93
CA ASP A 114 56.60 44.32 24.32
C ASP A 114 56.37 44.11 22.83
N PRO A 115 55.41 43.25 22.44
CA PRO A 115 55.60 42.45 21.22
C PRO A 115 55.70 43.25 19.92
N LYS A 116 56.64 44.20 19.93
CA LYS A 116 57.30 44.61 18.70
C LYS A 116 58.79 44.27 18.74
N LYS A 117 59.24 43.53 19.75
CA LYS A 117 60.56 42.90 19.71
C LYS A 117 60.49 41.88 18.58
N HIS A 118 61.12 42.21 17.46
CA HIS A 118 60.74 41.69 16.15
C HIS A 118 60.50 40.18 16.16
N VAL A 119 59.26 39.80 15.89
CA VAL A 119 58.87 38.40 15.78
C VAL A 119 59.05 38.01 14.31
N GLN A 120 60.05 37.20 14.05
CA GLN A 120 60.47 36.94 12.67
C GLN A 120 59.36 36.26 11.88
N GLU A 121 59.25 36.64 10.62
CA GLU A 121 58.31 36.03 9.68
C GLU A 121 59.12 35.29 8.63
N MET A 122 59.50 34.05 8.95
CA MET A 122 60.27 33.21 8.05
C MET A 122 59.33 32.18 7.43
N PRO A 123 59.75 31.51 6.35
CA PRO A 123 58.87 30.55 5.70
C PRO A 123 58.35 29.50 6.66
N THR A 124 57.08 29.16 6.51
CA THR A 124 56.38 28.27 7.42
C THR A 124 56.97 26.86 7.37
N ASP A 125 56.96 26.19 8.52
CA ASP A 125 57.48 24.83 8.62
C ASP A 125 56.39 23.79 8.88
N ALA A 126 55.14 24.19 9.08
CA ALA A 126 54.04 23.26 9.33
C ALA A 126 52.98 23.51 8.26
N PHE A 127 53.13 22.84 7.12
CA PHE A 127 52.16 22.97 6.03
C PHE A 127 52.10 21.66 5.27
N GLY A 128 51.10 20.84 5.55
CA GLY A 128 51.04 19.55 4.87
C GLY A 128 49.68 18.92 4.81
N ASP A 129 49.65 17.61 5.04
CA ASP A 129 48.43 16.83 4.97
C ASP A 129 48.39 15.93 6.21
N ILE A 130 47.32 16.02 6.99
CA ILE A 130 47.28 15.35 8.28
C ILE A 130 46.19 14.28 8.29
N VAL A 131 46.53 13.08 8.74
CA VAL A 131 45.56 12.02 8.92
C VAL A 131 45.58 11.56 10.37
N PHE A 132 44.40 11.28 10.92
CA PHE A 132 44.29 10.86 12.31
C PHE A 132 44.52 9.36 12.41
N THR A 133 45.41 8.95 13.32
CA THR A 133 45.91 7.59 13.40
C THR A 133 44.82 6.53 13.44
N GLY A 134 44.01 6.54 14.50
CA GLY A 134 43.03 5.50 14.68
C GLY A 134 41.62 6.02 14.83
N LEU A 135 41.34 7.17 14.20
CA LEU A 135 40.02 7.76 14.27
C LEU A 135 39.34 7.68 12.91
N SER A 136 40.01 8.15 11.87
CA SER A 136 39.52 8.12 10.51
C SER A 136 40.64 7.67 9.59
N GLN A 137 40.38 7.65 8.28
CA GLN A 137 41.43 7.23 7.35
C GLN A 137 41.51 8.12 6.12
N LYS A 138 40.84 9.26 6.10
CA LYS A 138 40.90 10.18 4.97
C LYS A 138 41.84 11.33 5.29
N VAL A 139 42.56 11.77 4.29
CA VAL A 139 43.59 12.80 4.45
C VAL A 139 42.92 14.15 4.63
N LYS A 140 43.58 15.01 5.41
CA LYS A 140 43.08 16.35 5.71
C LYS A 140 44.22 17.36 5.60
N LYS A 141 43.90 18.53 5.05
CA LYS A 141 44.90 19.55 4.77
C LYS A 141 44.94 20.57 5.90
N TYR A 142 46.15 21.04 6.21
CA TYR A 142 46.33 22.07 7.23
C TYR A 142 47.44 23.02 6.83
N VAL A 143 47.57 24.14 7.54
CA VAL A 143 48.65 25.09 7.28
C VAL A 143 48.81 26.02 8.48
N ARG A 144 50.05 26.33 8.83
CA ARG A 144 50.33 27.30 9.88
C ARG A 144 50.42 28.70 9.29
N VAL A 145 49.66 29.63 9.89
CA VAL A 145 49.46 30.95 9.32
C VAL A 145 49.75 32.00 10.40
N SER A 146 50.47 33.05 10.01
CA SER A 146 50.71 34.16 10.92
C SER A 146 49.46 35.02 11.07
N GLN A 147 49.46 35.84 12.12
CA GLN A 147 48.31 36.71 12.37
C GLN A 147 48.15 37.80 11.32
N ASP A 148 49.26 38.28 10.75
CA ASP A 148 49.24 39.41 9.83
C ASP A 148 49.14 38.97 8.38
N THR A 149 48.86 37.71 8.12
CA THR A 149 48.74 37.23 6.76
C THR A 149 47.52 37.86 6.09
N PRO A 150 47.67 38.47 4.91
CA PRO A 150 46.51 39.05 4.23
C PRO A 150 45.46 37.99 3.92
N SER A 151 44.19 38.41 4.02
CA SER A 151 43.10 37.49 3.77
C SER A 151 43.10 36.96 2.35
N SER A 152 43.52 37.79 1.39
CA SER A 152 43.56 37.36 0.00
C SER A 152 44.51 36.19 -0.22
N VAL A 153 45.66 36.20 0.44
CA VAL A 153 46.62 35.10 0.29
C VAL A 153 45.99 33.80 0.79
N ILE A 154 45.32 33.85 1.93
CA ILE A 154 44.68 32.65 2.46
C ILE A 154 43.55 32.18 1.53
N TYR A 155 42.78 33.11 0.99
CA TYR A 155 41.72 32.72 0.06
C TYR A 155 42.29 32.05 -1.19
N HIS A 156 43.37 32.61 -1.75
CA HIS A 156 44.01 31.99 -2.89
C HIS A 156 44.54 30.61 -2.55
N LEU A 157 45.16 30.46 -1.38
CA LEU A 157 45.63 29.14 -0.95
C LEU A 157 44.49 28.15 -0.82
N MET A 158 43.37 28.56 -0.24
CA MET A 158 42.25 27.66 -0.04
C MET A 158 41.61 27.24 -1.35
N THR A 159 41.49 28.17 -2.31
CA THR A 159 40.86 27.78 -3.57
C THR A 159 41.85 27.09 -4.50
N GLN A 160 42.84 27.83 -4.98
CA GLN A 160 43.62 27.39 -6.13
C GLN A 160 44.50 26.18 -5.84
N HIS A 161 44.93 25.99 -4.60
CA HIS A 161 45.88 24.93 -4.27
C HIS A 161 45.28 23.85 -3.40
N TRP A 162 44.15 24.14 -2.73
CA TRP A 162 43.44 23.09 -2.02
C TRP A 162 42.30 22.51 -2.83
N GLY A 163 42.02 23.03 -4.02
CA GLY A 163 40.98 22.44 -4.84
C GLY A 163 39.57 22.78 -4.42
N LEU A 164 39.40 23.66 -3.44
CA LEU A 164 38.06 24.01 -2.98
C LEU A 164 37.37 24.91 -3.98
N ASP A 165 36.13 24.56 -4.32
CA ASP A 165 35.33 25.40 -5.18
C ASP A 165 34.86 26.63 -4.41
N VAL A 166 34.58 27.70 -5.16
CA VAL A 166 34.12 28.94 -4.55
C VAL A 166 32.77 28.67 -3.87
N PRO A 167 32.65 28.94 -2.58
CA PRO A 167 31.43 28.55 -1.86
C PRO A 167 30.24 29.43 -2.22
N ASN A 168 29.07 28.83 -2.12
CA ASN A 168 27.81 29.54 -2.30
C ASN A 168 27.33 30.22 -1.03
N LEU A 169 27.93 29.90 0.12
CA LEU A 169 27.46 30.40 1.40
C LEU A 169 28.47 30.12 2.50
N LEU A 170 28.67 31.09 3.39
CA LEU A 170 29.52 30.89 4.55
C LEU A 170 28.67 30.65 5.80
N ILE A 171 28.99 29.58 6.51
CA ILE A 171 28.26 29.23 7.72
C ILE A 171 29.20 29.34 8.91
N SER A 172 29.18 30.48 9.58
CA SER A 172 29.99 30.67 10.78
C SER A 172 29.28 30.03 11.97
N VAL A 173 29.97 29.10 12.62
CA VAL A 173 29.44 28.42 13.79
C VAL A 173 30.24 28.90 14.99
N THR A 174 29.59 29.62 15.89
CA THR A 174 30.20 30.14 17.10
C THR A 174 29.43 29.65 18.32
N GLY A 175 30.05 29.80 19.47
CA GLY A 175 29.46 29.33 20.71
C GLY A 175 30.52 29.26 21.80
N GLY A 176 30.37 28.25 22.66
CA GLY A 176 31.25 28.08 23.79
C GLY A 176 32.13 26.86 23.63
N ALA A 177 33.37 26.98 24.12
CA ALA A 177 34.32 25.88 23.99
C ALA A 177 34.03 24.77 25.00
N LYS A 178 33.50 25.13 26.17
CA LYS A 178 33.25 24.15 27.21
C LYS A 178 32.24 23.11 26.74
N ASN A 179 32.53 21.84 27.04
CA ASN A 179 31.66 20.75 26.60
C ASN A 179 30.30 20.85 27.28
N PHE A 180 29.27 20.40 26.56
CA PHE A 180 27.91 20.44 27.08
C PHE A 180 27.04 19.48 26.28
N ASN A 181 25.87 19.20 26.82
CA ASN A 181 24.89 18.33 26.17
C ASN A 181 23.55 19.05 26.08
N MET A 182 22.78 18.73 25.06
CA MET A 182 21.42 19.24 24.92
C MET A 182 20.44 18.08 24.83
N LYS A 183 19.18 18.40 24.60
CA LYS A 183 18.13 17.40 24.45
C LYS A 183 18.40 16.57 23.21
N PRO A 184 18.10 15.26 23.25
CA PRO A 184 18.30 14.43 22.06
C PRO A 184 17.50 14.90 20.86
N ARG A 185 16.30 15.45 21.05
CA ARG A 185 15.55 15.99 19.93
C ARG A 185 16.27 17.16 19.28
N LEU A 186 16.83 18.06 20.10
CA LEU A 186 17.57 19.19 19.57
C LEU A 186 18.82 18.71 18.84
N LYS A 187 19.50 17.70 19.38
CA LYS A 187 20.64 17.14 18.67
C LYS A 187 20.21 16.60 17.31
N SER A 188 19.17 15.76 17.30
CA SER A 188 18.71 15.11 16.09
C SER A 188 18.20 16.08 15.05
N ILE A 189 17.71 17.25 15.44
CA ILE A 189 17.29 18.25 14.47
C ILE A 189 18.45 19.12 14.00
N PHE A 190 19.32 19.54 14.93
CA PHE A 190 20.39 20.45 14.58
C PHE A 190 21.46 19.78 13.72
N ARG A 191 21.94 18.61 14.11
CA ARG A 191 22.99 17.96 13.34
C ARG A 191 22.47 17.32 12.06
N ARG A 192 21.15 17.23 11.90
CA ARG A 192 20.56 16.78 10.65
C ARG A 192 20.22 17.93 9.72
N GLY A 193 20.00 19.13 10.26
CA GLY A 193 19.76 20.27 9.41
C GLY A 193 21.03 20.97 8.98
N LEU A 194 22.02 21.06 9.87
CA LEU A 194 23.27 21.72 9.51
C LEU A 194 23.95 21.03 8.34
N VAL A 195 23.92 19.70 8.31
CA VAL A 195 24.52 18.99 7.19
C VAL A 195 23.75 19.25 5.91
N LYS A 196 22.43 19.37 5.98
CA LYS A 196 21.64 19.55 4.77
C LYS A 196 21.69 20.98 4.27
N VAL A 197 22.07 21.94 5.13
CA VAL A 197 22.25 23.31 4.69
C VAL A 197 23.42 23.35 3.71
N ALA A 198 24.37 22.44 3.90
CA ALA A 198 25.59 22.47 3.13
C ALA A 198 25.52 21.50 1.97
N GLN A 199 24.83 20.38 2.16
CA GLN A 199 24.72 19.36 1.11
C GLN A 199 24.14 19.95 -0.17
N THR A 200 23.06 20.72 -0.06
CA THR A 200 22.42 21.27 -1.23
C THR A 200 23.17 22.46 -1.80
N THR A 201 23.80 23.27 -0.93
CA THR A 201 24.30 24.57 -1.37
C THR A 201 25.77 24.56 -1.76
N GLY A 202 26.55 23.59 -1.29
CA GLY A 202 27.98 23.66 -1.51
C GLY A 202 28.58 24.80 -0.72
N ALA A 203 28.37 24.79 0.59
CA ALA A 203 28.76 25.89 1.46
C ALA A 203 30.00 25.51 2.27
N TRP A 204 30.54 26.49 2.98
CA TRP A 204 31.69 26.30 3.86
C TRP A 204 31.24 26.50 5.31
N ILE A 205 31.84 25.71 6.20
CA ILE A 205 31.51 25.77 7.61
C ILE A 205 32.78 26.19 8.35
N ILE A 206 32.82 27.45 8.77
CA ILE A 206 33.96 27.98 9.54
C ILE A 206 33.70 27.65 11.01
N THR A 207 34.24 26.54 11.48
CA THR A 207 34.01 26.13 12.86
C THR A 207 35.00 26.80 13.80
N GLY A 208 35.05 26.33 15.05
CA GLY A 208 35.97 26.87 16.02
C GLY A 208 37.27 26.10 16.10
N GLY A 209 37.41 25.04 15.30
CA GLY A 209 38.66 24.30 15.33
C GLY A 209 38.63 23.05 16.19
N SER A 210 39.04 23.20 17.44
CA SER A 210 39.43 22.08 18.30
C SER A 210 38.24 21.19 18.67
N HIS A 211 38.51 20.24 19.56
CA HIS A 211 37.60 19.13 19.88
C HIS A 211 36.78 19.37 21.14
N THR A 212 36.38 20.60 21.44
CA THR A 212 35.60 20.83 22.65
C THR A 212 34.46 21.81 22.36
N GLY A 213 33.25 21.36 22.67
CA GLY A 213 32.10 22.25 22.71
C GLY A 213 31.33 22.32 21.39
N VAL A 214 31.06 23.55 20.98
CA VAL A 214 30.28 23.83 19.78
C VAL A 214 31.06 23.38 18.54
N MET A 215 32.38 23.55 18.58
CA MET A 215 33.23 23.11 17.47
C MET A 215 33.44 21.61 17.45
N LYS A 216 33.18 20.92 18.55
CA LYS A 216 33.16 19.46 18.56
C LYS A 216 31.82 18.91 18.11
N GLN A 217 30.73 19.60 18.45
CA GLN A 217 29.41 19.13 18.06
C GLN A 217 29.19 19.22 16.56
N VAL A 218 29.71 20.25 15.91
CA VAL A 218 29.60 20.33 14.46
C VAL A 218 30.44 19.23 13.80
N GLY A 219 31.60 18.90 14.38
CA GLY A 219 32.35 17.77 13.90
C GLY A 219 31.60 16.47 14.06
N GLU A 220 30.89 16.31 15.17
CA GLU A 220 30.03 15.15 15.35
C GLU A 220 28.92 15.12 14.29
N ALA A 221 28.37 16.28 13.96
CA ALA A 221 27.37 16.35 12.91
C ALA A 221 27.92 15.88 11.57
N VAL A 222 29.13 16.34 11.23
CA VAL A 222 29.75 15.94 9.96
C VAL A 222 30.08 14.45 9.99
N ARG A 223 30.48 13.93 11.15
CA ARG A 223 30.74 12.50 11.29
C ARG A 223 29.47 11.68 11.14
N ASP A 224 28.34 12.17 11.63
CA ASP A 224 27.06 11.50 11.55
C ASP A 224 26.57 11.38 10.11
N PHE A 225 27.19 12.13 9.20
CA PHE A 225 26.80 12.08 7.80
C PHE A 225 27.83 11.34 6.97
N SER A 226 29.09 11.81 7.02
CA SER A 226 30.12 11.36 6.10
C SER A 226 30.54 9.91 6.32
N LEU A 227 30.08 9.28 7.40
CA LEU A 227 30.36 7.88 7.64
C LEU A 227 29.12 7.00 7.62
N SER A 228 27.93 7.54 7.90
CA SER A 228 26.70 6.76 7.74
C SER A 228 26.26 6.78 6.27
N SER A 229 25.96 7.96 5.75
CA SER A 229 25.63 8.12 4.34
C SER A 229 26.82 8.70 3.59
N SER A 230 27.88 7.88 3.48
CA SER A 230 29.16 8.35 2.98
C SER A 230 29.07 8.60 1.48
N TYR A 231 28.61 9.79 1.10
CA TYR A 231 28.38 10.14 -0.29
C TYR A 231 29.47 11.11 -0.76
N LYS A 232 30.16 10.73 -1.84
CA LYS A 232 31.12 11.64 -2.45
C LYS A 232 30.42 12.85 -3.05
N GLU A 233 29.19 12.67 -3.56
CA GLU A 233 28.41 13.76 -4.12
C GLU A 233 28.03 14.73 -3.02
N GLY A 234 28.59 15.94 -3.07
CA GLY A 234 28.31 16.93 -2.06
C GLY A 234 29.20 16.80 -0.83
N GLU A 235 30.51 16.88 -1.04
CA GLU A 235 31.45 16.75 0.06
C GLU A 235 31.26 17.90 1.06
N LEU A 236 31.35 17.56 2.34
CA LEU A 236 31.22 18.53 3.42
C LEU A 236 32.55 19.23 3.63
N ILE A 237 32.55 20.55 3.52
CA ILE A 237 33.76 21.35 3.65
C ILE A 237 33.65 22.13 4.95
N THR A 238 34.36 21.67 5.97
CA THR A 238 34.43 22.36 7.25
C THR A 238 35.86 22.85 7.45
N ILE A 239 36.02 24.15 7.64
CA ILE A 239 37.33 24.77 7.78
C ILE A 239 37.54 25.04 9.27
N GLY A 240 38.58 24.45 9.84
CA GLY A 240 38.87 24.65 11.24
C GLY A 240 39.90 25.73 11.47
N VAL A 241 39.50 26.82 12.13
CA VAL A 241 40.41 27.90 12.49
C VAL A 241 40.65 27.80 13.98
N ALA A 242 41.91 27.54 14.35
CA ALA A 242 42.29 27.34 15.74
C ALA A 242 43.57 28.11 16.01
N THR A 243 44.19 27.85 17.15
CA THR A 243 45.38 28.55 17.57
C THR A 243 46.57 27.61 17.65
N TRP A 244 47.66 28.01 17.00
CA TRP A 244 48.95 27.35 17.16
C TRP A 244 49.58 27.90 18.43
N GLY A 245 49.90 27.01 19.37
CA GLY A 245 50.32 27.43 20.68
C GLY A 245 49.28 26.99 21.68
N THR A 246 48.06 26.80 21.20
CA THR A 246 47.00 26.14 21.93
C THR A 246 46.80 24.69 21.51
N VAL A 247 47.02 24.39 20.23
CA VAL A 247 47.01 22.99 19.78
C VAL A 247 48.04 22.20 20.57
N HIS A 248 47.64 21.01 21.03
CA HIS A 248 48.44 20.27 22.00
C HIS A 248 49.70 19.69 21.39
N ARG A 249 49.56 18.78 20.43
CA ARG A 249 50.67 17.95 19.98
C ARG A 249 51.23 18.41 18.64
N ARG A 250 51.36 19.72 18.45
CA ARG A 250 51.87 20.29 17.21
C ARG A 250 53.30 19.85 16.93
N GLU A 251 53.97 19.31 17.94
CA GLU A 251 55.29 18.72 17.74
C GLU A 251 55.12 17.45 16.90
N GLY A 252 56.15 17.08 16.15
CA GLY A 252 56.03 15.98 15.22
C GLY A 252 55.06 16.30 14.10
N LEU A 253 54.89 17.59 13.85
CA LEU A 253 54.02 18.09 12.80
C LEU A 253 54.73 19.24 12.09
N ILE A 254 55.96 19.50 12.50
CA ILE A 254 56.76 20.57 11.94
C ILE A 254 57.82 19.97 11.03
N HIS A 255 57.70 20.26 9.73
CA HIS A 255 58.66 19.72 8.78
C HIS A 255 58.71 20.63 7.55
N PRO A 256 59.79 21.42 7.38
CA PRO A 256 59.79 22.49 6.38
C PRO A 256 59.62 22.07 4.93
N THR A 257 59.45 20.77 4.67
CA THR A 257 59.30 20.28 3.30
C THR A 257 57.96 19.58 3.13
N GLY A 258 56.89 20.23 3.57
CA GLY A 258 55.64 19.55 3.89
C GLY A 258 54.75 19.04 2.79
N SER A 259 55.13 17.93 2.16
CA SER A 259 54.21 17.14 1.35
C SER A 259 53.82 15.83 2.05
N PHE A 260 54.20 15.70 3.30
CA PHE A 260 54.09 14.49 4.11
C PHE A 260 52.65 14.27 4.60
N PRO A 261 52.19 13.01 4.64
CA PRO A 261 50.95 12.70 5.34
C PRO A 261 51.17 12.32 6.81
N ALA A 262 51.66 13.24 7.64
CA ALA A 262 51.92 12.91 9.03
C ALA A 262 50.63 12.60 9.78
N GLU A 263 50.77 11.97 10.94
CA GLU A 263 49.65 11.53 11.74
C GLU A 263 49.60 12.28 13.07
N TYR A 264 48.39 12.44 13.58
CA TYR A 264 48.13 13.12 14.84
C TYR A 264 47.67 12.11 15.89
N ILE A 265 48.38 12.06 17.01
CA ILE A 265 47.99 11.22 18.14
C ILE A 265 46.94 11.99 18.92
N LEU A 266 45.67 11.62 18.72
CA LEU A 266 44.57 12.35 19.33
C LEU A 266 44.51 11.99 20.81
N ASP A 267 45.25 12.72 21.63
CA ASP A 267 45.29 12.50 23.06
C ASP A 267 44.60 13.67 23.77
N GLU A 268 43.45 13.40 24.37
CA GLU A 268 42.68 14.41 25.09
C GLU A 268 43.01 14.39 26.58
N ASP A 269 43.61 13.30 27.05
CA ASP A 269 43.97 13.15 28.45
C ASP A 269 45.22 13.93 28.81
N GLY A 270 46.24 13.90 27.95
CA GLY A 270 47.52 14.52 28.24
C GLY A 270 47.47 16.02 28.40
N GLN A 271 46.61 16.68 27.61
CA GLN A 271 46.54 18.13 27.59
C GLN A 271 46.21 18.72 28.96
N GLY A 272 46.90 19.81 29.31
CA GLY A 272 46.61 20.54 30.53
C GLY A 272 45.82 21.79 30.22
N ASN A 273 46.50 22.93 30.16
CA ASN A 273 45.89 24.17 29.72
C ASN A 273 46.12 24.34 28.22
N LEU A 274 45.80 23.28 27.47
CA LEU A 274 45.92 23.28 26.03
C LEU A 274 44.68 22.64 25.43
N THR A 275 44.70 22.33 24.13
CA THR A 275 43.56 21.66 23.52
C THR A 275 43.99 20.89 22.27
N CYS A 276 43.35 19.77 22.02
CA CYS A 276 43.65 18.95 20.85
C CYS A 276 42.70 19.31 19.69
N LEU A 277 43.15 19.04 18.47
CA LEU A 277 42.36 19.32 17.28
C LEU A 277 41.22 18.33 17.14
N ASP A 278 40.10 18.80 16.59
CA ASP A 278 38.98 17.92 16.33
C ASP A 278 39.29 16.99 15.16
N SER A 279 38.78 15.76 15.25
CA SER A 279 39.05 14.78 14.21
C SER A 279 38.31 15.10 12.93
N ASN A 280 37.03 15.42 13.03
CA ASN A 280 36.17 15.57 11.85
C ASN A 280 36.19 17.02 11.38
N HIS A 281 37.17 17.34 10.53
CA HIS A 281 37.25 18.65 9.90
C HIS A 281 38.02 18.52 8.60
N SER A 282 37.43 19.00 7.50
CA SER A 282 38.05 18.81 6.19
C SER A 282 39.40 19.52 6.11
N HIS A 283 39.49 20.74 6.63
CA HIS A 283 40.72 21.52 6.51
C HIS A 283 40.97 22.27 7.82
N PHE A 284 42.23 22.61 8.05
CA PHE A 284 42.66 23.25 9.28
C PHE A 284 43.49 24.49 8.96
N ILE A 285 43.22 25.58 9.68
CA ILE A 285 44.01 26.80 9.60
C ILE A 285 44.42 27.17 11.01
N LEU A 286 45.72 27.31 11.24
CA LEU A 286 46.25 27.57 12.57
C LEU A 286 46.98 28.90 12.58
N VAL A 287 46.65 29.75 13.54
CA VAL A 287 47.24 31.08 13.66
C VAL A 287 48.03 31.15 14.95
N ASP A 288 49.08 31.96 14.94
CA ASP A 288 49.97 32.04 16.09
C ASP A 288 50.69 33.37 16.11
N ASP A 289 51.10 33.79 17.30
CA ASP A 289 52.04 34.87 17.49
C ASP A 289 53.40 34.40 17.99
N GLY A 290 53.65 33.09 17.94
CA GLY A 290 54.84 32.55 18.57
C GLY A 290 54.71 32.63 20.08
N THR A 291 53.62 32.10 20.60
CA THR A 291 53.32 32.21 22.02
C THR A 291 52.77 30.85 22.47
N HIS A 292 52.50 30.70 23.75
CA HIS A 292 52.03 29.43 24.29
C HIS A 292 50.88 29.68 25.24
N GLY A 293 49.77 28.97 25.03
CA GLY A 293 48.67 29.03 25.96
C GLY A 293 47.72 30.20 25.78
N GLN A 294 47.93 31.05 24.79
CA GLN A 294 47.02 32.16 24.56
C GLN A 294 45.81 31.69 23.75
N TYR A 295 44.66 32.29 24.05
CA TYR A 295 43.40 31.87 23.46
C TYR A 295 42.75 32.89 22.56
N GLY A 296 42.89 34.19 22.84
CA GLY A 296 42.23 35.19 22.02
C GLY A 296 43.07 35.74 20.90
N VAL A 297 43.58 34.87 20.02
CA VAL A 297 44.44 35.28 18.93
C VAL A 297 43.83 34.98 17.57
N GLU A 298 42.98 33.96 17.47
CA GLU A 298 42.36 33.62 16.20
C GLU A 298 41.14 34.47 15.87
N ILE A 299 40.63 35.25 16.81
CA ILE A 299 39.46 36.08 16.56
C ILE A 299 39.76 37.12 15.49
N PRO A 300 40.84 37.93 15.60
CA PRO A 300 41.06 38.95 14.56
C PRO A 300 41.79 38.41 13.34
N LEU A 301 41.43 37.20 12.89
CA LEU A 301 41.81 36.75 11.56
C LEU A 301 40.65 35.95 10.99
N ARG A 302 39.64 35.73 11.83
CA ARG A 302 38.45 35.01 11.40
C ARG A 302 37.44 36.02 10.87
N THR A 303 37.18 37.08 11.64
CA THR A 303 36.33 38.16 11.17
C THR A 303 36.92 38.83 9.93
N ARG A 304 38.23 39.05 9.94
CA ARG A 304 38.89 39.66 8.79
C ARG A 304 38.81 38.78 7.55
N LEU A 305 38.99 37.47 7.70
CA LEU A 305 38.86 36.56 6.57
C LEU A 305 37.43 36.51 6.06
N GLU A 306 36.46 36.44 6.97
CA GLU A 306 35.07 36.35 6.59
C GLU A 306 34.58 37.62 5.89
N LYS A 307 35.01 38.79 6.35
CA LYS A 307 34.69 40.04 5.69
C LYS A 307 35.16 40.06 4.24
N PHE A 308 36.32 39.47 3.94
CA PHE A 308 36.83 39.39 2.59
C PHE A 308 36.13 38.33 1.75
N ILE A 309 35.84 37.18 2.33
CA ILE A 309 35.13 36.15 1.57
C ILE A 309 33.73 36.61 1.22
N SER A 310 33.08 37.36 2.12
CA SER A 310 31.79 37.94 1.80
C SER A 310 31.86 38.96 0.68
N GLU A 311 32.92 39.77 0.66
CA GLU A 311 33.10 40.73 -0.43
C GLU A 311 33.40 40.05 -1.76
N GLN A 312 34.05 38.90 -1.73
CA GLN A 312 34.34 38.17 -2.95
C GLN A 312 33.04 37.72 -3.62
N THR A 313 33.07 37.61 -4.94
CA THR A 313 31.87 37.37 -5.72
C THR A 313 32.02 36.13 -6.60
N LYS A 314 30.88 35.50 -6.88
CA LYS A 314 30.81 34.33 -7.75
C LYS A 314 30.28 34.76 -9.12
N GLU A 315 30.60 33.98 -10.16
CA GLU A 315 30.21 34.38 -11.51
C GLU A 315 29.25 33.39 -12.14
N ARG A 316 29.62 32.10 -12.12
CA ARG A 316 28.82 31.02 -12.70
C ARG A 316 28.26 31.31 -14.08
N GLY A 317 27.11 30.72 -14.40
CA GLY A 317 26.66 30.70 -15.78
C GLY A 317 26.34 32.07 -16.33
N GLY A 318 25.25 32.68 -15.87
CA GLY A 318 24.86 33.97 -16.39
C GLY A 318 24.78 35.07 -15.36
N VAL A 319 24.47 34.71 -14.11
CA VAL A 319 24.23 35.70 -13.07
C VAL A 319 25.35 35.68 -12.05
N ALA A 320 25.74 36.86 -11.59
CA ALA A 320 26.81 36.99 -10.60
C ALA A 320 26.21 37.45 -9.28
N ILE A 321 26.60 36.78 -8.20
CA ILE A 321 26.04 37.06 -6.89
C ILE A 321 27.15 37.48 -5.94
N LYS A 322 26.76 38.02 -4.79
CA LYS A 322 27.69 38.32 -3.71
C LYS A 322 27.52 37.25 -2.65
N ILE A 323 28.64 36.62 -2.27
CA ILE A 323 28.60 35.46 -1.38
C ILE A 323 28.04 35.89 -0.03
N PRO A 324 26.94 35.30 0.42
CA PRO A 324 26.36 35.67 1.71
C PRO A 324 27.10 35.00 2.86
N ILE A 325 26.67 35.31 4.08
CA ILE A 325 27.30 34.78 5.28
C ILE A 325 26.25 34.73 6.38
N VAL A 326 26.40 33.78 7.30
CA VAL A 326 25.46 33.58 8.38
C VAL A 326 26.21 33.07 9.59
N CYS A 327 25.71 33.41 10.78
CA CYS A 327 26.27 32.93 12.04
C CYS A 327 25.25 32.06 12.76
N VAL A 328 25.73 30.93 13.27
CA VAL A 328 24.87 29.97 13.96
C VAL A 328 25.39 29.80 15.38
N VAL A 329 24.66 30.32 16.36
CA VAL A 329 25.16 30.32 17.73
C VAL A 329 24.64 29.11 18.50
N LEU A 330 25.29 28.82 19.62
CA LEU A 330 24.91 27.80 20.59
C LEU A 330 25.30 28.33 21.96
N GLU A 331 25.47 27.45 22.96
CA GLU A 331 25.98 27.89 24.24
C GLU A 331 27.28 28.66 24.03
N GLY A 332 27.36 29.84 24.63
CA GLY A 332 28.56 30.65 24.53
C GLY A 332 28.78 31.44 25.80
N GLY A 333 30.01 31.88 26.00
CA GLY A 333 30.36 32.69 27.15
C GLY A 333 30.39 34.16 26.80
N PRO A 334 31.21 34.92 27.52
CA PRO A 334 31.31 36.36 27.24
C PRO A 334 31.86 36.66 25.86
N GLY A 335 32.62 35.74 25.29
CA GLY A 335 33.23 35.98 23.99
C GLY A 335 32.33 35.67 22.82
N THR A 336 31.30 34.87 23.05
CA THR A 336 30.34 34.56 22.00
C THR A 336 29.39 35.74 21.81
N LEU A 337 29.02 36.38 22.91
CA LEU A 337 28.14 37.54 22.88
C LEU A 337 28.79 38.68 22.11
N HIS A 338 30.09 38.91 22.33
CA HIS A 338 30.81 39.93 21.59
C HIS A 338 30.88 39.64 20.11
N THR A 339 31.11 38.38 19.73
CA THR A 339 31.05 37.98 18.33
C THR A 339 29.68 38.20 17.71
N ILE A 340 28.62 37.88 18.44
CA ILE A 340 27.27 38.12 17.94
C ILE A 340 27.06 39.61 17.70
N ASP A 341 27.51 40.44 18.64
CA ASP A 341 27.35 41.88 18.45
C ASP A 341 28.14 42.37 17.25
N ASN A 342 29.41 41.97 17.13
CA ASN A 342 30.23 42.41 16.01
C ASN A 342 29.72 41.92 14.68
N ALA A 343 29.07 40.76 14.63
CA ALA A 343 28.56 40.25 13.36
C ALA A 343 27.37 41.07 12.87
N THR A 344 26.43 41.37 13.76
CA THR A 344 25.24 42.11 13.35
C THR A 344 25.56 43.54 12.97
N THR A 345 26.58 44.13 13.58
CA THR A 345 26.95 45.50 13.25
C THR A 345 27.38 45.61 11.79
N ASN A 346 28.15 44.64 11.30
CA ASN A 346 28.57 44.63 9.91
C ASN A 346 27.44 44.23 8.96
N GLY A 347 26.30 43.78 9.47
CA GLY A 347 25.18 43.43 8.63
C GLY A 347 25.11 41.97 8.24
N THR A 348 25.58 41.06 9.09
CA THR A 348 25.54 39.64 8.81
C THR A 348 24.50 38.98 9.69
N PRO A 349 23.45 38.37 9.13
CA PRO A 349 22.41 37.76 9.97
C PRO A 349 22.95 36.58 10.75
N CYS A 350 22.33 36.36 11.91
CA CYS A 350 22.72 35.26 12.79
C CYS A 350 21.45 34.58 13.30
N VAL A 351 21.60 33.31 13.66
CA VAL A 351 20.49 32.46 14.09
C VAL A 351 20.79 31.91 15.47
N VAL A 352 19.77 31.88 16.32
CA VAL A 352 19.88 31.38 17.69
C VAL A 352 18.88 30.24 17.86
N VAL A 353 19.35 29.12 18.40
CA VAL A 353 18.49 27.95 18.60
C VAL A 353 17.68 28.14 19.88
N GLU A 354 16.53 27.47 19.97
CA GLU A 354 15.66 27.63 21.13
C GLU A 354 16.04 26.71 22.27
N GLY A 355 17.10 27.06 22.96
CA GLY A 355 17.43 26.53 24.26
C GLY A 355 18.51 25.47 24.23
N SER A 356 19.76 25.94 24.31
CA SER A 356 20.89 25.16 24.78
C SER A 356 21.99 26.14 25.14
N GLY A 357 22.12 26.51 26.41
CA GLY A 357 23.28 27.31 26.73
C GLY A 357 23.11 28.61 27.47
N ARG A 358 24.25 29.16 27.90
CA ARG A 358 24.30 30.37 28.70
C ARG A 358 23.79 31.61 27.97
N VAL A 359 24.50 32.04 26.92
CA VAL A 359 24.25 33.35 26.34
C VAL A 359 23.20 33.25 25.24
N ALA A 360 23.10 32.08 24.61
CA ALA A 360 22.12 31.86 23.56
C ALA A 360 20.69 31.89 24.10
N ASP A 361 20.45 31.31 25.27
CA ASP A 361 19.08 31.19 25.75
C ASP A 361 18.57 32.52 26.29
N VAL A 362 19.47 33.34 26.85
CA VAL A 362 19.10 34.68 27.30
C VAL A 362 18.56 35.46 26.11
N ILE A 363 19.32 35.45 25.00
CA ILE A 363 18.89 36.14 23.80
C ILE A 363 17.60 35.55 23.24
N ALA A 364 17.48 34.22 23.25
CA ALA A 364 16.26 33.60 22.76
C ALA A 364 15.05 34.03 23.56
N GLN A 365 15.17 34.11 24.88
CA GLN A 365 14.03 34.53 25.70
C GLN A 365 13.71 36.01 25.50
N VAL A 366 14.73 36.88 25.56
CA VAL A 366 14.48 38.29 25.26
C VAL A 366 14.76 38.53 23.78
N ALA A 367 13.77 38.24 22.93
CA ALA A 367 13.88 38.48 21.50
C ALA A 367 12.64 39.16 20.92
N ASN A 368 11.49 39.03 21.56
CA ASN A 368 10.28 39.70 21.13
C ASN A 368 9.91 40.90 22.00
N LEU A 369 10.49 41.01 23.18
CA LEU A 369 10.21 42.12 24.07
C LEU A 369 10.72 43.42 23.46
N PRO A 370 10.02 44.54 23.64
CA PRO A 370 10.59 45.84 23.24
C PRO A 370 11.81 46.17 24.09
N VAL A 371 12.39 47.33 23.83
CA VAL A 371 13.62 47.71 24.52
C VAL A 371 13.27 48.17 25.93
N SER A 372 13.26 47.22 26.87
CA SER A 372 12.99 47.47 28.28
C SER A 372 13.69 46.35 29.04
N ASP A 373 14.87 46.66 29.58
CA ASP A 373 15.79 45.62 30.03
C ASP A 373 16.36 45.86 31.42
N ILE A 374 17.42 45.11 31.73
CA ILE A 374 18.15 44.98 33.00
C ILE A 374 17.31 44.13 33.95
N THR A 375 16.34 43.40 33.39
CA THR A 375 15.80 42.24 34.09
C THR A 375 16.83 41.11 34.05
N ILE A 376 17.98 41.36 33.43
CA ILE A 376 19.02 40.37 33.19
C ILE A 376 19.57 39.84 34.50
N SER A 377 19.54 40.65 35.56
CA SER A 377 19.98 40.19 36.87
C SER A 377 19.24 38.92 37.26
N LEU A 378 17.97 38.82 36.86
CA LEU A 378 17.20 37.62 37.14
C LEU A 378 17.41 36.55 36.08
N ILE A 379 17.38 36.94 34.80
CA ILE A 379 17.37 35.98 33.70
C ILE A 379 18.73 35.35 33.45
N GLN A 380 19.79 35.89 34.04
CA GLN A 380 21.13 35.36 33.83
C GLN A 380 21.41 34.14 34.69
N GLN A 381 20.43 33.67 35.45
CA GLN A 381 20.57 32.44 36.20
C GLN A 381 20.81 31.23 35.32
N LYS A 382 20.50 31.32 34.03
CA LYS A 382 20.70 30.19 33.12
C LYS A 382 22.18 29.83 33.01
N LEU A 383 23.06 30.77 33.37
CA LEU A 383 24.46 30.44 33.65
C LEU A 383 24.49 29.79 35.04
N SER A 384 24.05 28.53 35.07
CA SER A 384 23.76 27.87 36.35
C SER A 384 25.00 27.80 37.24
N VAL A 385 26.14 27.47 36.66
CA VAL A 385 27.38 27.41 37.42
C VAL A 385 27.77 28.78 37.97
N PHE A 386 27.26 29.86 37.36
CA PHE A 386 27.32 31.20 37.95
C PHE A 386 28.74 31.74 38.01
N PHE A 387 29.53 31.43 36.97
CA PHE A 387 30.94 31.79 36.91
C PHE A 387 31.20 33.17 37.49
N GLN A 388 32.26 33.26 38.31
CA GLN A 388 32.54 34.33 39.25
C GLN A 388 31.51 34.28 40.36
N GLU A 389 30.96 33.09 40.63
CA GLU A 389 30.37 32.63 41.88
C GLU A 389 28.92 33.01 42.16
N MET A 390 28.30 33.87 41.35
CA MET A 390 26.84 34.03 41.31
C MET A 390 26.47 35.20 40.40
N PHE A 391 25.16 35.40 40.23
CA PHE A 391 24.67 36.35 39.23
C PHE A 391 24.89 37.80 39.64
N GLU A 392 24.65 38.13 40.92
CA GLU A 392 24.90 39.50 41.36
C GLU A 392 26.39 39.80 41.44
N THR A 393 27.22 38.76 41.52
CA THR A 393 28.66 38.93 41.65
C THR A 393 29.45 38.48 40.44
N PHE A 394 28.84 38.40 39.25
CA PHE A 394 29.69 38.50 38.07
C PHE A 394 30.52 39.78 38.12
N THR A 395 29.88 40.93 37.91
CA THR A 395 30.42 42.26 38.14
C THR A 395 29.32 43.25 37.81
N GLU A 396 29.22 44.36 38.54
CA GLU A 396 28.29 45.40 38.14
C GLU A 396 28.66 45.96 36.77
N SER A 397 29.96 46.14 36.53
CA SER A 397 30.42 46.65 35.25
C SER A 397 30.09 45.68 34.12
N ARG A 398 30.31 44.39 34.35
CA ARG A 398 30.07 43.43 33.27
C ARG A 398 28.58 43.25 33.01
N ILE A 399 27.75 43.34 34.06
CA ILE A 399 26.31 43.28 33.84
C ILE A 399 25.83 44.51 33.07
N VAL A 400 26.30 45.70 33.45
CA VAL A 400 25.85 46.90 32.75
C VAL A 400 26.40 46.93 31.33
N GLU A 401 27.53 46.26 31.10
CA GLU A 401 28.02 46.09 29.73
C GLU A 401 27.15 45.14 28.92
N TRP A 402 26.78 44.00 29.50
CA TRP A 402 25.94 43.03 28.80
C TRP A 402 24.54 43.54 28.52
N THR A 403 24.00 44.42 29.37
CA THR A 403 22.71 45.01 29.06
C THR A 403 22.73 45.80 27.75
N LYS A 404 23.77 46.61 27.54
CA LYS A 404 23.92 47.37 26.31
C LYS A 404 24.01 46.43 25.11
N LYS A 405 24.81 45.38 25.25
CA LYS A 405 24.98 44.42 24.16
C LYS A 405 23.67 43.73 23.81
N ILE A 406 22.92 43.29 24.81
CA ILE A 406 21.64 42.62 24.55
C ILE A 406 20.66 43.59 23.89
N GLN A 407 20.64 44.83 24.35
CA GLN A 407 19.77 45.83 23.74
C GLN A 407 20.14 46.03 22.28
N ASP A 408 21.43 46.11 22.00
CA ASP A 408 21.91 46.31 20.64
C ASP A 408 21.51 45.13 19.76
N ILE A 409 21.64 43.91 20.27
CA ILE A 409 21.27 42.74 19.49
C ILE A 409 19.77 42.74 19.19
N VAL A 410 18.94 42.92 20.22
CA VAL A 410 17.50 42.90 20.03
C VAL A 410 17.02 44.04 19.14
N ARG A 411 17.73 45.16 19.12
CA ARG A 411 17.28 46.33 18.37
C ARG A 411 17.23 46.07 16.87
N ARG A 412 18.16 45.29 16.32
CA ARG A 412 18.14 44.95 14.90
C ARG A 412 17.24 43.73 14.72
N ARG A 413 15.95 44.01 14.47
CA ARG A 413 14.98 42.94 14.29
C ARG A 413 15.28 42.11 13.05
N GLN A 414 15.62 42.77 11.94
CA GLN A 414 15.85 42.06 10.69
C GLN A 414 17.10 41.18 10.76
N LEU A 415 18.17 41.70 11.33
CA LEU A 415 19.45 40.99 11.33
C LEU A 415 19.49 39.83 12.33
N LEU A 416 18.49 39.70 13.19
CA LEU A 416 18.46 38.66 14.20
C LEU A 416 17.23 37.79 14.00
N THR A 417 17.41 36.49 14.13
CA THR A 417 16.31 35.55 14.19
C THR A 417 16.58 34.52 15.27
N VAL A 418 15.52 33.96 15.82
CA VAL A 418 15.64 32.91 16.83
C VAL A 418 14.90 31.68 16.33
N PHE A 419 15.54 30.52 16.48
CA PHE A 419 14.99 29.27 15.96
C PHE A 419 14.13 28.66 17.06
N ARG A 420 12.94 29.24 17.25
CA ARG A 420 12.01 28.73 18.25
C ARG A 420 11.62 27.30 17.91
N GLU A 421 11.83 26.40 18.87
CA GLU A 421 11.74 24.97 18.58
C GLU A 421 10.35 24.58 18.08
N GLY A 422 9.34 24.66 18.95
CA GLY A 422 8.03 24.16 18.63
C GLY A 422 7.36 24.83 17.46
N LYS A 423 7.73 26.08 17.18
CA LYS A 423 7.05 26.87 16.17
C LYS A 423 7.81 26.92 14.85
N ASP A 424 9.11 26.59 14.82
CA ASP A 424 9.88 26.71 13.61
C ASP A 424 10.58 25.42 13.17
N GLY A 425 10.92 24.51 14.11
CA GLY A 425 11.58 23.28 13.71
C GLY A 425 10.70 22.39 12.85
N GLN A 426 9.40 22.38 13.11
CA GLN A 426 8.47 21.68 12.24
C GLN A 426 8.48 22.25 10.83
N GLN A 427 8.68 23.55 10.67
CA GLN A 427 8.95 24.09 9.35
C GLN A 427 10.26 23.48 8.87
N ASP A 428 11.36 23.87 9.50
CA ASP A 428 12.66 23.22 9.45
C ASP A 428 13.62 24.08 10.27
N VAL A 429 14.84 23.59 10.41
CA VAL A 429 15.97 24.47 10.71
C VAL A 429 16.61 24.99 9.42
N ASP A 430 16.54 24.21 8.34
CA ASP A 430 17.07 24.65 7.05
C ASP A 430 16.35 25.90 6.57
N VAL A 431 15.03 25.90 6.69
CA VAL A 431 14.27 27.03 6.18
C VAL A 431 14.57 28.30 6.96
N ALA A 432 14.70 28.24 8.28
CA ALA A 432 15.02 29.44 9.03
C ALA A 432 16.45 29.90 8.75
N ILE A 433 17.38 28.94 8.61
CA ILE A 433 18.75 29.30 8.31
C ILE A 433 18.88 29.91 6.92
N LEU A 434 17.91 29.70 6.04
CA LEU A 434 17.85 30.51 4.82
C LEU A 434 16.89 31.68 4.91
N GLN A 435 16.03 31.73 5.91
CA GLN A 435 15.26 32.94 6.17
C GLN A 435 16.17 34.08 6.58
N ALA A 436 17.21 33.77 7.36
CA ALA A 436 18.10 34.82 7.82
C ALA A 436 18.70 35.59 6.65
N LEU A 437 19.24 34.87 5.66
CA LEU A 437 19.88 35.54 4.52
C LEU A 437 18.85 36.31 3.70
N LEU A 438 17.69 35.72 3.45
CA LEU A 438 16.69 36.40 2.65
C LEU A 438 16.18 37.66 3.34
N LYS A 439 15.99 37.61 4.66
CA LYS A 439 15.57 38.79 5.40
C LYS A 439 16.65 39.87 5.34
N ALA A 440 17.92 39.48 5.50
CA ALA A 440 19.00 40.47 5.42
C ALA A 440 19.03 41.13 4.04
N SER A 441 18.92 40.33 2.98
CA SER A 441 18.91 40.89 1.64
C SER A 441 17.69 41.77 1.40
N ARG A 442 16.53 41.40 1.94
CA ARG A 442 15.34 42.23 1.79
C ARG A 442 15.50 43.56 2.50
N SER A 443 16.09 43.55 3.70
CA SER A 443 16.27 44.76 4.47
C SER A 443 17.40 45.64 3.96
N GLN A 444 18.33 45.09 3.19
CA GLN A 444 19.41 45.90 2.65
C GLN A 444 18.88 46.97 1.69
N ASP A 445 19.52 48.14 1.72
CA ASP A 445 19.14 49.22 0.83
C ASP A 445 19.58 48.89 -0.59
N HIS A 446 18.66 49.07 -1.56
CA HIS A 446 18.83 48.46 -2.87
C HIS A 446 18.44 49.33 -4.07
N PHE A 447 17.89 50.53 -3.85
CA PHE A 447 17.48 51.41 -4.96
C PHE A 447 16.47 50.74 -5.90
N GLY A 448 15.30 50.46 -5.36
CA GLY A 448 14.17 50.10 -6.21
C GLY A 448 13.93 48.61 -6.22
N HIS A 449 14.39 47.98 -7.30
CA HIS A 449 13.99 46.61 -7.65
C HIS A 449 15.15 45.61 -7.52
N GLU A 450 16.35 46.08 -7.20
CA GLU A 450 17.53 45.22 -7.24
C GLU A 450 17.44 44.08 -6.23
N ASN A 451 16.75 44.30 -5.11
CA ASN A 451 16.72 43.30 -4.04
C ASN A 451 16.02 42.01 -4.50
N TRP A 452 14.92 42.14 -5.25
CA TRP A 452 14.21 40.93 -5.67
C TRP A 452 15.06 40.09 -6.60
N ASP A 453 15.69 40.72 -7.59
CA ASP A 453 16.53 39.97 -8.51
C ASP A 453 17.76 39.40 -7.82
N HIS A 454 18.32 40.09 -6.82
CA HIS A 454 19.42 39.52 -6.07
C HIS A 454 18.96 38.29 -5.29
N GLN A 455 17.76 38.34 -4.69
CA GLN A 455 17.24 37.17 -3.99
C GLN A 455 17.01 36.01 -4.94
N LEU A 456 16.48 36.27 -6.14
CA LEU A 456 16.33 35.20 -7.13
C LEU A 456 17.69 34.63 -7.56
N LYS A 457 18.69 35.49 -7.72
CA LYS A 457 20.02 35.02 -8.06
C LYS A 457 20.56 34.10 -6.98
N LEU A 458 20.37 34.48 -5.71
CA LEU A 458 20.79 33.63 -4.62
C LEU A 458 20.03 32.30 -4.62
N ALA A 459 18.72 32.35 -4.88
CA ALA A 459 17.91 31.14 -4.90
C ALA A 459 18.34 30.19 -6.01
N VAL A 460 18.81 30.71 -7.14
CA VAL A 460 19.31 29.86 -8.21
C VAL A 460 20.50 29.04 -7.72
N ALA A 461 21.43 29.70 -7.04
CA ALA A 461 22.59 28.98 -6.51
C ALA A 461 22.23 28.07 -5.35
N TRP A 462 21.21 28.41 -4.56
CA TRP A 462 20.86 27.55 -3.43
C TRP A 462 20.41 26.17 -3.88
N ASN A 463 19.84 26.08 -5.08
CA ASN A 463 19.18 24.87 -5.55
C ASN A 463 18.11 24.45 -4.56
N ARG A 464 17.42 25.44 -4.00
CA ARG A 464 16.32 25.23 -3.06
C ARG A 464 15.05 25.79 -3.73
N VAL A 465 14.42 24.95 -4.54
CA VAL A 465 13.25 25.38 -5.29
C VAL A 465 12.08 25.67 -4.34
N ASP A 466 11.97 24.91 -3.25
CA ASP A 466 10.89 25.13 -2.31
C ASP A 466 10.97 26.53 -1.70
N ILE A 467 12.15 26.97 -1.28
CA ILE A 467 12.29 28.32 -0.76
C ILE A 467 12.09 29.34 -1.87
N ALA A 468 12.73 29.12 -3.03
CA ALA A 468 12.62 30.08 -4.13
C ALA A 468 11.17 30.30 -4.52
N ARG A 469 10.34 29.29 -4.35
CA ARG A 469 8.91 29.47 -4.58
C ARG A 469 8.27 30.17 -3.38
N SER A 470 8.26 29.49 -2.23
CA SER A 470 7.42 29.90 -1.11
C SER A 470 7.77 31.26 -0.54
N GLU A 471 8.95 31.79 -0.81
CA GLU A 471 9.33 33.05 -0.18
C GLU A 471 9.43 34.21 -1.16
N ILE A 472 9.97 33.98 -2.36
CA ILE A 472 10.12 35.09 -3.30
C ILE A 472 9.28 34.86 -4.57
N PHE A 473 8.21 34.08 -4.45
CA PHE A 473 7.18 34.12 -5.48
C PHE A 473 5.78 34.10 -4.90
N MET A 474 5.61 33.84 -3.60
CA MET A 474 4.34 33.96 -2.92
C MET A 474 4.12 35.36 -2.37
N ASP A 475 5.12 36.23 -2.50
CA ASP A 475 5.02 37.61 -2.10
C ASP A 475 4.60 38.42 -3.34
N GLU A 476 3.75 39.41 -3.10
CA GLU A 476 3.17 40.16 -4.21
C GLU A 476 4.01 41.37 -4.58
N TRP A 477 5.18 41.13 -5.15
CA TRP A 477 5.97 42.19 -5.75
C TRP A 477 5.69 42.25 -7.25
N GLN A 478 5.95 43.42 -7.83
CA GLN A 478 5.76 43.61 -9.27
C GLN A 478 6.92 42.94 -9.99
N TRP A 479 6.60 42.14 -11.00
CA TRP A 479 7.62 41.56 -11.87
C TRP A 479 7.02 41.29 -13.24
N LYS A 480 7.82 41.50 -14.27
CA LYS A 480 7.45 41.11 -15.62
C LYS A 480 8.17 39.82 -16.01
N PRO A 481 7.57 39.00 -16.87
CA PRO A 481 8.24 37.75 -17.28
C PRO A 481 9.57 37.97 -17.98
N SER A 482 9.80 39.15 -18.57
CA SER A 482 11.08 39.41 -19.24
C SER A 482 12.21 39.52 -18.23
N ASP A 483 11.89 39.88 -16.98
CA ASP A 483 12.91 40.10 -15.96
C ASP A 483 13.56 38.79 -15.52
N LEU A 484 12.95 37.66 -15.86
CA LEU A 484 13.47 36.36 -15.47
C LEU A 484 14.41 35.75 -16.49
N HIS A 485 14.62 36.41 -17.63
CA HIS A 485 15.45 35.88 -18.69
C HIS A 485 16.90 35.64 -18.27
N PRO A 486 17.57 36.59 -17.62
CA PRO A 486 18.93 36.30 -17.14
C PRO A 486 19.02 35.15 -16.17
N THR A 487 18.00 34.97 -15.32
CA THR A 487 17.89 33.82 -14.45
C THR A 487 17.49 32.55 -15.17
N MET A 488 16.60 32.66 -16.16
CA MET A 488 16.24 31.52 -16.99
C MET A 488 17.46 30.94 -17.69
N THR A 489 18.32 31.80 -18.22
CA THR A 489 19.53 31.32 -18.88
C THR A 489 20.43 30.58 -17.90
N ALA A 490 20.61 31.11 -16.70
CA ALA A 490 21.46 30.44 -15.71
C ALA A 490 20.89 29.08 -15.33
N ALA A 491 19.57 29.01 -15.14
CA ALA A 491 18.95 27.72 -14.84
C ALA A 491 19.11 26.73 -15.98
N LEU A 492 18.93 27.16 -17.22
CA LEU A 492 19.11 26.26 -18.35
C LEU A 492 20.54 25.76 -18.43
N ILE A 493 21.51 26.64 -18.23
CA ILE A 493 22.91 26.22 -18.30
C ILE A 493 23.23 25.24 -17.18
N SER A 494 22.74 25.50 -15.97
CA SER A 494 23.07 24.66 -14.84
C SER A 494 22.19 23.41 -14.74
N ASN A 495 21.22 23.26 -15.63
CA ASN A 495 20.41 22.03 -15.69
C ASN A 495 19.58 21.85 -14.42
N LYS A 496 18.80 22.87 -14.10
CA LYS A 496 17.87 22.77 -12.98
C LYS A 496 16.45 22.80 -13.53
N PRO A 497 15.90 21.66 -13.94
CA PRO A 497 14.56 21.68 -14.55
C PRO A 497 13.48 22.13 -13.59
N GLU A 498 13.71 22.02 -12.28
CA GLU A 498 12.71 22.47 -11.32
C GLU A 498 12.50 23.97 -11.37
N PHE A 499 13.55 24.74 -11.63
CA PHE A 499 13.40 26.18 -11.84
C PHE A 499 12.80 26.50 -13.19
N VAL A 500 13.08 25.69 -14.21
CA VAL A 500 12.43 25.87 -15.51
C VAL A 500 10.93 25.73 -15.35
N LYS A 501 10.48 24.71 -14.62
CA LYS A 501 9.06 24.54 -14.38
C LYS A 501 8.47 25.73 -13.63
N LEU A 502 9.18 26.23 -12.62
CA LEU A 502 8.67 27.36 -11.85
C LEU A 502 8.53 28.61 -12.72
N PHE A 503 9.51 28.88 -13.57
CA PHE A 503 9.43 30.06 -14.41
C PHE A 503 8.37 29.92 -15.49
N LEU A 504 8.18 28.72 -16.02
CA LEU A 504 7.09 28.51 -16.95
C LEU A 504 5.73 28.67 -16.28
N GLU A 505 5.59 28.23 -15.02
CA GLU A 505 4.36 28.49 -14.29
C GLU A 505 4.13 29.97 -14.09
N ASN A 506 5.17 30.72 -13.74
CA ASN A 506 5.06 32.16 -13.55
C ASN A 506 4.88 32.92 -14.85
N GLY A 507 5.17 32.29 -15.99
CA GLY A 507 4.79 32.86 -17.26
C GLY A 507 5.90 33.31 -18.17
N VAL A 508 7.04 32.62 -18.17
CA VAL A 508 8.11 32.92 -19.11
C VAL A 508 7.81 32.24 -20.44
N GLN A 509 7.38 33.02 -21.43
CA GLN A 509 7.06 32.46 -22.74
C GLN A 509 8.34 32.16 -23.50
N LEU A 510 8.58 30.88 -23.79
CA LEU A 510 9.79 30.48 -24.48
C LEU A 510 9.88 31.08 -25.88
N LYS A 511 8.74 31.14 -26.58
CA LYS A 511 8.73 31.66 -27.94
C LYS A 511 9.26 33.09 -28.00
N GLU A 512 9.18 33.84 -26.91
CA GLU A 512 9.76 35.18 -26.85
C GLU A 512 11.09 35.22 -26.15
N PHE A 513 11.33 34.29 -25.21
CA PHE A 513 12.59 34.29 -24.48
C PHE A 513 13.75 33.85 -25.36
N VAL A 514 13.53 32.88 -26.25
CA VAL A 514 14.62 32.32 -27.04
C VAL A 514 14.98 33.25 -28.19
N THR A 515 16.00 34.07 -28.00
CA THR A 515 16.46 34.95 -29.05
C THR A 515 17.71 34.37 -29.72
N TRP A 516 18.11 35.02 -30.82
CA TRP A 516 19.30 34.57 -31.55
C TRP A 516 20.54 34.68 -30.68
N ASP A 517 20.71 35.82 -30.00
CA ASP A 517 21.85 35.99 -29.10
C ASP A 517 21.77 35.04 -27.92
N THR A 518 20.57 34.76 -27.42
CA THR A 518 20.44 33.80 -26.33
C THR A 518 20.91 32.42 -26.75
N LEU A 519 20.54 31.98 -27.96
CA LEU A 519 21.04 30.70 -28.47
C LEU A 519 22.54 30.72 -28.63
N LEU A 520 23.08 31.81 -29.18
CA LEU A 520 24.52 31.88 -29.37
C LEU A 520 25.26 31.79 -28.04
N TYR A 521 24.77 32.49 -27.02
CA TYR A 521 25.36 32.39 -25.69
C TYR A 521 25.19 31.01 -25.07
N LEU A 522 24.03 30.38 -25.27
CA LEU A 522 23.79 29.05 -24.72
C LEU A 522 24.74 28.02 -25.32
N TYR A 523 24.97 28.09 -26.62
CA TYR A 523 25.82 27.10 -27.27
C TYR A 523 27.30 27.25 -26.91
N GLU A 524 27.69 28.37 -26.31
CA GLU A 524 29.05 28.54 -25.81
C GLU A 524 29.22 28.00 -24.40
N ASN A 525 28.16 27.50 -23.78
CA ASN A 525 28.21 26.97 -22.42
C ASN A 525 27.65 25.56 -22.38
N LEU A 526 28.06 24.75 -23.34
CA LEU A 526 27.68 23.34 -23.32
C LEU A 526 28.42 22.62 -22.20
N ASP A 527 27.98 21.40 -21.93
CA ASP A 527 28.68 20.56 -20.96
C ASP A 527 30.03 20.18 -21.54
N PRO A 528 31.14 20.56 -20.91
CA PRO A 528 32.45 20.23 -21.49
C PRO A 528 32.72 18.74 -21.59
N SER A 529 32.03 17.92 -20.80
CA SER A 529 32.22 16.47 -20.85
C SER A 529 31.34 15.80 -21.89
N CYS A 530 30.53 16.56 -22.62
CA CYS A 530 29.62 15.98 -23.59
C CYS A 530 30.35 15.66 -24.89
N LEU A 531 29.76 14.75 -25.67
CA LEU A 531 30.30 14.42 -26.98
C LEU A 531 30.06 15.53 -27.98
N PHE A 532 28.90 16.19 -27.90
CA PHE A 532 28.59 17.27 -28.81
C PHE A 532 29.55 18.44 -28.65
N HIS A 533 29.92 18.76 -27.42
CA HIS A 533 30.89 19.81 -27.19
C HIS A 533 32.25 19.45 -27.80
N SER A 534 32.66 18.20 -27.67
CA SER A 534 33.89 17.77 -28.30
C SER A 534 33.82 17.88 -29.81
N LYS A 535 32.69 17.50 -30.41
CA LYS A 535 32.55 17.61 -31.86
C LYS A 535 32.58 19.07 -32.30
N LEU A 536 31.96 19.97 -31.53
CA LEU A 536 31.99 21.39 -31.83
C LEU A 536 33.35 22.03 -31.66
N GLN A 537 34.12 21.63 -30.65
CA GLN A 537 35.48 22.11 -30.48
C GLN A 537 36.42 21.51 -31.50
N LYS A 538 36.00 20.45 -32.20
CA LYS A 538 36.78 19.83 -33.24
C LYS A 538 36.48 20.37 -34.62
N VAL A 539 35.22 20.73 -34.89
CA VAL A 539 34.91 21.38 -36.17
C VAL A 539 35.56 22.76 -36.23
N LEU A 540 35.64 23.46 -35.09
CA LEU A 540 36.31 24.76 -35.05
C LEU A 540 37.78 24.66 -35.42
N VAL A 541 38.41 23.50 -35.19
CA VAL A 541 39.80 23.29 -35.59
C VAL A 541 39.94 22.69 -36.97
N GLU A 542 38.99 21.85 -37.40
CA GLU A 542 38.98 21.40 -38.80
C GLU A 542 38.81 22.57 -39.75
N ASP A 543 38.01 23.56 -39.36
CA ASP A 543 37.94 24.82 -40.07
C ASP A 543 38.55 25.90 -39.19
N PRO A 544 39.88 25.97 -39.10
CA PRO A 544 40.52 26.87 -38.14
C PRO A 544 40.57 28.32 -38.63
N GLU A 545 41.24 29.17 -37.85
CA GLU A 545 41.22 30.60 -38.12
C GLU A 545 41.95 30.95 -39.42
N ARG A 546 43.10 30.36 -39.67
CA ARG A 546 43.89 30.79 -40.82
C ARG A 546 43.42 30.19 -42.15
N PRO A 547 43.36 28.86 -42.31
CA PRO A 547 43.24 28.31 -43.68
C PRO A 547 41.83 28.14 -44.21
N ALA A 548 40.83 27.93 -43.35
CA ALA A 548 39.48 27.62 -43.80
C ALA A 548 38.51 28.76 -43.53
N CYS A 549 38.39 29.19 -42.29
CA CYS A 549 37.63 30.40 -41.96
C CYS A 549 38.62 31.56 -41.96
N ALA A 550 39.00 31.97 -43.16
CA ALA A 550 40.26 32.67 -43.36
C ALA A 550 40.51 33.86 -42.44
N PRO A 551 39.55 34.77 -42.19
CA PRO A 551 39.82 35.84 -41.21
C PRO A 551 40.20 35.29 -39.84
N ALA A 552 39.29 34.52 -39.23
CA ALA A 552 39.51 33.91 -37.93
C ALA A 552 38.31 33.05 -37.60
N ALA A 553 38.52 32.08 -36.70
CA ALA A 553 37.42 31.30 -36.12
C ALA A 553 37.87 30.66 -34.81
N PRO A 554 38.16 31.45 -33.79
CA PRO A 554 38.27 30.91 -32.43
C PRO A 554 37.00 31.05 -31.60
N ARG A 555 35.95 31.65 -32.16
CA ARG A 555 34.67 31.83 -31.49
C ARG A 555 33.64 30.92 -32.15
N LEU A 556 32.75 30.36 -31.34
CA LEU A 556 31.71 29.48 -31.86
C LEU A 556 30.51 30.30 -32.30
N GLN A 557 29.94 29.96 -33.44
CA GLN A 557 28.80 30.68 -33.98
C GLN A 557 27.92 29.71 -34.76
N MET A 558 26.67 30.13 -34.96
CA MET A 558 25.58 29.20 -35.30
C MET A 558 25.84 28.40 -36.58
N HIS A 559 26.66 28.89 -37.51
CA HIS A 559 26.95 28.11 -38.70
C HIS A 559 27.66 26.81 -38.34
N HIS A 560 28.56 26.86 -37.35
CA HIS A 560 29.29 25.66 -36.95
C HIS A 560 28.35 24.60 -36.38
N VAL A 561 27.44 25.01 -35.49
CA VAL A 561 26.51 24.05 -34.93
C VAL A 561 25.54 23.54 -35.99
N ALA A 562 25.17 24.39 -36.95
CA ALA A 562 24.37 23.89 -38.07
C ALA A 562 25.12 22.82 -38.85
N GLN A 563 26.41 23.07 -39.11
CA GLN A 563 27.22 22.10 -39.83
C GLN A 563 27.30 20.77 -39.08
N VAL A 564 27.53 20.81 -37.77
CA VAL A 564 27.64 19.55 -37.02
C VAL A 564 26.29 18.85 -36.90
N LEU A 565 25.18 19.59 -36.78
CA LEU A 565 23.88 18.94 -36.81
C LEU A 565 23.59 18.30 -38.15
N ARG A 566 24.09 18.89 -39.24
CA ARG A 566 23.96 18.23 -40.53
C ARG A 566 24.69 16.88 -40.55
N GLU A 567 25.90 16.82 -39.97
CA GLU A 567 26.60 15.55 -39.88
C GLU A 567 25.84 14.55 -39.03
N LEU A 568 25.29 14.99 -37.89
CA LEU A 568 24.52 14.09 -37.05
C LEU A 568 23.28 13.57 -37.77
N LEU A 569 22.60 14.43 -38.53
CA LEU A 569 21.48 14.01 -39.35
C LEU A 569 22.03 13.37 -40.62
N GLY A 570 21.15 13.12 -41.59
CA GLY A 570 21.54 12.44 -42.81
C GLY A 570 22.05 13.40 -43.87
N ASP A 571 21.87 13.01 -45.12
CA ASP A 571 22.32 13.79 -46.27
C ASP A 571 21.27 14.78 -46.74
N PHE A 572 20.45 15.30 -45.83
CA PHE A 572 19.29 16.10 -46.18
C PHE A 572 19.70 17.53 -46.50
N THR A 573 18.72 18.43 -46.61
CA THR A 573 18.97 19.76 -47.15
C THR A 573 19.77 20.60 -46.17
N GLN A 574 19.92 21.88 -46.53
CA GLN A 574 20.71 22.81 -45.73
C GLN A 574 20.15 22.86 -44.31
N PRO A 575 21.01 22.87 -43.29
CA PRO A 575 20.52 22.73 -41.91
C PRO A 575 19.71 23.92 -41.42
N LEU A 576 19.31 23.87 -40.15
CA LEU A 576 18.34 24.82 -39.63
C LEU A 576 18.86 26.25 -39.62
N TYR A 577 20.15 26.44 -39.80
CA TYR A 577 20.65 27.79 -39.70
C TYR A 577 21.34 28.24 -41.00
N PRO A 578 21.26 29.53 -41.33
CA PRO A 578 21.64 30.00 -42.67
C PRO A 578 23.10 29.80 -43.03
N ARG A 579 23.34 28.98 -44.04
CA ARG A 579 24.68 28.72 -44.57
C ARG A 579 25.25 29.88 -45.38
N PRO A 580 24.52 30.43 -46.39
CA PRO A 580 25.20 31.23 -47.42
C PRO A 580 25.68 32.61 -46.96
N ARG A 581 26.18 33.40 -47.91
CA ARG A 581 26.82 34.67 -47.63
C ARG A 581 26.00 35.60 -46.75
N HIS A 582 24.69 35.41 -46.68
CA HIS A 582 23.85 36.26 -45.84
C HIS A 582 24.22 36.12 -44.38
N ASN A 583 24.34 34.88 -43.89
CA ASN A 583 24.66 34.60 -42.49
C ASN A 583 25.65 33.47 -42.37
N ASP A 584 26.69 33.52 -43.20
CA ASP A 584 27.79 32.58 -43.07
C ASP A 584 28.58 32.88 -41.80
N ARG A 585 28.24 32.17 -40.72
CA ARG A 585 28.76 32.47 -39.38
C ARG A 585 30.04 31.67 -39.11
N LEU A 586 31.13 32.10 -39.74
CA LEU A 586 32.41 31.43 -39.60
C LEU A 586 33.55 32.38 -39.27
N ARG A 587 33.48 33.61 -39.77
CA ARG A 587 34.66 34.46 -39.92
C ARG A 587 34.41 35.87 -39.41
N LEU A 588 33.89 36.00 -38.20
CA LEU A 588 33.71 37.33 -37.60
C LEU A 588 34.54 37.44 -36.33
N LEU A 589 35.84 37.70 -36.50
CA LEU A 589 36.69 38.24 -35.44
C LEU A 589 37.62 39.35 -35.93
N LEU A 590 37.96 39.39 -37.20
CA LEU A 590 38.73 40.36 -37.96
C LEU A 590 37.80 41.40 -38.59
N PRO A 591 38.29 42.60 -38.88
CA PRO A 591 37.39 43.64 -39.42
C PRO A 591 36.90 43.33 -40.81
N VAL A 592 35.98 42.37 -40.93
CA VAL A 592 35.37 42.09 -42.23
C VAL A 592 34.45 43.25 -42.62
N PRO A 593 34.31 43.57 -43.90
CA PRO A 593 33.50 44.72 -44.27
C PRO A 593 32.02 44.53 -43.97
N HIS A 594 31.33 45.66 -43.87
CA HIS A 594 29.90 45.71 -43.56
C HIS A 594 29.06 45.44 -44.80
N VAL A 595 27.78 45.83 -44.76
CA VAL A 595 26.74 45.49 -45.73
C VAL A 595 27.25 45.53 -47.17
N LYS A 596 28.19 46.43 -47.47
CA LYS A 596 28.75 46.50 -48.80
C LYS A 596 29.51 45.23 -49.19
N LEU A 597 29.85 44.39 -48.22
CA LEU A 597 30.60 43.17 -48.50
C LEU A 597 29.70 42.06 -49.02
N ASN A 598 28.71 41.65 -48.21
CA ASN A 598 27.72 40.62 -48.54
C ASN A 598 28.35 39.32 -49.02
N VAL A 599 29.64 39.11 -48.77
CA VAL A 599 30.34 37.87 -49.10
C VAL A 599 31.05 37.39 -47.84
N GLN A 600 30.76 36.17 -47.43
CA GLN A 600 31.30 35.57 -46.19
C GLN A 600 31.33 36.57 -45.04
N GLY A 601 30.27 37.35 -44.93
CA GLY A 601 30.16 38.37 -43.90
C GLY A 601 28.71 38.72 -43.65
N VAL A 602 28.49 39.92 -43.14
CA VAL A 602 27.15 40.41 -42.83
C VAL A 602 26.61 41.19 -44.01
N SER A 603 25.39 40.87 -44.42
CA SER A 603 24.77 41.51 -45.57
C SER A 603 23.52 42.30 -45.19
N LEU A 604 22.57 41.67 -44.49
CA LEU A 604 21.30 42.33 -44.19
C LEU A 604 21.21 42.82 -42.74
N ARG A 605 21.99 42.24 -41.83
CA ARG A 605 21.91 42.63 -40.43
C ARG A 605 22.47 44.04 -40.23
N SER A 606 22.15 44.61 -39.07
CA SER A 606 22.33 46.03 -38.84
C SER A 606 23.79 46.45 -38.72
N LEU A 607 24.49 45.96 -37.70
CA LEU A 607 25.83 46.44 -37.38
C LEU A 607 26.79 45.28 -37.20
N TYR A 608 28.08 45.57 -37.41
CA TYR A 608 29.16 44.63 -37.16
C TYR A 608 29.89 45.08 -35.90
N LYS A 609 29.41 44.58 -34.75
CA LYS A 609 29.94 44.93 -33.44
C LYS A 609 30.53 43.70 -32.76
N ARG A 610 31.32 42.93 -33.50
CA ARG A 610 31.78 41.60 -33.07
C ARG A 610 30.58 40.70 -32.82
N SER A 611 29.50 40.95 -33.56
CA SER A 611 28.27 40.18 -33.50
C SER A 611 27.57 40.33 -34.84
N SER A 612 26.29 39.95 -34.90
CA SER A 612 25.51 40.07 -36.11
C SER A 612 24.33 41.02 -35.95
N GLY A 613 23.55 40.87 -34.88
CA GLY A 613 22.36 41.64 -34.67
C GLY A 613 21.25 40.74 -34.18
N HIS A 614 20.00 41.15 -34.46
CA HIS A 614 18.84 40.36 -34.05
C HIS A 614 18.29 39.59 -35.25
N VAL A 615 18.74 38.35 -35.40
CA VAL A 615 18.05 37.40 -36.25
C VAL A 615 16.84 36.95 -35.44
N THR A 616 15.69 37.59 -35.70
CA THR A 616 14.60 37.69 -34.73
C THR A 616 14.31 36.39 -33.99
N PHE A 617 13.85 35.36 -34.69
CA PHE A 617 13.57 34.10 -34.03
C PHE A 617 13.85 32.86 -34.87
N THR A 618 14.42 33.01 -36.07
CA THR A 618 14.78 31.89 -36.97
C THR A 618 13.69 30.82 -37.05
N MET A 619 12.43 31.25 -36.92
CA MET A 619 11.22 30.50 -37.24
C MET A 619 11.10 29.13 -36.57
N ASP A 620 11.97 28.80 -35.62
CA ASP A 620 11.79 27.62 -34.77
C ASP A 620 12.45 27.82 -33.41
N PRO A 621 12.02 28.83 -32.65
CA PRO A 621 12.66 29.09 -31.36
C PRO A 621 12.53 27.95 -30.37
N ILE A 622 11.40 27.24 -30.34
CA ILE A 622 11.27 26.11 -29.44
C ILE A 622 12.15 24.95 -29.90
N ARG A 623 12.22 24.71 -31.21
CA ARG A 623 13.07 23.66 -31.73
C ARG A 623 14.54 23.94 -31.45
N ASP A 624 14.95 25.21 -31.41
CA ASP A 624 16.33 25.51 -31.06
C ASP A 624 16.67 25.06 -29.65
N LEU A 625 15.80 25.33 -28.68
CA LEU A 625 16.04 24.80 -27.34
C LEU A 625 15.95 23.29 -27.30
N LEU A 626 15.02 22.71 -28.08
CA LEU A 626 14.88 21.26 -28.06
C LEU A 626 16.17 20.57 -28.52
N ILE A 627 16.77 21.07 -29.59
CA ILE A 627 18.02 20.47 -30.07
C ILE A 627 19.13 20.65 -29.04
N TRP A 628 19.24 21.85 -28.46
CA TRP A 628 20.31 22.11 -27.51
C TRP A 628 20.17 21.26 -26.26
N ALA A 629 18.95 21.02 -25.80
CA ALA A 629 18.74 20.13 -24.67
C ALA A 629 18.96 18.67 -25.02
N ILE A 630 18.62 18.27 -26.25
CA ILE A 630 18.79 16.88 -26.65
C ILE A 630 20.26 16.52 -26.77
N VAL A 631 21.06 17.38 -27.40
CA VAL A 631 22.45 17.04 -27.63
C VAL A 631 23.22 16.92 -26.32
N GLN A 632 22.74 17.51 -25.24
CA GLN A 632 23.39 17.43 -23.93
C GLN A 632 22.86 16.28 -23.08
N ASN A 633 21.92 15.50 -23.59
CA ASN A 633 21.34 14.37 -22.88
C ASN A 633 20.63 14.78 -21.59
N ARG A 634 20.06 15.98 -21.55
CA ARG A 634 19.26 16.41 -20.40
C ARG A 634 17.85 15.87 -20.59
N ARG A 635 17.62 14.66 -20.06
CA ARG A 635 16.33 13.99 -20.27
C ARG A 635 15.18 14.77 -19.67
N GLU A 636 15.31 15.19 -18.41
CA GLU A 636 14.22 15.90 -17.75
C GLU A 636 13.98 17.27 -18.39
N LEU A 637 15.04 17.94 -18.82
CA LEU A 637 14.88 19.27 -19.41
C LEU A 637 14.28 19.21 -20.80
N ALA A 638 14.65 18.21 -21.60
CA ALA A 638 14.15 18.13 -22.97
C ALA A 638 12.67 17.82 -23.03
N GLY A 639 12.16 17.00 -22.10
CA GLY A 639 10.74 16.69 -22.10
C GLY A 639 9.87 17.90 -21.87
N ILE A 640 10.30 18.81 -20.98
CA ILE A 640 9.54 20.02 -20.74
C ILE A 640 9.51 20.89 -21.99
N ILE A 641 10.65 21.03 -22.67
CA ILE A 641 10.70 21.88 -23.85
C ILE A 641 9.88 21.29 -24.99
N TRP A 642 9.90 19.96 -25.15
CA TRP A 642 9.15 19.36 -26.25
C TRP A 642 7.65 19.55 -26.10
N ALA A 643 7.16 19.78 -24.89
CA ALA A 643 5.73 19.97 -24.70
C ALA A 643 5.23 21.24 -25.39
N GLN A 644 6.09 22.26 -25.47
CA GLN A 644 5.73 23.51 -26.12
C GLN A 644 6.13 23.54 -27.60
N SER A 645 6.44 22.40 -28.19
CA SER A 645 6.90 22.38 -29.57
C SER A 645 5.74 22.57 -30.54
N GLN A 646 6.09 22.95 -31.78
CA GLN A 646 5.10 23.21 -32.82
C GLN A 646 4.99 22.06 -33.81
N ASP A 647 6.10 21.71 -34.48
CA ASP A 647 6.10 20.60 -35.44
C ASP A 647 6.43 19.33 -34.67
N CYS A 648 5.37 18.73 -34.11
CA CYS A 648 5.54 17.81 -32.99
C CYS A 648 6.18 16.49 -33.40
N ILE A 649 5.53 15.77 -34.32
CA ILE A 649 6.03 14.46 -34.71
C ILE A 649 7.39 14.58 -35.38
N ALA A 650 7.56 15.61 -36.21
CA ALA A 650 8.84 15.83 -36.87
C ALA A 650 9.94 16.07 -35.85
N ALA A 651 9.67 16.89 -34.83
CA ALA A 651 10.67 17.14 -33.79
C ALA A 651 11.00 15.88 -33.02
N ALA A 652 9.99 15.09 -32.66
CA ALA A 652 10.25 13.87 -31.92
C ALA A 652 11.10 12.90 -32.73
N LEU A 653 10.78 12.72 -34.01
CA LEU A 653 11.56 11.81 -34.85
C LEU A 653 12.98 12.32 -35.03
N ALA A 654 13.15 13.63 -35.25
CA ALA A 654 14.48 14.17 -35.43
C ALA A 654 15.33 14.01 -34.18
N CYS A 655 14.73 14.25 -33.01
CA CYS A 655 15.43 14.00 -31.75
C CYS A 655 15.81 12.54 -31.60
N SER A 656 14.92 11.63 -31.97
CA SER A 656 15.26 10.21 -31.93
C SER A 656 16.45 9.89 -32.82
N LYS A 657 16.47 10.45 -34.04
CA LYS A 657 17.59 10.18 -34.94
C LYS A 657 18.89 10.75 -34.40
N ILE A 658 18.86 11.98 -33.88
CA ILE A 658 20.08 12.57 -33.33
C ILE A 658 20.60 11.75 -32.16
N LEU A 659 19.71 11.33 -31.26
CA LEU A 659 20.14 10.53 -30.12
C LEU A 659 20.71 9.20 -30.56
N LYS A 660 20.05 8.54 -31.51
CA LYS A 660 20.53 7.25 -31.98
C LYS A 660 21.88 7.37 -32.67
N GLU A 661 22.09 8.44 -33.44
CA GLU A 661 23.38 8.68 -34.06
C GLU A 661 24.48 9.01 -33.05
N LEU A 662 24.17 9.77 -32.02
CA LEU A 662 25.16 10.12 -31.01
C LEU A 662 25.52 8.94 -30.11
N SER A 663 24.56 8.03 -29.88
CA SER A 663 24.84 6.87 -29.05
C SER A 663 25.88 5.95 -29.67
N LYS A 664 25.82 5.75 -30.99
CA LYS A 664 26.76 4.88 -31.67
C LYS A 664 28.17 5.44 -31.69
N GLU A 665 28.36 6.72 -31.38
CA GLU A 665 29.67 7.34 -31.37
C GLU A 665 30.18 7.61 -29.97
N GLU A 666 29.29 7.75 -28.99
CA GLU A 666 29.67 7.98 -27.61
C GLU A 666 30.51 6.83 -27.09
N GLU A 667 31.69 7.15 -26.56
CA GLU A 667 32.58 6.11 -26.05
C GLU A 667 32.11 5.59 -24.70
N ASP A 668 31.58 6.48 -23.85
CA ASP A 668 31.13 6.06 -22.53
C ASP A 668 29.88 5.19 -22.66
N THR A 669 29.95 3.99 -22.09
CA THR A 669 28.86 3.04 -22.25
C THR A 669 27.60 3.50 -21.51
N ASP A 670 27.77 4.10 -20.33
CA ASP A 670 26.61 4.60 -19.60
C ASP A 670 25.90 5.70 -20.38
N SER A 671 26.66 6.65 -20.90
CA SER A 671 26.07 7.72 -21.69
C SER A 671 25.42 7.20 -22.95
N SER A 672 26.07 6.24 -23.62
CA SER A 672 25.47 5.67 -24.83
C SER A 672 24.17 4.95 -24.54
N GLU A 673 24.14 4.17 -23.46
CA GLU A 673 22.93 3.44 -23.10
C GLU A 673 21.81 4.40 -22.72
N GLU A 674 22.12 5.45 -21.96
CA GLU A 674 21.10 6.42 -21.61
C GLU A 674 20.59 7.15 -22.84
N MET A 675 21.48 7.48 -23.77
CA MET A 675 21.05 8.15 -25.00
C MET A 675 20.13 7.26 -25.82
N LEU A 676 20.47 5.96 -25.93
CA LEU A 676 19.60 5.05 -26.67
C LEU A 676 18.25 4.88 -25.99
N ALA A 677 18.23 4.79 -24.66
CA ALA A 677 16.97 4.69 -23.95
C ALA A 677 16.11 5.93 -24.15
N LEU A 678 16.73 7.12 -24.12
CA LEU A 678 15.99 8.34 -24.38
C LEU A 678 15.48 8.40 -25.81
N ALA A 679 16.26 7.88 -26.76
CA ALA A 679 15.81 7.83 -28.15
C ALA A 679 14.56 6.96 -28.29
N GLU A 680 14.55 5.80 -27.64
CA GLU A 680 13.36 4.96 -27.66
C GLU A 680 12.19 5.60 -26.93
N GLU A 681 12.46 6.33 -25.85
CA GLU A 681 11.40 7.06 -25.17
C GLU A 681 10.77 8.09 -26.10
N TYR A 682 11.59 8.83 -26.85
CA TYR A 682 11.05 9.80 -27.77
C TYR A 682 10.35 9.13 -28.95
N GLU A 683 10.79 7.93 -29.32
CA GLU A 683 10.03 7.10 -30.25
C GLU A 683 8.61 6.88 -29.75
N HIS A 684 8.46 6.38 -28.53
CA HIS A 684 7.13 6.13 -28.00
C HIS A 684 6.34 7.43 -27.88
N ARG A 685 7.02 8.52 -27.56
CA ARG A 685 6.36 9.82 -27.49
C ARG A 685 5.79 10.23 -28.84
N ALA A 686 6.54 10.02 -29.92
CA ALA A 686 6.02 10.31 -31.25
C ALA A 686 4.90 9.37 -31.66
N ILE A 687 5.04 8.09 -31.33
CA ILE A 687 4.01 7.11 -31.71
C ILE A 687 2.69 7.43 -31.04
N GLY A 688 2.72 7.84 -29.77
CA GLY A 688 1.49 8.23 -29.10
C GLY A 688 0.79 9.40 -29.75
N VAL A 689 1.53 10.45 -30.09
CA VAL A 689 0.94 11.60 -30.75
C VAL A 689 0.37 11.21 -32.10
N PHE A 690 1.11 10.42 -32.87
CA PHE A 690 0.59 10.02 -34.18
C PHE A 690 -0.62 9.12 -34.06
N THR A 691 -0.69 8.27 -33.04
CA THR A 691 -1.89 7.46 -32.83
C THR A 691 -3.08 8.32 -32.49
N GLU A 692 -2.90 9.29 -31.60
CA GLU A 692 -3.98 10.20 -31.26
C GLU A 692 -4.43 10.99 -32.48
N CYS A 693 -3.50 11.31 -33.38
CA CYS A 693 -3.86 12.04 -34.58
C CYS A 693 -4.53 11.15 -35.62
N TYR A 694 -4.13 9.88 -35.69
CA TYR A 694 -4.67 8.96 -36.67
C TYR A 694 -6.08 8.49 -36.29
N ARG A 695 -6.36 8.41 -34.99
CA ARG A 695 -7.70 8.00 -34.58
C ARG A 695 -8.75 8.98 -35.08
N LYS A 696 -8.47 10.28 -34.99
CA LYS A 696 -9.40 11.29 -35.44
C LYS A 696 -8.99 11.77 -36.82
N ASP A 697 -9.82 11.48 -37.83
CA ASP A 697 -9.60 11.95 -39.20
C ASP A 697 -8.26 11.43 -39.76
N GLU A 698 -8.22 10.11 -39.92
CA GLU A 698 -7.03 9.47 -40.48
C GLU A 698 -6.66 10.03 -41.85
N GLU A 699 -7.63 10.53 -42.62
CA GLU A 699 -7.32 11.10 -43.92
C GLU A 699 -6.40 12.30 -43.80
N ARG A 700 -6.68 13.21 -42.88
CA ARG A 700 -5.74 14.29 -42.59
C ARG A 700 -4.51 13.81 -41.84
N ALA A 701 -4.62 12.69 -41.13
CA ALA A 701 -3.43 12.13 -40.48
C ALA A 701 -2.37 11.75 -41.49
N GLN A 702 -2.75 11.11 -42.60
CA GLN A 702 -1.72 10.81 -43.61
C GLN A 702 -1.18 12.07 -44.25
N LYS A 703 -2.01 13.09 -44.44
CA LYS A 703 -1.50 14.36 -44.98
C LYS A 703 -0.46 14.96 -44.06
N LEU A 704 -0.72 14.98 -42.76
CA LEU A 704 0.27 15.40 -41.79
C LEU A 704 1.53 14.54 -41.84
N LEU A 705 1.36 13.24 -42.06
CA LEU A 705 2.50 12.33 -42.16
C LEU A 705 3.42 12.72 -43.31
N THR A 706 2.83 12.95 -44.49
CA THR A 706 3.61 13.15 -45.70
C THR A 706 4.01 14.61 -45.93
N ARG A 707 3.64 15.51 -45.02
CA ARG A 707 3.95 16.92 -45.19
C ARG A 707 5.43 17.20 -44.95
N VAL A 708 5.98 18.13 -45.72
CA VAL A 708 7.36 18.56 -45.51
C VAL A 708 7.41 19.43 -44.27
N SER A 709 8.62 19.70 -43.76
CA SER A 709 8.79 20.51 -42.58
C SER A 709 9.93 21.50 -42.82
N GLU A 710 9.57 22.76 -43.05
CA GLU A 710 10.58 23.80 -43.20
C GLU A 710 11.40 23.97 -41.93
N ALA A 711 10.81 23.68 -40.76
CA ALA A 711 11.50 23.90 -39.50
C ALA A 711 12.47 22.77 -39.16
N TRP A 712 12.51 21.70 -39.94
CA TRP A 712 13.38 20.56 -39.66
C TRP A 712 14.12 20.13 -40.93
N GLY A 713 14.69 21.12 -41.63
CA GLY A 713 15.54 20.82 -42.75
C GLY A 713 14.84 20.40 -44.02
N LYS A 714 13.60 20.81 -44.23
CA LYS A 714 12.87 20.55 -45.47
C LYS A 714 12.76 19.06 -45.76
N THR A 715 12.42 18.28 -44.74
CA THR A 715 12.20 16.85 -44.87
C THR A 715 10.79 16.51 -44.41
N THR A 716 10.45 15.24 -44.53
CA THR A 716 9.13 14.73 -44.14
C THR A 716 9.30 13.74 -42.99
N CYS A 717 8.23 13.60 -42.20
CA CYS A 717 8.29 12.72 -41.04
C CYS A 717 8.56 11.27 -41.43
N LEU A 718 7.89 10.79 -42.49
CA LEU A 718 8.09 9.43 -42.95
C LEU A 718 9.55 9.19 -43.35
N GLN A 719 10.09 10.06 -44.21
CA GLN A 719 11.48 9.89 -44.64
C GLN A 719 12.43 9.98 -43.46
N LEU A 720 12.19 10.91 -42.53
CA LEU A 720 13.05 11.03 -41.37
C LEU A 720 13.02 9.79 -40.50
N ALA A 721 11.92 9.03 -40.51
CA ALA A 721 11.89 7.79 -39.74
C ALA A 721 12.81 6.73 -40.34
N LEU A 722 12.93 6.70 -41.67
CA LEU A 722 13.74 5.65 -42.29
C LEU A 722 15.18 5.66 -41.80
N GLU A 723 15.80 6.82 -41.69
CA GLU A 723 17.19 6.86 -41.30
C GLU A 723 17.40 6.61 -39.81
N ALA A 724 16.49 7.08 -38.96
CA ALA A 724 16.56 6.73 -37.54
C ALA A 724 16.31 5.25 -37.32
N LYS A 725 15.76 4.57 -38.34
CA LYS A 725 15.72 3.12 -38.45
C LYS A 725 14.64 2.51 -37.57
N ASP A 726 14.19 3.25 -36.56
CA ASP A 726 12.82 3.31 -36.08
C ASP A 726 12.00 2.03 -36.25
N MET A 727 12.37 0.96 -35.53
CA MET A 727 11.61 -0.28 -35.62
C MET A 727 10.12 -0.06 -35.40
N LYS A 728 9.77 0.63 -34.30
CA LYS A 728 8.40 0.59 -33.80
C LYS A 728 7.47 1.60 -34.46
N PHE A 729 7.98 2.77 -34.85
CA PHE A 729 7.10 3.79 -35.41
C PHE A 729 6.55 3.36 -36.76
N VAL A 730 7.40 2.80 -37.62
CA VAL A 730 6.97 2.46 -38.97
C VAL A 730 6.04 1.26 -38.98
N SER A 731 5.96 0.50 -37.89
CA SER A 731 5.12 -0.68 -37.86
C SER A 731 3.73 -0.41 -37.29
N HIS A 732 3.39 0.84 -37.01
CA HIS A 732 2.15 1.15 -36.28
C HIS A 732 1.04 1.53 -37.23
N GLY A 733 0.18 0.57 -37.56
CA GLY A 733 -1.16 0.89 -38.03
C GLY A 733 -1.22 1.78 -39.25
N GLY A 734 -1.56 3.05 -39.02
CA GLY A 734 -1.70 4.01 -40.10
C GLY A 734 -0.48 4.16 -40.97
N ILE A 735 0.71 3.86 -40.45
CA ILE A 735 1.91 3.91 -41.28
C ILE A 735 1.79 2.88 -42.40
N GLN A 736 1.49 1.63 -42.05
CA GLN A 736 1.33 0.60 -43.07
C GLN A 736 0.06 0.80 -43.87
N ALA A 737 -0.96 1.42 -43.28
CA ALA A 737 -2.14 1.79 -44.05
C ALA A 737 -1.81 2.78 -45.17
N PHE A 738 -1.01 3.81 -44.87
CA PHE A 738 -0.59 4.73 -45.91
C PHE A 738 0.33 4.06 -46.91
N LEU A 739 1.17 3.13 -46.45
CA LEU A 739 2.00 2.38 -47.39
C LEU A 739 1.15 1.55 -48.35
N THR A 740 0.16 0.85 -47.83
CA THR A 740 -0.75 0.03 -48.63
C THR A 740 -1.79 0.87 -49.36
N LYS A 741 -1.82 2.18 -49.11
CA LYS A 741 -2.59 3.10 -49.93
C LYS A 741 -1.79 3.69 -51.09
N VAL A 742 -0.56 4.14 -50.86
CA VAL A 742 0.28 4.59 -51.97
C VAL A 742 0.58 3.42 -52.91
N TRP A 743 0.93 2.27 -52.34
CA TRP A 743 0.82 1.01 -53.04
C TRP A 743 -0.65 0.67 -53.21
N TRP A 744 -0.97 0.00 -54.31
CA TRP A 744 -2.32 -0.02 -54.87
C TRP A 744 -2.76 1.42 -55.14
N GLY A 745 -2.06 2.04 -56.09
CA GLY A 745 -2.09 3.48 -56.32
C GLY A 745 -3.43 4.18 -56.17
N GLN A 746 -4.39 3.86 -57.04
CA GLN A 746 -5.67 4.53 -57.04
C GLN A 746 -6.86 3.58 -57.01
N LEU A 747 -6.61 2.27 -56.98
CA LEU A 747 -7.69 1.32 -57.24
C LEU A 747 -8.55 1.08 -56.00
N SER A 748 -7.96 0.44 -54.99
CA SER A 748 -8.68 0.04 -53.78
C SER A 748 -7.75 -0.68 -52.82
N VAL A 749 -8.24 -1.00 -51.63
CA VAL A 749 -7.57 -1.93 -50.72
C VAL A 749 -8.38 -3.18 -50.47
N ASP A 750 -9.53 -3.34 -51.14
CA ASP A 750 -10.47 -4.40 -50.77
C ASP A 750 -10.44 -5.59 -51.71
N ASN A 751 -10.40 -5.39 -53.03
CA ASN A 751 -10.53 -6.51 -53.95
C ASN A 751 -9.24 -7.32 -54.02
N GLY A 752 -9.37 -8.55 -54.51
CA GLY A 752 -8.37 -9.57 -54.23
C GLY A 752 -7.19 -9.55 -55.19
N LEU A 753 -6.06 -10.05 -54.67
CA LEU A 753 -4.87 -10.24 -55.48
C LEU A 753 -5.09 -11.31 -56.54
N TRP A 754 -5.86 -12.35 -56.22
CA TRP A 754 -6.16 -13.38 -57.21
C TRP A 754 -7.12 -12.88 -58.28
N ARG A 755 -7.85 -11.79 -58.01
CA ARG A 755 -8.80 -11.24 -58.95
C ARG A 755 -8.23 -10.11 -59.79
N VAL A 756 -7.25 -9.38 -59.27
CA VAL A 756 -6.63 -8.32 -60.08
C VAL A 756 -5.78 -8.92 -61.21
N THR A 757 -5.17 -10.08 -60.98
CA THR A 757 -4.31 -10.67 -62.00
C THR A 757 -5.09 -11.11 -63.23
N LEU A 758 -6.39 -11.38 -63.10
CA LEU A 758 -7.19 -11.73 -64.27
C LEU A 758 -7.31 -10.56 -65.24
N CYS A 759 -7.70 -9.39 -64.72
CA CYS A 759 -7.77 -8.19 -65.56
C CYS A 759 -6.40 -7.66 -65.91
N MET A 760 -5.36 -8.09 -65.19
CA MET A 760 -4.00 -7.83 -65.66
C MET A 760 -3.79 -8.36 -67.08
N LEU A 761 -4.11 -9.63 -67.31
CA LEU A 761 -3.87 -10.23 -68.61
C LEU A 761 -4.98 -9.89 -69.60
N ALA A 762 -6.23 -9.93 -69.15
CA ALA A 762 -7.37 -9.66 -70.02
C ALA A 762 -7.63 -8.16 -70.04
N PHE A 763 -7.13 -7.47 -71.05
CA PHE A 763 -7.37 -6.03 -71.16
C PHE A 763 -8.85 -5.68 -71.25
N PRO A 764 -9.67 -6.33 -72.08
CA PRO A 764 -11.12 -6.00 -72.07
C PRO A 764 -11.79 -6.23 -70.74
N LEU A 765 -11.35 -7.22 -69.96
CA LEU A 765 -11.97 -7.49 -68.66
C LEU A 765 -11.74 -6.37 -67.67
N LEU A 766 -10.71 -5.54 -67.89
CA LEU A 766 -10.49 -4.39 -67.02
C LEU A 766 -11.65 -3.40 -67.09
N LEU A 767 -12.17 -3.18 -68.30
CA LEU A 767 -13.28 -2.25 -68.49
C LEU A 767 -14.59 -2.79 -67.97
N THR A 768 -14.67 -4.09 -67.64
CA THR A 768 -15.90 -4.68 -67.15
C THR A 768 -16.16 -4.24 -65.71
N GLY A 769 -17.31 -4.67 -65.19
CA GLY A 769 -17.68 -4.34 -63.83
C GLY A 769 -17.16 -5.35 -62.83
N LEU A 770 -15.85 -5.58 -62.84
CA LEU A 770 -15.22 -6.56 -61.96
C LEU A 770 -14.28 -5.92 -60.95
N ILE A 771 -13.44 -4.98 -61.38
CA ILE A 771 -12.49 -4.34 -60.48
C ILE A 771 -13.19 -3.23 -59.73
N SER A 772 -12.66 -2.90 -58.55
CA SER A 772 -13.21 -1.84 -57.69
C SER A 772 -12.22 -0.69 -57.71
N PHE A 773 -12.51 0.32 -58.53
CA PHE A 773 -11.69 1.51 -58.62
C PHE A 773 -12.20 2.57 -57.65
N ARG A 774 -11.41 3.63 -57.48
CA ARG A 774 -11.92 4.88 -56.92
C ARG A 774 -12.47 5.80 -58.00
N GLU A 775 -11.88 5.76 -59.20
CA GLU A 775 -12.46 6.44 -60.35
C GLU A 775 -13.85 5.90 -60.65
N LYS A 776 -14.01 4.57 -60.62
CA LYS A 776 -15.33 3.99 -60.80
C LYS A 776 -16.29 4.37 -59.67
N ARG A 777 -15.79 4.47 -58.45
CA ARG A 777 -16.63 4.91 -57.33
C ARG A 777 -17.13 6.33 -57.55
N LEU A 778 -16.26 7.22 -58.02
CA LEU A 778 -16.61 8.61 -58.30
C LEU A 778 -17.19 8.80 -59.70
N GLN A 779 -17.39 7.71 -60.44
CA GLN A 779 -17.92 7.69 -61.81
C GLN A 779 -17.18 8.70 -62.68
N ASP A 780 -15.87 8.82 -62.46
CA ASP A 780 -15.00 9.70 -63.23
C ASP A 780 -14.48 9.03 -64.50
N VAL A 781 -15.14 7.97 -64.98
CA VAL A 781 -14.69 7.27 -66.17
C VAL A 781 -15.24 7.98 -67.39
N GLY A 782 -14.53 9.01 -67.86
CA GLY A 782 -14.89 9.69 -69.08
C GLY A 782 -13.99 9.28 -70.22
N THR A 783 -12.94 8.53 -69.90
CA THR A 783 -11.98 8.05 -70.88
C THR A 783 -11.46 6.69 -70.43
N PRO A 784 -11.74 5.61 -71.18
CA PRO A 784 -11.12 4.32 -70.85
C PRO A 784 -9.61 4.36 -70.92
N ALA A 785 -9.03 5.19 -71.78
CA ALA A 785 -7.58 5.32 -71.82
C ALA A 785 -7.04 5.83 -70.49
N ALA A 786 -7.69 6.85 -69.91
CA ALA A 786 -7.26 7.33 -68.60
C ALA A 786 -7.59 6.35 -67.49
N ARG A 787 -8.71 5.64 -67.59
CA ARG A 787 -9.04 4.62 -66.60
C ARG A 787 -7.99 3.53 -66.56
N ALA A 788 -7.49 3.11 -67.71
CA ALA A 788 -6.37 2.16 -67.77
C ALA A 788 -5.04 2.80 -67.43
N ARG A 789 -4.86 4.09 -67.71
CA ARG A 789 -3.61 4.77 -67.37
C ARG A 789 -3.40 4.81 -65.86
N ALA A 790 -4.45 5.17 -65.11
CA ALA A 790 -4.34 5.13 -63.65
C ALA A 790 -4.07 3.72 -63.16
N PHE A 791 -4.75 2.73 -63.74
CA PHE A 791 -4.55 1.34 -63.37
C PHE A 791 -3.09 0.93 -63.56
N PHE A 792 -2.51 1.29 -64.70
CA PHE A 792 -1.13 0.90 -64.98
C PHE A 792 -0.13 1.68 -64.14
N THR A 793 -0.37 2.97 -63.92
CA THR A 793 0.51 3.76 -63.06
C THR A 793 0.44 3.33 -61.61
N ALA A 794 -0.60 2.61 -61.20
CA ALA A 794 -0.59 1.99 -59.89
C ALA A 794 0.62 1.07 -59.77
N PRO A 795 1.38 1.17 -58.67
CA PRO A 795 2.64 0.41 -58.55
C PRO A 795 2.47 -1.10 -58.59
N VAL A 796 1.29 -1.61 -58.20
CA VAL A 796 1.12 -3.05 -58.06
C VAL A 796 1.21 -3.74 -59.40
N VAL A 797 0.52 -3.22 -60.41
CA VAL A 797 0.57 -3.83 -61.73
C VAL A 797 1.95 -3.69 -62.37
N VAL A 798 2.67 -2.60 -62.07
CA VAL A 798 4.06 -2.52 -62.51
C VAL A 798 4.90 -3.62 -61.87
N PHE A 799 4.70 -3.86 -60.57
CA PHE A 799 5.41 -4.96 -59.91
C PHE A 799 5.07 -6.31 -60.52
N HIS A 800 3.77 -6.59 -60.73
CA HIS A 800 3.38 -7.85 -61.34
C HIS A 800 3.91 -7.98 -62.75
N LEU A 801 3.88 -6.90 -63.53
CA LEU A 801 4.35 -6.94 -64.90
C LEU A 801 5.85 -7.21 -64.96
N ASN A 802 6.62 -6.55 -64.10
CA ASN A 802 8.04 -6.87 -63.99
C ASN A 802 8.27 -8.30 -63.55
N ILE A 803 7.48 -8.78 -62.59
CA ILE A 803 7.63 -10.15 -62.10
C ILE A 803 7.35 -11.15 -63.21
N LEU A 804 6.29 -10.92 -63.98
CA LEU A 804 5.95 -11.80 -65.09
C LEU A 804 6.98 -11.75 -66.20
N SER A 805 7.53 -10.56 -66.49
CA SER A 805 8.62 -10.50 -67.45
C SER A 805 9.83 -11.30 -66.99
N TYR A 806 10.21 -11.15 -65.72
CA TYR A 806 11.30 -11.92 -65.16
C TYR A 806 11.00 -13.41 -65.12
N PHE A 807 9.74 -13.79 -64.99
CA PHE A 807 9.34 -15.19 -64.96
C PHE A 807 9.37 -15.80 -66.35
N ALA A 808 8.99 -15.02 -67.38
CA ALA A 808 8.95 -15.49 -68.75
C ALA A 808 10.30 -15.46 -69.43
N PHE A 809 11.19 -14.52 -69.06
CA PHE A 809 12.52 -14.52 -69.66
C PHE A 809 13.37 -15.66 -69.12
N LEU A 810 13.07 -16.15 -67.92
CA LEU A 810 13.68 -17.41 -67.48
C LEU A 810 13.26 -18.58 -68.34
N CYS A 811 11.98 -18.67 -68.71
CA CYS A 811 11.55 -19.71 -69.64
C CYS A 811 12.18 -19.51 -71.01
N LEU A 812 12.35 -18.26 -71.43
CA LEU A 812 13.03 -17.98 -72.69
C LEU A 812 14.48 -18.47 -72.65
N PHE A 813 15.17 -18.24 -71.52
CA PHE A 813 16.52 -18.75 -71.36
C PHE A 813 16.55 -20.27 -71.33
N ALA A 814 15.55 -20.90 -70.72
CA ALA A 814 15.43 -22.36 -70.77
C ALA A 814 15.19 -22.86 -72.19
N TYR A 815 14.54 -22.07 -73.02
CA TYR A 815 14.27 -22.46 -74.41
C TYR A 815 15.57 -22.63 -75.19
N VAL A 816 16.56 -21.78 -74.95
CA VAL A 816 17.76 -21.74 -75.78
C VAL A 816 18.85 -22.65 -75.24
N LEU A 817 18.49 -23.55 -74.32
CA LEU A 817 19.45 -24.54 -73.83
C LEU A 817 19.03 -25.98 -74.12
N MET A 818 17.76 -26.23 -74.42
CA MET A 818 17.31 -27.58 -74.75
C MET A 818 17.36 -27.82 -76.26
N VAL A 819 16.74 -26.93 -77.03
CA VAL A 819 16.60 -27.11 -78.47
C VAL A 819 17.56 -26.21 -79.24
N ASP A 820 17.80 -25.00 -78.75
CA ASP A 820 18.59 -24.00 -79.47
C ASP A 820 20.06 -24.00 -79.06
N PHE A 821 20.60 -25.15 -78.68
CA PHE A 821 22.01 -25.27 -78.33
C PHE A 821 22.85 -25.18 -79.61
N GLN A 822 23.11 -23.94 -80.01
CA GLN A 822 23.86 -23.66 -81.24
C GLN A 822 25.05 -22.77 -80.92
N PRO A 823 26.13 -22.88 -81.69
CA PRO A 823 27.31 -22.04 -81.44
C PRO A 823 27.25 -20.70 -82.13
N VAL A 824 26.06 -20.32 -82.60
CA VAL A 824 25.88 -19.07 -83.34
C VAL A 824 24.77 -18.27 -82.69
N PRO A 825 24.81 -16.94 -82.73
CA PRO A 825 23.64 -16.16 -82.26
C PRO A 825 22.45 -16.38 -83.19
N SER A 826 21.42 -17.05 -82.68
CA SER A 826 20.29 -17.47 -83.48
C SER A 826 19.22 -16.38 -83.48
N TRP A 827 18.04 -16.72 -84.02
CA TRP A 827 16.93 -15.78 -84.04
C TRP A 827 16.49 -15.41 -82.63
N CYS A 828 16.47 -16.38 -81.72
CA CYS A 828 16.03 -16.18 -80.34
C CYS A 828 17.20 -15.99 -79.38
N GLU A 829 18.27 -15.31 -79.80
CA GLU A 829 19.45 -15.12 -78.96
C GLU A 829 19.76 -13.66 -78.68
N CYS A 830 19.63 -12.77 -79.68
CA CYS A 830 19.89 -11.35 -79.46
C CYS A 830 18.93 -10.73 -78.45
N ALA A 831 17.76 -11.35 -78.25
CA ALA A 831 16.84 -10.87 -77.22
C ALA A 831 17.46 -10.95 -75.84
N ILE A 832 18.27 -11.97 -75.57
CA ILE A 832 18.94 -12.07 -74.27
C ILE A 832 19.95 -10.94 -74.09
N TYR A 833 20.72 -10.62 -75.12
CA TYR A 833 21.66 -9.51 -75.03
C TYR A 833 20.94 -8.18 -74.80
N LEU A 834 19.85 -7.95 -75.55
CA LEU A 834 19.04 -6.76 -75.34
C LEU A 834 18.42 -6.69 -73.96
N TRP A 835 17.97 -7.83 -73.43
CA TRP A 835 17.40 -7.89 -72.09
C TRP A 835 18.44 -7.61 -71.01
N LEU A 836 19.66 -8.15 -71.17
CA LEU A 836 20.74 -7.81 -70.26
C LEU A 836 21.08 -6.32 -70.32
N PHE A 837 21.11 -5.74 -71.52
CA PHE A 837 21.31 -4.31 -71.64
C PHE A 837 20.21 -3.51 -70.95
N SER A 838 18.95 -3.95 -71.08
CA SER A 838 17.84 -3.24 -70.48
C SER A 838 17.88 -3.30 -68.96
N LEU A 839 18.09 -4.49 -68.39
CA LEU A 839 18.10 -4.64 -66.94
C LEU A 839 19.24 -3.89 -66.26
N VAL A 840 20.44 -3.93 -66.83
CA VAL A 840 21.57 -3.24 -66.21
C VAL A 840 21.38 -1.73 -66.19
N CYS A 841 20.59 -1.18 -67.10
CA CYS A 841 20.32 0.25 -67.12
C CYS A 841 19.48 0.70 -65.94
N GLU A 842 18.74 -0.20 -65.29
CA GLU A 842 18.06 0.16 -64.06
C GLU A 842 19.06 0.55 -62.97
N GLU A 843 20.25 -0.05 -62.98
CA GLU A 843 21.26 0.31 -61.99
C GLU A 843 21.75 1.75 -62.19
N MET A 844 22.02 2.15 -63.43
CA MET A 844 22.43 3.54 -63.65
C MET A 844 21.26 4.50 -63.43
N ARG A 845 20.03 4.05 -63.71
CA ARG A 845 18.87 4.87 -63.36
C ARG A 845 18.81 5.13 -61.85
N GLN A 846 19.00 4.08 -61.04
CA GLN A 846 19.07 4.23 -59.60
C GLN A 846 20.24 5.09 -59.16
N LEU A 847 21.39 4.97 -59.83
CA LEU A 847 22.55 5.81 -59.50
C LEU A 847 22.24 7.28 -59.74
N PHE A 848 21.56 7.59 -60.83
CA PHE A 848 21.21 8.96 -61.17
C PHE A 848 19.94 9.44 -60.46
N TYR A 849 19.22 8.54 -59.79
CA TYR A 849 17.97 8.89 -59.13
C TYR A 849 18.15 9.99 -58.08
N ASP A 850 18.89 9.71 -57.01
CA ASP A 850 19.06 10.65 -55.90
C ASP A 850 20.45 10.49 -55.30
N PRO A 851 21.49 10.91 -56.03
CA PRO A 851 22.84 10.87 -55.47
C PRO A 851 23.25 12.19 -54.84
N ASP A 852 24.42 12.22 -54.20
CA ASP A 852 25.04 13.48 -53.83
C ASP A 852 25.79 14.04 -55.03
N GLU A 853 25.69 15.36 -55.20
CA GLU A 853 26.20 16.03 -56.39
C GLU A 853 27.71 16.16 -56.40
N CYS A 854 28.41 15.53 -55.45
CA CYS A 854 29.87 15.57 -55.43
C CYS A 854 30.44 14.16 -55.27
N GLY A 855 29.69 13.26 -54.66
CA GLY A 855 30.17 11.92 -54.40
C GLY A 855 29.67 10.88 -55.37
N LEU A 856 30.53 10.46 -56.30
CA LEU A 856 30.17 9.39 -57.23
C LEU A 856 30.52 8.02 -56.67
N MET A 857 31.68 7.90 -56.04
CA MET A 857 32.11 6.65 -55.43
C MET A 857 31.47 6.41 -54.06
N LYS A 858 31.15 7.48 -53.32
CA LYS A 858 30.58 7.34 -51.99
C LYS A 858 29.11 6.91 -52.02
N LYS A 859 28.46 6.95 -53.18
CA LYS A 859 27.10 6.42 -53.30
C LYS A 859 27.10 4.93 -53.63
N ALA A 860 28.10 4.46 -54.40
CA ALA A 860 28.20 3.04 -54.72
C ALA A 860 28.55 2.20 -53.50
N ALA A 861 28.95 2.82 -52.39
CA ALA A 861 29.20 2.07 -51.16
C ALA A 861 27.94 1.39 -50.67
N LEU A 862 26.78 2.05 -50.81
CA LEU A 862 25.52 1.42 -50.42
C LEU A 862 25.23 0.20 -51.28
N TYR A 863 25.44 0.30 -52.59
CA TYR A 863 25.24 -0.86 -53.46
C TYR A 863 26.20 -1.98 -53.12
N PHE A 864 27.47 -1.66 -52.84
CA PHE A 864 28.43 -2.68 -52.45
C PHE A 864 28.06 -3.35 -51.13
N SER A 865 27.59 -2.59 -50.15
CA SER A 865 27.12 -3.14 -48.89
C SER A 865 25.86 -3.97 -49.05
N ASP A 866 25.05 -3.68 -50.07
CA ASP A 866 23.88 -4.49 -50.40
C ASP A 866 24.37 -5.82 -50.97
N PHE A 867 24.28 -6.88 -50.18
CA PHE A 867 24.71 -8.19 -50.66
C PHE A 867 23.79 -8.73 -51.75
N TRP A 868 22.54 -8.28 -51.80
CA TRP A 868 21.68 -8.67 -52.92
C TRP A 868 22.11 -7.99 -54.21
N ASN A 869 22.49 -6.70 -54.14
CA ASN A 869 23.08 -6.06 -55.30
C ASN A 869 24.38 -6.73 -55.71
N LYS A 870 25.16 -7.15 -54.71
CA LYS A 870 26.39 -7.90 -54.98
C LYS A 870 26.09 -9.22 -55.69
N LEU A 871 25.06 -9.94 -55.28
CA LEU A 871 24.62 -11.15 -55.97
C LEU A 871 24.13 -10.86 -57.39
N ASP A 872 23.43 -9.75 -57.59
CA ASP A 872 22.99 -9.36 -58.93
C ASP A 872 24.20 -9.11 -59.85
N VAL A 873 25.17 -8.33 -59.39
CA VAL A 873 26.33 -8.06 -60.21
C VAL A 873 27.19 -9.31 -60.39
N GLY A 874 27.20 -10.21 -59.40
CA GLY A 874 27.86 -11.49 -59.58
C GLY A 874 27.20 -12.37 -60.61
N ALA A 875 25.87 -12.40 -60.65
CA ALA A 875 25.14 -13.07 -61.69
C ALA A 875 25.39 -12.47 -63.07
N ILE A 876 25.56 -11.16 -63.14
CA ILE A 876 26.01 -10.51 -64.37
C ILE A 876 27.41 -10.97 -64.77
N LEU A 877 28.33 -11.03 -63.80
CA LEU A 877 29.68 -11.52 -64.08
C LEU A 877 29.69 -12.99 -64.49
N LEU A 878 28.85 -13.81 -63.85
CA LEU A 878 28.76 -15.21 -64.26
C LEU A 878 28.20 -15.35 -65.67
N PHE A 879 27.24 -14.51 -66.05
CA PHE A 879 26.78 -14.50 -67.43
C PHE A 879 27.88 -14.04 -68.39
N VAL A 880 28.70 -13.07 -67.99
CA VAL A 880 29.84 -12.68 -68.82
C VAL A 880 30.79 -13.85 -69.00
N ALA A 881 31.08 -14.59 -67.93
CA ALA A 881 31.96 -15.75 -68.00
C ALA A 881 31.37 -16.89 -68.81
N GLY A 882 30.04 -17.04 -68.84
CA GLY A 882 29.41 -18.09 -69.61
C GLY A 882 29.24 -17.74 -71.08
N LEU A 883 29.09 -16.46 -71.38
CA LEU A 883 28.95 -16.04 -72.78
C LEU A 883 30.25 -16.22 -73.54
N THR A 884 31.39 -16.03 -72.88
CA THR A 884 32.68 -16.27 -73.52
C THR A 884 32.85 -17.72 -73.92
N CYS A 885 32.29 -18.66 -73.16
CA CYS A 885 32.29 -20.07 -73.52
C CYS A 885 31.22 -20.41 -74.54
N ARG A 886 30.06 -19.74 -74.49
CA ARG A 886 29.02 -19.96 -75.49
C ARG A 886 29.42 -19.50 -76.87
N LEU A 887 30.13 -18.38 -76.98
CA LEU A 887 30.54 -17.89 -78.29
C LEU A 887 31.68 -18.72 -78.87
N ILE A 888 32.57 -19.23 -78.03
CA ILE A 888 33.67 -20.08 -78.50
C ILE A 888 33.12 -21.46 -78.81
N PRO A 889 33.31 -21.98 -80.03
CA PRO A 889 32.71 -23.27 -80.39
C PRO A 889 33.42 -24.47 -79.77
N ALA A 890 34.62 -24.30 -79.23
CA ALA A 890 35.42 -25.41 -78.73
C ALA A 890 35.17 -25.71 -77.26
N THR A 891 34.26 -24.98 -76.62
CA THR A 891 33.98 -25.16 -75.19
C THR A 891 32.48 -25.17 -74.93
N LEU A 892 31.72 -25.80 -75.84
CA LEU A 892 30.27 -25.89 -75.65
C LEU A 892 29.90 -26.74 -74.44
N TYR A 893 30.59 -27.86 -74.22
CA TYR A 893 30.30 -28.72 -73.08
C TYR A 893 30.52 -27.99 -71.75
N PRO A 894 31.65 -27.30 -71.55
CA PRO A 894 31.76 -26.46 -70.34
C PRO A 894 30.71 -25.36 -70.28
N GLY A 895 30.28 -24.82 -71.42
CA GLY A 895 29.19 -23.86 -71.42
C GLY A 895 27.84 -24.46 -71.13
N ARG A 896 27.69 -25.78 -71.31
CA ARG A 896 26.45 -26.46 -70.94
C ARG A 896 26.37 -26.76 -69.45
N VAL A 897 27.49 -26.64 -68.73
CA VAL A 897 27.51 -26.91 -67.29
C VAL A 897 27.79 -25.68 -66.46
N ILE A 898 28.36 -24.61 -67.04
CA ILE A 898 28.65 -23.40 -66.28
C ILE A 898 27.50 -22.40 -66.33
N LEU A 899 26.57 -22.54 -67.27
CA LEU A 899 25.41 -21.66 -67.36
C LEU A 899 24.17 -22.24 -66.70
N SER A 900 24.20 -23.52 -66.31
CA SER A 900 23.07 -24.10 -65.60
C SER A 900 22.94 -23.55 -64.18
N LEU A 901 24.06 -23.27 -63.52
CA LEU A 901 24.02 -22.68 -62.19
C LEU A 901 23.41 -21.28 -62.21
N ASP A 902 23.52 -20.56 -63.32
CA ASP A 902 22.88 -19.25 -63.43
C ASP A 902 21.36 -19.35 -63.30
N PHE A 903 20.78 -20.48 -63.70
CA PHE A 903 19.34 -20.63 -63.61
C PHE A 903 18.85 -20.60 -62.17
N ILE A 904 19.66 -21.07 -61.22
CA ILE A 904 19.29 -21.06 -59.81
C ILE A 904 19.82 -19.80 -59.16
N LEU A 905 20.93 -19.27 -59.69
CA LEU A 905 21.46 -18.01 -59.17
C LEU A 905 20.50 -16.86 -59.42
N PHE A 906 19.81 -16.89 -60.57
CA PHE A 906 18.75 -15.92 -60.84
C PHE A 906 17.47 -16.26 -60.10
N CYS A 907 17.24 -17.54 -59.78
CA CYS A 907 16.11 -17.90 -58.93
C CYS A 907 16.27 -17.34 -57.53
N LEU A 908 17.50 -17.28 -57.02
CA LEU A 908 17.75 -16.62 -55.74
C LEU A 908 17.37 -15.14 -55.82
N ARG A 909 17.70 -14.47 -56.92
CA ARG A 909 17.28 -13.09 -57.10
C ARG A 909 15.77 -12.96 -57.20
N LEU A 910 15.10 -13.91 -57.86
CA LEU A 910 13.65 -13.89 -57.92
C LEU A 910 13.04 -14.02 -56.53
N MET A 911 13.58 -14.92 -55.72
CA MET A 911 13.15 -15.02 -54.33
C MET A 911 13.42 -13.75 -53.55
N HIS A 912 14.53 -13.05 -53.86
CA HIS A 912 14.82 -11.78 -53.21
C HIS A 912 13.73 -10.76 -53.49
N ILE A 913 13.25 -10.69 -54.73
CA ILE A 913 12.13 -9.82 -55.04
C ILE A 913 10.83 -10.32 -54.41
N PHE A 914 10.67 -11.64 -54.28
CA PHE A 914 9.46 -12.21 -53.67
C PHE A 914 9.51 -12.17 -52.15
N THR A 915 9.83 -11.02 -51.56
CA THR A 915 9.54 -10.73 -50.16
C THR A 915 8.38 -9.74 -50.07
N ILE A 916 7.18 -10.18 -50.48
CA ILE A 916 6.07 -9.26 -50.69
C ILE A 916 4.85 -9.64 -49.87
N SER A 917 4.46 -10.92 -49.87
CA SER A 917 3.17 -11.30 -49.31
C SER A 917 3.17 -11.21 -47.79
N LYS A 918 1.99 -10.97 -47.22
CA LYS A 918 1.86 -10.84 -45.77
C LYS A 918 2.12 -12.15 -45.04
N THR A 919 1.79 -13.29 -45.64
CA THR A 919 2.09 -14.60 -45.07
C THR A 919 3.40 -15.18 -45.56
N LEU A 920 4.19 -14.40 -46.31
CA LEU A 920 5.43 -14.86 -46.92
C LEU A 920 6.65 -14.10 -46.42
N GLY A 921 6.63 -12.76 -46.53
CA GLY A 921 7.75 -11.93 -46.17
C GLY A 921 8.22 -12.02 -44.74
N PRO A 922 7.33 -11.85 -43.77
CA PRO A 922 7.76 -11.93 -42.36
C PRO A 922 8.29 -13.29 -41.96
N LYS A 923 7.96 -14.34 -42.69
CA LYS A 923 8.54 -15.66 -42.43
C LYS A 923 9.65 -16.00 -43.41
N ILE A 924 9.87 -15.19 -44.44
CA ILE A 924 11.13 -15.23 -45.19
C ILE A 924 12.21 -14.43 -44.48
N ILE A 925 11.85 -13.52 -43.58
CA ILE A 925 12.84 -12.97 -42.66
C ILE A 925 13.48 -14.06 -41.81
N ILE A 926 12.76 -15.16 -41.58
CA ILE A 926 13.35 -16.29 -40.88
C ILE A 926 14.48 -16.91 -41.70
N VAL A 927 14.29 -17.13 -43.00
CA VAL A 927 15.40 -17.66 -43.80
C VAL A 927 16.48 -16.60 -44.00
N LYS A 928 16.13 -15.31 -43.92
CA LYS A 928 17.15 -14.28 -43.87
C LYS A 928 18.03 -14.41 -42.63
N ARG A 929 17.42 -14.66 -41.47
CA ARG A 929 18.14 -15.02 -40.26
C ARG A 929 18.96 -16.30 -40.42
N MET A 930 18.44 -17.27 -41.18
CA MET A 930 19.09 -18.55 -41.33
C MET A 930 19.97 -18.66 -42.58
N MET A 931 20.25 -17.57 -43.27
CA MET A 931 21.05 -17.65 -44.49
C MET A 931 22.45 -18.22 -44.23
N LYS A 932 23.12 -17.77 -43.16
CA LYS A 932 24.41 -18.35 -42.81
C LYS A 932 24.26 -19.73 -42.19
N ASP A 933 23.20 -19.96 -41.43
CA ASP A 933 22.95 -21.29 -40.88
C ASP A 933 22.62 -22.31 -41.97
N VAL A 934 22.23 -21.87 -43.16
CA VAL A 934 22.09 -22.79 -44.29
C VAL A 934 23.44 -23.40 -44.63
N PHE A 935 24.47 -22.55 -44.78
CA PHE A 935 25.82 -23.05 -44.99
C PHE A 935 26.31 -23.86 -43.80
N PHE A 936 26.00 -23.42 -42.58
CA PHE A 936 26.37 -24.15 -41.38
C PHE A 936 25.83 -25.58 -41.37
N PHE A 937 24.52 -25.72 -41.57
CA PHE A 937 23.92 -27.04 -41.55
C PHE A 937 24.29 -27.86 -42.78
N LEU A 938 24.59 -27.19 -43.91
CA LEU A 938 25.11 -27.90 -45.06
C LEU A 938 26.46 -28.54 -44.74
N PHE A 939 27.36 -27.75 -44.15
CA PHE A 939 28.67 -28.27 -43.78
C PHE A 939 28.55 -29.36 -42.72
N LEU A 940 27.57 -29.27 -41.83
CA LEU A 940 27.35 -30.32 -40.85
C LEU A 940 26.85 -31.61 -41.51
N LEU A 941 25.71 -31.51 -42.19
CA LEU A 941 25.01 -32.69 -42.69
C LEU A 941 25.76 -33.35 -43.84
N ALA A 942 26.37 -32.57 -44.74
CA ALA A 942 27.11 -33.18 -45.84
C ALA A 942 28.33 -33.95 -45.35
N VAL A 943 29.07 -33.38 -44.38
CA VAL A 943 30.20 -34.12 -43.81
C VAL A 943 29.72 -35.36 -43.08
N TRP A 944 28.60 -35.27 -42.35
CA TRP A 944 28.05 -36.45 -41.71
C TRP A 944 27.59 -37.48 -42.73
N VAL A 945 27.16 -37.04 -43.92
CA VAL A 945 26.76 -37.95 -44.99
C VAL A 945 27.99 -38.65 -45.55
N VAL A 946 29.08 -37.91 -45.74
CA VAL A 946 30.34 -38.53 -46.18
C VAL A 946 30.82 -39.54 -45.15
N SER A 947 30.60 -39.25 -43.85
CA SER A 947 31.00 -40.17 -42.81
C SER A 947 30.33 -41.54 -42.96
N PHE A 948 29.14 -41.58 -43.54
CA PHE A 948 28.47 -42.84 -43.82
C PHE A 948 28.82 -43.39 -45.20
N GLY A 949 29.03 -42.50 -46.17
CA GLY A 949 29.37 -42.93 -47.52
C GLY A 949 30.70 -43.64 -47.60
N VAL A 950 31.69 -43.15 -46.84
CA VAL A 950 32.98 -43.83 -46.82
C VAL A 950 32.86 -45.20 -46.16
N ALA A 951 32.08 -45.30 -45.08
CA ALA A 951 31.96 -46.56 -44.36
C ALA A 951 31.10 -47.58 -45.08
N LYS A 952 30.17 -47.15 -45.92
CA LYS A 952 29.26 -48.08 -46.58
C LYS A 952 29.99 -49.01 -47.54
N GLN A 953 30.91 -48.46 -48.34
CA GLN A 953 31.57 -49.23 -49.39
C GLN A 953 32.83 -49.95 -48.89
N ALA A 954 33.15 -49.87 -47.61
CA ALA A 954 34.40 -50.43 -47.11
C ALA A 954 34.33 -51.96 -47.01
N ILE A 955 33.40 -52.47 -46.19
CA ILE A 955 33.36 -53.91 -45.93
C ILE A 955 32.93 -54.67 -47.18
N LEU A 956 31.87 -54.22 -47.85
CA LEU A 956 31.41 -54.89 -49.04
C LEU A 956 32.42 -54.71 -50.18
N ILE A 957 32.55 -55.74 -51.00
CA ILE A 957 33.55 -55.76 -52.07
C ILE A 957 32.83 -55.26 -53.33
N HIS A 958 32.91 -53.95 -53.57
CA HIS A 958 32.38 -53.36 -54.78
C HIS A 958 33.44 -53.32 -55.86
N ASN A 959 33.02 -53.57 -57.11
CA ASN A 959 33.93 -53.67 -58.23
C ASN A 959 33.53 -52.82 -59.43
N GLU A 960 32.48 -52.01 -59.33
CA GLU A 960 32.03 -51.17 -60.43
C GLU A 960 32.90 -49.92 -60.46
N ARG A 961 33.72 -49.77 -61.51
CA ARG A 961 34.61 -48.63 -61.63
C ARG A 961 34.80 -48.26 -63.10
N ARG A 962 34.71 -46.95 -63.37
CA ARG A 962 35.07 -46.36 -64.66
C ARG A 962 35.70 -45.01 -64.35
N VAL A 963 36.28 -44.38 -65.38
CA VAL A 963 36.85 -43.04 -65.21
C VAL A 963 35.72 -42.08 -64.88
N ASP A 964 35.78 -41.47 -63.68
CA ASP A 964 34.76 -40.55 -63.18
C ASP A 964 33.41 -41.23 -63.01
N TRP A 965 33.40 -42.56 -62.92
CA TRP A 965 32.22 -43.30 -62.49
C TRP A 965 32.53 -44.24 -61.33
N LEU A 966 33.78 -44.51 -61.02
CA LEU A 966 34.12 -45.11 -59.73
C LEU A 966 33.74 -44.15 -58.61
N PHE A 967 33.99 -42.85 -58.81
CA PHE A 967 33.46 -41.83 -57.91
C PHE A 967 31.94 -41.94 -57.79
N ARG A 968 31.24 -42.14 -58.91
CA ARG A 968 29.81 -42.35 -58.85
C ARG A 968 29.46 -43.52 -57.95
N GLY A 969 29.90 -44.72 -58.32
CA GLY A 969 29.59 -45.93 -57.60
C GLY A 969 30.08 -45.97 -56.16
N ALA A 970 31.00 -45.09 -55.77
CA ALA A 970 31.49 -45.05 -54.41
C ALA A 970 30.82 -43.99 -53.54
N VAL A 971 30.52 -42.81 -54.08
CA VAL A 971 30.05 -41.69 -53.29
C VAL A 971 28.65 -41.25 -53.73
N TYR A 972 28.39 -41.18 -55.04
CA TYR A 972 27.11 -40.67 -55.51
C TYR A 972 25.96 -41.58 -55.11
N HIS A 973 26.23 -42.89 -54.95
CA HIS A 973 25.22 -43.85 -54.53
C HIS A 973 25.02 -43.87 -53.02
N SER A 974 25.67 -42.98 -52.28
CA SER A 974 25.46 -42.88 -50.84
C SER A 974 24.38 -41.88 -50.47
N TYR A 975 24.33 -40.73 -51.14
CA TYR A 975 23.28 -39.76 -50.89
C TYR A 975 21.92 -40.23 -51.41
N LEU A 976 21.90 -41.03 -52.47
CA LEU A 976 20.64 -41.57 -52.98
C LEU A 976 20.04 -42.60 -52.03
N THR A 977 20.87 -43.34 -51.30
CA THR A 977 20.41 -44.30 -50.31
C THR A 977 19.86 -43.63 -49.06
N ILE A 978 19.91 -42.30 -48.99
CA ILE A 978 19.37 -41.56 -47.86
C ILE A 978 17.92 -41.19 -48.16
N PHE A 979 17.67 -40.74 -49.38
CA PHE A 979 16.34 -40.30 -49.80
C PHE A 979 15.58 -41.36 -50.58
N GLY A 980 16.12 -42.56 -50.74
CA GLY A 980 15.30 -43.66 -51.20
C GLY A 980 15.91 -44.62 -52.21
N GLN A 981 16.79 -44.12 -53.08
CA GLN A 981 17.41 -44.97 -54.09
C GLN A 981 18.45 -45.86 -53.43
N ILE A 982 17.98 -46.98 -52.88
CA ILE A 982 18.85 -47.95 -52.21
C ILE A 982 18.90 -49.20 -53.09
N PRO A 983 20.00 -49.44 -53.79
CA PRO A 983 20.13 -50.70 -54.54
C PRO A 983 20.36 -51.87 -53.59
N GLY A 984 19.28 -52.39 -53.01
CA GLY A 984 19.38 -53.42 -51.99
C GLY A 984 20.03 -54.70 -52.47
N TYR A 985 19.73 -55.14 -53.68
CA TYR A 985 20.31 -56.38 -54.21
C TYR A 985 21.83 -56.32 -54.34
N ILE A 986 22.41 -55.12 -54.38
CA ILE A 986 23.86 -54.95 -54.39
C ILE A 986 24.39 -54.62 -52.99
N ASP A 987 23.62 -53.86 -52.21
CA ASP A 987 24.06 -53.48 -50.88
C ASP A 987 24.08 -54.67 -49.93
N GLY A 988 23.25 -55.68 -50.17
CA GLY A 988 23.21 -56.86 -49.33
C GLY A 988 23.24 -58.15 -50.12
N PHE A 1020 27.28 -62.14 -46.24
CA PHE A 1020 27.65 -62.55 -44.88
C PHE A 1020 27.47 -61.43 -43.83
N PRO A 1021 27.98 -60.20 -44.08
CA PRO A 1021 27.82 -59.16 -43.06
C PRO A 1021 26.47 -58.47 -43.13
N GLU A 1022 25.40 -59.25 -43.27
CA GLU A 1022 24.06 -58.68 -43.26
C GLU A 1022 23.70 -58.11 -41.89
N TRP A 1023 24.15 -58.76 -40.82
CA TRP A 1023 23.90 -58.23 -39.48
C TRP A 1023 24.57 -56.86 -39.29
N LEU A 1024 25.81 -56.71 -39.75
CA LEU A 1024 26.49 -55.42 -39.66
C LEU A 1024 25.88 -54.39 -40.59
N THR A 1025 25.42 -54.80 -41.77
CA THR A 1025 24.70 -53.89 -42.65
C THR A 1025 23.43 -53.36 -41.99
N VAL A 1026 22.69 -54.22 -41.30
CA VAL A 1026 21.52 -53.77 -40.54
C VAL A 1026 21.96 -52.83 -39.42
N LEU A 1027 23.00 -53.21 -38.69
CA LEU A 1027 23.40 -52.46 -37.49
C LEU A 1027 23.85 -51.05 -37.84
N LEU A 1028 24.76 -50.92 -38.81
CA LEU A 1028 25.26 -49.61 -39.18
C LEU A 1028 24.18 -48.74 -39.83
N LEU A 1029 23.33 -49.34 -40.67
CA LEU A 1029 22.24 -48.60 -41.27
C LEU A 1029 21.27 -48.08 -40.22
N CYS A 1030 20.99 -48.89 -39.19
CA CYS A 1030 20.13 -48.43 -38.11
C CYS A 1030 20.80 -47.34 -37.29
N LEU A 1031 22.09 -47.50 -36.98
CA LEU A 1031 22.78 -46.52 -36.14
C LEU A 1031 22.91 -45.17 -36.82
N TYR A 1032 23.38 -45.16 -38.07
CA TYR A 1032 23.55 -43.89 -38.78
C TYR A 1032 22.21 -43.20 -39.00
N LEU A 1033 21.16 -43.96 -39.35
CA LEU A 1033 19.85 -43.35 -39.52
C LEU A 1033 19.26 -42.86 -38.21
N LEU A 1034 19.53 -43.55 -37.10
CA LEU A 1034 19.14 -43.04 -35.79
C LEU A 1034 19.82 -41.71 -35.50
N PHE A 1035 21.12 -41.62 -35.80
CA PHE A 1035 21.82 -40.36 -35.59
C PHE A 1035 21.32 -39.25 -36.50
N THR A 1036 20.98 -39.55 -37.75
CA THR A 1036 20.55 -38.48 -38.66
C THR A 1036 19.08 -38.12 -38.47
N ASN A 1037 18.18 -39.06 -38.82
CA ASN A 1037 16.76 -38.74 -38.97
C ASN A 1037 16.10 -38.39 -37.65
N ILE A 1038 16.77 -38.63 -36.53
CA ILE A 1038 16.24 -38.26 -35.23
C ILE A 1038 16.91 -36.96 -34.79
N LEU A 1039 18.22 -37.03 -34.57
CA LEU A 1039 18.97 -35.95 -33.94
C LEU A 1039 19.09 -34.73 -34.85
N LEU A 1040 19.48 -34.90 -36.11
CA LEU A 1040 19.67 -33.75 -36.98
C LEU A 1040 18.38 -33.29 -37.62
N LEU A 1041 17.27 -34.00 -37.40
CA LEU A 1041 15.98 -33.60 -37.96
C LEU A 1041 15.09 -32.93 -36.91
N ASN A 1042 14.79 -33.64 -35.81
CA ASN A 1042 13.81 -33.11 -34.86
C ASN A 1042 14.40 -32.08 -33.90
N LEU A 1043 15.70 -32.17 -33.61
CA LEU A 1043 16.35 -31.09 -32.88
C LEU A 1043 16.53 -29.86 -33.75
N LEU A 1044 16.77 -30.07 -35.05
CA LEU A 1044 16.73 -28.98 -36.01
C LEU A 1044 15.36 -28.33 -36.02
N ILE A 1045 14.29 -29.13 -35.95
CA ILE A 1045 12.95 -28.58 -35.82
C ILE A 1045 12.83 -27.72 -34.57
N ALA A 1046 13.36 -28.21 -33.45
CA ALA A 1046 13.26 -27.44 -32.20
C ALA A 1046 14.01 -26.12 -32.30
N MET A 1047 15.21 -26.14 -32.88
CA MET A 1047 16.01 -24.92 -32.94
C MET A 1047 15.50 -23.96 -34.02
N PHE A 1048 14.74 -24.46 -34.99
CA PHE A 1048 14.00 -23.57 -35.88
C PHE A 1048 12.82 -22.93 -35.16
N ASN A 1049 12.03 -23.74 -34.44
CA ASN A 1049 10.83 -23.23 -33.80
C ASN A 1049 11.13 -22.23 -32.69
N TYR A 1050 12.15 -22.52 -31.87
CA TYR A 1050 12.46 -21.59 -30.77
C TYR A 1050 12.98 -20.26 -31.31
N THR A 1051 13.82 -20.29 -32.33
CA THR A 1051 14.28 -19.06 -32.94
C THR A 1051 13.15 -18.32 -33.66
N PHE A 1052 12.21 -19.05 -34.25
CA PHE A 1052 11.04 -18.41 -34.84
C PHE A 1052 10.22 -17.68 -33.77
N GLN A 1053 10.02 -18.31 -32.61
CA GLN A 1053 9.27 -17.68 -31.53
C GLN A 1053 10.03 -16.52 -30.92
N GLN A 1054 11.35 -16.63 -30.78
CA GLN A 1054 12.16 -15.65 -30.07
C GLN A 1054 12.10 -14.27 -30.70
N VAL A 1055 12.26 -14.20 -32.01
CA VAL A 1055 12.36 -12.90 -32.69
C VAL A 1055 11.22 -12.76 -33.70
N GLN A 1056 10.06 -13.35 -33.42
CA GLN A 1056 8.94 -13.23 -34.34
C GLN A 1056 8.46 -11.79 -34.44
N GLU A 1057 8.35 -11.10 -33.31
CA GLU A 1057 7.99 -9.69 -33.33
C GLU A 1057 9.04 -8.86 -34.05
N HIS A 1058 10.31 -9.17 -33.82
CA HIS A 1058 11.40 -8.46 -34.49
C HIS A 1058 11.28 -8.62 -36.00
N THR A 1059 11.08 -9.86 -36.47
CA THR A 1059 10.92 -10.11 -37.89
C THR A 1059 9.68 -9.45 -38.47
N ASP A 1060 8.57 -9.44 -37.72
CA ASP A 1060 7.37 -8.77 -38.21
C ASP A 1060 7.62 -7.29 -38.42
N GLN A 1061 8.19 -6.62 -37.41
CA GLN A 1061 8.49 -5.21 -37.56
C GLN A 1061 9.52 -4.97 -38.65
N ILE A 1062 10.47 -5.90 -38.83
CA ILE A 1062 11.50 -5.74 -39.86
C ILE A 1062 10.88 -5.83 -41.25
N TRP A 1063 9.96 -6.77 -41.45
CA TRP A 1063 9.26 -6.83 -42.73
C TRP A 1063 8.40 -5.60 -42.96
N LYS A 1064 7.68 -5.15 -41.92
CA LYS A 1064 6.99 -3.87 -42.00
C LYS A 1064 7.95 -2.76 -42.43
N PHE A 1065 9.19 -2.84 -41.96
CA PHE A 1065 10.20 -1.83 -42.24
C PHE A 1065 10.58 -1.87 -43.72
N GLN A 1066 11.00 -3.04 -44.20
CA GLN A 1066 11.46 -3.13 -45.59
C GLN A 1066 10.31 -3.03 -46.59
N ARG A 1067 9.06 -3.06 -46.13
CA ARG A 1067 7.96 -2.84 -47.05
C ARG A 1067 8.11 -1.54 -47.83
N HIS A 1068 8.66 -0.50 -47.20
CA HIS A 1068 8.79 0.79 -47.86
C HIS A 1068 9.89 0.80 -48.91
N ASP A 1069 10.91 -0.04 -48.75
CA ASP A 1069 11.99 -0.06 -49.73
C ASP A 1069 11.50 -0.48 -51.11
N LEU A 1070 10.65 -1.51 -51.18
CA LEU A 1070 10.06 -1.90 -52.46
C LEU A 1070 9.19 -0.79 -53.02
N ILE A 1071 8.42 -0.13 -52.16
CA ILE A 1071 7.49 0.89 -52.59
C ILE A 1071 8.23 2.08 -53.20
N GLU A 1072 9.34 2.49 -52.59
CA GLU A 1072 10.10 3.62 -53.10
C GLU A 1072 10.64 3.34 -54.50
N GLU A 1073 11.15 2.13 -54.74
CA GLU A 1073 11.72 1.84 -56.06
C GLU A 1073 10.62 1.59 -57.09
N TYR A 1074 9.45 1.12 -56.66
CA TYR A 1074 8.39 0.82 -57.61
C TYR A 1074 7.44 1.98 -57.86
N HIS A 1075 7.52 3.05 -57.06
CA HIS A 1075 6.66 4.20 -57.31
C HIS A 1075 7.31 5.19 -58.27
N GLY A 1076 8.51 5.65 -57.94
CA GLY A 1076 9.23 6.58 -58.79
C GLY A 1076 9.84 5.90 -60.00
N ARG A 1077 9.00 5.35 -60.86
CA ARG A 1077 9.44 4.61 -62.04
C ARG A 1077 8.31 4.54 -63.05
N PRO A 1078 8.56 4.77 -64.33
CA PRO A 1078 7.49 4.71 -65.33
C PRO A 1078 6.87 3.32 -65.40
N ALA A 1079 5.57 3.31 -65.70
CA ALA A 1079 4.77 2.08 -65.73
C ALA A 1079 4.98 1.27 -67.00
N ALA A 1080 5.97 1.61 -67.81
CA ALA A 1080 6.25 0.86 -69.03
C ALA A 1080 6.74 -0.54 -68.66
N PRO A 1081 6.36 -1.56 -69.44
CA PRO A 1081 6.88 -2.91 -69.21
C PRO A 1081 8.38 -2.94 -69.45
N PRO A 1082 9.09 -3.92 -68.90
CA PRO A 1082 10.54 -4.04 -69.14
C PRO A 1082 10.88 -4.17 -70.62
N PRO A 1083 10.05 -4.85 -71.44
CA PRO A 1083 10.33 -4.83 -72.89
C PRO A 1083 10.35 -3.44 -73.49
N PHE A 1084 9.53 -2.52 -73.02
CA PHE A 1084 9.48 -1.16 -73.56
C PHE A 1084 10.33 -0.18 -72.77
N ILE A 1085 10.88 -0.60 -71.63
CA ILE A 1085 11.64 0.30 -70.77
C ILE A 1085 12.89 0.85 -71.45
N LEU A 1086 13.37 0.19 -72.52
CA LEU A 1086 14.48 0.74 -73.28
C LEU A 1086 14.08 2.06 -73.94
N LEU A 1087 12.80 2.24 -74.26
CA LEU A 1087 12.33 3.51 -74.79
C LEU A 1087 12.45 4.62 -73.75
N SER A 1088 11.99 4.35 -72.52
CA SER A 1088 12.12 5.33 -71.45
C SER A 1088 13.58 5.57 -71.06
N HIS A 1089 14.45 4.59 -71.29
CA HIS A 1089 15.87 4.78 -71.04
C HIS A 1089 16.45 5.89 -71.91
N LEU A 1090 16.05 5.93 -73.19
CA LEU A 1090 16.49 6.98 -74.09
C LEU A 1090 15.61 8.23 -74.02
N GLN A 1091 14.43 8.13 -73.39
CA GLN A 1091 13.59 9.32 -73.23
C GLN A 1091 14.26 10.35 -72.35
N LEU A 1092 15.00 9.93 -71.32
CA LEU A 1092 15.71 10.87 -70.46
C LEU A 1092 16.98 11.39 -71.09
N PHE A 1093 17.49 10.75 -72.13
CA PHE A 1093 18.67 11.24 -72.84
C PHE A 1093 18.30 12.20 -73.96
N ILE A 1094 17.22 11.91 -74.70
CA ILE A 1094 16.74 12.87 -75.69
C ILE A 1094 16.25 14.14 -74.99
N LYS A 1095 15.74 14.01 -73.76
CA LYS A 1095 15.37 15.19 -72.98
C LYS A 1095 16.60 16.04 -72.64
N ARG A 1096 17.68 15.39 -72.23
CA ARG A 1096 18.91 16.10 -71.88
C ARG A 1096 19.70 16.57 -73.10
N VAL A 1097 19.32 16.10 -74.30
CA VAL A 1097 19.84 16.74 -75.51
C VAL A 1097 19.44 18.21 -75.56
N VAL A 1098 18.22 18.54 -75.16
CA VAL A 1098 17.75 19.93 -75.12
C VAL A 1098 18.08 20.58 -73.77
N LEU A 1099 17.73 19.92 -72.68
CA LEU A 1099 17.96 20.47 -71.35
C LEU A 1099 19.44 20.36 -70.97
N LYS A 1100 19.81 21.03 -69.89
CA LYS A 1100 21.18 21.01 -69.39
C LYS A 1100 21.31 20.80 -67.89
N THR A 1101 20.27 21.05 -67.10
CA THR A 1101 20.35 20.93 -65.66
C THR A 1101 19.36 19.88 -65.15
N PRO A 1102 19.69 19.18 -64.07
CA PRO A 1102 18.76 18.16 -63.55
C PRO A 1102 17.59 18.76 -62.79
N ALA A 1103 16.60 19.28 -63.51
CA ALA A 1103 15.40 19.87 -62.92
C ALA A 1103 14.16 19.41 -63.67
N LYS A 1104 14.05 18.10 -63.92
CA LYS A 1104 12.93 17.59 -64.71
C LYS A 1104 11.66 17.49 -63.87
N ARG A 1105 11.73 16.81 -62.73
CA ARG A 1105 10.57 16.56 -61.89
C ARG A 1105 11.04 15.92 -60.59
N HIS A 1106 10.19 15.98 -59.57
CA HIS A 1106 10.43 15.36 -58.27
C HIS A 1106 9.24 14.46 -57.97
N LYS A 1107 9.30 13.21 -58.45
CA LYS A 1107 8.23 12.24 -58.22
C LYS A 1107 8.50 11.37 -56.99
N GLN A 1108 8.71 12.03 -55.86
CA GLN A 1108 8.95 11.36 -54.59
C GLN A 1108 7.75 11.55 -53.67
N LEU A 1109 7.77 10.85 -52.54
CA LEU A 1109 6.73 10.99 -51.52
C LEU A 1109 6.97 12.20 -50.63
N LYS A 1110 7.16 13.37 -51.23
CA LYS A 1110 7.49 14.60 -50.52
C LYS A 1110 6.51 15.67 -51.00
N ASN A 1111 5.47 15.91 -50.21
CA ASN A 1111 4.38 16.79 -50.61
C ASN A 1111 4.56 18.15 -49.95
N LYS A 1112 4.71 19.19 -50.77
CA LYS A 1112 4.73 20.56 -50.26
C LYS A 1112 3.31 21.04 -50.01
N LEU A 1113 3.14 21.82 -48.95
CA LEU A 1113 1.82 22.26 -48.52
C LEU A 1113 1.72 23.78 -48.57
N GLU A 1114 0.53 24.26 -48.91
CA GLU A 1114 0.23 25.68 -48.85
C GLU A 1114 0.15 26.14 -47.38
N LYS A 1115 0.46 27.41 -47.16
CA LYS A 1115 0.62 27.91 -45.80
C LYS A 1115 -0.71 27.97 -45.06
N ASN A 1116 -1.78 28.39 -45.73
CA ASN A 1116 -3.07 28.52 -45.07
C ASN A 1116 -3.65 27.18 -44.64
N GLU A 1117 -3.20 26.08 -45.24
CA GLU A 1117 -3.59 24.75 -44.81
C GLU A 1117 -2.59 24.14 -43.84
N GLU A 1118 -1.31 24.48 -44.00
CA GLU A 1118 -0.30 24.02 -43.04
C GLU A 1118 -0.60 24.56 -41.65
N ALA A 1119 -1.00 25.82 -41.55
CA ALA A 1119 -1.39 26.38 -40.27
C ALA A 1119 -2.57 25.63 -39.66
N ALA A 1120 -3.57 25.29 -40.48
CA ALA A 1120 -4.72 24.53 -40.02
C ALA A 1120 -4.35 23.15 -39.49
N LEU A 1121 -3.50 22.40 -40.19
CA LEU A 1121 -3.01 21.14 -39.66
C LEU A 1121 -2.16 21.29 -38.42
N LEU A 1122 -1.28 22.28 -38.35
CA LEU A 1122 -0.42 22.42 -37.18
C LEU A 1122 -1.20 22.80 -35.92
N SER A 1123 -2.21 23.68 -36.03
CA SER A 1123 -3.01 23.98 -34.85
C SER A 1123 -3.73 22.72 -34.35
N TRP A 1124 -4.30 21.94 -35.26
CA TRP A 1124 -4.96 20.69 -34.90
C TRP A 1124 -3.99 19.72 -34.26
N GLU A 1125 -2.76 19.63 -34.79
CA GLU A 1125 -1.74 18.77 -34.22
C GLU A 1125 -1.36 19.20 -32.82
N ILE A 1126 -1.25 20.51 -32.57
CA ILE A 1126 -0.95 20.97 -31.21
C ILE A 1126 -2.07 20.60 -30.27
N TYR A 1127 -3.32 20.81 -30.70
CA TYR A 1127 -4.46 20.45 -29.86
C TYR A 1127 -4.44 18.98 -29.48
N LEU A 1128 -4.17 18.12 -30.46
CA LEU A 1128 -4.11 16.68 -30.19
C LEU A 1128 -2.89 16.29 -29.37
N LYS A 1129 -1.78 17.02 -29.50
CA LYS A 1129 -0.64 16.76 -28.62
C LYS A 1129 -1.01 17.00 -27.17
N GLU A 1130 -1.70 18.12 -26.91
CA GLU A 1130 -2.10 18.41 -25.54
C GLU A 1130 -3.10 17.39 -25.02
N ASN A 1131 -4.05 16.98 -25.85
CA ASN A 1131 -4.94 15.88 -25.47
C ASN A 1131 -4.18 14.63 -25.08
N TYR A 1132 -3.19 14.25 -25.90
CA TYR A 1132 -2.39 13.07 -25.58
C TYR A 1132 -1.58 13.25 -24.31
N LEU A 1133 -1.00 14.42 -24.10
CA LEU A 1133 -0.20 14.65 -22.91
C LEU A 1133 -1.05 14.51 -21.65
N GLN A 1134 -2.26 15.07 -21.67
CA GLN A 1134 -3.16 14.89 -20.52
C GLN A 1134 -3.46 13.43 -20.26
N ASN A 1135 -3.70 12.64 -21.31
CA ASN A 1135 -3.97 11.22 -21.13
C ASN A 1135 -2.77 10.50 -20.52
N ARG A 1136 -1.57 10.78 -21.02
CA ARG A 1136 -0.38 10.15 -20.47
C ARG A 1136 -0.16 10.54 -19.01
N GLN A 1137 -0.37 11.82 -18.69
CA GLN A 1137 -0.26 12.24 -17.30
C GLN A 1137 -1.27 11.52 -16.42
N PHE A 1138 -2.49 11.30 -16.93
CA PHE A 1138 -3.48 10.56 -16.16
C PHE A 1138 -3.08 9.10 -15.94
N GLN A 1139 -2.56 8.43 -16.98
CA GLN A 1139 -2.12 7.06 -16.81
C GLN A 1139 -0.95 6.94 -15.85
N GLN A 1140 -0.04 7.92 -15.85
CA GLN A 1140 1.09 7.88 -14.93
C GLN A 1140 0.60 7.91 -13.48
N LYS A 1141 -0.40 8.74 -13.19
CA LYS A 1141 -0.99 8.75 -11.85
C LYS A 1141 -1.77 7.47 -11.57
N GLN A 1142 -2.48 6.93 -12.56
CA GLN A 1142 -3.24 5.70 -12.37
C GLN A 1142 -2.36 4.48 -12.09
N ARG A 1143 -1.11 4.50 -12.51
CA ARG A 1143 -0.22 3.36 -12.25
C ARG A 1143 -0.10 3.12 -10.75
N PRO A 1144 -0.29 1.89 -10.27
CA PRO A 1144 -0.27 1.64 -8.81
C PRO A 1144 1.05 1.95 -8.13
N GLU A 1145 2.18 1.78 -8.82
CA GLU A 1145 3.46 2.14 -8.22
C GLU A 1145 3.53 3.61 -7.87
N GLN A 1146 2.89 4.47 -8.67
CA GLN A 1146 2.85 5.89 -8.33
C GLN A 1146 2.01 6.13 -7.08
N LYS A 1147 0.92 5.40 -6.92
CA LYS A 1147 0.09 5.60 -5.73
C LYS A 1147 0.78 5.08 -4.48
N ILE A 1148 1.58 4.03 -4.60
CA ILE A 1148 2.37 3.61 -3.44
C ILE A 1148 3.33 4.72 -3.01
N GLU A 1149 4.01 5.34 -3.98
CA GLU A 1149 4.85 6.50 -3.66
C GLU A 1149 4.04 7.63 -3.06
N ASP A 1150 2.83 7.84 -3.56
CA ASP A 1150 1.97 8.90 -3.03
C ASP A 1150 1.68 8.66 -1.54
N ILE A 1151 1.30 7.42 -1.19
CA ILE A 1151 1.01 7.11 0.20
C ILE A 1151 2.27 7.24 1.05
N SER A 1152 3.41 6.78 0.54
CA SER A 1152 4.66 6.87 1.29
C SER A 1152 5.07 8.32 1.52
N ASN A 1153 4.77 9.20 0.57
CA ASN A 1153 5.09 10.61 0.73
C ASN A 1153 4.12 11.35 1.63
N LYS A 1154 2.91 10.83 1.80
CA LYS A 1154 1.94 11.47 2.68
C LYS A 1154 2.07 11.01 4.12
N VAL A 1155 2.45 9.75 4.36
CA VAL A 1155 2.71 9.35 5.74
C VAL A 1155 3.90 10.10 6.33
N ASP A 1156 4.88 10.46 5.49
CA ASP A 1156 5.98 11.30 5.95
C ASP A 1156 5.51 12.72 6.26
N ALA A 1157 4.48 13.20 5.57
CA ALA A 1157 3.91 14.50 5.89
C ALA A 1157 3.11 14.48 7.19
N MET A 1158 2.80 13.29 7.71
CA MET A 1158 2.05 13.17 8.96
C MET A 1158 2.92 12.80 10.14
N VAL A 1159 4.03 12.09 9.93
CA VAL A 1159 4.89 11.75 11.05
C VAL A 1159 5.50 13.01 11.67
N ASP A 1160 5.83 13.98 10.82
CA ASP A 1160 6.39 15.24 11.31
C ASP A 1160 5.34 16.21 11.82
N LEU A 1161 4.06 15.98 11.49
CA LEU A 1161 3.01 16.90 11.87
C LEU A 1161 2.57 16.74 13.32
N LEU A 1162 2.98 15.66 13.98
CA LEU A 1162 2.46 15.36 15.31
C LEU A 1162 3.51 15.52 16.39
N ASP A 1163 4.30 16.59 16.32
CA ASP A 1163 5.30 16.90 17.34
C ASP A 1163 5.17 18.34 17.82
N LEU A 1164 3.94 18.86 17.90
CA LEU A 1164 3.69 20.25 18.26
C LEU A 1164 3.19 20.41 19.68
N ASP A 1165 3.20 19.36 20.48
CA ASP A 1165 2.71 19.44 21.86
C ASP A 1165 3.66 20.29 22.71
N GLY A 1235 8.33 53.40 23.37
CA GLY A 1235 9.16 53.60 24.54
C GLY A 1235 10.58 53.97 24.19
N ASP A 1236 11.16 53.26 23.24
CA ASP A 1236 12.53 53.51 22.81
C ASP A 1236 12.58 54.78 21.96
N SER A 1237 12.93 55.91 22.59
CA SER A 1237 12.99 57.17 21.87
C SER A 1237 14.29 57.93 22.10
N TYR A 1238 15.16 57.47 23.00
CA TYR A 1238 16.43 58.14 23.20
C TYR A 1238 17.34 57.95 21.99
N HIS A 1239 18.27 58.87 21.83
CA HIS A 1239 19.22 58.79 20.72
C HIS A 1239 20.00 57.48 20.79
N VAL A 1240 19.96 56.73 19.70
CA VAL A 1240 20.55 55.40 19.61
C VAL A 1240 21.82 55.40 18.77
N ASN A 1241 21.78 56.06 17.62
CA ASN A 1241 22.88 56.02 16.67
C ASN A 1241 24.14 56.65 17.27
N ALA A 1242 23.97 57.41 18.34
CA ALA A 1242 25.12 57.95 19.06
C ALA A 1242 25.66 57.03 20.14
N ARG A 1243 24.90 56.01 20.59
CA ARG A 1243 25.39 55.08 21.60
C ARG A 1243 25.92 53.80 20.96
N HIS A 1244 26.91 53.92 20.09
CA HIS A 1244 27.52 52.74 19.48
C HIS A 1244 28.57 52.12 20.41
N LEU A 1245 29.26 51.10 19.92
CA LEU A 1245 30.32 50.47 20.69
C LEU A 1245 31.66 51.07 20.31
N LEU A 1246 31.82 51.42 19.04
CA LEU A 1246 33.05 52.00 18.54
C LEU A 1246 32.81 53.46 18.16
N TYR A 1247 33.83 54.11 17.63
CA TYR A 1247 33.75 55.47 17.13
C TYR A 1247 34.40 55.48 15.75
N PRO A 1248 33.91 56.32 14.81
CA PRO A 1248 34.39 56.24 13.41
C PRO A 1248 35.88 56.02 13.20
N ASN A 1249 36.73 56.61 14.05
CA ASN A 1249 38.16 56.41 13.91
C ASN A 1249 38.74 56.02 15.27
N CYS A 1250 39.90 55.34 15.22
CA CYS A 1250 40.74 54.86 16.33
C CYS A 1250 39.93 53.99 17.29
N PRO A 1251 40.58 53.26 18.24
CA PRO A 1251 39.81 52.32 19.07
C PRO A 1251 38.77 53.01 19.95
N VAL A 1252 39.22 53.91 20.82
CA VAL A 1252 38.39 54.79 21.66
C VAL A 1252 37.02 54.20 21.98
N THR A 1253 36.97 52.92 22.33
CA THR A 1253 35.70 52.26 22.61
C THR A 1253 34.97 52.99 23.74
N ARG A 1254 33.67 53.20 23.53
CA ARG A 1254 32.85 53.96 24.46
C ARG A 1254 32.55 53.12 25.70
N PHE A 1255 31.95 53.74 26.69
CA PHE A 1255 31.50 53.07 27.90
C PHE A 1255 30.04 52.66 27.75
N PRO A 1256 29.71 51.43 28.13
CA PRO A 1256 28.33 50.95 27.99
C PRO A 1256 27.36 51.80 28.79
N VAL A 1257 26.25 52.18 28.17
CA VAL A 1257 25.20 52.94 28.82
C VAL A 1257 23.84 52.43 28.37
N PRO A 1258 23.15 51.64 29.20
CA PRO A 1258 21.84 51.12 28.82
C PRO A 1258 20.81 52.25 28.70
N ASN A 1259 19.67 51.92 28.10
CA ASN A 1259 18.62 52.89 27.82
C ASN A 1259 18.15 53.63 29.06
N GLU A 1260 18.02 52.93 30.18
CA GLU A 1260 17.52 53.55 31.40
C GLU A 1260 18.47 54.62 31.90
N LYS A 1261 19.77 54.40 31.73
CA LYS A 1261 20.78 55.29 32.28
C LYS A 1261 21.22 56.38 31.30
N VAL A 1262 20.44 56.69 30.27
CA VAL A 1262 20.87 57.74 29.35
C VAL A 1262 20.60 59.14 29.90
N PRO A 1263 19.46 59.44 30.55
CA PRO A 1263 19.30 60.81 31.06
C PRO A 1263 19.88 60.94 32.46
N TRP A 1264 20.97 61.69 32.58
CA TRP A 1264 21.59 61.88 33.88
C TRP A 1264 20.75 62.74 34.81
N GLU A 1265 19.72 63.40 34.27
CA GLU A 1265 18.88 64.29 35.05
C GLU A 1265 18.22 63.58 36.23
N THR A 1266 17.73 62.37 35.98
CA THR A 1266 17.07 61.56 37.00
C THR A 1266 17.71 60.19 37.18
N GLU A 1267 18.98 60.06 36.84
CA GLU A 1267 19.69 58.80 37.00
C GLU A 1267 20.90 58.99 37.91
N PHE A 1268 21.71 57.94 38.01
CA PHE A 1268 22.78 57.85 38.99
C PHE A 1268 24.09 57.43 38.32
N LEU A 1269 25.19 57.79 38.97
CA LEU A 1269 26.55 57.52 38.47
C LEU A 1269 26.97 56.09 38.77
N ILE A 1270 28.28 55.84 38.69
CA ILE A 1270 29.07 54.60 38.80
C ILE A 1270 29.57 54.25 37.41
N TYR A 1271 29.51 55.22 36.50
CA TYR A 1271 30.12 55.12 35.19
C TYR A 1271 31.34 56.04 35.10
N ASP A 1272 32.20 55.76 34.13
CA ASP A 1272 33.36 56.59 33.87
C ASP A 1272 33.77 56.49 32.40
N PRO A 1273 33.55 57.54 31.62
CA PRO A 1273 33.80 57.46 30.18
C PRO A 1273 35.28 57.62 29.86
N PRO A 1274 35.75 56.99 28.78
CA PRO A 1274 37.15 57.13 28.36
C PRO A 1274 37.44 58.42 27.61
N PHE A 1275 37.80 59.49 28.33
CA PHE A 1275 38.13 60.79 27.76
C PHE A 1275 38.93 60.69 26.46
N TYR A 1276 38.51 61.44 25.44
CA TYR A 1276 39.16 61.45 24.13
C TYR A 1276 38.69 62.67 23.36
N THR A 1277 39.62 63.40 22.73
CA THR A 1277 39.29 64.70 22.18
C THR A 1277 40.10 65.01 20.92
N ALA A 1278 39.37 65.50 19.92
CA ALA A 1278 39.86 66.25 18.75
C ALA A 1278 40.59 65.42 17.71
N GLU A 1279 41.00 64.21 18.06
CA GLU A 1279 41.21 63.14 17.11
C GLU A 1279 42.30 63.38 16.06
N ARG A 1280 42.74 64.62 15.88
CA ARG A 1280 43.67 64.87 14.78
C ARG A 1280 44.97 65.57 15.16
N LYS A 1281 44.87 66.73 15.83
CA LYS A 1281 46.02 67.61 15.97
C LYS A 1281 46.44 67.80 17.42
N ASP A 1282 45.54 68.27 18.28
CA ASP A 1282 45.89 68.66 19.65
C ASP A 1282 44.62 68.58 20.48
N ALA A 1283 44.50 67.55 21.32
CA ALA A 1283 43.28 67.36 22.09
C ALA A 1283 42.95 68.58 22.94
N ALA A 1284 43.97 69.17 23.56
CA ALA A 1284 43.77 70.30 24.46
C ALA A 1284 44.04 71.65 23.81
N ALA A 1285 44.36 71.70 22.52
CA ALA A 1285 44.50 72.99 21.86
C ALA A 1285 43.51 73.18 20.72
N MET A 1286 43.52 72.25 19.75
CA MET A 1286 42.67 72.29 18.55
C MET A 1286 42.58 73.70 17.98
N ASP A 1287 43.76 74.30 17.78
CA ASP A 1287 43.95 75.64 17.27
C ASP A 1287 43.38 75.81 15.86
N PRO A 1288 43.61 74.87 14.92
CA PRO A 1288 42.95 75.03 13.61
C PRO A 1288 41.44 74.97 13.71
N MET A 1289 40.91 74.46 14.81
CA MET A 1289 39.46 74.34 14.95
C MET A 1289 38.89 75.41 15.88
N GLY A 1290 39.74 76.06 16.68
CA GLY A 1290 39.48 77.39 17.21
C GLY A 1290 39.41 77.55 18.73
N ASP A 1291 38.73 76.65 19.44
CA ASP A 1291 38.42 76.87 20.86
C ASP A 1291 39.34 76.04 21.74
N THR A 1292 38.95 75.91 23.01
CA THR A 1292 39.23 74.75 23.86
C THR A 1292 38.71 75.08 25.26
N LEU A 1293 38.57 74.05 26.10
CA LEU A 1293 38.48 74.24 27.55
C LEU A 1293 39.38 73.23 28.23
N GLU A 1294 40.61 73.63 28.54
CA GLU A 1294 41.53 72.85 29.37
C GLU A 1294 41.82 73.66 30.63
N PRO A 1295 41.09 73.39 31.74
CA PRO A 1295 40.90 74.40 32.78
C PRO A 1295 41.09 75.83 32.30
N LEU A 1296 40.38 76.19 31.24
CA LEU A 1296 40.46 77.50 30.59
C LEU A 1296 39.04 78.05 30.58
N SER A 1297 38.76 79.03 31.44
CA SER A 1297 37.43 79.60 31.52
C SER A 1297 37.03 80.20 30.17
N THR A 1298 37.72 81.26 29.75
CA THR A 1298 37.70 81.81 28.40
C THR A 1298 36.35 81.68 27.71
N ILE A 1299 36.01 80.46 27.32
CA ILE A 1299 34.86 80.14 26.48
C ILE A 1299 33.57 80.45 27.23
N GLN A 1300 32.47 80.61 26.49
CA GLN A 1300 31.17 80.92 27.09
C GLN A 1300 30.05 80.22 26.33
N TYR A 1301 29.24 79.44 27.05
CA TYR A 1301 28.18 78.62 26.44
C TYR A 1301 26.83 79.29 26.62
N ASN A 1302 26.59 80.37 25.87
CA ASN A 1302 25.30 81.05 25.82
C ASN A 1302 25.23 81.98 24.62
N VAL A 1303 24.17 82.79 24.58
CA VAL A 1303 23.83 83.73 23.51
C VAL A 1303 24.49 83.41 22.17
N VAL A 1304 25.31 84.32 21.65
CA VAL A 1304 25.86 84.20 20.31
C VAL A 1304 27.38 84.08 20.36
N ASP A 1305 28.03 84.98 21.09
CA ASP A 1305 29.49 85.02 21.20
C ASP A 1305 30.15 85.26 19.84
N GLY A 1306 31.44 84.98 19.75
CA GLY A 1306 32.19 85.27 18.55
C GLY A 1306 32.19 84.16 17.52
N LEU A 1307 31.31 84.28 16.53
CA LEU A 1307 31.27 83.41 15.35
C LEU A 1307 30.87 81.98 15.68
N ARG A 1308 30.67 81.67 16.96
CA ARG A 1308 30.21 80.35 17.37
C ARG A 1308 28.96 80.42 18.24
N ASP A 1309 27.79 80.13 17.67
CA ASP A 1309 26.51 80.36 18.34
C ASP A 1309 26.44 79.72 19.72
N ARG A 1310 26.77 78.43 19.81
CA ARG A 1310 26.81 77.70 21.07
C ARG A 1310 25.46 77.77 21.80
N ARG A 1311 24.38 78.00 21.06
CA ARG A 1311 23.05 78.00 21.60
C ARG A 1311 22.43 76.61 21.39
N SER A 1312 21.21 76.40 21.90
CA SER A 1312 20.53 75.14 21.72
C SER A 1312 19.07 75.40 21.38
N PHE A 1313 18.58 74.71 20.35
CA PHE A 1313 17.17 74.77 19.99
C PHE A 1313 16.28 73.94 20.91
N HIS A 1314 16.85 73.40 22.00
CA HIS A 1314 16.11 72.62 22.97
C HIS A 1314 16.11 73.30 24.34
N GLY A 1315 16.30 74.62 24.36
CA GLY A 1315 16.34 75.36 25.59
C GLY A 1315 17.76 75.48 26.12
N PRO A 1316 17.92 76.25 27.20
CA PRO A 1316 19.26 76.41 27.79
C PRO A 1316 19.70 75.13 28.49
N TYR A 1317 20.85 74.61 28.07
CA TYR A 1317 21.39 73.38 28.64
C TYR A 1317 22.31 73.66 29.82
N THR A 1318 23.02 72.64 30.29
CA THR A 1318 23.71 72.69 31.57
C THR A 1318 25.22 72.65 31.33
N VAL A 1319 25.96 73.48 32.06
CA VAL A 1319 27.42 73.55 31.96
C VAL A 1319 28.00 73.05 33.28
N GLN A 1320 27.30 72.11 33.92
CA GLN A 1320 27.63 71.61 35.25
C GLN A 1320 29.12 71.36 35.47
N ALA A 1321 29.71 70.47 34.68
CA ALA A 1321 31.09 70.06 34.90
C ALA A 1321 32.07 71.00 34.21
N GLY A 1322 31.63 72.21 33.90
CA GLY A 1322 32.46 73.16 33.17
C GLY A 1322 32.37 72.96 31.68
N LEU A 1323 32.27 71.70 31.27
CA LEU A 1323 32.10 71.31 29.88
C LEU A 1323 30.62 71.08 29.60
N PRO A 1324 30.19 71.25 28.35
CA PRO A 1324 28.75 71.12 28.05
C PRO A 1324 28.27 69.68 28.13
N LEU A 1325 26.96 69.48 27.96
CA LEU A 1325 26.36 68.16 28.04
C LEU A 1325 25.18 68.10 27.09
N ASN A 1326 25.13 67.04 26.27
CA ASN A 1326 24.06 66.89 25.29
C ASN A 1326 22.73 66.55 25.96
N PRO A 1327 21.74 67.43 25.93
CA PRO A 1327 20.55 67.27 26.78
C PRO A 1327 19.79 65.98 26.57
N MET A 1328 19.82 65.45 25.34
CA MET A 1328 18.99 64.29 25.00
C MET A 1328 19.49 62.98 25.59
N GLY A 1329 20.50 63.00 26.45
CA GLY A 1329 20.92 61.82 27.16
C GLY A 1329 22.43 61.68 27.19
N ARG A 1330 22.89 60.79 28.08
CA ARG A 1330 24.31 60.50 28.27
C ARG A 1330 24.68 59.35 27.35
N THR A 1331 25.45 59.67 26.30
CA THR A 1331 25.82 58.66 25.32
C THR A 1331 27.19 58.04 25.57
N GLY A 1332 27.87 58.44 26.63
CA GLY A 1332 28.98 57.66 27.13
C GLY A 1332 30.38 57.95 26.60
N LEU A 1333 30.78 59.22 26.62
CA LEU A 1333 32.17 59.58 26.37
C LEU A 1333 32.40 60.93 27.05
N ARG A 1334 33.61 61.49 26.92
CA ARG A 1334 33.87 62.74 27.62
C ARG A 1334 34.15 63.90 26.68
N GLY A 1335 35.11 63.74 25.78
CA GLY A 1335 35.48 64.83 24.91
C GLY A 1335 34.97 64.68 23.49
N ARG A 1336 34.84 65.79 22.78
CA ARG A 1336 34.34 65.82 21.41
C ARG A 1336 35.27 64.99 20.52
N GLY A 1337 34.68 64.24 19.59
CA GLY A 1337 35.51 63.46 18.68
C GLY A 1337 36.07 64.28 17.53
N SER A 1338 35.19 64.81 16.68
CA SER A 1338 35.61 65.46 15.45
C SER A 1338 34.91 66.79 15.21
N LEU A 1339 34.14 67.26 16.19
CA LEU A 1339 33.15 68.28 15.89
C LEU A 1339 33.67 69.71 16.04
N SER A 1340 34.95 69.85 16.39
CA SER A 1340 35.64 71.13 16.27
C SER A 1340 35.05 72.24 17.14
N CYS A 1341 34.12 71.90 18.03
CA CYS A 1341 33.57 72.87 18.97
C CYS A 1341 32.79 72.15 20.07
N PHE A 1342 33.06 72.48 21.33
CA PHE A 1342 32.31 71.84 22.42
C PHE A 1342 30.86 72.30 22.42
N GLY A 1343 30.61 73.53 21.98
CA GLY A 1343 29.26 74.01 21.85
C GLY A 1343 28.52 73.26 20.76
N PRO A 1344 27.19 73.20 20.86
CA PRO A 1344 26.40 72.53 19.82
C PRO A 1344 26.67 73.12 18.44
N ASN A 1345 27.27 72.33 17.55
CA ASN A 1345 27.51 72.81 16.19
C ASN A 1345 26.19 72.93 15.44
N HIS A 1346 26.12 73.92 14.56
CA HIS A 1346 24.90 74.22 13.82
C HIS A 1346 25.11 73.95 12.34
N THR A 1347 24.14 73.26 11.75
CA THR A 1347 24.18 72.90 10.34
C THR A 1347 22.75 72.68 9.87
N LEU A 1348 22.55 72.76 8.55
CA LEU A 1348 21.25 72.49 7.97
C LEU A 1348 21.42 71.64 6.72
N TYR A 1349 20.35 70.94 6.34
CA TYR A 1349 20.38 70.03 5.20
C TYR A 1349 19.25 70.39 4.25
N PRO A 1350 19.47 71.24 3.26
CA PRO A 1350 18.39 71.58 2.33
C PRO A 1350 18.16 70.50 1.29
N MET A 1351 17.00 69.83 1.38
CA MET A 1351 16.65 68.82 0.39
C MET A 1351 15.74 69.43 -0.67
N VAL A 1352 16.08 69.19 -1.93
CA VAL A 1352 15.28 69.66 -3.06
C VAL A 1352 14.52 68.46 -3.60
N THR A 1353 13.20 68.59 -3.69
CA THR A 1353 12.32 67.49 -4.07
C THR A 1353 11.46 67.89 -5.26
N ARG A 1354 11.29 66.95 -6.19
CA ARG A 1354 10.39 67.12 -7.32
C ARG A 1354 9.47 65.91 -7.40
N TRP A 1355 8.32 66.10 -8.05
CA TRP A 1355 7.16 65.24 -7.83
C TRP A 1355 7.20 63.90 -8.55
N ARG A 1356 8.38 63.50 -9.04
CA ARG A 1356 8.55 62.19 -9.68
C ARG A 1356 7.63 62.09 -10.90
N ARG A 1357 7.82 62.99 -11.86
CA ARG A 1357 7.05 62.93 -13.09
C ARG A 1357 7.43 61.70 -13.90
N ASN A 1358 6.42 61.08 -14.51
CA ASN A 1358 6.62 60.09 -15.55
C ASN A 1358 6.68 60.82 -16.90
N GLU A 1359 6.49 60.08 -18.00
CA GLU A 1359 6.64 60.64 -19.34
C GLU A 1359 5.72 61.82 -19.60
N ASP A 1360 4.73 62.04 -18.73
CA ASP A 1360 3.90 63.24 -18.79
C ASP A 1360 3.67 63.78 -17.39
N GLY A 1361 2.75 64.73 -17.25
CA GLY A 1361 2.47 65.31 -15.95
C GLY A 1361 2.06 64.28 -14.92
N ALA A 1362 0.86 63.73 -15.07
CA ALA A 1362 0.39 62.56 -14.33
C ALA A 1362 0.64 62.61 -12.83
N ILE A 1363 1.92 62.61 -12.44
CA ILE A 1363 2.49 62.34 -11.11
C ILE A 1363 2.80 60.84 -11.17
N CYS A 1364 3.21 60.23 -10.06
CA CYS A 1364 3.46 58.79 -10.05
C CYS A 1364 3.17 58.29 -8.63
N ARG A 1365 1.98 57.74 -8.44
CA ARG A 1365 1.59 57.23 -7.14
C ARG A 1365 2.11 55.81 -6.95
N LYS A 1366 2.51 55.50 -5.72
CA LYS A 1366 3.02 54.16 -5.42
C LYS A 1366 1.88 53.18 -5.26
N SER A 1367 1.04 53.40 -4.26
CA SER A 1367 -0.20 52.63 -4.14
C SER A 1367 -1.39 53.56 -4.29
N ILE A 1368 -1.48 54.54 -3.39
CA ILE A 1368 -2.43 55.64 -3.57
C ILE A 1368 -1.77 56.98 -3.30
N LYS A 1369 -0.60 56.99 -2.69
CA LYS A 1369 0.08 58.22 -2.31
C LYS A 1369 1.15 58.59 -3.33
N LYS A 1370 1.41 59.89 -3.43
CA LYS A 1370 2.35 60.40 -4.42
C LYS A 1370 3.79 60.06 -4.00
N MET A 1371 4.71 60.24 -4.94
CA MET A 1371 6.11 59.85 -4.74
C MET A 1371 7.00 61.06 -5.02
N LEU A 1372 8.08 61.18 -4.26
CA LEU A 1372 9.01 62.30 -4.40
C LEU A 1372 10.33 61.84 -5.02
N GLU A 1373 11.14 62.83 -5.39
CA GLU A 1373 12.50 62.60 -5.84
C GLU A 1373 13.40 63.62 -5.18
N VAL A 1374 14.33 63.17 -4.34
CA VAL A 1374 15.28 64.07 -3.70
C VAL A 1374 16.60 64.02 -4.46
N LEU A 1375 17.44 65.03 -4.23
CA LEU A 1375 18.77 65.10 -4.82
C LEU A 1375 19.78 64.70 -3.76
N VAL A 1376 20.60 63.70 -4.08
CA VAL A 1376 21.59 63.18 -3.15
C VAL A 1376 22.92 63.05 -3.88
N VAL A 1377 24.01 63.11 -3.12
CA VAL A 1377 25.36 63.03 -3.66
C VAL A 1377 26.11 61.92 -2.95
N LYS A 1378 26.85 61.14 -3.71
CA LYS A 1378 27.69 60.06 -3.18
C LYS A 1378 29.14 60.45 -3.39
N LEU A 1379 29.86 60.66 -2.28
CA LEU A 1379 31.28 61.00 -2.37
C LEU A 1379 32.06 59.80 -2.89
N PRO A 1380 33.18 60.04 -3.60
CA PRO A 1380 33.91 58.94 -4.24
C PRO A 1380 34.28 57.79 -3.31
N LEU A 1381 34.75 58.11 -2.11
CA LEU A 1381 35.17 57.09 -1.15
C LEU A 1381 34.09 56.75 -0.14
N SER A 1382 33.15 57.67 0.12
CA SER A 1382 32.06 57.38 1.04
C SER A 1382 31.17 56.28 0.45
N GLU A 1383 30.74 55.37 1.33
CA GLU A 1383 29.97 54.19 0.93
C GLU A 1383 28.48 54.39 1.07
N HIS A 1384 28.04 55.65 1.22
CA HIS A 1384 26.61 55.93 1.32
C HIS A 1384 26.23 57.14 0.47
N TRP A 1385 24.97 57.54 0.55
CA TRP A 1385 24.50 58.73 -0.13
C TRP A 1385 24.07 59.71 0.95
N ALA A 1386 24.23 61.01 0.71
CA ALA A 1386 23.88 62.02 1.68
C ALA A 1386 23.19 63.19 1.02
N LEU A 1387 22.22 63.76 1.73
CA LEU A 1387 21.64 65.02 1.30
C LEU A 1387 22.71 66.10 1.34
N PRO A 1388 22.77 66.99 0.35
CA PRO A 1388 23.78 68.06 0.40
C PRO A 1388 23.67 68.88 1.66
N GLY A 1389 24.65 68.76 2.55
CA GLY A 1389 24.63 69.44 3.82
C GLY A 1389 25.86 70.27 4.06
N GLY A 1390 26.49 70.09 5.20
CA GLY A 1390 27.75 70.73 5.47
C GLY A 1390 27.76 71.31 6.89
N SER A 1391 28.68 72.24 7.10
CA SER A 1391 28.78 72.99 8.34
C SER A 1391 29.44 74.32 8.00
N ARG A 1392 28.93 75.41 8.57
CA ARG A 1392 29.29 76.74 8.07
C ARG A 1392 30.80 76.98 8.16
N GLU A 1393 31.39 77.20 6.99
CA GLU A 1393 32.83 77.31 6.80
C GLU A 1393 33.22 78.78 6.78
N PRO A 1394 34.51 79.12 7.07
CA PRO A 1394 34.85 80.47 7.55
C PRO A 1394 33.69 81.33 8.02
N GLY A 1395 33.27 81.13 9.27
CA GLY A 1395 32.19 81.90 9.85
C GLY A 1395 30.87 81.18 9.84
N GLU A 1396 29.95 81.61 10.71
CA GLU A 1396 28.64 80.98 10.81
C GLU A 1396 27.53 81.99 10.52
N MET A 1397 27.84 83.28 10.64
CA MET A 1397 26.92 84.30 10.19
C MET A 1397 26.99 84.49 8.68
N LEU A 1398 28.06 84.02 8.07
CA LEU A 1398 28.33 84.18 6.64
C LEU A 1398 27.46 83.20 5.85
N PRO A 1399 27.46 83.23 4.46
CA PRO A 1399 26.29 82.79 3.69
C PRO A 1399 25.47 81.60 4.17
N ARG A 1400 24.16 81.68 3.97
CA ARG A 1400 23.25 80.55 4.16
C ARG A 1400 23.36 79.61 2.96
N LYS A 1401 24.59 79.26 2.59
CA LYS A 1401 24.88 78.74 1.26
C LYS A 1401 25.85 77.57 1.36
N LEU A 1402 25.49 76.53 2.11
CA LEU A 1402 26.39 75.56 2.72
C LEU A 1402 27.54 75.06 1.85
N LYS A 1403 28.62 74.66 2.51
CA LYS A 1403 29.91 74.36 1.88
C LYS A 1403 29.80 73.21 0.88
N ARG A 1404 29.04 72.17 1.23
CA ARG A 1404 28.88 71.05 0.31
C ARG A 1404 28.23 71.50 -0.99
N ILE A 1405 27.17 72.31 -0.91
CA ILE A 1405 26.53 72.81 -2.12
C ILE A 1405 27.47 73.72 -2.88
N LEU A 1406 28.24 74.55 -2.15
CA LEU A 1406 29.21 75.43 -2.80
C LEU A 1406 30.21 74.62 -3.63
N ARG A 1407 30.77 73.57 -3.04
CA ARG A 1407 31.68 72.70 -3.77
C ARG A 1407 30.97 71.96 -4.89
N GLN A 1408 29.67 71.71 -4.73
CA GLN A 1408 28.89 70.86 -5.61
C GLN A 1408 28.07 71.66 -6.63
N GLU A 1409 27.87 72.95 -6.40
CA GLU A 1409 27.06 73.77 -7.29
C GLU A 1409 27.65 75.17 -7.35
N HIS A 1410 27.60 75.78 -8.54
CA HIS A 1410 28.10 77.14 -8.72
C HIS A 1410 27.11 78.13 -8.12
N TRP A 1411 27.36 78.55 -6.89
CA TRP A 1411 26.53 79.41 -6.04
C TRP A 1411 25.95 80.61 -6.79
N PRO A 1412 24.62 80.70 -6.90
CA PRO A 1412 24.03 81.88 -7.54
C PRO A 1412 22.84 82.47 -6.79
N SER A 1413 21.69 81.79 -6.84
CA SER A 1413 20.47 82.21 -6.16
C SER A 1413 19.81 81.11 -5.35
N PHE A 1414 20.53 80.03 -5.06
CA PHE A 1414 20.02 79.00 -4.17
C PHE A 1414 19.78 79.62 -2.80
N GLU A 1415 20.54 80.66 -2.47
CA GLU A 1415 20.29 81.43 -1.26
C GLU A 1415 18.91 82.08 -1.30
N ASN A 1416 18.56 82.69 -2.43
CA ASN A 1416 17.30 83.38 -2.60
C ASN A 1416 16.16 82.38 -2.49
N LEU A 1417 16.35 81.21 -3.09
CA LEU A 1417 15.40 80.11 -2.99
C LEU A 1417 15.25 79.57 -1.58
N LEU A 1418 16.35 79.46 -0.84
CA LEU A 1418 16.33 78.83 0.47
C LEU A 1418 15.73 79.74 1.52
N LYS A 1419 15.94 81.06 1.39
CA LYS A 1419 15.51 81.98 2.44
C LYS A 1419 14.01 81.92 2.66
N CYS A 1420 13.24 81.56 1.62
CA CYS A 1420 11.79 81.47 1.76
C CYS A 1420 11.32 80.02 1.83
N GLY A 1421 12.22 79.09 2.19
CA GLY A 1421 11.87 77.69 2.29
C GLY A 1421 11.10 77.37 3.55
N MET A 1422 10.48 76.20 3.54
CA MET A 1422 9.68 75.75 4.67
C MET A 1422 10.56 74.95 5.64
N GLU A 1423 10.34 75.20 6.94
CA GLU A 1423 11.15 74.63 8.01
C GLU A 1423 10.51 73.33 8.47
N VAL A 1424 11.21 72.21 8.24
CA VAL A 1424 10.67 70.90 8.60
C VAL A 1424 10.98 70.50 10.04
N TYR A 1425 12.24 70.51 10.46
CA TYR A 1425 12.61 69.92 11.74
C TYR A 1425 13.72 70.76 12.38
N LYS A 1426 13.35 71.52 13.42
CA LYS A 1426 14.34 72.16 14.29
C LYS A 1426 14.53 71.29 15.53
N GLY A 1427 15.68 70.66 15.64
CA GLY A 1427 15.90 69.75 16.75
C GLY A 1427 17.29 69.14 16.73
N TYR A 1428 17.39 68.00 17.41
CA TYR A 1428 18.66 67.34 17.70
C TYR A 1428 18.91 66.25 16.66
N MET A 1429 20.14 66.19 16.16
CA MET A 1429 20.53 65.18 15.18
C MET A 1429 21.28 64.04 15.87
N ASP A 1430 20.82 62.80 15.65
CA ASP A 1430 21.43 61.66 16.31
C ASP A 1430 22.67 61.20 15.54
N ASP A 1431 23.69 62.06 15.49
CA ASP A 1431 24.94 61.78 14.80
C ASP A 1431 25.71 60.70 15.56
N PRO A 1432 26.50 59.86 14.89
CA PRO A 1432 27.30 58.87 15.61
C PRO A 1432 28.57 59.47 16.18
N ARG A 1433 28.63 60.80 16.25
CA ARG A 1433 29.85 61.48 16.69
C ARG A 1433 29.63 62.28 17.97
N ASN A 1434 28.52 62.06 18.68
CA ASN A 1434 28.26 62.71 19.95
C ASN A 1434 28.84 61.89 21.09
N THR A 1435 29.49 62.57 22.04
CA THR A 1435 30.27 61.85 23.04
C THR A 1435 29.71 61.96 24.45
N ASP A 1436 29.71 63.17 25.00
CA ASP A 1436 28.69 63.59 25.95
C ASP A 1436 28.45 65.08 25.79
N ASN A 1437 29.12 65.71 24.84
CA ASN A 1437 29.12 67.15 24.62
C ASN A 1437 29.46 67.36 23.16
N ALA A 1438 29.35 68.60 22.68
CA ALA A 1438 29.55 68.86 21.26
C ALA A 1438 28.58 68.00 20.46
N TRP A 1439 27.29 68.28 20.57
CA TRP A 1439 26.27 67.49 19.91
C TRP A 1439 25.68 68.30 18.76
N ILE A 1440 25.41 67.62 17.66
CA ILE A 1440 24.92 68.26 16.44
C ILE A 1440 23.40 68.39 16.57
N GLU A 1441 22.93 69.63 16.56
CA GLU A 1441 21.53 69.93 16.31
C GLU A 1441 21.44 70.65 14.97
N THR A 1442 20.29 70.51 14.32
CA THR A 1442 20.20 70.97 12.94
C THR A 1442 18.84 71.64 12.72
N VAL A 1443 18.72 72.36 11.61
CA VAL A 1443 17.46 72.94 11.16
C VAL A 1443 17.21 72.41 9.75
N ALA A 1444 15.95 72.07 9.46
CA ALA A 1444 15.61 71.43 8.20
C ALA A 1444 14.83 72.41 7.34
N VAL A 1445 15.47 72.87 6.26
CA VAL A 1445 14.81 73.67 5.24
C VAL A 1445 14.52 72.77 4.04
N SER A 1446 13.29 72.83 3.54
CA SER A 1446 12.84 71.98 2.45
C SER A 1446 12.16 72.85 1.40
N VAL A 1447 12.94 73.28 0.41
CA VAL A 1447 12.33 73.93 -0.74
C VAL A 1447 11.76 72.87 -1.69
N HIS A 1448 10.53 73.10 -2.12
CA HIS A 1448 9.81 72.10 -2.91
C HIS A 1448 9.37 72.72 -4.22
N PHE A 1449 9.53 71.97 -5.30
CA PHE A 1449 9.21 72.43 -6.64
C PHE A 1449 7.98 71.69 -7.18
N GLN A 1450 7.07 72.44 -7.78
CA GLN A 1450 5.74 71.93 -8.10
C GLN A 1450 5.57 71.66 -9.59
N ASP A 1451 5.94 72.62 -10.43
CA ASP A 1451 5.78 72.46 -11.86
C ASP A 1451 6.76 71.40 -12.39
N GLN A 1452 6.68 71.13 -13.68
CA GLN A 1452 7.46 70.08 -14.30
C GLN A 1452 8.83 70.53 -14.78
N ASN A 1453 8.94 71.74 -15.37
CA ASN A 1453 10.22 72.22 -15.85
C ASN A 1453 10.58 73.50 -15.10
N ASP A 1454 9.77 74.56 -15.19
CA ASP A 1454 10.10 75.84 -14.58
C ASP A 1454 11.44 76.41 -15.02
N VAL A 1455 11.53 77.73 -15.07
CA VAL A 1455 12.84 78.36 -15.17
C VAL A 1455 13.74 77.81 -14.05
N GLU A 1456 13.16 77.59 -12.87
CA GLU A 1456 13.97 77.07 -11.79
C GLU A 1456 14.35 75.60 -11.92
N LEU A 1457 13.44 74.67 -12.27
CA LEU A 1457 13.93 73.30 -12.45
C LEU A 1457 14.97 73.21 -13.54
N ASN A 1458 14.73 73.84 -14.70
CA ASN A 1458 15.71 73.65 -15.78
C ASN A 1458 17.04 74.32 -15.44
N ARG A 1459 17.02 75.49 -14.80
CA ARG A 1459 18.21 76.17 -14.35
C ARG A 1459 18.96 75.36 -13.29
N LEU A 1460 18.25 74.77 -12.34
CA LEU A 1460 18.90 74.13 -11.22
C LEU A 1460 19.28 72.69 -11.58
N ASN A 1461 18.85 72.21 -12.75
CA ASN A 1461 19.46 71.04 -13.34
C ASN A 1461 20.64 71.37 -14.23
N SER A 1462 20.66 72.54 -14.87
CA SER A 1462 21.77 72.93 -15.72
C SER A 1462 22.95 73.50 -14.93
N ASN A 1463 22.75 73.84 -13.66
CA ASN A 1463 23.80 74.41 -12.83
C ASN A 1463 24.60 73.36 -12.06
N LEU A 1464 24.71 72.14 -12.59
CA LEU A 1464 25.42 71.06 -11.91
C LEU A 1464 26.84 70.97 -12.47
N HIS A 1465 27.81 71.46 -11.70
CA HIS A 1465 29.21 71.34 -12.10
C HIS A 1465 29.87 70.14 -11.42
N ALA A 1466 29.91 70.13 -10.09
CA ALA A 1466 30.44 69.01 -9.31
C ALA A 1466 31.90 68.76 -9.64
N CYS A 1467 32.15 67.82 -10.55
CA CYS A 1467 33.48 67.45 -11.03
C CYS A 1467 34.46 67.24 -9.87
N ASP A 1468 34.12 66.27 -9.02
CA ASP A 1468 34.96 65.87 -7.90
C ASP A 1468 35.54 64.47 -8.08
N SER A 1469 35.78 64.05 -9.31
CA SER A 1469 36.38 62.75 -9.62
C SER A 1469 35.58 61.61 -9.02
N GLY A 1470 34.33 61.45 -9.46
CA GLY A 1470 33.52 60.34 -9.00
C GLY A 1470 32.30 60.74 -8.20
N ALA A 1471 32.24 62.00 -7.77
CA ALA A 1471 31.07 62.48 -7.04
C ALA A 1471 29.84 62.41 -7.93
N SER A 1472 28.91 61.54 -7.59
CA SER A 1472 27.74 61.27 -8.42
C SER A 1472 26.52 61.97 -7.85
N ILE A 1473 25.95 62.88 -8.63
CA ILE A 1473 24.70 63.54 -8.27
C ILE A 1473 23.59 63.06 -9.22
N ARG A 1474 22.86 62.04 -8.80
CA ARG A 1474 21.69 61.58 -9.53
C ARG A 1474 20.41 61.80 -8.71
N TRP A 1475 19.36 62.18 -9.41
CA TRP A 1475 18.04 62.29 -8.79
C TRP A 1475 17.59 60.90 -8.36
N GLN A 1476 17.17 60.78 -7.10
CA GLN A 1476 16.79 59.48 -6.56
C GLN A 1476 15.41 59.56 -5.92
N VAL A 1477 14.63 58.50 -6.12
CA VAL A 1477 13.29 58.43 -5.56
C VAL A 1477 13.38 58.25 -4.04
N VAL A 1478 12.30 58.62 -3.36
CA VAL A 1478 12.25 58.53 -1.90
C VAL A 1478 11.58 57.22 -1.51
N ASP A 1479 12.14 56.58 -0.48
CA ASP A 1479 11.60 55.34 0.04
C ASP A 1479 12.25 55.09 1.41
N ARG A 1480 11.87 54.01 2.08
CA ARG A 1480 12.49 53.66 3.34
C ARG A 1480 13.64 52.67 3.09
N ARG A 1481 14.11 52.61 1.84
CA ARG A 1481 15.18 51.70 1.48
C ARG A 1481 16.32 52.43 0.77
N ILE A 1482 16.48 53.71 1.04
CA ILE A 1482 17.57 54.47 0.42
C ILE A 1482 18.85 54.26 1.21
N PRO A 1483 20.01 54.17 0.57
CA PRO A 1483 21.25 53.95 1.33
C PRO A 1483 21.73 55.15 2.11
N LEU A 1484 20.90 56.20 2.24
CA LEU A 1484 21.22 57.36 3.05
C LEU A 1484 21.61 56.97 4.47
N TYR A 1485 22.38 57.82 5.15
CA TYR A 1485 22.66 57.63 6.56
C TYR A 1485 21.35 57.60 7.35
N ALA A 1486 21.41 57.06 8.56
CA ALA A 1486 20.18 56.91 9.37
C ALA A 1486 19.58 58.26 9.72
N ASN A 1487 20.39 59.23 10.11
CA ASN A 1487 19.87 60.55 10.44
C ASN A 1487 19.29 61.23 9.21
N HIS A 1488 19.95 61.11 8.06
CA HIS A 1488 19.40 61.66 6.83
C HIS A 1488 18.06 60.99 6.49
N LYS A 1489 17.96 59.68 6.73
CA LYS A 1489 16.74 58.96 6.43
C LYS A 1489 15.59 59.42 7.33
N THR A 1490 15.87 59.61 8.62
CA THR A 1490 14.80 60.08 9.50
C THR A 1490 14.44 61.53 9.22
N LEU A 1491 15.41 62.34 8.78
CA LEU A 1491 15.10 63.69 8.36
C LEU A 1491 14.22 63.69 7.12
N LEU A 1492 14.50 62.79 6.18
CA LEU A 1492 13.65 62.66 5.00
C LEU A 1492 12.26 62.17 5.38
N GLN A 1493 12.18 61.28 6.37
CA GLN A 1493 10.88 60.85 6.88
C GLN A 1493 10.11 62.04 7.44
N LYS A 1494 10.78 62.90 8.20
CA LYS A 1494 10.12 64.09 8.72
C LYS A 1494 9.67 65.02 7.59
N ALA A 1495 10.48 65.16 6.55
CA ALA A 1495 10.17 66.05 5.44
C ALA A 1495 9.13 65.48 4.49
N ALA A 1496 8.89 64.17 4.52
CA ALA A 1496 7.96 63.52 3.61
C ALA A 1496 6.57 63.39 4.21
N ALA A 1497 6.35 63.98 5.37
CA ALA A 1497 5.04 63.98 6.00
C ALA A 1497 4.29 65.29 5.83
N GLU A 1498 5.01 66.40 5.60
CA GLU A 1498 4.35 67.68 5.38
C GLU A 1498 3.60 67.70 4.06
N PHE A 1499 4.10 66.98 3.05
CA PHE A 1499 3.52 67.00 1.71
C PHE A 1499 2.75 65.73 1.39
N GLY A 1500 2.52 64.86 2.36
CA GLY A 1500 1.82 63.62 2.10
C GLY A 1500 2.54 62.71 1.13
N ALA A 1501 3.86 62.60 1.23
CA ALA A 1501 4.64 61.81 0.30
C ALA A 1501 4.47 60.33 0.60
N HIS A 1502 5.19 59.48 -0.13
CA HIS A 1502 5.10 58.04 0.04
C HIS A 1502 5.92 57.52 1.21
N TYR A 1503 7.23 57.70 1.16
CA TYR A 1503 8.19 57.09 2.09
C TYR A 1503 7.79 55.68 2.53
N ILE B 67 20.23 -39.13 44.07
CA ILE B 67 20.35 -38.12 43.04
C ILE B 67 20.09 -36.73 43.64
N LYS B 68 20.98 -36.32 44.54
CA LYS B 68 20.95 -35.01 45.19
C LYS B 68 19.66 -34.82 45.99
N LYS B 69 19.38 -35.82 46.81
CA LYS B 69 18.38 -35.66 47.86
C LYS B 69 19.04 -35.53 49.23
N LYS B 70 20.36 -35.36 49.29
CA LYS B 70 21.11 -35.42 50.53
C LYS B 70 21.65 -34.07 50.98
N GLU B 71 21.83 -33.13 50.06
CA GLU B 71 22.26 -31.78 50.42
C GLU B 71 21.07 -30.89 50.76
N CYS B 72 19.97 -31.05 50.04
CA CYS B 72 18.75 -30.30 50.33
C CYS B 72 17.98 -31.02 51.42
N VAL B 73 17.95 -30.43 52.61
CA VAL B 73 17.23 -30.99 53.75
C VAL B 73 15.98 -30.14 53.99
N TYR B 74 15.13 -30.62 54.88
CA TYR B 74 13.91 -29.91 55.25
C TYR B 74 13.69 -29.97 56.76
N PHE B 75 13.31 -28.82 57.30
CA PHE B 75 13.03 -28.67 58.73
C PHE B 75 11.76 -29.44 59.05
N VAL B 76 11.89 -30.49 59.85
CA VAL B 76 10.75 -31.26 60.34
C VAL B 76 10.97 -31.58 61.81
N GLU B 77 9.91 -31.43 62.60
CA GLU B 77 9.95 -31.73 64.03
C GLU B 77 8.53 -31.75 64.55
N SER B 78 8.30 -32.60 65.55
CA SER B 78 7.02 -32.64 66.22
C SER B 78 6.67 -31.27 66.78
N SER B 79 5.44 -30.84 66.53
CA SER B 79 4.98 -29.53 66.96
C SER B 79 4.14 -29.57 68.23
N LYS B 80 3.54 -30.72 68.55
CA LYS B 80 2.70 -30.80 69.73
C LYS B 80 3.41 -31.62 70.80
N LEU B 81 4.72 -31.43 70.93
CA LEU B 81 5.44 -31.96 72.08
C LEU B 81 4.85 -31.31 73.33
N SER B 82 5.01 -29.99 73.44
CA SER B 82 4.28 -29.19 74.41
C SER B 82 4.14 -27.78 73.82
N ASP B 83 3.07 -27.56 73.09
CA ASP B 83 2.75 -26.25 72.52
C ASP B 83 1.25 -26.17 72.28
N ALA B 84 0.56 -25.46 73.17
CA ALA B 84 -0.89 -25.41 73.08
C ALA B 84 -1.41 -24.00 72.76
N GLY B 85 -1.07 -23.04 73.62
CA GLY B 85 -1.73 -21.76 73.68
C GLY B 85 -2.88 -21.74 74.67
N LYS B 86 -4.05 -22.28 74.34
CA LYS B 86 -4.49 -22.52 72.96
C LYS B 86 -5.01 -21.20 72.37
N VAL B 87 -4.67 -20.92 71.11
CA VAL B 87 -5.16 -19.72 70.46
C VAL B 87 -5.91 -20.09 69.19
N VAL B 88 -5.51 -21.19 68.57
CA VAL B 88 -5.99 -21.59 67.25
C VAL B 88 -6.60 -22.98 67.42
N CYS B 89 -7.31 -23.16 68.55
CA CYS B 89 -7.66 -24.45 69.11
C CYS B 89 -7.94 -25.53 68.08
N GLN B 90 -8.90 -25.28 67.18
CA GLN B 90 -9.28 -26.23 66.14
C GLN B 90 -9.36 -27.65 66.68
N CYS B 91 -8.28 -28.42 66.52
CA CYS B 91 -8.17 -29.75 67.08
C CYS B 91 -6.88 -29.88 67.88
N GLY B 92 -5.81 -29.24 67.40
CA GLY B 92 -4.54 -29.31 68.07
C GLY B 92 -3.46 -28.65 67.22
N TYR B 93 -2.31 -28.46 67.84
CA TYR B 93 -1.19 -27.84 67.15
C TYR B 93 -0.48 -28.86 66.27
N THR B 94 -1.14 -29.25 65.17
CA THR B 94 -0.65 -30.26 64.24
C THR B 94 -0.20 -31.51 64.99
N HIS B 95 -1.12 -32.17 65.68
CA HIS B 95 -0.80 -33.28 66.57
C HIS B 95 -0.58 -34.56 65.77
N GLU B 96 -0.59 -35.70 66.45
CA GLU B 96 -0.32 -37.02 65.86
C GLU B 96 -1.06 -37.24 64.55
N GLN B 97 -0.48 -38.04 63.66
CA GLN B 97 -1.01 -38.31 62.33
C GLN B 97 -1.12 -37.02 61.52
N HIS B 98 0.01 -36.32 61.44
CA HIS B 98 0.14 -35.09 60.68
C HIS B 98 1.57 -35.04 60.14
N LEU B 99 2.03 -33.85 59.75
CA LEU B 99 3.42 -33.67 59.39
C LEU B 99 4.35 -34.02 60.56
N GLU B 100 3.82 -34.01 61.78
CA GLU B 100 4.56 -34.49 62.94
C GLU B 100 4.53 -36.02 62.97
N GLU B 101 5.67 -36.64 62.68
CA GLU B 101 5.76 -38.11 62.66
C GLU B 101 6.98 -38.67 63.35
N ALA B 102 8.06 -37.91 63.53
CA ALA B 102 9.34 -38.48 63.97
C ALA B 102 9.34 -38.82 65.45
N THR B 103 9.17 -37.81 66.32
CA THR B 103 9.28 -38.00 67.76
C THR B 103 7.92 -38.17 68.42
N LYS B 104 7.01 -38.91 67.78
CA LYS B 104 5.75 -39.28 68.39
C LYS B 104 5.90 -40.04 69.72
N PRO B 105 7.01 -40.78 69.99
CA PRO B 105 7.20 -41.26 71.37
C PRO B 105 7.63 -40.14 72.30
N HIS B 106 7.94 -40.49 73.55
CA HIS B 106 8.24 -39.49 74.56
C HIS B 106 9.66 -38.96 74.37
N THR B 107 9.76 -37.66 74.14
CA THR B 107 11.04 -36.95 74.19
C THR B 107 11.39 -36.69 75.66
N PHE B 108 12.39 -35.86 75.92
CA PHE B 108 12.81 -35.69 77.31
C PHE B 108 11.78 -34.89 78.12
N GLN B 109 11.58 -33.62 77.82
CA GLN B 109 10.45 -32.89 78.40
C GLN B 109 9.62 -32.15 77.34
N GLY B 110 10.28 -31.42 76.45
CA GLY B 110 9.59 -30.55 75.51
C GLY B 110 9.73 -29.08 75.84
N THR B 111 9.74 -28.77 77.14
CA THR B 111 9.93 -27.42 77.68
C THR B 111 8.94 -26.42 77.10
N GLN B 112 9.37 -25.59 76.14
CA GLN B 112 8.55 -24.52 75.59
C GLN B 112 8.64 -24.42 74.08
N TRP B 113 8.96 -25.52 73.39
CA TRP B 113 9.02 -25.57 71.93
C TRP B 113 10.18 -24.72 71.42
N ASP B 114 10.10 -23.39 71.61
CA ASP B 114 11.26 -22.48 71.61
C ASP B 114 12.26 -22.84 70.51
N PRO B 115 11.99 -22.50 69.25
CA PRO B 115 12.41 -23.37 68.14
C PRO B 115 13.92 -23.54 67.99
N LYS B 116 14.55 -23.94 69.10
CA LYS B 116 15.78 -24.72 69.01
C LYS B 116 15.58 -26.12 69.58
N LYS B 117 14.33 -26.50 69.91
CA LYS B 117 14.00 -27.90 70.15
C LYS B 117 14.21 -28.62 68.83
N HIS B 118 15.31 -29.37 68.74
CA HIS B 118 15.97 -29.67 67.47
C HIS B 118 14.99 -30.08 66.38
N VAL B 119 14.92 -29.26 65.34
CA VAL B 119 14.10 -29.54 64.16
C VAL B 119 14.98 -30.31 63.19
N GLN B 120 14.69 -31.59 63.04
CA GLN B 120 15.59 -32.49 62.31
C GLN B 120 15.73 -32.07 60.85
N GLU B 121 16.95 -32.21 60.34
CA GLU B 121 17.24 -31.95 58.94
C GLU B 121 17.60 -33.28 58.29
N MET B 122 16.58 -34.02 57.86
CA MET B 122 16.75 -35.30 57.20
C MET B 122 16.54 -35.12 55.71
N PRO B 123 16.96 -36.09 54.89
CA PRO B 123 16.82 -35.94 53.44
C PRO B 123 15.39 -35.63 53.03
N THR B 124 15.25 -34.73 52.08
CA THR B 124 13.97 -34.22 51.64
C THR B 124 13.13 -35.32 51.01
N ASP B 125 11.81 -35.23 51.21
CA ASP B 125 10.88 -36.20 50.65
C ASP B 125 9.98 -35.62 49.56
N ALA B 126 10.05 -34.32 49.29
CA ALA B 126 9.23 -33.69 48.25
C ALA B 126 10.18 -33.01 47.27
N PHE B 127 10.64 -33.77 46.27
CA PHE B 127 11.53 -33.24 45.25
C PHE B 127 11.27 -33.96 43.94
N GLY B 128 10.50 -33.36 43.05
CA GLY B 128 10.20 -34.06 41.82
C GLY B 128 9.80 -33.17 40.65
N ASP B 129 8.78 -33.61 39.92
CA ASP B 129 8.31 -32.91 38.75
C ASP B 129 6.78 -32.86 38.83
N ILE B 130 6.21 -31.67 38.77
CA ILE B 130 4.79 -31.50 39.04
C ILE B 130 4.07 -31.01 37.79
N VAL B 131 2.96 -31.66 37.44
CA VAL B 131 2.11 -31.21 36.35
C VAL B 131 0.71 -30.96 36.88
N PHE B 132 0.08 -29.90 36.38
CA PHE B 132 -1.27 -29.54 36.83
C PHE B 132 -2.29 -30.33 36.03
N THR B 133 -3.23 -30.97 36.74
CA THR B 133 -4.15 -31.94 36.16
C THR B 133 -4.89 -31.44 34.94
N GLY B 134 -5.72 -30.40 35.12
CA GLY B 134 -6.55 -29.94 34.03
C GLY B 134 -6.37 -28.47 33.72
N LEU B 135 -5.16 -27.95 33.98
CA LEU B 135 -4.87 -26.56 33.71
C LEU B 135 -3.90 -26.43 32.55
N SER B 136 -2.78 -27.14 32.62
CA SER B 136 -1.77 -27.15 31.59
C SER B 136 -1.31 -28.59 31.36
N GLN B 137 -0.33 -28.78 30.48
CA GLN B 137 0.14 -30.15 30.23
C GLN B 137 1.66 -30.24 30.17
N LYS B 138 2.39 -29.19 30.54
CA LYS B 138 3.84 -29.21 30.54
C LYS B 138 4.36 -29.45 31.95
N VAL B 139 5.43 -30.20 32.05
CA VAL B 139 5.99 -30.60 33.34
C VAL B 139 6.70 -29.41 33.97
N LYS B 140 6.68 -29.38 35.30
CA LYS B 140 7.28 -28.30 36.08
C LYS B 140 8.04 -28.89 37.27
N LYS B 141 9.20 -28.31 37.55
CA LYS B 141 10.11 -28.83 38.57
C LYS B 141 9.89 -28.10 39.88
N TYR B 142 9.98 -28.83 40.98
CA TYR B 142 9.86 -28.24 42.32
C TYR B 142 10.81 -28.93 43.29
N VAL B 143 10.99 -28.35 44.47
CA VAL B 143 11.83 -28.96 45.50
C VAL B 143 11.50 -28.34 46.86
N ARG B 144 11.47 -29.16 47.90
CA ARG B 144 11.28 -28.67 49.25
C ARG B 144 12.64 -28.35 49.88
N VAL B 145 12.75 -27.13 50.43
CA VAL B 145 14.03 -26.59 50.87
C VAL B 145 13.88 -26.07 52.30
N SER B 146 14.87 -26.37 53.13
CA SER B 146 14.88 -25.84 54.48
C SER B 146 15.28 -24.37 54.48
N GLN B 147 15.00 -23.70 55.59
CA GLN B 147 15.34 -22.28 55.71
C GLN B 147 16.84 -22.02 55.74
N ASP B 148 17.62 -22.94 56.31
CA ASP B 148 19.04 -22.75 56.52
C ASP B 148 19.88 -23.30 55.37
N THR B 149 19.25 -23.67 54.26
CA THR B 149 19.99 -24.19 53.13
C THR B 149 20.87 -23.09 52.54
N PRO B 150 22.17 -23.35 52.35
CA PRO B 150 23.04 -22.32 51.74
C PRO B 150 22.57 -21.95 50.34
N SER B 151 22.72 -20.67 50.01
CA SER B 151 22.29 -20.19 48.71
C SER B 151 23.05 -20.85 47.57
N SER B 152 24.33 -21.17 47.79
CA SER B 152 25.12 -21.81 46.76
C SER B 152 24.57 -23.18 46.37
N VAL B 153 24.10 -23.96 47.34
CA VAL B 153 23.54 -25.27 47.04
C VAL B 153 22.31 -25.12 46.14
N ILE B 154 21.44 -24.17 46.47
CA ILE B 154 20.25 -23.95 45.65
C ILE B 154 20.63 -23.47 44.26
N TYR B 155 21.63 -22.59 44.15
CA TYR B 155 22.06 -22.14 42.83
C TYR B 155 22.61 -23.29 41.99
N HIS B 156 23.42 -24.16 42.61
CA HIS B 156 23.92 -25.32 41.90
C HIS B 156 22.79 -26.24 41.47
N LEU B 157 21.81 -26.47 42.34
CA LEU B 157 20.65 -27.28 41.97
C LEU B 157 19.89 -26.67 40.81
N MET B 158 19.67 -25.36 40.82
CA MET B 158 18.91 -24.71 39.77
C MET B 158 19.63 -24.75 38.43
N THR B 159 20.96 -24.57 38.44
CA THR B 159 21.65 -24.59 37.16
C THR B 159 21.96 -26.00 36.70
N GLN B 160 22.83 -26.70 37.43
CA GLN B 160 23.46 -27.90 36.90
C GLN B 160 22.49 -29.06 36.73
N HIS B 161 21.42 -29.12 37.52
CA HIS B 161 20.52 -30.27 37.51
C HIS B 161 19.14 -29.92 37.00
N TRP B 162 18.78 -28.65 36.97
CA TRP B 162 17.54 -28.24 36.32
C TRP B 162 17.76 -27.76 34.90
N GLY B 163 19.00 -27.68 34.43
CA GLY B 163 19.22 -27.29 33.05
C GLY B 163 19.08 -25.81 32.77
N LEU B 164 18.89 -24.99 33.80
CA LEU B 164 18.71 -23.57 33.60
C LEU B 164 20.04 -22.91 33.26
N ASP B 165 20.04 -22.10 32.20
CA ASP B 165 21.22 -21.34 31.85
C ASP B 165 21.40 -20.19 32.83
N VAL B 166 22.65 -19.74 32.97
CA VAL B 166 22.97 -18.64 33.87
C VAL B 166 22.24 -17.39 33.38
N PRO B 167 21.41 -16.77 34.21
CA PRO B 167 20.58 -15.67 33.73
C PRO B 167 21.38 -14.39 33.49
N ASN B 168 20.89 -13.61 32.54
CA ASN B 168 21.44 -12.30 32.25
C ASN B 168 20.89 -11.21 33.16
N LEU B 169 19.82 -11.49 33.89
CA LEU B 169 19.15 -10.48 34.70
C LEU B 169 18.15 -11.11 35.65
N LEU B 170 18.08 -10.61 36.88
CA LEU B 170 17.09 -11.05 37.84
C LEU B 170 15.95 -10.04 37.95
N ILE B 171 14.73 -10.53 37.81
CA ILE B 171 13.56 -9.67 37.88
C ILE B 171 12.74 -10.06 39.10
N SER B 172 12.95 -9.36 40.21
CA SER B 172 12.18 -9.60 41.42
C SER B 172 10.84 -8.89 41.31
N VAL B 173 9.76 -9.66 41.42
CA VAL B 173 8.41 -9.12 41.36
C VAL B 173 7.81 -9.24 42.76
N THR B 174 7.57 -8.09 43.38
CA THR B 174 6.99 -8.03 44.72
C THR B 174 5.72 -7.19 44.68
N GLY B 175 4.95 -7.29 45.74
CA GLY B 175 3.68 -6.60 45.82
C GLY B 175 2.82 -7.19 46.93
N GLY B 176 1.52 -7.21 46.68
CA GLY B 176 0.56 -7.68 47.66
C GLY B 176 -0.07 -9.00 47.25
N ALA B 177 -0.34 -9.85 48.23
CA ALA B 177 -0.91 -11.15 47.93
C ALA B 177 -2.40 -11.04 47.63
N LYS B 178 -3.09 -10.09 48.24
CA LYS B 178 -4.52 -9.95 48.06
C LYS B 178 -4.86 -9.67 46.60
N ASN B 179 -5.88 -10.34 46.09
CA ASN B 179 -6.27 -10.18 44.69
C ASN B 179 -6.76 -8.76 44.43
N PHE B 180 -6.54 -8.30 43.21
CA PHE B 180 -6.94 -6.95 42.82
C PHE B 180 -6.97 -6.86 41.30
N ASN B 181 -7.60 -5.80 40.81
CA ASN B 181 -7.68 -5.52 39.38
C ASN B 181 -7.19 -4.12 39.11
N MET B 182 -6.63 -3.90 37.93
CA MET B 182 -6.23 -2.57 37.48
C MET B 182 -6.94 -2.25 36.17
N LYS B 183 -6.59 -1.10 35.60
CA LYS B 183 -7.15 -0.67 34.32
C LYS B 183 -6.71 -1.63 33.22
N PRO B 184 -7.59 -1.90 32.24
CA PRO B 184 -7.20 -2.79 31.14
C PRO B 184 -6.00 -2.29 30.36
N ARG B 185 -5.84 -0.97 30.21
CA ARG B 185 -4.65 -0.46 29.54
C ARG B 185 -3.38 -0.80 30.32
N LEU B 186 -3.42 -0.64 31.64
CA LEU B 186 -2.26 -0.98 32.46
C LEU B 186 -1.97 -2.47 32.39
N LYS B 187 -3.01 -3.30 32.39
CA LYS B 187 -2.80 -4.73 32.22
C LYS B 187 -2.11 -5.01 30.89
N SER B 188 -2.67 -4.48 29.81
CA SER B 188 -2.17 -4.73 28.46
C SER B 188 -0.76 -4.21 28.25
N ILE B 189 -0.33 -3.18 28.97
CA ILE B 189 1.04 -2.71 28.86
C ILE B 189 1.99 -3.50 29.76
N PHE B 190 1.57 -3.78 31.00
CA PHE B 190 2.45 -4.44 31.96
C PHE B 190 2.72 -5.88 31.59
N ARG B 191 1.68 -6.66 31.30
CA ARG B 191 1.89 -8.07 30.99
C ARG B 191 2.44 -8.29 29.60
N ARG B 192 2.47 -7.25 28.76
CA ARG B 192 3.12 -7.32 27.47
C ARG B 192 4.57 -6.84 27.52
N GLY B 193 4.92 -5.99 28.48
CA GLY B 193 6.29 -5.58 28.62
C GLY B 193 7.11 -6.52 29.49
N LEU B 194 6.51 -7.04 30.56
CA LEU B 194 7.24 -7.95 31.43
C LEU B 194 7.72 -9.18 30.69
N VAL B 195 6.88 -9.72 29.79
CA VAL B 195 7.31 -10.88 29.02
C VAL B 195 8.44 -10.50 28.07
N LYS B 196 8.43 -9.31 27.50
CA LYS B 196 9.44 -8.94 26.53
C LYS B 196 10.75 -8.54 27.21
N VAL B 197 10.71 -8.21 28.50
CA VAL B 197 11.93 -7.93 29.24
C VAL B 197 12.74 -9.21 29.33
N ALA B 198 12.04 -10.35 29.33
CA ALA B 198 12.68 -11.62 29.56
C ALA B 198 12.95 -12.32 28.24
N GLN B 199 12.07 -12.14 27.26
CA GLN B 199 12.23 -12.79 25.96
C GLN B 199 13.57 -12.46 25.33
N THR B 200 13.94 -11.19 25.34
CA THR B 200 15.18 -10.77 24.70
C THR B 200 16.40 -11.10 25.55
N THR B 201 16.27 -11.03 26.88
CA THR B 201 17.45 -11.06 27.73
C THR B 201 17.78 -12.44 28.27
N GLY B 202 16.83 -13.36 28.31
CA GLY B 202 17.08 -14.62 28.97
C GLY B 202 17.22 -14.42 30.47
N ALA B 203 16.20 -13.83 31.08
CA ALA B 203 16.24 -13.44 32.48
C ALA B 203 15.42 -14.41 33.33
N TRP B 204 15.51 -14.25 34.64
CA TRP B 204 14.75 -15.02 35.60
C TRP B 204 13.75 -14.11 36.31
N ILE B 205 12.58 -14.66 36.60
CA ILE B 205 11.51 -13.92 37.26
C ILE B 205 11.26 -14.60 38.60
N ILE B 206 11.74 -13.99 39.69
CA ILE B 206 11.52 -14.50 41.04
C ILE B 206 10.18 -13.95 41.51
N THR B 207 9.11 -14.72 41.33
CA THR B 207 7.79 -14.27 41.72
C THR B 207 7.52 -14.54 43.19
N GLY B 208 6.27 -14.39 43.60
CA GLY B 208 5.89 -14.65 44.98
C GLY B 208 5.38 -16.05 45.20
N GLY B 209 5.31 -16.86 44.14
CA GLY B 209 4.85 -18.23 44.33
C GLY B 209 3.39 -18.45 43.98
N SER B 210 2.54 -18.35 44.98
CA SER B 210 1.18 -18.88 44.94
C SER B 210 0.29 -18.11 43.95
N HIS B 211 -0.99 -18.45 43.97
CA HIS B 211 -1.98 -18.04 42.97
C HIS B 211 -2.82 -16.84 43.40
N THR B 212 -2.27 -15.89 44.15
CA THR B 212 -3.07 -14.75 44.58
C THR B 212 -2.27 -13.47 44.46
N GLY B 213 -2.82 -12.52 43.72
CA GLY B 213 -2.31 -11.16 43.72
C GLY B 213 -1.28 -10.88 42.63
N VAL B 214 -0.18 -10.27 43.06
CA VAL B 214 0.90 -9.87 42.16
C VAL B 214 1.58 -11.11 41.59
N MET B 215 1.70 -12.15 42.40
CA MET B 215 2.30 -13.40 41.94
C MET B 215 1.36 -14.21 41.05
N LYS B 216 0.06 -13.93 41.09
CA LYS B 216 -0.88 -14.51 40.14
C LYS B 216 -0.92 -13.74 38.84
N GLN B 217 -0.77 -12.42 38.91
CA GLN B 217 -0.81 -11.60 37.70
C GLN B 217 0.39 -11.84 36.81
N VAL B 218 1.56 -12.07 37.39
CA VAL B 218 2.73 -12.39 36.57
C VAL B 218 2.56 -13.77 35.92
N GLY B 219 1.93 -14.71 36.64
CA GLY B 219 1.60 -15.98 36.03
C GLY B 219 0.63 -15.83 34.88
N GLU B 220 -0.36 -14.93 35.03
CA GLU B 220 -1.26 -14.62 33.93
C GLU B 220 -0.50 -14.02 32.75
N ALA B 221 0.49 -13.17 33.03
CA ALA B 221 1.32 -12.61 31.97
C ALA B 221 2.06 -13.70 31.20
N VAL B 222 2.65 -14.65 31.94
CA VAL B 222 3.38 -15.74 31.29
C VAL B 222 2.42 -16.63 30.51
N ARG B 223 1.20 -16.83 31.03
CA ARG B 223 0.18 -17.60 30.32
C ARG B 223 -0.26 -16.90 29.04
N ASP B 224 -0.35 -15.57 29.05
CA ASP B 224 -0.76 -14.77 27.91
C ASP B 224 0.26 -14.85 26.77
N PHE B 225 1.45 -15.37 27.07
CA PHE B 225 2.49 -15.49 26.05
C PHE B 225 2.69 -16.94 25.65
N SER B 226 2.98 -17.80 26.63
CA SER B 226 3.42 -19.16 26.36
C SER B 226 2.35 -20.04 25.75
N LEU B 227 1.10 -19.58 25.72
CA LEU B 227 0.03 -20.32 25.08
C LEU B 227 -0.55 -19.63 23.86
N SER B 228 -0.46 -18.30 23.76
CA SER B 228 -0.87 -17.62 22.52
C SER B 228 0.26 -17.69 21.48
N SER B 229 1.41 -17.11 21.81
CA SER B 229 2.58 -17.21 20.95
C SER B 229 3.56 -18.23 21.52
N SER B 230 3.15 -19.50 21.48
CA SER B 230 3.87 -20.56 22.16
C SER B 230 5.18 -20.84 21.45
N TYR B 231 6.22 -20.08 21.77
CA TYR B 231 7.51 -20.17 21.10
C TYR B 231 8.52 -20.85 22.03
N LYS B 232 9.12 -21.93 21.54
CA LYS B 232 10.21 -22.57 22.28
C LYS B 232 11.42 -21.65 22.37
N GLU B 233 11.66 -20.84 21.33
CA GLU B 233 12.77 -19.90 21.32
C GLU B 233 12.54 -18.83 22.37
N GLY B 234 13.36 -18.82 23.41
CA GLY B 234 13.21 -17.86 24.48
C GLY B 234 12.21 -18.29 25.54
N GLU B 235 12.45 -19.44 26.15
CA GLU B 235 11.55 -19.96 27.17
C GLU B 235 11.51 -19.02 28.37
N LEU B 236 10.31 -18.82 28.91
CA LEU B 236 10.10 -17.97 30.07
C LEU B 236 10.43 -18.76 31.33
N ILE B 237 11.35 -18.24 32.13
CA ILE B 237 11.80 -18.91 33.35
C ILE B 237 11.30 -18.09 34.52
N THR B 238 10.24 -18.57 35.17
CA THR B 238 9.69 -17.94 36.37
C THR B 238 9.90 -18.90 37.53
N ILE B 239 10.59 -18.44 38.56
CA ILE B 239 10.91 -19.26 39.72
C ILE B 239 9.95 -18.86 40.84
N GLY B 240 9.16 -19.81 41.31
CA GLY B 240 8.22 -19.54 42.37
C GLY B 240 8.76 -19.91 43.74
N VAL B 241 8.94 -18.91 44.60
CA VAL B 241 9.39 -19.12 45.97
C VAL B 241 8.18 -18.91 46.87
N ALA B 242 7.77 -19.98 47.56
CA ALA B 242 6.58 -19.94 48.40
C ALA B 242 6.91 -20.63 49.71
N THR B 243 5.88 -20.92 50.50
CA THR B 243 6.04 -21.51 51.81
C THR B 243 5.41 -22.89 51.85
N TRP B 244 6.19 -23.87 52.32
CA TRP B 244 5.69 -25.19 52.65
C TRP B 244 5.09 -25.11 54.03
N GLY B 245 3.80 -25.46 54.15
CA GLY B 245 3.07 -25.23 55.37
C GLY B 245 1.99 -24.21 55.11
N THR B 246 2.21 -23.40 54.08
CA THR B 246 1.19 -22.53 53.51
C THR B 246 0.58 -23.10 52.24
N VAL B 247 1.38 -23.81 51.44
CA VAL B 247 0.83 -24.52 50.28
C VAL B 247 -0.26 -25.48 50.74
N HIS B 248 -1.37 -25.48 50.01
CA HIS B 248 -2.58 -26.17 50.50
C HIS B 248 -2.44 -27.68 50.43
N ARG B 249 -2.29 -28.23 49.23
CA ARG B 249 -2.44 -29.67 49.01
C ARG B 249 -1.10 -30.37 48.85
N ARG B 250 -0.11 -30.01 49.67
CA ARG B 250 1.22 -30.59 49.60
C ARG B 250 1.19 -32.09 49.90
N GLU B 251 0.09 -32.57 50.47
CA GLU B 251 -0.10 -34.00 50.65
C GLU B 251 -0.27 -34.65 49.27
N GLY B 252 0.10 -35.91 49.14
CA GLY B 252 0.10 -36.55 47.85
C GLY B 252 1.14 -35.95 46.93
N LEU B 253 2.16 -35.34 47.54
CA LEU B 253 3.26 -34.72 46.83
C LEU B 253 4.56 -35.08 47.54
N ILE B 254 4.44 -35.89 48.58
CA ILE B 254 5.58 -36.31 49.38
C ILE B 254 5.92 -37.75 49.02
N HIS B 255 7.10 -37.93 48.42
CA HIS B 255 7.52 -39.27 48.04
C HIS B 255 9.05 -39.32 47.97
N PRO B 256 9.71 -39.97 48.95
CA PRO B 256 11.17 -39.84 49.08
C PRO B 256 12.00 -40.33 47.91
N THR B 257 11.38 -40.80 46.84
CA THR B 257 12.11 -41.30 45.68
C THR B 257 11.75 -40.50 44.43
N GLY B 258 11.80 -39.17 44.54
CA GLY B 258 11.08 -38.29 43.64
C GLY B 258 11.58 -38.08 42.23
N SER B 259 11.36 -39.06 41.35
CA SER B 259 11.45 -38.86 39.91
C SER B 259 10.07 -38.85 39.26
N PHE B 260 9.03 -38.83 40.07
CA PHE B 260 7.63 -38.98 39.67
C PHE B 260 7.08 -37.69 39.06
N PRO B 261 6.23 -37.81 38.04
CA PRO B 261 5.45 -36.65 37.58
C PRO B 261 4.09 -36.54 38.27
N ALA B 262 4.05 -36.32 39.58
CA ALA B 262 2.78 -36.24 40.28
C ALA B 262 1.97 -35.04 39.82
N GLU B 263 0.68 -35.06 40.14
CA GLU B 263 -0.25 -34.02 39.72
C GLU B 263 -0.79 -33.26 40.93
N TYR B 264 -1.12 -32.00 40.69
CA TYR B 264 -1.66 -31.11 41.70
C TYR B 264 -3.12 -30.80 41.39
N ILE B 265 -3.99 -31.07 42.35
CA ILE B 265 -5.41 -30.73 42.24
C ILE B 265 -5.54 -29.27 42.63
N LEU B 266 -5.66 -28.40 41.62
CA LEU B 266 -5.70 -26.97 41.86
C LEU B 266 -7.07 -26.60 42.43
N ASP B 267 -7.21 -26.67 43.75
CA ASP B 267 -8.45 -26.35 44.42
C ASP B 267 -8.26 -25.06 45.22
N GLU B 268 -8.93 -24.00 44.78
CA GLU B 268 -8.86 -22.70 45.44
C GLU B 268 -10.01 -22.52 46.43
N ASP B 269 -11.05 -23.35 46.30
CA ASP B 269 -12.21 -23.27 47.17
C ASP B 269 -11.95 -23.91 48.52
N GLY B 270 -11.28 -25.06 48.55
CA GLY B 270 -11.08 -25.81 49.78
C GLY B 270 -10.23 -25.09 50.81
N GLN B 271 -9.23 -24.33 50.35
CA GLN B 271 -8.29 -23.68 51.24
C GLN B 271 -8.98 -22.72 52.22
N GLY B 272 -8.53 -22.76 53.48
CA GLY B 272 -9.01 -21.83 54.49
C GLY B 272 -7.99 -20.73 54.72
N ASN B 273 -7.19 -20.86 55.77
CA ASN B 273 -6.08 -19.97 56.02
C ASN B 273 -4.81 -20.56 55.41
N LEU B 274 -4.92 -20.95 54.14
CA LEU B 274 -3.81 -21.51 53.40
C LEU B 274 -3.80 -20.90 52.00
N THR B 275 -3.00 -21.46 51.09
CA THR B 275 -2.99 -20.94 49.72
C THR B 275 -2.51 -22.02 48.75
N CYS B 276 -3.05 -22.02 47.54
CA CYS B 276 -2.67 -22.98 46.51
C CYS B 276 -1.58 -22.38 45.61
N LEU B 277 -0.80 -23.26 44.99
CA LEU B 277 0.27 -22.84 44.10
C LEU B 277 -0.28 -22.32 42.79
N ASP B 278 0.40 -21.34 42.20
CA ASP B 278 0.01 -20.82 40.91
C ASP B 278 0.32 -21.85 39.81
N SER B 279 -0.54 -21.89 38.80
CA SER B 279 -0.37 -22.86 37.73
C SER B 279 0.81 -22.48 36.83
N ASN B 280 0.90 -21.22 36.43
CA ASN B 280 1.87 -20.79 35.43
C ASN B 280 3.16 -20.36 36.12
N HIS B 281 4.05 -21.33 36.35
CA HIS B 281 5.37 -21.05 36.89
C HIS B 281 6.31 -22.17 36.47
N SER B 282 7.44 -21.81 35.87
CA SER B 282 8.34 -22.83 35.35
C SER B 282 8.90 -23.72 36.45
N HIS B 283 9.28 -23.13 37.58
CA HIS B 283 9.90 -23.90 38.66
C HIS B 283 9.39 -23.39 40.00
N PHE B 284 9.47 -24.25 41.01
CA PHE B 284 8.94 -23.97 42.33
C PHE B 284 10.00 -24.27 43.39
N ILE B 285 10.13 -23.37 44.36
CA ILE B 285 11.00 -23.56 45.51
C ILE B 285 10.17 -23.31 46.75
N LEU B 286 10.12 -24.30 47.64
CA LEU B 286 9.27 -24.23 48.83
C LEU B 286 10.15 -24.30 50.07
N VAL B 287 9.94 -23.37 50.99
CA VAL B 287 10.71 -23.29 52.22
C VAL B 287 9.79 -23.53 53.40
N ASP B 288 10.34 -24.09 54.46
CA ASP B 288 9.53 -24.46 55.61
C ASP B 288 10.39 -24.53 56.86
N ASP B 289 9.75 -24.33 58.01
CA ASP B 289 10.34 -24.62 59.30
C ASP B 289 9.68 -25.83 59.98
N GLY B 290 8.90 -26.60 59.23
CA GLY B 290 8.10 -27.65 59.85
C GLY B 290 6.98 -27.03 60.67
N THR B 291 6.21 -26.15 60.06
CA THR B 291 5.18 -25.40 60.77
C THR B 291 3.96 -25.36 59.85
N HIS B 292 2.86 -24.78 60.33
CA HIS B 292 1.63 -24.74 59.57
C HIS B 292 1.02 -23.35 59.66
N GLY B 293 0.70 -22.77 58.51
CA GLY B 293 -0.01 -21.51 58.50
C GLY B 293 0.85 -20.27 58.67
N GLN B 294 2.16 -20.41 58.78
CA GLN B 294 3.02 -19.24 58.89
C GLN B 294 3.31 -18.66 57.52
N TYR B 295 3.43 -17.33 57.48
CA TYR B 295 3.58 -16.61 56.22
C TYR B 295 4.91 -15.91 56.04
N GLY B 296 5.53 -15.41 57.11
CA GLY B 296 6.78 -14.69 56.97
C GLY B 296 8.02 -15.53 57.13
N VAL B 297 8.15 -16.60 56.34
CA VAL B 297 9.26 -17.52 56.44
C VAL B 297 10.11 -17.53 55.17
N GLU B 298 9.51 -17.26 54.01
CA GLU B 298 10.25 -17.27 52.76
C GLU B 298 11.02 -15.98 52.50
N ILE B 299 10.78 -14.92 53.27
CA ILE B 299 11.46 -13.66 53.05
C ILE B 299 12.96 -13.82 53.29
N PRO B 300 13.43 -14.38 54.43
CA PRO B 300 14.88 -14.46 54.62
C PRO B 300 15.49 -15.70 53.97
N LEU B 301 15.06 -16.03 52.76
CA LEU B 301 15.79 -16.97 51.92
C LEU B 301 15.69 -16.47 50.48
N ARG B 302 14.88 -15.44 50.28
CA ARG B 302 14.72 -14.85 48.96
C ARG B 302 15.74 -13.73 48.79
N THR B 303 15.82 -12.84 49.78
CA THR B 303 16.85 -11.81 49.77
C THR B 303 18.24 -12.43 49.82
N ARG B 304 18.42 -13.45 50.65
CA ARG B 304 19.71 -14.12 50.74
C ARG B 304 20.10 -14.80 49.43
N LEU B 305 19.15 -15.46 48.77
CA LEU B 305 19.43 -16.08 47.48
C LEU B 305 19.75 -15.03 46.42
N GLU B 306 18.98 -13.95 46.38
CA GLU B 306 19.18 -12.91 45.39
C GLU B 306 20.51 -12.19 45.57
N LYS B 307 20.91 -11.93 46.81
CA LYS B 307 22.21 -11.34 47.08
C LYS B 307 23.35 -12.19 46.53
N PHE B 308 23.24 -13.51 46.58
CA PHE B 308 24.24 -14.42 46.04
C PHE B 308 24.19 -14.51 44.52
N ILE B 309 23.00 -14.56 43.95
CA ILE B 309 22.90 -14.61 42.49
C ILE B 309 23.43 -13.34 41.87
N SER B 310 23.19 -12.19 42.52
CA SER B 310 23.77 -10.95 42.05
C SER B 310 25.28 -10.94 42.13
N GLU B 311 25.86 -11.52 43.18
CA GLU B 311 27.32 -11.61 43.29
C GLU B 311 27.90 -12.56 42.26
N GLN B 312 27.16 -13.60 41.87
CA GLN B 312 27.64 -14.52 40.86
C GLN B 312 27.83 -13.80 39.53
N THR B 313 28.78 -14.29 38.74
CA THR B 313 29.19 -13.60 37.52
C THR B 313 29.08 -14.52 36.30
N LYS B 314 28.86 -13.89 35.15
CA LYS B 314 28.78 -14.58 33.87
C LYS B 314 30.09 -14.38 33.11
N GLU B 315 30.40 -15.30 32.19
CA GLU B 315 31.68 -15.23 31.49
C GLU B 315 31.51 -15.02 29.99
N ARG B 316 30.68 -15.85 29.36
CA ARG B 316 30.41 -15.80 27.93
C ARG B 316 31.64 -15.64 27.05
N GLY B 317 31.48 -14.99 25.90
CA GLY B 317 32.51 -15.05 24.88
C GLY B 317 33.80 -14.38 25.29
N GLY B 318 33.80 -13.06 25.38
CA GLY B 318 35.02 -12.34 25.73
C GLY B 318 34.92 -11.50 26.97
N VAL B 319 33.73 -11.00 27.28
CA VAL B 319 33.56 -10.05 28.38
C VAL B 319 32.79 -10.70 29.52
N ALA B 320 33.20 -10.41 30.75
CA ALA B 320 32.56 -10.96 31.93
C ALA B 320 31.82 -9.84 32.65
N ILE B 321 30.57 -10.11 33.02
CA ILE B 321 29.73 -9.11 33.65
C ILE B 321 29.30 -9.58 35.02
N LYS B 322 28.75 -8.68 35.82
CA LYS B 322 28.14 -9.00 37.10
C LYS B 322 26.62 -8.98 36.91
N ILE B 323 25.97 -10.07 37.29
CA ILE B 323 24.55 -10.23 37.02
C ILE B 323 23.77 -9.16 37.76
N PRO B 324 23.01 -8.33 37.06
CA PRO B 324 22.24 -7.26 37.72
C PRO B 324 20.95 -7.82 38.31
N ILE B 325 20.20 -6.94 38.96
CA ILE B 325 18.96 -7.32 39.62
C ILE B 325 18.05 -6.10 39.66
N VAL B 326 16.74 -6.35 39.64
CA VAL B 326 15.76 -5.28 39.63
C VAL B 326 14.52 -5.75 40.36
N CYS B 327 13.81 -4.81 40.98
CA CYS B 327 12.56 -5.09 41.66
C CYS B 327 11.42 -4.35 40.97
N VAL B 328 10.31 -5.08 40.77
CA VAL B 328 9.14 -4.52 40.09
C VAL B 328 7.96 -4.59 41.05
N VAL B 329 7.51 -3.45 41.55
CA VAL B 329 6.48 -3.44 42.58
C VAL B 329 5.10 -3.25 41.95
N LEU B 330 4.07 -3.58 42.73
CA LEU B 330 2.66 -3.38 42.41
C LEU B 330 1.96 -3.06 43.72
N GLU B 331 0.64 -3.26 43.79
CA GLU B 331 -0.06 -3.11 45.07
C GLU B 331 0.64 -3.97 46.12
N GLY B 332 0.94 -3.36 47.26
CA GLY B 332 1.56 -4.09 48.35
C GLY B 332 1.10 -3.55 49.69
N GLY B 333 1.25 -4.37 50.72
CA GLY B 333 0.90 -3.97 52.06
C GLY B 333 2.11 -3.50 52.84
N PRO B 334 2.08 -3.65 54.15
CA PRO B 334 3.21 -3.23 54.98
C PRO B 334 4.48 -4.01 54.70
N GLY B 335 4.35 -5.22 54.17
CA GLY B 335 5.52 -6.05 53.92
C GLY B 335 6.20 -5.77 52.60
N THR B 336 5.48 -5.15 51.67
CA THR B 336 6.06 -4.78 50.39
C THR B 336 6.93 -3.55 50.56
N LEU B 337 6.49 -2.62 51.39
CA LEU B 337 7.23 -1.40 51.68
C LEU B 337 8.57 -1.72 52.32
N HIS B 338 8.58 -2.67 53.27
CA HIS B 338 9.82 -3.10 53.89
C HIS B 338 10.78 -3.74 52.91
N THR B 339 10.27 -4.57 51.99
CA THR B 339 11.09 -5.13 50.93
C THR B 339 11.66 -4.06 50.02
N ILE B 340 10.86 -3.06 49.67
CA ILE B 340 11.36 -1.96 48.84
C ILE B 340 12.50 -1.24 49.56
N ASP B 341 12.32 -0.98 50.86
CA ASP B 341 13.38 -0.32 51.60
C ASP B 341 14.64 -1.16 51.66
N ASN B 342 14.51 -2.45 51.99
CA ASN B 342 15.67 -3.32 52.08
C ASN B 342 16.37 -3.50 50.75
N ALA B 343 15.65 -3.44 49.64
CA ALA B 343 16.28 -3.61 48.33
C ALA B 343 17.15 -2.42 47.98
N THR B 344 16.63 -1.21 48.19
CA THR B 344 17.39 -0.01 47.81
C THR B 344 18.60 0.19 48.70
N THR B 345 18.54 -0.25 49.94
CA THR B 345 19.68 -0.10 50.84
C THR B 345 20.89 -0.88 50.32
N ASN B 346 20.66 -2.10 49.82
CA ASN B 346 21.74 -2.89 49.24
C ASN B 346 22.18 -2.38 47.88
N GLY B 347 21.46 -1.44 47.28
CA GLY B 347 21.85 -0.90 46.00
C GLY B 347 21.22 -1.55 44.80
N THR B 348 20.00 -2.06 44.93
CA THR B 348 19.31 -2.71 43.83
C THR B 348 18.17 -1.81 43.36
N PRO B 349 18.19 -1.34 42.11
CA PRO B 349 17.12 -0.44 41.65
C PRO B 349 15.78 -1.15 41.59
N CYS B 350 14.73 -0.35 41.78
CA CYS B 350 13.37 -0.86 41.75
C CYS B 350 12.50 0.09 40.95
N VAL B 351 11.41 -0.44 40.41
CA VAL B 351 10.52 0.30 39.51
C VAL B 351 9.11 0.25 40.08
N VAL B 352 8.41 1.38 40.01
CA VAL B 352 7.04 1.50 40.51
C VAL B 352 6.15 1.94 39.35
N VAL B 353 5.03 1.24 39.16
CA VAL B 353 4.11 1.56 38.07
C VAL B 353 3.22 2.72 38.49
N GLU B 354 2.70 3.46 37.51
CA GLU B 354 1.88 4.64 37.82
C GLU B 354 0.43 4.29 38.05
N GLY B 355 0.15 3.74 39.22
CA GLY B 355 -1.18 3.64 39.77
C GLY B 355 -1.80 2.28 39.62
N SER B 356 -1.53 1.42 40.62
CA SER B 356 -2.36 0.28 40.96
C SER B 356 -1.97 -0.15 42.36
N GLY B 357 -2.70 0.30 43.38
CA GLY B 357 -2.42 -0.26 44.68
C GLY B 357 -2.15 0.65 45.85
N ARG B 358 -2.10 0.04 47.03
CA ARG B 358 -1.94 0.74 48.30
C ARG B 358 -0.60 1.46 48.42
N VAL B 359 0.50 0.71 48.48
CA VAL B 359 1.78 1.28 48.88
C VAL B 359 2.53 1.79 47.66
N ALA B 360 2.26 1.19 46.50
CA ALA B 360 2.90 1.62 45.26
C ALA B 360 2.47 3.02 44.84
N ASP B 361 1.19 3.35 44.99
CA ASP B 361 0.71 4.63 44.48
C ASP B 361 1.13 5.78 45.38
N VAL B 362 1.25 5.52 46.68
CA VAL B 362 1.75 6.53 47.61
C VAL B 362 3.14 6.95 47.18
N ILE B 363 4.01 5.95 46.95
CA ILE B 363 5.37 6.22 46.49
C ILE B 363 5.38 6.90 45.14
N ALA B 364 4.52 6.46 44.21
CA ALA B 364 4.46 7.09 42.91
C ALA B 364 4.09 8.56 43.00
N GLN B 365 3.14 8.91 43.86
CA GLN B 365 2.74 10.31 44.00
C GLN B 365 3.83 11.13 44.69
N VAL B 366 4.37 10.63 45.81
CA VAL B 366 5.49 11.34 46.42
C VAL B 366 6.79 10.73 45.89
N ALA B 367 7.23 11.20 44.72
CA ALA B 367 8.48 10.76 44.14
C ALA B 367 9.33 11.91 43.62
N ASN B 368 8.72 13.05 43.29
CA ASN B 368 9.45 14.23 42.86
C ASN B 368 9.54 15.31 43.92
N LEU B 369 8.72 15.23 44.96
CA LEU B 369 8.74 16.20 46.04
C LEU B 369 10.05 16.11 46.80
N PRO B 370 10.61 17.23 47.26
CA PRO B 370 11.76 17.15 48.18
C PRO B 370 11.36 16.51 49.49
N VAL B 371 12.32 16.41 50.41
CA VAL B 371 12.06 15.73 51.67
C VAL B 371 11.26 16.66 52.58
N SER B 372 9.93 16.58 52.48
CA SER B 372 9.00 17.36 53.29
C SER B 372 7.72 16.53 53.36
N ASP B 373 7.53 15.82 54.46
CA ASP B 373 6.56 14.74 54.51
C ASP B 373 5.65 14.79 55.74
N ILE B 374 4.97 13.67 55.98
CA ILE B 374 3.93 13.38 56.98
C ILE B 374 2.63 14.05 56.53
N THR B 375 2.57 14.40 55.25
CA THR B 375 1.27 14.59 54.61
C THR B 375 0.61 13.24 54.37
N ILE B 376 1.28 12.17 54.79
CA ILE B 376 0.86 10.80 54.55
C ILE B 376 -0.47 10.51 55.22
N SER B 377 -0.77 11.21 56.32
CA SER B 377 -2.06 11.05 56.99
C SER B 377 -3.19 11.28 56.00
N LEU B 378 -2.99 12.20 55.05
CA LEU B 378 -3.99 12.45 54.04
C LEU B 378 -3.85 11.49 52.86
N ILE B 379 -2.62 11.28 52.38
CA ILE B 379 -2.39 10.55 51.13
C ILE B 379 -2.56 9.05 51.29
N GLN B 380 -2.65 8.54 52.52
CA GLN B 380 -2.78 7.11 52.76
C GLN B 380 -4.21 6.64 52.59
N GLN B 381 -5.12 7.52 52.20
CA GLN B 381 -6.48 7.14 51.89
C GLN B 381 -6.57 6.15 50.74
N LYS B 382 -5.53 6.05 49.92
CA LYS B 382 -5.56 5.12 48.79
C LYS B 382 -5.66 3.68 49.25
N LEU B 383 -5.31 3.43 50.52
CA LEU B 383 -5.70 2.18 51.19
C LEU B 383 -7.17 2.32 51.56
N SER B 384 -8.02 2.19 50.53
CA SER B 384 -9.43 2.57 50.67
C SER B 384 -10.12 1.76 51.76
N VAL B 385 -9.86 0.45 51.82
CA VAL B 385 -10.45 -0.39 52.85
C VAL B 385 -9.98 0.01 54.24
N PHE B 386 -8.84 0.72 54.33
CA PHE B 386 -8.43 1.40 55.56
C PHE B 386 -8.09 0.43 56.68
N PHE B 387 -7.47 -0.71 56.30
CA PHE B 387 -7.16 -1.79 57.24
C PHE B 387 -6.71 -1.25 58.59
N GLN B 388 -7.25 -1.86 59.65
CA GLN B 388 -7.28 -1.37 61.01
C GLN B 388 -8.20 -0.16 61.07
N GLU B 389 -9.18 -0.11 60.17
CA GLU B 389 -10.46 0.60 60.26
C GLU B 389 -10.47 2.08 59.92
N MET B 390 -9.32 2.72 59.70
CA MET B 390 -9.22 4.02 59.03
C MET B 390 -7.78 4.53 59.09
N PHE B 391 -7.56 5.70 58.44
CA PHE B 391 -6.20 6.19 58.24
C PHE B 391 -5.58 6.73 59.52
N GLU B 392 -6.35 7.47 60.33
CA GLU B 392 -5.80 7.97 61.59
C GLU B 392 -5.63 6.84 62.60
N THR B 393 -6.34 5.72 62.40
CA THR B 393 -6.29 4.60 63.33
C THR B 393 -5.63 3.36 62.78
N PHE B 394 -4.78 3.47 61.74
CA PHE B 394 -3.78 2.42 61.58
C PHE B 394 -2.98 2.25 62.87
N THR B 395 -2.10 3.22 63.16
CA THR B 395 -1.42 3.38 64.44
C THR B 395 -0.56 4.62 64.33
N GLU B 396 -0.42 5.39 65.41
CA GLU B 396 0.53 6.50 65.37
C GLU B 396 1.95 5.98 65.17
N SER B 397 2.29 4.87 65.82
CA SER B 397 3.62 4.28 65.67
C SER B 397 3.85 3.81 64.24
N ARG B 398 2.86 3.16 63.64
CA ARG B 398 3.07 2.64 62.30
C ARG B 398 3.11 3.76 61.26
N ILE B 399 2.33 4.83 61.48
CA ILE B 399 2.43 5.97 60.57
C ILE B 399 3.79 6.65 60.69
N VAL B 400 4.27 6.85 61.92
CA VAL B 400 5.56 7.52 62.07
C VAL B 400 6.69 6.61 61.59
N GLU B 401 6.47 5.30 61.60
CA GLU B 401 7.43 4.39 60.98
C GLU B 401 7.41 4.48 59.46
N TRP B 402 6.23 4.51 58.85
CA TRP B 402 6.13 4.61 57.41
C TRP B 402 6.63 5.92 56.86
N THR B 403 6.52 7.01 57.63
CA THR B 403 7.10 8.27 57.17
C THR B 403 8.61 8.16 56.96
N LYS B 404 9.32 7.54 57.90
CA LYS B 404 10.76 7.34 57.78
C LYS B 404 11.08 6.50 56.56
N LYS B 405 10.32 5.43 56.36
CA LYS B 405 10.56 4.55 55.21
C LYS B 405 10.35 5.28 53.90
N ILE B 406 9.27 6.05 53.78
CA ILE B 406 9.01 6.79 52.54
C ILE B 406 10.10 7.81 52.29
N GLN B 407 10.55 8.49 53.35
CA GLN B 407 11.63 9.46 53.20
C GLN B 407 12.89 8.77 52.71
N ASP B 408 13.20 7.61 53.27
CA ASP B 408 14.38 6.85 52.89
C ASP B 408 14.30 6.43 51.42
N ILE B 409 13.12 5.98 50.99
CA ILE B 409 12.97 5.57 49.59
C ILE B 409 13.15 6.75 48.66
N VAL B 410 12.45 7.86 48.92
CA VAL B 410 12.55 9.02 48.05
C VAL B 410 13.94 9.63 48.04
N ARG B 411 14.69 9.48 49.13
CA ARG B 411 16.01 10.11 49.23
C ARG B 411 16.99 9.59 48.20
N ARG B 412 16.94 8.29 47.87
CA ARG B 412 17.81 7.72 46.85
C ARG B 412 17.15 7.93 45.49
N ARG B 413 17.48 9.07 44.86
CA ARG B 413 16.90 9.40 43.57
C ARG B 413 17.34 8.42 42.49
N GLN B 414 18.63 8.05 42.48
CA GLN B 414 19.13 7.17 41.44
C GLN B 414 18.55 5.76 41.55
N LEU B 415 18.48 5.24 42.77
CA LEU B 415 18.05 3.85 42.97
C LEU B 415 16.56 3.65 42.79
N LEU B 416 15.78 4.72 42.67
CA LEU B 416 14.33 4.63 42.55
C LEU B 416 13.90 5.26 41.24
N THR B 417 12.97 4.61 40.56
CA THR B 417 12.29 5.18 39.41
C THR B 417 10.81 4.85 39.49
N VAL B 418 10.00 5.71 38.88
CA VAL B 418 8.56 5.49 38.83
C VAL B 418 8.14 5.45 37.37
N PHE B 419 7.30 4.48 37.03
CA PHE B 419 6.88 4.27 35.65
C PHE B 419 5.62 5.10 35.42
N ARG B 420 5.81 6.41 35.29
CA ARG B 420 4.69 7.32 35.03
C ARG B 420 4.03 6.95 33.72
N GLU B 421 2.72 6.69 33.78
CA GLU B 421 2.03 6.09 32.64
C GLU B 421 2.13 6.96 31.39
N GLY B 422 1.47 8.12 31.41
CA GLY B 422 1.36 8.95 30.22
C GLY B 422 2.68 9.43 29.66
N LYS B 423 3.70 9.54 30.50
CA LYS B 423 4.96 10.13 30.11
C LYS B 423 6.03 9.09 29.78
N ASP B 424 5.87 7.83 30.22
CA ASP B 424 6.90 6.83 30.03
C ASP B 424 6.43 5.57 29.31
N GLY B 425 5.15 5.21 29.42
CA GLY B 425 4.68 4.01 28.74
C GLY B 425 4.75 4.12 27.23
N GLN B 426 4.50 5.31 26.69
CA GLN B 426 4.70 5.54 25.27
C GLN B 426 6.15 5.33 24.86
N GLN B 427 7.11 5.65 25.72
CA GLN B 427 8.48 5.22 25.47
C GLN B 427 8.50 3.70 25.48
N ASP B 428 8.29 3.12 26.66
CA ASP B 428 7.94 1.72 26.89
C ASP B 428 7.90 1.52 28.39
N VAL B 429 7.51 0.31 28.79
CA VAL B 429 7.87 -0.19 30.11
C VAL B 429 9.21 -0.93 30.06
N ASP B 430 9.54 -1.54 28.91
CA ASP B 430 10.83 -2.21 28.75
C ASP B 430 11.98 -1.23 28.92
N VAL B 431 11.85 -0.05 28.30
CA VAL B 431 12.95 0.90 28.36
C VAL B 431 13.16 1.41 29.77
N ALA B 432 12.11 1.69 30.54
CA ALA B 432 12.32 2.15 31.91
C ALA B 432 12.86 1.03 32.78
N ILE B 433 12.38 -0.21 32.56
CA ILE B 433 12.89 -1.33 33.34
C ILE B 433 14.34 -1.62 33.03
N LEU B 434 14.86 -1.15 31.89
CA LEU B 434 16.31 -1.15 31.71
C LEU B 434 16.97 0.18 32.02
N GLN B 435 16.20 1.26 32.17
CA GLN B 435 16.76 2.49 32.70
C GLN B 435 17.20 2.31 34.13
N ALA B 436 16.43 1.54 34.90
CA ALA B 436 16.77 1.35 36.31
C ALA B 436 18.19 0.80 36.46
N LEU B 437 18.50 -0.28 35.72
CA LEU B 437 19.82 -0.90 35.85
C LEU B 437 20.91 0.04 35.36
N LEU B 438 20.69 0.71 34.23
CA LEU B 438 21.72 1.60 33.71
C LEU B 438 21.97 2.77 34.65
N LYS B 439 20.92 3.33 35.26
CA LYS B 439 21.10 4.39 36.22
C LYS B 439 21.86 3.90 37.45
N ALA B 440 21.53 2.70 37.94
CA ALA B 440 22.26 2.17 39.09
C ALA B 440 23.74 1.99 38.77
N SER B 441 24.04 1.42 37.59
CA SER B 441 25.42 1.24 37.20
C SER B 441 26.14 2.57 37.01
N ARG B 442 25.46 3.58 36.47
CA ARG B 442 26.07 4.89 36.31
C ARG B 442 26.38 5.53 37.65
N SER B 443 25.47 5.39 38.62
CA SER B 443 25.65 5.99 39.93
C SER B 443 26.64 5.22 40.80
N GLN B 444 26.91 3.95 40.49
CA GLN B 444 27.87 3.19 41.28
C GLN B 444 29.27 3.79 41.16
N ASP B 445 30.01 3.74 42.27
CA ASP B 445 31.38 4.22 42.28
C ASP B 445 32.28 3.27 41.49
N HIS B 446 33.10 3.83 40.59
CA HIS B 446 33.73 3.02 39.55
C HIS B 446 35.19 3.35 39.25
N PHE B 447 35.78 4.38 39.85
CA PHE B 447 37.17 4.74 39.60
C PHE B 447 37.44 5.03 38.13
N GLY B 448 36.82 6.09 37.62
CA GLY B 448 37.21 6.64 36.35
C GLY B 448 36.26 6.23 35.24
N HIS B 449 36.70 5.24 34.46
CA HIS B 449 36.08 4.90 33.18
C HIS B 449 35.38 3.54 33.20
N GLU B 450 35.46 2.81 34.31
CA GLU B 450 34.98 1.43 34.34
C GLU B 450 33.47 1.35 34.11
N ASN B 451 32.73 2.39 34.53
CA ASN B 451 31.27 2.33 34.46
C ASN B 451 30.78 2.26 33.01
N TRP B 452 31.40 3.01 32.10
CA TRP B 452 30.94 2.99 30.72
C TRP B 452 31.14 1.62 30.09
N ASP B 453 32.31 1.03 30.28
CA ASP B 453 32.56 -0.29 29.71
C ASP B 453 31.71 -1.36 30.36
N HIS B 454 31.40 -1.23 31.65
CA HIS B 454 30.48 -2.17 32.27
C HIS B 454 29.09 -2.05 31.68
N GLN B 455 28.63 -0.81 31.42
CA GLN B 455 27.33 -0.63 30.79
C GLN B 455 27.31 -1.21 29.38
N LEU B 456 28.38 -1.03 28.61
CA LEU B 456 28.45 -1.66 27.29
C LEU B 456 28.45 -3.17 27.38
N LYS B 457 29.16 -3.73 28.36
CA LYS B 457 29.16 -5.17 28.56
C LYS B 457 27.75 -5.67 28.85
N LEU B 458 27.01 -4.96 29.70
CA LEU B 458 25.64 -5.32 29.97
C LEU B 458 24.78 -5.23 28.72
N ALA B 459 24.97 -4.17 27.93
CA ALA B 459 24.19 -3.98 26.72
C ALA B 459 24.44 -5.09 25.70
N VAL B 460 25.66 -5.62 25.65
CA VAL B 460 25.94 -6.74 24.76
C VAL B 460 25.08 -7.94 25.12
N ALA B 461 25.01 -8.26 26.41
CA ALA B 461 24.17 -9.38 26.84
C ALA B 461 22.69 -9.08 26.71
N TRP B 462 22.27 -7.82 26.85
CA TRP B 462 20.84 -7.53 26.74
C TRP B 462 20.29 -7.86 25.36
N ASN B 463 21.15 -7.78 24.33
CA ASN B 463 20.71 -7.86 22.94
C ASN B 463 19.65 -6.81 22.67
N ARG B 464 19.83 -5.64 23.27
CA ARG B 464 18.95 -4.49 23.08
C ARG B 464 19.78 -3.39 22.43
N VAL B 465 19.85 -3.45 21.09
CA VAL B 465 20.68 -2.49 20.35
C VAL B 465 20.09 -1.08 20.46
N ASP B 466 18.77 -0.96 20.52
CA ASP B 466 18.16 0.35 20.63
C ASP B 466 18.59 1.05 21.92
N ILE B 467 18.57 0.35 23.06
CA ILE B 467 19.04 0.95 24.29
C ILE B 467 20.54 1.20 24.23
N ALA B 468 21.31 0.20 23.77
CA ALA B 468 22.76 0.34 23.72
C ALA B 468 23.16 1.55 22.89
N ARG B 469 22.36 1.90 21.90
CA ARG B 469 22.61 3.12 21.16
C ARG B 469 22.12 4.34 21.95
N SER B 470 20.81 4.43 22.14
CA SER B 470 20.19 5.66 22.59
C SER B 470 20.63 6.11 23.98
N GLU B 471 21.21 5.23 24.79
CA GLU B 471 21.54 5.62 26.16
C GLU B 471 23.04 5.71 26.40
N ILE B 472 23.83 4.78 25.87
CA ILE B 472 25.27 4.82 26.13
C ILE B 472 26.06 5.04 24.85
N PHE B 473 25.45 5.67 23.85
CA PHE B 473 26.24 6.24 22.77
C PHE B 473 25.74 7.62 22.36
N MET B 474 24.57 8.05 22.83
CA MET B 474 24.08 9.41 22.63
C MET B 474 24.55 10.35 23.73
N ASP B 475 25.24 9.81 24.73
CA ASP B 475 25.81 10.60 25.81
C ASP B 475 27.26 10.90 25.42
N GLU B 476 27.69 12.11 25.76
CA GLU B 476 29.01 12.57 25.32
C GLU B 476 30.09 12.23 26.34
N TRP B 477 30.41 10.96 26.46
CA TRP B 477 31.57 10.53 27.22
C TRP B 477 32.75 10.33 26.29
N GLN B 478 33.96 10.41 26.85
CA GLN B 478 35.17 10.20 26.07
C GLN B 478 35.34 8.71 25.84
N TRP B 479 35.59 8.33 24.59
CA TRP B 479 35.91 6.95 24.25
C TRP B 479 36.77 6.92 23.00
N LYS B 480 37.72 5.99 22.98
CA LYS B 480 38.50 5.73 21.77
C LYS B 480 38.00 4.46 21.10
N PRO B 481 38.11 4.36 19.77
CA PRO B 481 37.66 3.15 19.08
C PRO B 481 38.37 1.88 19.52
N SER B 482 39.58 1.99 20.08
CA SER B 482 40.30 0.80 20.53
C SER B 482 39.62 0.19 21.75
N ASP B 483 38.89 1.00 22.52
CA ASP B 483 38.26 0.54 23.75
C ASP B 483 37.12 -0.42 23.49
N LEU B 484 36.63 -0.47 22.25
CA LEU B 484 35.52 -1.33 21.89
C LEU B 484 35.94 -2.71 21.42
N HIS B 485 37.24 -2.97 21.32
CA HIS B 485 37.74 -4.23 20.81
C HIS B 485 37.31 -5.44 21.64
N PRO B 486 37.43 -5.42 22.98
CA PRO B 486 36.91 -6.56 23.76
C PRO B 486 35.43 -6.79 23.59
N THR B 487 34.64 -5.73 23.42
CA THR B 487 33.23 -5.85 23.11
C THR B 487 32.97 -6.25 21.67
N MET B 488 33.77 -5.75 20.73
CA MET B 488 33.67 -6.18 19.34
C MET B 488 33.87 -7.68 19.21
N THR B 489 34.86 -8.23 19.92
CA THR B 489 35.08 -9.67 19.87
C THR B 489 33.88 -10.44 20.39
N ALA B 490 33.31 -9.99 21.50
CA ALA B 490 32.14 -10.68 22.06
C ALA B 490 30.97 -10.64 21.10
N ALA B 491 30.73 -9.49 20.47
CA ALA B 491 29.66 -9.39 19.49
C ALA B 491 29.91 -10.30 18.28
N LEU B 492 31.14 -10.35 17.78
CA LEU B 492 31.43 -11.23 16.66
C LEU B 492 31.21 -12.68 17.03
N ILE B 493 31.65 -13.10 18.22
CA ILE B 493 31.47 -14.48 18.64
C ILE B 493 29.99 -14.81 18.79
N SER B 494 29.22 -13.91 19.38
CA SER B 494 27.82 -14.18 19.63
C SER B 494 26.92 -13.92 18.43
N ASN B 495 27.48 -13.42 17.32
CA ASN B 495 26.72 -13.26 16.08
C ASN B 495 25.61 -12.23 16.24
N LYS B 496 25.99 -11.04 16.68
CA LYS B 496 25.04 -9.93 16.76
C LYS B 496 25.44 -8.87 15.74
N PRO B 497 25.01 -9.01 14.48
CA PRO B 497 25.44 -8.05 13.46
C PRO B 497 24.97 -6.63 13.73
N GLU B 498 23.90 -6.47 14.51
CA GLU B 498 23.42 -5.13 14.82
C GLU B 498 24.42 -4.34 15.65
N PHE B 499 25.14 -5.01 16.56
CA PHE B 499 26.22 -4.34 17.29
C PHE B 499 27.45 -4.12 16.43
N VAL B 500 27.71 -5.02 15.49
CA VAL B 500 28.80 -4.80 14.54
C VAL B 500 28.56 -3.51 13.75
N LYS B 501 27.33 -3.32 13.27
CA LYS B 501 27.00 -2.10 12.56
C LYS B 501 27.17 -0.87 13.45
N LEU B 502 26.73 -0.95 14.70
CA LEU B 502 26.85 0.19 15.61
C LEU B 502 28.31 0.55 15.85
N PHE B 503 29.16 -0.44 16.07
CA PHE B 503 30.57 -0.15 16.32
C PHE B 503 31.26 0.35 15.08
N LEU B 504 30.89 -0.15 13.90
CA LEU B 504 31.46 0.42 12.68
C LEU B 504 31.00 1.86 12.45
N GLU B 505 29.75 2.19 12.80
CA GLU B 505 29.31 3.57 12.74
C GLU B 505 30.11 4.45 13.69
N ASN B 506 30.35 3.98 14.91
CA ASN B 506 31.12 4.73 15.90
C ASN B 506 32.60 4.79 15.56
N GLY B 507 33.08 3.92 14.67
CA GLY B 507 34.41 4.09 14.14
C GLY B 507 35.43 3.03 14.49
N VAL B 508 35.02 1.78 14.64
CA VAL B 508 35.97 0.69 14.86
C VAL B 508 36.54 0.25 13.52
N GLN B 509 37.78 0.62 13.25
CA GLN B 509 38.43 0.27 11.99
C GLN B 509 38.85 -1.19 12.05
N LEU B 510 38.27 -2.02 11.16
CA LEU B 510 38.57 -3.44 11.16
C LEU B 510 40.03 -3.70 10.80
N LYS B 511 40.58 -2.92 9.87
CA LYS B 511 41.96 -3.12 9.44
C LYS B 511 42.94 -3.00 10.60
N GLU B 512 42.58 -2.28 11.65
CA GLU B 512 43.41 -2.20 12.85
C GLU B 512 42.92 -3.12 13.96
N PHE B 513 41.62 -3.40 14.01
CA PHE B 513 41.09 -4.25 15.06
C PHE B 513 41.52 -5.70 14.89
N VAL B 514 41.58 -6.19 13.65
CA VAL B 514 41.86 -7.60 13.42
C VAL B 514 43.34 -7.89 13.56
N THR B 515 43.75 -8.36 14.72
CA THR B 515 45.14 -8.72 14.94
C THR B 515 45.32 -10.23 14.84
N TRP B 516 46.58 -10.65 14.85
CA TRP B 516 46.88 -12.09 14.78
C TRP B 516 46.33 -12.83 15.97
N ASP B 517 46.54 -12.29 17.18
CA ASP B 517 45.99 -12.91 18.38
C ASP B 517 44.47 -12.87 18.39
N THR B 518 43.87 -11.81 17.86
CA THR B 518 42.42 -11.75 17.78
C THR B 518 41.87 -12.85 16.89
N LEU B 519 42.51 -13.09 15.74
CA LEU B 519 42.10 -14.20 14.88
C LEU B 519 42.28 -15.53 15.58
N LEU B 520 43.41 -15.72 16.26
CA LEU B 520 43.65 -16.98 16.95
C LEU B 520 42.59 -17.24 18.01
N TYR B 521 42.23 -16.20 18.78
CA TYR B 521 41.17 -16.33 19.77
C TYR B 521 39.81 -16.57 19.13
N LEU B 522 39.52 -15.90 18.01
CA LEU B 522 38.24 -16.07 17.33
C LEU B 522 38.07 -17.49 16.82
N TYR B 523 39.12 -18.07 16.26
CA TYR B 523 39.00 -19.41 15.70
C TYR B 523 38.87 -20.50 16.76
N GLU B 524 39.14 -20.18 18.02
CA GLU B 524 38.90 -21.12 19.11
C GLU B 524 37.48 -21.05 19.64
N ASN B 525 36.65 -20.16 19.11
CA ASN B 525 35.27 -19.99 19.55
C ASN B 525 34.32 -20.08 18.37
N LEU B 526 34.55 -21.07 17.52
CA LEU B 526 33.62 -21.32 16.42
C LEU B 526 32.32 -21.90 16.97
N ASP B 527 31.32 -21.95 16.10
CA ASP B 527 30.06 -22.58 16.46
C ASP B 527 30.30 -24.08 16.59
N PRO B 528 30.09 -24.68 17.76
CA PRO B 528 30.36 -26.12 17.90
C PRO B 528 29.50 -26.99 17.01
N SER B 529 28.34 -26.50 16.57
CA SER B 529 27.46 -27.27 15.70
C SER B 529 27.81 -27.12 14.23
N CYS B 530 28.83 -26.33 13.90
CA CYS B 530 29.18 -26.11 12.51
C CYS B 530 29.99 -27.27 11.95
N LEU B 531 29.99 -27.38 10.62
CA LEU B 531 30.80 -28.40 9.96
C LEU B 531 32.28 -28.04 9.99
N PHE B 532 32.60 -26.75 9.87
CA PHE B 532 33.99 -26.33 9.89
C PHE B 532 34.64 -26.61 11.24
N HIS B 533 33.89 -26.41 12.33
CA HIS B 533 34.43 -26.74 13.64
C HIS B 533 34.71 -28.23 13.77
N SER B 534 33.81 -29.06 13.24
CA SER B 534 34.06 -30.50 13.24
C SER B 534 35.29 -30.86 12.44
N LYS B 535 35.48 -30.24 11.28
CA LYS B 535 36.66 -30.52 10.46
C LYS B 535 37.93 -30.08 11.17
N LEU B 536 37.89 -28.94 11.87
CA LEU B 536 39.04 -28.47 12.63
C LEU B 536 39.35 -29.32 13.85
N GLN B 537 38.33 -29.83 14.55
CA GLN B 537 38.56 -30.74 15.66
C GLN B 537 38.97 -32.12 15.20
N LYS B 538 38.83 -32.41 13.90
CA LYS B 538 39.25 -33.67 13.32
C LYS B 538 40.66 -33.60 12.74
N VAL B 539 41.06 -32.47 12.17
CA VAL B 539 42.44 -32.33 11.72
C VAL B 539 43.39 -32.33 12.92
N LEU B 540 42.96 -31.75 14.05
CA LEU B 540 43.78 -31.78 15.26
C LEU B 540 44.04 -33.20 15.75
N VAL B 541 43.15 -34.14 15.45
CA VAL B 541 43.35 -35.54 15.81
C VAL B 541 44.04 -36.34 14.72
N GLU B 542 43.81 -36.01 13.44
CA GLU B 542 44.58 -36.63 12.37
C GLU B 542 46.06 -36.29 12.51
N ASP B 543 46.37 -35.09 12.96
CA ASP B 543 47.73 -34.73 13.34
C ASP B 543 47.75 -34.53 14.84
N PRO B 544 47.78 -35.61 15.63
CA PRO B 544 47.63 -35.47 17.08
C PRO B 544 48.92 -35.07 17.77
N GLU B 545 48.90 -35.06 19.10
CA GLU B 545 50.02 -34.53 19.86
C GLU B 545 51.26 -35.41 19.75
N ARG B 546 51.10 -36.72 19.83
CA ARG B 546 52.29 -37.58 19.86
C ARG B 546 52.92 -37.84 18.49
N PRO B 547 52.18 -38.39 17.50
CA PRO B 547 52.87 -38.95 16.33
C PRO B 547 53.14 -37.97 15.19
N ALA B 548 52.31 -36.95 15.02
CA ALA B 548 52.42 -36.05 13.86
C ALA B 548 52.92 -34.67 14.25
N CYS B 549 52.23 -34.00 15.17
CA CYS B 549 52.73 -32.74 15.74
C CYS B 549 53.50 -33.10 17.00
N ALA B 550 54.70 -33.64 16.79
CA ALA B 550 55.34 -34.49 17.79
C ALA B 550 55.40 -33.93 19.20
N PRO B 551 55.76 -32.65 19.44
CA PRO B 551 55.70 -32.13 20.82
C PRO B 551 54.31 -32.25 21.42
N ALA B 552 53.33 -31.60 20.79
CA ALA B 552 51.94 -31.64 21.23
C ALA B 552 51.10 -30.86 20.24
N ALA B 553 49.80 -31.17 20.23
CA ALA B 553 48.82 -30.36 19.48
C ALA B 553 47.42 -30.60 20.02
N PRO B 554 47.15 -30.21 21.26
CA PRO B 554 45.76 -30.10 21.72
C PRO B 554 45.18 -28.70 21.62
N ARG B 555 45.96 -27.72 21.15
CA ARG B 555 45.53 -26.35 20.99
C ARG B 555 45.42 -26.04 19.50
N LEU B 556 44.42 -25.26 19.12
CA LEU B 556 44.22 -24.90 17.72
C LEU B 556 45.05 -23.68 17.39
N GLN B 557 45.69 -23.68 16.23
CA GLN B 557 46.54 -22.58 15.81
C GLN B 557 46.49 -22.47 14.29
N MET B 558 46.88 -21.29 13.79
CA MET B 558 46.52 -20.86 12.44
C MET B 558 46.99 -21.80 11.34
N HIS B 559 48.04 -22.59 11.57
CA HIS B 559 48.47 -23.53 10.55
C HIS B 559 47.38 -24.57 10.28
N HIS B 560 46.67 -25.00 11.32
CA HIS B 560 45.62 -26.00 11.15
C HIS B 560 44.48 -25.46 10.30
N VAL B 561 44.02 -24.23 10.59
CA VAL B 561 42.96 -23.65 9.80
C VAL B 561 43.42 -23.37 8.37
N ALA B 562 44.70 -23.00 8.19
CA ALA B 562 45.21 -22.87 6.83
C ALA B 562 45.15 -24.20 6.09
N GLN B 563 45.53 -25.29 6.78
CA GLN B 563 45.49 -26.61 6.16
C GLN B 563 44.07 -26.99 5.76
N VAL B 564 43.10 -26.76 6.64
CA VAL B 564 41.72 -27.13 6.29
C VAL B 564 41.14 -26.23 5.21
N LEU B 565 41.50 -24.94 5.18
CA LEU B 565 41.06 -24.10 4.07
C LEU B 565 41.68 -24.55 2.76
N ARG B 566 42.91 -25.07 2.79
CA ARG B 566 43.47 -25.65 1.58
C ARG B 566 42.65 -26.82 1.07
N GLU B 567 42.20 -27.70 1.97
CA GLU B 567 41.33 -28.80 1.57
C GLU B 567 40.02 -28.29 1.00
N LEU B 568 39.41 -27.29 1.64
CA LEU B 568 38.17 -26.74 1.12
C LEU B 568 38.35 -26.11 -0.26
N LEU B 569 39.46 -25.41 -0.48
CA LEU B 569 39.79 -24.89 -1.79
C LEU B 569 40.38 -26.02 -2.62
N GLY B 570 40.93 -25.68 -3.78
CA GLY B 570 41.45 -26.67 -4.70
C GLY B 570 42.89 -27.04 -4.40
N ASP B 571 43.60 -27.44 -5.45
CA ASP B 571 44.99 -27.86 -5.36
C ASP B 571 45.96 -26.69 -5.53
N PHE B 572 45.57 -25.50 -5.10
CA PHE B 572 46.32 -24.28 -5.38
C PHE B 572 47.49 -24.14 -4.42
N THR B 573 48.13 -22.97 -4.40
CA THR B 573 49.40 -22.80 -3.71
C THR B 573 49.20 -22.83 -2.21
N GLN B 574 50.30 -22.54 -1.50
CA GLN B 574 50.30 -22.58 -0.05
C GLN B 574 49.23 -21.64 0.49
N PRO B 575 48.47 -22.05 1.51
CA PRO B 575 47.31 -21.26 1.94
C PRO B 575 47.68 -19.93 2.57
N LEU B 576 46.65 -19.21 3.04
CA LEU B 576 46.83 -17.82 3.44
C LEU B 576 47.75 -17.67 4.64
N TYR B 577 48.05 -18.75 5.33
CA TYR B 577 48.86 -18.59 6.52
C TYR B 577 50.15 -19.40 6.44
N PRO B 578 51.23 -18.91 7.06
CA PRO B 578 52.58 -19.45 6.80
C PRO B 578 52.77 -20.90 7.23
N ARG B 579 53.01 -21.76 6.27
CA ARG B 579 53.30 -23.18 6.49
C ARG B 579 54.68 -23.43 7.09
N PRO B 580 55.79 -22.90 6.50
CA PRO B 580 57.11 -23.47 6.80
C PRO B 580 57.65 -23.17 8.19
N ARG B 581 58.90 -23.57 8.43
CA ARG B 581 59.52 -23.51 9.75
C ARG B 581 59.42 -22.15 10.42
N HIS B 582 59.20 -21.08 9.65
CA HIS B 582 59.08 -19.75 10.24
C HIS B 582 57.87 -19.65 11.16
N ASN B 583 56.71 -20.13 10.69
CA ASN B 583 55.47 -20.07 11.45
C ASN B 583 54.68 -21.36 11.29
N ASP B 584 55.38 -22.49 11.41
CA ASP B 584 54.70 -23.78 11.44
C ASP B 584 53.94 -23.93 12.75
N ARG B 585 52.65 -23.59 12.72
CA ARG B 585 51.83 -23.50 13.93
C ARG B 585 51.14 -24.83 14.23
N LEU B 586 51.94 -25.79 14.72
CA LEU B 586 51.43 -27.12 15.03
C LEU B 586 51.82 -27.59 16.42
N ARG B 587 52.99 -27.18 16.90
CA ARG B 587 53.68 -27.88 17.97
C ARG B 587 54.19 -26.93 19.04
N LEU B 588 53.32 -26.05 19.53
CA LEU B 588 53.71 -25.16 20.64
C LEU B 588 52.82 -25.43 21.85
N LEU B 589 53.17 -26.49 22.59
CA LEU B 589 52.72 -26.66 23.98
C LEU B 589 53.83 -27.15 24.90
N LEU B 590 54.84 -27.82 24.39
CA LEU B 590 56.06 -28.31 25.00
C LEU B 590 57.18 -27.29 24.84
N PRO B 591 58.19 -27.30 25.70
CA PRO B 591 59.23 -26.27 25.62
C PRO B 591 60.11 -26.41 24.38
N VAL B 592 59.56 -26.06 23.22
CA VAL B 592 60.36 -26.06 21.99
C VAL B 592 61.37 -24.92 22.06
N PRO B 593 62.55 -25.07 21.47
CA PRO B 593 63.56 -24.01 21.59
C PRO B 593 63.16 -22.74 20.87
N HIS B 594 63.78 -21.64 21.30
CA HIS B 594 63.54 -20.31 20.77
C HIS B 594 64.29 -20.09 19.47
N VAL B 595 64.48 -18.82 19.08
CA VAL B 595 64.98 -18.37 17.78
C VAL B 595 66.12 -19.24 17.26
N LYS B 596 66.96 -19.76 18.16
CA LYS B 596 68.04 -20.64 17.76
C LYS B 596 67.55 -21.93 17.11
N LEU B 597 66.26 -22.26 17.28
CA LEU B 597 65.72 -23.50 16.72
C LEU B 597 65.39 -23.34 15.24
N ASN B 598 64.48 -22.42 14.92
CA ASN B 598 64.05 -22.10 13.55
C ASN B 598 63.60 -23.33 12.77
N VAL B 599 63.31 -24.44 13.44
CA VAL B 599 62.80 -25.65 12.82
C VAL B 599 61.55 -26.06 13.58
N GLN B 600 60.43 -26.20 12.87
CA GLN B 600 59.11 -26.51 13.44
C GLN B 600 58.87 -25.77 14.76
N GLY B 601 59.26 -24.50 14.77
CA GLY B 601 59.11 -23.67 15.95
C GLY B 601 59.11 -22.20 15.57
N VAL B 602 59.47 -21.37 16.52
CA VAL B 602 59.51 -19.92 16.32
C VAL B 602 60.90 -19.51 15.89
N SER B 603 60.98 -18.71 14.82
CA SER B 603 62.26 -18.28 14.27
C SER B 603 62.43 -16.77 14.34
N LEU B 604 61.46 -15.99 13.83
CA LEU B 604 61.62 -14.54 13.77
C LEU B 604 60.82 -13.81 14.85
N ARG B 605 59.77 -14.43 15.39
CA ARG B 605 58.94 -13.77 16.39
C ARG B 605 59.70 -13.60 17.69
N SER B 606 59.17 -12.73 18.55
CA SER B 606 59.91 -12.21 19.70
C SER B 606 60.12 -13.26 20.79
N LEU B 607 59.04 -13.74 21.41
CA LEU B 607 59.14 -14.59 22.58
C LEU B 607 58.29 -15.83 22.43
N TYR B 608 58.68 -16.88 23.17
CA TYR B 608 57.91 -18.13 23.26
C TYR B 608 57.25 -18.16 24.63
N LYS B 609 56.04 -17.60 24.70
CA LYS B 609 55.26 -17.49 25.94
C LYS B 609 53.97 -18.29 25.83
N ARG B 610 54.07 -19.52 25.33
CA ARG B 610 52.90 -20.33 24.94
C ARG B 610 52.10 -19.60 23.86
N SER B 611 52.80 -18.80 23.06
CA SER B 611 52.23 -18.05 21.96
C SER B 611 53.34 -17.81 20.94
N SER B 612 53.09 -16.90 20.01
CA SER B 612 54.09 -16.55 19.00
C SER B 612 54.54 -15.10 19.10
N GLY B 613 53.60 -14.16 19.19
CA GLY B 613 53.90 -12.75 19.20
C GLY B 613 52.91 -12.02 18.31
N HIS B 614 53.34 -10.89 17.78
CA HIS B 614 52.50 -10.08 16.89
C HIS B 614 52.92 -10.31 15.44
N VAL B 615 52.25 -11.25 14.78
CA VAL B 615 52.28 -11.32 13.33
C VAL B 615 51.34 -10.22 12.87
N THR B 616 51.90 -9.05 12.54
CA THR B 616 51.20 -7.78 12.59
C THR B 616 49.78 -7.83 12.01
N PHE B 617 49.66 -8.08 10.71
CA PHE B 617 48.33 -8.16 10.12
C PHE B 617 48.19 -9.17 8.99
N THR B 618 49.22 -9.98 8.71
CA THR B 618 49.22 -11.02 7.67
C THR B 618 48.56 -10.55 6.37
N MET B 619 48.70 -9.26 6.07
CA MET B 619 48.43 -8.63 4.77
C MET B 619 47.03 -8.89 4.20
N ASP B 620 46.12 -9.48 4.96
CA ASP B 620 44.70 -9.55 4.58
C ASP B 620 43.81 -9.61 5.81
N PRO B 621 43.86 -8.58 6.67
CA PRO B 621 43.05 -8.61 7.89
C PRO B 621 41.56 -8.66 7.64
N ILE B 622 41.05 -7.98 6.61
CA ILE B 622 39.63 -8.06 6.31
C ILE B 622 39.27 -9.43 5.76
N ARG B 623 40.13 -10.00 4.91
CA ARG B 623 39.88 -11.32 4.37
C ARG B 623 39.88 -12.38 5.47
N ASP B 624 40.67 -12.19 6.53
CA ASP B 624 40.64 -13.14 7.63
C ASP B 624 39.28 -13.17 8.30
N LEU B 625 38.68 -12.01 8.58
CA LEU B 625 37.31 -12.02 9.10
C LEU B 625 36.32 -12.55 8.10
N LEU B 626 36.51 -12.25 6.81
CA LEU B 626 35.56 -12.72 5.81
C LEU B 626 35.52 -14.25 5.77
N ILE B 627 36.68 -14.89 5.80
CA ILE B 627 36.70 -16.36 5.80
C ILE B 627 36.06 -16.91 7.06
N TRP B 628 36.38 -16.32 8.22
CA TRP B 628 35.85 -16.83 9.48
C TRP B 628 34.34 -16.68 9.55
N ALA B 629 33.80 -15.59 9.02
CA ALA B 629 32.35 -15.42 8.97
C ALA B 629 31.70 -16.33 7.94
N ILE B 630 32.37 -16.58 6.81
CA ILE B 630 31.80 -17.43 5.78
C ILE B 630 31.70 -18.87 6.24
N VAL B 631 32.76 -19.40 6.86
CA VAL B 631 32.76 -20.80 7.23
C VAL B 631 31.69 -21.11 8.29
N GLN B 632 31.23 -20.11 9.02
CA GLN B 632 30.19 -20.29 10.03
C GLN B 632 28.79 -20.04 9.49
N ASN B 633 28.65 -19.72 8.21
CA ASN B 633 27.37 -19.46 7.58
C ASN B 633 26.62 -18.29 8.19
N ARG B 634 27.34 -17.29 8.70
CA ARG B 634 26.71 -16.07 9.21
C ARG B 634 26.47 -15.15 8.02
N ARG B 635 25.28 -15.28 7.42
CA ARG B 635 24.98 -14.53 6.19
C ARG B 635 24.98 -13.02 6.44
N GLU B 636 24.29 -12.57 7.49
CA GLU B 636 24.21 -11.14 7.75
C GLU B 636 25.56 -10.57 8.15
N LEU B 637 26.36 -11.33 8.89
CA LEU B 637 27.65 -10.83 9.35
C LEU B 637 28.66 -10.77 8.22
N ALA B 638 28.65 -11.76 7.32
CA ALA B 638 29.64 -11.80 6.24
C ALA B 638 29.45 -10.67 5.24
N GLY B 639 28.19 -10.28 4.96
CA GLY B 639 27.96 -9.20 4.03
C GLY B 639 28.52 -7.88 4.50
N ILE B 640 28.44 -7.61 5.81
CA ILE B 640 29.00 -6.37 6.33
C ILE B 640 30.52 -6.37 6.18
N ILE B 641 31.16 -7.50 6.48
CA ILE B 641 32.62 -7.56 6.40
C ILE B 641 33.09 -7.47 4.95
N TRP B 642 32.36 -8.08 4.02
CA TRP B 642 32.80 -8.04 2.62
C TRP B 642 32.77 -6.63 2.06
N ALA B 643 31.97 -5.73 2.62
CA ALA B 643 31.91 -4.37 2.11
C ALA B 643 33.23 -3.64 2.30
N GLN B 644 33.97 -3.97 3.35
CA GLN B 644 35.27 -3.35 3.62
C GLN B 644 36.43 -4.14 3.01
N SER B 645 36.16 -5.06 2.10
CA SER B 645 37.22 -5.90 1.56
C SER B 645 38.06 -5.13 0.54
N GLN B 646 39.26 -5.66 0.27
CA GLN B 646 40.20 -5.04 -0.65
C GLN B 646 40.23 -5.73 -2.01
N ASP B 647 40.54 -7.03 -2.03
CA ASP B 647 40.57 -7.79 -3.29
C ASP B 647 39.18 -8.35 -3.52
N CYS B 648 38.34 -7.52 -4.14
CA CYS B 648 36.89 -7.70 -4.02
C CYS B 648 36.38 -8.92 -4.77
N ILE B 649 36.60 -8.95 -6.08
CA ILE B 649 36.08 -10.04 -6.90
C ILE B 649 36.71 -11.36 -6.49
N ALA B 650 38.02 -11.34 -6.20
CA ALA B 650 38.69 -12.55 -5.75
C ALA B 650 38.10 -13.07 -4.46
N ALA B 651 37.83 -12.19 -3.50
CA ALA B 651 37.23 -12.61 -2.24
C ALA B 651 35.83 -13.18 -2.46
N ALA B 652 35.02 -12.52 -3.30
CA ALA B 652 33.68 -13.02 -3.54
C ALA B 652 33.71 -14.40 -4.17
N LEU B 653 34.56 -14.60 -5.18
CA LEU B 653 34.65 -15.90 -5.83
C LEU B 653 35.16 -16.96 -4.87
N ALA B 654 36.16 -16.63 -4.06
CA ALA B 654 36.69 -17.61 -3.11
C ALA B 654 35.65 -18.01 -2.08
N CYS B 655 34.88 -17.03 -1.58
CA CYS B 655 33.79 -17.34 -0.68
C CYS B 655 32.74 -18.22 -1.34
N SER B 656 32.41 -17.95 -2.60
CA SER B 656 31.49 -18.82 -3.32
C SER B 656 32.00 -20.24 -3.40
N LYS B 657 33.30 -20.41 -3.72
CA LYS B 657 33.85 -21.76 -3.82
C LYS B 657 33.83 -22.47 -2.47
N ILE B 658 34.21 -21.77 -1.40
CA ILE B 658 34.21 -22.40 -0.08
C ILE B 658 32.80 -22.82 0.31
N LEU B 659 31.81 -21.95 0.08
CA LEU B 659 30.44 -22.29 0.42
C LEU B 659 29.94 -23.46 -0.39
N LYS B 660 30.23 -23.48 -1.69
CA LYS B 660 29.78 -24.57 -2.54
C LYS B 660 30.42 -25.89 -2.15
N GLU B 661 31.71 -25.86 -1.77
CA GLU B 661 32.37 -27.06 -1.30
C GLU B 661 31.84 -27.55 0.04
N LEU B 662 31.53 -26.64 0.95
CA LEU B 662 31.00 -27.03 2.26
C LEU B 662 29.57 -27.54 2.18
N SER B 663 28.79 -27.03 1.22
CA SER B 663 27.40 -27.49 1.08
C SER B 663 27.33 -28.95 0.68
N LYS B 664 28.21 -29.40 -0.23
CA LYS B 664 28.20 -30.78 -0.68
C LYS B 664 28.62 -31.76 0.40
N GLU B 665 29.20 -31.29 1.50
CA GLU B 665 29.63 -32.16 2.59
C GLU B 665 28.75 -32.04 3.81
N GLU B 666 28.06 -30.91 3.98
CA GLU B 666 27.15 -30.71 5.11
C GLU B 666 26.04 -31.74 5.08
N GLU B 667 25.87 -32.45 6.20
CA GLU B 667 24.84 -33.48 6.26
C GLU B 667 23.45 -32.87 6.45
N ASP B 668 23.35 -31.80 7.22
CA ASP B 668 22.06 -31.16 7.45
C ASP B 668 21.56 -30.50 6.17
N THR B 669 20.36 -30.88 5.75
CA THR B 669 19.85 -30.38 4.47
C THR B 669 19.54 -28.89 4.53
N ASP B 670 19.02 -28.41 5.67
CA ASP B 670 18.75 -26.98 5.80
C ASP B 670 20.02 -26.16 5.71
N SER B 671 21.06 -26.60 6.44
CA SER B 671 22.34 -25.89 6.38
C SER B 671 22.95 -25.94 5.00
N SER B 672 22.87 -27.10 4.33
CA SER B 672 23.42 -27.21 2.98
C SER B 672 22.70 -26.29 2.01
N GLU B 673 21.36 -26.25 2.09
CA GLU B 673 20.59 -25.41 1.19
C GLU B 673 20.88 -23.94 1.45
N GLU B 674 20.97 -23.53 2.71
CA GLU B 674 21.30 -22.15 3.01
C GLU B 674 22.70 -21.80 2.53
N MET B 675 23.65 -22.71 2.69
CA MET B 675 25.01 -22.46 2.21
C MET B 675 25.04 -22.29 0.70
N LEU B 676 24.31 -23.15 -0.03
CA LEU B 676 24.27 -23.02 -1.49
C LEU B 676 23.61 -21.72 -1.91
N ALA B 677 22.52 -21.32 -1.24
CA ALA B 677 21.87 -20.06 -1.56
C ALA B 677 22.80 -18.88 -1.31
N LEU B 678 23.55 -18.91 -0.20
CA LEU B 678 24.51 -17.85 0.06
C LEU B 678 25.64 -17.84 -0.97
N ALA B 679 26.06 -19.02 -1.43
CA ALA B 679 27.08 -19.09 -2.47
C ALA B 679 26.59 -18.42 -3.75
N GLU B 680 25.35 -18.69 -4.15
CA GLU B 680 24.80 -18.02 -5.33
C GLU B 680 24.61 -16.54 -5.10
N GLU B 681 24.25 -16.13 -3.89
CA GLU B 681 24.17 -14.70 -3.58
C GLU B 681 25.53 -14.03 -3.76
N TYR B 682 26.60 -14.66 -3.28
CA TYR B 682 27.92 -14.09 -3.44
C TYR B 682 28.37 -14.13 -4.90
N GLU B 683 27.90 -15.12 -5.66
CA GLU B 683 28.06 -15.10 -7.11
C GLU B 683 27.50 -13.82 -7.71
N HIS B 684 26.23 -13.53 -7.42
CA HIS B 684 25.63 -12.32 -7.98
C HIS B 684 26.35 -11.07 -7.48
N ARG B 685 26.82 -11.10 -6.24
CA ARG B 685 27.57 -9.98 -5.70
C ARG B 685 28.86 -9.74 -6.48
N ALA B 686 29.58 -10.81 -6.84
CA ALA B 686 30.77 -10.67 -7.65
C ALA B 686 30.44 -10.22 -9.07
N ILE B 687 29.38 -10.76 -9.65
CA ILE B 687 29.02 -10.41 -11.02
C ILE B 687 28.67 -8.93 -11.13
N GLY B 688 27.96 -8.40 -10.14
CA GLY B 688 27.66 -6.97 -10.16
C GLY B 688 28.89 -6.09 -10.12
N VAL B 689 29.84 -6.40 -9.24
CA VAL B 689 31.07 -5.62 -9.17
C VAL B 689 31.84 -5.72 -10.48
N PHE B 690 31.94 -6.93 -11.04
CA PHE B 690 32.68 -7.06 -12.30
C PHE B 690 31.98 -6.35 -13.44
N THR B 691 30.65 -6.32 -13.45
CA THR B 691 29.94 -5.58 -14.48
C THR B 691 30.20 -4.09 -14.35
N GLU B 692 30.13 -3.56 -13.13
CA GLU B 692 30.43 -2.15 -12.91
C GLU B 692 31.86 -1.83 -13.32
N CYS B 693 32.78 -2.77 -13.13
CA CYS B 693 34.16 -2.54 -13.51
C CYS B 693 34.37 -2.66 -15.02
N TYR B 694 33.62 -3.54 -15.67
CA TYR B 694 33.77 -3.76 -17.09
C TYR B 694 33.13 -2.65 -17.91
N ARG B 695 32.08 -2.02 -17.39
CA ARG B 695 31.46 -0.92 -18.12
C ARG B 695 32.45 0.22 -18.30
N LYS B 696 33.20 0.55 -17.27
CA LYS B 696 34.18 1.63 -17.34
C LYS B 696 35.57 1.03 -17.59
N ASP B 697 36.13 1.31 -18.77
CA ASP B 697 37.49 0.89 -19.12
C ASP B 697 37.62 -0.64 -19.07
N GLU B 698 36.91 -1.28 -20.00
CA GLU B 698 36.96 -2.73 -20.12
C GLU B 698 38.38 -3.25 -20.32
N GLU B 699 39.26 -2.45 -20.93
CA GLU B 699 40.64 -2.89 -21.12
C GLU B 699 41.34 -3.14 -19.81
N ARG B 700 41.20 -2.24 -18.84
CA ARG B 700 41.69 -2.50 -17.50
C ARG B 700 40.85 -3.52 -16.76
N ALA B 701 39.58 -3.67 -17.14
CA ALA B 701 38.76 -4.71 -16.53
C ALA B 701 39.33 -6.09 -16.79
N GLN B 702 39.75 -6.38 -18.02
CA GLN B 702 40.37 -7.70 -18.25
C GLN B 702 41.68 -7.84 -17.51
N LYS B 703 42.46 -6.77 -17.38
CA LYS B 703 43.70 -6.85 -16.60
C LYS B 703 43.41 -7.21 -15.15
N LEU B 704 42.41 -6.56 -14.55
CA LEU B 704 41.96 -6.94 -13.22
C LEU B 704 41.48 -8.38 -13.16
N LEU B 705 40.82 -8.84 -14.21
CA LEU B 705 40.34 -10.22 -14.26
C LEU B 705 41.50 -11.21 -14.18
N THR B 706 42.54 -10.98 -14.99
CA THR B 706 43.63 -11.95 -15.13
C THR B 706 44.74 -11.75 -14.12
N ARG B 707 44.61 -10.78 -13.21
CA ARG B 707 45.65 -10.52 -12.23
C ARG B 707 45.68 -11.59 -11.15
N VAL B 708 46.88 -11.92 -10.69
CA VAL B 708 47.04 -12.85 -9.59
C VAL B 708 46.64 -12.16 -8.29
N SER B 709 46.46 -12.91 -7.22
CA SER B 709 46.07 -12.36 -5.94
C SER B 709 46.93 -13.00 -4.85
N GLU B 710 47.90 -12.24 -4.34
CA GLU B 710 48.70 -12.72 -3.23
C GLU B 710 47.86 -12.96 -1.98
N ALA B 711 46.76 -12.21 -1.83
CA ALA B 711 45.96 -12.31 -0.62
C ALA B 711 45.00 -13.50 -0.66
N TRP B 712 44.92 -14.22 -1.77
CA TRP B 712 43.99 -15.35 -1.91
C TRP B 712 44.72 -16.56 -2.51
N GLY B 713 45.90 -16.85 -1.97
CA GLY B 713 46.60 -18.06 -2.35
C GLY B 713 47.27 -18.04 -3.69
N LYS B 714 47.67 -16.86 -4.18
CA LYS B 714 48.44 -16.73 -5.42
C LYS B 714 47.70 -17.35 -6.60
N THR B 715 46.41 -17.05 -6.71
CA THR B 715 45.59 -17.50 -7.83
C THR B 715 44.98 -16.29 -8.52
N THR B 716 44.25 -16.56 -9.59
CA THR B 716 43.58 -15.54 -10.38
C THR B 716 42.08 -15.72 -10.30
N CYS B 717 41.35 -14.62 -10.50
CA CYS B 717 39.89 -14.68 -10.39
C CYS B 717 39.28 -15.62 -11.41
N LEU B 718 39.77 -15.57 -12.66
CA LEU B 718 39.25 -16.46 -13.69
C LEU B 718 39.45 -17.92 -13.32
N GLN B 719 40.67 -18.30 -12.95
CA GLN B 719 40.94 -19.69 -12.59
C GLN B 719 40.12 -20.09 -11.38
N LEU B 720 40.00 -19.21 -10.38
CA LEU B 720 39.20 -19.54 -9.21
C LEU B 720 37.74 -19.75 -9.54
N ALA B 721 37.23 -19.13 -10.61
CA ALA B 721 35.85 -19.37 -11.00
C ALA B 721 35.65 -20.79 -11.54
N LEU B 722 36.66 -21.32 -12.25
CA LEU B 722 36.49 -22.64 -12.85
C LEU B 722 36.15 -23.72 -11.83
N GLU B 723 36.83 -23.72 -10.69
CA GLU B 723 36.60 -24.78 -9.73
C GLU B 723 35.30 -24.59 -8.95
N ALA B 724 34.92 -23.36 -8.64
CA ALA B 724 33.61 -23.12 -8.04
C ALA B 724 32.49 -23.45 -9.00
N LYS B 725 32.81 -23.59 -10.29
CA LYS B 725 31.97 -24.18 -11.32
C LYS B 725 30.88 -23.23 -11.78
N ASP B 726 30.56 -22.22 -10.97
CA ASP B 726 30.20 -20.88 -11.38
C ASP B 726 29.47 -20.76 -12.72
N MET B 727 28.26 -21.29 -12.82
CA MET B 727 27.51 -21.18 -14.07
C MET B 727 27.44 -19.75 -14.58
N LYS B 728 27.04 -18.82 -13.70
CA LYS B 728 26.58 -17.51 -14.15
C LYS B 728 27.71 -16.51 -14.35
N PHE B 729 28.76 -16.58 -13.54
CA PHE B 729 29.82 -15.58 -13.65
C PHE B 729 30.57 -15.70 -14.97
N VAL B 730 30.90 -16.93 -15.37
CA VAL B 730 31.71 -17.13 -16.57
C VAL B 730 30.92 -16.83 -17.84
N SER B 731 29.60 -16.74 -17.76
CA SER B 731 28.79 -16.50 -18.94
C SER B 731 28.48 -15.02 -19.17
N HIS B 732 29.05 -14.12 -18.38
CA HIS B 732 28.66 -12.72 -18.41
C HIS B 732 29.61 -11.90 -19.27
N GLY B 733 29.22 -11.67 -20.52
CA GLY B 733 29.75 -10.53 -21.27
C GLY B 733 31.26 -10.50 -21.40
N GLY B 734 31.88 -9.61 -20.63
CA GLY B 734 33.32 -9.43 -20.68
C GLY B 734 34.13 -10.69 -20.44
N ILE B 735 33.56 -11.67 -19.72
CA ILE B 735 34.27 -12.93 -19.54
C ILE B 735 34.47 -13.60 -20.89
N GLN B 736 33.39 -13.75 -21.66
CA GLN B 736 33.50 -14.36 -22.98
C GLN B 736 34.21 -13.45 -23.96
N ALA B 737 34.13 -12.13 -23.76
CA ALA B 737 34.93 -11.21 -24.56
C ALA B 737 36.42 -11.42 -24.36
N PHE B 738 36.88 -11.59 -23.12
CA PHE B 738 38.28 -11.89 -22.88
C PHE B 738 38.63 -13.27 -23.41
N LEU B 739 37.71 -14.23 -23.32
CA LEU B 739 37.98 -15.54 -23.89
C LEU B 739 38.17 -15.46 -25.40
N THR B 740 37.29 -14.74 -26.09
CA THR B 740 37.35 -14.55 -27.53
C THR B 740 38.43 -13.55 -27.93
N LYS B 741 39.07 -12.90 -26.97
CA LYS B 741 40.26 -12.12 -27.22
C LYS B 741 41.55 -12.92 -27.07
N VAL B 742 41.70 -13.72 -26.02
CA VAL B 742 42.86 -14.59 -25.91
C VAL B 742 42.85 -15.63 -27.04
N TRP B 743 41.69 -16.22 -27.28
CA TRP B 743 41.42 -16.87 -28.55
C TRP B 743 41.28 -15.81 -29.63
N TRP B 744 41.69 -16.15 -30.84
CA TRP B 744 42.07 -15.18 -31.86
C TRP B 744 43.19 -14.29 -31.32
N GLY B 745 44.34 -14.93 -31.08
CA GLY B 745 45.43 -14.39 -30.29
C GLY B 745 45.73 -12.90 -30.44
N GLN B 746 46.16 -12.49 -31.64
CA GLN B 746 46.56 -11.12 -31.86
C GLN B 746 45.89 -10.49 -33.07
N LEU B 747 45.03 -11.23 -33.78
CA LEU B 747 44.60 -10.77 -35.10
C LEU B 747 43.46 -9.75 -35.00
N SER B 748 42.29 -10.20 -34.56
CA SER B 748 41.10 -9.37 -34.51
C SER B 748 39.92 -10.18 -33.96
N VAL B 749 38.79 -9.51 -33.76
CA VAL B 749 37.52 -10.19 -33.50
C VAL B 749 36.50 -9.93 -34.59
N ASP B 750 36.88 -9.22 -35.66
CA ASP B 750 35.90 -8.74 -36.63
C ASP B 750 35.86 -9.55 -37.91
N ASN B 751 37.00 -9.92 -38.49
CA ASN B 751 36.99 -10.55 -39.81
C ASN B 751 36.55 -12.02 -39.70
N GLY B 752 36.14 -12.57 -40.85
CA GLY B 752 35.31 -13.75 -40.83
C GLY B 752 36.09 -15.06 -40.74
N LEU B 753 35.40 -16.06 -40.19
CA LEU B 753 35.93 -17.41 -40.15
C LEU B 753 36.06 -18.01 -41.55
N TRP B 754 35.13 -17.68 -42.45
CA TRP B 754 35.22 -18.15 -43.82
C TRP B 754 36.34 -17.45 -44.59
N ARG B 755 36.80 -16.30 -44.11
CA ARG B 755 37.85 -15.55 -44.77
C ARG B 755 39.24 -15.84 -44.22
N VAL B 756 39.33 -16.21 -42.94
CA VAL B 756 40.64 -16.56 -42.38
C VAL B 756 41.15 -17.88 -42.96
N THR B 757 40.25 -18.82 -43.27
CA THR B 757 40.68 -20.11 -43.79
C THR B 757 41.32 -20.01 -45.16
N LEU B 758 41.02 -18.96 -45.93
CA LEU B 758 41.66 -18.80 -47.23
C LEU B 758 43.16 -18.51 -47.07
N CYS B 759 43.50 -17.53 -46.23
CA CYS B 759 44.90 -17.24 -45.95
C CYS B 759 45.55 -18.30 -45.09
N MET B 760 44.76 -19.15 -44.44
CA MET B 760 45.32 -20.35 -43.83
C MET B 760 46.08 -21.19 -44.85
N LEU B 761 45.43 -21.51 -45.97
CA LEU B 761 46.05 -22.38 -46.96
C LEU B 761 47.00 -21.59 -47.87
N ALA B 762 46.59 -20.40 -48.29
CA ALA B 762 47.41 -19.59 -49.19
C ALA B 762 48.37 -18.74 -48.36
N PHE B 763 49.60 -19.21 -48.22
CA PHE B 763 50.61 -18.45 -47.47
C PHE B 763 50.86 -17.06 -48.06
N PRO B 764 51.05 -16.88 -49.38
CA PRO B 764 51.22 -15.51 -49.90
C PRO B 764 50.02 -14.62 -49.66
N LEU B 765 48.80 -15.16 -49.63
CA LEU B 765 47.62 -14.33 -49.41
C LEU B 765 47.58 -13.75 -48.00
N LEU B 766 48.31 -14.36 -47.05
CA LEU B 766 48.38 -13.80 -45.71
C LEU B 766 49.04 -12.43 -45.71
N LEU B 767 50.10 -12.26 -46.51
CA LEU B 767 50.80 -11.00 -46.58
C LEU B 767 50.02 -9.93 -47.33
N THR B 768 48.94 -10.30 -48.02
CA THR B 768 48.15 -9.34 -48.77
C THR B 768 47.31 -8.48 -47.82
N GLY B 769 46.61 -7.51 -48.40
CA GLY B 769 45.76 -6.64 -47.62
C GLY B 769 44.36 -7.18 -47.44
N LEU B 770 44.25 -8.41 -46.92
CA LEU B 770 42.98 -9.07 -46.75
C LEU B 770 42.63 -9.30 -45.28
N ILE B 771 43.59 -9.75 -44.47
CA ILE B 771 43.34 -10.02 -43.06
C ILE B 771 43.45 -8.73 -42.28
N SER B 772 42.76 -8.68 -41.14
CA SER B 772 42.77 -7.51 -40.26
C SER B 772 43.55 -7.88 -39.01
N PHE B 773 44.82 -7.47 -38.96
CA PHE B 773 45.67 -7.71 -37.81
C PHE B 773 45.59 -6.53 -36.85
N ARG B 774 46.16 -6.71 -35.66
CA ARG B 774 46.51 -5.59 -34.80
C ARG B 774 47.91 -5.08 -35.09
N GLU B 775 48.82 -5.97 -35.48
CA GLU B 775 50.13 -5.55 -35.98
C GLU B 775 49.98 -4.69 -37.23
N LYS B 776 49.09 -5.09 -38.15
CA LYS B 776 48.83 -4.26 -39.31
C LYS B 776 48.18 -2.93 -38.93
N ARG B 777 47.31 -2.93 -37.92
CA ARG B 777 46.72 -1.68 -37.44
C ARG B 777 47.78 -0.73 -36.91
N LEU B 778 48.74 -1.26 -36.15
CA LEU B 778 49.82 -0.46 -35.58
C LEU B 778 51.00 -0.33 -36.54
N GLN B 779 50.87 -0.84 -37.76
CA GLN B 779 51.89 -0.83 -38.82
C GLN B 779 53.23 -1.31 -38.26
N ASP B 780 53.17 -2.31 -37.39
CA ASP B 780 54.36 -2.94 -36.80
C ASP B 780 54.92 -4.05 -37.67
N VAL B 781 54.59 -4.08 -38.96
CA VAL B 781 55.07 -5.13 -39.85
C VAL B 781 56.44 -4.74 -40.36
N GLY B 782 57.48 -5.07 -39.59
CA GLY B 782 58.84 -4.87 -40.01
C GLY B 782 59.48 -6.16 -40.45
N THR B 783 58.78 -7.27 -40.21
CA THR B 783 59.26 -8.59 -40.58
C THR B 783 58.06 -9.46 -40.94
N PRO B 784 57.94 -9.89 -42.20
CA PRO B 784 56.88 -10.86 -42.53
C PRO B 784 56.99 -12.16 -41.76
N ALA B 785 58.21 -12.59 -41.40
CA ALA B 785 58.36 -13.78 -40.59
C ALA B 785 57.69 -13.61 -39.25
N ALA B 786 57.87 -12.46 -38.59
CA ALA B 786 57.18 -12.21 -37.33
C ALA B 786 55.70 -11.99 -37.51
N ARG B 787 55.28 -11.36 -38.61
CA ARG B 787 53.86 -11.18 -38.89
C ARG B 787 53.16 -12.53 -39.02
N ALA B 788 53.79 -13.49 -39.68
CA ALA B 788 53.26 -14.85 -39.75
C ALA B 788 53.45 -15.62 -38.46
N ARG B 789 54.50 -15.33 -37.69
CA ARG B 789 54.70 -16.01 -36.41
C ARG B 789 53.58 -15.70 -35.43
N ALA B 790 53.20 -14.43 -35.32
CA ALA B 790 52.06 -14.07 -34.48
C ALA B 790 50.78 -14.73 -34.98
N PHE B 791 50.58 -14.74 -36.30
CA PHE B 791 49.41 -15.37 -36.89
C PHE B 791 49.34 -16.85 -36.51
N PHE B 792 50.46 -17.56 -36.61
CA PHE B 792 50.46 -18.98 -36.30
C PHE B 792 50.35 -19.26 -34.81
N THR B 793 50.99 -18.44 -33.97
CA THR B 793 50.87 -18.60 -32.53
C THR B 793 49.47 -18.26 -32.03
N ALA B 794 48.67 -17.54 -32.81
CA ALA B 794 47.27 -17.40 -32.47
C ALA B 794 46.61 -18.79 -32.37
N PRO B 795 45.85 -19.05 -31.30
CA PRO B 795 45.32 -20.40 -31.08
C PRO B 795 44.37 -20.88 -32.17
N VAL B 796 43.71 -19.97 -32.89
CA VAL B 796 42.68 -20.37 -33.83
C VAL B 796 43.28 -21.16 -34.99
N VAL B 797 44.36 -20.67 -35.57
CA VAL B 797 44.99 -21.38 -36.67
C VAL B 797 45.61 -22.70 -36.22
N VAL B 798 46.10 -22.77 -34.97
CA VAL B 798 46.52 -24.06 -34.45
C VAL B 798 45.35 -25.03 -34.38
N PHE B 799 44.19 -24.55 -33.91
CA PHE B 799 43.01 -25.41 -33.88
C PHE B 799 42.60 -25.87 -35.28
N HIS B 800 42.55 -24.94 -36.24
CA HIS B 800 42.19 -25.32 -37.60
C HIS B 800 43.21 -26.27 -38.21
N LEU B 801 44.50 -26.03 -37.96
CA LEU B 801 45.54 -26.89 -38.50
C LEU B 801 45.46 -28.30 -37.94
N ASN B 802 45.23 -28.42 -36.62
CA ASN B 802 44.99 -29.73 -36.03
C ASN B 802 43.74 -30.38 -36.60
N ILE B 803 42.68 -29.60 -36.79
CA ILE B 803 41.43 -30.14 -37.32
C ILE B 803 41.63 -30.66 -38.73
N LEU B 804 42.34 -29.89 -39.56
CA LEU B 804 42.62 -30.32 -40.93
C LEU B 804 43.54 -31.53 -40.98
N SER B 805 44.53 -31.61 -40.09
CA SER B 805 45.35 -32.81 -40.02
C SER B 805 44.51 -34.02 -39.66
N TYR B 806 43.64 -33.89 -38.66
CA TYR B 806 42.75 -34.97 -38.28
C TYR B 806 41.76 -35.32 -39.38
N PHE B 807 41.37 -34.35 -40.21
CA PHE B 807 40.45 -34.59 -41.30
C PHE B 807 41.14 -35.29 -42.46
N ALA B 808 42.41 -34.96 -42.72
CA ALA B 808 43.16 -35.55 -43.81
C ALA B 808 43.74 -36.91 -43.48
N PHE B 809 44.08 -37.17 -42.20
CA PHE B 809 44.57 -38.49 -41.85
C PHE B 809 43.45 -39.52 -41.84
N LEU B 810 42.21 -39.09 -41.65
CA LEU B 810 41.09 -40.00 -41.90
C LEU B 810 40.99 -40.39 -43.36
N CYS B 811 41.18 -39.45 -44.29
CA CYS B 811 41.22 -39.80 -45.71
C CYS B 811 42.41 -40.69 -46.01
N LEU B 812 43.55 -40.45 -45.35
CA LEU B 812 44.71 -41.31 -45.52
C LEU B 812 44.41 -42.73 -45.06
N PHE B 813 43.70 -42.88 -43.93
CA PHE B 813 43.29 -44.19 -43.47
C PHE B 813 42.30 -44.84 -44.42
N ALA B 814 41.39 -44.05 -45.01
CA ALA B 814 40.50 -44.57 -46.04
C ALA B 814 41.26 -45.02 -47.29
N TYR B 815 42.39 -44.39 -47.57
CA TYR B 815 43.19 -44.77 -48.74
C TYR B 815 43.73 -46.18 -48.62
N VAL B 816 44.11 -46.61 -47.42
CA VAL B 816 44.81 -47.87 -47.23
C VAL B 816 43.84 -49.01 -46.96
N LEU B 817 42.55 -48.79 -47.21
CA LEU B 817 41.56 -49.86 -47.09
C LEU B 817 40.86 -50.19 -48.39
N MET B 818 40.90 -49.30 -49.39
CA MET B 818 40.27 -49.58 -50.67
C MET B 818 41.28 -50.19 -51.65
N VAL B 819 42.42 -49.53 -51.83
CA VAL B 819 43.41 -49.94 -52.82
C VAL B 819 44.60 -50.63 -52.17
N ASP B 820 45.01 -50.18 -50.98
CA ASP B 820 46.22 -50.66 -50.33
C ASP B 820 45.95 -51.80 -49.34
N PHE B 821 44.93 -52.62 -49.59
CA PHE B 821 44.63 -53.76 -48.74
C PHE B 821 45.69 -54.84 -48.97
N GLN B 822 46.80 -54.68 -48.26
CA GLN B 822 47.94 -55.59 -48.37
C GLN B 822 48.30 -56.14 -47.00
N PRO B 823 48.86 -57.35 -46.94
CA PRO B 823 49.23 -57.94 -45.65
C PRO B 823 50.63 -57.54 -45.20
N VAL B 824 51.19 -56.52 -45.82
CA VAL B 824 52.55 -56.08 -45.52
C VAL B 824 52.53 -54.59 -45.22
N PRO B 825 53.42 -54.08 -44.36
CA PRO B 825 53.53 -52.62 -44.20
C PRO B 825 54.06 -51.99 -45.47
N SER B 826 53.21 -51.22 -46.15
CA SER B 826 53.53 -50.68 -47.46
C SER B 826 54.20 -49.31 -47.31
N TRP B 827 54.35 -48.62 -48.44
CA TRP B 827 54.94 -47.27 -48.41
C TRP B 827 54.09 -46.31 -47.61
N CYS B 828 52.76 -46.41 -47.74
CA CYS B 828 51.82 -45.52 -47.07
C CYS B 828 51.23 -46.15 -45.80
N GLU B 829 52.02 -46.90 -45.05
CA GLU B 829 51.54 -47.57 -43.85
C GLU B 829 52.26 -47.15 -42.58
N CYS B 830 53.60 -46.98 -42.63
CA CYS B 830 54.34 -46.55 -41.45
C CYS B 830 53.94 -45.16 -40.98
N ALA B 831 53.35 -44.35 -41.88
CA ALA B 831 52.84 -43.04 -41.47
C ALA B 831 51.75 -43.18 -40.43
N ILE B 832 50.91 -44.21 -40.52
CA ILE B 832 49.87 -44.41 -39.52
C ILE B 832 50.48 -44.75 -38.15
N TYR B 833 51.50 -45.60 -38.13
CA TYR B 833 52.17 -45.92 -36.86
C TYR B 833 52.82 -44.68 -36.26
N LEU B 834 53.50 -43.89 -37.09
CA LEU B 834 54.09 -42.64 -36.61
C LEU B 834 53.06 -41.65 -36.12
N TRP B 835 51.91 -41.56 -36.80
CA TRP B 835 50.82 -40.69 -36.38
C TRP B 835 50.20 -41.12 -35.06
N LEU B 836 50.02 -42.43 -34.87
CA LEU B 836 49.56 -42.93 -33.58
C LEU B 836 50.56 -42.64 -32.47
N PHE B 837 51.87 -42.80 -32.75
CA PHE B 837 52.88 -42.41 -31.78
C PHE B 837 52.83 -40.92 -31.46
N SER B 838 52.61 -40.07 -32.46
CA SER B 838 52.58 -38.64 -32.23
C SER B 838 51.36 -38.22 -31.41
N LEU B 839 50.17 -38.72 -31.75
CA LEU B 839 48.96 -38.33 -31.04
C LEU B 839 48.95 -38.78 -29.58
N VAL B 840 49.40 -40.00 -29.30
CA VAL B 840 49.39 -40.50 -27.93
C VAL B 840 50.34 -39.70 -27.03
N CYS B 841 51.37 -39.09 -27.60
CA CYS B 841 52.29 -38.27 -26.82
C CYS B 841 51.65 -36.99 -26.30
N GLU B 842 50.56 -36.53 -26.91
CA GLU B 842 49.82 -35.41 -26.33
C GLU B 842 49.26 -35.76 -24.96
N GLU B 843 48.91 -37.03 -24.74
CA GLU B 843 48.42 -37.44 -23.43
C GLU B 843 49.51 -37.33 -22.35
N MET B 844 50.73 -37.78 -22.65
CA MET B 844 51.79 -37.62 -21.66
C MET B 844 52.20 -36.16 -21.52
N ARG B 845 52.10 -35.38 -22.60
CA ARG B 845 52.32 -33.94 -22.47
C ARG B 845 51.33 -33.31 -21.50
N GLN B 846 50.04 -33.65 -21.63
CA GLN B 846 49.03 -33.20 -20.69
C GLN B 846 49.27 -33.71 -19.27
N LEU B 847 49.74 -34.95 -19.13
CA LEU B 847 50.06 -35.49 -17.81
C LEU B 847 51.17 -34.70 -17.14
N PHE B 848 52.19 -34.32 -17.90
CA PHE B 848 53.32 -33.56 -17.38
C PHE B 848 53.05 -32.06 -17.33
N TYR B 849 51.93 -31.61 -17.91
CA TYR B 849 51.62 -30.18 -17.97
C TYR B 849 51.52 -29.55 -16.58
N ASP B 850 50.54 -29.97 -15.78
CA ASP B 850 50.29 -29.38 -14.46
C ASP B 850 49.77 -30.45 -13.51
N PRO B 851 50.63 -31.39 -13.11
CA PRO B 851 50.20 -32.39 -12.12
C PRO B 851 50.58 -32.00 -10.70
N ASP B 852 50.14 -32.78 -9.72
CA ASP B 852 50.68 -32.68 -8.38
C ASP B 852 51.98 -33.46 -8.29
N GLU B 853 52.96 -32.88 -7.58
CA GLU B 853 54.31 -33.42 -7.55
C GLU B 853 54.44 -34.67 -6.68
N CYS B 854 53.33 -35.22 -6.21
CA CYS B 854 53.38 -36.44 -5.42
C CYS B 854 52.37 -37.47 -5.94
N GLY B 855 51.31 -37.00 -6.58
CA GLY B 855 50.27 -37.89 -7.05
C GLY B 855 50.33 -38.20 -8.53
N LEU B 856 50.80 -39.40 -8.87
CA LEU B 856 50.82 -39.82 -10.27
C LEU B 856 49.52 -40.51 -10.67
N MET B 857 48.99 -41.36 -9.79
CA MET B 857 47.73 -42.05 -10.04
C MET B 857 46.51 -41.17 -9.76
N LYS B 858 46.62 -40.23 -8.82
CA LYS B 858 45.50 -39.37 -8.46
C LYS B 858 45.20 -38.31 -9.52
N LYS B 859 46.10 -38.09 -10.48
CA LYS B 859 45.81 -37.20 -11.59
C LYS B 859 45.12 -37.91 -12.74
N ALA B 860 45.43 -39.19 -12.96
CA ALA B 860 44.78 -39.97 -14.00
C ALA B 860 43.31 -40.24 -13.68
N ALA B 861 42.86 -39.98 -12.46
CA ALA B 861 41.45 -40.12 -12.13
C ALA B 861 40.59 -39.16 -12.95
N LEU B 862 41.09 -37.95 -13.20
CA LEU B 862 40.36 -37.01 -14.04
C LEU B 862 40.23 -37.53 -15.46
N TYR B 863 41.30 -38.07 -16.02
CA TYR B 863 41.23 -38.65 -17.36
C TYR B 863 40.28 -39.83 -17.40
N PHE B 864 40.31 -40.70 -16.38
CA PHE B 864 39.38 -41.82 -16.32
C PHE B 864 37.93 -41.37 -16.22
N SER B 865 37.65 -40.34 -15.41
CA SER B 865 36.31 -39.78 -15.31
C SER B 865 35.87 -39.10 -16.59
N ASP B 866 36.81 -38.60 -17.39
CA ASP B 866 36.51 -38.04 -18.71
C ASP B 866 36.12 -39.18 -19.63
N PHE B 867 34.83 -39.30 -19.93
CA PHE B 867 34.38 -40.36 -20.82
C PHE B 867 34.84 -40.14 -22.25
N TRP B 868 35.13 -38.89 -22.64
CA TRP B 868 35.71 -38.68 -23.96
C TRP B 868 37.15 -39.16 -24.02
N ASN B 869 37.93 -38.94 -22.95
CA ASN B 869 39.26 -39.53 -22.88
C ASN B 869 39.18 -41.05 -22.86
N LYS B 870 38.16 -41.59 -22.17
CA LYS B 870 37.93 -43.03 -22.18
C LYS B 870 37.62 -43.54 -23.59
N LEU B 871 36.81 -42.83 -24.36
CA LEU B 871 36.56 -43.17 -25.75
C LEU B 871 37.82 -43.07 -26.61
N ASP B 872 38.67 -42.07 -26.37
CA ASP B 872 39.94 -41.96 -27.09
C ASP B 872 40.83 -43.18 -26.82
N VAL B 873 41.00 -43.54 -25.55
CA VAL B 873 41.84 -44.68 -25.24
C VAL B 873 41.20 -45.98 -25.70
N GLY B 874 39.87 -46.07 -25.72
CA GLY B 874 39.21 -47.21 -26.31
C GLY B 874 39.42 -47.33 -27.80
N ALA B 875 39.39 -46.22 -28.53
CA ALA B 875 39.74 -46.19 -29.93
C ALA B 875 41.19 -46.59 -30.17
N ILE B 876 42.09 -46.21 -29.28
CA ILE B 876 43.46 -46.72 -29.31
C ILE B 876 43.51 -48.23 -29.11
N LEU B 877 42.76 -48.74 -28.13
CA LEU B 877 42.69 -50.19 -27.90
C LEU B 877 42.07 -50.92 -29.08
N LEU B 878 41.03 -50.35 -29.69
CA LEU B 878 40.44 -50.98 -30.87
C LEU B 878 41.43 -51.00 -32.04
N PHE B 879 42.23 -49.94 -32.21
CA PHE B 879 43.28 -49.98 -33.21
C PHE B 879 44.34 -51.04 -32.88
N VAL B 880 44.67 -51.21 -31.60
CA VAL B 880 45.60 -52.28 -31.22
C VAL B 880 45.02 -53.64 -31.59
N ALA B 881 43.73 -53.85 -31.32
CA ALA B 881 43.07 -55.11 -31.65
C ALA B 881 42.94 -55.33 -33.16
N GLY B 882 42.83 -54.26 -33.95
CA GLY B 882 42.73 -54.40 -35.39
C GLY B 882 44.08 -54.58 -36.07
N LEU B 883 45.13 -54.00 -35.49
CA LEU B 883 46.46 -54.15 -36.06
C LEU B 883 46.97 -55.58 -35.94
N THR B 884 46.62 -56.26 -34.86
CA THR B 884 47.00 -57.66 -34.70
C THR B 884 46.38 -58.54 -35.78
N CYS B 885 45.18 -58.21 -36.25
CA CYS B 885 44.55 -58.90 -37.37
C CYS B 885 45.09 -58.45 -38.71
N ARG B 886 45.45 -57.16 -38.85
CA ARG B 886 46.04 -56.68 -40.09
C ARG B 886 47.41 -57.26 -40.36
N LEU B 887 48.23 -57.43 -39.32
CA LEU B 887 49.56 -58.00 -39.53
C LEU B 887 49.51 -59.50 -39.80
N ILE B 888 48.56 -60.21 -39.20
CA ILE B 888 48.41 -61.65 -39.44
C ILE B 888 47.75 -61.84 -40.80
N PRO B 889 48.36 -62.59 -41.72
CA PRO B 889 47.79 -62.74 -43.06
C PRO B 889 46.57 -63.64 -43.14
N ALA B 890 46.30 -64.43 -42.10
CA ALA B 890 45.22 -65.41 -42.12
C ALA B 890 43.90 -64.86 -41.63
N THR B 891 43.84 -63.58 -41.27
CA THR B 891 42.63 -62.97 -40.73
C THR B 891 42.38 -61.61 -41.36
N LEU B 892 42.64 -61.51 -42.67
CA LEU B 892 42.41 -60.24 -43.38
C LEU B 892 40.93 -59.90 -43.44
N TYR B 893 40.06 -60.88 -43.69
CA TYR B 893 38.63 -60.64 -43.76
C TYR B 893 38.07 -60.11 -42.43
N PRO B 894 38.39 -60.73 -41.28
CA PRO B 894 38.01 -60.09 -40.01
C PRO B 894 38.63 -58.72 -39.81
N GLY B 895 39.85 -58.49 -40.32
CA GLY B 895 40.43 -57.16 -40.26
C GLY B 895 39.78 -56.16 -41.19
N ARG B 896 39.07 -56.63 -42.21
CA ARG B 896 38.31 -55.75 -43.09
C ARG B 896 36.98 -55.33 -42.49
N VAL B 897 36.53 -56.01 -41.44
CA VAL B 897 35.26 -55.69 -40.80
C VAL B 897 35.41 -55.16 -39.39
N ILE B 898 36.56 -55.40 -38.73
CA ILE B 898 36.76 -54.90 -37.37
C ILE B 898 37.40 -53.52 -37.34
N LEU B 899 38.01 -53.08 -38.44
CA LEU B 899 38.61 -51.75 -38.52
C LEU B 899 37.70 -50.71 -39.17
N SER B 900 36.58 -51.15 -39.77
CA SER B 900 35.63 -50.20 -40.33
C SER B 900 34.88 -49.43 -39.25
N LEU B 901 34.59 -50.06 -38.11
CA LEU B 901 33.95 -49.37 -37.01
C LEU B 901 34.83 -48.28 -36.42
N ASP B 902 36.15 -48.41 -36.53
CA ASP B 902 37.06 -47.36 -36.07
C ASP B 902 36.85 -46.06 -36.85
N PHE B 903 36.42 -46.16 -38.10
CA PHE B 903 36.22 -44.96 -38.90
C PHE B 903 35.12 -44.07 -38.33
N ILE B 904 34.11 -44.67 -37.68
CA ILE B 904 33.02 -43.91 -37.08
C ILE B 904 33.34 -43.64 -35.62
N LEU B 905 34.12 -44.53 -35.00
CA LEU B 905 34.54 -44.30 -33.62
C LEU B 905 35.44 -43.08 -33.52
N PHE B 906 36.29 -42.86 -34.53
CA PHE B 906 37.08 -41.65 -34.60
C PHE B 906 36.27 -40.45 -35.07
N CYS B 907 35.19 -40.68 -35.85
CA CYS B 907 34.28 -39.60 -36.18
C CYS B 907 33.56 -39.07 -34.96
N LEU B 908 33.24 -39.94 -34.00
CA LEU B 908 32.69 -39.48 -32.73
C LEU B 908 33.69 -38.56 -32.00
N ARG B 909 34.96 -38.92 -32.01
CA ARG B 909 35.98 -38.05 -31.44
C ARG B 909 36.09 -36.73 -32.20
N LEU B 910 35.98 -36.76 -33.53
CA LEU B 910 35.99 -35.52 -34.30
C LEU B 910 34.83 -34.62 -33.92
N MET B 911 33.64 -35.20 -33.77
CA MET B 911 32.49 -34.45 -33.28
C MET B 911 32.72 -33.91 -31.88
N HIS B 912 33.43 -34.67 -31.02
CA HIS B 912 33.76 -34.18 -29.69
C HIS B 912 34.60 -32.92 -29.75
N ILE B 913 35.58 -32.86 -30.65
CA ILE B 913 36.34 -31.64 -30.83
C ILE B 913 35.51 -30.54 -31.48
N PHE B 914 34.55 -30.91 -32.34
CA PHE B 914 33.69 -29.92 -33.00
C PHE B 914 32.55 -29.47 -32.10
N THR B 915 32.84 -29.09 -30.86
CA THR B 915 31.94 -28.28 -30.04
C THR B 915 32.46 -26.85 -29.95
N ILE B 916 32.47 -26.14 -31.08
CA ILE B 916 33.19 -24.87 -31.18
C ILE B 916 32.28 -23.72 -31.60
N SER B 917 31.45 -23.92 -32.63
CA SER B 917 30.74 -22.80 -33.23
C SER B 917 29.63 -22.30 -32.32
N LYS B 918 29.31 -21.01 -32.46
CA LYS B 918 28.28 -20.39 -31.63
C LYS B 918 26.89 -20.92 -31.94
N THR B 919 26.62 -21.30 -33.19
CA THR B 919 25.35 -21.91 -33.56
C THR B 919 25.39 -23.43 -33.53
N LEU B 920 26.49 -24.01 -33.04
CA LEU B 920 26.69 -25.45 -33.03
C LEU B 920 26.83 -26.03 -31.63
N GLY B 921 27.77 -25.49 -30.84
CA GLY B 921 28.06 -26.00 -29.52
C GLY B 921 26.92 -25.99 -28.53
N PRO B 922 26.25 -24.85 -28.34
CA PRO B 922 25.13 -24.81 -27.38
C PRO B 922 23.97 -25.70 -27.76
N LYS B 923 23.84 -26.08 -29.02
CA LYS B 923 22.82 -27.04 -29.43
C LYS B 923 23.38 -28.44 -29.63
N ILE B 924 24.70 -28.61 -29.56
CA ILE B 924 25.29 -29.94 -29.36
C ILE B 924 25.28 -30.32 -27.88
N ILE B 925 25.16 -29.34 -26.97
CA ILE B 925 24.84 -29.68 -25.60
C ILE B 925 23.51 -30.41 -25.50
N ILE B 926 22.60 -30.18 -26.45
CA ILE B 926 21.36 -30.94 -26.49
C ILE B 926 21.62 -32.41 -26.77
N VAL B 927 22.48 -32.74 -27.74
CA VAL B 927 22.79 -34.16 -27.95
C VAL B 927 23.65 -34.71 -26.81
N LYS B 928 24.40 -33.86 -26.12
CA LYS B 928 25.05 -34.30 -24.89
C LYS B 928 24.04 -34.71 -23.82
N ARG B 929 22.97 -33.92 -23.66
CA ARG B 929 21.83 -34.31 -22.84
C ARG B 929 21.16 -35.59 -23.34
N MET B 930 21.11 -35.78 -24.65
CA MET B 930 20.42 -36.92 -25.23
C MET B 930 21.33 -38.11 -25.55
N MET B 931 22.58 -38.11 -25.08
CA MET B 931 23.48 -39.21 -25.40
C MET B 931 22.96 -40.56 -24.90
N LYS B 932 22.44 -40.61 -23.67
CA LYS B 932 21.84 -41.85 -23.18
C LYS B 932 20.47 -42.10 -23.81
N ASP B 933 19.71 -41.05 -24.07
CA ASP B 933 18.44 -41.21 -24.76
C ASP B 933 18.60 -41.69 -26.20
N VAL B 934 19.79 -41.54 -26.79
CA VAL B 934 20.07 -42.16 -28.09
C VAL B 934 19.98 -43.67 -27.97
N PHE B 935 20.67 -44.25 -26.97
CA PHE B 935 20.55 -45.67 -26.71
C PHE B 935 19.12 -46.06 -26.32
N PHE B 936 18.46 -45.23 -25.51
CA PHE B 936 17.08 -45.48 -25.12
C PHE B 936 16.15 -45.60 -26.33
N PHE B 937 16.18 -44.60 -27.21
CA PHE B 937 15.30 -44.62 -28.36
C PHE B 937 15.73 -45.66 -29.39
N LEU B 938 17.03 -46.00 -29.42
CA LEU B 938 17.48 -47.10 -30.27
C LEU B 938 16.86 -48.41 -29.80
N PHE B 939 16.94 -48.68 -28.49
CA PHE B 939 16.35 -49.89 -27.94
C PHE B 939 14.84 -49.91 -28.12
N LEU B 940 14.19 -48.75 -28.07
CA LEU B 940 12.76 -48.69 -28.32
C LEU B 940 12.43 -49.01 -29.78
N LEU B 941 12.98 -48.20 -30.69
CA LEU B 941 12.59 -48.25 -32.10
C LEU B 941 13.07 -49.53 -32.78
N ALA B 942 14.28 -50.01 -32.46
CA ALA B 942 14.76 -51.23 -33.09
C ALA B 942 13.93 -52.44 -32.68
N VAL B 943 13.56 -52.54 -31.39
CA VAL B 943 12.68 -53.62 -30.96
C VAL B 943 11.32 -53.50 -31.60
N TRP B 944 10.78 -52.28 -31.71
CA TRP B 944 9.52 -52.09 -32.41
C TRP B 944 9.63 -52.44 -33.89
N VAL B 945 10.82 -52.27 -34.49
CA VAL B 945 11.04 -52.65 -35.88
C VAL B 945 11.06 -54.15 -36.02
N VAL B 946 11.71 -54.84 -35.07
CA VAL B 946 11.69 -56.31 -35.07
C VAL B 946 10.26 -56.81 -34.90
N SER B 947 9.45 -56.11 -34.10
CA SER B 947 8.06 -56.50 -33.91
C SER B 947 7.29 -56.54 -35.23
N PHE B 948 7.67 -55.72 -36.20
CA PHE B 948 7.06 -55.75 -37.52
C PHE B 948 7.79 -56.71 -38.46
N GLY B 949 9.11 -56.83 -38.32
CA GLY B 949 9.87 -57.72 -39.18
C GLY B 949 9.52 -59.17 -38.99
N VAL B 950 9.28 -59.59 -37.74
CA VAL B 950 8.86 -60.96 -37.50
C VAL B 950 7.47 -61.21 -38.08
N ALA B 951 6.56 -60.25 -37.95
CA ALA B 951 5.19 -60.45 -38.42
C ALA B 951 5.08 -60.36 -39.93
N LYS B 952 5.97 -59.64 -40.60
CA LYS B 952 5.85 -59.46 -42.05
C LYS B 952 6.02 -60.77 -42.81
N GLN B 953 7.01 -61.58 -42.43
CA GLN B 953 7.34 -62.80 -43.16
C GLN B 953 6.54 -64.01 -42.70
N ALA B 954 5.61 -63.85 -41.76
CA ALA B 954 4.90 -64.99 -41.21
C ALA B 954 3.85 -65.53 -42.17
N ILE B 955 2.87 -64.70 -42.53
CA ILE B 955 1.75 -65.17 -43.34
C ILE B 955 2.20 -65.51 -44.76
N LEU B 956 2.97 -64.63 -45.38
CA LEU B 956 3.45 -64.89 -46.72
C LEU B 956 4.47 -66.02 -46.72
N ILE B 957 4.44 -66.83 -47.77
CA ILE B 957 5.29 -68.01 -47.87
C ILE B 957 6.55 -67.59 -48.62
N HIS B 958 7.57 -67.20 -47.86
CA HIS B 958 8.87 -66.87 -48.43
C HIS B 958 9.75 -68.10 -48.47
N ASN B 959 10.54 -68.23 -49.54
CA ASN B 959 11.36 -69.41 -49.75
C ASN B 959 12.81 -69.09 -50.09
N GLU B 960 13.23 -67.82 -50.05
CA GLU B 960 14.59 -67.44 -50.34
C GLU B 960 15.45 -67.68 -49.11
N ARG B 961 16.36 -68.64 -49.17
CA ARG B 961 17.22 -68.96 -48.03
C ARG B 961 18.58 -69.43 -48.52
N ARG B 962 19.63 -68.91 -47.87
CA ARG B 962 21.01 -69.37 -48.02
C ARG B 962 21.66 -69.25 -46.65
N VAL B 963 22.86 -69.81 -46.52
CA VAL B 963 23.61 -69.69 -45.26
C VAL B 963 23.93 -68.22 -45.03
N ASP B 964 23.40 -67.66 -43.94
CA ASP B 964 23.58 -66.24 -43.59
C ASP B 964 22.97 -65.31 -44.64
N TRP B 965 22.05 -65.83 -45.45
CA TRP B 965 21.21 -65.00 -46.30
C TRP B 965 19.74 -65.28 -46.10
N LEU B 966 19.36 -66.38 -45.46
CA LEU B 966 18.00 -66.49 -44.95
C LEU B 966 17.74 -65.43 -43.90
N PHE B 967 18.73 -65.16 -43.04
CA PHE B 967 18.68 -64.01 -42.16
C PHE B 967 18.47 -62.73 -42.93
N ARG B 968 19.19 -62.56 -44.06
CA ARG B 968 18.96 -61.39 -44.90
C ARG B 968 17.50 -61.31 -45.33
N GLY B 969 17.04 -62.28 -46.09
CA GLY B 969 15.70 -62.30 -46.63
C GLY B 969 14.58 -62.28 -45.61
N ALA B 970 14.88 -62.58 -44.34
CA ALA B 970 13.87 -62.56 -43.31
C ALA B 970 13.86 -61.28 -42.48
N VAL B 971 15.02 -60.71 -42.16
CA VAL B 971 15.13 -59.59 -41.24
C VAL B 971 15.70 -58.35 -41.92
N TYR B 972 16.74 -58.51 -42.74
CA TYR B 972 17.40 -57.35 -43.35
C TYR B 972 16.47 -56.62 -44.30
N HIS B 973 15.52 -57.34 -44.92
CA HIS B 973 14.55 -56.75 -45.83
C HIS B 973 13.38 -56.11 -45.11
N SER B 974 13.39 -56.06 -43.78
CA SER B 974 12.35 -55.39 -43.02
C SER B 974 12.67 -53.93 -42.73
N TYR B 975 13.92 -53.63 -42.38
CA TYR B 975 14.32 -52.25 -42.16
C TYR B 975 14.38 -51.45 -43.45
N LEU B 976 14.68 -52.10 -44.58
CA LEU B 976 14.69 -51.41 -45.86
C LEU B 976 13.28 -51.01 -46.31
N THR B 977 12.28 -51.81 -45.96
CA THR B 977 10.89 -51.50 -46.25
C THR B 977 10.34 -50.35 -45.41
N ILE B 978 11.14 -49.83 -44.49
CA ILE B 978 10.73 -48.71 -43.65
C ILE B 978 11.15 -47.41 -44.33
N PHE B 979 12.38 -47.39 -44.85
CA PHE B 979 12.94 -46.21 -45.49
C PHE B 979 12.84 -46.23 -47.00
N GLY B 980 12.21 -47.25 -47.59
CA GLY B 980 11.84 -47.14 -48.98
C GLY B 980 12.02 -48.37 -49.85
N GLN B 981 13.03 -49.19 -49.56
CA GLN B 981 13.28 -50.39 -50.36
C GLN B 981 12.24 -51.44 -50.03
N ILE B 982 11.09 -51.33 -50.69
CA ILE B 982 9.98 -52.26 -50.50
C ILE B 982 9.85 -53.10 -51.77
N PRO B 983 10.26 -54.36 -51.74
CA PRO B 983 10.04 -55.22 -52.91
C PRO B 983 8.57 -55.61 -53.03
N GLY B 984 7.76 -54.71 -53.60
CA GLY B 984 6.32 -54.91 -53.64
C GLY B 984 5.88 -56.15 -54.40
N TYR B 985 6.53 -56.45 -55.52
CA TYR B 985 6.16 -57.62 -56.32
C TYR B 985 6.34 -58.93 -55.57
N ILE B 986 7.15 -58.95 -54.51
CA ILE B 986 7.31 -60.12 -53.66
C ILE B 986 6.46 -60.00 -52.38
N ASP B 987 6.32 -58.79 -51.86
CA ASP B 987 5.55 -58.59 -50.63
C ASP B 987 4.06 -58.80 -50.87
N GLY B 988 3.58 -58.58 -52.09
CA GLY B 988 2.18 -58.77 -52.40
C GLY B 988 1.96 -59.58 -53.67
N PHE B 1020 -3.46 -63.47 -51.99
CA PHE B 1020 -4.75 -63.53 -51.31
C PHE B 1020 -4.86 -62.59 -50.09
N PRO B 1021 -3.85 -62.60 -49.17
CA PRO B 1021 -3.97 -61.71 -48.01
C PRO B 1021 -3.52 -60.29 -48.29
N GLU B 1022 -3.94 -59.74 -49.44
CA GLU B 1022 -3.62 -58.36 -49.75
C GLU B 1022 -4.32 -57.38 -48.81
N TRP B 1023 -5.54 -57.70 -48.39
CA TRP B 1023 -6.24 -56.86 -47.43
C TRP B 1023 -5.49 -56.79 -46.10
N LEU B 1024 -5.01 -57.93 -45.61
CA LEU B 1024 -4.24 -57.95 -44.37
C LEU B 1024 -2.87 -57.30 -44.54
N THR B 1025 -2.25 -57.45 -45.70
CA THR B 1025 -1.01 -56.73 -45.97
C THR B 1025 -1.21 -55.22 -45.92
N VAL B 1026 -2.32 -54.73 -46.47
CA VAL B 1026 -2.64 -53.31 -46.37
C VAL B 1026 -2.89 -52.94 -44.90
N LEU B 1027 -3.66 -53.76 -44.20
CA LEU B 1027 -4.09 -53.41 -42.84
C LEU B 1027 -2.91 -53.33 -41.89
N LEU B 1028 -2.05 -54.35 -41.87
CA LEU B 1028 -0.92 -54.36 -40.97
C LEU B 1028 0.10 -53.29 -41.33
N LEU B 1029 0.33 -53.07 -42.63
CA LEU B 1029 1.25 -52.01 -43.05
C LEU B 1029 0.74 -50.64 -42.63
N CYS B 1030 -0.57 -50.41 -42.72
CA CYS B 1030 -1.13 -49.15 -42.26
C CYS B 1030 -1.05 -49.01 -40.75
N LEU B 1031 -1.35 -50.09 -40.01
CA LEU B 1031 -1.35 -50.01 -38.56
C LEU B 1031 0.05 -49.77 -37.99
N TYR B 1032 1.02 -50.57 -38.44
CA TYR B 1032 2.38 -50.40 -37.93
C TYR B 1032 2.96 -49.04 -38.29
N LEU B 1033 2.71 -48.57 -39.53
CA LEU B 1033 3.20 -47.25 -39.91
C LEU B 1033 2.48 -46.13 -39.16
N LEU B 1034 1.20 -46.30 -38.84
CA LEU B 1034 0.50 -45.34 -37.99
C LEU B 1034 1.15 -45.29 -36.61
N PHE B 1035 1.48 -46.45 -36.05
CA PHE B 1035 2.14 -46.48 -34.75
C PHE B 1035 3.54 -45.87 -34.80
N THR B 1036 4.30 -46.09 -35.87
CA THR B 1036 5.67 -45.56 -35.91
C THR B 1036 5.71 -44.10 -36.33
N ASN B 1037 5.35 -43.83 -37.59
CA ASN B 1037 5.63 -42.53 -38.20
C ASN B 1037 4.83 -41.41 -37.59
N ILE B 1038 3.83 -41.73 -36.77
CA ILE B 1038 3.05 -40.72 -36.08
C ILE B 1038 3.56 -40.62 -34.64
N LEU B 1039 3.38 -41.70 -33.89
CA LEU B 1039 3.62 -41.69 -32.45
C LEU B 1039 5.09 -41.57 -32.10
N LEU B 1040 5.97 -42.37 -32.71
CA LEU B 1040 7.38 -42.33 -32.35
C LEU B 1040 8.13 -41.24 -33.09
N LEU B 1041 7.47 -40.52 -34.00
CA LEU B 1041 8.12 -39.42 -34.71
C LEU B 1041 7.71 -38.05 -34.15
N ASN B 1042 6.42 -37.74 -34.16
CA ASN B 1042 5.99 -36.40 -33.79
C ASN B 1042 5.93 -36.17 -32.29
N LEU B 1043 5.69 -37.23 -31.50
CA LEU B 1043 5.83 -37.11 -30.06
C LEU B 1043 7.30 -37.04 -29.66
N LEU B 1044 8.16 -37.73 -30.39
CA LEU B 1044 9.59 -37.54 -30.25
C LEU B 1044 9.99 -36.11 -30.54
N ILE B 1045 9.39 -35.51 -31.56
CA ILE B 1045 9.60 -34.09 -31.84
C ILE B 1045 9.19 -33.24 -30.64
N ALA B 1046 8.03 -33.54 -30.06
CA ALA B 1046 7.55 -32.76 -28.91
C ALA B 1046 8.50 -32.88 -27.72
N MET B 1047 8.98 -34.09 -27.44
CA MET B 1047 9.82 -34.29 -26.27
C MET B 1047 11.24 -33.80 -26.51
N PHE B 1048 11.65 -33.66 -27.77
CA PHE B 1048 12.89 -32.94 -28.08
C PHE B 1048 12.71 -31.43 -27.87
N ASN B 1049 11.61 -30.87 -28.40
CA ASN B 1049 11.42 -29.43 -28.33
C ASN B 1049 11.20 -28.93 -26.91
N TYR B 1050 10.42 -29.66 -26.11
CA TYR B 1050 10.17 -29.21 -24.73
C TYR B 1050 11.46 -29.26 -23.91
N THR B 1051 12.24 -30.32 -24.06
CA THR B 1051 13.52 -30.39 -23.37
C THR B 1051 14.51 -29.35 -23.87
N PHE B 1052 14.47 -29.02 -25.16
CA PHE B 1052 15.30 -27.94 -25.68
C PHE B 1052 14.92 -26.60 -25.04
N GLN B 1053 13.63 -26.34 -24.90
CA GLN B 1053 13.18 -25.10 -24.28
C GLN B 1053 13.47 -25.07 -22.79
N GLN B 1054 13.32 -26.20 -22.10
CA GLN B 1054 13.43 -26.27 -20.65
C GLN B 1054 14.80 -25.84 -20.14
N VAL B 1055 15.86 -26.36 -20.74
CA VAL B 1055 17.21 -26.12 -20.23
C VAL B 1055 18.04 -25.41 -21.29
N GLN B 1056 17.42 -24.58 -22.11
CA GLN B 1056 18.17 -23.85 -23.13
C GLN B 1056 19.16 -22.88 -22.50
N GLU B 1057 18.73 -22.15 -21.48
CA GLU B 1057 19.64 -21.26 -20.76
C GLU B 1057 20.75 -22.04 -20.09
N HIS B 1058 20.40 -23.19 -19.49
CA HIS B 1058 21.40 -24.03 -18.86
C HIS B 1058 22.46 -24.47 -19.85
N THR B 1059 22.02 -24.95 -21.03
CA THR B 1059 22.95 -25.37 -22.07
C THR B 1059 23.78 -24.21 -22.61
N ASP B 1060 23.18 -23.03 -22.76
CA ASP B 1060 23.95 -21.87 -23.22
C ASP B 1060 25.07 -21.54 -22.25
N GLN B 1061 24.73 -21.44 -20.95
CA GLN B 1061 25.76 -21.16 -19.96
C GLN B 1061 26.78 -22.28 -19.89
N ILE B 1062 26.35 -23.53 -20.10
CA ILE B 1062 27.27 -24.67 -20.04
C ILE B 1062 28.26 -24.61 -21.19
N TRP B 1063 27.79 -24.28 -22.39
CA TRP B 1063 28.72 -24.10 -23.51
C TRP B 1063 29.65 -22.93 -23.28
N LYS B 1064 29.13 -21.81 -22.78
CA LYS B 1064 29.99 -20.71 -22.35
C LYS B 1064 31.05 -21.21 -21.38
N PHE B 1065 30.68 -22.15 -20.53
CA PHE B 1065 31.56 -22.69 -19.50
C PHE B 1065 32.69 -23.49 -20.16
N GLN B 1066 32.32 -24.49 -20.97
CA GLN B 1066 33.35 -25.35 -21.57
C GLN B 1066 34.14 -24.64 -22.65
N ARG B 1067 33.73 -23.43 -23.06
CA ARG B 1067 34.55 -22.69 -24.01
C ARG B 1067 35.99 -22.53 -23.52
N HIS B 1068 36.18 -22.37 -22.21
CA HIS B 1068 37.52 -22.16 -21.68
C HIS B 1068 38.36 -23.42 -21.69
N ASP B 1069 37.73 -24.59 -21.61
CA ASP B 1069 38.50 -25.83 -21.62
C ASP B 1069 39.28 -26.02 -22.91
N LEU B 1070 38.66 -25.74 -24.06
CA LEU B 1070 39.37 -25.80 -25.33
C LEU B 1070 40.49 -24.77 -25.37
N ILE B 1071 40.22 -23.57 -24.86
CA ILE B 1071 41.19 -22.48 -24.92
C ILE B 1071 42.43 -22.82 -24.12
N GLU B 1072 42.25 -23.40 -22.93
CA GLU B 1072 43.39 -23.75 -22.10
C GLU B 1072 44.30 -24.77 -22.77
N GLU B 1073 43.73 -25.77 -23.43
CA GLU B 1073 44.57 -26.78 -24.05
C GLU B 1073 45.17 -26.28 -25.36
N TYR B 1074 44.51 -25.33 -26.04
CA TYR B 1074 45.02 -24.85 -27.31
C TYR B 1074 45.92 -23.64 -27.19
N HIS B 1075 46.00 -23.01 -26.01
CA HIS B 1075 46.90 -21.88 -25.85
C HIS B 1075 48.29 -22.33 -25.40
N GLY B 1076 48.36 -23.06 -24.30
CA GLY B 1076 49.63 -23.56 -23.81
C GLY B 1076 50.14 -24.75 -24.59
N ARG B 1077 50.43 -24.52 -25.88
CA ARG B 1077 50.87 -25.58 -26.78
C ARG B 1077 51.57 -24.95 -27.98
N PRO B 1078 52.70 -25.47 -28.41
CA PRO B 1078 53.41 -24.89 -29.57
C PRO B 1078 52.56 -24.96 -30.83
N ALA B 1079 52.74 -23.94 -31.67
CA ALA B 1079 51.96 -23.78 -32.90
C ALA B 1079 52.42 -24.69 -34.03
N ALA B 1080 53.30 -25.65 -33.75
CA ALA B 1080 53.75 -26.57 -34.77
C ALA B 1080 52.59 -27.46 -35.22
N PRO B 1081 52.53 -27.80 -36.51
CA PRO B 1081 51.49 -28.74 -36.98
C PRO B 1081 51.70 -30.11 -36.37
N PRO B 1082 50.67 -30.94 -36.32
CA PRO B 1082 50.83 -32.30 -35.79
C PRO B 1082 51.89 -33.11 -36.53
N PRO B 1083 52.06 -32.94 -37.85
CA PRO B 1083 53.19 -33.63 -38.50
C PRO B 1083 54.55 -33.26 -37.93
N PHE B 1084 54.75 -32.02 -37.49
CA PHE B 1084 56.04 -31.59 -36.95
C PHE B 1084 56.08 -31.67 -35.42
N ILE B 1085 54.95 -31.95 -34.78
CA ILE B 1085 54.89 -31.96 -33.31
C ILE B 1085 55.79 -33.02 -32.69
N LEU B 1086 56.21 -34.03 -33.47
CA LEU B 1086 57.17 -34.98 -32.95
C LEU B 1086 58.52 -34.31 -32.68
N LEU B 1087 58.84 -33.25 -33.40
CA LEU B 1087 60.05 -32.49 -33.12
C LEU B 1087 59.95 -31.81 -31.76
N SER B 1088 58.83 -31.14 -31.49
CA SER B 1088 58.64 -30.51 -30.19
C SER B 1088 58.53 -31.53 -29.06
N HIS B 1089 58.11 -32.76 -29.38
CA HIS B 1089 58.08 -33.81 -28.37
C HIS B 1089 59.47 -34.12 -27.84
N LEU B 1090 60.47 -34.16 -28.74
CA LEU B 1090 61.85 -34.38 -28.33
C LEU B 1090 62.57 -33.10 -27.94
N GLN B 1091 61.99 -31.93 -28.26
CA GLN B 1091 62.59 -30.68 -27.83
C GLN B 1091 62.60 -30.55 -26.32
N LEU B 1092 61.56 -31.03 -25.65
CA LEU B 1092 61.52 -30.98 -24.19
C LEU B 1092 62.37 -32.05 -23.54
N PHE B 1093 62.78 -33.08 -24.28
CA PHE B 1093 63.67 -34.10 -23.74
C PHE B 1093 65.14 -33.74 -23.94
N ILE B 1094 65.49 -33.16 -25.09
CA ILE B 1094 66.85 -32.66 -25.27
C ILE B 1094 67.11 -31.50 -24.32
N LYS B 1095 66.07 -30.74 -23.97
CA LYS B 1095 66.22 -29.69 -22.97
C LYS B 1095 66.53 -30.29 -21.60
N ARG B 1096 65.83 -31.36 -21.22
CA ARG B 1096 66.05 -32.00 -19.93
C ARG B 1096 67.31 -32.86 -19.90
N VAL B 1097 67.92 -33.11 -21.06
CA VAL B 1097 69.27 -33.66 -21.06
C VAL B 1097 70.24 -32.73 -20.35
N VAL B 1098 70.11 -31.42 -20.54
CA VAL B 1098 70.96 -30.44 -19.86
C VAL B 1098 70.35 -30.03 -18.51
N LEU B 1099 69.08 -29.66 -18.51
CA LEU B 1099 68.40 -29.22 -17.29
C LEU B 1099 68.09 -30.41 -16.39
N LYS B 1100 67.70 -30.11 -15.16
CA LYS B 1100 67.34 -31.13 -14.18
C LYS B 1100 66.06 -30.86 -13.42
N THR B 1101 65.59 -29.61 -13.34
CA THR B 1101 64.40 -29.29 -12.58
C THR B 1101 63.31 -28.71 -13.49
N PRO B 1102 62.04 -28.95 -13.17
CA PRO B 1102 60.96 -28.42 -14.02
C PRO B 1102 60.73 -26.93 -13.81
N ALA B 1103 61.58 -26.09 -14.39
CA ALA B 1103 61.48 -24.64 -14.30
C ALA B 1103 61.72 -24.00 -15.67
N LYS B 1104 61.08 -24.53 -16.71
CA LYS B 1104 61.33 -24.03 -18.06
C LYS B 1104 60.58 -22.71 -18.31
N ARG B 1105 59.28 -22.71 -18.08
CA ARG B 1105 58.43 -21.55 -18.36
C ARG B 1105 57.03 -21.82 -17.82
N HIS B 1106 56.27 -20.74 -17.65
CA HIS B 1106 54.88 -20.80 -17.20
C HIS B 1106 54.04 -20.05 -18.23
N LYS B 1107 53.61 -20.77 -19.27
CA LYS B 1107 52.79 -20.19 -20.33
C LYS B 1107 51.30 -20.39 -20.07
N GLN B 1108 50.85 -19.96 -18.89
CA GLN B 1108 49.46 -20.03 -18.50
C GLN B 1108 48.84 -18.63 -18.49
N LEU B 1109 47.53 -18.59 -18.30
CA LEU B 1109 46.79 -17.33 -18.17
C LEU B 1109 46.90 -16.76 -16.77
N LYS B 1110 48.11 -16.62 -16.25
CA LYS B 1110 48.36 -16.17 -14.88
C LYS B 1110 49.38 -15.04 -14.96
N ASN B 1111 48.91 -13.81 -14.90
CA ASN B 1111 49.74 -12.63 -15.13
C ASN B 1111 50.11 -12.02 -13.78
N LYS B 1112 51.41 -11.97 -13.49
CA LYS B 1112 51.89 -11.26 -12.30
C LYS B 1112 51.97 -9.77 -12.59
N LEU B 1113 51.65 -8.97 -11.57
CA LEU B 1113 51.56 -7.53 -11.74
C LEU B 1113 52.57 -6.83 -10.83
N GLU B 1114 53.11 -5.72 -11.32
CA GLU B 1114 53.96 -4.86 -10.52
C GLU B 1114 53.12 -4.14 -9.45
N LYS B 1115 53.78 -3.82 -8.34
CA LYS B 1115 53.05 -3.32 -7.17
C LYS B 1115 52.48 -1.92 -7.41
N ASN B 1116 53.24 -1.04 -8.07
CA ASN B 1116 52.78 0.32 -8.28
C ASN B 1116 51.57 0.39 -9.21
N GLU B 1117 51.35 -0.63 -10.02
CA GLU B 1117 50.16 -0.71 -10.85
C GLU B 1117 49.05 -1.51 -10.18
N GLU B 1118 49.41 -2.53 -9.38
CA GLU B 1118 48.42 -3.28 -8.63
C GLU B 1118 47.69 -2.36 -7.65
N ALA B 1119 48.41 -1.47 -6.99
CA ALA B 1119 47.77 -0.50 -6.12
C ALA B 1119 46.79 0.38 -6.87
N ALA B 1120 47.17 0.85 -8.07
CA ALA B 1120 46.30 1.66 -8.90
C ALA B 1120 45.02 0.94 -9.31
N LEU B 1121 45.11 -0.31 -9.74
CA LEU B 1121 43.90 -1.09 -10.01
C LEU B 1121 43.06 -1.38 -8.78
N LEU B 1122 43.68 -1.69 -7.65
CA LEU B 1122 42.89 -2.00 -6.46
C LEU B 1122 42.15 -0.78 -5.91
N SER B 1123 42.77 0.40 -5.92
CA SER B 1123 42.02 1.59 -5.49
C SER B 1123 40.81 1.84 -6.39
N TRP B 1124 41.00 1.72 -7.70
CA TRP B 1124 39.91 1.88 -8.65
C TRP B 1124 38.81 0.84 -8.41
N GLU B 1125 39.20 -0.40 -8.14
CA GLU B 1125 38.25 -1.45 -7.85
C GLU B 1125 37.45 -1.17 -6.59
N ILE B 1126 38.10 -0.64 -5.55
CA ILE B 1126 37.36 -0.28 -4.34
C ILE B 1126 36.37 0.82 -4.63
N TYR B 1127 36.80 1.84 -5.38
CA TYR B 1127 35.89 2.93 -5.73
C TYR B 1127 34.67 2.42 -6.46
N LEU B 1128 34.87 1.53 -7.43
CA LEU B 1128 33.75 0.97 -8.18
C LEU B 1128 32.90 0.02 -7.34
N LYS B 1129 33.49 -0.68 -6.36
CA LYS B 1129 32.69 -1.47 -5.46
C LYS B 1129 31.72 -0.61 -4.68
N GLU B 1130 32.22 0.53 -4.17
CA GLU B 1130 31.34 1.42 -3.42
C GLU B 1130 30.25 2.02 -4.31
N ASN B 1131 30.60 2.40 -5.54
CA ASN B 1131 29.59 2.83 -6.49
C ASN B 1131 28.51 1.78 -6.69
N TYR B 1132 28.91 0.51 -6.87
CA TYR B 1132 27.95 -0.56 -7.06
C TYR B 1132 27.10 -0.78 -5.81
N LEU B 1133 27.71 -0.73 -4.63
CA LEU B 1133 26.96 -0.94 -3.40
C LEU B 1133 25.89 0.12 -3.23
N GLN B 1134 26.22 1.39 -3.51
CA GLN B 1134 25.20 2.43 -3.45
C GLN B 1134 24.05 2.17 -4.40
N ASN B 1135 24.34 1.73 -5.63
CA ASN B 1135 23.30 1.42 -6.59
C ASN B 1135 22.40 0.30 -6.09
N ARG B 1136 23.00 -0.78 -5.57
CA ARG B 1136 22.20 -1.88 -5.05
C ARG B 1136 21.34 -1.45 -3.87
N GLN B 1137 21.91 -0.65 -2.97
CA GLN B 1137 21.11 -0.13 -1.87
C GLN B 1137 19.95 0.72 -2.36
N PHE B 1138 20.15 1.50 -3.42
CA PHE B 1138 19.07 2.28 -3.98
C PHE B 1138 17.98 1.41 -4.60
N GLN B 1139 18.37 0.37 -5.35
CA GLN B 1139 17.36 -0.53 -5.91
C GLN B 1139 16.58 -1.28 -4.84
N GLN B 1140 17.24 -1.65 -3.74
CA GLN B 1140 16.54 -2.34 -2.66
C GLN B 1140 15.44 -1.46 -2.09
N LYS B 1141 15.71 -0.17 -1.91
CA LYS B 1141 14.67 0.76 -1.46
C LYS B 1141 13.62 0.98 -2.54
N GLN B 1142 14.01 1.05 -3.81
CA GLN B 1142 13.06 1.25 -4.89
C GLN B 1142 12.09 0.09 -5.07
N ARG B 1143 12.45 -1.11 -4.64
CA ARG B 1143 11.55 -2.25 -4.78
C ARG B 1143 10.25 -1.99 -4.03
N PRO B 1144 9.09 -2.18 -4.66
CA PRO B 1144 7.81 -1.84 -4.01
C PRO B 1144 7.53 -2.63 -2.73
N GLU B 1145 7.98 -3.88 -2.64
CA GLU B 1145 7.78 -4.65 -1.41
C GLU B 1145 8.46 -3.99 -0.22
N GLN B 1146 9.60 -3.34 -0.45
CA GLN B 1146 10.25 -2.61 0.64
C GLN B 1146 9.41 -1.41 1.06
N LYS B 1147 8.79 -0.72 0.11
CA LYS B 1147 7.99 0.45 0.47
C LYS B 1147 6.71 0.04 1.19
N ILE B 1148 6.15 -1.13 0.86
CA ILE B 1148 5.02 -1.61 1.64
C ILE B 1148 5.43 -1.84 3.10
N GLU B 1149 6.59 -2.46 3.32
CA GLU B 1149 7.11 -2.61 4.68
C GLU B 1149 7.34 -1.26 5.33
N ASP B 1150 7.83 -0.29 4.56
CA ASP B 1150 8.07 1.05 5.10
C ASP B 1150 6.77 1.66 5.62
N ILE B 1151 5.70 1.58 4.82
CA ILE B 1151 4.42 2.13 5.25
C ILE B 1151 3.89 1.38 6.45
N SER B 1152 4.02 0.06 6.46
CA SER B 1152 3.54 -0.74 7.58
C SER B 1152 4.30 -0.42 8.86
N ASN B 1153 5.59 -0.09 8.75
CA ASN B 1153 6.37 0.25 9.92
C ASN B 1153 6.12 1.68 10.39
N LYS B 1154 5.62 2.55 9.53
CA LYS B 1154 5.33 3.92 9.94
C LYS B 1154 3.94 4.07 10.51
N VAL B 1155 2.95 3.29 10.03
CA VAL B 1155 1.64 3.34 10.68
C VAL B 1155 1.71 2.82 12.10
N ASP B 1156 2.61 1.87 12.37
CA ASP B 1156 2.83 1.42 13.74
C ASP B 1156 3.48 2.50 14.59
N ALA B 1157 4.29 3.37 13.99
CA ALA B 1157 4.86 4.49 14.72
C ALA B 1157 3.83 5.57 15.01
N MET B 1158 2.66 5.51 14.37
CA MET B 1158 1.60 6.49 14.60
C MET B 1158 0.48 5.97 15.47
N VAL B 1159 0.22 4.66 15.47
CA VAL B 1159 -0.84 4.12 16.32
C VAL B 1159 -0.49 4.32 17.80
N ASP B 1160 0.79 4.18 18.13
CA ASP B 1160 1.24 4.37 19.51
C ASP B 1160 1.44 5.83 19.87
N LEU B 1161 1.50 6.72 18.88
CA LEU B 1161 1.77 8.12 19.14
C LEU B 1161 0.55 8.88 19.62
N LEU B 1162 -0.64 8.30 19.51
CA LEU B 1162 -1.87 9.03 19.78
C LEU B 1162 -2.57 8.54 21.03
N ASP B 1163 -1.81 8.28 22.09
CA ASP B 1163 -2.36 7.88 23.39
C ASP B 1163 -1.81 8.73 24.52
N LEU B 1164 -1.57 10.02 24.26
CA LEU B 1164 -0.97 10.92 25.23
C LEU B 1164 -1.98 11.87 25.88
N ASP B 1165 -3.26 11.67 25.65
CA ASP B 1165 -4.28 12.55 26.22
C ASP B 1165 -4.37 12.36 27.73
N GLY B 1235 16.44 22.26 51.98
CA GLY B 1235 15.69 21.99 53.19
C GLY B 1235 16.23 20.82 53.97
N ASP B 1236 16.52 19.72 53.28
CA ASP B 1236 17.05 18.53 53.92
C ASP B 1236 18.52 18.75 54.29
N SER B 1237 18.77 19.11 55.55
CA SER B 1237 20.13 19.35 56.00
C SER B 1237 20.47 18.63 57.29
N TYR B 1238 19.51 17.97 57.95
CA TYR B 1238 19.82 17.23 59.15
C TYR B 1238 20.65 16.00 58.82
N HIS B 1239 21.39 15.52 59.81
CA HIS B 1239 22.23 14.34 59.62
C HIS B 1239 21.35 13.15 59.22
N VAL B 1240 21.71 12.53 58.10
CA VAL B 1240 20.94 11.44 57.50
C VAL B 1240 21.63 10.10 57.69
N ASN B 1241 22.93 10.05 57.46
CA ASN B 1241 23.67 8.80 57.46
C ASN B 1241 23.64 8.17 58.85
N ALA B 1242 23.30 8.95 59.86
CA ALA B 1242 23.13 8.42 61.21
C ALA B 1242 21.72 7.92 61.49
N ARG B 1243 20.71 8.29 60.70
CA ARG B 1243 19.35 7.80 60.90
C ARG B 1243 19.04 6.62 60.00
N HIS B 1244 19.81 5.55 60.10
CA HIS B 1244 19.54 4.34 59.31
C HIS B 1244 18.46 3.49 59.97
N LEU B 1245 18.20 2.32 59.39
CA LEU B 1245 17.24 1.40 59.96
C LEU B 1245 17.95 0.38 60.83
N LEU B 1246 19.16 -0.01 60.44
CA LEU B 1246 19.95 -0.98 61.16
C LEU B 1246 21.16 -0.29 61.78
N TYR B 1247 22.02 -1.06 62.43
CA TYR B 1247 23.26 -0.58 62.99
C TYR B 1247 24.35 -1.56 62.56
N PRO B 1248 25.60 -1.10 62.32
CA PRO B 1248 26.64 -1.97 61.74
C PRO B 1248 26.69 -3.41 62.26
N ASN B 1249 26.44 -3.62 63.55
CA ASN B 1249 26.46 -4.97 64.08
C ASN B 1249 25.19 -5.21 64.89
N CYS B 1250 24.82 -6.50 65.03
CA CYS B 1250 23.69 -7.06 65.77
C CYS B 1250 22.37 -6.44 65.32
N PRO B 1251 21.19 -6.99 65.71
CA PRO B 1251 19.93 -6.47 65.17
C PRO B 1251 19.67 -5.01 65.56
N VAL B 1252 19.59 -4.75 66.87
CA VAL B 1252 19.48 -3.42 67.48
C VAL B 1252 18.83 -2.39 66.57
N THR B 1253 17.73 -2.77 65.91
CA THR B 1253 17.06 -1.86 64.98
C THR B 1253 16.64 -0.59 65.70
N ARG B 1254 16.89 0.55 65.05
CA ARG B 1254 16.64 1.85 65.64
C ARG B 1254 15.15 2.15 65.64
N PHE B 1255 14.77 3.23 66.28
CA PHE B 1255 13.40 3.72 66.28
C PHE B 1255 13.21 4.75 65.18
N PRO B 1256 12.12 4.64 64.42
CA PRO B 1256 11.88 5.58 63.32
C PRO B 1256 11.79 7.01 63.82
N VAL B 1257 12.47 7.92 63.14
CA VAL B 1257 12.43 9.34 63.46
C VAL B 1257 12.40 10.15 62.17
N PRO B 1258 11.24 10.67 61.77
CA PRO B 1258 11.17 11.46 60.53
C PRO B 1258 11.95 12.77 60.67
N ASN B 1259 12.17 13.42 59.53
CA ASN B 1259 12.98 14.63 59.46
C ASN B 1259 12.49 15.72 60.39
N GLU B 1260 11.18 15.90 60.49
CA GLU B 1260 10.62 16.96 61.31
C GLU B 1260 10.95 16.75 62.78
N LYS B 1261 10.97 15.50 63.22
CA LYS B 1261 11.15 15.17 64.62
C LYS B 1261 12.61 14.94 65.01
N VAL B 1262 13.58 15.41 64.24
CA VAL B 1262 14.97 15.19 64.62
C VAL B 1262 15.44 16.17 65.70
N PRO B 1263 15.09 17.47 65.67
CA PRO B 1263 15.57 18.34 66.75
C PRO B 1263 14.60 18.33 67.92
N TRP B 1264 15.02 17.75 69.04
CA TRP B 1264 14.16 17.70 70.21
C TRP B 1264 13.97 19.07 70.85
N GLU B 1265 14.78 20.05 70.44
CA GLU B 1265 14.72 21.39 71.03
C GLU B 1265 13.35 22.02 70.88
N THR B 1266 12.75 21.86 69.70
CA THR B 1266 11.43 22.41 69.41
C THR B 1266 10.44 21.36 68.95
N GLU B 1267 10.64 20.11 69.33
CA GLU B 1267 9.73 19.02 68.98
C GLU B 1267 9.19 18.35 70.23
N PHE B 1268 8.47 17.26 70.02
CA PHE B 1268 7.69 16.62 71.07
C PHE B 1268 7.97 15.12 71.10
N LEU B 1269 7.73 14.52 72.27
CA LEU B 1269 7.98 13.10 72.51
C LEU B 1269 6.85 12.24 71.97
N ILE B 1270 6.79 10.99 72.44
CA ILE B 1270 5.94 9.83 72.11
C ILE B 1270 6.79 8.82 71.36
N TYR B 1271 8.11 8.99 71.46
CA TYR B 1271 9.07 8.02 70.97
C TYR B 1271 9.76 7.34 72.14
N ASP B 1272 10.35 6.18 71.87
CA ASP B 1272 11.10 5.44 72.87
C ASP B 1272 12.18 4.59 72.20
N PRO B 1273 13.45 4.97 72.32
CA PRO B 1273 14.52 4.27 71.59
C PRO B 1273 14.91 2.98 72.29
N PRO B 1274 15.35 1.98 71.52
CA PRO B 1274 15.79 0.71 72.10
C PRO B 1274 17.21 0.75 72.67
N PHE B 1275 17.35 1.11 73.94
CA PHE B 1275 18.63 1.19 74.64
C PHE B 1275 19.59 0.06 74.27
N TYR B 1276 20.84 0.41 73.96
CA TYR B 1276 21.86 -0.56 73.58
C TYR B 1276 23.23 0.12 73.70
N THR B 1277 24.19 -0.58 74.30
CA THR B 1277 25.44 0.07 74.66
C THR B 1277 26.64 -0.89 74.58
N ALA B 1278 27.70 -0.37 73.96
CA ALA B 1278 29.09 -0.84 74.04
C ALA B 1278 29.38 -2.14 73.30
N GLU B 1279 28.35 -2.88 72.93
CA GLU B 1279 28.40 -3.81 71.81
C GLU B 1279 29.39 -4.96 71.94
N ARG B 1280 30.34 -4.88 72.87
CA ARG B 1280 31.36 -5.92 72.90
C ARG B 1280 31.56 -6.62 74.24
N LYS B 1281 31.78 -5.85 75.31
CA LYS B 1281 32.27 -6.42 76.56
C LYS B 1281 31.29 -6.25 77.70
N ASP B 1282 30.91 -5.02 78.03
CA ASP B 1282 30.11 -4.73 79.23
C ASP B 1282 29.39 -3.41 78.99
N ALA B 1283 28.08 -3.48 78.72
CA ALA B 1283 27.33 -2.27 78.40
C ALA B 1283 27.45 -1.21 79.50
N ALA B 1284 27.37 -1.65 80.75
CA ALA B 1284 27.40 -0.74 81.88
C ALA B 1284 28.78 -0.60 82.53
N ALA B 1285 29.80 -1.26 82.01
CA ALA B 1285 31.14 -1.06 82.55
C ALA B 1285 32.11 -0.49 81.52
N MET B 1286 32.26 -1.18 80.39
CA MET B 1286 33.19 -0.82 79.30
C MET B 1286 34.53 -0.34 79.85
N ASP B 1287 35.09 -1.16 80.74
CA ASP B 1287 36.35 -0.92 81.42
C ASP B 1287 37.52 -0.81 80.44
N PRO B 1288 37.65 -1.69 79.44
CA PRO B 1288 38.74 -1.48 78.47
C PRO B 1288 38.59 -0.17 77.70
N MET B 1289 37.39 0.41 77.71
CA MET B 1289 37.17 1.64 76.96
C MET B 1289 37.12 2.86 77.88
N GLY B 1290 36.95 2.65 79.20
CA GLY B 1290 37.39 3.60 80.21
C GLY B 1290 36.32 4.20 81.12
N ASP B 1291 35.18 4.63 80.59
CA ASP B 1291 34.22 5.43 81.36
C ASP B 1291 33.04 4.58 81.79
N THR B 1292 31.97 5.25 82.22
CA THR B 1292 30.58 4.79 82.08
C THR B 1292 29.70 5.82 82.81
N LEU B 1293 28.40 5.78 82.54
CA LEU B 1293 27.41 6.39 83.42
C LEU B 1293 26.25 5.41 83.62
N GLU B 1294 26.31 4.62 84.69
CA GLU B 1294 25.20 3.78 85.12
C GLU B 1294 24.76 4.26 86.49
N PRO B 1295 23.72 5.11 86.57
CA PRO B 1295 23.56 6.02 87.70
C PRO B 1295 24.84 6.30 88.47
N LEU B 1296 25.87 6.72 87.73
CA LEU B 1296 27.21 6.99 88.26
C LEU B 1296 27.53 8.43 87.88
N SER B 1297 27.49 9.34 88.85
CA SER B 1297 27.76 10.74 88.57
C SER B 1297 29.16 10.90 88.00
N THR B 1298 30.18 10.63 88.82
CA THR B 1298 31.57 10.44 88.40
C THR B 1298 31.98 11.33 87.24
N ILE B 1299 31.49 10.99 86.05
CA ILE B 1299 31.90 11.58 84.78
C ILE B 1299 31.48 13.06 84.73
N GLN B 1300 32.12 13.83 83.85
CA GLN B 1300 31.82 15.25 83.72
C GLN B 1300 31.93 15.69 82.26
N TYR B 1301 30.86 16.29 81.73
CA TYR B 1301 30.76 16.66 80.32
C TYR B 1301 31.02 18.15 80.15
N ASN B 1302 32.28 18.56 80.31
CA ASN B 1302 32.72 19.93 80.05
C ASN B 1302 34.23 20.00 79.95
N VAL B 1303 34.75 21.23 79.90
CA VAL B 1303 36.17 21.57 79.74
C VAL B 1303 37.01 20.45 79.12
N VAL B 1304 38.01 19.96 79.85
CA VAL B 1304 38.98 19.03 79.31
C VAL B 1304 38.90 17.69 80.04
N ASP B 1305 38.94 17.75 81.37
CA ASP B 1305 38.92 16.55 82.21
C ASP B 1305 40.13 15.66 81.95
N GLY B 1306 40.06 14.41 82.39
CA GLY B 1306 41.19 13.51 82.29
C GLY B 1306 41.27 12.72 81.00
N LEU B 1307 42.08 13.22 80.07
CA LEU B 1307 42.43 12.52 78.83
C LEU B 1307 41.25 12.38 77.87
N ARG B 1308 40.07 12.82 78.29
CA ARG B 1308 38.90 12.80 77.42
C ARG B 1308 38.24 14.16 77.31
N ASP B 1309 38.45 14.87 76.20
CA ASP B 1309 38.05 16.27 76.06
C ASP B 1309 36.58 16.50 76.37
N ARG B 1310 35.70 15.71 75.75
CA ARG B 1310 34.27 15.77 76.01
C ARG B 1310 33.71 17.18 75.76
N ARG B 1311 34.39 17.96 74.94
CA ARG B 1311 33.94 19.28 74.55
C ARG B 1311 33.20 19.16 73.21
N SER B 1312 32.64 20.28 72.73
CA SER B 1312 31.95 20.28 71.46
C SER B 1312 32.33 21.53 70.69
N PHE B 1313 32.67 21.35 69.41
CA PHE B 1313 32.95 22.47 68.52
C PHE B 1313 31.69 23.17 68.04
N HIS B 1314 30.52 22.80 68.58
CA HIS B 1314 29.25 23.42 68.24
C HIS B 1314 28.64 24.13 69.44
N GLY B 1315 29.47 24.52 70.41
CA GLY B 1315 29.00 25.17 71.60
C GLY B 1315 28.71 24.18 72.71
N PRO B 1316 28.37 24.69 73.89
CA PRO B 1316 28.06 23.80 75.02
C PRO B 1316 26.71 23.11 74.82
N TYR B 1317 26.74 21.78 74.83
CA TYR B 1317 25.54 20.98 74.64
C TYR B 1317 24.83 20.69 75.95
N THR B 1318 23.84 19.80 75.91
CA THR B 1318 22.90 19.63 77.03
C THR B 1318 23.11 18.25 77.64
N VAL B 1319 23.09 18.18 78.98
CA VAL B 1319 23.26 16.94 79.72
C VAL B 1319 21.94 16.65 80.43
N GLN B 1320 20.83 17.06 79.82
CA GLN B 1320 19.50 16.99 80.41
C GLN B 1320 19.21 15.68 81.14
N ALA B 1321 19.27 14.56 80.43
CA ALA B 1321 18.87 13.27 81.00
C ALA B 1321 20.04 12.61 81.73
N GLY B 1322 21.04 13.39 82.11
CA GLY B 1322 22.22 12.84 82.75
C GLY B 1322 23.23 12.37 81.75
N LEU B 1323 22.74 11.80 80.65
CA LEU B 1323 23.56 11.36 79.52
C LEU B 1323 23.59 12.44 78.46
N PRO B 1324 24.65 12.49 77.64
CA PRO B 1324 24.75 13.57 76.65
C PRO B 1324 23.75 13.41 75.52
N LEU B 1325 23.71 14.40 74.61
CA LEU B 1325 22.79 14.39 73.49
C LEU B 1325 23.45 15.08 72.31
N ASN B 1326 23.40 14.43 71.14
CA ASN B 1326 24.03 14.98 69.94
C ASN B 1326 23.26 16.18 69.40
N PRO B 1327 23.82 17.38 69.45
CA PRO B 1327 23.03 18.60 69.19
C PRO B 1327 22.35 18.65 67.85
N MET B 1328 22.95 18.03 66.83
CA MET B 1328 22.45 18.15 65.46
C MET B 1328 21.18 17.36 65.20
N GLY B 1329 20.55 16.78 66.22
CA GLY B 1329 19.25 16.14 66.07
C GLY B 1329 19.19 14.80 66.78
N ARG B 1330 17.95 14.33 66.94
CA ARG B 1330 17.66 13.05 67.58
C ARG B 1330 17.64 11.97 66.52
N THR B 1331 18.68 11.12 66.55
CA THR B 1331 18.80 10.08 65.53
C THR B 1331 18.24 8.73 65.97
N GLY B 1332 17.70 8.64 67.19
CA GLY B 1332 16.84 7.52 67.53
C GLY B 1332 17.48 6.29 68.14
N LEU B 1333 18.29 6.47 69.18
CA LEU B 1333 18.75 5.35 70.00
C LEU B 1333 19.10 5.93 71.37
N ARG B 1334 19.59 5.09 72.29
CA ARG B 1334 19.86 5.60 73.63
C ARG B 1334 21.34 5.55 73.99
N GLY B 1335 21.95 4.37 73.88
CA GLY B 1335 23.33 4.24 74.30
C GLY B 1335 24.30 4.16 73.15
N ARG B 1336 25.56 4.52 73.40
CA ARG B 1336 26.61 4.52 72.39
C ARG B 1336 26.79 3.11 71.84
N GLY B 1337 27.01 3.01 70.53
CA GLY B 1337 27.24 1.70 69.94
C GLY B 1337 28.66 1.20 70.12
N SER B 1338 29.63 1.91 69.54
CA SER B 1338 31.00 1.43 69.49
C SER B 1338 32.01 2.50 69.86
N LEU B 1339 31.54 3.66 70.31
CA LEU B 1339 32.40 4.84 70.29
C LEU B 1339 33.21 5.03 71.57
N SER B 1340 33.07 4.10 72.52
CA SER B 1340 34.00 4.00 73.64
C SER B 1340 34.02 5.23 74.54
N CYS B 1341 33.10 6.17 74.33
CA CYS B 1341 32.97 7.33 75.20
C CYS B 1341 31.65 8.04 74.95
N PHE B 1342 30.90 8.35 76.00
CA PHE B 1342 29.64 9.06 75.81
C PHE B 1342 29.89 10.50 75.36
N GLY B 1343 31.00 11.08 75.78
CA GLY B 1343 31.37 12.39 75.32
C GLY B 1343 31.71 12.38 73.84
N PRO B 1344 31.55 13.52 73.18
CA PRO B 1344 31.91 13.59 71.75
C PRO B 1344 33.35 13.18 71.49
N ASN B 1345 33.54 12.05 70.80
CA ASN B 1345 34.90 11.62 70.47
C ASN B 1345 35.51 12.57 69.45
N HIS B 1346 36.82 12.76 69.57
CA HIS B 1346 37.55 13.69 68.72
C HIS B 1346 38.52 12.94 67.82
N THR B 1347 38.51 13.31 66.54
CA THR B 1347 39.36 12.68 65.55
C THR B 1347 39.54 13.66 64.40
N LEU B 1348 40.59 13.45 63.61
CA LEU B 1348 40.84 14.27 62.44
C LEU B 1348 41.26 13.39 61.27
N TYR B 1349 41.07 13.89 60.06
CA TYR B 1349 41.37 13.14 58.85
C TYR B 1349 42.29 13.96 57.96
N PRO B 1350 43.61 13.80 58.07
CA PRO B 1350 44.51 14.58 57.22
C PRO B 1350 44.61 14.01 55.81
N MET B 1351 44.08 14.74 54.84
CA MET B 1351 44.18 14.32 53.44
C MET B 1351 45.36 15.02 52.77
N VAL B 1352 46.19 14.24 52.09
CA VAL B 1352 47.34 14.76 51.35
C VAL B 1352 46.97 14.75 49.88
N THR B 1353 47.08 15.90 49.23
CA THR B 1353 46.64 16.09 47.86
C THR B 1353 47.78 16.60 47.00
N ARG B 1354 47.89 16.08 45.78
CA ARG B 1354 48.84 16.56 44.79
C ARG B 1354 48.11 16.83 43.49
N TRP B 1355 48.69 17.69 42.65
CA TRP B 1355 47.94 18.39 41.62
C TRP B 1355 47.64 17.57 40.37
N ARG B 1356 47.79 16.24 40.45
CA ARG B 1356 47.45 15.36 39.33
C ARG B 1356 48.30 15.73 38.11
N ARG B 1357 49.62 15.64 38.25
CA ARG B 1357 50.50 15.88 37.13
C ARG B 1357 50.35 14.80 36.07
N ASN B 1358 50.40 15.21 34.81
CA ASN B 1358 50.57 14.31 33.68
C ASN B 1358 52.07 14.13 33.43
N GLU B 1359 52.43 13.65 32.25
CA GLU B 1359 53.82 13.32 31.94
C GLU B 1359 54.76 14.52 32.08
N ASP B 1360 54.20 15.74 32.20
CA ASP B 1360 54.99 16.92 32.51
C ASP B 1360 54.25 17.78 33.53
N GLY B 1361 54.73 19.01 33.75
CA GLY B 1361 54.09 19.88 34.71
C GLY B 1361 52.63 20.13 34.41
N ALA B 1362 52.36 20.89 33.34
CA ALA B 1362 51.03 21.04 32.75
C ALA B 1362 49.91 21.31 33.75
N ILE B 1363 49.66 20.34 34.63
CA ILE B 1363 48.47 20.16 35.49
C ILE B 1363 47.57 19.26 34.64
N CYS B 1364 46.35 19.00 35.08
CA CYS B 1364 45.41 18.19 34.28
C CYS B 1364 44.00 18.68 34.60
N ARG B 1365 43.47 19.53 33.74
CA ARG B 1365 42.13 20.05 33.94
C ARG B 1365 41.10 19.09 33.39
N LYS B 1366 39.96 19.00 34.08
CA LYS B 1366 38.89 18.10 33.65
C LYS B 1366 38.11 18.72 32.51
N SER B 1367 37.45 19.85 32.77
CA SER B 1367 36.83 20.62 31.70
C SER B 1367 37.51 21.98 31.61
N ILE B 1368 37.45 22.75 32.69
CA ILE B 1368 38.26 23.95 32.82
C ILE B 1368 38.93 24.03 34.18
N LYS B 1369 38.50 23.23 35.13
CA LYS B 1369 39.01 23.26 36.50
C LYS B 1369 40.06 22.19 36.71
N LYS B 1370 40.98 22.47 37.63
CA LYS B 1370 42.09 21.56 37.91
C LYS B 1370 41.60 20.33 38.66
N MET B 1371 42.45 19.32 38.72
CA MET B 1371 42.10 18.03 39.31
C MET B 1371 43.11 17.67 40.39
N LEU B 1372 42.63 17.04 41.46
CA LEU B 1372 43.47 16.66 42.59
C LEU B 1372 43.69 15.15 42.63
N GLU B 1373 44.64 14.75 43.48
CA GLU B 1373 44.87 13.35 43.79
C GLU B 1373 45.05 13.20 45.29
N VAL B 1374 44.14 12.49 45.94
CA VAL B 1374 44.25 12.25 47.37
C VAL B 1374 44.84 10.87 47.60
N LEU B 1375 45.33 10.63 48.82
CA LEU B 1375 45.87 9.35 49.22
C LEU B 1375 44.83 8.64 50.07
N VAL B 1376 44.46 7.43 49.67
CA VAL B 1376 43.44 6.66 50.37
C VAL B 1376 43.95 5.24 50.56
N VAL B 1377 43.44 4.57 51.59
CA VAL B 1377 43.84 3.22 51.93
C VAL B 1377 42.60 2.33 52.00
N LYS B 1378 42.71 1.14 51.45
CA LYS B 1378 41.64 0.14 51.49
C LYS B 1378 42.08 -1.00 52.37
N LEU B 1379 41.39 -1.18 53.50
CA LEU B 1379 41.72 -2.28 54.40
C LEU B 1379 41.37 -3.61 53.73
N PRO B 1380 42.10 -4.69 54.07
CA PRO B 1380 41.91 -5.97 53.38
C PRO B 1380 40.47 -6.47 53.35
N LEU B 1381 39.77 -6.37 54.47
CA LEU B 1381 38.39 -6.85 54.56
C LEU B 1381 37.37 -5.74 54.35
N SER B 1382 37.73 -4.49 54.61
CA SER B 1382 36.80 -3.38 54.36
C SER B 1382 36.52 -3.25 52.86
N GLU B 1383 35.26 -2.99 52.54
CA GLU B 1383 34.79 -2.95 51.15
C GLU B 1383 34.77 -1.54 50.59
N HIS B 1384 35.44 -0.61 51.26
CA HIS B 1384 35.50 0.77 50.77
C HIS B 1384 36.92 1.32 50.87
N TRP B 1385 37.08 2.60 50.52
CA TRP B 1385 38.35 3.28 50.68
C TRP B 1385 38.13 4.39 51.69
N ALA B 1386 39.16 4.71 52.48
CA ALA B 1386 39.04 5.73 53.50
C ALA B 1386 40.29 6.60 53.53
N LEU B 1387 40.08 7.88 53.79
CA LEU B 1387 41.19 8.77 54.07
C LEU B 1387 41.88 8.31 55.35
N PRO B 1388 43.22 8.32 55.40
CA PRO B 1388 43.90 7.91 56.64
C PRO B 1388 43.44 8.74 57.82
N GLY B 1389 42.72 8.13 58.75
CA GLY B 1389 42.17 8.82 59.89
C GLY B 1389 42.55 8.19 61.20
N GLY B 1390 41.57 7.93 62.05
CA GLY B 1390 41.81 7.21 63.26
C GLY B 1390 41.10 7.88 64.43
N SER B 1391 41.56 7.54 65.63
CA SER B 1391 41.09 8.16 66.86
C SER B 1391 42.22 8.04 67.88
N ARG B 1392 42.46 9.09 68.65
CA ARG B 1392 43.70 9.18 69.41
C ARG B 1392 43.83 8.03 70.39
N GLU B 1393 44.89 7.24 70.19
CA GLU B 1393 45.14 6.00 70.89
C GLU B 1393 46.11 6.26 72.05
N PRO B 1394 46.14 5.39 73.10
CA PRO B 1394 46.65 5.82 74.41
C PRO B 1394 46.81 7.31 74.63
N GLY B 1395 45.70 7.97 74.98
CA GLY B 1395 45.72 9.39 75.25
C GLY B 1395 45.23 10.23 74.09
N GLU B 1396 44.81 11.46 74.38
CA GLU B 1396 44.30 12.35 73.35
C GLU B 1396 45.13 13.63 73.27
N MET B 1397 45.87 13.93 74.34
CA MET B 1397 46.85 15.00 74.26
C MET B 1397 48.13 14.55 73.58
N LEU B 1398 48.33 13.24 73.49
CA LEU B 1398 49.54 12.63 72.93
C LEU B 1398 49.49 12.73 71.40
N PRO B 1399 50.57 12.30 70.66
CA PRO B 1399 50.85 12.89 69.33
C PRO B 1399 49.70 13.23 68.41
N ARG B 1400 49.87 14.33 67.66
CA ARG B 1400 48.98 14.71 66.57
C ARG B 1400 49.30 13.85 65.34
N LYS B 1401 49.40 12.53 65.55
CA LYS B 1401 50.09 11.65 64.62
C LYS B 1401 49.29 10.36 64.42
N LEU B 1402 48.04 10.49 63.97
CA LEU B 1402 46.98 9.51 64.15
C LEU B 1402 47.36 8.04 63.93
N LYS B 1403 46.63 7.16 64.61
CA LYS B 1403 46.96 5.74 64.73
C LYS B 1403 46.99 5.04 63.37
N ARG B 1404 46.03 5.37 62.49
CA ARG B 1404 46.02 4.76 61.17
C ARG B 1404 47.28 5.10 60.40
N ILE B 1405 47.70 6.36 60.43
CA ILE B 1405 48.94 6.73 59.74
C ILE B 1405 50.14 6.06 60.40
N LEU B 1406 50.13 5.98 61.74
CA LEU B 1406 51.21 5.32 62.45
C LEU B 1406 51.37 3.87 61.97
N ARG B 1407 50.26 3.14 61.91
CA ARG B 1407 50.29 1.77 61.41
C ARG B 1407 50.65 1.72 59.94
N GLN B 1408 50.33 2.79 59.19
CA GLN B 1408 50.45 2.82 57.75
C GLN B 1408 51.71 3.52 57.28
N GLU B 1409 52.35 4.31 58.14
CA GLU B 1409 53.54 5.05 57.75
C GLU B 1409 54.50 5.12 58.93
N HIS B 1410 55.80 5.04 58.63
CA HIS B 1410 56.83 5.12 59.67
C HIS B 1410 56.97 6.56 60.14
N TRP B 1411 56.30 6.90 61.23
CA TRP B 1411 56.17 8.23 61.83
C TRP B 1411 57.50 9.00 61.88
N PRO B 1412 57.61 10.13 61.20
CA PRO B 1412 58.84 10.93 61.30
C PRO B 1412 58.60 12.43 61.48
N SER B 1413 58.17 13.11 60.42
CA SER B 1413 57.89 14.54 60.44
C SER B 1413 56.54 14.90 59.84
N PHE B 1414 55.65 13.93 59.67
CA PHE B 1414 54.29 14.21 59.25
C PHE B 1414 53.63 15.11 60.28
N GLU B 1415 54.06 14.99 61.53
CA GLU B 1415 53.62 15.90 62.58
C GLU B 1415 54.02 17.34 62.26
N ASN B 1416 55.28 17.54 61.85
CA ASN B 1416 55.81 18.85 61.55
C ASN B 1416 55.05 19.44 60.37
N LEU B 1417 54.78 18.61 59.37
CA LEU B 1417 53.97 19.00 58.23
C LEU B 1417 52.53 19.34 58.58
N LEU B 1418 51.93 18.59 59.50
CA LEU B 1418 50.52 18.76 59.82
C LEU B 1418 50.28 19.98 60.68
N LYS B 1419 51.23 20.30 61.56
CA LYS B 1419 51.00 21.38 62.53
C LYS B 1419 50.74 22.70 61.84
N CYS B 1420 51.29 22.89 60.62
CA CYS B 1420 51.08 24.13 59.89
C CYS B 1420 50.09 23.95 58.76
N GLY B 1421 49.25 22.92 58.81
CA GLY B 1421 48.26 22.66 57.78
C GLY B 1421 47.06 23.59 57.88
N MET B 1422 46.31 23.64 56.79
CA MET B 1422 45.12 24.48 56.72
C MET B 1422 43.90 23.71 57.20
N GLU B 1423 43.06 24.40 57.97
CA GLU B 1423 41.89 23.81 58.62
C GLU B 1423 40.69 23.96 57.71
N VAL B 1424 40.17 22.83 57.21
CA VAL B 1424 39.04 22.86 56.29
C VAL B 1424 37.69 22.89 56.98
N TYR B 1425 37.41 21.94 57.88
CA TYR B 1425 36.06 21.78 58.41
C TYR B 1425 36.14 21.38 59.88
N LYS B 1426 35.81 22.32 60.76
CA LYS B 1426 35.57 22.02 62.17
C LYS B 1426 34.07 21.89 62.40
N GLY B 1427 33.62 20.68 62.65
CA GLY B 1427 32.19 20.46 62.80
C GLY B 1427 31.85 19.02 63.11
N TYR B 1428 30.60 18.67 62.80
CA TYR B 1428 30.00 17.41 63.19
C TYR B 1428 30.10 16.41 62.04
N MET B 1429 30.48 15.19 62.35
CA MET B 1429 30.60 14.12 61.35
C MET B 1429 29.37 13.23 61.39
N ASP B 1430 28.73 13.04 60.23
CA ASP B 1430 27.51 12.25 60.17
C ASP B 1430 27.84 10.76 60.08
N ASP B 1431 28.46 10.23 61.14
CA ASP B 1431 28.84 8.83 61.22
C ASP B 1431 27.59 7.97 61.34
N PRO B 1432 27.60 6.73 60.83
CA PRO B 1432 26.43 5.86 61.00
C PRO B 1432 26.41 5.20 62.37
N ARG B 1433 27.21 5.72 63.31
CA ARG B 1433 27.33 5.10 64.62
C ARG B 1433 26.86 6.02 65.74
N ASN B 1434 26.14 7.09 65.42
CA ASN B 1434 25.58 7.99 66.41
C ASN B 1434 24.19 7.50 66.83
N THR B 1435 23.91 7.53 68.13
CA THR B 1435 22.70 6.87 68.62
C THR B 1435 21.68 7.84 69.20
N ASP B 1436 22.04 8.52 70.28
CA ASP B 1436 21.55 9.86 70.56
C ASP B 1436 22.61 10.63 71.31
N ASN B 1437 23.76 10.02 71.54
CA ASN B 1437 24.86 10.55 72.34
C ASN B 1437 26.12 9.88 71.84
N ALA B 1438 27.28 10.34 72.33
CA ALA B 1438 28.54 9.83 71.81
C ALA B 1438 28.58 10.05 70.30
N TRP B 1439 28.64 11.31 69.88
CA TRP B 1439 28.61 11.65 68.46
C TRP B 1439 29.99 12.13 68.04
N ILE B 1440 30.40 11.74 66.85
CA ILE B 1440 31.73 12.04 66.32
C ILE B 1440 31.68 13.43 65.70
N GLU B 1441 32.46 14.34 66.25
CA GLU B 1441 32.80 15.58 65.58
C GLU B 1441 34.29 15.54 65.25
N THR B 1442 34.67 16.27 64.20
CA THR B 1442 36.02 16.10 63.69
C THR B 1442 36.58 17.47 63.29
N VAL B 1443 37.88 17.52 63.08
CA VAL B 1443 38.57 18.70 62.55
C VAL B 1443 39.30 18.26 61.29
N ALA B 1444 39.27 19.09 60.26
CA ALA B 1444 39.82 18.74 58.96
C ALA B 1444 41.09 19.53 58.71
N VAL B 1445 42.23 18.83 58.73
CA VAL B 1445 43.51 19.41 58.35
C VAL B 1445 43.85 18.92 56.94
N SER B 1446 44.23 19.84 56.08
CA SER B 1446 44.51 19.52 54.68
C SER B 1446 45.86 20.14 54.30
N VAL B 1447 46.92 19.35 54.42
CA VAL B 1447 48.20 19.78 53.88
C VAL B 1447 48.24 19.53 52.38
N HIS B 1448 48.68 20.54 51.65
CA HIS B 1448 48.62 20.49 50.19
C HIS B 1448 50.02 20.72 49.63
N PHE B 1449 50.37 19.93 48.62
CA PHE B 1449 51.68 19.98 48.00
C PHE B 1449 51.59 20.56 46.59
N GLN B 1450 52.51 21.46 46.27
CA GLN B 1450 52.39 22.28 45.07
C GLN B 1450 53.36 21.86 43.98
N ASP B 1451 54.63 21.67 44.32
CA ASP B 1451 55.62 21.29 43.33
C ASP B 1451 55.38 19.85 42.87
N GLN B 1452 56.20 19.41 41.92
CA GLN B 1452 56.01 18.10 41.30
C GLN B 1452 56.72 16.97 42.03
N ASN B 1453 57.94 17.20 42.54
CA ASN B 1453 58.65 16.15 43.25
C ASN B 1453 58.90 16.61 44.68
N ASP B 1454 59.63 17.71 44.90
CA ASP B 1454 59.98 18.14 46.24
C ASP B 1454 60.73 17.09 47.05
N VAL B 1455 61.62 17.55 47.93
CA VAL B 1455 62.13 16.65 48.97
C VAL B 1455 60.95 16.01 49.70
N GLU B 1456 59.89 16.78 49.91
CA GLU B 1456 58.74 16.21 50.61
C GLU B 1456 57.91 15.24 49.76
N LEU B 1457 57.56 15.52 48.50
CA LEU B 1457 56.84 14.49 47.77
C LEU B 1457 57.65 13.22 47.64
N ASN B 1458 58.94 13.32 47.28
CA ASN B 1458 59.67 12.07 47.06
C ASN B 1458 59.87 11.31 48.37
N ARG B 1459 60.13 12.01 49.47
CA ARG B 1459 60.25 11.42 50.79
C ARG B 1459 58.95 10.77 51.24
N LEU B 1460 57.82 11.43 51.01
CA LEU B 1460 56.56 10.96 51.57
C LEU B 1460 55.93 9.93 50.62
N ASN B 1461 56.51 9.74 49.44
CA ASN B 1461 56.23 8.54 48.66
C ASN B 1461 57.16 7.39 48.99
N SER B 1462 58.40 7.66 49.40
CA SER B 1462 59.33 6.60 49.76
C SER B 1462 59.13 6.08 51.18
N ASN B 1463 58.36 6.78 52.01
CA ASN B 1463 58.12 6.38 53.38
C ASN B 1463 56.88 5.51 53.55
N LEU B 1464 56.50 4.74 52.52
CA LEU B 1464 55.31 3.90 52.56
C LEU B 1464 55.73 2.47 52.93
N HIS B 1465 55.47 2.09 54.17
CA HIS B 1465 55.74 0.71 54.61
C HIS B 1465 54.47 -0.14 54.55
N ALA B 1466 53.44 0.25 55.31
CA ALA B 1466 52.15 -0.43 55.29
C ALA B 1466 52.28 -1.89 55.70
N CYS B 1467 52.38 -2.77 54.71
CA CYS B 1467 52.55 -4.21 54.89
C CYS B 1467 51.56 -4.78 55.90
N ASP B 1468 50.27 -4.61 55.57
CA ASP B 1468 49.18 -5.15 56.37
C ASP B 1468 48.43 -6.27 55.67
N SER B 1469 49.13 -7.05 54.83
CA SER B 1469 48.55 -8.19 54.13
C SER B 1469 47.34 -7.79 53.31
N GLY B 1470 47.53 -6.92 52.31
CA GLY B 1470 46.45 -6.55 51.43
C GLY B 1470 46.05 -5.09 51.50
N ALA B 1471 46.53 -4.38 52.53
CA ALA B 1471 46.25 -2.96 52.65
C ALA B 1471 46.85 -2.21 51.47
N SER B 1472 46.00 -1.66 50.61
CA SER B 1472 46.44 -1.04 49.37
C SER B 1472 46.41 0.47 49.50
N ILE B 1473 47.58 1.09 49.37
CA ILE B 1473 47.69 2.55 49.35
C ILE B 1473 48.07 3.00 47.93
N ARG B 1474 47.08 3.33 47.13
CA ARG B 1474 47.32 3.92 45.82
C ARG B 1474 46.79 5.36 45.75
N TRP B 1475 47.54 6.20 45.06
CA TRP B 1475 47.10 7.56 44.80
C TRP B 1475 45.87 7.51 43.90
N GLN B 1476 44.81 8.21 44.31
CA GLN B 1476 43.55 8.17 43.58
C GLN B 1476 43.08 9.58 43.28
N VAL B 1477 42.53 9.75 42.07
CA VAL B 1477 42.02 11.04 41.65
C VAL B 1477 40.73 11.36 42.42
N VAL B 1478 40.42 12.65 42.49
CA VAL B 1478 39.24 13.12 43.22
C VAL B 1478 38.08 13.27 42.24
N ASP B 1479 36.90 12.85 42.69
CA ASP B 1479 35.69 12.97 41.89
C ASP B 1479 34.50 12.73 42.83
N ARG B 1480 33.28 12.82 42.31
CA ARG B 1480 32.11 12.53 43.11
C ARG B 1480 31.70 11.07 42.92
N ARG B 1481 32.63 10.25 42.43
CA ARG B 1481 32.36 8.84 42.19
C ARG B 1481 33.40 7.95 42.86
N ILE B 1482 34.02 8.43 43.92
CA ILE B 1482 35.01 7.61 44.63
C ILE B 1482 34.30 6.68 45.60
N PRO B 1483 34.77 5.45 45.78
CA PRO B 1483 34.08 4.54 46.71
C PRO B 1483 34.26 4.87 48.18
N LEU B 1484 34.81 6.04 48.49
CA LEU B 1484 34.94 6.52 49.87
C LEU B 1484 33.61 6.46 50.61
N TYR B 1485 33.66 6.36 51.93
CA TYR B 1485 32.45 6.49 52.74
C TYR B 1485 31.80 7.85 52.49
N ALA B 1486 30.52 7.95 52.85
CA ALA B 1486 29.77 9.19 52.57
C ALA B 1486 30.35 10.37 53.32
N ASN B 1487 30.68 10.19 54.60
CA ASN B 1487 31.26 11.28 55.37
C ASN B 1487 32.63 11.68 54.82
N HIS B 1488 33.45 10.71 54.44
CA HIS B 1488 34.73 11.03 53.82
C HIS B 1488 34.52 11.78 52.51
N LYS B 1489 33.51 11.40 51.74
CA LYS B 1489 33.24 12.06 50.47
C LYS B 1489 32.81 13.51 50.68
N THR B 1490 31.95 13.76 51.67
CA THR B 1490 31.54 15.14 51.91
C THR B 1490 32.68 15.96 52.50
N LEU B 1491 33.55 15.32 53.29
CA LEU B 1491 34.74 16.02 53.77
C LEU B 1491 35.67 16.39 52.62
N LEU B 1492 35.82 15.48 51.66
CA LEU B 1492 36.62 15.79 50.47
C LEU B 1492 35.97 16.89 49.65
N GLN B 1493 34.64 16.90 49.58
CA GLN B 1493 33.93 17.99 48.93
C GLN B 1493 34.25 19.32 49.61
N LYS B 1494 34.23 19.34 50.93
CA LYS B 1494 34.58 20.56 51.65
C LYS B 1494 36.03 20.97 51.39
N ALA B 1495 36.94 20.02 51.32
CA ALA B 1495 38.35 20.30 51.12
C ALA B 1495 38.68 20.66 49.68
N ALA B 1496 37.82 20.33 48.72
CA ALA B 1496 38.08 20.57 47.31
C ALA B 1496 37.49 21.89 46.84
N ALA B 1497 36.98 22.69 47.76
CA ALA B 1497 36.46 24.01 47.43
C ALA B 1497 37.40 25.13 47.80
N GLU B 1498 38.30 24.91 48.76
CA GLU B 1498 39.27 25.93 49.13
C GLU B 1498 40.28 26.17 48.01
N PHE B 1499 40.61 25.13 47.24
CA PHE B 1499 41.64 25.21 46.21
C PHE B 1499 41.05 25.25 44.80
N GLY B 1500 39.74 25.39 44.66
CA GLY B 1500 39.13 25.39 43.35
C GLY B 1500 39.31 24.10 42.59
N ALA B 1501 39.20 22.95 43.27
CA ALA B 1501 39.43 21.67 42.64
C ALA B 1501 38.25 21.30 41.75
N HIS B 1502 38.29 20.10 41.17
CA HIS B 1502 37.23 19.65 40.29
C HIS B 1502 36.03 19.09 41.02
N TYR B 1503 36.21 18.02 41.80
CA TYR B 1503 35.14 17.24 42.41
C TYR B 1503 33.89 17.14 41.54
N ILE C 67 -58.31 -19.69 9.72
CA ILE C 67 -56.87 -19.70 9.87
C ILE C 67 -56.45 -18.71 10.97
N LYS C 68 -56.85 -19.02 12.19
CA LYS C 68 -56.52 -18.25 13.40
C LYS C 68 -57.04 -16.82 13.29
N LYS C 69 -58.33 -16.74 12.96
CA LYS C 69 -59.06 -15.49 13.14
C LYS C 69 -60.01 -15.57 14.32
N LYS C 70 -59.91 -16.61 15.15
CA LYS C 70 -60.88 -16.88 16.19
C LYS C 70 -60.34 -16.65 17.60
N GLU C 71 -59.03 -16.70 17.79
CA GLU C 71 -58.43 -16.41 19.09
C GLU C 71 -58.16 -14.91 19.23
N CYS C 72 -57.74 -14.26 18.16
CA CYS C 72 -57.51 -12.82 18.18
C CYS C 72 -58.83 -12.12 17.92
N VAL C 73 -59.37 -11.47 18.95
CA VAL C 73 -60.63 -10.73 18.85
C VAL C 73 -60.30 -9.24 18.90
N TYR C 74 -61.32 -8.43 18.64
CA TYR C 74 -61.18 -6.98 18.67
C TYR C 74 -62.38 -6.34 19.36
N PHE C 75 -62.08 -5.37 20.21
CA PHE C 75 -63.09 -4.62 20.97
C PHE C 75 -63.87 -3.75 19.99
N VAL C 76 -65.14 -4.05 19.82
CA VAL C 76 -66.04 -3.24 19.00
C VAL C 76 -67.37 -3.10 19.74
N GLU C 77 -67.92 -1.90 19.73
CA GLU C 77 -69.20 -1.61 20.36
C GLU C 77 -69.65 -0.23 19.90
N SER C 78 -70.97 -0.07 19.78
CA SER C 78 -71.55 1.22 19.46
C SER C 78 -71.12 2.25 20.49
N SER C 79 -70.68 3.41 19.99
CA SER C 79 -70.19 4.48 20.84
C SER C 79 -71.21 5.57 21.09
N LYS C 80 -72.21 5.72 20.21
CA LYS C 80 -73.19 6.77 20.39
C LYS C 80 -74.52 6.16 20.82
N LEU C 81 -74.46 5.16 21.70
CA LEU C 81 -75.66 4.69 22.37
C LEU C 81 -76.22 5.84 23.17
N SER C 82 -75.46 6.29 24.17
CA SER C 82 -75.71 7.54 24.86
C SER C 82 -74.36 8.05 25.38
N ASP C 83 -73.69 8.85 24.55
CA ASP C 83 -72.42 9.48 24.91
C ASP C 83 -72.23 10.72 24.06
N ALA C 84 -72.48 11.89 24.66
CA ALA C 84 -72.42 13.12 23.89
C ALA C 84 -71.29 14.03 24.36
N GLY C 85 -71.32 14.41 25.64
CA GLY C 85 -70.56 15.53 26.16
C GLY C 85 -71.35 16.83 26.13
N LYS C 86 -71.47 17.51 24.99
CA LYS C 86 -70.58 17.35 23.84
C LYS C 86 -69.30 18.15 24.10
N VAL C 87 -68.14 17.58 23.74
CA VAL C 87 -66.88 18.30 23.91
C VAL C 87 -66.17 18.39 22.57
N VAL C 88 -66.38 17.40 21.72
CA VAL C 88 -65.64 17.23 20.47
C VAL C 88 -66.68 17.24 19.35
N CYS C 89 -67.67 18.12 19.50
CA CYS C 89 -68.95 18.06 18.80
C CYS C 89 -68.85 17.53 17.37
N GLN C 90 -68.03 18.17 16.54
CA GLN C 90 -67.85 17.79 15.14
C GLN C 90 -69.17 17.43 14.48
N CYS C 91 -69.51 16.14 14.46
CA CYS C 91 -70.79 15.67 13.96
C CYS C 91 -71.45 14.76 14.99
N GLY C 92 -70.64 13.97 15.68
CA GLY C 92 -71.17 13.05 16.67
C GLY C 92 -70.06 12.14 17.18
N TYR C 93 -70.38 11.43 18.26
CA TYR C 93 -69.42 10.51 18.85
C TYR C 93 -69.39 9.21 18.06
N THR C 94 -68.81 9.27 16.86
CA THR C 94 -68.73 8.14 15.93
C THR C 94 -70.09 7.47 15.78
N HIS C 95 -71.07 8.20 15.26
CA HIS C 95 -72.45 7.75 15.20
C HIS C 95 -72.64 6.79 14.04
N GLU C 96 -73.90 6.53 13.67
CA GLU C 96 -74.28 5.57 12.63
C GLU C 96 -73.43 5.70 11.37
N GLN C 97 -73.25 4.60 10.66
CA GLN C 97 -72.41 4.53 9.46
C GLN C 97 -70.96 4.90 9.79
N HIS C 98 -70.43 4.20 10.78
CA HIS C 98 -69.05 4.36 11.22
C HIS C 98 -68.57 2.98 11.69
N LEU C 99 -67.49 2.97 12.49
CA LEU C 99 -67.07 1.73 13.12
C LEU C 99 -68.15 1.16 14.02
N GLU C 100 -69.11 1.99 14.45
CA GLU C 100 -70.29 1.53 15.17
C GLU C 100 -71.28 0.94 14.17
N GLU C 101 -71.43 -0.39 14.19
CA GLU C 101 -72.34 -1.08 13.28
C GLU C 101 -73.20 -2.14 13.93
N ALA C 102 -72.82 -2.69 15.09
CA ALA C 102 -73.49 -3.88 15.62
C ALA C 102 -74.85 -3.56 16.23
N THR C 103 -74.87 -2.73 17.28
CA THR C 103 -76.09 -2.45 18.02
C THR C 103 -76.75 -1.15 17.58
N LYS C 104 -76.77 -0.89 16.28
CA LYS C 104 -77.50 0.24 15.71
C LYS C 104 -79.00 0.21 16.04
N PRO C 105 -79.65 -0.96 16.29
CA PRO C 105 -81.01 -0.89 16.85
C PRO C 105 -81.00 -0.50 18.31
N HIS C 106 -82.17 -0.52 18.95
CA HIS C 106 -82.31 -0.05 20.32
C HIS C 106 -81.78 -1.10 21.29
N THR C 107 -80.77 -0.72 22.06
CA THR C 107 -80.32 -1.51 23.20
C THR C 107 -81.27 -1.24 24.37
N PHE C 108 -80.91 -1.68 25.58
CA PHE C 108 -81.86 -1.53 26.68
C PHE C 108 -82.00 -0.06 27.11
N GLN C 109 -80.96 0.54 27.67
CA GLN C 109 -80.96 1.99 27.88
C GLN C 109 -79.71 2.67 27.34
N GLY C 110 -78.53 2.14 27.66
CA GLY C 110 -77.27 2.79 27.34
C GLY C 110 -76.59 3.38 28.55
N THR C 111 -77.38 3.91 29.49
CA THR C 111 -76.93 4.47 30.75
C THR C 111 -75.87 5.55 30.57
N GLN C 112 -74.59 5.22 30.79
CA GLN C 112 -73.52 6.19 30.76
C GLN C 112 -72.28 5.68 30.03
N TRP C 113 -72.45 4.74 29.09
CA TRP C 113 -71.36 4.22 28.27
C TRP C 113 -70.39 3.42 29.14
N ASP C 114 -69.69 4.09 30.07
CA ASP C 114 -69.07 3.48 31.25
C ASP C 114 -68.43 2.12 30.93
N PRO C 115 -67.25 2.11 30.30
CA PRO C 115 -66.94 1.04 29.34
C PRO C 115 -66.89 -0.37 29.93
N LYS C 116 -67.98 -0.73 30.61
CA LYS C 116 -68.38 -2.13 30.69
C LYS C 116 -69.72 -2.35 30.00
N LYS C 117 -70.25 -1.35 29.29
CA LYS C 117 -71.34 -1.56 28.35
C LYS C 117 -70.78 -2.45 27.25
N HIS C 118 -71.16 -3.73 27.28
CA HIS C 118 -70.36 -4.81 26.72
C HIS C 118 -69.81 -4.49 25.34
N VAL C 119 -68.49 -4.42 25.25
CA VAL C 119 -67.79 -4.20 23.99
C VAL C 119 -67.51 -5.57 23.40
N GLN C 120 -68.22 -5.92 22.34
CA GLN C 120 -68.21 -7.28 21.82
C GLN C 120 -66.81 -7.67 21.35
N GLU C 121 -66.48 -8.93 21.60
CA GLU C 121 -65.23 -9.52 21.13
C GLU C 121 -65.57 -10.58 20.10
N MET C 122 -65.74 -10.14 18.85
CA MET C 122 -66.05 -11.03 17.74
C MET C 122 -64.80 -11.23 16.92
N PRO C 123 -64.78 -12.25 16.04
CA PRO C 123 -63.57 -12.52 15.26
C PRO C 123 -63.10 -11.30 14.49
N THR C 124 -61.79 -11.11 14.47
CA THR C 124 -61.16 -9.93 13.90
C THR C 124 -61.40 -9.87 12.39
N ASP C 125 -61.54 -8.64 11.88
CA ASP C 125 -61.76 -8.42 10.46
C ASP C 125 -60.58 -7.75 9.76
N ALA C 126 -59.53 -7.36 10.49
CA ALA C 126 -58.36 -6.73 9.90
C ALA C 126 -57.14 -7.57 10.28
N PHE C 127 -56.85 -8.58 9.46
CA PHE C 127 -55.69 -9.44 9.70
C PHE C 127 -55.16 -9.93 8.37
N GLY C 128 -54.11 -9.30 7.86
CA GLY C 128 -53.62 -9.72 6.56
C GLY C 128 -52.17 -9.38 6.28
N ASP C 129 -51.92 -8.92 5.06
CA ASP C 129 -50.58 -8.58 4.61
C ASP C 129 -50.66 -7.24 3.90
N ILE C 130 -49.86 -6.27 4.35
CA ILE C 130 -50.01 -4.90 3.87
C ILE C 130 -48.75 -4.47 3.11
N VAL C 131 -48.93 -3.90 1.93
CA VAL C 131 -47.83 -3.34 1.17
C VAL C 131 -48.11 -1.87 0.90
N PHE C 132 -47.07 -1.04 0.98
CA PHE C 132 -47.23 0.39 0.77
C PHE C 132 -47.15 0.69 -0.71
N THR C 133 -48.12 1.45 -1.22
CA THR C 133 -48.32 1.66 -2.65
C THR C 133 -47.08 2.12 -3.40
N GLY C 134 -46.58 3.31 -3.05
CA GLY C 134 -45.47 3.88 -3.79
C GLY C 134 -44.29 4.23 -2.91
N LEU C 135 -44.12 3.49 -1.81
CA LEU C 135 -43.02 3.74 -0.91
C LEU C 135 -42.02 2.59 -0.97
N SER C 136 -42.49 1.36 -0.81
CA SER C 136 -41.68 0.17 -0.87
C SER C 136 -42.41 -0.88 -1.69
N GLN C 137 -41.83 -2.08 -1.81
CA GLN C 137 -42.51 -3.12 -2.59
C GLN C 137 -42.47 -4.48 -1.89
N LYS C 138 -42.07 -4.56 -0.62
CA LYS C 138 -42.04 -5.81 0.11
C LYS C 138 -43.26 -5.90 1.02
N VAL C 139 -43.79 -7.10 1.14
CA VAL C 139 -45.01 -7.35 1.89
C VAL C 139 -44.72 -7.26 3.38
N LYS C 140 -45.73 -6.82 4.14
CA LYS C 140 -45.61 -6.64 5.58
C LYS C 140 -46.88 -7.16 6.25
N LYS C 141 -46.69 -7.83 7.39
CA LYS C 141 -47.78 -8.49 8.09
C LYS C 141 -48.33 -7.59 9.18
N TYR C 142 -49.64 -7.64 9.37
CA TYR C 142 -50.29 -6.87 10.44
C TYR C 142 -51.45 -7.66 11.02
N VAL C 143 -51.99 -7.20 12.15
CA VAL C 143 -53.14 -7.85 12.77
C VAL C 143 -53.80 -6.89 13.76
N ARG C 144 -55.13 -6.89 13.80
CA ARG C 144 -55.86 -6.09 14.77
C ARG C 144 -56.10 -6.92 16.03
N VAL C 145 -55.73 -6.35 17.18
CA VAL C 145 -55.70 -7.08 18.44
C VAL C 145 -56.46 -6.29 19.50
N SER C 146 -57.26 -7.00 20.28
CA SER C 146 -57.96 -6.37 21.38
C SER C 146 -57.01 -6.10 22.54
N GLN C 147 -57.44 -5.24 23.46
CA GLN C 147 -56.61 -4.90 24.61
C GLN C 147 -56.44 -6.07 25.58
N ASP C 148 -57.43 -6.94 25.70
CA ASP C 148 -57.43 -8.01 26.68
C ASP C 148 -56.88 -9.31 26.11
N THR C 149 -56.28 -9.28 24.93
CA THR C 149 -55.73 -10.48 24.35
C THR C 149 -54.55 -10.97 25.18
N PRO C 150 -54.52 -12.23 25.58
CA PRO C 150 -53.38 -12.74 26.36
C PRO C 150 -52.08 -12.63 25.57
N SER C 151 -51.00 -12.33 26.29
CA SER C 151 -49.70 -12.17 25.66
C SER C 151 -49.23 -13.45 24.99
N SER C 152 -49.56 -14.61 25.56
CA SER C 152 -49.16 -15.88 24.98
C SER C 152 -49.75 -16.09 23.59
N VAL C 153 -51.01 -15.71 23.39
CA VAL C 153 -51.63 -15.86 22.07
C VAL C 153 -50.89 -15.03 21.04
N ILE C 154 -50.55 -13.79 21.39
CA ILE C 154 -49.82 -12.94 20.46
C ILE C 154 -48.43 -13.50 20.18
N TYR C 155 -47.76 -14.03 21.22
CA TYR C 155 -46.44 -14.62 20.99
C TYR C 155 -46.52 -15.83 20.06
N HIS C 156 -47.52 -16.69 20.26
CA HIS C 156 -47.71 -17.82 19.37
C HIS C 156 -48.00 -17.36 17.94
N LEU C 157 -48.83 -16.35 17.78
CA LEU C 157 -49.11 -15.81 16.45
C LEU C 157 -47.85 -15.27 15.80
N MET C 158 -47.03 -14.54 16.55
CA MET C 158 -45.83 -13.94 15.99
C MET C 158 -44.80 -15.00 15.58
N THR C 159 -44.65 -16.05 16.39
CA THR C 159 -43.67 -17.05 16.03
C THR C 159 -44.20 -18.05 15.01
N GLN C 160 -45.18 -18.86 15.42
CA GLN C 160 -45.54 -20.05 14.67
C GLN C 160 -46.17 -19.75 13.32
N HIS C 161 -46.85 -18.62 13.17
CA HIS C 161 -47.60 -18.33 11.96
C HIS C 161 -47.02 -17.17 11.17
N TRP C 162 -46.20 -16.34 11.81
CA TRP C 162 -45.47 -15.31 11.06
C TRP C 162 -44.06 -15.74 10.69
N GLY C 163 -43.61 -16.92 11.12
CA GLY C 163 -42.30 -17.38 10.72
C GLY C 163 -41.15 -16.74 11.45
N LEU C 164 -41.42 -15.91 12.45
CA LEU C 164 -40.36 -15.24 13.17
C LEU C 164 -39.64 -16.20 14.10
N ASP C 165 -38.31 -16.20 14.03
CA ASP C 165 -37.52 -17.01 14.94
C ASP C 165 -37.53 -16.38 16.33
N VAL C 166 -37.31 -17.22 17.34
CA VAL C 166 -37.30 -16.75 18.72
C VAL C 166 -36.14 -15.76 18.88
N PRO C 167 -36.41 -14.54 19.32
CA PRO C 167 -35.35 -13.52 19.34
C PRO C 167 -34.34 -13.76 20.44
N ASN C 168 -33.12 -13.31 20.17
CA ASN C 168 -32.04 -13.33 21.14
C ASN C 168 -32.05 -12.13 22.06
N LEU C 169 -32.83 -11.10 21.74
CA LEU C 169 -32.82 -9.86 22.49
C LEU C 169 -33.99 -8.96 22.10
N LEU C 170 -34.61 -8.32 23.08
CA LEU C 170 -35.66 -7.35 22.82
C LEU C 170 -35.13 -5.93 22.95
N ILE C 171 -35.37 -5.12 21.92
CA ILE C 171 -34.90 -3.75 21.91
C ILE C 171 -36.12 -2.82 21.91
N SER C 172 -36.51 -2.37 23.09
CA SER C 172 -37.62 -1.43 23.21
C SER C 172 -37.11 -0.02 22.92
N VAL C 173 -37.72 0.62 21.92
CA VAL C 173 -37.37 1.98 21.54
C VAL C 173 -38.53 2.88 21.94
N THR C 174 -38.29 3.75 22.91
CA THR C 174 -39.30 4.69 23.39
C THR C 174 -38.76 6.11 23.25
N GLY C 175 -39.66 7.06 23.39
CA GLY C 175 -39.32 8.46 23.22
C GLY C 175 -40.57 9.29 23.02
N GLY C 176 -40.44 10.31 22.19
CA GLY C 176 -41.51 11.25 21.93
C GLY C 176 -42.05 11.12 20.52
N ALA C 177 -43.36 11.30 20.38
CA ALA C 177 -43.98 11.16 19.07
C ALA C 177 -43.72 12.39 18.20
N LYS C 178 -43.60 13.56 18.81
CA LYS C 178 -43.41 14.79 18.06
C LYS C 178 -42.11 14.74 17.25
N ASN C 179 -42.18 15.18 16.00
CA ASN C 179 -41.02 15.13 15.12
C ASN C 179 -39.93 16.06 15.64
N PHE C 180 -38.69 15.67 15.38
CA PHE C 180 -37.54 16.45 15.83
C PHE C 180 -36.31 16.04 15.02
N ASN C 181 -35.28 16.87 15.11
CA ASN C 181 -34.00 16.60 14.45
C ASN C 181 -32.88 16.68 15.46
N MET C 182 -31.82 15.92 15.23
CA MET C 182 -30.61 15.99 16.04
C MET C 182 -29.42 16.32 15.15
N LYS C 183 -28.24 16.31 15.76
CA LYS C 183 -27.00 16.56 15.04
C LYS C 183 -26.75 15.46 14.03
N PRO C 184 -26.20 15.79 12.85
CA PRO C 184 -25.91 14.74 11.86
C PRO C 184 -24.96 13.68 12.38
N ARG C 185 -23.99 14.04 13.22
CA ARG C 185 -23.12 13.02 13.80
C ARG C 185 -23.90 12.04 14.66
N LEU C 186 -24.81 12.55 15.49
CA LEU C 186 -25.63 11.68 16.32
C LEU C 186 -26.52 10.80 15.47
N LYS C 187 -27.08 11.34 14.39
CA LYS C 187 -27.86 10.51 13.49
C LYS C 187 -26.99 9.39 12.92
N SER C 188 -25.84 9.76 12.37
CA SER C 188 -24.95 8.81 11.71
C SER C 188 -24.42 7.74 12.65
N ILE C 189 -24.30 8.03 13.95
CA ILE C 189 -23.88 7.01 14.90
C ILE C 189 -25.05 6.16 15.38
N PHE C 190 -26.19 6.79 15.68
CA PHE C 190 -27.32 6.06 16.24
C PHE C 190 -27.95 5.12 15.24
N ARG C 191 -28.26 5.60 14.03
CA ARG C 191 -28.92 4.74 13.06
C ARG C 191 -27.97 3.74 12.42
N ARG C 192 -26.66 3.89 12.64
CA ARG C 192 -25.70 2.89 12.22
C ARG C 192 -25.39 1.87 13.30
N GLY C 193 -25.57 2.23 14.57
CA GLY C 193 -25.38 1.26 15.63
C GLY C 193 -26.62 0.45 15.93
N LEU C 194 -27.80 1.08 15.87
CA LEU C 194 -29.03 0.35 16.16
C LEU C 194 -29.23 -0.80 15.18
N VAL C 195 -28.91 -0.59 13.90
CA VAL C 195 -29.04 -1.67 12.94
C VAL C 195 -28.05 -2.79 13.24
N LYS C 196 -26.84 -2.45 13.69
CA LYS C 196 -25.84 -3.47 13.91
C LYS C 196 -26.06 -4.21 15.22
N VAL C 197 -26.85 -3.64 16.15
CA VAL C 197 -27.20 -4.34 17.38
C VAL C 197 -28.07 -5.53 17.00
N ALA C 198 -28.81 -5.40 15.91
CA ALA C 198 -29.78 -6.41 15.54
C ALA C 198 -29.21 -7.34 14.49
N GLN C 199 -28.36 -6.81 13.61
CA GLN C 199 -27.78 -7.62 12.54
C GLN C 199 -27.04 -8.83 13.10
N THR C 200 -26.23 -8.62 14.12
CA THR C 200 -25.44 -9.71 14.68
C THR C 200 -26.26 -10.62 15.57
N THR C 201 -27.24 -10.07 16.29
CA THR C 201 -27.88 -10.82 17.35
C THR C 201 -29.17 -11.51 16.93
N GLY C 202 -29.82 -11.06 15.86
CA GLY C 202 -31.12 -11.59 15.55
C GLY C 202 -32.15 -11.16 16.58
N ALA C 203 -32.27 -9.85 16.78
CA ALA C 203 -33.09 -9.29 17.84
C ALA C 203 -34.38 -8.72 17.26
N TRP C 204 -35.29 -8.32 18.14
CA TRP C 204 -36.54 -7.68 17.78
C TRP C 204 -36.53 -6.24 18.25
N ILE C 205 -37.14 -5.37 17.45
CA ILE C 205 -37.21 -3.95 17.75
C ILE C 205 -38.68 -3.59 17.93
N ILE C 206 -39.10 -3.41 19.18
CA ILE C 206 -40.47 -3.01 19.49
C ILE C 206 -40.52 -1.49 19.41
N THR C 207 -40.91 -0.95 18.26
CA THR C 207 -40.95 0.49 18.08
C THR C 207 -42.27 1.07 18.59
N GLY C 208 -42.52 2.33 18.27
CA GLY C 208 -43.75 2.97 18.68
C GLY C 208 -44.84 2.90 17.63
N GLY C 209 -44.54 2.29 16.48
CA GLY C 209 -45.57 2.18 15.46
C GLY C 209 -45.49 3.23 14.36
N SER C 210 -46.22 4.32 14.55
CA SER C 210 -46.56 5.25 13.48
C SER C 210 -45.34 6.01 12.97
N HIS C 211 -45.61 6.98 12.09
CA HIS C 211 -44.60 7.67 11.29
C HIS C 211 -44.19 9.02 11.87
N THR C 212 -44.14 9.18 13.18
CA THR C 212 -43.77 10.47 13.75
C THR C 212 -42.84 10.28 14.93
N GLY C 213 -41.67 10.91 14.85
CA GLY C 213 -40.79 11.03 16.00
C GLY C 213 -39.75 9.93 16.10
N VAL C 214 -39.65 9.37 17.31
CA VAL C 214 -38.68 8.34 17.62
C VAL C 214 -39.01 7.07 16.85
N MET C 215 -40.30 6.78 16.69
CA MET C 215 -40.72 5.61 15.93
C MET C 215 -40.59 5.80 14.42
N LYS C 216 -40.47 7.04 13.96
CA LYS C 216 -40.14 7.31 12.56
C LYS C 216 -38.65 7.26 12.31
N GLN C 217 -37.85 7.70 13.29
CA GLN C 217 -36.40 7.70 13.12
C GLN C 217 -35.84 6.28 13.09
N VAL C 218 -36.40 5.37 13.87
CA VAL C 218 -35.95 3.98 13.81
C VAL C 218 -36.33 3.36 12.46
N GLY C 219 -37.50 3.72 11.93
CA GLY C 219 -37.85 3.30 10.60
C GLY C 219 -36.90 3.83 9.55
N GLU C 220 -36.47 5.09 9.70
CA GLU C 220 -35.45 5.64 8.83
C GLU C 220 -34.14 4.87 8.95
N ALA C 221 -33.79 4.46 10.17
CA ALA C 221 -32.59 3.66 10.37
C ALA C 221 -32.68 2.34 9.61
N VAL C 222 -33.83 1.67 9.72
CA VAL C 222 -34.01 0.39 9.02
C VAL C 222 -34.01 0.60 7.52
N ARG C 223 -34.57 1.71 7.05
CA ARG C 223 -34.54 2.06 5.62
C ARG C 223 -33.13 2.32 5.14
N ASP C 224 -32.29 2.95 5.95
CA ASP C 224 -30.91 3.27 5.62
C ASP C 224 -30.06 2.01 5.46
N PHE C 225 -30.59 0.87 5.91
CA PHE C 225 -29.85 -0.38 5.80
C PHE C 225 -30.46 -1.28 4.74
N SER C 226 -31.75 -1.57 4.88
CA SER C 226 -32.41 -2.61 4.08
C SER C 226 -32.54 -2.24 2.61
N LEU C 227 -32.25 -0.99 2.24
CA LEU C 227 -32.26 -0.57 0.85
C LEU C 227 -30.90 -0.17 0.32
N SER C 228 -29.97 0.26 1.17
CA SER C 228 -28.60 0.51 0.71
C SER C 228 -27.82 -0.81 0.66
N SER C 229 -27.66 -1.46 1.81
CA SER C 229 -27.03 -2.77 1.88
C SER C 229 -28.09 -3.84 2.05
N SER C 230 -28.88 -4.03 0.99
CA SER C 230 -30.06 -4.87 1.06
C SER C 230 -29.66 -6.34 1.15
N TYR C 231 -29.39 -6.81 2.37
CA TYR C 231 -28.90 -8.17 2.60
C TYR C 231 -30.02 -9.01 3.20
N LYS C 232 -30.32 -10.13 2.54
CA LYS C 232 -31.26 -11.09 3.10
C LYS C 232 -30.71 -11.72 4.37
N GLU C 233 -29.38 -11.91 4.44
CA GLU C 233 -28.75 -12.47 5.62
C GLU C 233 -28.87 -11.51 6.78
N GLY C 234 -29.65 -11.88 7.79
CA GLY C 234 -29.86 -11.02 8.93
C GLY C 234 -30.97 -10.01 8.73
N GLU C 235 -32.17 -10.50 8.45
CA GLU C 235 -33.31 -9.63 8.22
C GLU C 235 -33.63 -8.83 9.48
N LEU C 236 -33.95 -7.55 9.29
CA LEU C 236 -34.31 -6.66 10.38
C LEU C 236 -35.77 -6.87 10.74
N ILE C 237 -36.03 -7.20 12.00
CA ILE C 237 -37.38 -7.48 12.48
C ILE C 237 -37.77 -6.34 13.41
N THR C 238 -38.60 -5.43 12.91
CA THR C 238 -39.14 -4.33 13.70
C THR C 238 -40.64 -4.54 13.84
N ILE C 239 -41.11 -4.62 15.07
CA ILE C 239 -42.52 -4.87 15.36
C ILE C 239 -43.16 -3.54 15.74
N GLY C 240 -44.15 -3.11 14.97
CA GLY C 240 -44.81 -1.85 15.26
C GLY C 240 -46.09 -2.04 16.06
N VAL C 241 -46.10 -1.51 17.29
CA VAL C 241 -47.28 -1.56 18.14
C VAL C 241 -47.87 -0.15 18.15
N ALA C 242 -49.09 -0.03 17.64
CA ALA C 242 -49.75 1.27 17.52
C ALA C 242 -51.19 1.11 17.97
N THR C 243 -52.00 2.12 17.69
CA THR C 243 -53.39 2.14 18.13
C THR C 243 -54.32 2.13 16.93
N TRP C 244 -55.28 1.20 16.96
CA TRP C 244 -56.40 1.19 16.02
C TRP C 244 -57.43 2.17 16.54
N GLY C 245 -57.78 3.16 15.72
CA GLY C 245 -58.59 4.26 16.16
C GLY C 245 -57.76 5.52 16.12
N THR C 246 -56.45 5.36 16.19
CA THR C 246 -55.48 6.41 15.90
C THR C 246 -54.89 6.30 14.51
N VAL C 247 -54.71 5.06 14.02
CA VAL C 247 -54.28 4.88 12.63
C VAL C 247 -55.28 5.56 11.70
N HIS C 248 -54.76 6.29 10.71
CA HIS C 248 -55.60 7.18 9.91
C HIS C 248 -56.51 6.42 8.97
N ARG C 249 -55.95 5.69 8.01
CA ARG C 249 -56.70 5.16 6.88
C ARG C 249 -56.98 3.67 7.03
N ARG C 250 -57.35 3.23 8.23
CA ARG C 250 -57.64 1.83 8.51
C ARG C 250 -58.82 1.33 7.69
N GLU C 251 -59.60 2.25 7.13
CA GLU C 251 -60.66 1.88 6.21
C GLU C 251 -60.02 1.32 4.93
N GLY C 252 -60.72 0.44 4.23
CA GLY C 252 -60.14 -0.23 3.09
C GLY C 252 -59.01 -1.15 3.51
N LEU C 253 -59.07 -1.58 4.76
CA LEU C 253 -58.09 -2.49 5.34
C LEU C 253 -58.83 -3.52 6.18
N ILE C 254 -60.15 -3.44 6.17
CA ILE C 254 -61.00 -4.33 6.94
C ILE C 254 -61.64 -5.33 5.98
N HIS C 255 -61.26 -6.60 6.14
CA HIS C 255 -61.81 -7.64 5.27
C HIS C 255 -61.75 -8.98 5.99
N PRO C 256 -62.89 -9.51 6.46
CA PRO C 256 -62.88 -10.67 7.38
C PRO C 256 -62.26 -11.95 6.84
N THR C 257 -61.76 -11.94 5.60
CA THR C 257 -61.16 -13.14 5.01
C THR C 257 -59.70 -12.89 4.65
N GLY C 258 -58.94 -12.35 5.59
CA GLY C 258 -57.71 -11.66 5.29
C GLY C 258 -56.47 -12.43 4.90
N SER C 259 -56.43 -12.93 3.66
CA SER C 259 -55.19 -13.37 3.03
C SER C 259 -54.72 -12.39 1.96
N PHE C 260 -55.36 -11.24 1.88
CA PHE C 260 -55.19 -10.23 0.84
C PHE C 260 -53.92 -9.41 1.05
N PRO C 261 -53.22 -9.05 -0.04
CA PRO C 261 -52.16 -8.05 0.05
C PRO C 261 -52.65 -6.63 -0.19
N ALA C 262 -53.53 -6.10 0.67
CA ALA C 262 -54.04 -4.76 0.44
C ALA C 262 -52.95 -3.71 0.55
N GLU C 263 -53.24 -2.52 0.05
CA GLU C 263 -52.28 -1.43 0.01
C GLU C 263 -52.74 -0.27 0.89
N TYR C 264 -51.76 0.46 1.41
CA TYR C 264 -51.98 1.61 2.27
C TYR C 264 -51.58 2.88 1.54
N ILE C 265 -52.52 3.82 1.45
CA ILE C 265 -52.26 5.13 0.88
C ILE C 265 -51.62 5.98 1.97
N LEU C 266 -50.30 6.12 1.91
CA LEU C 266 -49.57 6.82 2.95
C LEU C 266 -49.81 8.32 2.80
N ASP C 267 -50.87 8.82 3.42
CA ASP C 267 -51.22 10.23 3.36
C ASP C 267 -51.00 10.85 4.74
N GLU C 268 -50.00 11.72 4.84
CA GLU C 268 -49.67 12.40 6.08
C GLU C 268 -50.35 13.77 6.16
N ASP C 269 -50.81 14.28 5.01
CA ASP C 269 -51.46 15.57 4.95
C ASP C 269 -52.91 15.51 5.42
N GLY C 270 -53.64 14.48 5.04
CA GLY C 270 -55.06 14.37 5.35
C GLY C 270 -55.37 14.27 6.82
N GLN C 271 -54.51 13.59 7.58
CA GLN C 271 -54.74 13.33 8.99
C GLN C 271 -54.91 14.62 9.80
N GLY C 272 -55.88 14.61 10.71
CA GLY C 272 -56.07 15.72 11.63
C GLY C 272 -55.52 15.38 12.99
N ASN C 273 -56.39 14.97 13.91
CA ASN C 273 -55.97 14.47 15.20
C ASN C 273 -55.86 12.94 15.14
N LEU C 274 -55.13 12.48 14.11
CA LEU C 274 -54.89 11.06 13.92
C LEU C 274 -53.42 10.88 13.54
N THR C 275 -53.06 9.68 13.07
CA THR C 275 -51.68 9.45 12.65
C THR C 275 -51.60 8.29 11.66
N CYS C 276 -50.69 8.38 10.71
CA CYS C 276 -50.51 7.32 9.71
C CYS C 276 -49.41 6.36 10.16
N LEU C 277 -49.46 5.14 9.64
CA LEU C 277 -48.48 4.12 9.97
C LEU C 277 -47.15 4.40 9.29
N ASP C 278 -46.05 4.04 9.95
CA ASP C 278 -44.75 4.18 9.36
C ASP C 278 -44.55 3.15 8.25
N SER C 279 -43.82 3.55 7.21
CA SER C 279 -43.61 2.67 6.07
C SER C 279 -42.65 1.53 6.42
N ASN C 280 -41.53 1.86 7.07
CA ASN C 280 -40.46 0.89 7.28
C ASN C 280 -40.69 0.17 8.62
N HIS C 281 -41.46 -0.91 8.57
CA HIS C 281 -41.66 -1.76 9.74
C HIS C 281 -42.02 -3.15 9.27
N SER C 282 -41.30 -4.17 9.75
CA SER C 282 -41.52 -5.52 9.26
C SER C 282 -42.92 -6.02 9.60
N HIS C 283 -43.40 -5.75 10.80
CA HIS C 283 -44.71 -6.25 11.22
C HIS C 283 -45.43 -5.18 12.04
N PHE C 284 -46.75 -5.29 12.09
CA PHE C 284 -47.60 -4.31 12.74
C PHE C 284 -48.57 -5.01 13.68
N ILE C 285 -48.74 -4.45 14.87
CA ILE C 285 -49.72 -4.91 15.84
C ILE C 285 -50.54 -3.72 16.27
N LEU C 286 -51.86 -3.79 16.10
CA LEU C 286 -52.75 -2.68 16.37
C LEU C 286 -53.72 -3.06 17.47
N VAL C 287 -53.83 -2.21 18.48
CA VAL C 287 -54.71 -2.46 19.62
C VAL C 287 -55.79 -1.40 19.64
N ASP C 288 -56.96 -1.77 20.16
CA ASP C 288 -58.10 -0.87 20.14
C ASP C 288 -59.08 -1.24 21.25
N ASP C 289 -59.84 -0.25 21.68
CA ASP C 289 -61.02 -0.48 22.52
C ASP C 289 -62.32 -0.20 21.77
N GLY C 290 -62.26 -0.08 20.45
CA GLY C 290 -63.43 0.37 19.70
C GLY C 290 -63.71 1.82 19.99
N THR C 291 -62.69 2.66 19.82
CA THR C 291 -62.78 4.08 20.16
C THR C 291 -62.09 4.86 19.04
N HIS C 292 -62.12 6.18 19.12
CA HIS C 292 -61.54 7.01 18.08
C HIS C 292 -60.74 8.14 18.72
N GLY C 293 -59.49 8.29 18.29
CA GLY C 293 -58.70 9.41 18.74
C GLY C 293 -58.01 9.24 20.08
N GLN C 294 -58.14 8.10 20.73
CA GLN C 294 -57.47 7.88 21.99
C GLN C 294 -56.03 7.44 21.75
N TYR C 295 -55.14 7.88 22.65
CA TYR C 295 -53.71 7.66 22.49
C TYR C 295 -53.09 6.74 23.53
N GLY C 296 -53.58 6.76 24.77
CA GLY C 296 -52.97 5.95 25.81
C GLY C 296 -53.60 4.59 25.99
N VAL C 297 -53.66 3.79 24.93
CA VAL C 297 -54.30 2.49 24.97
C VAL C 297 -53.31 1.37 24.69
N GLU C 298 -52.26 1.62 23.91
CA GLU C 298 -51.28 0.60 23.58
C GLU C 298 -50.24 0.39 24.67
N ILE C 299 -50.16 1.27 25.66
CA ILE C 299 -49.17 1.14 26.72
C ILE C 299 -49.41 -0.13 27.52
N PRO C 300 -50.63 -0.40 28.04
CA PRO C 300 -50.79 -1.62 28.84
C PRO C 300 -51.07 -2.86 28.00
N LEU C 301 -50.36 -3.01 26.87
CA LEU C 301 -50.29 -4.28 26.18
C LEU C 301 -48.88 -4.45 25.65
N ARG C 302 -48.08 -3.38 25.78
CA ARG C 302 -46.69 -3.41 25.34
C ARG C 302 -45.82 -3.88 26.50
N THR C 303 -46.01 -3.26 27.67
CA THR C 303 -45.31 -3.73 28.87
C THR C 303 -45.71 -5.15 29.21
N ARG C 304 -46.99 -5.47 29.11
CA ARG C 304 -47.46 -6.82 29.39
C ARG C 304 -46.88 -7.85 28.42
N LEU C 305 -46.81 -7.51 27.13
CA LEU C 305 -46.21 -8.41 26.15
C LEU C 305 -44.71 -8.59 26.41
N GLU C 306 -44.02 -7.49 26.69
CA GLU C 306 -42.58 -7.54 26.91
C GLU C 306 -42.22 -8.33 28.17
N LYS C 307 -43.00 -8.17 29.24
CA LYS C 307 -42.80 -8.96 30.44
C LYS C 307 -42.88 -10.46 30.17
N PHE C 308 -43.77 -10.89 29.29
CA PHE C 308 -43.91 -12.29 28.92
C PHE C 308 -42.80 -12.76 27.98
N ILE C 309 -42.42 -11.94 27.01
CA ILE C 309 -41.34 -12.34 26.11
C ILE C 309 -40.03 -12.45 26.87
N SER C 310 -39.81 -11.58 27.85
CA SER C 310 -38.64 -11.70 28.69
C SER C 310 -38.65 -12.97 29.52
N GLU C 311 -39.81 -13.38 30.04
CA GLU C 311 -39.91 -14.62 30.79
C GLU C 311 -39.71 -15.84 29.90
N GLN C 312 -40.10 -15.75 28.63
CA GLN C 312 -39.90 -16.86 27.72
C GLN C 312 -38.41 -17.15 27.53
N THR C 313 -38.08 -18.41 27.27
CA THR C 313 -36.70 -18.86 27.25
C THR C 313 -36.36 -19.51 25.91
N LYS C 314 -35.07 -19.43 25.56
CA LYS C 314 -34.54 -20.05 24.36
C LYS C 314 -33.78 -21.32 24.74
N GLU C 315 -33.66 -22.26 23.79
CA GLU C 315 -33.03 -23.54 24.11
C GLU C 315 -31.76 -23.77 23.32
N ARG C 316 -31.83 -23.61 22.00
CA ARG C 316 -30.71 -23.80 21.10
C ARG C 316 -29.89 -25.06 21.35
N GLY C 317 -28.60 -25.02 21.04
CA GLY C 317 -27.82 -26.24 20.97
C GLY C 317 -27.68 -26.95 22.30
N GLY C 318 -26.90 -26.36 23.21
CA GLY C 318 -26.67 -27.00 24.49
C GLY C 318 -27.09 -26.18 25.69
N VAL C 319 -27.04 -24.86 25.56
CA VAL C 319 -27.28 -23.98 26.70
C VAL C 319 -28.60 -23.23 26.52
N ALA C 320 -29.34 -23.08 27.61
CA ALA C 320 -30.62 -22.39 27.58
C ALA C 320 -30.48 -21.07 28.33
N ILE C 321 -30.97 -20.00 27.71
CA ILE C 321 -30.84 -18.66 28.28
C ILE C 321 -32.21 -18.07 28.52
N LYS C 322 -32.25 -16.98 29.26
CA LYS C 322 -33.46 -16.18 29.45
C LYS C 322 -33.35 -14.94 28.58
N ILE C 323 -34.36 -14.71 27.74
CA ILE C 323 -34.29 -13.65 26.75
C ILE C 323 -34.19 -12.30 27.46
N PRO C 324 -33.15 -11.53 27.21
CA PRO C 324 -33.00 -10.23 27.87
C PRO C 324 -33.84 -9.17 27.17
N ILE C 325 -33.80 -7.96 27.72
CA ILE C 325 -34.59 -6.85 27.20
C ILE C 325 -33.86 -5.56 27.54
N VAL C 326 -34.04 -4.54 26.69
CA VAL C 326 -33.37 -3.26 26.87
C VAL C 326 -34.27 -2.17 26.33
N CYS C 327 -34.17 -0.98 26.92
CA CYS C 327 -34.91 0.19 26.47
C CYS C 327 -33.94 1.25 25.97
N VAL C 328 -34.28 1.84 24.82
CA VAL C 328 -33.44 2.85 24.20
C VAL C 328 -34.25 4.13 24.07
N VAL C 329 -33.91 5.14 24.87
CA VAL C 329 -34.73 6.35 24.90
C VAL C 329 -34.17 7.41 23.97
N LEU C 330 -35.00 8.40 23.65
CA LEU C 330 -34.67 9.60 22.87
C LEU C 330 -35.49 10.73 23.45
N GLU C 331 -35.71 11.80 22.68
CA GLU C 331 -36.62 12.85 23.13
C GLU C 331 -37.94 12.24 23.52
N GLY C 332 -38.43 12.59 24.70
CA GLY C 332 -39.72 12.10 25.17
C GLY C 332 -40.41 13.13 26.02
N GLY C 333 -41.72 12.99 26.15
CA GLY C 333 -42.51 13.87 26.98
C GLY C 333 -42.77 13.27 28.34
N PRO C 334 -43.88 13.65 28.96
CA PRO C 334 -44.21 13.11 30.28
C PRO C 334 -44.46 11.61 30.28
N GLY C 335 -44.83 11.06 29.13
CA GLY C 335 -45.14 9.65 29.06
C GLY C 335 -43.92 8.76 28.85
N THR C 336 -42.83 9.35 28.36
CA THR C 336 -41.60 8.60 28.18
C THR C 336 -40.92 8.42 29.53
N LEU C 337 -40.97 9.44 30.37
CA LEU C 337 -40.39 9.40 31.70
C LEU C 337 -41.05 8.32 32.55
N HIS C 338 -42.38 8.22 32.47
CA HIS C 338 -43.10 7.18 33.18
C HIS C 338 -42.73 5.78 32.70
N THR C 339 -42.58 5.59 31.39
CA THR C 339 -42.09 4.33 30.86
C THR C 339 -40.69 3.99 31.35
N ILE C 340 -39.81 4.98 31.38
CA ILE C 340 -38.45 4.75 31.90
C ILE C 340 -38.51 4.30 33.35
N ASP C 341 -39.35 4.97 34.15
CA ASP C 341 -39.47 4.56 35.54
C ASP C 341 -40.03 3.15 35.69
N ASN C 342 -41.10 2.84 34.96
CA ASN C 342 -41.69 1.51 35.05
C ASN C 342 -40.77 0.41 34.55
N ALA C 343 -39.89 0.72 33.59
CA ALA C 343 -38.98 -0.30 33.08
C ALA C 343 -37.92 -0.66 34.11
N THR C 344 -37.32 0.35 34.74
CA THR C 344 -36.24 0.08 35.70
C THR C 344 -36.76 -0.60 36.95
N THR C 345 -38.00 -0.34 37.33
CA THR C 345 -38.57 -0.98 38.52
C THR C 345 -38.63 -2.49 38.35
N ASN C 346 -39.03 -2.96 37.16
CA ASN C 346 -39.07 -4.38 36.88
C ASN C 346 -37.68 -4.98 36.68
N GLY C 347 -36.64 -4.16 36.58
CA GLY C 347 -35.30 -4.67 36.42
C GLY C 347 -34.81 -4.78 35.01
N THR C 348 -35.27 -3.91 34.11
CA THR C 348 -34.86 -3.92 32.72
C THR C 348 -33.95 -2.73 32.45
N PRO C 349 -32.70 -2.94 32.06
CA PRO C 349 -31.80 -1.81 31.84
C PRO C 349 -32.24 -0.96 30.65
N CYS C 350 -31.90 0.32 30.74
CA CYS C 350 -32.25 1.27 29.68
C CYS C 350 -31.04 2.16 29.40
N VAL C 351 -31.00 2.69 28.19
CA VAL C 351 -29.87 3.48 27.71
C VAL C 351 -30.38 4.85 27.26
N VAL C 352 -29.62 5.89 27.60
CA VAL C 352 -29.96 7.27 27.24
C VAL C 352 -28.81 7.85 26.42
N VAL C 353 -29.15 8.45 25.28
CA VAL C 353 -28.14 9.04 24.40
C VAL C 353 -27.74 10.41 24.93
N GLU C 354 -26.53 10.86 24.59
CA GLU C 354 -26.03 12.13 25.10
C GLU C 354 -26.48 13.30 24.25
N GLY C 355 -27.73 13.68 24.41
CA GLY C 355 -28.25 14.95 23.96
C GLY C 355 -29.03 14.87 22.68
N SER C 356 -30.33 14.60 22.82
CA SER C 356 -31.35 14.94 21.84
C SER C 356 -32.70 14.88 22.54
N GLY C 357 -33.21 16.00 23.03
CA GLY C 357 -34.57 15.94 23.53
C GLY C 357 -34.88 16.44 24.93
N ARG C 358 -36.16 16.52 25.21
CA ARG C 358 -36.69 17.07 26.46
C ARG C 358 -36.28 16.26 27.69
N VAL C 359 -36.78 15.03 27.80
CA VAL C 359 -36.68 14.30 29.06
C VAL C 359 -35.39 13.49 29.09
N ALA C 360 -34.89 13.10 27.92
CA ALA C 360 -33.65 12.35 27.83
C ALA C 360 -32.45 13.15 28.29
N ASP C 361 -32.38 14.44 27.92
CA ASP C 361 -31.18 15.22 28.21
C ASP C 361 -31.13 15.62 29.68
N VAL C 362 -32.29 15.81 30.30
CA VAL C 362 -32.35 16.10 31.73
C VAL C 362 -31.71 14.94 32.48
N ILE C 363 -32.15 13.71 32.16
CA ILE C 363 -31.58 12.52 32.78
C ILE C 363 -30.11 12.37 32.47
N ALA C 364 -29.71 12.63 31.23
CA ALA C 364 -28.30 12.53 30.88
C ALA C 364 -27.44 13.49 31.69
N GLN C 365 -27.91 14.72 31.90
CA GLN C 365 -27.13 15.67 32.68
C GLN C 365 -27.10 15.30 34.16
N VAL C 366 -28.27 14.99 34.74
CA VAL C 366 -28.25 14.51 36.12
C VAL C 366 -28.20 12.98 36.11
N ALA C 367 -26.99 12.43 35.98
CA ALA C 367 -26.79 10.99 36.02
C ALA C 367 -25.63 10.59 36.91
N ASN C 368 -24.67 11.47 37.15
CA ASN C 368 -23.56 11.19 38.06
C ASN C 368 -23.68 11.90 39.40
N LEU C 369 -24.55 12.90 39.50
CA LEU C 369 -24.76 13.62 40.73
C LEU C 369 -25.36 12.70 41.79
N PRO C 370 -24.99 12.83 43.06
CA PRO C 370 -25.71 12.10 44.11
C PRO C 370 -27.14 12.59 44.23
N VAL C 371 -27.88 12.01 45.17
CA VAL C 371 -29.29 12.35 45.30
C VAL C 371 -29.42 13.70 46.00
N SER C 372 -29.43 14.77 45.21
CA SER C 372 -29.58 16.14 45.68
C SER C 372 -30.20 16.91 44.52
N ASP C 373 -31.51 17.13 44.58
CA ASP C 373 -32.26 17.53 43.40
C ASP C 373 -33.20 18.71 43.65
N ILE C 374 -34.12 18.91 42.70
CA ILE C 374 -35.10 19.99 42.54
C ILE C 374 -34.36 21.24 42.04
N THR C 375 -33.15 21.04 41.53
CA THR C 375 -32.58 22.02 40.62
C THR C 375 -33.28 21.96 39.27
N ILE C 376 -34.27 21.07 39.16
CA ILE C 376 -34.98 20.78 37.92
C ILE C 376 -35.71 22.02 37.42
N SER C 377 -36.12 22.90 38.33
CA SER C 377 -36.77 24.15 37.93
C SER C 377 -35.89 24.91 36.94
N LEU C 378 -34.58 24.81 37.11
CA LEU C 378 -33.66 25.46 36.19
C LEU C 378 -33.37 24.57 34.99
N ILE C 379 -33.10 23.28 35.22
CA ILE C 379 -32.59 22.39 34.17
C ILE C 379 -33.69 21.97 33.19
N GLN C 380 -34.96 22.22 33.51
CA GLN C 380 -36.06 21.82 32.64
C GLN C 380 -36.27 22.79 31.51
N GLN C 381 -35.43 23.81 31.39
CA GLN C 381 -35.48 24.72 30.26
C GLN C 381 -35.23 24.03 28.93
N LYS C 382 -34.63 22.84 28.95
CA LYS C 382 -34.36 22.13 27.70
C LYS C 382 -35.64 21.76 26.97
N LEU C 383 -36.77 21.75 27.70
CA LEU C 383 -38.09 21.79 27.06
C LEU C 383 -38.32 23.22 26.60
N SER C 384 -37.64 23.56 25.50
CA SER C 384 -37.55 24.96 25.09
C SER C 384 -38.92 25.57 24.81
N VAL C 385 -39.80 24.82 24.14
CA VAL C 385 -41.14 25.29 23.87
C VAL C 385 -41.94 25.50 25.14
N PHE C 386 -41.53 24.84 26.24
CA PHE C 386 -42.02 25.17 27.58
C PHE C 386 -43.49 24.82 27.75
N PHE C 387 -43.91 23.70 27.13
CA PHE C 387 -45.32 23.28 27.11
C PHE C 387 -46.00 23.55 28.44
N GLN C 388 -47.22 24.09 28.36
CA GLN C 388 -47.95 24.74 29.43
C GLN C 388 -47.25 26.04 29.77
N GLU C 389 -46.55 26.62 28.79
CA GLU C 389 -46.20 28.04 28.64
C GLU C 389 -44.99 28.56 29.40
N MET C 390 -44.39 27.76 30.29
CA MET C 390 -43.03 28.00 30.81
C MET C 390 -42.71 27.00 31.92
N PHE C 391 -41.46 27.09 32.43
CA PHE C 391 -40.96 26.07 33.34
C PHE C 391 -41.58 26.17 34.73
N GLU C 392 -41.75 27.38 35.26
CA GLU C 392 -42.38 27.52 36.57
C GLU C 392 -43.87 27.22 36.49
N THR C 393 -44.46 27.30 35.29
CA THR C 393 -45.89 27.08 35.11
C THR C 393 -46.24 25.83 34.33
N PHE C 394 -45.34 24.83 34.27
CA PHE C 394 -45.88 23.49 34.01
C PHE C 394 -46.94 23.14 35.04
N THR C 395 -46.52 22.88 36.28
CA THR C 395 -47.38 22.76 37.45
C THR C 395 -46.48 22.50 38.64
N GLU C 396 -46.81 23.04 39.81
CA GLU C 396 -46.04 22.67 41.00
C GLU C 396 -46.18 21.18 41.29
N SER C 397 -47.39 20.63 41.11
CA SER C 397 -47.61 19.21 41.33
C SER C 397 -46.81 18.37 40.35
N ARG C 398 -46.78 18.77 39.08
CA ARG C 398 -46.08 17.95 38.10
C ARG C 398 -44.57 18.05 38.26
N ILE C 399 -44.08 19.22 38.68
CA ILE C 399 -42.65 19.33 38.96
C ILE C 399 -42.27 18.49 40.17
N VAL C 400 -43.07 18.54 41.24
CA VAL C 400 -42.72 17.76 42.42
C VAL C 400 -42.89 16.27 42.15
N GLU C 401 -43.75 15.92 41.19
CA GLU C 401 -43.83 14.53 40.75
C GLU C 401 -42.60 14.11 39.96
N TRP C 402 -42.15 14.94 39.02
CA TRP C 402 -40.99 14.62 38.22
C TRP C 402 -39.71 14.55 39.04
N THR C 403 -39.60 15.34 40.11
CA THR C 403 -38.43 15.22 40.97
C THR C 403 -38.30 13.82 41.56
N LYS C 404 -39.39 13.25 42.06
CA LYS C 404 -39.39 11.90 42.60
C LYS C 404 -38.98 10.89 41.54
N LYS C 405 -39.53 11.04 40.34
CA LYS C 405 -39.21 10.12 39.25
C LYS C 405 -37.73 10.19 38.88
N ILE C 406 -37.18 11.39 38.76
CA ILE C 406 -35.77 11.53 38.41
C ILE C 406 -34.89 10.94 39.50
N GLN C 407 -35.25 11.17 40.76
CA GLN C 407 -34.49 10.60 41.86
C GLN C 407 -34.52 9.08 41.80
N ASP C 408 -35.69 8.51 41.52
CA ASP C 408 -35.84 7.07 41.43
C ASP C 408 -34.99 6.51 40.30
N ILE C 409 -34.98 7.19 39.15
CA ILE C 409 -34.17 6.72 38.02
C ILE C 409 -32.69 6.76 38.36
N VAL C 410 -32.20 7.90 38.87
CA VAL C 410 -30.79 8.03 39.18
C VAL C 410 -30.35 7.08 40.29
N ARG C 411 -31.26 6.72 41.19
CA ARG C 411 -30.90 5.89 42.34
C ARG C 411 -30.42 4.51 41.93
N ARG C 412 -31.00 3.91 40.88
CA ARG C 412 -30.55 2.61 40.39
C ARG C 412 -29.38 2.84 39.43
N ARG C 413 -28.17 2.83 39.99
CA ARG C 413 -26.98 3.06 39.18
C ARG C 413 -26.77 1.93 38.17
N GLN C 414 -26.96 0.68 38.59
CA GLN C 414 -26.71 -0.44 37.69
C GLN C 414 -27.71 -0.49 36.55
N LEU C 415 -28.98 -0.26 36.85
CA LEU C 415 -30.04 -0.41 35.84
C LEU C 415 -30.07 0.73 34.84
N LEU C 416 -29.32 1.80 35.06
CA LEU C 416 -29.32 2.96 34.18
C LEU C 416 -27.92 3.18 33.64
N THR C 417 -27.84 3.50 32.36
CA THR C 417 -26.61 3.95 31.73
C THR C 417 -26.93 5.11 30.80
N VAL C 418 -25.94 5.96 30.59
CA VAL C 418 -26.07 7.09 29.68
C VAL C 418 -24.99 6.97 28.63
N PHE C 419 -25.37 7.19 27.37
CA PHE C 419 -24.46 7.03 26.24
C PHE C 419 -23.80 8.37 26.01
N ARG C 420 -22.85 8.71 26.88
CA ARG C 420 -22.11 9.96 26.75
C ARG C 420 -21.35 9.97 25.42
N GLU C 421 -21.59 11.00 24.61
CA GLU C 421 -21.12 10.99 23.23
C GLU C 421 -19.60 10.88 23.15
N GLY C 422 -18.90 11.92 23.57
CA GLY C 422 -17.45 11.98 23.39
C GLY C 422 -16.67 10.88 24.07
N LYS C 423 -17.23 10.32 25.14
CA LYS C 423 -16.51 9.36 25.95
C LYS C 423 -16.90 7.91 25.65
N ASP C 424 -18.04 7.67 25.00
CA ASP C 424 -18.51 6.31 24.77
C ASP C 424 -18.77 5.97 23.31
N GLY C 425 -19.12 6.95 22.47
CA GLY C 425 -19.39 6.63 21.08
C GLY C 425 -18.16 6.15 20.34
N GLN C 426 -16.98 6.69 20.68
CA GLN C 426 -15.73 6.17 20.14
C GLN C 426 -15.51 4.72 20.52
N GLN C 427 -15.95 4.30 21.70
CA GLN C 427 -15.99 2.87 22.00
C GLN C 427 -16.97 2.23 21.03
N ASP C 428 -18.25 2.54 21.20
CA ASP C 428 -19.33 2.33 20.24
C ASP C 428 -20.62 2.75 20.93
N VAL C 429 -21.71 2.71 20.17
CA VAL C 429 -23.03 2.60 20.77
C VAL C 429 -23.43 1.14 20.95
N ASP C 430 -22.93 0.24 20.09
CA ASP C 430 -23.19 -1.19 20.23
C ASP C 430 -22.67 -1.70 21.56
N VAL C 431 -21.44 -1.31 21.91
CA VAL C 431 -20.84 -1.83 23.12
C VAL C 431 -21.60 -1.36 24.36
N ALA C 432 -22.04 -0.11 24.42
CA ALA C 432 -22.79 0.33 25.59
C ALA C 432 -24.16 -0.33 25.63
N ILE C 433 -24.79 -0.50 24.46
CA ILE C 433 -26.10 -1.14 24.43
C ILE C 433 -26.00 -2.60 24.82
N LEU C 434 -24.82 -3.21 24.76
CA LEU C 434 -24.63 -4.51 25.40
C LEU C 434 -24.01 -4.43 26.79
N GLN C 435 -23.46 -3.29 27.17
CA GLN C 435 -23.05 -3.07 28.55
C GLN C 435 -24.26 -3.08 29.46
N ALA C 436 -25.37 -2.50 28.99
CA ALA C 436 -26.55 -2.43 29.84
C ALA C 436 -26.99 -3.82 30.29
N LEU C 437 -27.10 -4.77 29.35
CA LEU C 437 -27.55 -6.11 29.70
C LEU C 437 -26.55 -6.82 30.60
N LEU C 438 -25.26 -6.70 30.29
CA LEU C 438 -24.26 -7.37 31.11
C LEU C 438 -24.23 -6.81 32.52
N LYS C 439 -24.37 -5.49 32.68
CA LYS C 439 -24.43 -4.91 34.01
C LYS C 439 -25.66 -5.37 34.76
N ALA C 440 -26.81 -5.43 34.09
CA ALA C 440 -28.01 -5.91 34.76
C ALA C 440 -27.84 -7.35 35.23
N SER C 441 -27.29 -8.21 34.36
CA SER C 441 -27.07 -9.59 34.74
C SER C 441 -26.05 -9.72 35.87
N ARG C 442 -25.02 -8.89 35.87
CA ARG C 442 -24.03 -8.92 36.94
C ARG C 442 -24.65 -8.50 38.26
N SER C 443 -25.50 -7.47 38.25
CA SER C 443 -26.13 -6.98 39.46
C SER C 443 -27.26 -7.87 39.96
N GLN C 444 -27.82 -8.72 39.10
CA GLN C 444 -28.89 -9.60 39.55
C GLN C 444 -28.37 -10.59 40.59
N ASP C 445 -29.23 -10.90 41.57
CA ASP C 445 -28.89 -11.87 42.59
C ASP C 445 -28.87 -13.27 42.00
N HIS C 446 -27.80 -14.03 42.29
CA HIS C 446 -27.50 -15.23 41.51
C HIS C 446 -27.02 -16.44 42.30
N PHE C 447 -26.81 -16.33 43.62
CA PHE C 447 -26.35 -17.45 44.43
C PHE C 447 -25.02 -18.02 43.93
N GLY C 448 -23.97 -17.21 44.02
CA GLY C 448 -22.63 -17.71 43.86
C GLY C 448 -22.07 -17.42 42.49
N HIS C 449 -22.09 -18.44 41.64
CA HIS C 449 -21.34 -18.46 40.39
C HIS C 449 -22.24 -18.41 39.15
N GLU C 450 -23.56 -18.44 39.34
CA GLU C 450 -24.48 -18.58 38.21
C GLU C 450 -24.40 -17.40 37.25
N ASN C 451 -24.08 -16.21 37.77
CA ASN C 451 -24.10 -15.01 36.95
C ASN C 451 -23.05 -15.07 35.83
N TRP C 452 -21.84 -15.57 36.13
CA TRP C 452 -20.81 -15.62 35.11
C TRP C 452 -21.20 -16.55 33.97
N ASP C 453 -21.70 -17.75 34.30
CA ASP C 453 -22.09 -18.67 33.26
C ASP C 453 -23.30 -18.18 32.49
N HIS C 454 -24.23 -17.47 33.14
CA HIS C 454 -25.32 -16.88 32.39
C HIS C 454 -24.83 -15.82 31.42
N GLN C 455 -23.85 -14.99 31.84
CA GLN C 455 -23.29 -14.01 30.93
C GLN C 455 -22.58 -14.66 29.76
N LEU C 456 -21.83 -15.75 30.00
CA LEU C 456 -21.22 -16.48 28.89
C LEU C 456 -22.27 -17.08 27.96
N LYS C 457 -23.35 -17.61 28.52
CA LYS C 457 -24.43 -18.15 27.69
C LYS C 457 -25.01 -17.06 26.80
N LEU C 458 -25.22 -15.86 27.36
CA LEU C 458 -25.71 -14.75 26.56
C LEU C 458 -24.71 -14.37 25.48
N ALA C 459 -23.42 -14.34 25.82
CA ALA C 459 -22.39 -13.98 24.86
C ALA C 459 -22.31 -14.96 23.71
N VAL C 460 -22.58 -16.25 23.96
CA VAL C 460 -22.60 -17.23 22.89
C VAL C 460 -23.67 -16.88 21.86
N ALA C 461 -24.86 -16.54 22.34
CA ALA C 461 -25.94 -16.15 21.43
C ALA C 461 -25.69 -14.80 20.77
N TRP C 462 -25.00 -13.88 21.45
CA TRP C 462 -24.77 -12.57 20.84
C TRP C 462 -23.94 -12.67 19.58
N ASN C 463 -23.07 -13.69 19.49
CA ASN C 463 -22.08 -13.79 18.44
C ASN C 463 -21.22 -12.53 18.42
N ARG C 464 -20.93 -12.01 19.60
CA ARG C 464 -20.07 -10.84 19.79
C ARG C 464 -18.84 -11.30 20.57
N VAL C 465 -17.85 -11.81 19.82
CA VAL C 465 -16.65 -12.35 20.45
C VAL C 465 -15.85 -11.24 21.13
N ASP C 466 -15.85 -10.03 20.55
CA ASP C 466 -15.12 -8.93 21.15
C ASP C 466 -15.64 -8.61 22.54
N ILE C 467 -16.97 -8.52 22.71
CA ILE C 467 -17.52 -8.30 24.04
C ILE C 467 -17.27 -9.50 24.94
N ALA C 468 -17.54 -10.71 24.44
CA ALA C 468 -17.36 -11.91 25.25
C ALA C 468 -15.95 -12.02 25.78
N ARG C 469 -14.98 -11.49 25.04
CA ARG C 469 -13.62 -11.43 25.55
C ARG C 469 -13.46 -10.26 26.52
N SER C 470 -13.59 -9.04 26.01
CA SER C 470 -13.17 -7.86 26.74
C SER C 470 -13.93 -7.62 28.03
N GLU C 471 -15.11 -8.23 28.21
CA GLU C 471 -15.89 -7.92 29.40
C GLU C 471 -15.98 -9.09 30.37
N ILE C 472 -16.14 -10.31 29.88
CA ILE C 472 -16.28 -11.45 30.80
C ILE C 472 -15.14 -12.43 30.63
N PHE C 473 -13.98 -11.96 30.16
CA PHE C 473 -12.76 -12.74 30.34
C PHE C 473 -11.58 -11.87 30.75
N MET C 474 -11.70 -10.54 30.69
CA MET C 474 -10.68 -9.63 31.20
C MET C 474 -10.92 -9.30 32.67
N ASP C 475 -12.02 -9.79 33.23
CA ASP C 475 -12.32 -9.63 34.65
C ASP C 475 -11.78 -10.86 35.37
N GLU C 476 -11.26 -10.63 36.57
CA GLU C 476 -10.59 -11.70 37.31
C GLU C 476 -11.56 -12.44 38.21
N TRP C 477 -12.47 -13.21 37.62
CA TRP C 477 -13.30 -14.14 38.37
C TRP C 477 -12.67 -15.53 38.33
N GLN C 478 -13.01 -16.34 39.32
CA GLN C 478 -12.51 -17.71 39.37
C GLN C 478 -13.28 -18.54 38.36
N TRP C 479 -12.56 -19.31 37.55
CA TRP C 479 -13.18 -20.26 36.64
C TRP C 479 -12.21 -21.40 36.36
N LYS C 480 -12.76 -22.60 36.24
CA LYS C 480 -11.98 -23.76 35.81
C LYS C 480 -12.28 -24.06 34.34
N PRO C 481 -11.33 -24.61 33.60
CA PRO C 481 -11.59 -24.94 32.19
C PRO C 481 -12.71 -25.94 31.98
N SER C 482 -13.04 -26.75 32.99
CA SER C 482 -14.13 -27.71 32.84
C SER C 482 -15.47 -27.00 32.77
N ASP C 483 -15.56 -25.80 33.35
CA ASP C 483 -16.83 -25.08 33.42
C ASP C 483 -17.27 -24.57 32.06
N LEU C 484 -16.36 -24.57 31.08
CA LEU C 484 -16.67 -24.08 29.75
C LEU C 484 -17.18 -25.16 28.81
N HIS C 485 -17.23 -26.41 29.26
CA HIS C 485 -17.63 -27.52 28.41
C HIS C 485 -19.05 -27.38 27.87
N PRO C 486 -20.07 -27.06 28.69
CA PRO C 486 -21.41 -26.85 28.13
C PRO C 486 -21.47 -25.73 27.11
N THR C 487 -20.68 -24.67 27.29
CA THR C 487 -20.56 -23.61 26.32
C THR C 487 -19.72 -24.00 25.11
N MET C 488 -18.65 -24.78 25.33
CA MET C 488 -17.86 -25.29 24.22
C MET C 488 -18.71 -26.13 23.28
N THR C 489 -19.58 -26.98 23.83
CA THR C 489 -20.46 -27.78 22.99
C THR C 489 -21.39 -26.91 22.16
N ALA C 490 -21.97 -25.89 22.77
CA ALA C 490 -22.88 -25.00 22.03
C ALA C 490 -22.14 -24.29 20.91
N ALA C 491 -20.93 -23.80 21.19
CA ALA C 491 -20.14 -23.16 20.15
C ALA C 491 -19.79 -24.12 19.02
N LEU C 492 -19.40 -25.35 19.34
CA LEU C 492 -19.09 -26.31 18.29
C LEU C 492 -20.32 -26.61 17.44
N ILE C 493 -21.48 -26.78 18.06
CA ILE C 493 -22.69 -27.07 17.31
C ILE C 493 -23.06 -25.89 16.41
N SER C 494 -22.96 -24.68 16.93
CA SER C 494 -23.37 -23.51 16.17
C SER C 494 -22.30 -23.01 15.20
N ASN C 495 -21.12 -23.63 15.20
CA ASN C 495 -20.08 -23.31 14.21
C ASN C 495 -19.58 -21.88 14.40
N LYS C 496 -19.14 -21.57 15.61
CA LYS C 496 -18.52 -20.28 15.89
C LYS C 496 -17.05 -20.51 16.21
N PRO C 497 -16.18 -20.58 15.19
CA PRO C 497 -14.78 -20.88 15.47
C PRO C 497 -14.09 -19.80 16.29
N GLU C 498 -14.61 -18.58 16.28
CA GLU C 498 -14.01 -17.52 17.07
C GLU C 498 -14.11 -17.79 18.57
N PHE C 499 -15.22 -18.39 19.01
CA PHE C 499 -15.32 -18.81 20.41
C PHE C 499 -14.48 -20.04 20.71
N VAL C 500 -14.33 -20.94 19.74
CA VAL C 500 -13.42 -22.07 19.92
C VAL C 500 -12.01 -21.57 20.18
N LYS C 501 -11.55 -20.59 19.40
CA LYS C 501 -10.23 -20.03 19.63
C LYS C 501 -10.12 -19.39 21.00
N LEU C 502 -11.15 -18.66 21.43
CA LEU C 502 -11.12 -18.01 22.74
C LEU C 502 -11.02 -19.03 23.86
N PHE C 503 -11.80 -20.10 23.78
CA PHE C 503 -11.77 -21.10 24.83
C PHE C 503 -10.48 -21.88 24.83
N LEU C 504 -9.91 -22.14 23.66
CA LEU C 504 -8.59 -22.76 23.63
C LEU C 504 -7.51 -21.86 24.21
N GLU C 505 -7.60 -20.54 23.96
CA GLU C 505 -6.68 -19.61 24.60
C GLU C 505 -6.82 -19.63 26.11
N ASN C 506 -8.06 -19.65 26.61
CA ASN C 506 -8.31 -19.69 28.05
C ASN C 506 -7.98 -21.04 28.67
N GLY C 507 -7.83 -22.08 27.86
CA GLY C 507 -7.28 -23.32 28.35
C GLY C 507 -8.20 -24.51 28.39
N VAL C 508 -9.12 -24.63 27.45
CA VAL C 508 -9.96 -25.83 27.36
C VAL C 508 -9.20 -26.92 26.63
N GLN C 509 -8.72 -27.91 27.36
CA GLN C 509 -7.96 -29.00 26.76
C GLN C 509 -8.92 -29.96 26.05
N LEU C 510 -8.79 -30.07 24.73
CA LEU C 510 -9.69 -30.92 23.96
C LEU C 510 -9.53 -32.39 24.35
N LYS C 511 -8.31 -32.82 24.62
CA LYS C 511 -8.07 -34.23 24.96
C LYS C 511 -8.86 -34.65 26.20
N GLU C 512 -9.21 -33.71 27.06
CA GLU C 512 -10.06 -34.01 28.21
C GLU C 512 -11.51 -33.63 27.99
N PHE C 513 -11.77 -32.62 27.16
CA PHE C 513 -13.13 -32.19 26.92
C PHE C 513 -13.92 -33.22 26.12
N VAL C 514 -13.28 -33.84 25.13
CA VAL C 514 -13.99 -34.74 24.23
C VAL C 514 -14.24 -36.09 24.89
N THR C 515 -15.42 -36.26 25.44
CA THR C 515 -15.79 -37.53 26.05
C THR C 515 -16.68 -38.34 25.10
N TRP C 516 -16.91 -39.59 25.50
CA TRP C 516 -17.76 -40.47 24.68
C TRP C 516 -19.17 -39.92 24.58
N ASP C 517 -19.75 -39.51 25.71
CA ASP C 517 -21.08 -38.92 25.69
C ASP C 517 -21.11 -37.60 24.94
N THR C 518 -20.04 -36.81 25.02
CA THR C 518 -19.98 -35.57 24.26
C THR C 518 -20.01 -35.84 22.77
N LEU C 519 -19.27 -36.84 22.31
CA LEU C 519 -19.33 -37.22 20.89
C LEU C 519 -20.72 -37.71 20.52
N LEU C 520 -21.32 -38.54 21.36
CA LEU C 520 -22.65 -39.04 21.05
C LEU C 520 -23.67 -37.92 20.93
N TYR C 521 -23.61 -36.95 21.85
CA TYR C 521 -24.47 -35.78 21.76
C TYR C 521 -24.17 -34.91 20.54
N LEU C 522 -22.90 -34.74 20.20
CA LEU C 522 -22.52 -33.93 19.06
C LEU C 522 -23.04 -34.53 17.76
N TYR C 523 -22.94 -35.84 17.61
CA TYR C 523 -23.38 -36.47 16.37
C TYR C 523 -24.89 -36.47 16.19
N GLU C 524 -25.65 -36.18 17.24
CA GLU C 524 -27.10 -36.02 17.11
C GLU C 524 -27.50 -34.61 16.72
N ASN C 525 -26.54 -33.70 16.58
CA ASN C 525 -26.82 -32.31 16.22
C ASN C 525 -25.99 -31.90 15.01
N LEU C 526 -25.96 -32.77 14.01
CA LEU C 526 -25.31 -32.43 12.75
C LEU C 526 -26.13 -31.38 12.00
N ASP C 527 -25.53 -30.82 10.97
CA ASP C 527 -26.24 -29.90 10.11
C ASP C 527 -27.29 -30.67 9.34
N PRO C 528 -28.58 -30.38 9.49
CA PRO C 528 -29.60 -31.16 8.78
C PRO C 528 -29.50 -31.06 7.27
N SER C 529 -28.88 -30.00 6.75
CA SER C 529 -28.73 -29.84 5.31
C SER C 529 -27.49 -30.54 4.76
N CYS C 530 -26.71 -31.19 5.61
CA CYS C 530 -25.48 -31.83 5.16
C CYS C 530 -25.78 -33.18 4.52
N LEU C 531 -24.82 -33.64 3.70
CA LEU C 531 -24.94 -34.96 3.09
C LEU C 531 -24.70 -36.07 4.11
N PHE C 532 -23.77 -35.85 5.04
CA PHE C 532 -23.48 -36.85 6.05
C PHE C 532 -24.68 -37.11 6.95
N HIS C 533 -25.41 -36.05 7.31
CA HIS C 533 -26.62 -36.23 8.10
C HIS C 533 -27.66 -37.04 7.35
N SER C 534 -27.81 -36.79 6.05
CA SER C 534 -28.73 -37.59 5.25
C SER C 534 -28.30 -39.05 5.21
N LYS C 535 -27.00 -39.31 5.06
CA LYS C 535 -26.53 -40.69 5.03
C LYS C 535 -26.76 -41.38 6.37
N LEU C 536 -26.56 -40.65 7.48
CA LEU C 536 -26.82 -41.20 8.80
C LEU C 536 -28.29 -41.44 9.09
N GLN C 537 -29.18 -40.56 8.63
CA GLN C 537 -30.60 -40.78 8.77
C GLN C 537 -31.12 -41.85 7.83
N LYS C 538 -30.31 -42.26 6.85
CA LYS C 538 -30.67 -43.32 5.93
C LYS C 538 -30.14 -44.68 6.38
N VAL C 539 -28.96 -44.73 7.00
CA VAL C 539 -28.49 -45.99 7.55
C VAL C 539 -29.38 -46.43 8.71
N LEU C 540 -29.90 -45.48 9.50
CA LEU C 540 -30.82 -45.80 10.58
C LEU C 540 -32.09 -46.47 10.07
N VAL C 541 -32.49 -46.19 8.83
CA VAL C 541 -33.65 -46.82 8.23
C VAL C 541 -33.31 -48.08 7.45
N GLU C 542 -32.12 -48.14 6.84
CA GLU C 542 -31.68 -49.40 6.23
C GLU C 542 -31.52 -50.48 7.29
N ASP C 543 -31.09 -50.10 8.49
CA ASP C 543 -31.11 -51.00 9.64
C ASP C 543 -32.14 -50.47 10.62
N PRO C 544 -33.44 -50.68 10.37
CA PRO C 544 -34.47 -50.06 11.20
C PRO C 544 -34.70 -50.78 12.51
N GLU C 545 -35.72 -50.33 13.25
CA GLU C 545 -35.94 -50.84 14.60
C GLU C 545 -36.38 -52.29 14.61
N ARG C 546 -37.29 -52.68 13.72
CA ARG C 546 -37.82 -54.03 13.80
C ARG C 546 -36.92 -55.11 13.19
N PRO C 547 -36.53 -55.02 11.90
CA PRO C 547 -35.97 -56.20 11.23
C PRO C 547 -34.46 -56.40 11.38
N ALA C 548 -33.70 -55.31 11.51
CA ALA C 548 -32.24 -55.41 11.51
C ALA C 548 -31.64 -55.13 12.88
N CYS C 549 -31.93 -53.98 13.46
CA CYS C 549 -31.55 -53.71 14.86
C CYS C 549 -32.73 -54.12 15.72
N ALA C 550 -32.88 -55.43 15.88
CA ALA C 550 -34.17 -56.02 16.22
C ALA C 550 -34.89 -55.40 17.41
N PRO C 551 -34.25 -55.10 18.55
CA PRO C 551 -34.98 -54.40 19.62
C PRO C 551 -35.56 -53.07 19.17
N ALA C 552 -34.69 -52.16 18.72
CA ALA C 552 -35.08 -50.85 18.23
C ALA C 552 -33.85 -50.12 17.75
N ALA C 553 -34.07 -49.14 16.86
CA ALA C 553 -33.01 -48.21 16.46
C ALA C 553 -33.62 -46.93 15.89
N PRO C 554 -34.33 -46.16 16.70
CA PRO C 554 -34.65 -44.78 16.30
C PRO C 554 -33.69 -43.73 16.85
N ARG C 555 -32.69 -44.15 17.64
CA ARG C 555 -31.69 -43.26 18.20
C ARG C 555 -30.36 -43.52 17.52
N LEU C 556 -29.60 -42.45 17.29
CA LEU C 556 -28.30 -42.57 16.64
C LEU C 556 -27.24 -42.87 17.68
N GLN C 557 -26.33 -43.79 17.36
CA GLN C 557 -25.28 -44.18 18.28
C GLN C 557 -24.04 -44.57 17.48
N MET C 558 -22.89 -44.58 18.16
CA MET C 558 -21.59 -44.52 17.51
C MET C 558 -21.34 -45.65 16.52
N HIS C 559 -21.99 -46.80 16.68
CA HIS C 559 -21.79 -47.87 15.72
C HIS C 559 -22.27 -47.46 14.33
N HIS C 560 -23.37 -46.71 14.27
CA HIS C 560 -23.91 -46.27 12.98
C HIS C 560 -22.94 -45.34 12.27
N VAL C 561 -22.40 -44.36 12.99
CA VAL C 561 -21.44 -43.45 12.37
C VAL C 561 -20.15 -44.17 12.00
N ALA C 562 -19.75 -45.17 12.80
CA ALA C 562 -18.60 -45.98 12.39
C ALA C 562 -18.89 -46.71 11.08
N GLN C 563 -20.10 -47.27 10.96
CA GLN C 563 -20.47 -47.97 9.73
C GLN C 563 -20.46 -47.05 8.53
N VAL C 564 -21.00 -45.84 8.67
CA VAL C 564 -21.02 -44.94 7.52
C VAL C 564 -19.62 -44.39 7.19
N LEU C 565 -18.77 -44.18 8.20
CA LEU C 565 -17.39 -43.81 7.90
C LEU C 565 -16.64 -44.93 7.20
N ARG C 566 -16.97 -46.18 7.51
CA ARG C 566 -16.39 -47.28 6.75
C ARG C 566 -16.78 -47.23 5.28
N GLU C 567 -18.05 -46.92 4.98
CA GLU C 567 -18.46 -46.76 3.60
C GLU C 567 -17.73 -45.60 2.93
N LEU C 568 -17.60 -44.48 3.62
CA LEU C 568 -16.89 -43.34 3.05
C LEU C 568 -15.43 -43.67 2.77
N LEU C 569 -14.78 -44.40 3.68
CA LEU C 569 -13.43 -44.88 3.46
C LEU C 569 -13.49 -46.11 2.56
N GLY C 570 -12.37 -46.80 2.42
CA GLY C 570 -12.28 -47.94 1.53
C GLY C 570 -12.71 -49.23 2.20
N ASP C 571 -12.13 -50.34 1.73
CA ASP C 571 -12.44 -51.67 2.24
C ASP C 571 -11.53 -52.07 3.40
N PHE C 572 -11.11 -51.11 4.20
CA PHE C 572 -10.10 -51.33 5.22
C PHE C 572 -10.71 -51.98 6.46
N THR C 573 -9.95 -52.03 7.56
CA THR C 573 -10.34 -52.83 8.71
C THR C 573 -11.52 -52.21 9.43
N GLN C 574 -11.85 -52.80 10.58
CA GLN C 574 -12.99 -52.36 11.36
C GLN C 574 -12.83 -50.89 11.72
N PRO C 575 -13.90 -50.10 11.63
CA PRO C 575 -13.75 -48.64 11.79
C PRO C 575 -13.37 -48.21 13.19
N LEU C 576 -13.31 -46.88 13.39
CA LEU C 576 -12.72 -46.34 14.60
C LEU C 576 -13.52 -46.69 15.85
N TYR C 577 -14.74 -47.18 15.69
CA TYR C 577 -15.53 -47.43 16.88
C TYR C 577 -15.95 -48.90 16.98
N PRO C 578 -16.08 -49.42 18.20
CA PRO C 578 -16.19 -50.87 18.40
C PRO C 578 -17.43 -51.50 17.80
N ARG C 579 -17.24 -52.37 16.83
CA ARG C 579 -18.31 -53.13 16.18
C ARG C 579 -18.89 -54.23 17.07
N PRO C 580 -18.07 -55.14 17.66
CA PRO C 580 -18.63 -56.42 18.14
C PRO C 580 -19.50 -56.31 19.39
N ARG C 581 -19.89 -57.48 19.91
CA ARG C 581 -20.85 -57.57 21.01
C ARG C 581 -20.49 -56.71 22.21
N HIS C 582 -19.23 -56.32 22.36
CA HIS C 582 -18.83 -55.48 23.49
C HIS C 582 -19.51 -54.13 23.43
N ASN C 583 -19.49 -53.48 22.28
CA ASN C 583 -20.07 -52.15 22.09
C ASN C 583 -20.80 -52.06 20.76
N ASP C 584 -21.59 -53.09 20.45
CA ASP C 584 -22.46 -53.03 19.29
C ASP C 584 -23.58 -52.03 19.53
N ARG C 585 -23.38 -50.80 19.06
CA ARG C 585 -24.27 -49.69 19.37
C ARG C 585 -25.37 -49.55 18.32
N LEU C 586 -26.34 -50.47 18.38
CA LEU C 586 -27.44 -50.49 17.43
C LEU C 586 -28.80 -50.59 18.10
N ARG C 587 -28.87 -51.26 19.24
CA ARG C 587 -30.13 -51.81 19.74
C ARG C 587 -30.33 -51.52 21.22
N LEU C 588 -30.16 -50.26 21.62
CA LEU C 588 -30.44 -49.88 23.01
C LEU C 588 -31.56 -48.85 23.05
N LEU C 589 -32.80 -49.35 22.96
CA LEU C 589 -33.98 -48.61 23.40
C LEU C 589 -34.98 -49.47 24.17
N LEU C 590 -34.98 -50.77 23.97
CA LEU C 590 -35.74 -51.84 24.63
C LEU C 590 -34.92 -52.41 25.78
N PRO C 591 -35.57 -53.01 26.78
CA PRO C 591 -34.82 -53.51 27.94
C PRO C 591 -33.93 -54.69 27.60
N VAL C 592 -32.83 -54.44 26.89
CA VAL C 592 -31.86 -55.51 26.63
C VAL C 592 -31.16 -55.89 27.92
N PRO C 593 -30.76 -57.14 28.11
CA PRO C 593 -30.16 -57.53 29.39
C PRO C 593 -28.80 -56.88 29.60
N HIS C 594 -28.41 -56.83 30.88
CA HIS C 594 -27.16 -56.24 31.32
C HIS C 594 -25.99 -57.20 31.12
N VAL C 595 -24.88 -56.95 31.83
CA VAL C 595 -23.59 -57.61 31.65
C VAL C 595 -23.71 -59.10 31.39
N LYS C 596 -24.71 -59.75 31.98
CA LYS C 596 -24.92 -61.17 31.75
C LYS C 596 -25.26 -61.48 30.30
N LEU C 597 -25.65 -60.47 29.52
CA LEU C 597 -26.03 -60.69 28.12
C LEU C 597 -24.80 -60.81 27.22
N ASN C 598 -23.99 -59.75 27.17
CA ASN C 598 -22.74 -59.67 26.39
C ASN C 598 -22.94 -60.05 24.92
N VAL C 599 -24.18 -60.04 24.43
CA VAL C 599 -24.49 -60.30 23.03
C VAL C 599 -25.37 -59.16 22.54
N GLN C 600 -24.94 -58.48 21.48
CA GLN C 600 -25.62 -57.31 20.91
C GLN C 600 -26.16 -56.38 22.01
N GLY C 601 -25.35 -56.18 23.03
CA GLY C 601 -25.73 -55.35 24.16
C GLY C 601 -24.50 -54.86 24.89
N VAL C 602 -24.68 -54.52 26.16
CA VAL C 602 -23.60 -54.02 27.00
C VAL C 602 -22.97 -55.18 27.75
N SER C 603 -21.64 -55.25 27.70
CA SER C 603 -20.90 -56.34 28.34
C SER C 603 -19.98 -55.84 29.45
N LEU C 604 -19.13 -54.85 29.17
CA LEU C 604 -18.15 -54.40 30.15
C LEU C 604 -18.53 -53.08 30.82
N ARG C 605 -19.37 -52.27 30.17
CA ARG C 605 -19.74 -50.97 30.73
C ARG C 605 -20.61 -51.15 31.97
N SER C 606 -20.72 -50.06 32.73
CA SER C 606 -21.26 -50.12 34.09
C SER C 606 -22.76 -50.40 34.13
N LEU C 607 -23.57 -49.48 33.60
CA LEU C 607 -25.02 -49.55 33.77
C LEU C 607 -25.72 -49.38 32.43
N TYR C 608 -26.95 -49.91 32.36
CA TYR C 608 -27.83 -49.74 31.21
C TYR C 608 -28.92 -48.77 31.61
N LYS C 609 -28.66 -47.47 31.39
CA LYS C 609 -29.56 -46.38 31.75
C LYS C 609 -30.02 -45.64 30.50
N ARG C 610 -30.42 -46.39 29.47
CA ARG C 610 -30.67 -45.85 28.13
C ARG C 610 -29.40 -45.19 27.59
N SER C 611 -28.25 -45.72 28.02
CA SER C 611 -26.94 -45.26 27.59
C SER C 611 -25.98 -46.43 27.76
N SER C 612 -24.69 -46.13 27.70
CA SER C 612 -23.65 -47.15 27.88
C SER C 612 -22.79 -46.91 29.10
N GLY C 613 -22.29 -45.69 29.28
CA GLY C 613 -21.39 -45.36 30.35
C GLY C 613 -20.27 -44.50 29.82
N HIS C 614 -19.12 -44.56 30.48
CA HIS C 614 -17.95 -43.78 30.07
C HIS C 614 -16.97 -44.69 29.33
N VAL C 615 -17.08 -44.71 28.00
CA VAL C 615 -16.01 -45.22 27.16
C VAL C 615 -14.97 -44.10 27.13
N THR C 616 -13.96 -44.21 28.00
CA THR C 616 -13.20 -43.06 28.48
C THR C 616 -12.83 -42.06 27.39
N PHE C 617 -12.00 -42.46 26.44
CA PHE C 617 -11.63 -41.54 25.37
C PHE C 617 -11.42 -42.19 24.02
N THR C 618 -11.69 -43.49 23.87
CA THR C 618 -11.55 -44.25 22.61
C THR C 618 -10.28 -43.90 21.84
N MET C 619 -9.22 -43.58 22.59
CA MET C 619 -7.82 -43.50 22.13
C MET C 619 -7.59 -42.59 20.92
N ASP C 620 -8.58 -41.81 20.49
CA ASP C 620 -8.37 -40.74 19.50
C ASP C 620 -9.38 -39.62 19.69
N PRO C 621 -9.37 -38.97 20.86
CA PRO C 621 -10.35 -37.91 21.11
C PRO C 621 -10.24 -36.73 20.16
N ILE C 622 -9.03 -36.35 19.76
CA ILE C 622 -8.89 -35.25 18.81
C ILE C 622 -9.35 -35.68 17.43
N ARG C 623 -9.03 -36.91 17.03
CA ARG C 623 -9.48 -37.42 15.74
C ARG C 623 -10.99 -37.51 15.67
N ASP C 624 -11.67 -37.78 16.79
CA ASP C 624 -13.12 -37.80 16.77
C ASP C 624 -13.70 -36.44 16.42
N LEU C 625 -13.18 -35.36 17.02
CA LEU C 625 -13.63 -34.03 16.61
C LEU C 625 -13.22 -33.71 15.18
N LEU C 626 -12.04 -34.16 14.76
CA LEU C 626 -11.60 -33.85 13.40
C LEU C 626 -12.55 -34.46 12.37
N ILE C 627 -12.95 -35.71 12.57
CA ILE C 627 -13.89 -36.33 11.62
C ILE C 627 -15.23 -35.62 11.65
N TRP C 628 -15.73 -35.28 12.83
CA TRP C 628 -17.04 -34.65 12.93
C TRP C 628 -17.04 -33.28 12.29
N ALA C 629 -15.94 -32.52 12.42
CA ALA C 629 -15.84 -31.24 11.75
C ALA C 629 -15.65 -31.38 10.26
N ILE C 630 -14.92 -32.41 9.81
CA ILE C 630 -14.69 -32.59 8.38
C ILE C 630 -15.97 -32.96 7.65
N VAL C 631 -16.75 -33.89 8.21
CA VAL C 631 -17.94 -34.34 7.50
C VAL C 631 -18.97 -33.23 7.34
N GLN C 632 -18.91 -32.19 8.17
CA GLN C 632 -19.83 -31.07 8.08
C GLN C 632 -19.30 -29.93 7.20
N ASN C 633 -18.11 -30.09 6.63
CA ASN C 633 -17.50 -29.08 5.78
C ASN C 633 -17.24 -27.77 6.50
N ARG C 634 -16.98 -27.81 7.80
CA ARG C 634 -16.60 -26.60 8.55
C ARG C 634 -15.10 -26.39 8.36
N ARG C 635 -14.76 -25.62 7.32
CA ARG C 635 -13.34 -25.43 6.97
C ARG C 635 -12.58 -24.73 8.08
N GLU C 636 -13.11 -23.62 8.60
CA GLU C 636 -12.40 -22.89 9.64
C GLU C 636 -12.30 -23.68 10.93
N LEU C 637 -13.34 -24.44 11.26
CA LEU C 637 -13.33 -25.20 12.51
C LEU C 637 -12.40 -26.39 12.44
N ALA C 638 -12.34 -27.08 11.29
CA ALA C 638 -11.51 -28.27 11.18
C ALA C 638 -10.02 -27.95 11.25
N GLY C 639 -9.60 -26.82 10.70
CA GLY C 639 -8.19 -26.46 10.76
C GLY C 639 -7.70 -26.24 12.16
N ILE C 640 -8.52 -25.65 13.03
CA ILE C 640 -8.13 -25.46 14.42
C ILE C 640 -7.96 -26.80 15.12
N ILE C 641 -8.90 -27.73 14.88
CA ILE C 641 -8.83 -29.02 15.55
C ILE C 641 -7.65 -29.84 15.05
N TRP C 642 -7.35 -29.77 13.76
CA TRP C 642 -6.23 -30.55 13.23
C TRP C 642 -4.90 -30.12 13.81
N ALA C 643 -4.78 -28.89 14.29
CA ALA C 643 -3.52 -28.43 14.86
C ALA C 643 -3.16 -29.21 16.12
N GLN C 644 -4.16 -29.65 16.88
CA GLN C 644 -3.93 -30.42 18.09
C GLN C 644 -3.94 -31.93 17.85
N SER C 645 -3.84 -32.36 16.60
CA SER C 645 -3.93 -33.78 16.31
C SER C 645 -2.63 -34.50 16.67
N GLN C 646 -2.72 -35.83 16.80
CA GLN C 646 -1.59 -36.67 17.17
C GLN C 646 -0.99 -37.40 15.98
N ASP C 647 -1.80 -38.21 15.28
CA ASP C 647 -1.32 -38.95 14.11
C ASP C 647 -1.54 -38.06 12.89
N CYS C 648 -0.55 -37.19 12.65
CA CYS C 648 -0.80 -35.99 11.85
C CYS C 648 -1.02 -36.29 10.38
N ILE C 649 -0.03 -36.90 9.74
CA ILE C 649 -0.11 -37.16 8.31
C ILE C 649 -1.25 -38.12 8.01
N ALA C 650 -1.42 -39.14 8.86
CA ALA C 650 -2.52 -40.08 8.67
C ALA C 650 -3.86 -39.38 8.75
N ALA C 651 -4.04 -38.48 9.72
CA ALA C 651 -5.29 -37.75 9.83
C ALA C 651 -5.53 -36.86 8.63
N ALA C 652 -4.49 -36.16 8.16
CA ALA C 652 -4.66 -35.29 7.01
C ALA C 652 -5.05 -36.08 5.78
N LEU C 653 -4.39 -37.21 5.54
CA LEU C 653 -4.72 -38.03 4.37
C LEU C 653 -6.12 -38.60 4.48
N ALA C 654 -6.50 -39.07 5.66
CA ALA C 654 -7.84 -39.63 5.83
C ALA C 654 -8.91 -38.58 5.61
N CYS C 655 -8.70 -37.36 6.13
CA CYS C 655 -9.62 -36.28 5.87
C CYS C 655 -9.70 -35.95 4.38
N SER C 656 -8.57 -35.95 3.68
CA SER C 656 -8.60 -35.75 2.24
C SER C 656 -9.43 -36.80 1.54
N LYS C 657 -9.26 -38.07 1.92
CA LYS C 657 -10.03 -39.13 1.28
C LYS C 657 -11.52 -38.99 1.56
N ILE C 658 -11.89 -38.69 2.81
CA ILE C 658 -13.30 -38.54 3.14
C ILE C 658 -13.91 -37.38 2.35
N LEU C 659 -13.21 -36.25 2.28
CA LEU C 659 -13.73 -35.12 1.54
C LEU C 659 -13.86 -35.43 0.07
N LYS C 660 -12.86 -36.09 -0.52
CA LYS C 660 -12.92 -36.42 -1.93
C LYS C 660 -14.05 -37.39 -2.24
N GLU C 661 -14.29 -38.36 -1.35
CA GLU C 661 -15.40 -39.28 -1.52
C GLU C 661 -16.76 -38.60 -1.36
N LEU C 662 -16.88 -37.67 -0.42
CA LEU C 662 -18.15 -36.97 -0.22
C LEU C 662 -18.46 -35.99 -1.34
N SER C 663 -17.42 -35.41 -1.94
CA SER C 663 -17.64 -34.45 -3.04
C SER C 663 -18.27 -35.13 -4.24
N LYS C 664 -17.84 -36.35 -4.58
CA LYS C 664 -18.37 -37.05 -5.73
C LYS C 664 -19.81 -37.48 -5.56
N GLU C 665 -20.35 -37.43 -4.34
CA GLU C 665 -21.72 -37.82 -4.07
C GLU C 665 -22.61 -36.63 -3.77
N GLU C 666 -22.04 -35.52 -3.29
CA GLU C 666 -22.80 -34.31 -3.00
C GLU C 666 -23.47 -33.80 -4.27
N GLU C 667 -24.79 -33.60 -4.19
CA GLU C 667 -25.53 -33.12 -5.35
C GLU C 667 -25.32 -31.63 -5.57
N ASP C 668 -25.23 -30.85 -4.50
CA ASP C 668 -25.03 -29.41 -4.62
C ASP C 668 -23.64 -29.11 -5.17
N THR C 669 -23.59 -28.38 -6.27
CA THR C 669 -22.31 -28.13 -6.93
C THR C 669 -21.41 -27.23 -6.08
N ASP C 670 -21.99 -26.24 -5.41
CA ASP C 670 -21.18 -25.37 -4.55
C ASP C 670 -20.56 -26.16 -3.40
N SER C 671 -21.36 -26.99 -2.75
CA SER C 671 -20.84 -27.81 -1.65
C SER C 671 -19.79 -28.78 -2.15
N SER C 672 -20.02 -29.40 -3.31
CA SER C 672 -19.03 -30.34 -3.85
C SER C 672 -17.73 -29.64 -4.18
N GLU C 673 -17.80 -28.47 -4.80
CA GLU C 673 -16.59 -27.74 -5.15
C GLU C 673 -15.83 -27.30 -3.90
N GLU C 674 -16.55 -26.81 -2.89
CA GLU C 674 -15.88 -26.43 -1.65
C GLU C 674 -15.24 -27.63 -0.97
N MET C 675 -15.92 -28.77 -0.98
CA MET C 675 -15.36 -29.98 -0.38
C MET C 675 -14.09 -30.41 -1.10
N LEU C 676 -14.10 -30.37 -2.44
CA LEU C 676 -12.90 -30.74 -3.19
C LEU C 676 -11.76 -29.76 -2.93
N ALA C 677 -12.05 -28.46 -2.86
CA ALA C 677 -11.02 -27.48 -2.56
C ALA C 677 -10.43 -27.71 -1.17
N LEU C 678 -11.27 -28.02 -0.18
CA LEU C 678 -10.77 -28.32 1.15
C LEU C 678 -9.94 -29.60 1.16
N ALA C 679 -10.33 -30.59 0.35
CA ALA C 679 -9.54 -31.82 0.26
C ALA C 679 -8.15 -31.53 -0.28
N GLU C 680 -8.06 -30.70 -1.32
CA GLU C 680 -6.74 -30.32 -1.83
C GLU C 680 -5.96 -29.48 -0.83
N GLU C 681 -6.65 -28.62 -0.08
CA GLU C 681 -5.97 -27.87 0.97
C GLU C 681 -5.37 -28.80 2.01
N TYR C 682 -6.11 -29.83 2.42
CA TYR C 682 -5.58 -30.77 3.39
C TYR C 682 -4.47 -31.63 2.79
N GLU C 683 -4.54 -31.88 1.47
CA GLU C 683 -3.41 -32.46 0.76
C GLU C 683 -2.14 -31.64 0.96
N HIS C 684 -2.22 -30.34 0.66
CA HIS C 684 -1.02 -29.51 0.82
C HIS C 684 -0.59 -29.45 2.28
N ARG C 685 -1.55 -29.48 3.19
CA ARG C 685 -1.23 -29.49 4.61
C ARG C 685 -0.44 -30.73 5.00
N ALA C 686 -0.83 -31.90 4.48
CA ALA C 686 -0.08 -33.12 4.73
C ALA C 686 1.29 -33.10 4.06
N ILE C 687 1.36 -32.59 2.83
CA ILE C 687 2.63 -32.57 2.11
C ILE C 687 3.64 -31.69 2.83
N GLY C 688 3.21 -30.55 3.36
CA GLY C 688 4.12 -29.71 4.12
C GLY C 688 4.69 -30.38 5.35
N VAL C 689 3.85 -31.06 6.13
CA VAL C 689 4.32 -31.76 7.31
C VAL C 689 5.29 -32.87 6.91
N PHE C 690 4.95 -33.63 5.87
CA PHE C 690 5.85 -34.71 5.47
C PHE C 690 7.16 -34.18 4.93
N THR C 691 7.15 -33.03 4.25
CA THR C 691 8.40 -32.44 3.79
C THR C 691 9.26 -32.00 4.96
N GLU C 692 8.66 -31.35 5.94
CA GLU C 692 9.40 -30.95 7.14
C GLU C 692 9.96 -32.16 7.86
N CYS C 693 9.23 -33.29 7.84
CA CYS C 693 9.71 -34.50 8.49
C CYS C 693 10.80 -35.19 7.67
N TYR C 694 10.72 -35.11 6.34
CA TYR C 694 11.67 -35.78 5.49
C TYR C 694 13.00 -35.03 5.42
N ARG C 695 12.97 -33.71 5.58
CA ARG C 695 14.22 -32.95 5.56
C ARG C 695 15.12 -33.38 6.71
N LYS C 696 14.55 -33.57 7.90
CA LYS C 696 15.33 -33.99 9.06
C LYS C 696 15.18 -35.49 9.25
N ASP C 697 16.27 -36.24 9.06
CA ASP C 697 16.32 -37.67 9.29
C ASP C 697 15.30 -38.41 8.40
N GLU C 698 15.59 -38.35 7.10
CA GLU C 698 14.75 -39.03 6.12
C GLU C 698 14.61 -40.52 6.40
N GLU C 699 15.61 -41.13 7.03
CA GLU C 699 15.53 -42.55 7.36
C GLU C 699 14.37 -42.85 8.29
N ARG C 700 14.20 -42.05 9.34
CA ARG C 700 13.02 -42.16 10.18
C ARG C 700 11.77 -41.63 9.49
N ALA C 701 11.93 -40.72 8.52
CA ALA C 701 10.77 -40.26 7.77
C ALA C 701 10.10 -41.40 7.02
N GLN C 702 10.87 -42.28 6.37
CA GLN C 702 10.23 -43.41 5.70
C GLN C 702 9.60 -44.37 6.71
N LYS C 703 10.22 -44.54 7.88
CA LYS C 703 9.60 -45.39 8.90
C LYS C 703 8.25 -44.84 9.33
N LEU C 704 8.18 -43.53 9.56
CA LEU C 704 6.90 -42.89 9.83
C LEU C 704 5.92 -43.06 8.68
N LEU C 705 6.41 -43.01 7.45
CA LEU C 705 5.55 -43.19 6.28
C LEU C 705 4.90 -44.56 6.29
N THR C 706 5.69 -45.61 6.52
CA THR C 706 5.21 -46.98 6.38
C THR C 706 4.58 -47.54 7.65
N ARG C 707 4.50 -46.75 8.72
CA ARG C 707 3.96 -47.21 9.97
C ARG C 707 2.43 -47.34 9.89
N VAL C 708 1.91 -48.36 10.55
CA VAL C 708 0.46 -48.55 10.66
C VAL C 708 -0.09 -47.51 11.62
N SER C 709 -1.40 -47.33 11.64
CA SER C 709 -2.05 -46.36 12.51
C SER C 709 -3.27 -47.02 13.15
N GLU C 710 -3.14 -47.38 14.42
CA GLU C 710 -4.28 -47.92 15.15
C GLU C 710 -5.41 -46.91 15.26
N ALA C 711 -5.09 -45.61 15.26
CA ALA C 711 -6.10 -44.59 15.45
C ALA C 711 -6.86 -44.27 14.16
N TRP C 712 -6.47 -44.85 13.04
CA TRP C 712 -7.11 -44.56 11.75
C TRP C 712 -7.40 -45.87 11.01
N GLY C 713 -7.97 -46.83 11.73
CA GLY C 713 -8.44 -48.05 11.09
C GLY C 713 -7.37 -49.04 10.71
N LYS C 714 -6.23 -49.04 11.40
CA LYS C 714 -5.18 -50.03 11.19
C LYS C 714 -4.68 -50.03 9.75
N THR C 715 -4.44 -48.84 9.21
CA THR C 715 -3.89 -48.67 7.87
C THR C 715 -2.61 -47.86 7.95
N THR C 716 -1.98 -47.69 6.80
CA THR C 716 -0.73 -46.94 6.68
C THR C 716 -0.96 -45.70 5.83
N CYS C 717 -0.12 -44.69 6.06
CA CYS C 717 -0.28 -43.43 5.33
C CYS C 717 -0.12 -43.61 3.82
N LEU C 718 0.88 -44.41 3.42
CA LEU C 718 1.09 -44.65 1.99
C LEU C 718 -0.12 -45.31 1.36
N GLN C 719 -0.61 -46.40 1.95
CA GLN C 719 -1.77 -47.08 1.39
C GLN C 719 -2.98 -46.18 1.38
N LEU C 720 -3.19 -45.39 2.44
CA LEU C 720 -4.32 -44.48 2.48
C LEU C 720 -4.24 -43.42 1.39
N ALA C 721 -3.03 -43.06 0.94
CA ALA C 721 -2.93 -42.10 -0.15
C ALA C 721 -3.43 -42.69 -1.47
N LEU C 722 -3.20 -43.99 -1.69
CA LEU C 722 -3.58 -44.58 -2.97
C LEU C 722 -5.06 -44.42 -3.27
N GLU C 723 -5.92 -44.65 -2.29
CA GLU C 723 -7.35 -44.58 -2.56
C GLU C 723 -7.86 -43.15 -2.68
N ALA C 724 -7.32 -42.22 -1.90
CA ALA C 724 -7.67 -40.81 -2.09
C ALA C 724 -7.17 -40.29 -3.42
N LYS C 725 -6.25 -41.03 -4.06
CA LYS C 725 -5.87 -40.88 -5.45
C LYS C 725 -4.94 -39.69 -5.66
N ASP C 726 -4.92 -38.75 -4.72
CA ASP C 726 -3.76 -38.01 -4.26
C ASP C 726 -2.68 -37.77 -5.31
N MET C 727 -2.97 -36.97 -6.34
CA MET C 727 -1.96 -36.68 -7.36
C MET C 727 -0.66 -36.19 -6.74
N LYS C 728 -0.75 -35.18 -5.86
CA LYS C 728 0.42 -34.39 -5.50
C LYS C 728 1.24 -35.00 -4.38
N PHE C 729 0.60 -35.68 -3.43
CA PHE C 729 1.37 -36.21 -2.29
C PHE C 729 2.31 -37.32 -2.72
N VAL C 730 1.85 -38.23 -3.58
CA VAL C 730 2.66 -39.38 -3.95
C VAL C 730 3.81 -38.98 -4.87
N SER C 731 3.77 -37.79 -5.46
CA SER C 731 4.81 -37.36 -6.38
C SER C 731 5.92 -36.56 -5.71
N HIS C 732 5.90 -36.43 -4.39
CA HIS C 732 6.81 -35.52 -3.69
C HIS C 732 8.02 -36.27 -3.15
N GLY C 733 9.13 -36.23 -3.91
CA GLY C 733 10.44 -36.45 -3.31
C GLY C 733 10.61 -37.77 -2.59
N GLY C 734 10.60 -37.69 -1.25
CA GLY C 734 10.79 -38.86 -0.43
C GLY C 734 9.83 -39.99 -0.69
N ILE C 735 8.63 -39.69 -1.21
CA ILE C 735 7.71 -40.76 -1.56
C ILE C 735 8.32 -41.64 -2.64
N GLN C 736 8.79 -41.01 -3.73
CA GLN C 736 9.42 -41.78 -4.81
C GLN C 736 10.77 -42.31 -4.40
N ALA C 737 11.45 -41.63 -3.47
CA ALA C 737 12.68 -42.18 -2.91
C ALA C 737 12.43 -43.49 -2.17
N PHE C 738 11.39 -43.56 -1.35
CA PHE C 738 11.05 -44.81 -0.68
C PHE C 738 10.58 -45.85 -1.68
N LEU C 739 9.86 -45.43 -2.73
CA LEU C 739 9.48 -46.38 -3.77
C LEU C 739 10.69 -46.98 -4.46
N THR C 740 11.66 -46.14 -4.83
CA THR C 740 12.90 -46.57 -5.48
C THR C 740 13.87 -47.20 -4.50
N LYS C 741 13.57 -47.17 -3.21
CA LYS C 741 14.29 -47.96 -2.22
C LYS C 741 13.71 -49.34 -2.00
N VAL C 742 12.39 -49.47 -1.85
CA VAL C 742 11.78 -50.79 -1.76
C VAL C 742 11.98 -51.56 -3.06
N TRP C 743 11.76 -50.89 -4.18
CA TRP C 743 12.30 -51.33 -5.45
C TRP C 743 13.81 -51.10 -5.43
N TRP C 744 14.54 -51.98 -6.13
CA TRP C 744 15.95 -52.22 -5.87
C TRP C 744 16.13 -52.64 -4.41
N GLY C 745 15.58 -53.81 -4.10
CA GLY C 745 15.35 -54.27 -2.74
C GLY C 745 16.42 -53.97 -1.70
N GLN C 746 17.61 -54.54 -1.88
CA GLN C 746 18.68 -54.38 -0.91
C GLN C 746 19.99 -53.92 -1.53
N LEU C 747 20.04 -53.72 -2.85
CA LEU C 747 21.33 -53.57 -3.51
C LEU C 747 21.87 -52.15 -3.38
N SER C 748 21.21 -51.20 -4.03
CA SER C 748 21.67 -49.81 -4.09
C SER C 748 20.70 -48.97 -4.91
N VAL C 749 20.94 -47.66 -4.95
CA VAL C 749 20.28 -46.77 -5.90
C VAL C 749 21.25 -46.14 -6.87
N ASP C 750 22.54 -46.50 -6.82
CA ASP C 750 23.56 -45.77 -7.55
C ASP C 750 24.03 -46.47 -8.82
N ASN C 751 24.27 -47.78 -8.78
CA ASN C 751 24.87 -48.45 -9.93
C ASN C 751 23.84 -48.64 -11.05
N GLY C 752 24.36 -48.88 -12.26
CA GLY C 752 23.57 -48.65 -13.45
C GLY C 752 22.68 -49.82 -13.84
N LEU C 753 21.60 -49.48 -14.54
CA LEU C 753 20.72 -50.48 -15.12
C LEU C 753 21.42 -51.27 -16.22
N TRP C 754 22.29 -50.62 -16.99
CA TRP C 754 23.04 -51.33 -18.02
C TRP C 754 24.11 -52.24 -17.41
N ARG C 755 24.49 -52.00 -16.17
CA ARG C 755 25.51 -52.80 -15.51
C ARG C 755 24.94 -53.93 -14.66
N VAL C 756 23.73 -53.76 -14.14
CA VAL C 756 23.11 -54.85 -13.38
C VAL C 756 22.73 -56.02 -14.30
N THR C 757 22.34 -55.73 -15.54
CA THR C 757 21.92 -56.80 -16.45
C THR C 757 23.06 -57.73 -16.82
N LEU C 758 24.30 -57.29 -16.72
CA LEU C 758 25.43 -58.17 -17.01
C LEU C 758 25.54 -59.28 -15.96
N CYS C 759 25.52 -58.90 -14.68
CA CYS C 759 25.54 -59.90 -13.61
C CYS C 759 24.22 -60.62 -13.48
N MET C 760 23.15 -60.09 -14.08
CA MET C 760 21.92 -60.87 -14.22
C MET C 760 22.20 -62.19 -14.94
N LEU C 761 22.84 -62.12 -16.12
CA LEU C 761 23.06 -63.32 -16.91
C LEU C 761 24.29 -64.09 -16.41
N ALA C 762 25.36 -63.38 -16.09
CA ALA C 762 26.60 -64.02 -15.64
C ALA C 762 26.53 -64.24 -14.14
N PHE C 763 26.15 -65.44 -13.72
CA PHE C 763 26.10 -65.75 -12.29
C PHE C 763 27.44 -65.57 -11.59
N PRO C 764 28.57 -66.08 -12.11
CA PRO C 764 29.85 -65.82 -11.42
C PRO C 764 30.21 -64.35 -11.33
N LEU C 765 29.81 -63.52 -12.30
CA LEU C 765 30.13 -62.10 -12.25
C LEU C 765 29.42 -61.39 -11.11
N LEU C 766 28.33 -61.96 -10.59
CA LEU C 766 27.65 -61.37 -9.44
C LEU C 766 28.55 -61.37 -8.21
N LEU C 767 29.30 -62.46 -8.01
CA LEU C 767 30.18 -62.56 -6.87
C LEU C 767 31.42 -61.68 -6.99
N THR C 768 31.68 -61.13 -8.17
CA THR C 768 32.85 -60.29 -8.38
C THR C 768 32.65 -58.92 -7.73
N GLY C 769 33.69 -58.10 -7.79
CA GLY C 769 33.62 -56.77 -7.22
C GLY C 769 33.10 -55.74 -8.21
N LEU C 770 31.91 -56.00 -8.76
CA LEU C 770 31.32 -55.12 -9.76
C LEU C 770 30.04 -54.46 -9.26
N ILE C 771 29.15 -55.22 -8.61
CA ILE C 771 27.89 -54.67 -8.13
C ILE C 771 28.12 -53.99 -6.79
N SER C 772 27.26 -53.02 -6.48
CA SER C 772 27.33 -52.27 -5.22
C SER C 772 26.15 -52.70 -4.37
N PHE C 773 26.42 -53.60 -3.42
CA PHE C 773 25.40 -54.07 -2.49
C PHE C 773 25.42 -53.21 -1.23
N ARG C 774 24.40 -53.40 -0.39
CA ARG C 774 24.47 -52.97 1.00
C ARG C 774 25.06 -54.05 1.90
N GLU C 775 24.81 -55.33 1.58
CA GLU C 775 25.51 -56.42 2.24
C GLU C 775 27.01 -56.32 2.03
N LYS C 776 27.43 -56.03 0.80
CA LYS C 776 28.85 -55.81 0.54
C LYS C 776 29.39 -54.59 1.29
N ARG C 777 28.59 -53.53 1.40
CA ARG C 777 29.01 -52.36 2.17
C ARG C 777 29.23 -52.71 3.63
N LEU C 778 28.33 -53.50 4.21
CA LEU C 778 28.44 -53.93 5.60
C LEU C 778 29.29 -55.19 5.77
N GLN C 779 29.90 -55.66 4.68
CA GLN C 779 30.75 -56.86 4.63
C GLN C 779 30.05 -58.03 5.32
N ASP C 780 28.74 -58.12 5.13
CA ASP C 780 27.92 -59.21 5.67
C ASP C 780 27.89 -60.42 4.75
N VAL C 781 28.86 -60.56 3.84
CA VAL C 781 28.89 -61.68 2.91
C VAL C 781 29.56 -62.85 3.59
N GLY C 782 28.77 -63.63 4.34
CA GLY C 782 29.28 -64.84 4.94
C GLY C 782 28.81 -66.07 4.19
N THR C 783 27.89 -65.85 3.24
CA THR C 783 27.34 -66.92 2.43
C THR C 783 27.03 -66.37 1.04
N PRO C 784 27.72 -66.84 0.00
CA PRO C 784 27.33 -66.43 -1.37
C PRO C 784 25.91 -66.82 -1.72
N ALA C 785 25.39 -67.93 -1.17
CA ALA C 785 24.01 -68.30 -1.41
C ALA C 785 23.06 -67.24 -0.89
N ALA C 786 23.31 -66.71 0.31
CA ALA C 786 22.48 -65.62 0.82
C ALA C 786 22.72 -64.32 0.09
N ARG C 787 23.95 -64.04 -0.32
CA ARG C 787 24.24 -62.85 -1.10
C ARG C 787 23.46 -62.84 -2.42
N ALA C 788 23.36 -63.98 -3.08
CA ALA C 788 22.54 -64.12 -4.27
C ALA C 788 21.06 -64.19 -3.95
N ARG C 789 20.68 -64.72 -2.79
CA ARG C 789 19.27 -64.78 -2.41
C ARG C 789 18.69 -63.39 -2.24
N ALA C 790 19.41 -62.50 -1.56
CA ALA C 790 18.95 -61.12 -1.44
C ALA C 790 18.88 -60.45 -2.81
N PHE C 791 19.88 -60.70 -3.66
CA PHE C 791 19.90 -60.15 -5.00
C PHE C 791 18.66 -60.57 -5.78
N PHE C 792 18.31 -61.86 -5.72
CA PHE C 792 17.17 -62.35 -6.47
C PHE C 792 15.84 -61.91 -5.87
N THR C 793 15.74 -61.85 -4.55
CA THR C 793 14.53 -61.36 -3.90
C THR C 793 14.32 -59.87 -4.14
N ALA C 794 15.35 -59.13 -4.51
CA ALA C 794 15.14 -57.77 -4.96
C ALA C 794 14.16 -57.75 -6.14
N PRO C 795 13.15 -56.87 -6.11
CA PRO C 795 12.10 -56.91 -7.13
C PRO C 795 12.60 -56.64 -8.54
N VAL C 796 13.72 -55.92 -8.70
CA VAL C 796 14.16 -55.50 -10.02
C VAL C 796 14.56 -56.69 -10.87
N VAL C 797 15.35 -57.60 -10.31
CA VAL C 797 15.77 -58.78 -11.06
C VAL C 797 14.59 -59.71 -11.34
N VAL C 798 13.60 -59.77 -10.44
CA VAL C 798 12.38 -60.50 -10.77
C VAL C 798 11.68 -59.88 -11.96
N PHE C 799 11.59 -58.54 -11.99
CA PHE C 799 10.99 -57.87 -13.14
C PHE C 799 11.76 -58.16 -14.43
N HIS C 800 13.08 -58.04 -14.39
CA HIS C 800 13.88 -58.31 -15.59
C HIS C 800 13.77 -59.76 -16.01
N LEU C 801 13.76 -60.69 -15.05
CA LEU C 801 13.67 -62.10 -15.37
C LEU C 801 12.32 -62.44 -16.01
N ASN C 802 11.23 -61.88 -15.48
CA ASN C 802 9.94 -62.03 -16.12
C ASN C 802 9.91 -61.41 -17.50
N ILE C 803 10.53 -60.23 -17.65
CA ILE C 803 10.56 -59.56 -18.95
C ILE C 803 11.32 -60.39 -19.96
N LEU C 804 12.47 -60.94 -19.57
CA LEU C 804 13.25 -61.78 -20.46
C LEU C 804 12.55 -63.08 -20.80
N SER C 805 11.83 -63.68 -19.84
CA SER C 805 11.04 -64.86 -20.16
C SER C 805 9.96 -64.53 -21.17
N TYR C 806 9.25 -63.42 -20.98
CA TYR C 806 8.24 -62.98 -21.93
C TYR C 806 8.84 -62.62 -23.28
N PHE C 807 10.08 -62.16 -23.31
CA PHE C 807 10.75 -61.80 -24.56
C PHE C 807 11.21 -63.04 -25.31
N ALA C 808 11.65 -64.07 -24.58
CA ALA C 808 12.13 -65.30 -25.19
C ALA C 808 11.01 -66.26 -25.58
N PHE C 809 9.89 -66.26 -24.86
CA PHE C 809 8.79 -67.12 -25.26
C PHE C 809 8.09 -66.58 -26.51
N LEU C 810 8.18 -65.28 -26.76
CA LEU C 810 7.76 -64.77 -28.07
C LEU C 810 8.64 -65.31 -29.19
N CYS C 811 9.95 -65.37 -29.00
CA CYS C 811 10.82 -65.99 -30.00
C CYS C 811 10.52 -67.47 -30.13
N LEU C 812 10.19 -68.14 -29.02
CA LEU C 812 9.81 -69.54 -29.07
C LEU C 812 8.54 -69.73 -29.89
N PHE C 813 7.56 -68.83 -29.72
CA PHE C 813 6.35 -68.88 -30.53
C PHE C 813 6.64 -68.60 -31.99
N ALA C 814 7.57 -67.68 -32.28
CA ALA C 814 8.00 -67.46 -33.65
C ALA C 814 8.70 -68.68 -34.24
N TYR C 815 9.35 -69.47 -33.41
CA TYR C 815 10.03 -70.68 -33.89
C TYR C 815 9.04 -71.69 -34.47
N VAL C 816 7.86 -71.81 -33.87
CA VAL C 816 6.93 -72.88 -34.22
C VAL C 816 5.96 -72.44 -35.32
N LEU C 817 6.26 -71.32 -35.98
CA LEU C 817 5.46 -70.88 -37.12
C LEU C 817 6.23 -70.82 -38.42
N MET C 818 7.56 -70.79 -38.38
CA MET C 818 8.35 -70.78 -39.60
C MET C 818 8.74 -72.19 -40.03
N VAL C 819 9.33 -72.95 -39.11
CA VAL C 819 9.85 -74.28 -39.41
C VAL C 819 8.95 -75.38 -38.88
N ASP C 820 8.34 -75.18 -37.71
CA ASP C 820 7.56 -76.20 -37.04
C ASP C 820 6.07 -76.13 -37.36
N PHE C 821 5.71 -75.68 -38.56
CA PHE C 821 4.32 -75.63 -38.99
C PHE C 821 3.83 -77.05 -39.26
N GLN C 822 3.41 -77.72 -38.18
CA GLN C 822 2.96 -79.10 -38.25
C GLN C 822 1.55 -79.20 -37.65
N PRO C 823 0.75 -80.17 -38.11
CA PRO C 823 -0.61 -80.32 -37.58
C PRO C 823 -0.66 -81.21 -36.35
N VAL C 824 0.49 -81.47 -35.75
CA VAL C 824 0.58 -82.36 -34.59
C VAL C 824 1.30 -81.63 -33.46
N PRO C 825 0.99 -81.91 -32.19
CA PRO C 825 1.80 -81.35 -31.10
C PRO C 825 3.20 -81.94 -31.12
N SER C 826 4.19 -81.11 -31.45
CA SER C 826 5.55 -81.56 -31.67
C SER C 826 6.33 -81.52 -30.35
N TRP C 827 7.65 -81.72 -30.45
CA TRP C 827 8.50 -81.66 -29.26
C TRP C 827 8.48 -80.28 -28.63
N CYS C 828 8.47 -79.23 -29.46
CA CYS C 828 8.51 -77.85 -28.99
C CYS C 828 7.11 -77.21 -28.99
N GLU C 829 6.07 -77.96 -28.65
CA GLU C 829 4.71 -77.45 -28.66
C GLU C 829 4.03 -77.50 -27.30
N CYS C 830 4.21 -78.58 -26.53
CA CYS C 830 3.59 -78.67 -25.22
C CYS C 830 4.12 -77.61 -24.26
N ALA C 831 5.30 -77.05 -24.54
CA ALA C 831 5.82 -75.95 -23.72
C ALA C 831 4.90 -74.74 -23.79
N ILE C 832 4.28 -74.48 -24.95
CA ILE C 832 3.35 -73.36 -25.06
C ILE C 832 2.11 -73.60 -24.20
N TYR C 833 1.56 -74.82 -24.20
CA TYR C 833 0.42 -75.12 -23.36
C TYR C 833 0.76 -74.97 -21.88
N LEU C 834 1.92 -75.50 -21.48
CA LEU C 834 2.37 -75.34 -20.10
C LEU C 834 2.60 -73.88 -19.72
N TRP C 835 3.15 -73.08 -20.64
CA TRP C 835 3.36 -71.65 -20.40
C TRP C 835 2.04 -70.89 -20.26
N LEU C 836 1.06 -71.22 -21.10
CA LEU C 836 -0.27 -70.63 -20.94
C LEU C 836 -0.91 -71.02 -19.61
N PHE C 837 -0.75 -72.28 -19.20
CA PHE C 837 -1.23 -72.69 -17.88
C PHE C 837 -0.52 -71.94 -16.76
N SER C 838 0.79 -71.71 -16.88
CA SER C 838 1.53 -71.01 -15.85
C SER C 838 1.13 -69.54 -15.74
N LEU C 839 1.04 -68.84 -16.88
CA LEU C 839 0.71 -67.42 -16.85
C LEU C 839 -0.70 -67.14 -16.33
N VAL C 840 -1.69 -67.95 -16.73
CA VAL C 840 -3.06 -67.71 -16.29
C VAL C 840 -3.21 -67.91 -14.78
N CYS C 841 -2.35 -68.72 -14.17
CA CYS C 841 -2.40 -68.93 -12.73
C CYS C 841 -2.00 -67.69 -11.94
N GLU C 842 -1.27 -66.75 -12.54
CA GLU C 842 -1.02 -65.48 -11.88
C GLU C 842 -2.31 -64.72 -11.63
N GLU C 843 -3.30 -64.87 -12.51
CA GLU C 843 -4.59 -64.21 -12.30
C GLU C 843 -5.31 -64.76 -11.07
N MET C 844 -5.34 -66.08 -10.89
CA MET C 844 -5.97 -66.61 -9.68
C MET C 844 -5.13 -66.32 -8.44
N ARG C 845 -3.80 -66.25 -8.59
CA ARG C 845 -2.97 -65.80 -7.48
C ARG C 845 -3.35 -64.38 -7.04
N GLN C 846 -3.51 -63.47 -8.00
CA GLN C 846 -3.97 -62.13 -7.70
C GLN C 846 -5.37 -62.10 -7.12
N LEU C 847 -6.26 -62.97 -7.60
CA LEU C 847 -7.61 -63.04 -7.05
C LEU C 847 -7.58 -63.46 -5.59
N PHE C 848 -6.73 -64.42 -5.24
CA PHE C 848 -6.61 -64.91 -3.87
C PHE C 848 -5.70 -64.04 -3.01
N TYR C 849 -4.99 -63.08 -3.62
CA TYR C 849 -4.05 -62.23 -2.89
C TYR C 849 -4.72 -61.46 -1.76
N ASP C 850 -5.63 -60.54 -2.09
CA ASP C 850 -6.26 -59.67 -1.10
C ASP C 850 -7.70 -59.37 -1.53
N PRO C 851 -8.58 -60.37 -1.47
CA PRO C 851 -9.99 -60.11 -1.79
C PRO C 851 -10.82 -59.83 -0.54
N ASP C 852 -12.09 -59.47 -0.73
CA ASP C 852 -13.04 -59.46 0.36
C ASP C 852 -13.57 -60.88 0.58
N GLU C 853 -13.71 -61.25 1.85
CA GLU C 853 -14.04 -62.62 2.22
C GLU C 853 -15.51 -62.97 1.97
N CYS C 854 -16.25 -62.11 1.30
CA CYS C 854 -17.64 -62.40 0.97
C CYS C 854 -17.93 -62.14 -0.50
N GLY C 855 -17.17 -61.23 -1.11
CA GLY C 855 -17.40 -60.85 -2.49
C GLY C 855 -16.46 -61.49 -3.48
N LEU C 856 -16.95 -62.50 -4.21
CA LEU C 856 -16.14 -63.13 -5.25
C LEU C 856 -16.32 -62.43 -6.59
N MET C 857 -17.55 -62.05 -6.93
CA MET C 857 -17.84 -61.34 -8.16
C MET C 857 -17.53 -59.84 -8.07
N LYS C 858 -17.64 -59.25 -6.88
CA LYS C 858 -17.40 -57.83 -6.71
C LYS C 858 -15.92 -57.46 -6.76
N LYS C 859 -15.02 -58.44 -6.69
CA LYS C 859 -13.60 -58.18 -6.88
C LYS C 859 -13.18 -58.24 -8.34
N ALA C 860 -13.84 -59.10 -9.13
CA ALA C 860 -13.55 -59.19 -10.56
C ALA C 860 -14.01 -57.94 -11.32
N ALA C 861 -14.79 -57.08 -10.69
CA ALA C 861 -15.17 -55.82 -11.34
C ALA C 861 -13.96 -54.95 -11.61
N LEU C 862 -12.97 -54.95 -10.70
CA LEU C 862 -11.75 -54.20 -10.94
C LEU C 862 -10.99 -54.75 -12.15
N TYR C 863 -10.88 -56.07 -12.26
CA TYR C 863 -10.23 -56.66 -13.42
C TYR C 863 -10.97 -56.35 -14.70
N PHE C 864 -12.31 -56.41 -14.68
CA PHE C 864 -13.10 -56.07 -15.85
C PHE C 864 -12.93 -54.60 -16.25
N SER C 865 -12.90 -53.69 -15.28
CA SER C 865 -12.66 -52.28 -15.55
C SER C 865 -11.25 -52.02 -16.05
N ASP C 866 -10.29 -52.87 -15.69
CA ASP C 866 -8.93 -52.80 -16.21
C ASP C 866 -8.96 -53.22 -17.67
N PHE C 867 -8.85 -52.26 -18.58
CA PHE C 867 -8.85 -52.59 -20.00
C PHE C 867 -7.60 -53.34 -20.42
N TRP C 868 -6.49 -53.20 -19.68
CA TRP C 868 -5.33 -54.02 -19.97
C TRP C 868 -5.55 -55.47 -19.58
N ASN C 869 -6.21 -55.71 -18.43
CA ASN C 869 -6.60 -57.07 -18.09
C ASN C 869 -7.60 -57.62 -19.11
N LYS C 870 -8.49 -56.75 -19.60
CA LYS C 870 -9.41 -57.15 -20.66
C LYS C 870 -8.67 -57.54 -21.94
N LEU C 871 -7.64 -56.79 -22.32
CA LEU C 871 -6.80 -57.16 -23.45
C LEU C 871 -6.04 -58.46 -23.21
N ASP C 872 -5.56 -58.70 -21.99
CA ASP C 872 -4.91 -59.96 -21.67
C ASP C 872 -5.86 -61.15 -21.84
N VAL C 873 -7.06 -61.05 -21.27
CA VAL C 873 -8.01 -62.14 -21.41
C VAL C 873 -8.51 -62.28 -22.84
N GLY C 874 -8.59 -61.17 -23.60
CA GLY C 874 -8.88 -61.26 -25.02
C GLY C 874 -7.81 -61.96 -25.82
N ALA C 875 -6.54 -61.70 -25.51
CA ALA C 875 -5.43 -62.43 -26.10
C ALA C 875 -5.46 -63.91 -25.74
N ILE C 876 -5.88 -64.25 -24.53
CA ILE C 876 -6.14 -65.64 -24.17
C ILE C 876 -7.26 -66.24 -25.01
N LEU C 877 -8.36 -65.51 -25.18
CA LEU C 877 -9.46 -65.98 -26.03
C LEU C 877 -9.04 -66.11 -27.49
N LEU C 878 -8.24 -65.18 -27.99
CA LEU C 878 -7.75 -65.31 -29.36
C LEU C 878 -6.85 -66.52 -29.52
N PHE C 879 -6.01 -66.82 -28.51
CA PHE C 879 -5.23 -68.06 -28.55
C PHE C 879 -6.14 -69.29 -28.51
N VAL C 880 -7.22 -69.25 -27.73
CA VAL C 880 -8.17 -70.36 -27.73
C VAL C 880 -8.77 -70.54 -29.12
N ALA C 881 -9.15 -69.44 -29.77
CA ALA C 881 -9.72 -69.51 -31.12
C ALA C 881 -8.71 -69.95 -32.17
N GLY C 882 -7.42 -69.68 -31.97
CA GLY C 882 -6.40 -70.09 -32.92
C GLY C 882 -5.95 -71.53 -32.72
N LEU C 883 -6.00 -72.01 -31.48
CA LEU C 883 -5.62 -73.39 -31.21
C LEU C 883 -6.61 -74.38 -31.80
N THR C 884 -7.89 -74.02 -31.82
CA THR C 884 -8.90 -74.87 -32.45
C THR C 884 -8.65 -75.04 -33.93
N CYS C 885 -8.11 -74.03 -34.60
CA CYS C 885 -7.71 -74.14 -36.00
C CYS C 885 -6.37 -74.82 -36.18
N ARG C 886 -5.44 -74.64 -35.25
CA ARG C 886 -4.15 -75.33 -35.31
C ARG C 886 -4.28 -76.83 -35.13
N LEU C 887 -5.16 -77.28 -34.24
CA LEU C 887 -5.33 -78.71 -34.03
C LEU C 887 -6.08 -79.38 -35.18
N ILE C 888 -7.02 -78.67 -35.80
CA ILE C 888 -7.77 -79.21 -36.94
C ILE C 888 -6.86 -79.15 -38.17
N PRO C 889 -6.62 -80.27 -38.85
CA PRO C 889 -5.70 -80.26 -39.99
C PRO C 889 -6.25 -79.61 -41.25
N ALA C 890 -7.57 -79.39 -41.32
CA ALA C 890 -8.20 -78.88 -42.53
C ALA C 890 -8.28 -77.37 -42.58
N THR C 891 -7.73 -76.68 -41.58
CA THR C 891 -7.79 -75.21 -41.51
C THR C 891 -6.44 -74.64 -41.12
N LEU C 892 -5.36 -75.23 -41.65
CA LEU C 892 -4.02 -74.74 -41.33
C LEU C 892 -3.79 -73.35 -41.91
N TYR C 893 -4.25 -73.08 -43.14
CA TYR C 893 -4.08 -71.78 -43.77
C TYR C 893 -4.77 -70.67 -42.96
N PRO C 894 -6.05 -70.84 -42.56
CA PRO C 894 -6.63 -69.85 -41.64
C PRO C 894 -5.89 -69.75 -40.31
N GLY C 895 -5.32 -70.86 -39.82
CA GLY C 895 -4.49 -70.79 -38.62
C GLY C 895 -3.16 -70.11 -38.83
N ARG C 896 -2.69 -70.02 -40.07
CA ARG C 896 -1.48 -69.28 -40.38
C ARG C 896 -1.70 -67.78 -40.47
N VAL C 897 -2.96 -67.35 -40.55
CA VAL C 897 -3.28 -65.93 -40.65
C VAL C 897 -4.03 -65.40 -39.43
N ILE C 898 -4.65 -66.27 -38.62
CA ILE C 898 -5.37 -65.81 -37.44
C ILE C 898 -4.49 -65.78 -36.20
N LEU C 899 -3.34 -66.46 -36.21
CA LEU C 899 -2.42 -66.45 -35.08
C LEU C 899 -1.29 -65.44 -35.25
N SER C 900 -1.14 -64.86 -36.44
CA SER C 900 -0.12 -63.83 -36.63
C SER C 900 -0.48 -62.53 -35.91
N LEU C 901 -1.76 -62.19 -35.84
CA LEU C 901 -2.19 -61.01 -35.10
C LEU C 901 -1.91 -61.13 -33.61
N ASP C 902 -1.88 -62.35 -33.08
CA ASP C 902 -1.54 -62.54 -31.67
C ASP C 902 -0.12 -62.08 -31.37
N PHE C 903 0.77 -62.14 -32.36
CA PHE C 903 2.15 -61.72 -32.13
C PHE C 903 2.25 -60.23 -31.81
N ILE C 904 1.34 -59.42 -32.35
CA ILE C 904 1.33 -57.98 -32.09
C ILE C 904 0.40 -57.69 -30.93
N LEU C 905 -0.63 -58.53 -30.76
CA LEU C 905 -1.53 -58.36 -29.62
C LEU C 905 -0.81 -58.59 -28.31
N PHE C 906 0.14 -59.54 -28.30
CA PHE C 906 0.99 -59.74 -27.14
C PHE C 906 2.09 -58.70 -27.05
N CYS C 907 2.51 -58.12 -28.19
CA CYS C 907 3.43 -56.99 -28.14
C CYS C 907 2.81 -55.78 -27.48
N LEU C 908 1.51 -55.56 -27.68
CA LEU C 908 0.81 -54.50 -26.95
C LEU C 908 0.87 -54.75 -25.44
N ARG C 909 0.67 -56.00 -25.01
CA ARG C 909 0.83 -56.33 -23.60
C ARG C 909 2.26 -56.12 -23.12
N LEU C 910 3.26 -56.44 -23.94
CA LEU C 910 4.64 -56.19 -23.56
C LEU C 910 4.90 -54.70 -23.37
N MET C 911 4.37 -53.88 -24.27
CA MET C 911 4.45 -52.43 -24.11
C MET C 911 3.72 -51.97 -22.85
N HIS C 912 2.60 -52.62 -22.50
CA HIS C 912 1.90 -52.28 -21.28
C HIS C 912 2.78 -52.49 -20.05
N ILE C 913 3.53 -53.59 -20.01
CA ILE C 913 4.47 -53.80 -18.93
C ILE C 913 5.65 -52.83 -19.01
N PHE C 914 6.05 -52.44 -20.22
CA PHE C 914 7.16 -51.50 -20.39
C PHE C 914 6.73 -50.05 -20.20
N THR C 915 6.03 -49.75 -19.10
CA THR C 915 5.89 -48.39 -18.59
C THR C 915 6.75 -48.23 -17.34
N ILE C 916 8.08 -48.29 -17.50
CA ILE C 916 8.98 -48.41 -16.36
C ILE C 916 10.01 -47.29 -16.32
N SER C 917 10.65 -46.99 -17.46
CA SER C 917 11.81 -46.11 -17.43
C SER C 917 11.40 -44.66 -17.18
N LYS C 918 12.33 -43.90 -16.58
CA LYS C 918 12.05 -42.50 -16.25
C LYS C 918 11.91 -41.63 -17.49
N THR C 919 12.62 -41.94 -18.57
CA THR C 919 12.48 -41.23 -19.83
C THR C 919 11.48 -41.89 -20.77
N LEU C 920 10.77 -42.91 -20.31
CA LEU C 920 9.85 -43.68 -21.14
C LEU C 920 8.41 -43.59 -20.65
N GLY C 921 8.17 -43.92 -19.38
CA GLY C 921 6.84 -43.97 -18.82
C GLY C 921 6.05 -42.68 -18.86
N PRO C 922 6.62 -41.58 -18.36
CA PRO C 922 5.87 -40.31 -18.37
C PRO C 922 5.57 -39.80 -19.76
N LYS C 923 6.29 -40.25 -20.78
CA LYS C 923 5.96 -39.90 -22.16
C LYS C 923 5.23 -41.02 -22.89
N ILE C 924 5.10 -42.20 -22.27
CA ILE C 924 4.12 -43.18 -22.72
C ILE C 924 2.73 -42.87 -22.14
N ILE C 925 2.66 -42.08 -21.07
CA ILE C 925 1.38 -41.51 -20.69
C ILE C 925 0.80 -40.64 -21.79
N ILE C 926 1.66 -40.07 -22.64
CA ILE C 926 1.17 -39.34 -23.80
C ILE C 926 0.44 -40.26 -24.77
N VAL C 927 1.00 -41.43 -25.09
CA VAL C 927 0.26 -42.35 -25.96
C VAL C 927 -0.94 -42.96 -25.24
N LYS C 928 -0.90 -43.03 -23.91
CA LYS C 928 -2.11 -43.38 -23.17
C LYS C 928 -3.22 -42.35 -23.37
N ARG C 929 -2.88 -41.07 -23.31
CA ARG C 929 -3.78 -39.99 -23.70
C ARG C 929 -4.24 -40.11 -25.15
N MET C 930 -3.36 -40.56 -26.04
CA MET C 930 -3.66 -40.62 -27.46
C MET C 930 -4.14 -41.98 -27.93
N MET C 931 -4.48 -42.91 -27.03
CA MET C 931 -4.91 -44.23 -27.45
C MET C 931 -6.16 -44.18 -28.33
N LYS C 932 -7.16 -43.38 -27.93
CA LYS C 932 -8.34 -43.22 -28.78
C LYS C 932 -8.06 -42.35 -29.99
N ASP C 933 -7.21 -41.35 -29.86
CA ASP C 933 -6.81 -40.54 -31.00
C ASP C 933 -6.02 -41.33 -32.03
N VAL C 934 -5.43 -42.47 -31.65
CA VAL C 934 -4.83 -43.38 -32.63
C VAL C 934 -5.89 -43.88 -33.59
N PHE C 935 -7.00 -44.40 -33.05
CA PHE C 935 -8.12 -44.80 -33.90
C PHE C 935 -8.70 -43.63 -34.66
N PHE C 936 -8.81 -42.46 -34.01
CA PHE C 936 -9.31 -41.25 -34.67
C PHE C 936 -8.49 -40.89 -35.91
N PHE C 937 -7.16 -40.77 -35.74
CA PHE C 937 -6.32 -40.39 -36.85
C PHE C 937 -6.19 -41.52 -37.87
N LEU C 938 -6.34 -42.78 -37.44
CA LEU C 938 -6.38 -43.87 -38.39
C LEU C 938 -7.59 -43.74 -39.30
N PHE C 939 -8.76 -43.51 -38.70
CA PHE C 939 -9.99 -43.34 -39.49
C PHE C 939 -9.90 -42.11 -40.38
N LEU C 940 -9.21 -41.06 -39.94
CA LEU C 940 -9.03 -39.89 -40.78
C LEU C 940 -8.11 -40.20 -41.97
N LEU C 941 -6.88 -40.61 -41.67
CA LEU C 941 -5.84 -40.75 -42.69
C LEU C 941 -6.12 -41.90 -43.65
N ALA C 942 -6.65 -43.02 -43.16
CA ALA C 942 -6.94 -44.14 -44.06
C ALA C 942 -8.05 -43.80 -45.04
N VAL C 943 -9.11 -43.13 -44.57
CA VAL C 943 -10.15 -42.69 -45.49
C VAL C 943 -9.62 -41.67 -46.48
N TRP C 944 -8.77 -40.74 -46.02
CA TRP C 944 -8.15 -39.80 -46.95
C TRP C 944 -7.23 -40.51 -47.94
N VAL C 945 -6.63 -41.63 -47.55
CA VAL C 945 -5.80 -42.42 -48.46
C VAL C 945 -6.65 -43.10 -49.50
N VAL C 946 -7.81 -43.64 -49.08
CA VAL C 946 -8.75 -44.23 -50.04
C VAL C 946 -9.24 -43.17 -51.01
N SER C 947 -9.42 -41.93 -50.53
CA SER C 947 -9.86 -40.85 -51.40
C SER C 947 -8.89 -40.62 -52.56
N PHE C 948 -7.61 -40.91 -52.37
CA PHE C 948 -6.64 -40.81 -53.45
C PHE C 948 -6.50 -42.12 -54.22
N GLY C 949 -6.65 -43.26 -53.53
CA GLY C 949 -6.54 -44.54 -54.19
C GLY C 949 -7.62 -44.79 -55.21
N VAL C 950 -8.85 -44.36 -54.91
CA VAL C 950 -9.93 -44.49 -55.88
C VAL C 950 -9.68 -43.60 -57.09
N ALA C 951 -9.20 -42.38 -56.86
CA ALA C 951 -9.00 -41.44 -57.96
C ALA C 951 -7.78 -41.77 -58.81
N LYS C 952 -6.78 -42.45 -58.25
CA LYS C 952 -5.56 -42.72 -59.00
C LYS C 952 -5.81 -43.65 -60.19
N GLN C 953 -6.59 -44.71 -59.99
CA GLN C 953 -6.80 -45.72 -61.02
C GLN C 953 -7.95 -45.39 -61.96
N ALA C 954 -8.59 -44.24 -61.81
CA ALA C 954 -9.77 -43.94 -62.61
C ALA C 954 -9.40 -43.56 -64.04
N ILE C 955 -8.62 -42.49 -64.21
CA ILE C 955 -8.34 -41.98 -65.55
C ILE C 955 -7.45 -42.95 -66.33
N LEU C 956 -6.39 -43.44 -65.70
CA LEU C 956 -5.51 -44.37 -66.37
C LEU C 956 -6.21 -45.72 -66.58
N ILE C 957 -5.92 -46.36 -67.70
CA ILE C 957 -6.57 -47.60 -68.09
C ILE C 957 -5.69 -48.74 -67.58
N HIS C 958 -6.00 -49.21 -66.38
CA HIS C 958 -5.31 -50.36 -65.81
C HIS C 958 -6.05 -51.65 -66.17
N ASN C 959 -5.28 -52.70 -66.45
CA ASN C 959 -5.85 -53.96 -66.90
C ASN C 959 -5.35 -55.17 -66.14
N GLU C 960 -4.55 -54.99 -65.08
CA GLU C 960 -4.06 -56.10 -64.28
C GLU C 960 -5.13 -56.54 -63.30
N ARG C 961 -5.67 -57.74 -63.49
CA ARG C 961 -6.72 -58.24 -62.62
C ARG C 961 -6.61 -59.76 -62.50
N ARG C 962 -6.74 -60.23 -61.25
CA ARG C 962 -6.89 -61.65 -60.93
C ARG C 962 -7.85 -61.72 -59.75
N VAL C 963 -8.28 -62.95 -59.41
CA VAL C 963 -9.14 -63.14 -58.24
C VAL C 963 -8.37 -62.75 -56.99
N ASP C 964 -8.86 -61.72 -56.29
CA ASP C 964 -8.22 -61.18 -55.08
C ASP C 964 -6.83 -60.59 -55.38
N TRP C 965 -6.57 -60.28 -56.65
CA TRP C 965 -5.41 -59.48 -57.02
C TRP C 965 -5.78 -58.27 -57.85
N LEU C 966 -6.99 -58.20 -58.40
CA LEU C 966 -7.50 -56.93 -58.89
C LEU C 966 -7.62 -55.94 -57.76
N PHE C 967 -8.09 -56.41 -56.59
CA PHE C 967 -8.03 -55.61 -55.38
C PHE C 967 -6.61 -55.14 -55.09
N ARG C 968 -5.62 -56.04 -55.23
CA ARG C 968 -4.24 -55.63 -55.07
C ARG C 968 -3.89 -54.48 -56.01
N GLY C 969 -3.95 -54.73 -57.30
CA GLY C 969 -3.58 -53.75 -58.32
C GLY C 969 -4.39 -52.47 -58.30
N ALA C 970 -5.54 -52.45 -57.64
CA ALA C 970 -6.35 -51.25 -57.57
C ALA C 970 -6.17 -50.46 -56.28
N VAL C 971 -6.03 -51.13 -55.13
CA VAL C 971 -6.00 -50.46 -53.84
C VAL C 971 -4.67 -50.65 -53.12
N TYR C 972 -4.11 -51.86 -53.14
CA TYR C 972 -2.90 -52.13 -52.39
C TYR C 972 -1.72 -51.33 -52.93
N HIS C 973 -1.72 -51.02 -54.23
CA HIS C 973 -0.68 -50.23 -54.86
C HIS C 973 -0.85 -48.73 -54.65
N SER C 974 -1.84 -48.31 -53.87
CA SER C 974 -2.04 -46.90 -53.55
C SER C 974 -1.32 -46.48 -52.27
N TYR C 975 -1.35 -47.32 -51.24
CA TYR C 975 -0.63 -47.02 -50.01
C TYR C 975 0.88 -47.15 -50.18
N LEU C 976 1.34 -48.02 -51.07
CA LEU C 976 2.76 -48.15 -51.34
C LEU C 976 3.33 -46.92 -52.06
N THR C 977 2.52 -46.28 -52.90
CA THR C 977 2.90 -45.06 -53.58
C THR C 977 2.97 -43.85 -52.65
N ILE C 978 2.62 -44.03 -51.39
CA ILE C 978 2.68 -42.96 -50.41
C ILE C 978 4.04 -42.99 -49.73
N PHE C 979 4.49 -44.19 -49.37
CA PHE C 979 5.75 -44.38 -48.67
C PHE C 979 6.90 -44.78 -49.58
N GLY C 980 6.68 -44.86 -50.89
CA GLY C 980 7.82 -44.93 -51.79
C GLY C 980 7.70 -45.86 -52.98
N GLN C 981 6.98 -46.97 -52.83
CA GLN C 981 6.84 -47.93 -53.92
C GLN C 981 5.87 -47.36 -54.96
N ILE C 982 6.42 -46.54 -55.85
CA ILE C 982 5.65 -45.92 -56.92
C ILE C 982 6.08 -46.56 -58.24
N PRO C 983 5.27 -47.42 -58.83
CA PRO C 983 5.61 -47.95 -60.16
C PRO C 983 5.41 -46.89 -61.24
N GLY C 984 6.39 -46.00 -61.40
CA GLY C 984 6.27 -44.87 -62.29
C GLY C 984 6.05 -45.24 -63.74
N TYR C 985 6.73 -46.27 -64.23
CA TYR C 985 6.58 -46.70 -65.62
C TYR C 985 5.17 -47.16 -65.96
N ILE C 986 4.37 -47.52 -64.97
CA ILE C 986 2.98 -47.87 -65.17
C ILE C 986 2.05 -46.71 -64.81
N ASP C 987 2.42 -45.92 -63.80
CA ASP C 987 1.58 -44.80 -63.39
C ASP C 987 1.58 -43.68 -64.43
N GLY C 988 2.65 -43.57 -65.21
CA GLY C 988 2.72 -42.54 -66.24
C GLY C 988 3.18 -43.08 -67.58
N PHE C 1020 -0.76 -39.53 -71.98
CA PHE C 1020 -1.36 -38.24 -72.30
C PHE C 1020 -1.69 -37.38 -71.06
N PRO C 1021 -2.37 -37.95 -70.04
CA PRO C 1021 -2.70 -37.12 -68.87
C PRO C 1021 -1.56 -37.01 -67.88
N GLU C 1022 -0.34 -36.78 -68.38
CA GLU C 1022 0.79 -36.57 -67.49
C GLU C 1022 0.67 -35.28 -66.69
N TRP C 1023 0.12 -34.24 -67.30
CA TRP C 1023 -0.11 -32.99 -66.58
C TRP C 1023 -1.07 -33.19 -65.41
N LEU C 1024 -2.16 -33.92 -65.62
CA LEU C 1024 -3.10 -34.20 -64.55
C LEU C 1024 -2.51 -35.15 -63.51
N THR C 1025 -1.70 -36.11 -63.93
CA THR C 1025 -1.00 -36.96 -62.97
C THR C 1025 -0.08 -36.15 -62.07
N VAL C 1026 0.63 -35.17 -62.64
CA VAL C 1026 1.44 -34.27 -61.83
C VAL C 1026 0.56 -33.45 -60.90
N LEU C 1027 -0.54 -32.90 -61.44
CA LEU C 1027 -1.37 -31.97 -60.67
C LEU C 1027 -2.01 -32.65 -59.47
N LEU C 1028 -2.65 -33.80 -59.69
CA LEU C 1028 -3.32 -34.49 -58.59
C LEU C 1028 -2.33 -35.03 -57.57
N LEU C 1029 -1.18 -35.55 -58.04
CA LEU C 1029 -0.15 -36.02 -57.11
C LEU C 1029 0.38 -34.89 -56.26
N CYS C 1030 0.57 -33.70 -56.84
CA CYS C 1030 1.00 -32.56 -56.05
C CYS C 1030 -0.08 -32.11 -55.07
N LEU C 1031 -1.33 -32.06 -55.52
CA LEU C 1031 -2.40 -31.57 -54.65
C LEU C 1031 -2.64 -32.49 -53.46
N TYR C 1032 -2.78 -33.79 -53.72
CA TYR C 1032 -3.03 -34.73 -52.63
C TYR C 1032 -1.86 -34.77 -51.65
N LEU C 1033 -0.62 -34.75 -52.16
CA LEU C 1033 0.53 -34.74 -51.27
C LEU C 1033 0.64 -33.43 -50.49
N LEU C 1034 0.26 -32.31 -51.09
CA LEU C 1034 0.20 -31.05 -50.36
C LEU C 1034 -0.80 -31.15 -49.21
N PHE C 1035 -1.97 -31.73 -49.48
CA PHE C 1035 -2.97 -31.90 -48.44
C PHE C 1035 -2.50 -32.86 -47.34
N THR C 1036 -1.80 -33.94 -47.69
CA THR C 1036 -1.39 -34.90 -46.66
C THR C 1036 -0.14 -34.46 -45.93
N ASN C 1037 1.00 -34.44 -46.64
CA ASN C 1037 2.31 -34.34 -46.00
C ASN C 1037 2.53 -32.99 -45.34
N ILE C 1038 1.66 -32.02 -45.61
CA ILE C 1038 1.76 -30.72 -44.97
C ILE C 1038 0.73 -30.66 -43.84
N LEU C 1039 -0.54 -30.72 -44.21
CA LEU C 1039 -1.63 -30.47 -43.28
C LEU C 1039 -1.78 -31.57 -42.24
N LEU C 1040 -1.80 -32.85 -42.65
CA LEU C 1040 -2.02 -33.92 -41.70
C LEU C 1040 -0.73 -34.34 -41.01
N LEU C 1041 0.41 -33.77 -41.39
CA LEU C 1041 1.68 -34.09 -40.75
C LEU C 1041 2.11 -33.00 -39.75
N ASN C 1042 2.28 -31.77 -40.23
CA ASN C 1042 2.85 -30.74 -39.36
C ASN C 1042 1.84 -30.12 -38.41
N LEU C 1043 0.55 -30.10 -38.78
CA LEU C 1043 -0.49 -29.72 -37.83
C LEU C 1043 -0.70 -30.82 -36.80
N LEU C 1044 -0.55 -32.07 -37.21
CA LEU C 1044 -0.51 -33.18 -36.26
C LEU C 1044 0.65 -33.01 -35.29
N ILE C 1045 1.80 -32.57 -35.79
CA ILE C 1045 2.93 -32.25 -34.91
C ILE C 1045 2.54 -31.18 -33.91
N ALA C 1046 1.87 -30.12 -34.37
CA ALA C 1046 1.47 -29.03 -33.48
C ALA C 1046 0.51 -29.52 -32.40
N MET C 1047 -0.47 -30.34 -32.78
CA MET C 1047 -1.47 -30.78 -31.82
C MET C 1047 -0.94 -31.88 -30.90
N PHE C 1048 0.13 -32.56 -31.31
CA PHE C 1048 0.87 -33.41 -30.37
C PHE C 1048 1.67 -32.57 -29.37
N ASN C 1049 2.40 -31.57 -29.87
CA ASN C 1049 3.27 -30.78 -29.00
C ASN C 1049 2.48 -29.95 -27.99
N TYR C 1050 1.38 -29.34 -28.42
CA TYR C 1050 0.61 -28.50 -27.49
C TYR C 1050 -0.03 -29.36 -26.39
N THR C 1051 -0.57 -30.52 -26.76
CA THR C 1051 -1.11 -31.44 -25.75
C THR C 1051 -0.03 -32.00 -24.85
N PHE C 1052 1.18 -32.23 -25.38
CA PHE C 1052 2.29 -32.66 -24.54
C PHE C 1052 2.64 -31.59 -23.51
N GLN C 1053 2.67 -30.32 -23.93
CA GLN C 1053 2.97 -29.23 -23.01
C GLN C 1053 1.85 -29.01 -22.01
N GLN C 1054 0.60 -29.13 -22.44
CA GLN C 1054 -0.56 -28.80 -21.62
C GLN C 1054 -0.64 -29.63 -20.35
N VAL C 1055 -0.48 -30.94 -20.47
CA VAL C 1055 -0.68 -31.84 -19.33
C VAL C 1055 0.61 -32.59 -19.02
N GLN C 1056 1.76 -31.97 -19.27
CA GLN C 1056 3.03 -32.63 -18.98
C GLN C 1056 3.19 -32.88 -17.49
N GLU C 1057 2.86 -31.88 -16.66
CA GLU C 1057 2.91 -32.07 -15.22
C GLU C 1057 1.91 -33.14 -14.77
N HIS C 1058 0.72 -33.13 -15.36
CA HIS C 1058 -0.28 -34.13 -15.03
C HIS C 1058 0.23 -35.53 -15.33
N THR C 1059 0.82 -35.72 -16.52
CA THR C 1059 1.38 -37.01 -16.90
C THR C 1059 2.55 -37.41 -16.02
N ASP C 1060 3.41 -36.46 -15.64
CA ASP C 1060 4.52 -36.78 -14.76
C ASP C 1060 4.02 -37.30 -13.42
N GLN C 1061 3.08 -36.56 -12.81
CA GLN C 1061 2.52 -37.02 -11.53
C GLN C 1061 1.77 -38.34 -11.69
N ILE C 1062 1.13 -38.54 -12.85
CA ILE C 1062 0.38 -39.78 -13.07
C ILE C 1062 1.33 -40.97 -13.17
N TRP C 1063 2.45 -40.81 -13.86
CA TRP C 1063 3.45 -41.87 -13.90
C TRP C 1063 4.05 -42.13 -12.52
N LYS C 1064 4.37 -41.05 -11.79
CA LYS C 1064 4.77 -41.20 -10.39
C LYS C 1064 3.73 -42.01 -9.62
N PHE C 1065 2.46 -41.81 -9.95
CA PHE C 1065 1.36 -42.47 -9.28
C PHE C 1065 1.38 -43.97 -9.57
N GLN C 1066 1.36 -44.32 -10.86
CA GLN C 1066 1.29 -45.74 -11.22
C GLN C 1066 2.60 -46.47 -10.96
N ARG C 1067 3.68 -45.75 -10.62
CA ARG C 1067 4.91 -46.44 -10.24
C ARG C 1067 4.67 -47.45 -9.12
N HIS C 1068 3.77 -47.14 -8.18
CA HIS C 1068 3.54 -48.03 -7.05
C HIS C 1068 2.76 -49.27 -7.44
N ASP C 1069 1.94 -49.19 -8.49
CA ASP C 1069 1.17 -50.36 -8.90
C ASP C 1069 2.06 -51.51 -9.34
N LEU C 1070 3.11 -51.22 -10.12
CA LEU C 1070 4.06 -52.25 -10.50
C LEU C 1070 4.79 -52.80 -9.28
N ILE C 1071 5.15 -51.92 -8.35
CA ILE C 1071 5.93 -52.31 -7.18
C ILE C 1071 5.13 -53.26 -6.31
N GLU C 1072 3.84 -52.98 -6.11
CA GLU C 1072 3.01 -53.83 -5.28
C GLU C 1072 2.90 -55.24 -5.85
N GLU C 1073 2.75 -55.37 -7.16
CA GLU C 1073 2.60 -56.71 -7.74
C GLU C 1073 3.95 -57.42 -7.83
N TYR C 1074 5.05 -56.67 -7.94
CA TYR C 1074 6.35 -57.31 -8.07
C TYR C 1074 7.06 -57.54 -6.75
N HIS C 1075 6.56 -56.99 -5.64
CA HIS C 1075 7.18 -57.23 -4.35
C HIS C 1075 6.59 -58.47 -3.68
N GLY C 1076 5.28 -58.49 -3.50
CA GLY C 1076 4.61 -59.63 -2.88
C GLY C 1076 4.48 -60.80 -3.84
N ARG C 1077 5.62 -61.35 -4.25
CA ARG C 1077 5.64 -62.45 -5.22
C ARG C 1077 6.99 -63.16 -5.12
N PRO C 1078 7.02 -64.48 -5.11
CA PRO C 1078 8.29 -65.21 -5.02
C PRO C 1078 9.20 -64.91 -6.20
N ALA C 1079 10.51 -64.90 -5.92
CA ALA C 1079 11.52 -64.56 -6.90
C ALA C 1079 11.82 -65.68 -7.88
N ALA C 1080 11.02 -66.73 -7.90
CA ALA C 1080 11.23 -67.83 -8.84
C ALA C 1080 10.97 -67.35 -10.26
N PRO C 1081 11.75 -67.83 -11.23
CA PRO C 1081 11.47 -67.49 -12.63
C PRO C 1081 10.13 -68.03 -13.08
N PRO C 1082 9.54 -67.48 -14.13
CA PRO C 1082 8.27 -68.01 -14.63
C PRO C 1082 8.34 -69.48 -15.02
N PRO C 1083 9.48 -69.97 -15.56
CA PRO C 1083 9.56 -71.43 -15.79
C PRO C 1083 9.40 -72.26 -14.52
N PHE C 1084 9.86 -71.78 -13.37
CA PHE C 1084 9.76 -72.53 -12.12
C PHE C 1084 8.54 -72.13 -11.29
N ILE C 1085 7.83 -71.08 -11.70
CA ILE C 1085 6.69 -70.56 -10.93
C ILE C 1085 5.57 -71.58 -10.80
N LEU C 1086 5.53 -72.60 -11.67
CA LEU C 1086 4.55 -73.67 -11.51
C LEU C 1086 4.81 -74.45 -10.22
N LEU C 1087 6.05 -74.51 -9.76
CA LEU C 1087 6.36 -75.14 -8.49
C LEU C 1087 5.74 -74.35 -7.33
N SER C 1088 5.93 -73.03 -7.33
CA SER C 1088 5.33 -72.20 -6.29
C SER C 1088 3.81 -72.18 -6.38
N HIS C 1089 3.25 -72.42 -7.57
CA HIS C 1089 1.81 -72.51 -7.71
C HIS C 1089 1.24 -73.67 -6.89
N LEU C 1090 1.93 -74.82 -6.90
CA LEU C 1090 1.51 -75.96 -6.11
C LEU C 1090 2.05 -75.92 -4.68
N GLN C 1091 3.03 -75.05 -4.41
CA GLN C 1091 3.52 -74.91 -3.04
C GLN C 1091 2.45 -74.39 -2.11
N LEU C 1092 1.59 -73.49 -2.58
CA LEU C 1092 0.50 -72.98 -1.76
C LEU C 1092 -0.67 -73.95 -1.65
N PHE C 1093 -0.74 -74.95 -2.52
CA PHE C 1093 -1.78 -75.97 -2.42
C PHE C 1093 -1.35 -77.14 -1.54
N ILE C 1094 -0.09 -77.56 -1.63
CA ILE C 1094 0.41 -78.57 -0.70
C ILE C 1094 0.42 -78.02 0.73
N LYS C 1095 0.61 -76.70 0.87
CA LYS C 1095 0.52 -76.08 2.19
C LYS C 1095 -0.91 -76.17 2.73
N ARG C 1096 -1.90 -75.89 1.88
CA ARG C 1096 -3.30 -75.95 2.30
C ARG C 1096 -3.83 -77.37 2.41
N VAL C 1097 -3.09 -78.35 1.92
CA VAL C 1097 -3.40 -79.74 2.26
C VAL C 1097 -3.33 -79.96 3.77
N VAL C 1098 -2.35 -79.38 4.44
CA VAL C 1098 -2.22 -79.47 5.89
C VAL C 1098 -3.00 -78.36 6.60
N LEU C 1099 -2.80 -77.12 6.18
CA LEU C 1099 -3.48 -75.99 6.80
C LEU C 1099 -4.94 -75.92 6.37
N LYS C 1100 -5.71 -75.08 7.05
CA LYS C 1100 -7.12 -74.89 6.74
C LYS C 1100 -7.57 -73.45 6.69
N THR C 1101 -6.84 -72.51 7.28
CA THR C 1101 -7.26 -71.11 7.31
C THR C 1101 -6.22 -70.23 6.61
N PRO C 1102 -6.65 -69.14 5.98
CA PRO C 1102 -5.69 -68.26 5.29
C PRO C 1102 -4.90 -67.38 6.26
N ALA C 1103 -3.90 -67.95 6.91
CA ALA C 1103 -3.04 -67.23 7.85
C ALA C 1103 -1.58 -67.60 7.63
N LYS C 1104 -1.13 -67.59 6.37
CA LYS C 1104 0.23 -68.02 6.07
C LYS C 1104 1.24 -66.92 6.40
N ARG C 1105 1.03 -65.73 5.86
CA ARG C 1105 1.97 -64.62 6.01
C ARG C 1105 1.34 -63.37 5.42
N HIS C 1106 1.88 -62.21 5.82
CA HIS C 1106 1.45 -60.91 5.31
C HIS C 1106 2.70 -60.20 4.78
N LYS C 1107 3.02 -60.46 3.51
CA LYS C 1107 4.19 -59.85 2.87
C LYS C 1107 3.82 -58.57 2.12
N GLN C 1108 3.18 -57.64 2.82
CA GLN C 1108 2.79 -56.36 2.27
C GLN C 1108 3.66 -55.25 2.87
N LEU C 1109 3.50 -54.05 2.32
CA LEU C 1109 4.19 -52.86 2.83
C LEU C 1109 3.48 -52.27 4.04
N LYS C 1110 3.21 -53.09 5.04
CA LYS C 1110 2.45 -52.69 6.23
C LYS C 1110 3.26 -53.13 7.44
N ASN C 1111 4.00 -52.19 8.03
CA ASN C 1111 4.94 -52.50 9.11
C ASN C 1111 4.30 -52.13 10.44
N LYS C 1112 4.15 -53.13 11.31
CA LYS C 1112 3.71 -52.88 12.68
C LYS C 1112 4.88 -52.42 13.53
N LEU C 1113 4.61 -51.50 14.45
CA LEU C 1113 5.65 -50.88 15.25
C LEU C 1113 5.43 -51.16 16.73
N GLU C 1114 6.53 -51.32 17.45
CA GLU C 1114 6.49 -51.45 18.89
C GLU C 1114 6.11 -50.10 19.52
N LYS C 1115 5.48 -50.18 20.69
CA LYS C 1115 4.88 -48.99 21.30
C LYS C 1115 5.94 -48.00 21.77
N ASN C 1116 7.03 -48.48 22.37
CA ASN C 1116 8.05 -47.60 22.89
C ASN C 1116 8.77 -46.82 21.80
N GLU C 1117 8.74 -47.31 20.57
CA GLU C 1117 9.29 -46.58 19.43
C GLU C 1117 8.23 -45.76 18.72
N GLU C 1118 6.98 -46.24 18.69
CA GLU C 1118 5.90 -45.46 18.11
C GLU C 1118 5.71 -44.16 18.87
N ALA C 1119 5.79 -44.20 20.20
CA ALA C 1119 5.72 -42.97 20.97
C ALA C 1119 6.84 -42.01 20.62
N ALA C 1120 8.07 -42.51 20.45
CA ALA C 1120 9.20 -41.69 20.06
C ALA C 1120 9.02 -41.03 18.70
N LEU C 1121 8.55 -41.76 17.70
CA LEU C 1121 8.23 -41.13 16.42
C LEU C 1121 7.08 -40.14 16.49
N LEU C 1122 6.02 -40.44 17.23
CA LEU C 1122 4.89 -39.53 17.29
C LEU C 1122 5.23 -38.22 18.00
N SER C 1123 6.01 -38.26 19.08
CA SER C 1123 6.41 -37.00 19.71
C SER C 1123 7.24 -36.14 18.74
N TRP C 1124 8.16 -36.77 18.03
CA TRP C 1124 8.97 -36.06 17.04
C TRP C 1124 8.09 -35.48 15.93
N GLU C 1125 7.10 -36.24 15.48
CA GLU C 1125 6.18 -35.76 14.46
C GLU C 1125 5.37 -34.57 14.94
N ILE C 1126 4.92 -34.58 16.20
CA ILE C 1126 4.20 -33.43 16.73
C ILE C 1126 5.11 -32.21 16.77
N TYR C 1127 6.35 -32.39 17.23
CA TYR C 1127 7.29 -31.28 17.27
C TYR C 1127 7.49 -30.67 15.90
N LEU C 1128 7.66 -31.51 14.88
CA LEU C 1128 7.84 -31.02 13.53
C LEU C 1128 6.58 -30.42 12.94
N LYS C 1129 5.40 -30.91 13.34
CA LYS C 1129 4.17 -30.27 12.91
C LYS C 1129 4.10 -28.84 13.41
N GLU C 1130 4.45 -28.64 14.69
CA GLU C 1130 4.42 -27.28 15.23
C GLU C 1130 5.45 -26.39 14.56
N ASN C 1131 6.65 -26.91 14.30
CA ASN C 1131 7.63 -26.17 13.51
C ASN C 1131 7.07 -25.75 12.17
N TYR C 1132 6.42 -26.67 11.45
CA TYR C 1132 5.85 -26.34 10.16
C TYR C 1132 4.73 -25.31 10.27
N LEU C 1133 3.88 -25.45 11.28
CA LEU C 1133 2.77 -24.51 11.44
C LEU C 1133 3.29 -23.10 11.67
N GLN C 1134 4.32 -22.95 12.51
CA GLN C 1134 4.91 -21.63 12.70
C GLN C 1134 5.44 -21.05 11.39
N ASN C 1135 6.11 -21.87 10.58
CA ASN C 1135 6.63 -21.40 9.29
C ASN C 1135 5.50 -20.94 8.38
N ARG C 1136 4.43 -21.73 8.29
CA ARG C 1136 3.31 -21.35 7.45
C ARG C 1136 2.65 -20.06 7.94
N GLN C 1137 2.48 -19.93 9.26
CA GLN C 1137 1.94 -18.70 9.80
C GLN C 1137 2.84 -17.50 9.47
N PHE C 1138 4.15 -17.68 9.49
CA PHE C 1138 5.06 -16.61 9.12
C PHE C 1138 4.94 -16.24 7.65
N GLN C 1139 4.86 -17.23 6.76
CA GLN C 1139 4.69 -16.91 5.34
C GLN C 1139 3.37 -16.22 5.05
N GLN C 1140 2.30 -16.60 5.76
CA GLN C 1140 1.02 -15.94 5.55
C GLN C 1140 1.11 -14.46 5.87
N LYS C 1141 1.80 -14.10 6.95
CA LYS C 1141 2.02 -12.69 7.26
C LYS C 1141 2.96 -12.03 6.26
N GLN C 1142 3.99 -12.74 5.81
CA GLN C 1142 4.92 -12.18 4.83
C GLN C 1142 4.30 -11.89 3.48
N ARG C 1143 3.21 -12.56 3.13
CA ARG C 1143 2.56 -12.31 1.85
C ARG C 1143 2.12 -10.85 1.76
N PRO C 1144 2.44 -10.13 0.69
CA PRO C 1144 2.12 -8.69 0.61
C PRO C 1144 0.63 -8.38 0.66
N GLU C 1145 -0.23 -9.26 0.14
CA GLU C 1145 -1.67 -9.01 0.22
C GLU C 1145 -2.14 -8.95 1.66
N GLN C 1146 -1.52 -9.73 2.55
CA GLN C 1146 -1.87 -9.64 3.97
C GLN C 1146 -1.46 -8.31 4.56
N LYS C 1147 -0.30 -7.78 4.15
CA LYS C 1147 0.15 -6.50 4.69
C LYS C 1147 -0.70 -5.35 4.16
N ILE C 1148 -1.21 -5.46 2.94
CA ILE C 1148 -2.15 -4.44 2.47
C ILE C 1148 -3.41 -4.43 3.34
N GLU C 1149 -3.94 -5.62 3.67
CA GLU C 1149 -5.06 -5.69 4.60
C GLU C 1149 -4.69 -5.13 5.96
N ASP C 1150 -3.46 -5.39 6.41
CA ASP C 1150 -3.02 -4.88 7.70
C ASP C 1150 -3.06 -3.35 7.72
N ILE C 1151 -2.53 -2.72 6.67
CA ILE C 1151 -2.55 -1.26 6.60
C ILE C 1151 -3.96 -0.74 6.51
N SER C 1152 -4.81 -1.39 5.72
CA SER C 1152 -6.20 -0.96 5.59
C SER C 1152 -6.96 -1.08 6.90
N ASN C 1153 -6.62 -2.08 7.72
CA ASN C 1153 -7.28 -2.24 9.00
C ASN C 1153 -6.74 -1.30 10.07
N LYS C 1154 -5.53 -0.77 9.89
CA LYS C 1154 -4.98 0.17 10.85
C LYS C 1154 -5.36 1.60 10.55
N VAL C 1155 -5.53 1.97 9.27
CA VAL C 1155 -6.02 3.32 8.98
C VAL C 1155 -7.44 3.49 9.47
N ASP C 1156 -8.24 2.41 9.47
CA ASP C 1156 -9.57 2.47 10.06
C ASP C 1156 -9.51 2.62 11.57
N ALA C 1157 -8.47 2.10 12.22
CA ALA C 1157 -8.30 2.30 13.64
C ALA C 1157 -7.86 3.72 13.98
N MET C 1158 -7.44 4.50 12.98
CA MET C 1158 -7.02 5.88 13.19
C MET C 1158 -8.05 6.90 12.76
N VAL C 1159 -8.90 6.58 11.77
CA VAL C 1159 -9.93 7.53 11.35
C VAL C 1159 -10.92 7.77 12.49
N ASP C 1160 -11.23 6.72 13.24
CA ASP C 1160 -12.15 6.85 14.37
C ASP C 1160 -11.49 7.40 15.62
N LEU C 1161 -10.16 7.40 15.68
CA LEU C 1161 -9.46 7.82 16.88
C LEU C 1161 -9.37 9.34 17.00
N LEU C 1162 -9.70 10.08 15.94
CA LEU C 1162 -9.47 11.52 15.93
C LEU C 1162 -10.77 12.30 15.95
N ASP C 1163 -11.73 11.88 16.77
CA ASP C 1163 -12.99 12.59 16.95
C ASP C 1163 -13.30 12.82 18.42
N LEU C 1164 -12.28 13.08 19.23
CA LEU C 1164 -12.43 13.23 20.67
C LEU C 1164 -12.35 14.68 21.13
N ASP C 1165 -12.33 15.63 20.21
CA ASP C 1165 -12.24 17.05 20.56
C ASP C 1165 -13.53 17.52 21.23
N GLY C 1235 -25.23 11.40 51.97
CA GLY C 1235 -26.35 12.30 52.09
C GLY C 1235 -27.69 11.60 52.04
N ASP C 1236 -27.85 10.68 51.10
CA ASP C 1236 -29.08 9.94 50.96
C ASP C 1236 -29.19 8.89 52.06
N SER C 1237 -29.92 9.22 53.13
CA SER C 1237 -30.08 8.30 54.24
C SER C 1237 -31.52 8.10 54.67
N TYR C 1238 -32.47 8.86 54.12
CA TYR C 1238 -33.87 8.66 54.47
C TYR C 1238 -34.37 7.34 53.91
N HIS C 1239 -35.42 6.82 54.54
CA HIS C 1239 -36.01 5.56 54.10
C HIS C 1239 -36.49 5.68 52.66
N VAL C 1240 -36.01 4.78 51.82
CA VAL C 1240 -36.26 4.80 50.38
C VAL C 1240 -37.24 3.72 49.97
N ASN C 1241 -37.07 2.50 50.48
CA ASN C 1241 -37.85 1.36 50.05
C ASN C 1241 -39.32 1.56 50.40
N ALA C 1242 -39.61 2.49 51.30
CA ALA C 1242 -40.98 2.84 51.62
C ALA C 1242 -41.56 3.93 50.73
N ARG C 1243 -40.74 4.70 50.00
CA ARG C 1243 -41.25 5.72 49.09
C ARG C 1243 -41.32 5.22 47.65
N HIS C 1244 -42.06 4.14 47.42
CA HIS C 1244 -42.23 3.63 46.05
C HIS C 1244 -43.31 4.41 45.32
N LEU C 1245 -43.63 3.97 44.10
CA LEU C 1245 -44.68 4.59 43.32
C LEU C 1245 -45.99 3.83 43.52
N LEU C 1246 -45.89 2.51 43.67
CA LEU C 1246 -47.05 1.66 43.86
C LEU C 1246 -47.05 1.10 45.28
N TYR C 1247 -48.02 0.25 45.57
CA TYR C 1247 -48.10 -0.44 46.85
C TYR C 1247 -48.37 -1.91 46.54
N PRO C 1248 -47.86 -2.86 47.35
CA PRO C 1248 -47.94 -4.29 46.99
C PRO C 1248 -49.26 -4.77 46.38
N ASN C 1249 -50.39 -4.24 46.83
CA ASN C 1249 -51.66 -4.65 46.27
C ASN C 1249 -52.47 -3.40 45.91
N CYS C 1250 -53.41 -3.57 44.95
CA CYS C 1250 -54.37 -2.61 44.42
C CYS C 1250 -53.67 -1.36 43.89
N PRO C 1251 -54.35 -0.47 43.14
CA PRO C 1251 -53.64 0.66 42.53
C PRO C 1251 -53.02 1.61 43.55
N VAL C 1252 -53.86 2.20 44.41
CA VAL C 1252 -53.48 3.03 45.56
C VAL C 1252 -52.13 3.73 45.38
N THR C 1253 -51.90 4.31 44.20
CA THR C 1253 -50.63 4.96 43.92
C THR C 1253 -50.38 6.07 44.93
N ARG C 1254 -49.15 6.12 45.44
CA ARG C 1254 -48.77 7.06 46.48
C ARG C 1254 -48.62 8.46 45.90
N PHE C 1255 -48.43 9.43 46.76
CA PHE C 1255 -48.16 10.81 46.37
C PHE C 1255 -46.66 11.05 46.33
N PRO C 1256 -46.18 11.70 45.27
CA PRO C 1256 -44.74 11.94 45.14
C PRO C 1256 -44.21 12.78 46.29
N VAL C 1257 -43.09 12.35 46.86
CA VAL C 1257 -42.43 13.08 47.93
C VAL C 1257 -40.92 13.03 47.72
N PRO C 1258 -40.31 14.11 47.24
CA PRO C 1258 -38.86 14.12 47.03
C PRO C 1258 -38.11 14.03 48.35
N ASN C 1259 -36.80 13.76 48.25
CA ASN C 1259 -35.95 13.54 49.42
C ASN C 1259 -35.99 14.70 50.39
N GLU C 1260 -35.98 15.93 49.88
CA GLU C 1260 -35.95 17.10 50.74
C GLU C 1260 -37.21 17.20 51.60
N LYS C 1261 -38.35 16.78 51.04
CA LYS C 1261 -39.63 16.93 51.71
C LYS C 1261 -40.03 15.72 52.53
N VAL C 1262 -39.11 14.85 52.90
CA VAL C 1262 -39.51 13.67 53.70
C VAL C 1262 -39.69 14.03 55.17
N PRO C 1263 -38.85 14.85 55.82
CA PRO C 1263 -39.11 15.14 57.24
C PRO C 1263 -40.04 16.33 57.38
N TRP C 1264 -41.27 16.08 57.84
CA TRP C 1264 -42.21 17.17 58.02
C TRP C 1264 -41.84 18.09 59.17
N GLU C 1265 -40.87 17.68 60.00
CA GLU C 1265 -40.47 18.45 61.16
C GLU C 1265 -39.99 19.85 60.77
N THR C 1266 -39.20 19.93 59.70
CA THR C 1266 -38.66 21.20 59.22
C THR C 1266 -39.01 21.46 57.76
N GLU C 1267 -40.10 20.89 57.27
CA GLU C 1267 -40.55 21.11 55.90
C GLU C 1267 -41.96 21.69 55.88
N PHE C 1268 -42.51 21.79 54.68
CA PHE C 1268 -43.75 22.52 54.45
C PHE C 1268 -44.72 21.67 53.64
N LEU C 1269 -46.01 21.99 53.78
CA LEU C 1269 -47.10 21.27 53.13
C LEU C 1269 -47.26 21.71 51.68
N ILE C 1270 -48.43 21.39 51.11
CA ILE C 1270 -48.94 21.54 49.73
C ILE C 1270 -48.99 20.15 49.10
N TYR C 1271 -48.91 19.13 49.94
CA TYR C 1271 -49.13 17.76 49.54
C TYR C 1271 -50.46 17.25 50.10
N ASP C 1272 -50.97 16.18 49.51
CA ASP C 1272 -52.19 15.53 49.98
C ASP C 1272 -52.18 14.06 49.61
N PRO C 1273 -52.00 13.16 50.58
CA PRO C 1273 -51.86 11.74 50.27
C PRO C 1273 -53.21 11.09 50.02
N PRO C 1274 -53.24 10.06 49.18
CA PRO C 1274 -54.49 9.33 48.91
C PRO C 1274 -54.86 8.32 49.99
N PHE C 1275 -55.60 8.75 51.00
CA PHE C 1275 -56.06 7.90 52.11
C PHE C 1275 -56.47 6.49 51.67
N TYR C 1276 -55.97 5.48 52.37
CA TYR C 1276 -56.27 4.08 52.06
C TYR C 1276 -55.88 3.23 53.26
N THR C 1277 -56.76 2.31 53.65
CA THR C 1277 -56.60 1.62 54.92
C THR C 1277 -57.11 0.17 54.87
N ALA C 1278 -56.27 -0.71 55.41
CA ALA C 1278 -56.60 -2.07 55.87
C ALA C 1278 -56.85 -3.09 54.76
N GLU C 1279 -57.07 -2.63 53.54
CA GLU C 1279 -56.80 -3.40 52.34
C GLU C 1279 -57.61 -4.69 52.18
N ARG C 1280 -58.25 -5.17 53.24
CA ARG C 1280 -58.91 -6.48 53.12
C ARG C 1280 -60.38 -6.51 53.51
N LYS C 1281 -60.70 -6.04 54.72
CA LYS C 1281 -62.01 -6.31 55.29
C LYS C 1281 -62.81 -5.04 55.55
N ASP C 1282 -62.28 -4.10 56.33
CA ASP C 1282 -63.04 -2.93 56.77
C ASP C 1282 -62.03 -1.84 57.12
N ALA C 1283 -61.90 -0.83 56.25
CA ALA C 1283 -60.90 0.20 56.47
C ALA C 1283 -61.07 0.88 57.83
N ALA C 1284 -62.32 1.16 58.20
CA ALA C 1284 -62.60 1.87 59.44
C ALA C 1284 -62.98 0.95 60.60
N ALA C 1285 -62.97 -0.36 60.41
CA ALA C 1285 -63.22 -1.26 61.54
C ALA C 1285 -62.03 -2.17 61.84
N MET C 1286 -61.60 -2.94 60.83
CA MET C 1286 -60.51 -3.92 60.95
C MET C 1286 -60.59 -4.70 62.26
N ASP C 1287 -61.78 -5.24 62.51
CA ASP C 1287 -62.11 -6.01 63.69
C ASP C 1287 -61.26 -7.27 63.83
N PRO C 1288 -61.04 -8.05 62.76
CA PRO C 1288 -60.13 -9.20 62.92
C PRO C 1288 -58.71 -8.77 63.26
N MET C 1289 -58.38 -7.51 63.03
CA MET C 1289 -57.03 -7.04 63.28
C MET C 1289 -56.95 -6.21 64.57
N GLY C 1290 -58.10 -5.73 65.08
CA GLY C 1290 -58.26 -5.40 66.49
C GLY C 1290 -58.61 -3.96 66.84
N ASP C 1291 -57.96 -2.97 66.23
CA ASP C 1291 -58.06 -1.58 66.68
C ASP C 1291 -58.97 -0.79 65.75
N THR C 1292 -58.90 0.54 65.87
CA THR C 1292 -59.13 1.50 64.78
C THR C 1292 -59.06 2.90 65.40
N LEU C 1293 -58.91 3.91 64.55
CA LEU C 1293 -59.23 5.29 64.92
C LEU C 1293 -60.04 5.93 63.80
N GLU C 1294 -61.36 5.89 63.92
CA GLU C 1294 -62.27 6.63 63.04
C GLU C 1294 -63.03 7.64 63.89
N PRO C 1295 -62.56 8.90 63.94
CA PRO C 1295 -62.86 9.77 65.08
C PRO C 1295 -63.23 9.02 66.35
N LEU C 1296 -62.37 8.08 66.76
CA LEU C 1296 -62.57 7.22 67.92
C LEU C 1296 -61.34 7.42 68.80
N SER C 1297 -61.52 8.13 69.91
CA SER C 1297 -60.39 8.40 70.80
C SER C 1297 -59.81 7.09 71.31
N THR C 1298 -60.58 6.36 72.12
CA THR C 1298 -60.34 4.96 72.49
C THR C 1298 -58.87 4.61 72.63
N ILE C 1299 -58.19 4.53 71.49
CA ILE C 1299 -56.82 4.02 71.37
C ILE C 1299 -55.85 4.97 72.09
N GLN C 1300 -54.67 4.47 72.42
CA GLN C 1300 -53.66 5.27 73.12
C GLN C 1300 -52.26 4.90 72.64
N TYR C 1301 -51.50 5.90 72.18
CA TYR C 1301 -50.19 5.68 71.59
C TYR C 1301 -49.09 6.03 72.60
N ASN C 1302 -48.91 5.18 73.60
CA ASN C 1302 -47.83 5.29 74.57
C ASN C 1302 -47.66 3.99 75.34
N VAL C 1303 -46.82 4.04 76.38
CA VAL C 1303 -46.44 2.92 77.25
C VAL C 1303 -46.66 1.55 76.61
N VAL C 1304 -47.50 0.72 77.21
CA VAL C 1304 -47.65 -0.67 76.81
C VAL C 1304 -49.08 -0.93 76.31
N ASP C 1305 -50.07 -0.53 77.11
CA ASP C 1305 -51.48 -0.74 76.79
C ASP C 1305 -51.81 -2.23 76.69
N GLY C 1306 -52.95 -2.54 76.09
CA GLY C 1306 -53.42 -3.91 76.04
C GLY C 1306 -52.93 -4.70 74.85
N LEU C 1307 -51.87 -5.49 75.07
CA LEU C 1307 -51.36 -6.47 74.11
C LEU C 1307 -50.74 -5.81 72.87
N ARG C 1308 -50.81 -4.49 72.78
CA ARG C 1308 -50.19 -3.76 71.67
C ARG C 1308 -49.25 -2.67 72.15
N ASP C 1309 -47.95 -2.91 72.10
CA ASP C 1309 -46.95 -2.04 72.72
C ASP C 1309 -47.09 -0.59 72.29
N ARG C 1310 -47.14 -0.35 70.97
CA ARG C 1310 -47.34 0.98 70.42
C ARG C 1310 -46.26 1.96 70.90
N ARG C 1311 -45.12 1.44 71.31
CA ARG C 1311 -43.98 2.25 71.71
C ARG C 1311 -43.05 2.42 70.50
N SER C 1312 -41.98 3.21 70.66
CA SER C 1312 -41.03 3.41 69.60
C SER C 1312 -39.62 3.35 70.17
N PHE C 1313 -38.74 2.59 69.52
CA PHE C 1313 -37.34 2.53 69.89
C PHE C 1313 -36.55 3.75 69.42
N HIS C 1314 -37.25 4.76 68.89
CA HIS C 1314 -36.62 6.00 68.44
C HIS C 1314 -37.11 7.20 69.25
N GLY C 1315 -37.58 6.95 70.47
CA GLY C 1315 -38.09 7.98 71.32
C GLY C 1315 -39.58 8.18 71.14
N PRO C 1316 -40.17 9.05 71.96
CA PRO C 1316 -41.62 9.30 71.85
C PRO C 1316 -41.94 10.10 70.59
N TYR C 1317 -42.80 9.53 69.75
CA TYR C 1317 -43.20 10.17 68.51
C TYR C 1317 -44.41 11.07 68.69
N THR C 1318 -44.98 11.54 67.58
CA THR C 1318 -45.98 12.62 67.60
C THR C 1318 -47.32 12.06 67.16
N VAL C 1319 -48.39 12.46 67.85
CA VAL C 1319 -49.75 12.04 67.55
C VAL C 1319 -50.52 13.27 67.08
N GLN C 1320 -49.82 14.19 66.43
CA GLN C 1320 -50.35 15.49 66.02
C GLN C 1320 -51.76 15.43 65.43
N ALA C 1321 -51.93 14.69 64.34
CA ALA C 1321 -53.21 14.68 63.62
C ALA C 1321 -54.15 13.63 64.20
N GLY C 1322 -53.92 13.22 65.43
CA GLY C 1322 -54.73 12.18 66.05
C GLY C 1322 -54.23 10.80 65.70
N LEU C 1323 -53.77 10.65 64.47
CA LEU C 1323 -53.16 9.42 63.98
C LEU C 1323 -51.65 9.51 64.10
N PRO C 1324 -50.96 8.37 64.23
CA PRO C 1324 -49.51 8.41 64.42
C PRO C 1324 -48.76 8.85 63.17
N LEU C 1325 -47.44 9.00 63.28
CA LEU C 1325 -46.61 9.44 62.17
C LEU C 1325 -45.24 8.79 62.30
N ASN C 1326 -44.76 8.19 61.21
CA ASN C 1326 -43.47 7.51 61.21
C ASN C 1326 -42.31 8.50 61.29
N PRO C 1327 -41.56 8.53 62.39
CA PRO C 1327 -40.62 9.62 62.63
C PRO C 1327 -39.56 9.81 61.55
N MET C 1328 -39.17 8.72 60.89
CA MET C 1328 -38.06 8.77 59.96
C MET C 1328 -38.39 9.46 58.63
N GLY C 1329 -39.56 10.06 58.50
CA GLY C 1329 -39.90 10.86 57.34
C GLY C 1329 -41.30 10.59 56.83
N ARG C 1330 -41.75 11.50 55.97
CA ARG C 1330 -43.07 11.43 55.35
C ARG C 1330 -42.95 10.66 54.05
N THR C 1331 -43.48 9.43 54.04
CA THR C 1331 -43.36 8.58 52.86
C THR C 1331 -44.58 8.64 51.95
N GLY C 1332 -45.59 9.44 52.29
CA GLY C 1332 -46.60 9.82 51.31
C GLY C 1332 -47.83 8.96 51.19
N LEU C 1333 -48.49 8.67 52.31
CA LEU C 1333 -49.82 8.07 52.27
C LEU C 1333 -50.50 8.43 53.60
N ARG C 1334 -51.73 7.96 53.81
CA ARG C 1334 -52.43 8.36 55.03
C ARG C 1334 -52.69 7.18 55.97
N GLY C 1335 -53.35 6.13 55.47
CA GLY C 1335 -53.71 5.02 56.33
C GLY C 1335 -52.84 3.81 56.14
N ARG C 1336 -52.78 2.96 57.16
CA ARG C 1336 -51.97 1.75 57.14
C ARG C 1336 -52.44 0.84 56.01
N GLY C 1337 -51.50 0.20 55.33
CA GLY C 1337 -51.88 -0.72 54.27
C GLY C 1337 -52.29 -2.09 54.78
N SER C 1338 -51.36 -2.80 55.41
CA SER C 1338 -51.60 -4.19 55.79
C SER C 1338 -51.16 -4.50 57.21
N LEU C 1339 -50.78 -3.48 57.97
CA LEU C 1339 -49.99 -3.73 59.17
C LEU C 1339 -50.82 -3.95 60.42
N SER C 1340 -52.15 -3.91 60.28
CA SER C 1340 -53.06 -4.39 61.32
C SER C 1340 -52.96 -3.62 62.64
N CYS C 1341 -52.23 -2.52 62.65
CA CYS C 1341 -52.15 -1.65 63.83
C CYS C 1341 -51.54 -0.30 63.46
N PHE C 1342 -52.18 0.80 63.86
CA PHE C 1342 -51.61 2.11 63.56
C PHE C 1342 -50.34 2.34 64.37
N GLY C 1343 -50.25 1.76 65.56
CA GLY C 1343 -49.05 1.85 66.34
C GLY C 1343 -47.92 1.08 65.69
N PRO C 1344 -46.68 1.49 65.97
CA PRO C 1344 -45.53 0.76 65.40
C PRO C 1344 -45.55 -0.72 65.74
N ASN C 1345 -45.74 -1.56 64.72
CA ASN C 1345 -45.72 -3.00 64.96
C ASN C 1345 -44.32 -3.47 65.33
N HIS C 1346 -44.24 -4.46 66.19
CA HIS C 1346 -42.98 -4.97 66.69
C HIS C 1346 -42.74 -6.38 66.21
N THR C 1347 -41.52 -6.62 65.72
CA THR C 1347 -41.13 -7.92 65.21
C THR C 1347 -39.63 -8.03 65.29
N LEU C 1348 -39.12 -9.27 65.26
CA LEU C 1348 -37.69 -9.51 65.27
C LEU C 1348 -37.35 -10.59 64.25
N TYR C 1349 -36.10 -10.60 63.81
CA TYR C 1349 -35.64 -11.55 62.80
C TYR C 1349 -34.41 -12.28 63.31
N PRO C 1350 -34.55 -13.43 63.95
CA PRO C 1350 -33.38 -14.15 64.44
C PRO C 1350 -32.66 -14.91 63.34
N MET C 1351 -31.46 -14.46 63.00
CA MET C 1351 -30.65 -15.15 62.00
C MET C 1351 -29.65 -16.08 62.69
N VAL C 1352 -29.61 -17.33 62.23
CA VAL C 1352 -28.67 -18.32 62.75
C VAL C 1352 -27.56 -18.47 61.72
N THR C 1353 -26.32 -18.30 62.17
CA THR C 1353 -25.16 -18.28 61.29
C THR C 1353 -24.14 -19.30 61.74
N ARG C 1354 -23.54 -20.00 60.78
CA ARG C 1354 -22.44 -20.92 61.03
C ARG C 1354 -21.29 -20.59 60.09
N TRP C 1355 -20.09 -21.00 60.49
CA TRP C 1355 -18.86 -20.38 59.98
C TRP C 1355 -18.43 -20.86 58.60
N ARG C 1356 -19.34 -21.51 57.86
CA ARG C 1356 -19.05 -21.93 56.48
C ARG C 1356 -17.86 -22.89 56.48
N ARG C 1357 -17.99 -24.01 57.18
CA ARG C 1357 -16.94 -25.02 57.17
C ARG C 1357 -16.83 -25.66 55.80
N ASN C 1358 -15.59 -25.93 55.38
CA ASN C 1358 -15.31 -26.81 54.26
C ASN C 1358 -15.18 -28.24 54.78
N GLU C 1359 -14.57 -29.12 54.00
CA GLU C 1359 -14.50 -30.54 54.33
C GLU C 1359 -13.82 -30.80 55.67
N ASP C 1360 -13.14 -29.78 56.23
CA ASP C 1360 -12.60 -29.87 57.58
C ASP C 1360 -12.85 -28.56 58.33
N GLY C 1361 -12.23 -28.40 59.49
CA GLY C 1361 -12.42 -27.19 60.27
C GLY C 1361 -12.07 -25.93 59.50
N ALA C 1362 -10.78 -25.72 59.26
CA ALA C 1362 -10.27 -24.71 58.34
C ALA C 1362 -10.89 -23.33 58.50
N ILE C 1363 -12.20 -23.23 58.23
CA ILE C 1363 -13.01 -22.03 57.97
C ILE C 1363 -12.96 -21.90 56.45
N CYS C 1364 -13.49 -20.81 55.90
CA CYS C 1364 -13.43 -20.61 54.45
C CYS C 1364 -13.40 -19.09 54.21
N ARG C 1365 -12.21 -18.55 54.00
CA ARG C 1365 -12.06 -17.13 53.76
C ARG C 1365 -12.29 -16.82 52.29
N LYS C 1366 -12.91 -15.66 52.03
CA LYS C 1366 -13.18 -15.27 50.66
C LYS C 1366 -11.93 -14.69 50.01
N SER C 1367 -11.43 -13.58 50.55
CA SER C 1367 -10.12 -13.07 50.14
C SER C 1367 -9.17 -13.12 51.32
N ILE C 1368 -9.51 -12.40 52.39
CA ILE C 1368 -8.81 -12.56 53.66
C ILE C 1368 -9.79 -12.68 54.81
N LYS C 1369 -11.05 -12.35 54.61
CA LYS C 1369 -12.06 -12.33 55.65
C LYS C 1369 -12.88 -13.61 55.62
N LYS C 1370 -13.39 -13.99 56.80
CA LYS C 1370 -14.15 -15.23 56.93
C LYS C 1370 -15.53 -15.09 56.29
N MET C 1371 -16.20 -16.21 56.12
CA MET C 1371 -17.49 -16.26 55.43
C MET C 1371 -18.51 -16.93 56.33
N LEU C 1372 -19.75 -16.45 56.26
CA LEU C 1372 -20.84 -16.97 57.09
C LEU C 1372 -21.82 -17.78 56.24
N GLU C 1373 -22.71 -18.48 56.95
CA GLU C 1373 -23.84 -19.16 56.33
C GLU C 1373 -25.08 -18.91 57.17
N VAL C 1374 -26.06 -18.22 56.60
CA VAL C 1374 -27.31 -17.97 57.30
C VAL C 1374 -28.35 -18.97 56.84
N LEU C 1375 -29.43 -19.11 57.62
CA LEU C 1375 -30.54 -19.98 57.29
C LEU C 1375 -31.68 -19.11 56.77
N VAL C 1376 -32.16 -19.42 55.56
CA VAL C 1376 -33.21 -18.65 54.93
C VAL C 1376 -34.25 -19.61 54.39
N VAL C 1377 -35.49 -19.13 54.26
CA VAL C 1377 -36.60 -19.92 53.78
C VAL C 1377 -37.26 -19.20 52.60
N LYS C 1378 -37.59 -19.97 51.58
CA LYS C 1378 -38.29 -19.45 50.40
C LYS C 1378 -39.69 -20.03 50.38
N LEU C 1379 -40.69 -19.16 50.54
CA LEU C 1379 -42.07 -19.61 50.49
C LEU C 1379 -42.42 -20.07 49.08
N PRO C 1380 -43.35 -21.03 48.95
CA PRO C 1380 -43.64 -21.61 47.64
C PRO C 1380 -43.98 -20.60 46.55
N LEU C 1381 -44.80 -19.61 46.88
CA LEU C 1381 -45.21 -18.60 45.91
C LEU C 1381 -44.37 -17.33 45.97
N SER C 1382 -43.76 -17.04 47.12
CA SER C 1382 -42.89 -15.88 47.22
C SER C 1382 -41.67 -16.06 46.32
N GLU C 1383 -41.28 -14.96 45.66
CA GLU C 1383 -40.21 -14.98 44.67
C GLU C 1383 -38.87 -14.55 45.25
N HIS C 1384 -38.77 -14.53 46.58
CA HIS C 1384 -37.51 -14.17 47.23
C HIS C 1384 -37.20 -15.12 48.38
N TRP C 1385 -36.11 -14.84 49.09
CA TRP C 1385 -35.75 -15.60 50.28
C TRP C 1385 -35.83 -14.64 51.46
N ALA C 1386 -36.20 -15.13 52.63
CA ALA C 1386 -36.33 -14.29 53.80
C ALA C 1386 -35.77 -14.99 55.02
N LEU C 1387 -35.15 -14.19 55.90
CA LEU C 1387 -34.77 -14.70 57.21
C LEU C 1387 -36.02 -15.08 57.98
N PRO C 1388 -36.02 -16.20 58.71
CA PRO C 1388 -37.22 -16.56 59.49
C PRO C 1388 -37.61 -15.46 60.45
N GLY C 1389 -38.74 -14.81 60.20
CA GLY C 1389 -39.18 -13.69 61.00
C GLY C 1389 -40.58 -13.87 61.52
N GLY C 1390 -41.43 -12.88 61.32
CA GLY C 1390 -42.81 -13.00 61.65
C GLY C 1390 -43.30 -11.74 62.37
N SER C 1391 -44.42 -11.90 63.06
CA SER C 1391 -44.99 -10.86 63.91
C SER C 1391 -45.81 -11.56 64.98
N ARG C 1392 -45.73 -11.09 66.22
CA ARG C 1392 -46.22 -11.87 67.34
C ARG C 1392 -47.71 -12.16 67.21
N GLU C 1393 -48.02 -13.44 67.13
CA GLU C 1393 -49.35 -13.96 66.85
C GLU C 1393 -50.05 -14.32 68.17
N PRO C 1394 -51.40 -14.37 68.21
CA PRO C 1394 -52.13 -14.22 69.48
C PRO C 1394 -51.34 -13.67 70.65
N GLY C 1395 -51.22 -12.35 70.71
CA GLY C 1395 -50.51 -11.69 71.78
C GLY C 1395 -49.10 -11.29 71.42
N GLU C 1396 -48.54 -10.33 72.16
CA GLU C 1396 -47.20 -9.84 71.90
C GLU C 1396 -46.30 -10.05 73.11
N MET C 1397 -46.91 -10.22 74.29
CA MET C 1397 -46.13 -10.64 75.45
C MET C 1397 -45.86 -12.14 75.44
N LEU C 1398 -46.63 -12.89 74.65
CA LEU C 1398 -46.55 -14.34 74.56
C LEU C 1398 -45.32 -14.73 73.75
N PRO C 1399 -44.99 -16.07 73.61
CA PRO C 1399 -43.59 -16.49 73.40
C PRO C 1399 -42.69 -15.64 72.51
N ARG C 1400 -41.41 -15.57 72.89
CA ARG C 1400 -40.35 -14.99 72.06
C ARG C 1400 -39.96 -16.01 70.99
N LYS C 1401 -40.95 -16.57 70.30
CA LYS C 1401 -40.78 -17.82 69.57
C LYS C 1401 -41.48 -17.73 68.21
N LEU C 1402 -41.08 -16.75 67.40
CA LEU C 1402 -41.88 -16.19 66.31
C LEU C 1402 -42.64 -17.19 65.44
N LYS C 1403 -43.74 -16.71 64.86
CA LYS C 1403 -44.73 -17.55 64.18
C LYS C 1403 -44.13 -18.28 62.98
N ARG C 1404 -43.28 -17.60 62.21
CA ARG C 1404 -42.66 -18.26 61.07
C ARG C 1404 -41.81 -19.44 61.51
N ILE C 1405 -41.01 -19.27 62.56
CA ILE C 1405 -40.21 -20.39 63.06
C ILE C 1405 -41.11 -21.48 63.61
N LEU C 1406 -42.19 -21.09 64.30
CA LEU C 1406 -43.13 -22.07 64.83
C LEU C 1406 -43.69 -22.95 63.71
N ARG C 1407 -44.14 -22.32 62.63
CA ARG C 1407 -44.63 -23.07 61.47
C ARG C 1407 -43.52 -23.86 60.81
N GLN C 1408 -42.28 -23.38 60.92
CA GLN C 1408 -41.14 -23.92 60.19
C GLN C 1408 -40.29 -24.86 61.04
N GLU C 1409 -40.44 -24.81 62.36
CA GLU C 1409 -39.62 -25.64 63.24
C GLU C 1409 -40.46 -26.07 64.44
N HIS C 1410 -40.25 -27.31 64.90
CA HIS C 1410 -40.97 -27.82 66.06
C HIS C 1410 -40.40 -27.21 67.33
N TRP C 1411 -41.04 -26.14 67.81
CA TRP C 1411 -40.65 -25.30 68.94
C TRP C 1411 -40.17 -26.11 70.16
N PRO C 1412 -38.91 -25.94 70.56
CA PRO C 1412 -38.45 -26.64 71.77
C PRO C 1412 -37.63 -25.76 72.72
N SER C 1413 -36.39 -25.44 72.35
CA SER C 1413 -35.50 -24.60 73.14
C SER C 1413 -34.85 -23.48 72.34
N PHE C 1414 -35.36 -23.17 71.16
CA PHE C 1414 -34.89 -22.03 70.40
C PHE C 1414 -35.13 -20.77 71.22
N GLU C 1415 -36.16 -20.79 72.07
CA GLU C 1415 -36.39 -19.72 73.01
C GLU C 1415 -35.22 -19.57 73.98
N ASN C 1416 -34.74 -20.68 74.52
CA ASN C 1416 -33.65 -20.69 75.49
C ASN C 1416 -32.39 -20.17 74.81
N LEU C 1417 -32.17 -20.59 73.57
CA LEU C 1417 -31.06 -20.10 72.77
C LEU C 1417 -31.15 -18.61 72.45
N LEU C 1418 -32.37 -18.13 72.16
CA LEU C 1418 -32.53 -16.75 71.71
C LEU C 1418 -32.42 -15.77 72.86
N LYS C 1419 -32.87 -16.17 74.06
CA LYS C 1419 -32.92 -15.23 75.17
C LYS C 1419 -31.55 -14.67 75.52
N CYS C 1420 -30.49 -15.45 75.24
CA CYS C 1420 -29.14 -14.98 75.53
C CYS C 1420 -28.41 -14.56 74.26
N GLY C 1421 -29.14 -14.26 73.20
CA GLY C 1421 -28.54 -13.84 71.94
C GLY C 1421 -28.05 -12.41 71.98
N MET C 1422 -27.20 -12.08 71.01
CA MET C 1422 -26.65 -10.74 70.91
C MET C 1422 -27.55 -9.86 70.04
N GLU C 1423 -27.71 -8.61 70.48
CA GLU C 1423 -28.63 -7.66 69.86
C GLU C 1423 -27.86 -6.85 68.82
N VAL C 1424 -28.22 -7.02 67.54
CA VAL C 1424 -27.53 -6.34 66.47
C VAL C 1424 -28.08 -4.95 66.17
N TYR C 1425 -29.38 -4.82 65.91
CA TYR C 1425 -29.92 -3.57 65.41
C TYR C 1425 -31.31 -3.34 66.01
N LYS C 1426 -31.39 -2.39 66.94
CA LYS C 1426 -32.68 -1.88 67.42
C LYS C 1426 -32.98 -0.58 66.69
N GLY C 1427 -33.96 -0.61 65.80
CA GLY C 1427 -34.25 0.57 65.00
C GLY C 1427 -35.42 0.35 64.06
N TYR C 1428 -35.44 1.19 63.02
CA TYR C 1428 -36.57 1.30 62.11
C TYR C 1428 -36.32 0.44 60.87
N MET C 1429 -37.33 -0.30 60.45
CA MET C 1429 -37.24 -1.15 59.26
C MET C 1429 -37.87 -0.45 58.07
N ASP C 1430 -37.12 -0.35 56.96
CA ASP C 1430 -37.61 0.35 55.79
C ASP C 1430 -38.49 -0.58 54.94
N ASP C 1431 -39.62 -0.99 55.51
CA ASP C 1431 -40.57 -1.87 54.84
C ASP C 1431 -41.26 -1.13 53.71
N PRO C 1432 -41.65 -1.80 52.62
CA PRO C 1432 -42.37 -1.10 51.55
C PRO C 1432 -43.85 -0.94 51.88
N ARG C 1433 -44.21 -1.11 53.15
CA ARG C 1433 -45.61 -1.06 53.55
C ARG C 1433 -45.90 0.08 54.53
N ASN C 1434 -44.99 1.03 54.67
CA ASN C 1434 -45.19 2.19 55.51
C ASN C 1434 -45.86 3.31 54.71
N THR C 1435 -46.85 3.97 55.31
CA THR C 1435 -47.69 4.88 54.54
C THR C 1435 -47.53 6.34 54.96
N ASP C 1436 -47.92 6.65 56.19
CA ASP C 1436 -47.29 7.71 56.95
C ASP C 1436 -47.35 7.36 58.43
N ASN C 1437 -47.88 6.18 58.76
CA ASN C 1437 -48.13 5.73 60.11
C ASN C 1437 -48.13 4.22 60.06
N ALA C 1438 -48.18 3.56 61.22
CA ALA C 1438 -48.07 2.11 61.25
C ALA C 1438 -46.77 1.70 60.58
N TRP C 1439 -45.64 2.03 61.18
CA TRP C 1439 -44.34 1.76 60.60
C TRP C 1439 -43.67 0.64 61.39
N ILE C 1440 -42.99 -0.24 60.68
CA ILE C 1440 -42.35 -1.42 61.27
C ILE C 1440 -40.99 -1.00 61.79
N GLU C 1441 -40.80 -1.11 63.10
CA GLU C 1441 -39.49 -1.11 63.71
C GLU C 1441 -39.22 -2.50 64.27
N THR C 1442 -37.95 -2.85 64.36
CA THR C 1442 -37.61 -4.23 64.65
C THR C 1442 -36.43 -4.28 65.61
N VAL C 1443 -36.19 -5.44 66.20
CA VAL C 1443 -35.01 -5.70 67.02
C VAL C 1443 -34.30 -6.91 66.41
N ALA C 1444 -32.98 -6.86 66.36
CA ALA C 1444 -32.19 -7.87 65.68
C ALA C 1444 -31.45 -8.71 66.72
N VAL C 1445 -31.88 -9.97 66.87
CA VAL C 1445 -31.18 -10.94 67.69
C VAL C 1445 -30.41 -11.87 66.77
N SER C 1446 -29.14 -12.10 67.07
CA SER C 1446 -28.26 -12.90 66.23
C SER C 1446 -27.54 -13.91 67.12
N VAL C 1447 -28.11 -15.11 67.22
CA VAL C 1447 -27.39 -16.20 67.86
C VAL C 1447 -26.39 -16.81 66.88
N HIS C 1448 -25.17 -16.99 67.35
CA HIS C 1448 -24.08 -17.42 66.48
C HIS C 1448 -23.46 -18.70 67.04
N PHE C 1449 -23.18 -19.64 66.14
CA PHE C 1449 -22.64 -20.93 66.51
C PHE C 1449 -21.19 -21.06 66.04
N GLN C 1450 -20.35 -21.57 66.93
CA GLN C 1450 -18.90 -21.51 66.73
C GLN C 1450 -18.30 -22.85 66.34
N ASP C 1451 -18.65 -23.90 67.07
CA ASP C 1451 -18.11 -25.23 66.79
C ASP C 1451 -18.67 -25.75 65.47
N GLN C 1452 -18.21 -26.93 65.08
CA GLN C 1452 -18.57 -27.50 63.79
C GLN C 1452 -19.84 -28.35 63.83
N ASN C 1453 -20.05 -29.14 64.89
CA ASN C 1453 -21.24 -29.96 64.98
C ASN C 1453 -22.05 -29.55 66.21
N ASP C 1454 -21.49 -29.63 67.42
CA ASP C 1454 -22.24 -29.34 68.63
C ASP C 1454 -23.51 -30.16 68.79
N VAL C 1455 -23.86 -30.46 70.04
CA VAL C 1455 -25.22 -30.94 70.29
C VAL C 1455 -26.22 -29.97 69.68
N GLU C 1456 -25.93 -28.67 69.75
CA GLU C 1456 -26.86 -27.71 69.17
C GLU C 1456 -26.85 -27.67 67.65
N LEU C 1457 -25.71 -27.66 66.95
CA LEU C 1457 -25.83 -27.68 65.48
C LEU C 1457 -26.52 -28.95 65.01
N ASN C 1458 -26.14 -30.12 65.54
CA ASN C 1458 -26.76 -31.33 64.99
C ASN C 1458 -28.24 -31.40 65.33
N ARG C 1459 -28.63 -30.99 66.54
CA ARG C 1459 -30.02 -30.93 66.95
C ARG C 1459 -30.81 -29.94 66.10
N LEU C 1460 -30.25 -28.77 65.83
CA LEU C 1460 -31.01 -27.72 65.18
C LEU C 1460 -30.96 -27.90 63.66
N ASN C 1461 -30.16 -28.84 63.17
CA ASN C 1461 -30.34 -29.34 61.82
C ASN C 1461 -31.30 -30.51 61.74
N SER C 1462 -31.41 -31.33 62.78
CA SER C 1462 -32.33 -32.45 62.78
C SER C 1462 -33.77 -32.05 63.12
N ASN C 1463 -33.97 -30.85 63.65
CA ASN C 1463 -35.29 -30.38 64.03
C ASN C 1463 -36.01 -29.62 62.91
N LEU C 1464 -35.73 -29.95 61.65
CA LEU C 1464 -36.33 -29.26 60.51
C LEU C 1464 -37.51 -30.08 60.00
N HIS C 1465 -38.72 -29.63 60.32
CA HIS C 1465 -39.93 -30.30 59.81
C HIS C 1465 -40.46 -29.59 58.57
N ALA C 1466 -40.82 -28.31 58.71
CA ALA C 1466 -41.28 -27.48 57.59
C ALA C 1466 -42.53 -28.07 56.94
N CYS C 1467 -42.32 -28.83 55.87
CA CYS C 1467 -43.38 -29.52 55.12
C CYS C 1467 -44.55 -28.59 54.81
N ASP C 1468 -44.23 -27.52 54.07
CA ASP C 1468 -45.21 -26.56 53.60
C ASP C 1468 -45.41 -26.61 52.10
N SER C 1469 -45.24 -27.78 51.48
CA SER C 1469 -45.45 -27.98 50.05
C SER C 1469 -44.60 -27.03 49.23
N GLY C 1470 -43.28 -27.16 49.33
CA GLY C 1470 -42.39 -26.35 48.52
C GLY C 1470 -41.52 -25.38 49.30
N ALA C 1471 -41.85 -25.17 50.58
CA ALA C 1471 -41.03 -24.31 51.42
C ALA C 1471 -39.63 -24.88 51.56
N SER C 1472 -38.65 -24.20 51.00
CA SER C 1472 -37.29 -24.71 50.93
C SER C 1472 -36.42 -24.01 51.98
N ILE C 1473 -35.88 -24.80 52.91
CA ILE C 1473 -34.94 -24.30 53.89
C ILE C 1473 -33.56 -24.89 53.60
N ARG C 1474 -32.75 -24.15 52.85
CA ARG C 1474 -31.36 -24.52 52.62
C ARG C 1474 -30.41 -23.50 53.24
N TRP C 1475 -29.32 -24.01 53.80
CA TRP C 1475 -28.25 -23.15 54.30
C TRP C 1475 -27.63 -22.39 53.13
N GLN C 1476 -27.53 -21.07 53.26
CA GLN C 1476 -27.02 -20.24 52.18
C GLN C 1476 -25.91 -19.35 52.68
N VAL C 1477 -24.89 -19.19 51.83
CA VAL C 1477 -23.75 -18.34 52.17
C VAL C 1477 -24.18 -16.87 52.14
N VAL C 1478 -23.41 -16.05 52.85
CA VAL C 1478 -23.70 -14.63 52.95
C VAL C 1478 -22.89 -13.88 51.90
N ASP C 1479 -23.54 -12.90 51.27
CA ASP C 1479 -22.89 -12.06 50.27
C ASP C 1479 -23.79 -10.85 50.03
N ARG C 1480 -23.37 -9.94 49.17
CA ARG C 1480 -24.20 -8.80 48.82
C ARG C 1480 -25.00 -9.11 47.55
N ARG C 1481 -25.12 -10.40 47.23
CA ARG C 1481 -25.85 -10.83 46.04
C ARG C 1481 -26.90 -11.88 46.38
N ILE C 1482 -27.39 -11.87 47.60
CA ILE C 1482 -28.43 -12.84 47.98
C ILE C 1482 -29.79 -12.32 47.55
N PRO C 1483 -30.71 -13.16 47.10
CA PRO C 1483 -32.02 -12.67 46.66
C PRO C 1483 -32.93 -12.22 47.79
N LEU C 1484 -32.41 -12.11 49.02
CA LEU C 1484 -33.16 -11.60 50.15
C LEU C 1484 -33.80 -10.25 49.85
N TYR C 1485 -34.88 -9.91 50.55
CA TYR C 1485 -35.45 -8.58 50.46
C TYR C 1485 -34.41 -7.54 50.86
N ALA C 1486 -34.65 -6.29 50.47
CA ALA C 1486 -33.67 -5.23 50.73
C ALA C 1486 -33.47 -4.99 52.21
N ASN C 1487 -34.56 -4.96 52.98
CA ASN C 1487 -34.44 -4.76 54.42
C ASN C 1487 -33.72 -5.94 55.08
N HIS C 1488 -34.03 -7.16 54.66
CA HIS C 1488 -33.31 -8.31 55.19
C HIS C 1488 -31.83 -8.23 54.83
N LYS C 1489 -31.51 -7.76 53.63
CA LYS C 1489 -30.12 -7.66 53.22
C LYS C 1489 -29.37 -6.64 54.05
N THR C 1490 -29.99 -5.48 54.31
CA THR C 1490 -29.30 -4.48 55.13
C THR C 1490 -29.21 -4.93 56.59
N LEU C 1491 -30.20 -5.70 57.06
CA LEU C 1491 -30.08 -6.27 58.40
C LEU C 1491 -28.94 -7.28 58.47
N LEU C 1492 -28.77 -8.08 57.42
CA LEU C 1492 -27.64 -9.01 57.38
C LEU C 1492 -26.33 -8.26 57.30
N GLN C 1493 -26.31 -7.14 56.57
CA GLN C 1493 -25.13 -6.29 56.55
C GLN C 1493 -24.79 -5.79 57.96
N LYS C 1494 -25.79 -5.36 58.71
CA LYS C 1494 -25.56 -4.93 60.08
C LYS C 1494 -25.05 -6.07 60.94
N ALA C 1495 -25.58 -7.27 60.76
CA ALA C 1495 -25.20 -8.43 61.56
C ALA C 1495 -23.86 -9.01 61.16
N ALA C 1496 -23.36 -8.71 59.97
CA ALA C 1496 -22.12 -9.27 59.46
C ALA C 1496 -20.92 -8.37 59.76
N ALA C 1497 -21.13 -7.31 60.52
CA ALA C 1497 -20.05 -6.42 60.92
C ALA C 1497 -19.59 -6.65 62.35
N GLU C 1498 -20.45 -7.22 63.20
CA GLU C 1498 -20.05 -7.51 64.57
C GLU C 1498 -19.01 -8.62 64.63
N PHE C 1499 -19.08 -9.57 63.69
CA PHE C 1499 -18.20 -10.74 63.70
C PHE C 1499 -17.11 -10.67 62.64
N GLY C 1500 -16.95 -9.53 61.97
CA GLY C 1500 -15.97 -9.41 60.92
C GLY C 1500 -16.20 -10.34 59.75
N ALA C 1501 -17.46 -10.50 59.33
CA ALA C 1501 -17.79 -11.44 58.27
C ALA C 1501 -17.37 -10.85 56.92
N HIS C 1502 -17.69 -11.57 55.84
CA HIS C 1502 -17.34 -11.13 54.50
C HIS C 1502 -18.29 -10.10 53.94
N TYR C 1503 -19.57 -10.46 53.77
CA TYR C 1503 -20.57 -9.66 53.05
C TYR C 1503 -19.99 -8.91 51.85
N ILE D 67 -21.70 44.78 -37.51
CA ILE D 67 -21.78 43.58 -36.68
C ILE D 67 -21.98 43.98 -35.21
N LYS D 68 -23.14 44.58 -34.94
CA LYS D 68 -23.55 44.98 -33.59
C LYS D 68 -22.57 45.99 -33.00
N LYS D 69 -22.30 47.02 -33.79
CA LYS D 69 -21.66 48.22 -33.26
C LYS D 69 -22.65 49.36 -33.14
N LYS D 70 -23.94 49.11 -33.31
CA LYS D 70 -24.95 50.15 -33.40
C LYS D 70 -25.87 50.23 -32.19
N GLU D 71 -26.02 49.14 -31.43
CA GLU D 71 -26.80 49.16 -30.21
C GLU D 71 -25.95 49.58 -29.02
N CYS D 72 -24.70 49.16 -28.97
CA CYS D 72 -23.78 49.57 -27.92
C CYS D 72 -23.17 50.91 -28.29
N VAL D 73 -23.56 51.97 -27.57
CA VAL D 73 -23.05 53.31 -27.80
C VAL D 73 -22.12 53.66 -26.64
N TYR D 74 -21.43 54.79 -26.78
CA TYR D 74 -20.53 55.28 -25.76
C TYR D 74 -20.69 56.78 -25.57
N PHE D 75 -20.71 57.20 -24.31
CA PHE D 75 -20.84 58.60 -23.93
C PHE D 75 -19.55 59.32 -24.31
N VAL D 76 -19.65 60.24 -25.26
CA VAL D 76 -18.53 61.09 -25.66
C VAL D 76 -19.04 62.51 -25.85
N GLU D 77 -18.28 63.48 -25.36
CA GLU D 77 -18.61 64.89 -25.48
C GLU D 77 -17.39 65.70 -25.08
N SER D 78 -17.23 66.85 -25.72
CA SER D 78 -16.19 67.78 -25.36
C SER D 78 -16.30 68.16 -23.90
N SER D 79 -15.17 68.10 -23.19
CA SER D 79 -15.12 68.39 -21.77
C SER D 79 -14.64 69.80 -21.45
N LYS D 80 -13.91 70.43 -22.37
CA LYS D 80 -13.39 71.77 -22.09
C LYS D 80 -14.15 72.79 -22.94
N LEU D 81 -15.46 72.60 -23.07
CA LEU D 81 -16.31 73.64 -23.62
C LEU D 81 -16.21 74.85 -22.70
N SER D 82 -16.67 74.69 -21.46
CA SER D 82 -16.40 75.64 -20.40
C SER D 82 -16.44 74.87 -19.08
N ASP D 83 -15.28 74.35 -18.68
CA ASP D 83 -15.11 73.64 -17.42
C ASP D 83 -13.65 73.73 -16.99
N ALA D 84 -13.38 74.61 -16.03
CA ALA D 84 -12.00 74.83 -15.62
C ALA D 84 -11.75 74.39 -14.19
N GLY D 85 -12.48 74.97 -13.24
CA GLY D 85 -12.15 74.94 -11.83
C GLY D 85 -11.32 76.15 -11.41
N LYS D 86 -10.01 76.17 -11.68
CA LYS D 86 -9.20 74.99 -11.96
C LYS D 86 -8.85 74.30 -10.64
N VAL D 87 -8.91 72.97 -10.60
CA VAL D 87 -8.54 72.24 -9.40
C VAL D 87 -7.43 71.25 -9.71
N VAL D 88 -7.42 70.75 -10.94
CA VAL D 88 -6.55 69.66 -11.36
C VAL D 88 -5.72 70.19 -12.51
N CYS D 89 -5.30 71.46 -12.38
CA CYS D 89 -4.83 72.31 -13.48
C CYS D 89 -4.07 71.56 -14.56
N GLN D 90 -3.00 70.86 -14.19
CA GLN D 90 -2.16 70.11 -15.13
C GLN D 90 -1.92 70.89 -16.41
N CYS D 91 -2.74 70.63 -17.43
CA CYS D 91 -2.69 71.38 -18.68
C CYS D 91 -4.08 71.90 -19.03
N GLY D 92 -5.10 71.09 -18.74
CA GLY D 92 -6.47 71.47 -19.05
C GLY D 92 -7.40 70.31 -18.78
N TYR D 93 -8.70 70.63 -18.81
CA TYR D 93 -9.71 69.61 -18.58
C TYR D 93 -9.93 68.80 -19.85
N THR D 94 -8.95 67.95 -20.18
CA THR D 94 -8.96 67.12 -21.39
C THR D 94 -9.32 67.96 -22.61
N HIS D 95 -8.48 68.94 -22.93
CA HIS D 95 -8.76 69.92 -23.97
C HIS D 95 -8.49 69.32 -25.35
N GLU D 96 -8.41 70.17 -26.37
CA GLU D 96 -8.23 69.78 -27.77
C GLU D 96 -7.15 68.72 -27.95
N GLN D 97 -7.31 67.88 -28.97
CA GLN D 97 -6.41 66.76 -29.25
C GLN D 97 -6.38 65.78 -28.08
N HIS D 98 -7.57 65.34 -27.70
CA HIS D 98 -7.78 64.36 -26.64
C HIS D 98 -9.00 63.53 -27.02
N LEU D 99 -9.59 62.86 -26.03
CA LEU D 99 -10.86 62.18 -26.25
C LEU D 99 -11.95 63.15 -26.68
N GLU D 100 -11.77 64.45 -26.40
CA GLU D 100 -12.66 65.49 -26.91
C GLU D 100 -12.29 65.78 -28.37
N GLU D 101 -13.16 65.37 -29.28
CA GLU D 101 -12.93 65.58 -30.71
C GLU D 101 -14.13 66.08 -31.48
N ALA D 102 -15.36 65.89 -31.00
CA ALA D 102 -16.55 66.14 -31.82
C ALA D 102 -16.85 67.62 -31.97
N THR D 103 -17.13 68.30 -30.86
CA THR D 103 -17.55 69.70 -30.89
C THR D 103 -16.40 70.66 -30.64
N LYS D 104 -15.23 70.38 -31.21
CA LYS D 104 -14.10 71.29 -31.17
C LYS D 104 -14.41 72.67 -31.78
N PRO D 105 -15.37 72.82 -32.74
CA PRO D 105 -15.79 74.19 -33.09
C PRO D 105 -16.67 74.79 -32.01
N HIS D 106 -17.20 75.99 -32.28
CA HIS D 106 -17.96 76.73 -31.28
C HIS D 106 -19.36 76.14 -31.14
N THR D 107 -19.68 75.68 -29.94
CA THR D 107 -21.06 75.32 -29.59
C THR D 107 -21.80 76.61 -29.24
N PHE D 108 -23.00 76.50 -28.67
CA PHE D 108 -23.77 77.72 -28.44
C PHE D 108 -23.17 78.58 -27.32
N GLN D 109 -23.20 78.11 -26.08
CA GLN D 109 -22.43 78.79 -25.04
C GLN D 109 -21.54 77.82 -24.24
N GLY D 110 -22.09 76.70 -23.80
CA GLY D 110 -21.39 75.79 -22.91
C GLY D 110 -21.93 75.83 -21.49
N THR D 111 -22.33 77.02 -21.04
CA THR D 111 -22.93 77.26 -19.74
C THR D 111 -22.06 76.74 -18.59
N GLN D 112 -22.41 75.58 -18.02
CA GLN D 112 -21.73 75.05 -16.85
C GLN D 112 -21.46 73.56 -16.95
N TRP D 113 -21.36 73.01 -18.17
CA TRP D 113 -21.03 71.61 -18.40
C TRP D 113 -22.18 70.73 -17.94
N ASP D 114 -22.44 70.69 -16.61
CA ASP D 114 -23.73 70.28 -16.03
C ASP D 114 -24.33 69.08 -16.76
N PRO D 115 -23.82 67.86 -16.51
CA PRO D 115 -23.75 66.85 -17.58
C PRO D 115 -25.11 66.41 -18.14
N LYS D 116 -25.89 67.41 -18.56
CA LYS D 116 -26.87 67.20 -19.62
C LYS D 116 -26.51 68.04 -20.85
N LYS D 117 -25.34 68.68 -20.86
CA LYS D 117 -24.79 69.23 -22.09
C LYS D 117 -24.49 68.04 -23.00
N HIS D 118 -25.35 67.85 -24.00
CA HIS D 118 -25.59 66.54 -24.60
C HIS D 118 -24.30 65.77 -24.88
N VAL D 119 -24.15 64.64 -24.20
CA VAL D 119 -23.03 63.75 -24.41
C VAL D 119 -23.44 62.75 -25.48
N GLN D 120 -22.87 62.89 -26.66
CA GLN D 120 -23.33 62.15 -27.83
C GLN D 120 -23.19 60.65 -27.62
N GLU D 121 -24.17 59.92 -28.13
CA GLU D 121 -24.16 58.46 -28.11
C GLU D 121 -24.05 57.99 -29.56
N MET D 122 -22.82 57.93 -30.06
CA MET D 122 -22.54 57.48 -31.42
C MET D 122 -22.00 56.07 -31.36
N PRO D 123 -21.98 55.35 -32.50
CA PRO D 123 -21.52 53.96 -32.49
C PRO D 123 -20.14 53.83 -31.88
N THR D 124 -19.96 52.78 -31.09
CA THR D 124 -18.75 52.55 -30.33
C THR D 124 -17.56 52.31 -31.25
N ASP D 125 -16.38 52.78 -30.81
CA ASP D 125 -15.16 52.61 -31.58
C ASP D 125 -14.16 51.65 -30.92
N ALA D 126 -14.44 51.15 -29.72
CA ALA D 126 -13.55 50.22 -29.03
C ALA D 126 -14.34 48.95 -28.73
N PHE D 127 -14.35 48.03 -29.69
CA PHE D 127 -15.05 46.76 -29.52
C PHE D 127 -14.33 45.68 -30.31
N GLY D 128 -13.51 44.89 -29.64
CA GLY D 128 -12.77 43.89 -30.37
C GLY D 128 -12.29 42.71 -29.56
N ASP D 129 -11.05 42.30 -29.82
CA ASP D 129 -10.45 41.15 -29.16
C ASP D 129 -9.05 41.56 -28.73
N ILE D 130 -8.75 41.41 -27.44
CA ILE D 130 -7.51 41.95 -26.89
C ILE D 130 -6.62 40.82 -26.39
N VAL D 131 -5.36 40.84 -26.76
CA VAL D 131 -4.39 39.89 -26.26
C VAL D 131 -3.24 40.66 -25.61
N PHE D 132 -2.74 40.13 -24.48
CA PHE D 132 -1.67 40.79 -23.75
C PHE D 132 -0.34 40.39 -24.35
N THR D 133 0.51 41.37 -24.64
CA THR D 133 1.74 41.18 -25.41
C THR D 133 2.64 40.08 -24.89
N GLY D 134 3.15 40.25 -23.66
CA GLY D 134 4.11 39.31 -23.13
C GLY D 134 3.69 38.72 -21.81
N LEU D 135 2.38 38.61 -21.58
CA LEU D 135 1.87 38.05 -20.34
C LEU D 135 1.22 36.70 -20.60
N SER D 136 0.30 36.65 -21.56
CA SER D 136 -0.39 35.45 -21.95
C SER D 136 -0.46 35.38 -23.47
N GLN D 137 -1.12 34.35 -24.00
CA GLN D 137 -1.21 34.25 -25.46
C GLN D 137 -2.61 33.87 -25.93
N LYS D 138 -3.62 33.90 -25.07
CA LYS D 138 -4.98 33.59 -25.46
C LYS D 138 -5.77 34.87 -25.64
N VAL D 139 -6.65 34.87 -26.63
CA VAL D 139 -7.41 36.05 -27.00
C VAL D 139 -8.50 36.30 -25.96
N LYS D 140 -8.82 37.59 -25.77
CA LYS D 140 -9.81 38.01 -24.79
C LYS D 140 -10.70 39.08 -25.41
N LYS D 141 -11.99 39.01 -25.11
CA LYS D 141 -12.99 39.88 -25.71
C LYS D 141 -13.27 41.06 -24.80
N TYR D 142 -13.48 42.23 -25.41
CA TYR D 142 -13.83 43.44 -24.65
C TYR D 142 -14.82 44.28 -25.43
N VAL D 143 -15.40 45.29 -24.79
CA VAL D 143 -16.32 46.20 -25.46
C VAL D 143 -16.49 47.47 -24.62
N ARG D 144 -16.55 48.62 -25.29
CA ARG D 144 -16.82 49.87 -24.61
C ARG D 144 -18.32 50.13 -24.56
N VAL D 145 -18.83 50.42 -23.36
CA VAL D 145 -20.26 50.47 -23.11
C VAL D 145 -20.59 51.79 -22.40
N SER D 146 -21.67 52.42 -22.84
CA SER D 146 -22.13 53.62 -22.17
C SER D 146 -22.82 53.28 -20.86
N GLN D 147 -22.99 54.30 -20.01
CA GLN D 147 -23.63 54.09 -18.72
C GLN D 147 -25.12 53.76 -18.85
N ASP D 148 -25.79 54.29 -19.86
CA ASP D 148 -27.23 54.15 -20.01
C ASP D 148 -27.61 52.97 -20.89
N THR D 149 -26.67 52.10 -21.21
CA THR D 149 -26.98 50.94 -22.02
C THR D 149 -27.90 49.99 -21.27
N PRO D 150 -29.01 49.57 -21.85
CA PRO D 150 -29.90 48.63 -21.16
C PRO D 150 -29.18 47.32 -20.85
N SER D 151 -29.53 46.74 -19.69
CA SER D 151 -28.89 45.50 -19.28
C SER D 151 -29.18 44.36 -20.23
N SER D 152 -30.37 44.35 -20.84
CA SER D 152 -30.72 43.30 -21.78
C SER D 152 -29.81 43.28 -23.00
N VAL D 153 -29.45 44.45 -23.51
CA VAL D 153 -28.55 44.51 -24.67
C VAL D 153 -27.21 43.89 -24.32
N ILE D 154 -26.67 44.22 -23.15
CA ILE D 154 -25.39 43.66 -22.74
C ILE D 154 -25.51 42.15 -22.54
N TYR D 155 -26.61 41.69 -21.96
CA TYR D 155 -26.78 40.24 -21.78
C TYR D 155 -26.84 39.52 -23.13
N HIS D 156 -27.57 40.09 -24.09
CA HIS D 156 -27.62 39.49 -25.42
C HIS D 156 -26.24 39.49 -26.07
N LEU D 157 -25.49 40.57 -25.94
CA LEU D 157 -24.13 40.61 -26.47
C LEU D 157 -23.25 39.55 -25.83
N MET D 158 -23.33 39.39 -24.52
CA MET D 158 -22.49 38.43 -23.82
C MET D 158 -22.83 36.99 -24.20
N THR D 159 -24.11 36.68 -24.36
CA THR D 159 -24.45 35.30 -24.69
C THR D 159 -24.32 35.04 -26.19
N GLN D 160 -25.17 35.67 -26.99
CA GLN D 160 -25.37 35.25 -28.37
C GLN D 160 -24.16 35.49 -29.26
N HIS D 161 -23.34 36.49 -28.96
CA HIS D 161 -22.25 36.88 -29.83
C HIS D 161 -20.89 36.62 -29.21
N TRP D 162 -20.82 36.45 -27.90
CA TRP D 162 -19.57 36.02 -27.28
C TRP D 162 -19.52 34.52 -27.03
N GLY D 163 -20.59 33.79 -27.32
CA GLY D 163 -20.54 32.35 -27.17
C GLY D 163 -20.66 31.86 -25.75
N LEU D 164 -20.91 32.75 -24.79
CA LEU D 164 -21.00 32.33 -23.40
C LEU D 164 -22.31 31.61 -23.14
N ASP D 165 -22.22 30.46 -22.49
CA ASP D 165 -23.41 29.74 -22.09
C ASP D 165 -24.08 30.44 -20.92
N VAL D 166 -25.39 30.22 -20.78
CA VAL D 166 -26.15 30.83 -19.70
C VAL D 166 -25.60 30.30 -18.37
N PRO D 167 -25.17 31.17 -17.47
CA PRO D 167 -24.50 30.70 -16.26
C PRO D 167 -25.47 30.07 -15.27
N ASN D 168 -24.94 29.13 -14.50
CA ASN D 168 -25.67 28.50 -13.41
C ASN D 168 -25.61 29.30 -12.12
N LEU D 169 -24.72 30.29 -12.04
CA LEU D 169 -24.50 31.03 -10.81
C LEU D 169 -23.67 32.28 -11.05
N LEU D 170 -24.02 33.38 -10.40
CA LEU D 170 -23.23 34.60 -10.47
C LEU D 170 -22.41 34.77 -9.20
N ILE D 171 -21.11 34.99 -9.38
CA ILE D 171 -20.21 35.15 -8.25
C ILE D 171 -19.66 36.57 -8.28
N SER D 172 -20.28 37.47 -7.53
CA SER D 172 -19.80 38.84 -7.43
C SER D 172 -18.67 38.90 -6.42
N VAL D 173 -17.51 39.37 -6.87
CA VAL D 173 -16.34 39.51 -6.02
C VAL D 173 -16.10 41.00 -5.81
N THR D 174 -16.28 41.46 -4.59
CA THR D 174 -16.08 42.85 -4.22
C THR D 174 -15.05 42.95 -3.11
N GLY D 175 -14.56 44.15 -2.89
CA GLY D 175 -13.53 44.38 -1.89
C GLY D 175 -12.88 45.74 -2.12
N GLY D 176 -11.59 45.79 -1.84
CA GLY D 176 -10.82 47.01 -1.94
C GLY D 176 -9.84 46.97 -3.08
N ALA D 177 -9.65 48.12 -3.72
CA ALA D 177 -8.75 48.19 -4.87
C ALA D 177 -7.29 48.20 -4.43
N LYS D 178 -7.01 48.77 -3.26
CA LYS D 178 -5.63 48.88 -2.79
C LYS D 178 -5.02 47.50 -2.60
N ASN D 179 -3.77 47.35 -3.05
CA ASN D 179 -3.09 46.06 -2.97
C ASN D 179 -2.87 45.67 -1.51
N PHE D 180 -2.89 44.37 -1.27
CA PHE D 180 -2.69 43.86 0.08
C PHE D 180 -2.30 42.38 0.00
N ASN D 181 -1.81 41.86 1.12
CA ASN D 181 -1.44 40.46 1.23
C ASN D 181 -2.13 39.84 2.44
N MET D 182 -2.41 38.55 2.36
CA MET D 182 -2.96 37.80 3.48
C MET D 182 -2.03 36.64 3.82
N LYS D 183 -2.47 35.82 4.76
CA LYS D 183 -1.72 34.64 5.17
C LYS D 183 -1.64 33.65 4.01
N PRO D 184 -0.51 32.95 3.86
CA PRO D 184 -0.41 31.96 2.78
C PRO D 184 -1.46 30.87 2.86
N ARG D 185 -1.86 30.46 4.07
CA ARG D 185 -2.92 29.47 4.18
C ARG D 185 -4.24 29.99 3.64
N LEU D 186 -4.57 31.25 3.95
CA LEU D 186 -5.79 31.85 3.43
C LEU D 186 -5.72 31.98 1.92
N LYS D 187 -4.56 32.35 1.38
CA LYS D 187 -4.42 32.39 -0.07
C LYS D 187 -4.68 31.01 -0.67
N SER D 188 -3.99 29.99 -0.13
CA SER D 188 -4.07 28.64 -0.66
C SER D 188 -5.45 28.04 -0.55
N ILE D 189 -6.27 28.46 0.42
CA ILE D 189 -7.63 27.98 0.51
C ILE D 189 -8.58 28.78 -0.37
N PHE D 190 -8.44 30.11 -0.39
CA PHE D 190 -9.37 30.94 -1.13
C PHE D 190 -9.22 30.79 -2.63
N ARG D 191 -7.99 30.87 -3.15
CA ARG D 191 -7.81 30.78 -4.59
C ARG D 191 -7.94 29.35 -5.11
N ARG D 192 -7.98 28.36 -4.21
CA ARG D 192 -8.27 26.99 -4.60
C ARG D 192 -9.74 26.65 -4.50
N GLY D 193 -10.49 27.34 -3.65
CA GLY D 193 -11.91 27.11 -3.58
C GLY D 193 -12.69 27.94 -4.59
N LEU D 194 -12.28 29.18 -4.82
CA LEU D 194 -13.00 30.02 -5.77
C LEU D 194 -13.00 29.42 -7.16
N VAL D 195 -11.87 28.82 -7.57
CA VAL D 195 -11.83 28.19 -8.88
C VAL D 195 -12.75 26.98 -8.92
N LYS D 196 -12.84 26.23 -7.83
CA LYS D 196 -13.64 25.01 -7.84
C LYS D 196 -15.12 25.31 -7.71
N VAL D 197 -15.49 26.51 -7.23
CA VAL D 197 -16.89 26.91 -7.18
C VAL D 197 -17.39 27.04 -8.61
N ALA D 198 -16.49 27.38 -9.52
CA ALA D 198 -16.87 27.68 -10.89
C ALA D 198 -16.65 26.48 -11.78
N GLN D 199 -15.61 25.70 -11.49
CA GLN D 199 -15.29 24.53 -12.31
C GLN D 199 -16.47 23.58 -12.40
N THR D 200 -17.10 23.28 -11.27
CA THR D 200 -18.20 22.33 -11.26
C THR D 200 -19.49 22.94 -11.78
N THR D 201 -19.71 24.23 -11.53
CA THR D 201 -21.04 24.80 -11.75
C THR D 201 -21.19 25.49 -13.10
N GLY D 202 -20.10 25.90 -13.74
CA GLY D 202 -20.23 26.69 -14.93
C GLY D 202 -20.78 28.06 -14.60
N ALA D 203 -20.10 28.77 -13.71
CA ALA D 203 -20.57 30.04 -13.18
C ALA D 203 -19.80 31.20 -13.80
N TRP D 204 -20.25 32.41 -13.52
CA TRP D 204 -19.60 33.64 -13.96
C TRP D 204 -19.04 34.37 -12.75
N ILE D 205 -17.89 35.00 -12.95
CA ILE D 205 -17.20 35.74 -11.90
C ILE D 205 -17.16 37.20 -12.33
N ILE D 206 -18.02 38.02 -11.73
CA ILE D 206 -18.03 39.47 -12.01
C ILE D 206 -17.00 40.12 -11.09
N THR D 207 -15.79 40.31 -11.59
CA THR D 207 -14.73 40.88 -10.77
C THR D 207 -14.79 42.40 -10.80
N GLY D 208 -13.74 43.05 -10.28
CA GLY D 208 -13.68 44.49 -10.28
C GLY D 208 -12.94 45.06 -11.47
N GLY D 209 -12.45 44.20 -12.36
CA GLY D 209 -11.76 44.71 -13.53
C GLY D 209 -10.25 44.73 -13.42
N SER D 210 -9.71 45.86 -12.99
CA SER D 210 -8.31 46.21 -13.16
C SER D 210 -7.39 45.32 -12.32
N HIS D 211 -6.11 45.67 -12.33
CA HIS D 211 -5.02 44.84 -11.80
C HIS D 211 -4.59 45.23 -10.39
N THR D 212 -5.50 45.67 -9.53
CA THR D 212 -5.09 46.06 -8.18
C THR D 212 -6.11 45.54 -7.16
N GLY D 213 -5.60 44.79 -6.20
CA GLY D 213 -6.38 44.45 -5.02
C GLY D 213 -7.14 43.13 -5.15
N VAL D 214 -8.42 43.20 -4.78
CA VAL D 214 -9.29 42.04 -4.76
C VAL D 214 -9.53 41.55 -6.19
N MET D 215 -9.61 42.48 -7.14
CA MET D 215 -9.79 42.13 -8.54
C MET D 215 -8.51 41.62 -9.18
N LYS D 216 -7.36 41.89 -8.58
CA LYS D 216 -6.11 41.28 -9.02
C LYS D 216 -5.90 39.90 -8.42
N GLN D 217 -6.35 39.71 -7.18
CA GLN D 217 -6.18 38.42 -6.52
C GLN D 217 -7.04 37.34 -7.16
N VAL D 218 -8.25 37.68 -7.61
CA VAL D 218 -9.07 36.71 -8.31
C VAL D 218 -8.45 36.36 -9.66
N GLY D 219 -7.84 37.34 -10.33
CA GLY D 219 -7.09 37.05 -11.53
C GLY D 219 -5.92 36.13 -11.28
N GLU D 220 -5.22 36.33 -10.15
CA GLU D 220 -4.17 35.41 -9.76
C GLU D 220 -4.72 34.01 -9.51
N ALA D 221 -5.91 33.92 -8.91
CA ALA D 221 -6.54 32.63 -8.70
C ALA D 221 -6.81 31.92 -10.02
N VAL D 222 -7.35 32.66 -11.00
CA VAL D 222 -7.64 32.07 -12.30
C VAL D 222 -6.34 31.69 -13.01
N ARG D 223 -5.29 32.48 -12.84
CA ARG D 223 -3.98 32.14 -13.39
C ARG D 223 -3.39 30.90 -12.77
N ASP D 224 -3.60 30.70 -11.47
CA ASP D 224 -3.09 29.55 -10.73
C ASP D 224 -3.75 28.25 -11.20
N PHE D 225 -4.85 28.36 -11.95
CA PHE D 225 -5.54 27.19 -12.45
C PHE D 225 -5.31 27.00 -13.94
N SER D 226 -5.64 28.03 -14.73
CA SER D 226 -5.72 27.92 -16.18
C SER D 226 -4.35 27.72 -16.83
N LEU D 227 -3.26 27.87 -16.07
CA LEU D 227 -1.93 27.62 -16.59
C LEU D 227 -1.23 26.45 -15.92
N SER D 228 -1.58 26.10 -14.68
CA SER D 228 -1.02 24.89 -14.08
C SER D 228 -1.81 23.66 -14.55
N SER D 229 -3.10 23.62 -14.24
CA SER D 229 -3.97 22.56 -14.73
C SER D 229 -4.83 23.07 -15.88
N SER D 230 -4.15 23.34 -17.01
CA SER D 230 -4.78 24.03 -18.13
C SER D 230 -5.78 23.11 -18.82
N TYR D 231 -7.00 23.06 -18.30
CA TYR D 231 -8.03 22.16 -18.80
C TYR D 231 -9.07 22.95 -19.59
N LYS D 232 -9.28 22.54 -20.84
CA LYS D 232 -10.35 23.12 -21.63
C LYS D 232 -11.72 22.79 -21.05
N GLU D 233 -11.85 21.60 -20.45
CA GLU D 233 -13.10 21.19 -19.82
C GLU D 233 -13.38 22.06 -18.61
N GLY D 234 -14.42 22.88 -18.69
CA GLY D 234 -14.75 23.77 -17.60
C GLY D 234 -13.98 25.08 -17.64
N GLU D 235 -14.11 25.82 -18.74
CA GLU D 235 -13.42 27.08 -18.89
C GLU D 235 -13.88 28.07 -17.83
N LEU D 236 -12.93 28.83 -17.28
CA LEU D 236 -13.19 29.84 -16.28
C LEU D 236 -13.65 31.12 -16.97
N ILE D 237 -14.83 31.59 -16.61
CA ILE D 237 -15.42 32.78 -17.22
C ILE D 237 -15.41 33.87 -16.16
N THR D 238 -14.48 34.80 -16.28
CA THR D 238 -14.40 35.96 -15.40
C THR D 238 -14.68 37.20 -16.24
N ILE D 239 -15.69 37.97 -15.85
CA ILE D 239 -16.11 39.16 -16.58
C ILE D 239 -15.57 40.37 -15.84
N GLY D 240 -14.73 41.16 -16.49
CA GLY D 240 -14.17 42.33 -15.87
C GLY D 240 -14.94 43.59 -16.20
N VAL D 241 -15.54 44.21 -15.18
CA VAL D 241 -16.26 45.47 -15.34
C VAL D 241 -15.40 46.55 -14.73
N ALA D 242 -14.95 47.49 -15.57
CA ALA D 242 -14.04 48.55 -15.14
C ALA D 242 -14.54 49.86 -15.74
N THR D 243 -13.70 50.89 -15.65
CA THR D 243 -14.06 52.22 -16.11
C THR D 243 -13.17 52.63 -17.28
N TRP D 244 -13.81 53.08 -18.36
CA TRP D 244 -13.13 53.74 -19.46
C TRP D 244 -12.93 55.18 -19.07
N GLY D 245 -11.68 55.63 -19.07
CA GLY D 245 -11.34 56.93 -18.53
C GLY D 245 -10.48 56.73 -17.30
N THR D 246 -10.59 55.56 -16.70
CA THR D 246 -9.68 55.07 -15.68
C THR D 246 -8.67 54.08 -16.21
N VAL D 247 -9.07 53.26 -17.20
CA VAL D 247 -8.11 52.39 -17.87
C VAL D 247 -6.99 53.23 -18.47
N HIS D 248 -5.75 52.78 -18.28
CA HIS D 248 -4.58 53.62 -18.58
C HIS D 248 -4.37 53.79 -20.07
N ARG D 249 -4.09 52.70 -20.78
CA ARG D 249 -3.58 52.78 -22.15
C ARG D 249 -4.65 52.45 -23.18
N ARG D 250 -5.87 52.96 -22.98
CA ARG D 250 -6.98 52.71 -23.89
C ARG D 250 -6.71 53.26 -25.28
N GLU D 251 -5.72 54.13 -25.40
CA GLU D 251 -5.27 54.60 -26.71
C GLU D 251 -4.63 53.42 -27.45
N GLY D 252 -4.67 53.43 -28.77
CA GLY D 252 -4.21 52.30 -29.54
C GLY D 252 -5.09 51.09 -29.32
N LEU D 253 -6.33 51.35 -28.93
CA LEU D 253 -7.33 50.32 -28.69
C LEU D 253 -8.66 50.79 -29.27
N ILE D 254 -8.63 51.95 -29.91
CA ILE D 254 -9.81 52.55 -30.50
C ILE D 254 -9.74 52.38 -32.01
N HIS D 255 -10.66 51.58 -32.55
CA HIS D 255 -10.68 51.36 -33.99
C HIS D 255 -12.09 50.97 -34.43
N PRO D 256 -12.81 51.88 -35.10
CA PRO D 256 -14.26 51.67 -35.33
C PRO D 256 -14.65 50.45 -36.15
N THR D 257 -13.68 49.63 -36.57
CA THR D 257 -13.98 48.45 -37.37
C THR D 257 -13.49 47.18 -36.65
N GLY D 258 -13.85 47.06 -35.38
CA GLY D 258 -13.14 46.19 -34.46
C GLY D 258 -13.30 44.69 -34.54
N SER D 259 -12.66 44.06 -35.54
CA SER D 259 -12.43 42.63 -35.53
C SER D 259 -10.97 42.29 -35.25
N PHE D 260 -10.19 43.29 -34.88
CA PHE D 260 -8.74 43.24 -34.72
C PHE D 260 -8.34 42.55 -33.41
N PRO D 261 -7.26 41.77 -33.43
CA PRO D 261 -6.66 41.30 -32.18
C PRO D 261 -5.57 42.23 -31.65
N ALA D 262 -5.92 43.47 -31.28
CA ALA D 262 -4.90 44.40 -30.80
C ALA D 262 -4.29 43.92 -29.49
N GLU D 263 -3.15 44.51 -29.15
CA GLU D 263 -2.39 44.13 -27.97
C GLU D 263 -2.34 45.27 -26.97
N TYR D 264 -2.24 44.90 -25.70
CA TYR D 264 -2.18 45.82 -24.58
C TYR D 264 -0.79 45.79 -23.96
N ILE D 265 -0.15 46.95 -23.89
CA ILE D 265 1.14 47.09 -23.23
C ILE D 265 0.86 47.24 -21.74
N LEU D 266 1.03 46.14 -20.99
CA LEU D 266 0.70 46.14 -19.58
C LEU D 266 1.77 46.91 -18.81
N ASP D 267 1.59 48.22 -18.69
CA ASP D 267 2.52 49.08 -18.00
C ASP D 267 1.86 49.58 -16.71
N GLU D 268 2.38 49.12 -15.57
CA GLU D 268 1.86 49.51 -14.27
C GLU D 268 2.66 50.68 -13.69
N ASP D 269 3.85 50.92 -14.23
CA ASP D 269 4.72 52.00 -13.77
C ASP D 269 4.27 53.35 -14.29
N GLY D 270 3.88 53.44 -15.56
CA GLY D 270 3.54 54.70 -16.19
C GLY D 270 2.33 55.39 -15.59
N GLN D 271 1.34 54.60 -15.17
CA GLN D 271 0.08 55.14 -14.67
C GLN D 271 0.27 56.07 -13.47
N GLY D 272 -0.45 57.18 -13.46
CA GLY D 272 -0.45 58.09 -12.33
C GLY D 272 -1.70 57.90 -11.50
N ASN D 273 -2.70 58.77 -11.71
CA ASN D 273 -4.00 58.60 -11.10
C ASN D 273 -4.92 57.85 -12.06
N LEU D 274 -4.41 56.72 -12.55
CA LEU D 274 -5.16 55.87 -13.46
C LEU D 274 -4.95 54.42 -13.03
N THR D 275 -5.35 53.46 -13.88
CA THR D 275 -5.13 52.06 -13.55
C THR D 275 -5.10 51.21 -14.81
N CYS D 276 -4.29 50.17 -14.82
CA CYS D 276 -4.20 49.26 -15.96
C CYS D 276 -5.13 48.06 -15.77
N LEU D 277 -5.51 47.44 -16.87
CA LEU D 277 -6.39 46.28 -16.85
C LEU D 277 -5.65 45.05 -16.36
N ASP D 278 -6.36 44.17 -15.66
CA ASP D 278 -5.78 42.92 -15.22
C ASP D 278 -5.58 41.97 -16.40
N SER D 279 -4.50 41.20 -16.35
CA SER D 279 -4.18 40.30 -17.45
C SER D 279 -5.15 39.12 -17.49
N ASN D 280 -5.41 38.50 -16.34
CA ASN D 280 -6.17 37.25 -16.29
C ASN D 280 -7.66 37.57 -16.13
N HIS D 281 -8.33 37.76 -17.25
CA HIS D 281 -9.78 37.95 -17.25
C HIS D 281 -10.32 37.54 -18.61
N SER D 282 -11.32 36.65 -18.63
CA SER D 282 -11.82 36.13 -19.89
C SER D 282 -12.43 37.22 -20.76
N HIS D 283 -13.19 38.12 -20.15
CA HIS D 283 -13.88 39.16 -20.90
C HIS D 283 -13.84 40.48 -20.14
N PHE D 284 -13.98 41.57 -20.87
CA PHE D 284 -13.88 42.91 -20.31
C PHE D 284 -15.08 43.75 -20.74
N ILE D 285 -15.65 44.49 -19.79
CA ILE D 285 -16.71 45.45 -20.07
C ILE D 285 -16.30 46.78 -19.47
N LEU D 286 -16.26 47.81 -20.30
CA LEU D 286 -15.77 49.13 -19.89
C LEU D 286 -16.89 50.14 -20.03
N VAL D 287 -17.12 50.91 -18.97
CA VAL D 287 -18.19 51.91 -18.94
C VAL D 287 -17.55 53.28 -18.80
N ASP D 288 -18.22 54.28 -19.36
CA ASP D 288 -17.66 55.63 -19.38
C ASP D 288 -18.78 56.66 -19.51
N ASP D 289 -18.50 57.86 -19.02
CA ASP D 289 -19.32 59.03 -19.30
C ASP D 289 -18.61 60.03 -20.21
N GLY D 290 -17.51 59.62 -20.85
CA GLY D 290 -16.68 60.56 -21.58
C GLY D 290 -15.98 61.49 -20.62
N THR D 291 -15.28 60.91 -19.64
CA THR D 291 -14.65 61.69 -18.58
C THR D 291 -13.27 61.06 -18.34
N HIS D 292 -12.48 61.66 -17.46
CA HIS D 292 -11.13 61.18 -17.20
C HIS D 292 -10.88 61.17 -15.70
N GLY D 293 -10.42 60.03 -15.19
CA GLY D 293 -10.02 59.95 -13.81
C GLY D 293 -11.14 59.71 -12.81
N GLN D 294 -12.38 59.56 -13.26
CA GLN D 294 -13.47 59.28 -12.35
C GLN D 294 -13.53 57.79 -12.02
N TYR D 295 -13.91 57.50 -10.78
CA TYR D 295 -13.89 56.13 -10.27
C TYR D 295 -15.26 55.55 -9.96
N GLY D 296 -16.21 56.36 -9.50
CA GLY D 296 -17.51 55.83 -9.13
C GLY D 296 -18.54 55.87 -10.24
N VAL D 297 -18.23 55.26 -11.39
CA VAL D 297 -19.12 55.28 -12.54
C VAL D 297 -19.59 53.88 -12.91
N GLU D 298 -18.80 52.85 -12.64
CA GLU D 298 -19.18 51.48 -12.98
C GLU D 298 -20.11 50.85 -11.96
N ILE D 299 -20.31 51.45 -10.80
CA ILE D 299 -21.18 50.88 -9.78
C ILE D 299 -22.61 50.81 -10.28
N PRO D 300 -23.22 51.91 -10.80
CA PRO D 300 -24.62 51.79 -11.23
C PRO D 300 -24.78 51.25 -12.64
N LEU D 301 -23.98 50.23 -12.99
CA LEU D 301 -24.26 49.43 -14.18
C LEU D 301 -23.93 47.98 -13.84
N ARG D 302 -23.32 47.79 -12.67
CA ARG D 302 -22.96 46.45 -12.22
C ARG D 302 -24.13 45.88 -11.42
N THR D 303 -24.64 46.65 -10.47
CA THR D 303 -25.83 46.24 -9.74
C THR D 303 -27.03 46.09 -10.67
N ARG D 304 -27.19 47.03 -11.61
CA ARG D 304 -28.27 46.96 -12.56
C ARG D 304 -28.17 45.74 -13.47
N LEU D 305 -26.96 45.41 -13.94
CA LEU D 305 -26.77 44.22 -14.75
C LEU D 305 -27.04 42.95 -13.95
N GLU D 306 -26.53 42.90 -12.72
CA GLU D 306 -26.70 41.72 -11.89
C GLU D 306 -28.15 41.48 -11.51
N LYS D 307 -28.90 42.54 -11.22
CA LYS D 307 -30.32 42.42 -10.95
C LYS D 307 -31.07 41.79 -12.12
N PHE D 308 -30.69 42.10 -13.35
CA PHE D 308 -31.31 41.51 -14.53
C PHE D 308 -30.87 40.09 -14.79
N ILE D 309 -29.58 39.80 -14.60
CA ILE D 309 -29.11 38.43 -14.80
C ILE D 309 -29.73 37.50 -13.78
N SER D 310 -29.93 37.97 -12.55
CA SER D 310 -30.62 37.17 -11.55
C SER D 310 -32.07 36.92 -11.91
N GLU D 311 -32.75 37.92 -12.49
CA GLU D 311 -34.13 37.72 -12.93
C GLU D 311 -34.22 36.77 -14.11
N GLN D 312 -33.20 36.74 -14.97
CA GLN D 312 -33.20 35.82 -16.09
C GLN D 312 -33.20 34.38 -15.61
N THR D 313 -33.79 33.49 -16.40
CA THR D 313 -34.03 32.12 -15.99
C THR D 313 -33.41 31.13 -16.99
N LYS D 314 -33.05 29.96 -16.46
CA LYS D 314 -32.51 28.87 -17.26
C LYS D 314 -33.59 27.82 -17.48
N GLU D 315 -33.46 27.03 -18.55
CA GLU D 315 -34.51 26.07 -18.88
C GLU D 315 -34.01 24.63 -18.81
N ARG D 316 -32.90 24.35 -19.48
CA ARG D 316 -32.29 23.02 -19.53
C ARG D 316 -33.27 21.89 -19.79
N GLY D 317 -32.96 20.70 -19.26
CA GLY D 317 -33.67 19.51 -19.69
C GLY D 317 -35.15 19.52 -19.33
N GLY D 318 -35.44 19.37 -18.04
CA GLY D 318 -36.83 19.31 -17.62
C GLY D 318 -37.24 20.38 -16.64
N VAL D 319 -36.30 20.85 -15.83
CA VAL D 319 -36.62 21.78 -14.74
C VAL D 319 -36.03 23.15 -15.04
N ALA D 320 -36.80 24.18 -14.72
CA ALA D 320 -36.37 25.56 -14.95
C ALA D 320 -36.09 26.22 -13.61
N ILE D 321 -34.95 26.89 -13.51
CA ILE D 321 -34.53 27.50 -12.26
C ILE D 321 -34.37 29.00 -12.45
N LYS D 322 -34.24 29.72 -11.35
CA LYS D 322 -33.91 31.14 -11.36
C LYS D 322 -32.45 31.28 -10.97
N ILE D 323 -31.69 31.98 -11.82
CA ILE D 323 -30.24 32.05 -11.65
C ILE D 323 -29.92 32.75 -10.33
N PRO D 324 -29.21 32.09 -9.42
CA PRO D 324 -28.88 32.71 -8.14
C PRO D 324 -27.69 33.65 -8.28
N ILE D 325 -27.33 34.29 -7.17
CA ILE D 325 -26.25 35.26 -7.14
C ILE D 325 -25.66 35.27 -5.74
N VAL D 326 -24.37 35.58 -5.65
CA VAL D 326 -23.67 35.59 -4.37
C VAL D 326 -22.58 36.65 -4.44
N CYS D 327 -22.27 37.24 -3.28
CA CYS D 327 -21.20 38.21 -3.16
C CYS D 327 -20.11 37.67 -2.24
N VAL D 328 -18.85 37.84 -2.69
CA VAL D 328 -17.71 37.34 -1.94
C VAL D 328 -16.81 38.52 -1.60
N VAL D 329 -16.76 38.91 -0.32
CA VAL D 329 -16.05 40.11 0.06
C VAL D 329 -14.63 39.78 0.51
N LEU D 330 -13.78 40.80 0.55
CA LEU D 330 -12.41 40.77 1.06
C LEU D 330 -12.15 42.12 1.69
N GLU D 331 -10.88 42.51 1.84
CA GLU D 331 -10.58 43.86 2.30
C GLU D 331 -11.31 44.86 1.43
N GLY D 332 -12.01 45.79 2.07
CA GLY D 332 -12.71 46.84 1.35
C GLY D 332 -12.73 48.12 2.14
N GLY D 333 -12.96 49.22 1.44
CA GLY D 333 -13.05 50.52 2.06
C GLY D 333 -14.49 50.93 2.30
N PRO D 334 -14.76 52.23 2.32
CA PRO D 334 -16.12 52.70 2.54
C PRO D 334 -17.09 52.29 1.43
N GLY D 335 -16.56 52.02 0.25
CA GLY D 335 -17.42 51.68 -0.87
C GLY D 335 -17.79 50.21 -0.94
N THR D 336 -17.01 49.36 -0.26
CA THR D 336 -17.32 47.94 -0.21
C THR D 336 -18.45 47.71 0.78
N LEU D 337 -18.44 48.44 1.88
CA LEU D 337 -19.48 48.34 2.90
C LEU D 337 -20.83 48.73 2.33
N HIS D 338 -20.87 49.80 1.53
CA HIS D 338 -22.11 50.20 0.88
C HIS D 338 -22.63 49.17 -0.10
N THR D 339 -21.74 48.54 -0.87
CA THR D 339 -22.13 47.44 -1.74
C THR D 339 -22.67 46.25 -0.96
N ILE D 340 -22.04 45.91 0.16
CA ILE D 340 -22.55 44.82 0.99
C ILE D 340 -23.95 45.14 1.49
N ASP D 341 -24.17 46.39 1.93
CA ASP D 341 -25.50 46.76 2.39
C ASP D 341 -26.52 46.69 1.26
N ASN D 342 -26.20 47.25 0.10
CA ASN D 342 -27.13 47.24 -1.01
C ASN D 342 -27.43 45.85 -1.53
N ALA D 343 -26.47 44.92 -1.41
CA ALA D 343 -26.70 43.56 -1.89
C ALA D 343 -27.69 42.82 -0.99
N THR D 344 -27.52 42.92 0.33
CA THR D 344 -28.39 42.19 1.24
C THR D 344 -29.81 42.75 1.23
N THR D 345 -29.96 44.04 0.97
CA THR D 345 -31.30 44.63 0.92
C THR D 345 -32.14 44.00 -0.18
N ASN D 346 -31.54 43.77 -1.35
CA ASN D 346 -32.23 43.14 -2.46
C ASN D 346 -32.42 41.64 -2.24
N GLY D 347 -31.79 41.05 -1.22
CA GLY D 347 -31.96 39.65 -0.95
C GLY D 347 -30.93 38.74 -1.56
N THR D 348 -29.70 39.22 -1.73
CA THR D 348 -28.62 38.42 -2.30
C THR D 348 -27.63 38.06 -1.22
N PRO D 349 -27.43 36.78 -0.91
CA PRO D 349 -26.51 36.41 0.16
C PRO D 349 -25.07 36.76 -0.18
N CYS D 350 -24.31 37.03 0.87
CA CYS D 350 -22.90 37.39 0.72
C CYS D 350 -22.09 36.63 1.76
N VAL D 351 -20.81 36.44 1.45
CA VAL D 351 -19.90 35.65 2.28
C VAL D 351 -18.70 36.51 2.65
N VAL D 352 -18.26 36.40 3.91
CA VAL D 352 -17.12 37.15 4.43
C VAL D 352 -16.09 36.15 4.93
N VAL D 353 -14.84 36.33 4.52
CA VAL D 353 -13.76 35.43 4.93
C VAL D 353 -13.28 35.82 6.32
N GLU D 354 -12.70 34.86 7.05
CA GLU D 354 -12.26 35.13 8.42
C GLU D 354 -10.87 35.73 8.47
N GLY D 355 -10.78 37.00 8.15
CA GLY D 355 -9.64 37.84 8.46
C GLY D 355 -8.73 38.07 7.29
N SER D 356 -9.05 39.11 6.51
CA SER D 356 -8.10 39.82 5.67
C SER D 356 -8.73 41.16 5.32
N GLY D 357 -8.39 42.22 6.05
CA GLY D 357 -8.86 43.50 5.59
C GLY D 357 -9.61 44.42 6.53
N ARG D 358 -9.82 45.64 6.08
CA ARG D 358 -10.44 46.70 6.86
C ARG D 358 -11.89 46.40 7.23
N VAL D 359 -12.78 46.36 6.24
CA VAL D 359 -14.21 46.36 6.52
C VAL D 359 -14.72 44.94 6.68
N ALA D 360 -14.05 43.99 6.03
CA ALA D 360 -14.43 42.58 6.14
C ALA D 360 -14.23 42.03 7.54
N ASP D 361 -13.12 42.39 8.20
CA ASP D 361 -12.82 41.79 9.48
C ASP D 361 -13.69 42.36 10.59
N VAL D 362 -14.07 43.63 10.47
CA VAL D 362 -14.99 44.24 11.42
C VAL D 362 -16.29 43.45 11.42
N ILE D 363 -16.84 43.21 10.22
CA ILE D 363 -18.06 42.44 10.09
C ILE D 363 -17.88 41.02 10.58
N ALA D 364 -16.75 40.39 10.26
CA ALA D 364 -16.50 39.04 10.73
C ALA D 364 -16.49 38.96 12.25
N GLN D 365 -15.87 39.92 12.91
CA GLN D 365 -15.85 39.90 14.37
C GLN D 365 -17.21 40.18 14.97
N VAL D 366 -17.90 41.23 14.50
CA VAL D 366 -19.26 41.45 14.96
C VAL D 366 -20.23 40.77 13.99
N ALA D 367 -20.45 39.47 14.19
CA ALA D 367 -21.39 38.72 13.39
C ALA D 367 -22.31 37.83 14.22
N ASN D 368 -21.90 37.46 15.42
CA ASN D 368 -22.74 36.68 16.32
C ASN D 368 -23.32 37.49 17.47
N LEU D 369 -22.79 38.68 17.72
CA LEU D 369 -23.28 39.54 18.78
C LEU D 369 -24.69 40.01 18.45
N PRO D 370 -25.57 40.14 19.44
CA PRO D 370 -26.87 40.78 19.18
C PRO D 370 -26.69 42.24 18.82
N VAL D 371 -27.80 42.93 18.59
CA VAL D 371 -27.73 44.32 18.15
C VAL D 371 -27.40 45.20 19.35
N SER D 372 -26.11 45.42 19.60
CA SER D 372 -25.60 46.26 20.67
C SER D 372 -24.23 46.74 20.20
N ASP D 373 -24.18 47.97 19.69
CA ASP D 373 -23.03 48.41 18.91
C ASP D 373 -22.50 49.78 19.33
N ILE D 374 -21.67 50.35 18.45
CA ILE D 374 -20.88 51.58 18.56
C ILE D 374 -19.68 51.31 19.47
N THR D 375 -19.38 50.03 19.68
CA THR D 375 -18.04 49.66 20.11
C THR D 375 -17.06 49.82 18.95
N ILE D 376 -17.57 50.26 17.80
CA ILE D 376 -16.83 50.37 16.55
C ILE D 376 -15.67 51.34 16.69
N SER D 377 -15.81 52.34 17.57
CA SER D 377 -14.73 53.28 17.82
C SER D 377 -13.47 52.54 18.20
N LEU D 378 -13.61 51.43 18.92
CA LEU D 378 -12.47 50.62 19.30
C LEU D 378 -12.11 49.63 18.20
N ILE D 379 -13.11 48.94 17.64
CA ILE D 379 -12.84 47.82 16.73
C ILE D 379 -12.40 48.27 15.35
N GLN D 380 -12.52 49.55 15.03
CA GLN D 380 -12.14 50.06 13.72
C GLN D 380 -10.65 50.29 13.60
N GLN D 381 -9.88 49.96 14.63
CA GLN D 381 -8.43 50.03 14.57
C GLN D 381 -7.84 49.11 13.51
N LYS D 382 -8.60 48.11 13.06
CA LYS D 382 -8.09 47.19 12.04
C LYS D 382 -7.80 47.91 10.73
N LEU D 383 -8.40 49.10 10.54
CA LEU D 383 -7.93 50.04 9.53
C LEU D 383 -6.66 50.69 10.07
N SER D 384 -5.58 49.91 10.04
CA SER D 384 -4.37 50.28 10.77
C SER D 384 -3.80 51.61 10.29
N VAL D 385 -3.79 51.84 8.97
CA VAL D 385 -3.32 53.10 8.44
C VAL D 385 -4.18 54.27 8.87
N PHE D 386 -5.44 53.99 9.27
CA PHE D 386 -6.27 54.97 9.97
C PHE D 386 -6.67 56.13 9.08
N PHE D 387 -6.92 55.84 7.80
CA PHE D 387 -7.22 56.85 6.79
C PHE D 387 -8.08 57.97 7.35
N GLN D 388 -7.71 59.20 7.02
CA GLN D 388 -8.13 60.44 7.66
C GLN D 388 -7.54 60.48 9.06
N GLU D 389 -6.40 59.81 9.26
CA GLU D 389 -5.37 60.06 10.26
C GLU D 389 -5.59 59.47 11.66
N MET D 390 -6.77 58.90 11.95
CA MET D 390 -6.97 58.01 13.10
C MET D 390 -8.46 57.66 13.24
N PHE D 391 -8.75 56.80 14.22
CA PHE D 391 -10.09 56.23 14.33
C PHE D 391 -11.11 57.23 14.84
N GLU D 392 -10.75 58.05 15.84
CA GLU D 392 -11.68 59.06 16.33
C GLU D 392 -11.85 60.18 15.33
N THR D 393 -10.90 60.34 14.40
CA THR D 393 -10.94 61.42 13.42
C THR D 393 -11.16 60.95 12.00
N PHE D 394 -11.72 59.76 11.78
CA PHE D 394 -12.40 59.58 10.49
C PHE D 394 -13.43 60.67 10.28
N THR D 395 -14.55 60.59 11.02
CA THR D 395 -15.54 61.64 11.15
C THR D 395 -16.60 61.13 12.12
N GLU D 396 -17.17 62.01 12.95
CA GLU D 396 -18.29 61.57 13.77
C GLU D 396 -19.47 61.16 12.89
N SER D 397 -19.72 61.91 11.82
CA SER D 397 -20.80 61.58 10.91
C SER D 397 -20.56 60.24 10.23
N ARG D 398 -19.33 59.99 9.79
CA ARG D 398 -19.08 58.74 9.07
C ARG D 398 -19.10 57.55 10.01
N ILE D 399 -18.66 57.74 11.26
CA ILE D 399 -18.76 56.65 12.23
C ILE D 399 -20.22 56.35 12.55
N VAL D 400 -21.03 57.39 12.77
CA VAL D 400 -22.43 57.14 13.11
C VAL D 400 -23.18 56.59 11.90
N GLU D 401 -22.69 56.88 10.69
CA GLU D 401 -23.24 56.24 9.50
C GLU D 401 -22.87 54.76 9.42
N TRP D 402 -21.61 54.43 9.67
CA TRP D 402 -21.17 53.04 9.62
C TRP D 402 -21.80 52.18 10.69
N THR D 403 -22.12 52.75 11.86
CA THR D 403 -22.82 51.97 12.87
C THR D 403 -24.17 51.45 12.36
N LYS D 404 -24.94 52.32 11.70
CA LYS D 404 -26.22 51.93 11.13
C LYS D 404 -26.05 50.83 10.10
N LYS D 405 -25.04 50.99 9.24
CA LYS D 405 -24.79 49.99 8.20
C LYS D 405 -24.41 48.64 8.80
N ILE D 406 -23.54 48.63 9.79
CA ILE D 406 -23.14 47.37 10.42
C ILE D 406 -24.33 46.71 11.11
N GLN D 407 -25.16 47.52 11.77
CA GLN D 407 -26.35 46.97 12.41
C GLN D 407 -27.27 46.35 11.38
N ASP D 408 -27.46 47.02 10.24
CA ASP D 408 -28.31 46.53 9.18
C ASP D 408 -27.78 45.22 8.62
N ILE D 409 -26.46 45.13 8.43
CA ILE D 409 -25.87 43.89 7.91
C ILE D 409 -26.07 42.75 8.90
N VAL D 410 -25.71 42.96 10.17
CA VAL D 410 -25.83 41.90 11.16
C VAL D 410 -27.28 41.49 11.39
N ARG D 411 -28.23 42.40 11.19
CA ARG D 411 -29.63 42.10 11.47
C ARG D 411 -30.18 40.99 10.60
N ARG D 412 -29.78 40.91 9.33
CA ARG D 412 -30.22 39.84 8.45
C ARG D 412 -29.30 38.63 8.66
N ARG D 413 -29.70 37.77 9.59
CA ARG D 413 -28.90 36.58 9.91
C ARG D 413 -28.84 35.63 8.72
N GLN D 414 -29.96 35.41 8.05
CA GLN D 414 -29.99 34.45 6.95
C GLN D 414 -29.17 34.93 5.76
N LEU D 415 -29.29 36.20 5.41
CA LEU D 415 -28.65 36.72 4.21
C LEU D 415 -27.14 36.92 4.37
N LEU D 416 -26.61 36.78 5.58
CA LEU D 416 -25.19 36.99 5.84
C LEU D 416 -24.59 35.72 6.40
N THR D 417 -23.40 35.37 5.93
CA THR D 417 -22.60 34.32 6.52
C THR D 417 -21.15 34.77 6.59
N VAL D 418 -20.42 34.21 7.53
CA VAL D 418 -19.00 34.51 7.68
C VAL D 418 -18.23 33.21 7.58
N PHE D 419 -17.14 33.23 6.81
CA PHE D 419 -16.35 32.03 6.55
C PHE D 419 -15.29 31.95 7.64
N ARG D 420 -15.72 31.55 8.84
CA ARG D 420 -14.80 31.39 9.96
C ARG D 420 -13.75 30.33 9.62
N GLU D 421 -12.48 30.71 9.71
CA GLU D 421 -11.41 29.87 9.17
C GLU D 421 -11.38 28.50 9.84
N GLY D 422 -11.02 28.45 11.12
CA GLY D 422 -10.79 27.19 11.80
C GLY D 422 -12.00 26.28 11.87
N LYS D 423 -13.19 26.86 11.82
CA LYS D 423 -14.42 26.10 12.02
C LYS D 423 -15.12 25.74 10.71
N ASP D 424 -14.81 26.42 9.60
CA ASP D 424 -15.51 26.18 8.36
C ASP D 424 -14.62 25.81 7.18
N GLY D 425 -13.36 26.26 7.16
CA GLY D 425 -12.49 25.92 6.04
C GLY D 425 -12.20 24.43 5.95
N GLN D 426 -12.09 23.76 7.11
CA GLN D 426 -11.97 22.31 7.11
C GLN D 426 -13.18 21.63 6.49
N GLN D 427 -14.37 22.20 6.66
CA GLN D 427 -15.51 21.74 5.88
C GLN D 427 -15.20 22.01 4.41
N ASP D 428 -15.18 23.29 4.05
CA ASP D 428 -14.61 23.82 2.82
C ASP D 428 -14.90 25.32 2.81
N VAL D 429 -14.37 25.99 1.79
CA VAL D 429 -14.94 27.27 1.37
C VAL D 429 -16.03 27.06 0.32
N ASP D 430 -15.93 25.99 -0.48
CA ASP D 430 -16.95 25.67 -1.47
C ASP D 430 -18.29 25.42 -0.79
N VAL D 431 -18.27 24.65 0.29
CA VAL D 431 -19.52 24.30 0.94
C VAL D 431 -20.19 25.53 1.54
N ALA D 432 -19.45 26.44 2.17
CA ALA D 432 -20.08 27.63 2.72
C ALA D 432 -20.58 28.55 1.60
N ILE D 433 -19.80 28.65 0.51
CA ILE D 433 -20.23 29.49 -0.60
C ILE D 433 -21.47 28.93 -1.28
N LEU D 434 -21.77 27.64 -1.09
CA LEU D 434 -23.09 27.15 -1.48
C LEU D 434 -24.09 27.08 -0.33
N GLN D 435 -23.63 27.20 0.91
CA GLN D 435 -24.55 27.38 2.03
C GLN D 435 -25.28 28.69 1.91
N ALA D 436 -24.58 29.73 1.45
CA ALA D 436 -25.22 31.04 1.35
C ALA D 436 -26.47 30.97 0.48
N LEU D 437 -26.36 30.39 -0.72
CA LEU D 437 -27.49 30.33 -1.63
C LEU D 437 -28.62 29.46 -1.07
N LEU D 438 -28.26 28.31 -0.50
CA LEU D 438 -29.29 27.43 0.04
C LEU D 438 -30.02 28.08 1.21
N LYS D 439 -29.30 28.79 2.08
CA LYS D 439 -29.95 29.49 3.18
C LYS D 439 -30.86 30.59 2.66
N ALA D 440 -30.41 31.34 1.65
CA ALA D 440 -31.27 32.39 1.09
C ALA D 440 -32.55 31.79 0.50
N SER D 441 -32.41 30.70 -0.25
CA SER D 441 -33.59 30.05 -0.82
C SER D 441 -34.51 29.48 0.25
N ARG D 442 -33.95 28.94 1.33
CA ARG D 442 -34.76 28.42 2.42
C ARG D 442 -35.52 29.53 3.11
N SER D 443 -34.88 30.68 3.33
CA SER D 443 -35.51 31.80 4.00
C SER D 443 -36.49 32.56 3.12
N GLN D 444 -36.40 32.42 1.80
CA GLN D 444 -37.34 33.10 0.92
C GLN D 444 -38.76 32.58 1.13
N ASP D 445 -39.73 33.49 1.02
CA ASP D 445 -41.13 33.13 1.15
C ASP D 445 -41.57 32.34 -0.08
N HIS D 446 -42.24 31.20 0.14
CA HIS D 446 -42.40 30.21 -0.91
C HIS D 446 -43.77 29.54 -1.01
N PHE D 447 -44.70 29.82 -0.09
CA PHE D 447 -46.04 29.21 -0.12
C PHE D 447 -45.98 27.68 -0.08
N GLY D 448 -45.50 27.16 1.03
CA GLY D 448 -45.66 25.74 1.31
C GLY D 448 -44.40 24.97 1.02
N HIS D 449 -44.41 24.29 -0.13
CA HIS D 449 -43.43 23.26 -0.45
C HIS D 449 -42.48 23.66 -1.57
N GLU D 450 -42.67 24.83 -2.17
CA GLU D 450 -41.93 25.21 -3.37
C GLU D 450 -40.43 25.33 -3.10
N ASN D 451 -40.06 25.71 -1.87
CA ASN D 451 -38.66 25.97 -1.56
C ASN D 451 -37.82 24.70 -1.68
N TRP D 452 -38.33 23.55 -1.21
CA TRP D 452 -37.54 22.33 -1.28
C TRP D 452 -37.28 21.92 -2.72
N ASP D 453 -38.32 21.95 -3.57
CA ASP D 453 -38.12 21.57 -4.95
C ASP D 453 -37.24 22.57 -5.69
N HIS D 454 -37.31 23.86 -5.35
CA HIS D 454 -36.39 24.81 -5.95
C HIS D 454 -34.95 24.52 -5.55
N GLN D 455 -34.72 24.16 -4.28
CA GLN D 455 -33.38 23.80 -3.85
C GLN D 455 -32.87 22.55 -4.57
N LEU D 456 -33.73 21.55 -4.75
CA LEU D 456 -33.33 20.37 -5.52
C LEU D 456 -33.03 20.73 -6.98
N LYS D 457 -33.83 21.61 -7.57
CA LYS D 457 -33.57 22.05 -8.93
C LYS D 457 -32.20 22.72 -9.03
N LEU D 458 -31.87 23.57 -8.05
CA LEU D 458 -30.56 24.20 -8.03
C LEU D 458 -29.45 23.16 -7.87
N ALA D 459 -29.66 22.18 -6.99
CA ALA D 459 -28.67 21.15 -6.76
C ALA D 459 -28.41 20.31 -8.00
N VAL D 460 -29.43 20.09 -8.83
CA VAL D 460 -29.24 19.37 -10.08
C VAL D 460 -28.25 20.11 -10.98
N ALA D 461 -28.44 21.41 -11.11
CA ALA D 461 -27.52 22.21 -11.92
C ALA D 461 -26.15 22.35 -11.28
N TRP D 462 -26.06 22.35 -9.95
CA TRP D 462 -24.75 22.50 -9.32
C TRP D 462 -23.82 21.36 -9.66
N ASN D 463 -24.38 20.17 -9.92
CA ASN D 463 -23.61 18.95 -10.06
C ASN D 463 -22.76 18.73 -8.81
N ARG D 464 -23.33 19.06 -7.66
CA ARG D 464 -22.71 18.88 -6.36
C ARG D 464 -23.56 17.87 -5.58
N VAL D 465 -23.28 16.59 -5.82
CA VAL D 465 -24.08 15.53 -5.19
C VAL D 465 -23.87 15.52 -3.68
N ASP D 466 -22.65 15.84 -3.23
CA ASP D 466 -22.38 15.85 -1.80
C ASP D 466 -23.26 16.87 -1.08
N ILE D 467 -23.38 18.09 -1.62
CA ILE D 467 -24.27 19.07 -1.02
C ILE D 467 -25.72 18.64 -1.16
N ALA D 468 -26.12 18.22 -2.37
CA ALA D 468 -27.50 17.82 -2.60
C ALA D 468 -27.94 16.73 -1.64
N ARG D 469 -27.01 15.89 -1.21
CA ARG D 469 -27.32 14.91 -0.18
C ARG D 469 -27.32 15.56 1.20
N SER D 470 -26.15 16.03 1.63
CA SER D 470 -25.93 16.38 3.03
C SER D 470 -26.79 17.54 3.51
N GLU D 471 -27.36 18.34 2.61
CA GLU D 471 -28.10 19.51 3.07
C GLU D 471 -29.59 19.41 2.81
N ILE D 472 -30.01 18.89 1.65
CA ILE D 472 -31.43 18.83 1.36
C ILE D 472 -31.91 17.38 1.22
N PHE D 473 -31.22 16.44 1.86
CA PHE D 473 -31.82 15.14 2.09
C PHE D 473 -31.54 14.61 3.49
N MET D 474 -30.64 15.25 4.25
CA MET D 474 -30.43 14.92 5.66
C MET D 474 -31.35 15.72 6.57
N ASP D 475 -32.13 16.62 6.00
CA ASP D 475 -33.12 17.40 6.73
C ASP D 475 -34.45 16.65 6.62
N GLU D 476 -35.21 16.68 7.71
CA GLU D 476 -36.44 15.89 7.77
C GLU D 476 -37.64 16.70 7.30
N TRP D 477 -37.70 16.97 6.00
CA TRP D 477 -38.89 17.53 5.39
C TRP D 477 -39.73 16.41 4.79
N GLN D 478 -41.02 16.67 4.64
CA GLN D 478 -41.93 15.70 4.04
C GLN D 478 -41.70 15.70 2.54
N TRP D 479 -41.55 14.51 1.96
CA TRP D 479 -41.47 14.36 0.52
C TRP D 479 -41.96 12.97 0.12
N LYS D 480 -42.66 12.90 -1.00
CA LYS D 480 -43.04 11.63 -1.60
C LYS D 480 -42.11 11.30 -2.77
N PRO D 481 -41.86 10.02 -3.05
CA PRO D 481 -41.00 9.67 -4.18
C PRO D 481 -41.52 10.15 -5.53
N SER D 482 -42.82 10.41 -5.65
CA SER D 482 -43.35 10.90 -6.93
C SER D 482 -42.88 12.32 -7.20
N ASP D 483 -42.56 13.08 -6.15
CA ASP D 483 -42.19 14.48 -6.30
C ASP D 483 -40.82 14.64 -6.95
N LEU D 484 -40.05 13.56 -7.03
CA LEU D 484 -38.72 13.61 -7.62
C LEU D 484 -38.71 13.31 -9.11
N HIS D 485 -39.85 12.97 -9.69
CA HIS D 485 -39.92 12.59 -11.09
C HIS D 485 -39.46 13.69 -12.04
N PRO D 486 -39.92 14.94 -11.90
CA PRO D 486 -39.39 16.00 -12.77
C PRO D 486 -37.89 16.21 -12.65
N THR D 487 -37.33 16.03 -11.45
CA THR D 487 -35.89 16.06 -11.24
C THR D 487 -35.20 14.80 -11.73
N MET D 488 -35.83 13.63 -11.56
CA MET D 488 -35.29 12.40 -12.11
C MET D 488 -35.12 12.48 -13.62
N THR D 489 -36.11 13.05 -14.31
CA THR D 489 -36.00 13.20 -15.75
C THR D 489 -34.84 14.10 -16.13
N ALA D 490 -34.67 15.21 -15.43
CA ALA D 490 -33.56 16.12 -15.74
C ALA D 490 -32.22 15.44 -15.52
N ALA D 491 -32.09 14.69 -14.42
CA ALA D 491 -30.85 13.96 -14.18
C ALA D 491 -30.59 12.91 -15.25
N LEU D 492 -31.62 12.17 -15.67
CA LEU D 492 -31.41 11.18 -16.72
C LEU D 492 -30.99 11.83 -18.02
N ILE D 493 -31.61 12.95 -18.38
CA ILE D 493 -31.25 13.63 -19.62
C ILE D 493 -29.82 14.15 -19.55
N SER D 494 -29.43 14.73 -18.42
CA SER D 494 -28.11 15.33 -18.30
C SER D 494 -27.02 14.31 -17.96
N ASN D 495 -27.38 13.05 -17.76
CA ASN D 495 -26.39 11.99 -17.56
C ASN D 495 -25.61 12.21 -16.27
N LYS D 496 -26.32 12.34 -15.17
CA LYS D 496 -25.70 12.43 -13.86
C LYS D 496 -26.05 11.18 -13.07
N PRO D 497 -25.29 10.09 -13.23
CA PRO D 497 -25.66 8.84 -12.53
C PRO D 497 -25.58 8.96 -11.02
N GLU D 498 -24.80 9.91 -10.51
CA GLU D 498 -24.72 10.07 -9.06
C GLU D 498 -26.03 10.53 -8.46
N PHE D 499 -26.80 11.35 -9.17
CA PHE D 499 -28.14 11.71 -8.72
C PHE D 499 -29.13 10.59 -8.91
N VAL D 500 -28.96 9.78 -9.96
CA VAL D 500 -29.80 8.58 -10.12
C VAL D 500 -29.64 7.67 -8.92
N LYS D 501 -28.41 7.44 -8.49
CA LYS D 501 -28.17 6.61 -7.31
C LYS D 501 -28.82 7.21 -6.08
N LEU D 502 -28.71 8.53 -5.90
CA LEU D 502 -29.30 9.18 -4.73
C LEU D 502 -30.81 9.03 -4.71
N PHE D 503 -31.45 9.23 -5.86
CA PHE D 503 -32.91 9.12 -5.90
C PHE D 503 -33.37 7.68 -5.73
N LEU D 504 -32.62 6.71 -6.26
CA LEU D 504 -32.96 5.33 -6.00
C LEU D 504 -32.78 4.96 -4.53
N GLU D 505 -31.76 5.50 -3.86
CA GLU D 505 -31.63 5.29 -2.42
C GLU D 505 -32.81 5.89 -1.67
N ASN D 506 -33.24 7.09 -2.04
CA ASN D 506 -34.37 7.74 -1.40
C ASN D 506 -35.70 7.09 -1.75
N GLY D 507 -35.74 6.28 -2.80
CA GLY D 507 -36.90 5.45 -3.04
C GLY D 507 -37.72 5.76 -4.27
N VAL D 508 -37.10 6.20 -5.35
CA VAL D 508 -37.82 6.40 -6.61
C VAL D 508 -37.93 5.07 -7.33
N GLN D 509 -39.12 4.47 -7.31
CA GLN D 509 -39.33 3.19 -7.97
C GLN D 509 -39.43 3.40 -9.47
N LEU D 510 -38.48 2.83 -10.22
CA LEU D 510 -38.46 3.00 -11.66
C LEU D 510 -39.69 2.39 -12.32
N LYS D 511 -40.14 1.23 -11.82
CA LYS D 511 -41.30 0.56 -12.41
C LYS D 511 -42.54 1.45 -12.41
N GLU D 512 -42.61 2.41 -11.50
CA GLU D 512 -43.71 3.37 -11.49
C GLU D 512 -43.34 4.70 -12.12
N PHE D 513 -42.06 5.08 -12.06
CA PHE D 513 -41.64 6.35 -12.62
C PHE D 513 -41.70 6.35 -14.15
N VAL D 514 -41.32 5.23 -14.77
CA VAL D 514 -41.22 5.18 -16.23
C VAL D 514 -42.60 5.05 -16.86
N THR D 515 -43.17 6.16 -17.28
CA THR D 515 -44.46 6.14 -17.95
C THR D 515 -44.28 6.26 -19.46
N TRP D 516 -45.38 6.08 -20.18
CA TRP D 516 -45.35 6.18 -21.63
C TRP D 516 -44.95 7.58 -22.07
N ASP D 517 -45.57 8.60 -21.47
CA ASP D 517 -45.22 9.98 -21.78
C ASP D 517 -43.80 10.31 -21.36
N THR D 518 -43.33 9.74 -20.25
CA THR D 518 -41.95 9.97 -19.84
C THR D 518 -40.98 9.43 -20.87
N LEU D 519 -41.24 8.23 -21.39
CA LEU D 519 -40.40 7.69 -22.46
C LEU D 519 -40.46 8.56 -23.71
N LEU D 520 -41.66 8.99 -24.08
CA LEU D 520 -41.78 9.82 -25.28
C LEU D 520 -41.00 11.12 -25.13
N TYR D 521 -41.08 11.76 -23.96
CA TYR D 521 -40.28 12.95 -23.70
C TYR D 521 -38.80 12.68 -23.66
N LEU D 522 -38.38 11.54 -23.08
CA LEU D 522 -36.97 11.20 -23.00
C LEU D 522 -36.38 10.99 -24.39
N TYR D 523 -37.10 10.32 -25.27
CA TYR D 523 -36.56 10.04 -26.59
C TYR D 523 -36.46 11.28 -27.48
N GLU D 524 -37.11 12.38 -27.10
CA GLU D 524 -36.94 13.64 -27.81
C GLU D 524 -35.75 14.44 -27.32
N ASN D 525 -35.03 13.96 -26.32
CA ASN D 525 -33.88 14.66 -25.76
C ASN D 525 -32.66 13.74 -25.74
N LEU D 526 -32.45 13.04 -26.85
CA LEU D 526 -31.25 12.23 -26.99
C LEU D 526 -30.03 13.13 -27.16
N ASP D 527 -28.86 12.52 -27.05
CA ASP D 527 -27.63 13.25 -27.31
C ASP D 527 -27.56 13.59 -28.79
N PRO D 528 -27.52 14.85 -29.18
CA PRO D 528 -27.51 15.19 -30.61
C PRO D 528 -26.28 14.67 -31.33
N SER D 529 -25.18 14.41 -30.62
CA SER D 529 -23.97 13.90 -31.25
C SER D 529 -23.96 12.38 -31.36
N CYS D 530 -25.01 11.70 -30.91
CA CYS D 530 -25.04 10.26 -30.94
C CYS D 530 -25.42 9.75 -32.32
N LEU D 531 -25.06 8.49 -32.59
CA LEU D 531 -25.44 7.85 -33.84
C LEU D 531 -26.92 7.51 -33.86
N PHE D 532 -27.47 7.09 -32.72
CA PHE D 532 -28.87 6.74 -32.66
C PHE D 532 -29.77 7.95 -32.94
N HIS D 533 -29.39 9.11 -32.43
CA HIS D 533 -30.15 10.32 -32.73
C HIS D 533 -30.11 10.64 -34.22
N SER D 534 -28.96 10.47 -34.85
CA SER D 534 -28.89 10.67 -36.29
C SER D 534 -29.77 9.70 -37.04
N LYS D 535 -29.78 8.43 -36.63
CA LYS D 535 -30.64 7.44 -37.29
C LYS D 535 -32.11 7.78 -37.11
N LEU D 536 -32.49 8.26 -35.92
CA LEU D 536 -33.86 8.66 -35.67
C LEU D 536 -34.28 9.91 -36.42
N GLN D 537 -33.39 10.89 -36.57
CA GLN D 537 -33.68 12.07 -37.37
C GLN D 537 -33.67 11.76 -38.85
N LYS D 538 -33.14 10.60 -39.25
CA LYS D 538 -33.13 10.17 -40.63
C LYS D 538 -34.32 9.31 -41.00
N VAL D 539 -34.80 8.48 -40.07
CA VAL D 539 -36.02 7.72 -40.33
C VAL D 539 -37.22 8.66 -40.43
N LEU D 540 -37.23 9.75 -39.64
CA LEU D 540 -38.28 10.74 -39.73
C LEU D 540 -38.36 11.40 -41.10
N VAL D 541 -37.24 11.47 -41.82
CA VAL D 541 -37.21 12.01 -43.17
C VAL D 541 -37.41 10.95 -44.24
N GLU D 542 -36.95 9.72 -44.01
CA GLU D 542 -37.28 8.63 -44.93
C GLU D 542 -38.77 8.38 -44.96
N ASP D 543 -39.44 8.53 -43.82
CA ASP D 543 -40.90 8.55 -43.77
C ASP D 543 -41.34 9.96 -43.41
N PRO D 544 -41.33 10.90 -44.36
CA PRO D 544 -41.59 12.30 -44.03
C PRO D 544 -43.07 12.61 -43.88
N GLU D 545 -43.37 13.89 -43.71
CA GLU D 545 -44.74 14.29 -43.39
C GLU D 545 -45.69 14.07 -44.56
N ARG D 546 -45.29 14.40 -45.78
CA ARG D 546 -46.22 14.33 -46.89
C ARG D 546 -46.41 12.92 -47.46
N PRO D 547 -45.35 12.23 -47.92
CA PRO D 547 -45.59 11.04 -48.76
C PRO D 547 -45.78 9.72 -48.03
N ALA D 548 -45.17 9.55 -46.85
CA ALA D 548 -45.18 8.27 -46.17
C ALA D 548 -46.04 8.30 -44.92
N CYS D 549 -45.77 9.21 -43.98
CA CYS D 549 -46.65 9.43 -42.84
C CYS D 549 -47.61 10.54 -43.23
N ALA D 550 -48.57 10.18 -44.07
CA ALA D 550 -49.25 11.15 -44.94
C ALA D 550 -49.78 12.39 -44.24
N PRO D 551 -50.46 12.32 -43.07
CA PRO D 551 -50.85 13.57 -42.40
C PRO D 551 -49.67 14.47 -42.10
N ALA D 552 -48.72 13.97 -41.30
CA ALA D 552 -47.52 14.69 -40.93
C ALA D 552 -46.64 13.79 -40.09
N ALA D 553 -45.34 14.11 -40.06
CA ALA D 553 -44.41 13.46 -39.14
C ALA D 553 -43.17 14.32 -38.95
N PRO D 554 -43.32 15.50 -38.36
CA PRO D 554 -42.14 16.23 -37.85
C PRO D 554 -41.86 16.01 -36.37
N ARG D 555 -42.71 15.23 -35.69
CA ARG D 555 -42.55 14.92 -34.27
C ARG D 555 -42.14 13.46 -34.13
N LEU D 556 -41.26 13.18 -33.17
CA LEU D 556 -40.80 11.82 -32.94
C LEU D 556 -41.77 11.10 -32.01
N GLN D 557 -42.08 9.85 -32.31
CA GLN D 557 -43.01 9.08 -31.51
C GLN D 557 -42.61 7.61 -31.57
N MET D 558 -43.11 6.84 -30.60
CA MET D 558 -42.53 5.55 -30.25
C MET D 558 -42.49 4.55 -31.40
N HIS D 559 -43.37 4.68 -32.40
CA HIS D 559 -43.31 3.77 -33.53
C HIS D 559 -41.99 3.92 -34.28
N HIS D 560 -41.49 5.15 -34.40
CA HIS D 560 -40.25 5.39 -35.12
C HIS D 560 -39.07 4.72 -34.41
N VAL D 561 -38.99 4.88 -33.08
CA VAL D 561 -37.90 4.25 -32.35
C VAL D 561 -38.04 2.73 -32.36
N ALA D 562 -39.27 2.22 -32.35
CA ALA D 562 -39.45 0.78 -32.51
C ALA D 562 -38.92 0.32 -33.87
N GLN D 563 -39.22 1.07 -34.92
CA GLN D 563 -38.74 0.72 -36.25
C GLN D 563 -37.23 0.71 -36.31
N VAL D 564 -36.57 1.72 -35.74
CA VAL D 564 -35.11 1.76 -35.80
C VAL D 564 -34.48 0.69 -34.91
N LEU D 565 -35.08 0.36 -33.77
CA LEU D 565 -34.58 -0.76 -32.98
C LEU D 565 -34.73 -2.08 -33.71
N ARG D 566 -35.78 -2.22 -34.52
CA ARG D 566 -35.89 -3.42 -35.35
C ARG D 566 -34.74 -3.52 -36.35
N GLU D 567 -34.34 -2.40 -36.97
CA GLU D 567 -33.19 -2.40 -37.85
C GLU D 567 -31.91 -2.76 -37.10
N LEU D 568 -31.72 -2.19 -35.92
CA LEU D 568 -30.53 -2.51 -35.13
C LEU D 568 -30.50 -3.99 -34.74
N LEU D 569 -31.64 -4.56 -34.37
CA LEU D 569 -31.74 -5.98 -34.10
C LEU D 569 -31.84 -6.72 -35.43
N GLY D 570 -32.14 -8.01 -35.38
CA GLY D 570 -32.18 -8.83 -36.57
C GLY D 570 -33.54 -8.79 -37.25
N ASP D 571 -33.86 -9.88 -37.94
CA ASP D 571 -35.12 -10.01 -38.68
C ASP D 571 -36.23 -10.59 -37.82
N PHE D 572 -36.23 -10.31 -36.53
CA PHE D 572 -37.13 -10.94 -35.58
C PHE D 572 -38.51 -10.30 -35.63
N THR D 573 -39.36 -10.63 -34.65
CA THR D 573 -40.77 -10.27 -34.73
C THR D 573 -40.96 -8.77 -34.54
N GLN D 574 -42.23 -8.38 -34.45
CA GLN D 574 -42.59 -6.97 -34.32
C GLN D 574 -41.91 -6.39 -33.08
N PRO D 575 -41.37 -5.18 -33.17
CA PRO D 575 -40.55 -4.65 -32.06
C PRO D 575 -41.34 -4.36 -30.80
N LEU D 576 -40.65 -3.81 -29.80
CA LEU D 576 -41.21 -3.70 -28.46
C LEU D 576 -42.42 -2.77 -28.41
N TYR D 577 -42.64 -1.98 -29.44
CA TYR D 577 -43.74 -1.04 -29.35
C TYR D 577 -44.76 -1.26 -30.47
N PRO D 578 -46.04 -0.99 -30.18
CA PRO D 578 -47.13 -1.43 -31.08
C PRO D 578 -47.10 -0.81 -32.46
N ARG D 579 -46.91 -1.64 -33.47
CA ARG D 579 -46.93 -1.24 -34.88
C ARG D 579 -48.33 -0.92 -35.40
N PRO D 580 -49.34 -1.81 -35.23
CA PRO D 580 -50.54 -1.71 -36.08
C PRO D 580 -51.46 -0.54 -35.76
N ARG D 581 -52.61 -0.51 -36.43
CA ARG D 581 -53.54 0.61 -36.37
C ARG D 581 -53.91 1.04 -34.96
N HIS D 582 -53.74 0.16 -33.97
CA HIS D 582 -54.06 0.53 -32.59
C HIS D 582 -53.17 1.66 -32.09
N ASN D 583 -51.87 1.54 -32.31
CA ASN D 583 -50.89 2.53 -31.85
C ASN D 583 -49.83 2.77 -32.91
N ASP D 584 -50.27 2.92 -34.16
CA ASP D 584 -49.37 3.32 -35.22
C ASP D 584 -48.94 4.77 -35.02
N ARG D 585 -47.79 4.96 -34.38
CA ARG D 585 -47.34 6.29 -33.95
C ARG D 585 -46.48 6.95 -35.02
N LEU D 586 -47.14 7.42 -36.08
CA LEU D 586 -46.46 8.05 -37.19
C LEU D 586 -47.07 9.39 -37.58
N ARG D 587 -48.38 9.53 -37.42
CA ARG D 587 -49.15 10.53 -38.15
C ARG D 587 -50.10 11.28 -37.23
N LEU D 588 -49.61 11.79 -36.11
CA LEU D 588 -50.44 12.62 -35.23
C LEU D 588 -49.84 14.02 -35.12
N LEU D 589 -50.12 14.84 -36.13
CA LEU D 589 -50.02 16.29 -36.02
C LEU D 589 -51.19 17.03 -36.67
N LEU D 590 -51.87 16.44 -37.62
CA LEU D 590 -53.08 16.85 -38.34
C LEU D 590 -54.31 16.27 -37.65
N PRO D 591 -55.47 16.89 -37.81
CA PRO D 591 -56.67 16.40 -37.10
C PRO D 591 -57.14 15.05 -37.59
N VAL D 592 -56.40 13.99 -37.26
CA VAL D 592 -56.85 12.64 -37.60
C VAL D 592 -58.07 12.28 -36.75
N PRO D 593 -59.01 11.49 -37.25
CA PRO D 593 -60.22 11.21 -36.48
C PRO D 593 -59.94 10.38 -35.23
N HIS D 594 -60.86 10.47 -34.29
CA HIS D 594 -60.80 9.77 -33.01
C HIS D 594 -61.22 8.33 -33.14
N VAL D 595 -61.57 7.70 -32.01
CA VAL D 595 -61.82 6.26 -31.87
C VAL D 595 -62.58 5.67 -33.05
N LYS D 596 -63.48 6.44 -33.65
CA LYS D 596 -64.21 5.97 -34.81
C LYS D 596 -63.30 5.68 -36.00
N LEU D 597 -62.07 6.18 -35.99
CA LEU D 597 -61.15 5.98 -37.10
C LEU D 597 -60.50 4.60 -37.04
N ASN D 598 -59.76 4.32 -35.96
CA ASN D 598 -59.08 3.05 -35.71
C ASN D 598 -58.19 2.60 -36.87
N VAL D 599 -57.85 3.51 -37.78
CA VAL D 599 -56.95 3.23 -38.89
C VAL D 599 -55.86 4.30 -38.89
N GLN D 600 -54.61 3.88 -38.82
CA GLN D 600 -53.44 4.77 -38.72
C GLN D 600 -53.70 5.96 -37.79
N GLY D 601 -54.34 5.67 -36.67
CA GLY D 601 -54.68 6.69 -35.70
C GLY D 601 -54.90 6.07 -34.33
N VAL D 602 -55.66 6.75 -33.50
CA VAL D 602 -55.96 6.30 -32.15
C VAL D 602 -57.26 5.51 -32.15
N SER D 603 -57.23 4.34 -31.53
CA SER D 603 -58.39 3.45 -31.50
C SER D 603 -58.90 3.23 -30.08
N LEU D 604 -58.03 2.82 -29.16
CA LEU D 604 -58.46 2.47 -27.81
C LEU D 604 -58.14 3.55 -26.78
N ARG D 605 -57.15 4.40 -27.05
CA ARG D 605 -56.76 5.42 -26.08
C ARG D 605 -57.85 6.49 -25.96
N SER D 606 -57.74 7.27 -24.89
CA SER D 606 -58.84 8.13 -24.45
C SER D 606 -59.09 9.31 -25.38
N LEU D 607 -58.12 10.22 -25.50
CA LEU D 607 -58.34 11.48 -26.20
C LEU D 607 -57.22 11.73 -27.20
N TYR D 608 -57.54 12.54 -28.22
CA TYR D 608 -56.58 13.00 -29.21
C TYR D 608 -56.29 14.47 -28.92
N LYS D 609 -55.28 14.71 -28.07
CA LYS D 609 -54.88 16.04 -27.63
C LYS D 609 -53.47 16.35 -28.08
N ARG D 610 -53.17 16.06 -29.34
CA ARG D 610 -51.80 16.08 -29.87
C ARG D 610 -50.93 15.10 -29.10
N SER D 611 -51.56 14.03 -28.61
CA SER D 611 -50.90 12.97 -27.86
C SER D 611 -51.75 11.71 -28.03
N SER D 612 -51.48 10.71 -27.20
CA SER D 612 -52.24 9.46 -27.23
C SER D 612 -53.00 9.21 -25.94
N GLY D 613 -52.34 9.34 -24.80
CA GLY D 613 -52.93 9.04 -23.52
C GLY D 613 -51.93 8.27 -22.68
N HIS D 614 -52.46 7.46 -21.75
CA HIS D 614 -51.61 6.66 -20.87
C HIS D 614 -51.60 5.22 -21.37
N VAL D 615 -50.58 4.89 -22.18
CA VAL D 615 -50.24 3.50 -22.42
C VAL D 615 -49.47 3.07 -21.18
N THR D 616 -50.17 2.43 -20.24
CA THR D 616 -49.80 2.40 -18.83
C THR D 616 -48.32 2.16 -18.60
N PHE D 617 -47.80 0.99 -18.96
CA PHE D 617 -46.39 0.71 -18.77
C PHE D 617 -45.76 -0.16 -19.84
N THR D 618 -46.49 -0.52 -20.90
CA THR D 618 -45.99 -1.33 -22.03
C THR D 618 -45.15 -2.52 -21.57
N MET D 619 -45.48 -3.06 -20.40
CA MET D 619 -45.04 -4.36 -19.88
C MET D 619 -43.52 -4.57 -19.85
N ASP D 620 -42.72 -3.53 -20.09
CA ASP D 620 -41.28 -3.59 -19.84
C ASP D 620 -40.73 -2.20 -19.53
N PRO D 621 -41.21 -1.57 -18.46
CA PRO D 621 -40.75 -0.21 -18.14
C PRO D 621 -39.27 -0.12 -17.85
N ILE D 622 -38.68 -1.12 -17.19
CA ILE D 622 -37.25 -1.09 -16.94
C ILE D 622 -36.47 -1.30 -18.23
N ARG D 623 -36.94 -2.20 -19.09
CA ARG D 623 -36.29 -2.43 -20.37
C ARG D 623 -36.34 -1.20 -21.25
N ASP D 624 -37.39 -0.38 -21.15
CA ASP D 624 -37.43 0.85 -21.92
C ASP D 624 -36.31 1.80 -21.53
N LEU D 625 -36.06 1.98 -20.24
CA LEU D 625 -34.90 2.78 -19.83
C LEU D 625 -33.60 2.13 -20.22
N LEU D 626 -33.52 0.80 -20.13
CA LEU D 626 -32.28 0.11 -20.45
C LEU D 626 -31.90 0.36 -21.92
N ILE D 627 -32.86 0.25 -22.83
CA ILE D 627 -32.56 0.49 -24.24
C ILE D 627 -32.16 1.95 -24.47
N TRP D 628 -32.87 2.89 -23.84
CA TRP D 628 -32.58 4.30 -24.05
C TRP D 628 -31.20 4.66 -23.52
N ALA D 629 -30.79 4.08 -22.39
CA ALA D 629 -29.45 4.32 -21.88
C ALA D 629 -28.39 3.62 -22.71
N ILE D 630 -28.68 2.44 -23.25
CA ILE D 630 -27.70 1.72 -24.04
C ILE D 630 -27.41 2.44 -25.35
N VAL D 631 -28.45 2.89 -26.05
CA VAL D 631 -28.24 3.49 -27.35
C VAL D 631 -27.43 4.78 -27.25
N GLN D 632 -27.39 5.42 -26.09
CA GLN D 632 -26.63 6.65 -25.89
C GLN D 632 -25.22 6.39 -25.37
N ASN D 633 -24.84 5.13 -25.17
CA ASN D 633 -23.53 4.76 -24.68
C ASN D 633 -23.24 5.31 -23.29
N ARG D 634 -24.26 5.47 -22.45
CA ARG D 634 -24.05 5.87 -21.06
C ARG D 634 -23.72 4.63 -20.25
N ARG D 635 -22.42 4.32 -20.15
CA ARG D 635 -21.99 3.08 -19.50
C ARG D 635 -22.38 3.06 -18.02
N GLU D 636 -22.08 4.14 -17.29
CA GLU D 636 -22.39 4.17 -15.87
C GLU D 636 -23.89 4.15 -15.61
N LEU D 637 -24.66 4.83 -16.46
CA LEU D 637 -26.11 4.90 -16.24
C LEU D 637 -26.79 3.59 -16.58
N ALA D 638 -26.35 2.90 -17.63
CA ALA D 638 -27.00 1.65 -18.04
C ALA D 638 -26.80 0.54 -17.02
N GLY D 639 -25.64 0.48 -16.37
CA GLY D 639 -25.42 -0.56 -15.38
C GLY D 639 -26.35 -0.47 -14.20
N ILE D 640 -26.65 0.76 -13.75
CA ILE D 640 -27.59 0.94 -12.66
C ILE D 640 -28.98 0.47 -13.04
N ILE D 641 -29.41 0.81 -14.26
CA ILE D 641 -30.75 0.43 -14.69
C ILE D 641 -30.87 -1.08 -14.90
N TRP D 642 -29.82 -1.72 -15.41
CA TRP D 642 -29.88 -3.16 -15.64
C TRP D 642 -30.01 -3.94 -14.34
N ALA D 643 -29.59 -3.38 -13.22
CA ALA D 643 -29.70 -4.09 -11.95
C ALA D 643 -31.16 -4.33 -11.56
N GLN D 644 -32.04 -3.42 -11.94
CA GLN D 644 -33.46 -3.55 -11.64
C GLN D 644 -34.24 -4.24 -12.76
N SER D 645 -33.56 -4.90 -13.69
CA SER D 645 -34.25 -5.50 -14.82
C SER D 645 -34.94 -6.80 -14.41
N GLN D 646 -35.89 -7.22 -15.25
CA GLN D 646 -36.69 -8.42 -14.99
C GLN D 646 -36.22 -9.61 -15.83
N ASP D 647 -36.23 -9.48 -17.16
CA ASP D 647 -35.79 -10.55 -18.04
C ASP D 647 -34.29 -10.38 -18.26
N CYS D 648 -33.52 -10.94 -17.33
CA CYS D 648 -32.14 -10.48 -17.12
C CYS D 648 -31.21 -10.88 -18.25
N ILE D 649 -31.09 -12.19 -18.49
CA ILE D 649 -30.15 -12.66 -19.50
C ILE D 649 -30.57 -12.18 -20.88
N ALA D 650 -31.88 -12.19 -21.15
CA ALA D 650 -32.37 -11.70 -22.43
C ALA D 650 -32.01 -10.24 -22.64
N ALA D 651 -32.20 -9.42 -21.60
CA ALA D 651 -31.85 -8.00 -21.72
C ALA D 651 -30.35 -7.81 -21.93
N ALA D 652 -29.52 -8.55 -21.20
CA ALA D 652 -28.09 -8.40 -21.37
C ALA D 652 -27.66 -8.78 -22.78
N LEU D 653 -28.18 -9.89 -23.30
CA LEU D 653 -27.81 -10.31 -24.65
C LEU D 653 -28.30 -9.32 -25.69
N ALA D 654 -29.52 -8.81 -25.53
CA ALA D 654 -30.06 -7.85 -26.49
C ALA D 654 -29.23 -6.56 -26.48
N CYS D 655 -28.85 -6.09 -25.29
CA CYS D 655 -27.98 -4.92 -25.22
C CYS D 655 -26.63 -5.19 -25.88
N SER D 656 -26.06 -6.38 -25.68
CA SER D 656 -24.83 -6.72 -26.37
C SER D 656 -24.98 -6.66 -27.87
N LYS D 657 -26.08 -7.22 -28.40
CA LYS D 657 -26.29 -7.19 -29.84
C LYS D 657 -26.46 -5.77 -30.37
N ILE D 658 -27.25 -4.95 -29.66
CA ILE D 658 -27.43 -3.57 -30.11
C ILE D 658 -26.11 -2.82 -30.12
N LEU D 659 -25.31 -2.97 -29.06
CA LEU D 659 -24.03 -2.29 -29.01
C LEU D 659 -23.10 -2.76 -30.10
N LYS D 660 -23.04 -4.07 -30.34
CA LYS D 660 -22.17 -4.60 -31.37
C LYS D 660 -22.59 -4.13 -32.75
N GLU D 661 -23.90 -4.06 -33.01
CA GLU D 661 -24.39 -3.54 -34.27
C GLU D 661 -24.12 -2.05 -34.45
N LEU D 662 -24.25 -1.26 -33.39
CA LEU D 662 -23.99 0.17 -33.48
C LEU D 662 -22.51 0.49 -33.63
N SER D 663 -21.64 -0.34 -33.05
CA SER D 663 -20.20 -0.11 -33.16
C SER D 663 -19.73 -0.22 -34.60
N LYS D 664 -20.23 -1.20 -35.35
CA LYS D 664 -19.81 -1.40 -36.72
C LYS D 664 -20.26 -0.28 -37.65
N GLU D 665 -21.19 0.57 -37.21
CA GLU D 665 -21.68 1.67 -38.03
C GLU D 665 -21.17 3.02 -37.55
N GLU D 666 -20.81 3.14 -36.27
CA GLU D 666 -20.28 4.38 -35.72
C GLU D 666 -19.00 4.77 -36.44
N GLU D 667 -18.97 6.01 -36.95
CA GLU D 667 -17.79 6.47 -37.67
C GLU D 667 -16.66 6.85 -36.71
N ASP D 668 -16.99 7.42 -35.56
CA ASP D 668 -15.96 7.81 -34.60
C ASP D 668 -15.31 6.57 -33.99
N THR D 669 -14.00 6.49 -34.10
CA THR D 669 -13.30 5.29 -33.65
C THR D 669 -13.35 5.15 -32.13
N ASP D 670 -13.24 6.27 -31.41
CA ASP D 670 -13.33 6.21 -29.95
C ASP D 670 -14.69 5.71 -29.50
N SER D 671 -15.76 6.25 -30.08
CA SER D 671 -17.10 5.81 -29.73
C SER D 671 -17.31 4.36 -30.10
N SER D 672 -16.82 3.94 -31.27
CA SER D 672 -16.98 2.54 -31.67
C SER D 672 -16.25 1.60 -30.72
N GLU D 673 -15.02 1.96 -30.34
CA GLU D 673 -14.25 1.11 -29.44
C GLU D 673 -14.91 1.04 -28.07
N GLU D 674 -15.40 2.17 -27.56
CA GLU D 674 -16.08 2.14 -26.27
C GLU D 674 -17.36 1.32 -26.34
N MET D 675 -18.09 1.42 -27.44
CA MET D 675 -19.31 0.63 -27.59
C MET D 675 -19.00 -0.86 -27.62
N LEU D 676 -17.95 -1.25 -28.35
CA LEU D 676 -17.57 -2.67 -28.38
C LEU D 676 -17.11 -3.16 -27.01
N ALA D 677 -16.34 -2.34 -26.28
CA ALA D 677 -15.92 -2.73 -24.95
C ALA D 677 -17.12 -2.90 -24.01
N LEU D 678 -18.10 -1.99 -24.10
CA LEU D 678 -19.30 -2.13 -23.29
C LEU D 678 -20.10 -3.36 -23.68
N ALA D 679 -20.13 -3.69 -24.98
CA ALA D 679 -20.82 -4.90 -25.42
C ALA D 679 -20.18 -6.15 -24.81
N GLU D 680 -18.85 -6.21 -24.80
CA GLU D 680 -18.18 -7.34 -24.16
C GLU D 680 -18.39 -7.35 -22.65
N GLU D 681 -18.44 -6.17 -22.03
CA GLU D 681 -18.74 -6.10 -20.60
C GLU D 681 -20.12 -6.68 -20.32
N TYR D 682 -21.12 -6.35 -21.14
CA TYR D 682 -22.44 -6.88 -20.94
C TYR D 682 -22.50 -8.37 -21.26
N GLU D 683 -21.65 -8.83 -22.19
CA GLU D 683 -21.44 -10.26 -22.38
C GLU D 683 -21.03 -10.94 -21.08
N HIS D 684 -19.98 -10.44 -20.44
CA HIS D 684 -19.53 -11.06 -19.20
C HIS D 684 -20.60 -10.95 -18.12
N ARG D 685 -21.35 -9.85 -18.13
CA ARG D 685 -22.45 -9.69 -17.17
C ARG D 685 -23.51 -10.76 -17.36
N ALA D 686 -23.86 -11.07 -18.60
CA ALA D 686 -24.83 -12.14 -18.86
C ALA D 686 -24.25 -13.52 -18.52
N ILE D 687 -22.98 -13.74 -18.84
CA ILE D 687 -22.38 -15.05 -18.57
C ILE D 687 -22.34 -15.33 -17.08
N GLY D 688 -22.03 -14.32 -16.27
CA GLY D 688 -22.05 -14.51 -14.82
C GLY D 688 -23.41 -14.89 -14.28
N VAL D 689 -24.46 -14.21 -14.72
CA VAL D 689 -25.81 -14.54 -14.27
C VAL D 689 -26.19 -15.94 -14.71
N PHE D 690 -25.89 -16.30 -15.96
CA PHE D 690 -26.24 -17.64 -16.42
C PHE D 690 -25.44 -18.71 -15.70
N THR D 691 -24.19 -18.44 -15.34
CA THR D 691 -23.42 -19.41 -14.56
C THR D 691 -24.02 -19.60 -13.18
N GLU D 692 -24.37 -18.50 -12.52
CA GLU D 692 -25.01 -18.60 -11.21
C GLU D 692 -26.33 -19.35 -11.30
N CYS D 693 -27.05 -19.20 -12.42
CA CYS D 693 -28.31 -19.90 -12.59
C CYS D 693 -28.10 -21.38 -12.94
N TYR D 694 -27.03 -21.70 -13.67
CA TYR D 694 -26.77 -23.05 -14.09
C TYR D 694 -26.21 -23.90 -12.95
N ARG D 695 -25.48 -23.28 -12.03
CA ARG D 695 -24.95 -24.04 -10.90
C ARG D 695 -26.08 -24.63 -10.07
N LYS D 696 -27.13 -23.85 -9.82
CA LYS D 696 -28.26 -24.32 -9.04
C LYS D 696 -29.37 -24.75 -9.99
N ASP D 697 -29.68 -26.05 -10.01
CA ASP D 697 -30.77 -26.62 -10.79
C ASP D 697 -30.58 -26.33 -12.29
N GLU D 698 -29.54 -26.96 -12.82
CA GLU D 698 -29.25 -26.82 -14.24
C GLU D 698 -30.42 -27.24 -15.12
N GLU D 699 -31.27 -28.15 -14.65
CA GLU D 699 -32.43 -28.56 -15.44
C GLU D 699 -33.37 -27.40 -15.71
N ARG D 700 -33.68 -26.60 -14.69
CA ARG D 700 -34.42 -25.37 -14.91
C ARG D 700 -33.59 -24.30 -15.59
N ALA D 701 -32.26 -24.37 -15.46
CA ALA D 701 -31.42 -23.42 -16.18
C ALA D 701 -31.59 -23.55 -17.68
N GLN D 702 -31.63 -24.78 -18.22
CA GLN D 702 -31.86 -24.91 -19.66
C GLN D 702 -33.26 -24.45 -20.05
N LYS D 703 -34.26 -24.68 -19.19
CA LYS D 703 -35.60 -24.19 -19.48
C LYS D 703 -35.61 -22.67 -19.59
N LEU D 704 -34.96 -21.99 -18.65
CA LEU D 704 -34.79 -20.55 -18.74
C LEU D 704 -34.04 -20.14 -20.00
N LEU D 705 -33.05 -20.92 -20.40
CA LEU D 705 -32.29 -20.63 -21.61
C LEU D 705 -33.19 -20.64 -22.84
N THR D 706 -34.02 -21.67 -22.98
CA THR D 706 -34.80 -21.88 -24.19
C THR D 706 -36.15 -21.17 -24.17
N ARG D 707 -36.47 -20.44 -23.10
CA ARG D 707 -37.75 -19.77 -22.99
C ARG D 707 -37.81 -18.56 -23.90
N VAL D 708 -39.00 -18.32 -24.47
CA VAL D 708 -39.23 -17.12 -25.28
C VAL D 708 -39.32 -15.93 -24.35
N SER D 709 -39.25 -14.72 -24.90
CA SER D 709 -39.33 -13.50 -24.12
C SER D 709 -40.26 -12.52 -24.82
N GLU D 710 -41.47 -12.38 -24.28
CA GLU D 710 -42.41 -11.40 -24.81
C GLU D 710 -41.88 -9.98 -24.68
N ALA D 711 -41.04 -9.72 -23.67
CA ALA D 711 -40.56 -8.37 -23.43
C ALA D 711 -39.39 -8.00 -24.33
N TRP D 712 -38.88 -8.92 -25.14
CA TRP D 712 -37.74 -8.65 -26.00
C TRP D 712 -38.00 -9.18 -27.42
N GLY D 713 -39.19 -8.86 -27.93
CA GLY D 713 -39.49 -9.17 -29.31
C GLY D 713 -39.80 -10.61 -29.61
N LYS D 714 -40.30 -11.37 -28.64
CA LYS D 714 -40.74 -12.75 -28.86
C LYS D 714 -39.62 -13.62 -29.41
N THR D 715 -38.43 -13.50 -28.81
CA THR D 715 -37.28 -14.32 -29.17
C THR D 715 -36.79 -15.06 -27.93
N THR D 716 -35.78 -15.89 -28.13
CA THR D 716 -35.18 -16.69 -27.07
C THR D 716 -33.74 -16.24 -26.86
N CYS D 717 -33.23 -16.47 -25.64
CA CYS D 717 -31.88 -16.04 -25.32
C CYS D 717 -30.84 -16.73 -26.20
N LEU D 718 -31.00 -18.03 -26.42
CA LEU D 718 -30.06 -18.77 -27.26
C LEU D 718 -30.03 -18.19 -28.67
N GLN D 719 -31.19 -18.05 -29.30
CA GLN D 719 -31.23 -17.51 -30.66
C GLN D 719 -30.68 -16.10 -30.70
N LEU D 720 -31.00 -15.27 -29.71
CA LEU D 720 -30.47 -13.92 -29.68
C LEU D 720 -28.96 -13.88 -29.56
N ALA D 721 -28.35 -14.91 -28.96
CA ALA D 721 -26.89 -14.94 -28.89
C ALA D 721 -26.27 -15.17 -30.27
N LEU D 722 -26.93 -15.97 -31.12
CA LEU D 722 -26.33 -16.29 -32.41
C LEU D 722 -26.04 -15.05 -33.24
N GLU D 723 -26.97 -14.10 -33.29
CA GLU D 723 -26.75 -12.94 -34.13
C GLU D 723 -25.76 -11.94 -33.53
N ALA D 724 -25.75 -11.78 -32.22
CA ALA D 724 -24.71 -10.96 -31.59
C ALA D 724 -23.34 -11.59 -31.73
N LYS D 725 -23.30 -12.88 -32.09
CA LYS D 725 -22.12 -13.58 -32.58
C LYS D 725 -21.17 -13.95 -31.45
N ASP D 726 -21.30 -13.28 -30.30
CA ASP D 726 -21.14 -13.82 -28.96
C ASP D 726 -20.15 -14.99 -28.83
N MET D 727 -18.86 -14.72 -29.05
CA MET D 727 -17.86 -15.78 -28.90
C MET D 727 -17.98 -16.50 -27.56
N LYS D 728 -18.02 -15.73 -26.47
CA LYS D 728 -17.76 -16.29 -25.15
C LYS D 728 -18.99 -16.90 -24.49
N PHE D 729 -20.18 -16.34 -24.73
CA PHE D 729 -21.36 -16.85 -24.05
C PHE D 729 -21.71 -18.25 -24.51
N VAL D 730 -21.65 -18.50 -25.82
CA VAL D 730 -22.07 -19.78 -26.35
C VAL D 730 -21.08 -20.89 -26.02
N SER D 731 -19.87 -20.54 -25.59
CA SER D 731 -18.86 -21.55 -25.29
C SER D 731 -18.83 -21.96 -23.82
N HIS D 732 -19.77 -21.48 -23.01
CA HIS D 732 -19.69 -21.67 -21.56
C HIS D 732 -20.55 -22.84 -21.12
N GLY D 733 -19.91 -24.00 -20.94
CA GLY D 733 -20.47 -25.03 -20.08
C GLY D 733 -21.87 -25.49 -20.44
N GLY D 734 -22.84 -25.03 -19.64
CA GLY D 734 -24.23 -25.43 -19.84
C GLY D 734 -24.77 -25.15 -21.22
N ILE D 735 -24.21 -24.16 -21.94
CA ILE D 735 -24.65 -23.92 -23.30
C ILE D 735 -24.37 -25.15 -24.16
N GLN D 736 -23.11 -25.63 -24.12
CA GLN D 736 -22.76 -26.82 -24.89
C GLN D 736 -23.38 -28.07 -24.30
N ALA D 737 -23.64 -28.09 -23.00
CA ALA D 737 -24.38 -29.19 -22.41
C ALA D 737 -25.80 -29.28 -22.96
N PHE D 738 -26.50 -28.16 -23.10
CA PHE D 738 -27.82 -28.18 -23.71
C PHE D 738 -27.73 -28.52 -25.19
N LEU D 739 -26.68 -28.07 -25.87
CA LEU D 739 -26.50 -28.45 -27.26
C LEU D 739 -26.32 -29.95 -27.41
N THR D 740 -25.47 -30.55 -26.57
CA THR D 740 -25.21 -31.99 -26.58
C THR D 740 -26.34 -32.78 -25.93
N LYS D 741 -27.32 -32.10 -25.35
CA LYS D 741 -28.57 -32.73 -24.94
C LYS D 741 -29.64 -32.74 -26.01
N VAL D 742 -29.87 -31.61 -26.69
CA VAL D 742 -30.80 -31.61 -27.81
C VAL D 742 -30.29 -32.51 -28.93
N TRP D 743 -29.00 -32.39 -29.24
CA TRP D 743 -28.29 -33.44 -29.95
C TRP D 743 -28.12 -34.63 -29.01
N TRP D 744 -28.13 -35.83 -29.59
CA TRP D 744 -28.44 -37.06 -28.87
C TRP D 744 -29.82 -36.93 -28.24
N GLY D 745 -30.83 -36.84 -29.11
CA GLY D 745 -32.17 -36.41 -28.77
C GLY D 745 -32.75 -36.87 -27.44
N GLN D 746 -32.94 -38.19 -27.29
CA GLN D 746 -33.55 -38.73 -26.09
C GLN D 746 -32.76 -39.86 -25.46
N LEU D 747 -31.61 -40.22 -26.04
CA LEU D 747 -30.96 -41.47 -25.65
C LEU D 747 -30.14 -41.32 -24.37
N SER D 748 -29.05 -40.55 -24.46
CA SER D 748 -28.11 -40.39 -23.36
C SER D 748 -26.97 -39.48 -23.77
N VAL D 749 -26.09 -39.15 -22.82
CA VAL D 749 -24.81 -38.51 -23.12
C VAL D 749 -23.63 -39.39 -22.75
N ASP D 750 -23.87 -40.62 -22.29
CA ASP D 750 -22.81 -41.42 -21.70
C ASP D 750 -22.27 -42.51 -22.61
N ASN D 751 -23.12 -43.25 -23.32
CA ASN D 751 -22.66 -44.39 -24.09
C ASN D 751 -21.95 -43.95 -25.37
N GLY D 752 -21.16 -44.87 -25.93
CA GLY D 752 -20.12 -44.46 -26.85
C GLY D 752 -20.59 -44.32 -28.29
N LEU D 753 -19.87 -43.47 -29.02
CA LEU D 753 -20.09 -43.31 -30.45
C LEU D 753 -19.73 -44.58 -31.21
N TRP D 754 -18.69 -45.29 -30.77
CA TRP D 754 -18.34 -46.55 -31.41
C TRP D 754 -19.35 -47.65 -31.11
N ARG D 755 -20.15 -47.49 -30.06
CA ARG D 755 -21.14 -48.49 -29.68
C ARG D 755 -22.53 -48.20 -30.24
N VAL D 756 -22.86 -46.93 -30.47
CA VAL D 756 -24.15 -46.62 -31.07
C VAL D 756 -24.20 -47.06 -32.54
N THR D 757 -23.08 -47.00 -33.25
CA THR D 757 -23.08 -47.36 -34.66
C THR D 757 -23.36 -48.83 -34.89
N LEU D 758 -23.11 -49.69 -33.90
CA LEU D 758 -23.43 -51.11 -34.04
C LEU D 758 -24.93 -51.33 -34.13
N CYS D 759 -25.68 -50.76 -33.18
CA CYS D 759 -27.13 -50.85 -33.21
C CYS D 759 -27.73 -49.98 -34.30
N MET D 760 -26.97 -49.03 -34.83
CA MET D 760 -27.39 -48.36 -36.06
C MET D 760 -27.68 -49.35 -37.17
N LEU D 761 -26.70 -50.24 -37.45
CA LEU D 761 -26.86 -51.18 -38.55
C LEU D 761 -27.69 -52.39 -38.14
N ALA D 762 -27.46 -52.91 -36.94
CA ALA D 762 -28.18 -54.09 -36.48
C ALA D 762 -29.48 -53.65 -35.81
N PHE D 763 -30.58 -53.70 -36.55
CA PHE D 763 -31.88 -53.33 -35.98
C PHE D 763 -32.26 -54.19 -34.78
N PRO D 764 -32.15 -55.53 -34.81
CA PRO D 764 -32.48 -56.30 -33.60
C PRO D 764 -31.60 -55.97 -32.41
N LEU D 765 -30.34 -55.60 -32.62
CA LEU D 765 -29.46 -55.26 -31.51
C LEU D 765 -29.90 -54.00 -30.77
N LEU D 766 -30.70 -53.14 -31.42
CA LEU D 766 -31.22 -51.96 -30.75
C LEU D 766 -32.14 -52.35 -29.60
N LEU D 767 -32.98 -53.37 -29.80
CA LEU D 767 -33.89 -53.82 -28.76
C LEU D 767 -33.19 -54.55 -27.63
N THR D 768 -31.93 -54.91 -27.80
CA THR D 768 -31.20 -55.63 -26.76
C THR D 768 -30.83 -54.69 -25.62
N GLY D 769 -30.23 -55.26 -24.57
CA GLY D 769 -29.81 -54.47 -23.43
C GLY D 769 -28.42 -53.91 -23.59
N LEU D 770 -28.19 -53.18 -24.67
CA LEU D 770 -26.88 -52.61 -24.98
C LEU D 770 -26.88 -51.09 -24.93
N ILE D 771 -27.88 -50.44 -25.52
CA ILE D 771 -27.94 -48.99 -25.55
C ILE D 771 -28.53 -48.48 -24.24
N SER D 772 -28.17 -47.25 -23.88
CA SER D 772 -28.65 -46.61 -22.66
C SER D 772 -29.62 -45.51 -23.07
N PHE D 773 -30.91 -45.81 -22.98
CA PHE D 773 -31.95 -44.85 -23.29
C PHE D 773 -32.37 -44.11 -22.03
N ARG D 774 -33.17 -43.05 -22.21
CA ARG D 774 -33.96 -42.50 -21.12
C ARG D 774 -35.32 -43.17 -21.01
N GLU D 775 -35.90 -43.59 -22.15
CA GLU D 775 -37.09 -44.42 -22.12
C GLU D 775 -36.82 -45.74 -21.40
N LYS D 776 -35.67 -46.36 -21.68
CA LYS D 776 -35.30 -47.57 -20.94
C LYS D 776 -35.08 -47.29 -19.46
N ARG D 777 -34.51 -46.14 -19.12
CA ARG D 777 -34.34 -45.77 -17.71
C ARG D 777 -35.68 -45.65 -17.01
N LEU D 778 -36.66 -45.03 -17.67
CA LEU D 778 -38.00 -44.85 -17.11
C LEU D 778 -38.90 -46.05 -17.39
N GLN D 779 -38.36 -47.11 -17.99
CA GLN D 779 -39.06 -48.35 -18.36
C GLN D 779 -40.36 -48.02 -19.09
N ASP D 780 -40.31 -46.99 -19.94
CA ASP D 780 -41.44 -46.57 -20.77
C ASP D 780 -41.51 -47.34 -22.08
N VAL D 781 -40.87 -48.51 -22.17
CA VAL D 781 -40.87 -49.28 -23.41
C VAL D 781 -42.12 -50.13 -23.44
N GLY D 782 -43.22 -49.55 -23.93
CA GLY D 782 -44.45 -50.30 -24.12
C GLY D 782 -44.66 -50.63 -25.58
N THR D 783 -43.83 -50.06 -26.44
CA THR D 783 -43.90 -50.28 -27.87
C THR D 783 -42.49 -50.22 -28.45
N PRO D 784 -41.97 -51.33 -28.99
CA PRO D 784 -40.67 -51.25 -29.68
C PRO D 784 -40.69 -50.31 -30.87
N ALA D 785 -41.84 -50.16 -31.54
CA ALA D 785 -41.93 -49.20 -32.64
C ALA D 785 -41.67 -47.79 -32.15
N ALA D 786 -42.25 -47.40 -31.01
CA ALA D 786 -41.97 -46.08 -30.45
C ALA D 786 -40.57 -45.98 -29.89
N ARG D 787 -40.04 -47.05 -29.30
CA ARG D 787 -38.67 -47.04 -28.81
C ARG D 787 -37.68 -46.79 -29.93
N ALA D 788 -37.91 -47.39 -31.10
CA ALA D 788 -37.10 -47.11 -32.28
C ALA D 788 -37.43 -45.77 -32.92
N ARG D 789 -38.67 -45.31 -32.81
CA ARG D 789 -39.04 -44.01 -33.37
C ARG D 789 -38.29 -42.88 -32.67
N ALA D 790 -38.24 -42.91 -31.33
CA ALA D 790 -37.45 -41.92 -30.62
C ALA D 790 -35.98 -42.01 -30.99
N PHE D 791 -35.45 -43.23 -31.10
CA PHE D 791 -34.06 -43.43 -31.49
C PHE D 791 -33.77 -42.80 -32.84
N PHE D 792 -34.65 -43.01 -33.81
CA PHE D 792 -34.42 -42.47 -35.15
C PHE D 792 -34.64 -40.96 -35.21
N THR D 793 -35.62 -40.44 -34.49
CA THR D 793 -35.84 -39.00 -34.44
C THR D 793 -34.71 -38.28 -33.71
N ALA D 794 -33.92 -38.98 -32.91
CA ALA D 794 -32.71 -38.37 -32.38
C ALA D 794 -31.82 -37.90 -33.53
N PRO D 795 -31.32 -36.67 -33.46
CA PRO D 795 -30.58 -36.10 -34.61
C PRO D 795 -29.31 -36.85 -34.97
N VAL D 796 -28.70 -37.56 -34.01
CA VAL D 796 -27.40 -38.18 -34.24
C VAL D 796 -27.50 -39.28 -35.28
N VAL D 797 -28.49 -40.16 -35.15
CA VAL D 797 -28.65 -41.23 -36.12
C VAL D 797 -29.07 -40.70 -37.49
N VAL D 798 -29.82 -39.60 -37.54
CA VAL D 798 -30.07 -38.96 -38.83
C VAL D 798 -28.78 -38.47 -39.45
N PHE D 799 -27.90 -37.85 -38.65
CA PHE D 799 -26.61 -37.42 -39.17
C PHE D 799 -25.78 -38.60 -39.67
N HIS D 800 -25.70 -39.67 -38.89
CA HIS D 800 -24.93 -40.84 -39.32
C HIS D 800 -25.53 -41.47 -40.56
N LEU D 801 -26.86 -41.55 -40.62
CA LEU D 801 -27.52 -42.16 -41.77
C LEU D 801 -27.29 -41.34 -43.04
N ASN D 802 -27.37 -40.02 -42.94
CA ASN D 802 -27.01 -39.17 -44.07
C ASN D 802 -25.56 -39.34 -44.45
N ILE D 803 -24.67 -39.42 -43.46
CA ILE D 803 -23.24 -39.57 -43.72
C ILE D 803 -22.97 -40.87 -44.44
N LEU D 804 -23.59 -41.96 -43.98
CA LEU D 804 -23.42 -43.26 -44.62
C LEU D 804 -24.01 -43.30 -46.02
N SER D 805 -25.16 -42.65 -46.23
CA SER D 805 -25.69 -42.55 -47.59
C SER D 805 -24.73 -41.80 -48.51
N TYR D 806 -24.18 -40.68 -48.04
CA TYR D 806 -23.21 -39.93 -48.81
C TYR D 806 -21.92 -40.72 -49.02
N PHE D 807 -21.56 -41.60 -48.10
CA PHE D 807 -20.36 -42.41 -48.22
C PHE D 807 -20.56 -43.55 -49.20
N ALA D 808 -21.77 -44.13 -49.24
CA ALA D 808 -22.07 -45.24 -50.12
C ALA D 808 -22.42 -44.80 -51.54
N PHE D 809 -23.00 -43.61 -51.72
CA PHE D 809 -23.27 -43.15 -53.07
C PHE D 809 -22.00 -42.73 -53.78
N LEU D 810 -20.96 -42.34 -53.03
CA LEU D 810 -19.64 -42.18 -53.65
C LEU D 810 -19.10 -43.50 -54.17
N CYS D 811 -19.25 -44.59 -53.43
CA CYS D 811 -18.86 -45.90 -53.94
C CYS D 811 -19.71 -46.30 -55.13
N LEU D 812 -21.00 -45.95 -55.10
CA LEU D 812 -21.87 -46.22 -56.24
C LEU D 812 -21.39 -45.47 -57.48
N PHE D 813 -20.98 -44.20 -57.31
CA PHE D 813 -20.43 -43.44 -58.42
C PHE D 813 -19.11 -44.03 -58.90
N ALA D 814 -18.29 -44.53 -57.99
CA ALA D 814 -17.07 -45.24 -58.39
C ALA D 814 -17.37 -46.52 -59.15
N TYR D 815 -18.51 -47.15 -58.86
CA TYR D 815 -18.89 -48.39 -59.56
C TYR D 815 -19.12 -48.14 -61.04
N VAL D 816 -19.69 -46.99 -61.40
CA VAL D 816 -20.12 -46.74 -62.77
C VAL D 816 -19.03 -46.08 -63.60
N LEU D 817 -17.79 -46.08 -63.09
CA LEU D 817 -16.67 -45.56 -63.86
C LEU D 817 -15.60 -46.61 -64.15
N MET D 818 -15.58 -47.72 -63.41
CA MET D 818 -14.61 -48.77 -63.68
C MET D 818 -15.18 -49.83 -64.63
N VAL D 819 -16.35 -50.35 -64.31
CA VAL D 819 -16.96 -51.45 -65.06
C VAL D 819 -18.09 -50.97 -65.95
N ASP D 820 -18.88 -49.99 -65.48
CA ASP D 820 -20.07 -49.54 -66.17
C ASP D 820 -19.82 -48.33 -67.08
N PHE D 821 -18.62 -48.22 -67.64
CA PHE D 821 -18.30 -47.13 -68.57
C PHE D 821 -19.01 -47.39 -69.90
N GLN D 822 -20.28 -46.97 -69.94
CA GLN D 822 -21.13 -47.17 -71.11
C GLN D 822 -21.69 -45.84 -71.57
N PRO D 823 -21.97 -45.69 -72.87
CA PRO D 823 -22.52 -44.43 -73.37
C PRO D 823 -24.03 -44.36 -73.28
N VAL D 824 -24.63 -45.27 -72.52
CA VAL D 824 -26.09 -45.35 -72.40
C VAL D 824 -26.46 -45.31 -70.93
N PRO D 825 -27.62 -44.76 -70.57
CA PRO D 825 -28.09 -44.88 -69.17
C PRO D 825 -28.41 -46.33 -68.83
N SER D 826 -27.60 -46.94 -67.98
CA SER D 826 -27.70 -48.36 -67.69
C SER D 826 -28.65 -48.59 -66.52
N TRP D 827 -28.67 -49.84 -66.02
CA TRP D 827 -29.52 -50.17 -64.88
C TRP D 827 -29.12 -49.39 -63.64
N CYS D 828 -27.81 -49.20 -63.42
CA CYS D 828 -27.29 -48.51 -62.26
C CYS D 828 -26.92 -47.06 -62.55
N GLU D 829 -27.68 -46.37 -63.40
CA GLU D 829 -27.38 -45.00 -63.78
C GLU D 829 -28.48 -44.01 -63.40
N CYS D 830 -29.76 -44.37 -63.58
CA CYS D 830 -30.85 -43.47 -63.21
C CYS D 830 -30.88 -43.18 -61.72
N ALA D 831 -30.28 -44.05 -60.91
CA ALA D 831 -30.19 -43.78 -59.47
C ALA D 831 -29.38 -42.51 -59.20
N ILE D 832 -28.35 -42.24 -59.99
CA ILE D 832 -27.57 -41.02 -59.82
C ILE D 832 -28.42 -39.79 -60.13
N TYR D 833 -29.21 -39.83 -61.21
CA TYR D 833 -30.08 -38.71 -61.52
C TYR D 833 -31.12 -38.48 -60.43
N LEU D 834 -31.73 -39.56 -59.93
CA LEU D 834 -32.68 -39.45 -58.84
C LEU D 834 -32.03 -38.92 -57.56
N TRP D 835 -30.80 -39.34 -57.27
CA TRP D 835 -30.06 -38.86 -56.10
C TRP D 835 -29.71 -37.38 -56.22
N LEU D 836 -29.31 -36.93 -57.41
CA LEU D 836 -29.10 -35.50 -57.62
C LEU D 836 -30.38 -34.71 -57.46
N PHE D 837 -31.50 -35.23 -57.97
CA PHE D 837 -32.79 -34.58 -57.74
C PHE D 837 -33.15 -34.52 -56.26
N SER D 838 -32.88 -35.59 -55.51
CA SER D 838 -33.20 -35.61 -54.09
C SER D 838 -32.35 -34.63 -53.29
N LEU D 839 -31.04 -34.62 -53.51
CA LEU D 839 -30.16 -33.73 -52.75
C LEU D 839 -30.41 -32.25 -53.01
N VAL D 840 -30.65 -31.86 -54.26
CA VAL D 840 -30.88 -30.47 -54.57
C VAL D 840 -32.17 -29.94 -53.94
N CYS D 841 -33.13 -30.82 -53.68
CA CYS D 841 -34.37 -30.41 -53.03
C CYS D 841 -34.18 -29.99 -51.58
N GLU D 842 -33.09 -30.42 -50.93
CA GLU D 842 -32.78 -29.90 -49.61
C GLU D 842 -32.52 -28.40 -49.65
N GLU D 843 -31.97 -27.89 -50.75
CA GLU D 843 -31.74 -26.45 -50.87
C GLU D 843 -33.06 -25.68 -50.91
N MET D 844 -34.05 -26.15 -51.68
CA MET D 844 -35.33 -25.45 -51.68
C MET D 844 -36.08 -25.65 -50.36
N ARG D 845 -35.88 -26.81 -49.71
CA ARG D 845 -36.42 -26.99 -48.37
C ARG D 845 -35.86 -25.95 -47.40
N GLN D 846 -34.55 -25.73 -47.42
CA GLN D 846 -33.93 -24.69 -46.63
C GLN D 846 -34.40 -23.29 -47.01
N LEU D 847 -34.61 -23.05 -48.30
CA LEU D 847 -35.12 -21.75 -48.74
C LEU D 847 -36.51 -21.49 -48.18
N PHE D 848 -37.36 -22.50 -48.17
CA PHE D 848 -38.73 -22.38 -47.66
C PHE D 848 -38.81 -22.53 -46.14
N TYR D 849 -37.70 -22.93 -45.50
CA TYR D 849 -37.70 -23.16 -44.05
C TYR D 849 -38.09 -21.91 -43.26
N ASP D 850 -37.27 -20.86 -43.32
CA ASP D 850 -37.49 -19.64 -42.54
C ASP D 850 -37.02 -18.43 -43.32
N PRO D 851 -37.72 -18.07 -44.39
CA PRO D 851 -37.35 -16.85 -45.13
C PRO D 851 -38.15 -15.64 -44.69
N ASP D 852 -37.81 -14.47 -45.21
CA ASP D 852 -38.67 -13.31 -45.09
C ASP D 852 -39.76 -13.37 -46.16
N GLU D 853 -40.98 -13.00 -45.77
CA GLU D 853 -42.15 -13.17 -46.62
C GLU D 853 -42.23 -12.15 -47.74
N CYS D 854 -41.17 -11.36 -47.94
CA CYS D 854 -41.15 -10.39 -49.04
C CYS D 854 -39.86 -10.50 -49.84
N GLY D 855 -38.79 -10.97 -49.19
CA GLY D 855 -37.50 -11.04 -49.84
C GLY D 855 -37.12 -12.42 -50.32
N LEU D 856 -37.22 -12.65 -51.63
CA LEU D 856 -36.80 -13.92 -52.21
C LEU D 856 -35.32 -13.90 -52.59
N MET D 857 -34.86 -12.79 -53.17
CA MET D 857 -33.46 -12.64 -53.55
C MET D 857 -32.57 -12.26 -52.37
N LYS D 858 -33.11 -11.55 -51.38
CA LYS D 858 -32.32 -11.11 -50.24
C LYS D 858 -32.00 -12.24 -49.26
N LYS D 859 -32.66 -13.40 -49.39
CA LYS D 859 -32.31 -14.56 -48.59
C LYS D 859 -31.21 -15.40 -49.23
N ALA D 860 -31.17 -15.45 -50.57
CA ALA D 860 -30.12 -16.17 -51.28
C ALA D 860 -28.77 -15.50 -51.14
N ALA D 861 -28.71 -14.28 -50.63
CA ALA D 861 -27.42 -13.63 -50.37
C ALA D 861 -26.62 -14.40 -49.33
N LEU D 862 -27.29 -14.96 -48.31
CA LEU D 862 -26.59 -15.77 -47.33
C LEU D 862 -25.99 -17.02 -47.96
N TYR D 863 -26.75 -17.70 -48.82
CA TYR D 863 -26.23 -18.86 -49.52
C TYR D 863 -25.05 -18.50 -50.42
N PHE D 864 -25.15 -17.37 -51.14
CA PHE D 864 -24.05 -16.92 -51.97
C PHE D 864 -22.80 -16.59 -51.17
N SER D 865 -22.96 -15.93 -50.01
CA SER D 865 -21.84 -15.64 -49.13
C SER D 865 -21.26 -16.89 -48.51
N ASP D 866 -22.05 -17.95 -48.37
CA ASP D 866 -21.56 -19.25 -47.90
C ASP D 866 -20.71 -19.86 -49.01
N PHE D 867 -19.39 -19.84 -48.83
CA PHE D 867 -18.52 -20.42 -49.84
C PHE D 867 -18.64 -21.93 -49.92
N TRP D 868 -19.09 -22.59 -48.84
CA TRP D 868 -19.36 -24.02 -48.93
C TRP D 868 -20.59 -24.30 -49.76
N ASN D 869 -21.65 -23.48 -49.62
CA ASN D 869 -22.79 -23.59 -50.52
C ASN D 869 -22.39 -23.29 -51.96
N LYS D 870 -21.49 -22.32 -52.13
CA LYS D 870 -20.95 -22.03 -53.46
C LYS D 870 -20.19 -23.22 -54.04
N LEU D 871 -19.39 -23.91 -53.24
CA LEU D 871 -18.75 -25.14 -53.67
C LEU D 871 -19.73 -26.25 -53.99
N ASP D 872 -20.80 -26.38 -53.22
CA ASP D 872 -21.85 -27.36 -53.51
C ASP D 872 -22.50 -27.09 -54.87
N VAL D 873 -22.90 -25.84 -55.11
CA VAL D 873 -23.52 -25.52 -56.38
C VAL D 873 -22.52 -25.60 -57.53
N GLY D 874 -21.24 -25.32 -57.27
CA GLY D 874 -20.22 -25.55 -58.28
C GLY D 874 -20.02 -27.00 -58.63
N ALA D 875 -20.06 -27.88 -57.64
CA ALA D 875 -20.03 -29.32 -57.86
C ALA D 875 -21.26 -29.79 -58.63
N ILE D 876 -22.41 -29.19 -58.39
CA ILE D 876 -23.59 -29.42 -59.22
C ILE D 876 -23.36 -28.99 -60.67
N LEU D 877 -22.78 -27.79 -60.86
CA LEU D 877 -22.48 -27.32 -62.20
C LEU D 877 -21.42 -28.18 -62.89
N LEU D 878 -20.42 -28.64 -62.15
CA LEU D 878 -19.43 -29.54 -62.75
C LEU D 878 -20.06 -30.87 -63.15
N PHE D 879 -21.00 -31.39 -62.36
CA PHE D 879 -21.74 -32.57 -62.77
C PHE D 879 -22.59 -32.31 -64.01
N VAL D 880 -23.19 -31.12 -64.11
CA VAL D 880 -23.93 -30.76 -65.33
C VAL D 880 -22.99 -30.75 -66.53
N ALA D 881 -21.80 -30.18 -66.38
CA ALA D 881 -20.82 -30.14 -67.47
C ALA D 881 -20.27 -31.52 -67.82
N GLY D 882 -20.21 -32.44 -66.86
CA GLY D 882 -19.72 -33.78 -67.14
C GLY D 882 -20.78 -34.71 -67.72
N LEU D 883 -22.04 -34.46 -67.37
CA LEU D 883 -23.13 -35.29 -67.91
C LEU D 883 -23.33 -35.03 -69.40
N THR D 884 -23.12 -33.79 -69.84
CA THR D 884 -23.21 -33.48 -71.26
C THR D 884 -22.17 -34.22 -72.07
N CYS D 885 -20.99 -34.48 -71.51
CA CYS D 885 -19.98 -35.30 -72.16
C CYS D 885 -20.24 -36.78 -72.01
N ARG D 886 -20.82 -37.22 -70.88
CA ARG D 886 -21.17 -38.62 -70.70
C ARG D 886 -22.27 -39.07 -71.64
N LEU D 887 -23.27 -38.22 -71.89
CA LEU D 887 -24.35 -38.61 -72.79
C LEU D 887 -23.91 -38.60 -74.25
N ILE D 888 -23.01 -37.70 -74.63
CA ILE D 888 -22.50 -37.65 -76.00
C ILE D 888 -21.49 -38.78 -76.18
N PRO D 889 -21.68 -39.66 -77.17
CA PRO D 889 -20.78 -40.81 -77.31
C PRO D 889 -19.41 -40.45 -77.88
N ALA D 890 -19.25 -39.26 -78.46
CA ALA D 890 -18.01 -38.88 -79.14
C ALA D 890 -17.01 -38.21 -78.22
N THR D 891 -17.32 -38.07 -76.93
CA THR D 891 -16.43 -37.40 -75.97
C THR D 891 -16.33 -38.19 -74.68
N LEU D 892 -16.28 -39.53 -74.80
CA LEU D 892 -16.16 -40.37 -73.61
C LEU D 892 -14.82 -40.18 -72.92
N TYR D 893 -13.72 -40.06 -73.67
CA TYR D 893 -12.40 -39.86 -73.09
C TYR D 893 -12.33 -38.56 -72.28
N PRO D 894 -12.79 -37.42 -72.82
CA PRO D 894 -12.87 -36.22 -71.96
C PRO D 894 -13.81 -36.39 -70.78
N GLY D 895 -14.88 -37.19 -70.93
CA GLY D 895 -15.73 -37.49 -69.79
C GLY D 895 -15.10 -38.41 -68.77
N ARG D 896 -14.08 -39.17 -69.16
CA ARG D 896 -13.34 -40.00 -68.23
C ARG D 896 -12.31 -39.21 -67.42
N VAL D 897 -12.01 -37.98 -67.84
CA VAL D 897 -11.03 -37.15 -67.14
C VAL D 897 -11.65 -35.91 -66.51
N ILE D 898 -12.84 -35.49 -66.94
CA ILE D 898 -13.48 -34.31 -66.35
C ILE D 898 -14.39 -34.66 -65.18
N LEU D 899 -14.78 -35.93 -65.04
CA LEU D 899 -15.62 -36.36 -63.93
C LEU D 899 -14.82 -36.97 -62.78
N SER D 900 -13.52 -37.23 -62.99
CA SER D 900 -12.69 -37.73 -61.90
C SER D 900 -12.42 -36.67 -60.84
N LEU D 901 -12.29 -35.40 -61.25
CA LEU D 901 -12.12 -34.32 -60.29
C LEU D 901 -13.33 -34.14 -59.39
N ASP D 902 -14.52 -34.50 -59.87
CA ASP D 902 -15.71 -34.43 -59.03
C ASP D 902 -15.61 -35.36 -57.83
N PHE D 903 -14.87 -36.46 -57.95
CA PHE D 903 -14.73 -37.39 -56.84
C PHE D 903 -14.02 -36.76 -55.65
N ILE D 904 -13.12 -35.81 -55.90
CA ILE D 904 -12.39 -35.14 -54.82
C ILE D 904 -13.12 -33.85 -54.47
N LEU D 905 -13.82 -33.27 -55.45
CA LEU D 905 -14.61 -32.07 -55.17
C LEU D 905 -15.75 -32.38 -54.21
N PHE D 906 -16.34 -33.57 -54.33
CA PHE D 906 -17.34 -34.02 -53.37
C PHE D 906 -16.71 -34.50 -52.07
N CYS D 907 -15.45 -34.98 -52.12
CA CYS D 907 -14.73 -35.29 -50.89
C CYS D 907 -14.48 -34.05 -50.05
N LEU D 908 -14.23 -32.91 -50.70
CA LEU D 908 -14.13 -31.65 -49.97
C LEU D 908 -15.45 -31.33 -49.26
N ARG D 909 -16.59 -31.55 -49.92
CA ARG D 909 -17.87 -31.37 -49.27
C ARG D 909 -18.07 -32.35 -48.12
N LEU D 910 -17.62 -33.60 -48.27
CA LEU D 910 -17.71 -34.56 -47.18
C LEU D 910 -16.90 -34.10 -45.98
N MET D 911 -15.69 -33.60 -46.22
CA MET D 911 -14.89 -33.02 -45.15
C MET D 911 -15.58 -31.81 -44.52
N HIS D 912 -16.30 -31.01 -45.33
CA HIS D 912 -17.04 -29.88 -44.79
C HIS D 912 -18.09 -30.34 -43.79
N ILE D 913 -18.81 -31.42 -44.09
CA ILE D 913 -19.74 -31.98 -43.13
C ILE D 913 -19.03 -32.61 -41.94
N PHE D 914 -17.83 -33.17 -42.16
CA PHE D 914 -17.07 -33.78 -41.07
C PHE D 914 -16.31 -32.75 -40.25
N THR D 915 -16.98 -31.69 -39.80
CA THR D 915 -16.51 -30.85 -38.70
C THR D 915 -17.34 -31.12 -37.45
N ILE D 916 -17.22 -32.33 -36.91
CA ILE D 916 -18.14 -32.80 -35.88
C ILE D 916 -17.43 -33.21 -34.59
N SER D 917 -16.34 -33.99 -34.70
CA SER D 917 -15.77 -34.60 -33.52
C SER D 917 -15.05 -33.59 -32.64
N LYS D 918 -14.99 -33.87 -31.34
CA LYS D 918 -14.37 -32.96 -30.39
C LYS D 918 -12.86 -32.86 -30.59
N THR D 919 -12.20 -33.93 -31.03
CA THR D 919 -10.78 -33.91 -31.35
C THR D 919 -10.51 -33.63 -32.82
N LEU D 920 -11.53 -33.29 -33.59
CA LEU D 920 -11.42 -33.08 -35.03
C LEU D 920 -11.78 -31.66 -35.44
N GLY D 921 -12.97 -31.20 -35.07
CA GLY D 921 -13.47 -29.90 -35.48
C GLY D 921 -12.64 -28.71 -35.07
N PRO D 922 -12.30 -28.58 -33.78
CA PRO D 922 -11.50 -27.42 -33.36
C PRO D 922 -10.11 -27.39 -33.96
N LYS D 923 -9.60 -28.51 -34.44
CA LYS D 923 -8.33 -28.52 -35.16
C LYS D 923 -8.50 -28.58 -36.67
N ILE D 924 -9.74 -28.76 -37.16
CA ILE D 924 -10.05 -28.47 -38.55
C ILE D 924 -10.33 -26.98 -38.75
N ILE D 925 -10.65 -26.25 -37.67
CA ILE D 925 -10.62 -24.80 -37.75
C ILE D 925 -9.23 -24.30 -38.11
N ILE D 926 -8.19 -25.06 -37.77
CA ILE D 926 -6.84 -24.70 -38.19
C ILE D 926 -6.70 -24.76 -39.71
N VAL D 927 -7.20 -25.82 -40.35
CA VAL D 927 -7.13 -25.84 -41.82
C VAL D 927 -8.11 -24.84 -42.43
N LYS D 928 -9.18 -24.49 -41.71
CA LYS D 928 -10.00 -23.37 -42.15
C LYS D 928 -9.23 -22.05 -42.17
N ARG D 929 -8.44 -21.80 -41.13
CA ARG D 929 -7.47 -20.70 -41.12
C ARG D 929 -6.45 -20.81 -42.24
N MET D 930 -6.03 -22.03 -42.57
CA MET D 930 -4.99 -22.24 -43.56
C MET D 930 -5.51 -22.54 -44.96
N MET D 931 -6.81 -22.35 -45.23
CA MET D 931 -7.34 -22.66 -46.55
C MET D 931 -6.67 -21.84 -47.65
N LYS D 932 -6.49 -20.54 -47.43
CA LYS D 932 -5.77 -19.72 -48.41
C LYS D 932 -4.27 -19.99 -48.38
N ASP D 933 -3.71 -20.27 -47.21
CA ASP D 933 -2.30 -20.62 -47.12
C ASP D 933 -2.00 -21.96 -47.79
N VAL D 934 -3.00 -22.80 -48.02
CA VAL D 934 -2.81 -24.00 -48.84
C VAL D 934 -2.42 -23.61 -50.26
N PHE D 935 -3.20 -22.70 -50.86
CA PHE D 935 -2.84 -22.17 -52.17
C PHE D 935 -1.52 -21.42 -52.15
N PHE D 936 -1.27 -20.65 -51.08
CA PHE D 936 -0.02 -19.93 -50.92
C PHE D 936 1.19 -20.86 -50.96
N PHE D 937 1.18 -21.90 -50.10
CA PHE D 937 2.30 -22.81 -50.04
C PHE D 937 2.36 -23.71 -51.27
N LEU D 938 1.22 -23.97 -51.92
CA LEU D 938 1.25 -24.68 -53.19
C LEU D 938 2.00 -23.87 -54.24
N PHE D 939 1.65 -22.59 -54.37
CA PHE D 939 2.33 -21.72 -55.32
C PHE D 939 3.81 -21.56 -54.98
N LEU D 940 4.17 -21.58 -53.69
CA LEU D 940 5.56 -21.52 -53.31
C LEU D 940 6.31 -22.80 -53.70
N LEU D 941 5.84 -23.93 -53.17
CA LEU D 941 6.57 -25.19 -53.28
C LEU D 941 6.56 -25.73 -54.71
N ALA D 942 5.45 -25.59 -55.44
CA ALA D 942 5.42 -26.09 -56.81
C ALA D 942 6.36 -25.30 -57.71
N VAL D 943 6.40 -23.97 -57.57
CA VAL D 943 7.36 -23.18 -58.34
C VAL D 943 8.78 -23.53 -57.95
N TRP D 944 9.05 -23.73 -56.66
CA TRP D 944 10.38 -24.16 -56.25
C TRP D 944 10.72 -25.54 -56.78
N VAL D 945 9.71 -26.40 -56.98
CA VAL D 945 9.93 -27.73 -57.56
C VAL D 945 10.26 -27.60 -59.04
N VAL D 946 9.57 -26.71 -59.74
CA VAL D 946 9.91 -26.45 -61.15
C VAL D 946 11.32 -25.89 -61.26
N SER D 947 11.73 -25.07 -60.28
CA SER D 947 13.08 -24.53 -60.29
C SER D 947 14.15 -25.61 -60.29
N PHE D 948 13.86 -26.77 -59.71
CA PHE D 948 14.77 -27.90 -59.75
C PHE D 948 14.53 -28.80 -60.96
N GLY D 949 13.26 -28.92 -61.39
CA GLY D 949 12.96 -29.76 -62.53
C GLY D 949 13.55 -29.26 -63.82
N VAL D 950 13.56 -27.93 -64.01
CA VAL D 950 14.19 -27.36 -65.20
C VAL D 950 15.70 -27.59 -65.16
N ALA D 951 16.32 -27.43 -64.00
CA ALA D 951 17.77 -27.56 -63.89
C ALA D 951 18.24 -28.99 -63.96
N LYS D 952 17.41 -29.96 -63.57
CA LYS D 952 17.83 -31.35 -63.53
C LYS D 952 18.15 -31.89 -64.92
N GLN D 953 17.30 -31.60 -65.90
CA GLN D 953 17.44 -32.17 -67.24
C GLN D 953 18.34 -31.33 -68.15
N ALA D 954 18.95 -30.26 -67.66
CA ALA D 954 19.72 -29.38 -68.51
C ALA D 954 21.08 -29.99 -68.88
N ILE D 955 21.91 -30.26 -67.88
CA ILE D 955 23.27 -30.71 -68.15
C ILE D 955 23.27 -32.11 -68.75
N LEU D 956 22.51 -33.04 -68.16
CA LEU D 956 22.46 -34.38 -68.69
C LEU D 956 21.73 -34.40 -70.04
N ILE D 957 22.19 -35.27 -70.93
CA ILE D 957 21.68 -35.34 -72.30
C ILE D 957 20.59 -36.41 -72.29
N HIS D 958 19.35 -35.97 -72.08
CA HIS D 958 18.20 -36.85 -72.16
C HIS D 958 17.63 -36.86 -73.57
N ASN D 959 17.20 -38.04 -74.02
CA ASN D 959 16.72 -38.22 -75.38
C ASN D 959 15.37 -38.91 -75.47
N GLU D 960 14.70 -39.18 -74.36
CA GLU D 960 13.39 -39.82 -74.37
C GLU D 960 12.32 -38.77 -74.67
N ARG D 961 11.69 -38.87 -75.82
CA ARG D 961 10.67 -37.91 -76.21
C ARG D 961 9.60 -38.59 -77.07
N ARG D 962 8.34 -38.28 -76.75
CA ARG D 962 7.18 -38.64 -77.56
C ARG D 962 6.20 -37.48 -77.45
N VAL D 963 5.14 -37.52 -78.27
CA VAL D 963 4.10 -36.49 -78.20
C VAL D 963 3.42 -36.60 -76.84
N ASP D 964 3.52 -35.53 -76.03
CA ASP D 964 2.96 -35.48 -74.68
C ASP D 964 3.60 -36.51 -73.75
N TRP D 965 4.78 -37.01 -74.12
CA TRP D 965 5.60 -37.79 -73.21
C TRP D 965 7.01 -37.23 -73.08
N LEU D 966 7.44 -36.34 -73.96
CA LEU D 966 8.62 -35.53 -73.68
C LEU D 966 8.38 -34.66 -72.47
N PHE D 967 7.17 -34.09 -72.36
CA PHE D 967 6.75 -33.43 -71.14
C PHE D 967 6.86 -34.36 -69.93
N ARG D 968 6.43 -35.62 -70.09
CA ARG D 968 6.60 -36.59 -69.02
C ARG D 968 8.07 -36.71 -68.61
N GLY D 969 8.91 -37.16 -69.53
CA GLY D 969 10.31 -37.39 -69.27
C GLY D 969 11.11 -36.16 -68.85
N ALA D 970 10.58 -34.96 -69.07
CA ALA D 970 11.26 -33.75 -68.67
C ALA D 970 10.79 -33.18 -67.34
N VAL D 971 9.48 -33.21 -67.06
CA VAL D 971 8.92 -32.55 -65.89
C VAL D 971 8.28 -33.55 -64.92
N TYR D 972 7.54 -34.53 -65.43
CA TYR D 972 6.82 -35.45 -64.55
C TYR D 972 7.78 -36.30 -63.73
N HIS D 973 8.98 -36.57 -64.26
CA HIS D 973 9.99 -37.34 -63.55
C HIS D 973 10.79 -36.50 -62.56
N SER D 974 10.43 -35.23 -62.36
CA SER D 974 11.08 -34.39 -61.37
C SER D 974 10.39 -34.43 -60.01
N TYR D 975 9.06 -34.42 -60.00
CA TYR D 975 8.32 -34.53 -58.74
C TYR D 975 8.42 -35.93 -58.14
N LEU D 976 8.56 -36.96 -58.97
CA LEU D 976 8.72 -38.32 -58.46
C LEU D 976 10.08 -38.51 -57.78
N THR D 977 11.11 -37.82 -58.25
CA THR D 977 12.43 -37.86 -57.64
C THR D 977 12.49 -37.13 -56.30
N ILE D 978 11.39 -36.51 -55.89
CA ILE D 978 11.32 -35.81 -54.61
C ILE D 978 10.81 -36.78 -53.55
N PHE D 979 9.79 -37.54 -53.90
CA PHE D 979 9.16 -38.48 -52.98
C PHE D 979 9.64 -39.91 -53.15
N GLY D 980 10.59 -40.16 -54.05
CA GLY D 980 11.27 -41.45 -54.01
C GLY D 980 11.59 -42.10 -55.34
N GLN D 981 10.74 -41.90 -56.34
CA GLN D 981 10.96 -42.52 -57.65
C GLN D 981 12.09 -41.79 -58.36
N ILE D 982 13.32 -42.19 -58.05
CA ILE D 982 14.52 -41.61 -58.64
C ILE D 982 15.13 -42.66 -59.57
N PRO D 983 15.01 -42.50 -60.87
CA PRO D 983 15.70 -43.43 -61.78
C PRO D 983 17.21 -43.15 -61.80
N GLY D 984 17.91 -43.68 -60.81
CA GLY D 984 19.33 -43.38 -60.64
C GLY D 984 20.20 -43.80 -61.81
N TYR D 985 19.93 -44.96 -62.39
CA TYR D 985 20.73 -45.45 -63.52
C TYR D 985 20.65 -44.53 -64.74
N ILE D 986 19.64 -43.69 -64.83
CA ILE D 986 19.53 -42.71 -65.89
C ILE D 986 19.98 -41.32 -65.42
N ASP D 987 19.71 -40.99 -64.16
CA ASP D 987 20.09 -39.69 -63.63
C ASP D 987 21.60 -39.56 -63.48
N GLY D 988 22.31 -40.66 -63.30
CA GLY D 988 23.75 -40.62 -63.17
C GLY D 988 24.45 -41.65 -64.04
N PHE D 1020 29.99 -38.20 -66.22
CA PHE D 1020 31.04 -37.25 -65.88
C PHE D 1020 30.63 -36.23 -64.80
N PRO D 1021 29.46 -35.56 -64.94
CA PRO D 1021 29.09 -34.56 -63.93
C PRO D 1021 28.43 -35.19 -62.71
N GLU D 1022 29.00 -36.29 -62.21
CA GLU D 1022 28.48 -36.91 -61.00
C GLU D 1022 28.69 -36.01 -59.78
N TRP D 1023 29.81 -35.30 -59.73
CA TRP D 1023 30.04 -34.37 -58.63
C TRP D 1023 28.99 -33.25 -58.60
N LEU D 1024 28.66 -32.69 -59.76
CA LEU D 1024 27.63 -31.67 -59.83
C LEU D 1024 26.24 -32.23 -59.56
N THR D 1025 25.97 -33.46 -60.00
CA THR D 1025 24.71 -34.11 -59.66
C THR D 1025 24.57 -34.28 -58.15
N VAL D 1026 25.64 -34.66 -57.46
CA VAL D 1026 25.62 -34.74 -56.00
C VAL D 1026 25.40 -33.34 -55.41
N LEU D 1027 26.13 -32.36 -55.92
CA LEU D 1027 26.12 -31.02 -55.32
C LEU D 1027 24.75 -30.37 -55.43
N LEU D 1028 24.16 -30.36 -56.62
CA LEU D 1028 22.86 -29.74 -56.81
C LEU D 1028 21.76 -30.49 -56.07
N LEU D 1029 21.81 -31.83 -56.07
CA LEU D 1029 20.83 -32.61 -55.34
C LEU D 1029 20.91 -32.34 -53.85
N CYS D 1030 22.13 -32.18 -53.30
CA CYS D 1030 22.26 -31.84 -51.90
C CYS D 1030 21.77 -30.42 -51.62
N LEU D 1031 22.11 -29.47 -52.48
CA LEU D 1031 21.73 -28.08 -52.24
C LEU D 1031 20.22 -27.88 -52.29
N TYR D 1032 19.58 -28.39 -53.35
CA TYR D 1032 18.13 -28.22 -53.48
C TYR D 1032 17.39 -28.92 -52.35
N LEU D 1033 17.83 -30.14 -51.99
CA LEU D 1033 17.18 -30.84 -50.89
C LEU D 1033 17.43 -30.16 -49.55
N LEU D 1034 18.60 -29.55 -49.35
CA LEU D 1034 18.83 -28.75 -48.15
C LEU D 1034 17.86 -27.57 -48.10
N PHE D 1035 17.66 -26.90 -49.23
CA PHE D 1035 16.72 -25.80 -49.27
C PHE D 1035 15.28 -26.24 -49.05
N THR D 1036 14.88 -27.40 -49.57
CA THR D 1036 13.49 -27.82 -49.41
C THR D 1036 13.24 -28.49 -48.07
N ASN D 1037 13.83 -29.67 -47.87
CA ASN D 1037 13.44 -30.55 -46.76
C ASN D 1037 13.80 -29.97 -45.41
N ILE D 1038 14.61 -28.92 -45.37
CA ILE D 1038 14.95 -28.26 -44.12
C ILE D 1038 14.09 -27.01 -43.99
N LEU D 1039 14.30 -26.06 -44.89
CA LEU D 1039 13.72 -24.73 -44.77
C LEU D 1039 12.21 -24.73 -44.99
N LEU D 1040 11.71 -25.37 -46.05
CA LEU D 1040 10.28 -25.33 -46.32
C LEU D 1040 9.52 -26.39 -45.54
N LEU D 1041 10.21 -27.25 -44.79
CA LEU D 1041 9.55 -28.27 -43.99
C LEU D 1041 9.49 -27.88 -42.50
N ASN D 1042 10.64 -27.65 -41.89
CA ASN D 1042 10.66 -27.45 -40.44
C ASN D 1042 10.30 -26.03 -40.03
N LEU D 1043 10.56 -25.04 -40.89
CA LEU D 1043 10.04 -23.70 -40.65
C LEU D 1043 8.54 -23.65 -40.90
N LEU D 1044 8.06 -24.42 -41.86
CA LEU D 1044 6.62 -24.62 -42.03
C LEU D 1044 6.02 -25.23 -40.78
N ILE D 1045 6.71 -26.20 -40.17
CA ILE D 1045 6.28 -26.75 -38.89
C ILE D 1045 6.18 -25.66 -37.83
N ALA D 1046 7.19 -24.79 -37.76
CA ALA D 1046 7.18 -23.73 -36.75
C ALA D 1046 6.02 -22.77 -36.97
N MET D 1047 5.76 -22.39 -38.23
CA MET D 1047 4.72 -21.41 -38.49
C MET D 1047 3.32 -22.04 -38.41
N PHE D 1048 3.22 -23.36 -38.52
CA PHE D 1048 1.98 -24.04 -38.17
C PHE D 1048 1.77 -24.07 -36.66
N ASN D 1049 2.82 -24.44 -35.91
CA ASN D 1049 2.68 -24.58 -34.46
C ASN D 1049 2.41 -23.25 -33.76
N TYR D 1050 3.11 -22.19 -34.18
CA TYR D 1050 2.90 -20.90 -33.51
C TYR D 1050 1.50 -20.37 -33.79
N THR D 1051 1.02 -20.51 -35.02
CA THR D 1051 -0.35 -20.09 -35.34
C THR D 1051 -1.37 -20.97 -34.64
N PHE D 1052 -1.08 -22.26 -34.47
CA PHE D 1052 -1.97 -23.13 -33.69
C PHE D 1052 -2.07 -22.66 -32.24
N GLN D 1053 -0.93 -22.30 -31.65
CA GLN D 1053 -0.93 -21.82 -30.27
C GLN D 1053 -1.59 -20.46 -30.14
N GLN D 1054 -1.38 -19.57 -31.11
CA GLN D 1054 -1.83 -18.18 -31.04
C GLN D 1054 -3.34 -18.06 -30.91
N VAL D 1055 -4.08 -18.78 -31.74
CA VAL D 1055 -5.53 -18.62 -31.79
C VAL D 1055 -6.22 -19.93 -31.44
N GLN D 1056 -5.60 -20.74 -30.57
CA GLN D 1056 -6.20 -22.01 -30.19
C GLN D 1056 -7.50 -21.78 -29.43
N GLU D 1057 -7.51 -20.83 -28.49
CA GLU D 1057 -8.74 -20.50 -27.79
C GLU D 1057 -9.80 -19.95 -28.74
N HIS D 1058 -9.37 -19.12 -29.68
CA HIS D 1058 -10.29 -18.57 -30.67
C HIS D 1058 -10.94 -19.68 -31.47
N THR D 1059 -10.13 -20.63 -31.96
CA THR D 1059 -10.65 -21.75 -32.72
C THR D 1059 -11.55 -22.65 -31.88
N ASP D 1060 -11.20 -22.87 -30.61
CA ASP D 1060 -12.06 -23.68 -29.75
C ASP D 1060 -13.43 -23.04 -29.59
N GLN D 1061 -13.46 -21.75 -29.26
CA GLN D 1061 -14.75 -21.06 -29.13
C GLN D 1061 -15.49 -21.01 -30.46
N ILE D 1062 -14.75 -20.91 -31.58
CA ILE D 1062 -15.39 -20.86 -32.89
C ILE D 1062 -16.05 -22.19 -33.22
N TRP D 1063 -15.38 -23.29 -32.92
CA TRP D 1063 -16.01 -24.60 -33.12
C TRP D 1063 -17.21 -24.78 -32.20
N LYS D 1064 -17.07 -24.39 -30.93
CA LYS D 1064 -18.24 -24.35 -30.04
C LYS D 1064 -19.37 -23.56 -30.67
N PHE D 1065 -19.03 -22.50 -31.39
CA PHE D 1065 -20.00 -21.62 -32.00
C PHE D 1065 -20.73 -22.34 -33.13
N GLN D 1066 -19.96 -22.87 -34.10
CA GLN D 1066 -20.59 -23.52 -35.25
C GLN D 1066 -21.23 -24.86 -34.90
N ARG D 1067 -21.00 -25.37 -33.68
CA ARG D 1067 -21.69 -26.59 -33.28
C ARG D 1067 -23.21 -26.45 -33.43
N HIS D 1068 -23.75 -25.26 -33.18
CA HIS D 1068 -25.20 -25.08 -33.24
C HIS D 1068 -25.72 -25.05 -34.67
N ASP D 1069 -24.88 -24.64 -35.63
CA ASP D 1069 -25.34 -24.59 -37.01
C ASP D 1069 -25.71 -25.97 -37.54
N LEU D 1070 -24.90 -26.99 -37.24
CA LEU D 1070 -25.24 -28.35 -37.63
C LEU D 1070 -26.50 -28.82 -36.93
N ILE D 1071 -26.65 -28.47 -35.65
CA ILE D 1071 -27.77 -28.93 -34.85
C ILE D 1071 -29.07 -28.37 -35.39
N GLU D 1072 -29.08 -27.09 -35.77
CA GLU D 1072 -30.29 -26.47 -36.29
C GLU D 1072 -30.76 -27.14 -37.57
N GLU D 1073 -29.84 -27.47 -38.48
CA GLU D 1073 -30.25 -28.08 -39.73
C GLU D 1073 -30.60 -29.55 -39.55
N TYR D 1074 -30.01 -30.22 -38.56
CA TYR D 1074 -30.28 -31.64 -38.37
C TYR D 1074 -31.42 -31.93 -37.42
N HIS D 1075 -31.93 -30.92 -36.70
CA HIS D 1075 -33.06 -31.15 -35.81
C HIS D 1075 -34.38 -30.95 -36.54
N GLY D 1076 -34.57 -29.78 -37.14
CA GLY D 1076 -35.79 -29.49 -37.87
C GLY D 1076 -35.82 -30.16 -39.23
N ARG D 1077 -35.81 -31.49 -39.24
CA ARG D 1077 -35.78 -32.27 -40.47
C ARG D 1077 -36.27 -33.68 -40.18
N PRO D 1078 -37.12 -34.25 -41.02
CA PRO D 1078 -37.62 -35.61 -40.78
C PRO D 1078 -36.49 -36.63 -40.77
N ALA D 1079 -36.67 -37.66 -39.94
CA ALA D 1079 -35.67 -38.69 -39.74
C ALA D 1079 -35.62 -39.72 -40.86
N ALA D 1080 -36.30 -39.47 -41.97
CA ALA D 1080 -36.27 -40.40 -43.09
C ALA D 1080 -34.88 -40.42 -43.71
N PRO D 1081 -34.42 -41.59 -44.17
CA PRO D 1081 -33.14 -41.66 -44.86
C PRO D 1081 -33.19 -40.88 -46.16
N PRO D 1082 -32.05 -40.47 -46.69
CA PRO D 1082 -32.03 -39.75 -47.98
C PRO D 1082 -32.67 -40.54 -49.11
N PRO D 1083 -32.53 -41.89 -49.14
CA PRO D 1083 -33.29 -42.64 -50.16
C PRO D 1083 -34.80 -42.44 -50.09
N PHE D 1084 -35.36 -42.28 -48.89
CA PHE D 1084 -36.81 -42.11 -48.74
C PHE D 1084 -37.21 -40.64 -48.64
N ILE D 1085 -36.25 -39.73 -48.56
CA ILE D 1085 -36.55 -38.30 -48.38
C ILE D 1085 -37.33 -37.72 -49.55
N LEU D 1086 -37.31 -38.38 -50.72
CA LEU D 1086 -38.16 -37.92 -51.82
C LEU D 1086 -39.63 -38.07 -51.48
N LEU D 1087 -39.99 -39.02 -50.62
CA LEU D 1087 -41.36 -39.14 -50.16
C LEU D 1087 -41.76 -37.93 -49.32
N SER D 1088 -40.91 -37.54 -48.36
CA SER D 1088 -41.19 -36.36 -47.56
C SER D 1088 -41.15 -35.08 -48.38
N HIS D 1089 -40.41 -35.08 -49.49
CA HIS D 1089 -40.40 -33.92 -50.37
C HIS D 1089 -41.79 -33.66 -50.96
N LEU D 1090 -42.49 -34.73 -51.36
CA LEU D 1090 -43.85 -34.59 -51.87
C LEU D 1090 -44.90 -34.59 -50.77
N GLN D 1091 -44.53 -34.98 -49.55
CA GLN D 1091 -45.48 -34.93 -48.43
C GLN D 1091 -45.89 -33.50 -48.13
N LEU D 1092 -44.97 -32.54 -48.26
CA LEU D 1092 -45.31 -31.13 -48.03
C LEU D 1092 -46.05 -30.51 -49.20
N PHE D 1093 -46.02 -31.13 -50.37
CA PHE D 1093 -46.78 -30.63 -51.52
C PHE D 1093 -48.19 -31.20 -51.56
N ILE D 1094 -48.36 -32.48 -51.22
CA ILE D 1094 -49.70 -33.04 -51.11
C ILE D 1094 -50.44 -32.37 -49.95
N LYS D 1095 -49.71 -31.95 -48.91
CA LYS D 1095 -50.33 -31.20 -47.82
C LYS D 1095 -50.84 -29.84 -48.32
N ARG D 1096 -50.05 -29.15 -49.12
CA ARG D 1096 -50.43 -27.85 -49.65
C ARG D 1096 -51.45 -27.94 -50.78
N VAL D 1097 -51.68 -29.15 -51.31
CA VAL D 1097 -52.83 -29.34 -52.18
C VAL D 1097 -54.13 -29.02 -51.45
N VAL D 1098 -54.25 -29.40 -50.19
CA VAL D 1098 -55.42 -29.10 -49.37
C VAL D 1098 -55.27 -27.75 -48.66
N LEU D 1099 -54.15 -27.54 -47.99
CA LEU D 1099 -53.93 -26.30 -47.25
C LEU D 1099 -53.59 -25.16 -48.22
N LYS D 1100 -53.60 -23.94 -47.69
CA LYS D 1100 -53.28 -22.75 -48.46
C LYS D 1100 -52.33 -21.78 -47.80
N THR D 1101 -52.17 -21.82 -46.47
CA THR D 1101 -51.30 -20.89 -45.76
C THR D 1101 -50.17 -21.63 -45.05
N PRO D 1102 -49.00 -21.02 -44.91
CA PRO D 1102 -47.89 -21.69 -44.23
C PRO D 1102 -48.04 -21.70 -42.72
N ALA D 1103 -48.88 -22.59 -42.20
CA ALA D 1103 -49.12 -22.73 -40.76
C ALA D 1103 -49.15 -24.20 -40.38
N LYS D 1104 -48.16 -24.97 -40.84
CA LYS D 1104 -48.16 -26.41 -40.58
C LYS D 1104 -47.68 -26.72 -39.16
N ARG D 1105 -46.51 -26.21 -38.80
CA ARG D 1105 -45.89 -26.51 -37.51
C ARG D 1105 -44.66 -25.64 -37.35
N HIS D 1106 -44.21 -25.50 -36.11
CA HIS D 1106 -43.00 -24.76 -35.76
C HIS D 1106 -42.10 -25.69 -34.95
N LYS D 1107 -41.28 -26.47 -35.66
CA LYS D 1107 -40.37 -27.42 -35.02
C LYS D 1107 -38.98 -26.81 -34.81
N GLN D 1108 -38.94 -25.66 -34.14
CA GLN D 1108 -37.72 -24.97 -33.82
C GLN D 1108 -37.44 -25.06 -32.32
N LEU D 1109 -36.25 -24.61 -31.93
CA LEU D 1109 -35.86 -24.55 -30.51
C LEU D 1109 -36.44 -23.32 -29.83
N LYS D 1110 -37.74 -23.11 -29.94
CA LYS D 1110 -38.41 -21.92 -29.41
C LYS D 1110 -39.61 -22.42 -28.59
N ASN D 1111 -39.44 -22.47 -27.28
CA ASN D 1111 -40.43 -23.07 -26.39
C ASN D 1111 -41.25 -21.96 -25.73
N LYS D 1112 -42.55 -21.97 -25.98
CA LYS D 1112 -43.45 -21.06 -25.27
C LYS D 1112 -43.78 -21.61 -23.90
N LEU D 1113 -43.90 -20.70 -22.93
CA LEU D 1113 -44.09 -21.09 -21.54
C LEU D 1113 -45.42 -20.55 -21.01
N GLU D 1114 -46.04 -21.34 -20.14
CA GLU D 1114 -47.23 -20.90 -19.43
C GLU D 1114 -46.87 -19.82 -18.41
N LYS D 1115 -47.83 -18.95 -18.13
CA LYS D 1115 -47.55 -17.75 -17.33
C LYS D 1115 -47.25 -18.11 -15.88
N ASN D 1116 -47.99 -19.05 -15.30
CA ASN D 1116 -47.80 -19.40 -13.90
C ASN D 1116 -46.45 -20.04 -13.63
N GLU D 1117 -45.81 -20.59 -14.66
CA GLU D 1117 -44.46 -21.12 -14.53
C GLU D 1117 -43.42 -20.10 -14.95
N GLU D 1118 -43.74 -19.23 -15.91
CA GLU D 1118 -42.82 -18.17 -16.30
C GLU D 1118 -42.57 -17.23 -15.13
N ALA D 1119 -43.62 -16.90 -14.37
CA ALA D 1119 -43.43 -16.09 -13.18
C ALA D 1119 -42.51 -16.76 -12.17
N ALA D 1120 -42.67 -18.07 -11.96
CA ALA D 1120 -41.82 -18.82 -11.06
C ALA D 1120 -40.35 -18.82 -11.48
N LEU D 1121 -40.07 -19.03 -12.76
CA LEU D 1121 -38.68 -18.90 -13.23
C LEU D 1121 -38.14 -17.49 -13.14
N LEU D 1122 -38.93 -16.47 -13.48
CA LEU D 1122 -38.43 -15.11 -13.43
C LEU D 1122 -38.13 -14.63 -12.01
N SER D 1123 -38.96 -14.98 -11.03
CA SER D 1123 -38.62 -14.61 -9.66
C SER D 1123 -37.31 -15.26 -9.21
N TRP D 1124 -37.13 -16.54 -9.54
CA TRP D 1124 -35.90 -17.24 -9.21
C TRP D 1124 -34.71 -16.61 -9.91
N GLU D 1125 -34.87 -16.21 -11.17
CA GLU D 1125 -33.81 -15.54 -11.91
C GLU D 1125 -33.44 -14.21 -11.29
N ILE D 1126 -34.42 -13.43 -10.82
CA ILE D 1126 -34.11 -12.18 -10.15
C ILE D 1126 -33.34 -12.43 -8.87
N TYR D 1127 -33.77 -13.42 -8.09
CA TYR D 1127 -33.07 -13.76 -6.85
C TYR D 1127 -31.61 -14.11 -7.13
N LEU D 1128 -31.37 -14.92 -8.15
CA LEU D 1128 -30.01 -15.30 -8.50
C LEU D 1128 -29.21 -14.15 -9.09
N LYS D 1129 -29.86 -13.22 -9.79
CA LYS D 1129 -29.16 -12.04 -10.25
C LYS D 1129 -28.63 -11.23 -9.08
N GLU D 1130 -29.47 -11.05 -8.06
CA GLU D 1130 -29.02 -10.29 -6.90
C GLU D 1130 -27.91 -11.01 -6.16
N ASN D 1131 -28.01 -12.33 -6.02
CA ASN D 1131 -26.90 -13.11 -5.46
C ASN D 1131 -25.62 -12.88 -6.23
N TYR D 1132 -25.68 -12.94 -7.56
CA TYR D 1132 -24.49 -12.71 -8.37
C TYR D 1132 -23.95 -11.30 -8.22
N LEU D 1133 -24.83 -10.30 -8.19
CA LEU D 1133 -24.39 -8.92 -8.06
C LEU D 1133 -23.64 -8.71 -6.75
N GLN D 1134 -24.16 -9.27 -5.65
CA GLN D 1134 -23.45 -9.17 -4.39
C GLN D 1134 -22.06 -9.80 -4.46
N ASN D 1135 -21.94 -10.96 -5.11
CA ASN D 1135 -20.64 -11.59 -5.24
C ASN D 1135 -19.67 -10.73 -6.05
N ARG D 1136 -20.14 -10.18 -7.17
CA ARG D 1136 -19.28 -9.32 -7.97
C ARG D 1136 -18.85 -8.07 -7.20
N GLN D 1137 -19.79 -7.46 -6.46
CA GLN D 1137 -19.43 -6.32 -5.64
C GLN D 1137 -18.39 -6.70 -4.59
N PHE D 1138 -18.49 -7.90 -4.01
CA PHE D 1138 -17.49 -8.34 -3.05
C PHE D 1138 -16.12 -8.54 -3.70
N GLN D 1139 -16.07 -9.16 -4.88
CA GLN D 1139 -14.79 -9.34 -5.55
C GLN D 1139 -14.16 -8.01 -5.95
N GLN D 1140 -14.97 -7.03 -6.35
CA GLN D 1140 -14.43 -5.72 -6.71
C GLN D 1140 -13.73 -5.08 -5.52
N LYS D 1141 -14.32 -5.19 -4.33
CA LYS D 1141 -13.64 -4.70 -3.12
C LYS D 1141 -12.42 -5.54 -2.77
N GLN D 1142 -12.50 -6.86 -2.95
CA GLN D 1142 -11.36 -7.73 -2.65
C GLN D 1142 -10.16 -7.50 -3.54
N ARG D 1143 -10.36 -6.95 -4.73
CA ARG D 1143 -9.22 -6.70 -5.62
C ARG D 1143 -8.23 -5.74 -4.95
N PRO D 1144 -6.94 -6.06 -4.92
CA PRO D 1144 -5.97 -5.21 -4.20
C PRO D 1144 -5.85 -3.79 -4.74
N GLU D 1145 -6.03 -3.58 -6.05
CA GLU D 1145 -5.99 -2.24 -6.58
C GLU D 1145 -7.06 -1.35 -5.98
N GLN D 1146 -8.23 -1.92 -5.67
CA GLN D 1146 -9.27 -1.14 -5.00
C GLN D 1146 -8.86 -0.77 -3.59
N LYS D 1147 -8.17 -1.66 -2.88
CA LYS D 1147 -7.75 -1.34 -1.52
C LYS D 1147 -6.64 -0.31 -1.51
N ILE D 1148 -5.79 -0.30 -2.53
CA ILE D 1148 -4.80 0.78 -2.62
C ILE D 1148 -5.50 2.13 -2.77
N GLU D 1149 -6.52 2.20 -3.63
CA GLU D 1149 -7.31 3.42 -3.74
C GLU D 1149 -8.00 3.75 -2.42
N ASP D 1150 -8.47 2.74 -1.70
CA ASP D 1150 -9.12 2.98 -0.42
C ASP D 1150 -8.15 3.65 0.56
N ILE D 1151 -6.94 3.13 0.65
CA ILE D 1151 -5.95 3.71 1.56
C ILE D 1151 -5.58 5.12 1.11
N SER D 1152 -5.43 5.33 -0.20
CA SER D 1152 -5.08 6.65 -0.71
C SER D 1152 -6.19 7.66 -0.45
N ASN D 1153 -7.44 7.22 -0.47
CA ASN D 1153 -8.56 8.11 -0.19
C ASN D 1153 -8.75 8.38 1.29
N LYS D 1154 -8.24 7.50 2.16
CA LYS D 1154 -8.36 7.72 3.59
C LYS D 1154 -7.23 8.54 4.16
N VAL D 1155 -6.02 8.44 3.59
CA VAL D 1155 -4.95 9.32 4.05
C VAL D 1155 -5.26 10.77 3.70
N ASP D 1156 -5.96 11.00 2.59
CA ASP D 1156 -6.42 12.35 2.27
C ASP D 1156 -7.48 12.84 3.24
N ALA D 1157 -8.28 11.93 3.80
CA ALA D 1157 -9.24 12.32 4.82
C ALA D 1157 -8.58 12.63 6.16
N MET D 1158 -7.30 12.28 6.32
CA MET D 1158 -6.57 12.56 7.55
C MET D 1158 -5.61 13.73 7.43
N VAL D 1159 -5.09 14.01 6.24
CA VAL D 1159 -4.19 15.15 6.09
C VAL D 1159 -4.93 16.46 6.36
N ASP D 1160 -6.19 16.53 5.94
CA ASP D 1160 -7.00 17.72 6.18
C ASP D 1160 -7.59 17.77 7.57
N LEU D 1161 -7.60 16.65 8.30
CA LEU D 1161 -8.23 16.60 9.60
C LEU D 1161 -7.35 17.19 10.70
N LEU D 1162 -6.08 17.44 10.42
CA LEU D 1162 -5.14 17.84 11.47
C LEU D 1162 -4.69 19.28 11.31
N ASP D 1163 -5.62 20.18 11.00
CA ASP D 1163 -5.33 21.62 10.91
C ASP D 1163 -6.32 22.44 11.71
N LEU D 1164 -6.76 21.92 12.87
CA LEU D 1164 -7.77 22.57 13.69
C LEU D 1164 -7.19 23.24 14.93
N ASP D 1165 -5.87 23.32 15.04
CA ASP D 1165 -5.24 23.94 16.21
C ASP D 1165 -5.49 25.44 16.22
N GLY D 1235 -33.34 42.54 23.36
CA GLY D 1235 -32.89 43.91 23.44
C GLY D 1235 -33.34 44.75 22.26
N ASP D 1236 -33.20 44.22 21.06
CA ASP D 1236 -33.61 44.92 19.85
C ASP D 1236 -35.13 44.92 19.74
N SER D 1237 -35.76 46.02 20.18
CA SER D 1237 -37.21 46.11 20.12
C SER D 1237 -37.70 47.41 19.48
N TYR D 1238 -36.83 48.35 19.18
CA TYR D 1238 -37.25 49.58 18.51
C TYR D 1238 -37.69 49.29 17.09
N HIS D 1239 -38.54 50.16 16.56
CA HIS D 1239 -39.01 50.01 15.19
C HIS D 1239 -37.84 50.02 14.22
N VAL D 1240 -37.76 48.98 13.41
CA VAL D 1240 -36.65 48.75 12.49
C VAL D 1240 -37.05 49.01 11.05
N ASN D 1241 -38.22 48.52 10.64
CA ASN D 1241 -38.65 48.59 9.25
C ASN D 1241 -38.83 50.04 8.82
N ALA D 1242 -38.94 50.95 9.79
CA ALA D 1242 -38.99 52.37 9.48
C ALA D 1242 -37.62 53.03 9.38
N ARG D 1243 -36.55 52.42 9.89
CA ARG D 1243 -35.21 53.00 9.79
C ARG D 1243 -34.43 52.40 8.62
N HIS D 1244 -34.96 52.51 7.41
CA HIS D 1244 -34.25 52.02 6.23
C HIS D 1244 -33.21 53.04 5.76
N LEU D 1245 -32.57 52.75 4.63
CA LEU D 1245 -31.60 53.66 4.05
C LEU D 1245 -32.28 54.52 2.99
N LEU D 1246 -33.23 53.95 2.27
CA LEU D 1246 -33.95 54.64 1.23
C LEU D 1246 -35.40 54.85 1.66
N TYR D 1247 -36.20 55.42 0.78
CA TYR D 1247 -37.62 55.61 0.99
C TYR D 1247 -38.33 55.14 -0.27
N PRO D 1248 -39.55 54.56 -0.17
CA PRO D 1248 -40.19 53.93 -1.34
C PRO D 1248 -40.07 54.65 -2.67
N ASN D 1249 -40.11 55.99 -2.66
CA ASN D 1249 -39.97 56.74 -3.90
C ASN D 1249 -38.92 57.83 -3.71
N CYS D 1250 -38.33 58.25 -4.84
CA CYS D 1250 -37.32 59.31 -5.02
C CYS D 1250 -36.10 59.06 -4.13
N PRO D 1251 -34.97 59.78 -4.33
CA PRO D 1251 -33.76 59.45 -3.57
C PRO D 1251 -33.92 59.63 -2.06
N VAL D 1252 -34.23 60.86 -1.64
CA VAL D 1252 -34.57 61.24 -0.26
C VAL D 1252 -33.94 60.32 0.79
N THR D 1253 -32.66 59.99 0.62
CA THR D 1253 -31.99 59.09 1.55
C THR D 1253 -32.05 59.65 2.97
N ARG D 1254 -32.37 58.77 3.92
CA ARG D 1254 -32.56 59.17 5.30
C ARG D 1254 -31.21 59.43 5.97
N PHE D 1255 -31.25 59.95 7.17
CA PHE D 1255 -30.06 60.16 7.98
C PHE D 1255 -29.83 58.96 8.90
N PRO D 1256 -28.59 58.48 8.98
CA PRO D 1256 -28.30 57.32 9.80
C PRO D 1256 -28.63 57.57 11.26
N VAL D 1257 -29.31 56.61 11.89
CA VAL D 1257 -29.65 56.68 13.30
C VAL D 1257 -29.48 55.30 13.94
N PRO D 1258 -28.40 55.08 14.68
CA PRO D 1258 -28.19 53.77 15.31
C PRO D 1258 -29.24 53.51 16.39
N ASN D 1259 -29.30 52.25 16.83
CA ASN D 1259 -30.32 51.80 17.78
C ASN D 1259 -30.32 52.61 19.06
N GLU D 1260 -29.14 52.96 19.57
CA GLU D 1260 -29.05 53.69 20.83
C GLU D 1260 -29.68 55.06 20.72
N LYS D 1261 -29.55 55.69 19.55
CA LYS D 1261 -30.01 57.07 19.35
C LYS D 1261 -31.42 57.16 18.82
N VAL D 1262 -32.25 56.12 18.94
CA VAL D 1262 -33.62 56.23 18.42
C VAL D 1262 -34.53 57.00 19.37
N PRO D 1263 -34.48 56.82 20.70
CA PRO D 1263 -35.39 57.60 21.55
C PRO D 1263 -34.76 58.94 21.92
N TRP D 1264 -35.31 60.03 21.38
CA TRP D 1264 -34.78 61.34 21.69
C TRP D 1264 -35.06 61.76 23.13
N GLU D 1265 -35.93 61.02 23.82
CA GLU D 1265 -36.32 61.37 25.19
C GLU D 1265 -35.12 61.41 26.12
N THR D 1266 -34.22 60.43 25.99
CA THR D 1266 -33.02 60.35 26.81
C THR D 1266 -31.74 60.30 25.99
N GLU D 1267 -31.76 60.84 24.78
CA GLU D 1267 -30.58 60.88 23.93
C GLU D 1267 -30.24 62.32 23.57
N PHE D 1268 -29.27 62.46 22.67
CA PHE D 1268 -28.66 63.75 22.37
C PHE D 1268 -28.60 63.98 20.86
N LEU D 1269 -28.55 65.25 20.49
CA LEU D 1269 -28.54 65.69 19.09
C LEU D 1269 -27.15 65.56 18.48
N ILE D 1270 -26.94 66.24 17.35
CA ILE D 1270 -25.80 66.30 16.42
C ILE D 1270 -26.21 65.58 15.14
N TYR D 1271 -27.51 65.36 14.99
CA TYR D 1271 -28.08 64.85 13.76
C TYR D 1271 -28.88 65.95 13.06
N ASP D 1272 -29.12 65.76 11.77
CA ASP D 1272 -29.94 66.68 10.99
C ASP D 1272 -30.60 65.95 9.83
N PRO D 1273 -31.90 65.73 9.88
CA PRO D 1273 -32.57 64.92 8.86
C PRO D 1273 -32.83 65.73 7.60
N PRO D 1274 -32.84 65.07 6.44
CA PRO D 1274 -33.13 65.75 5.17
C PRO D 1274 -34.62 65.99 4.93
N PHE D 1275 -35.15 67.12 5.39
CA PHE D 1275 -36.55 67.50 5.22
C PHE D 1275 -37.13 67.14 3.85
N TYR D 1276 -38.30 66.51 3.84
CA TYR D 1276 -38.97 66.08 2.61
C TYR D 1276 -40.42 65.79 2.93
N THR D 1277 -41.34 66.27 2.09
CA THR D 1277 -42.75 66.25 2.44
C THR D 1277 -43.65 66.07 1.21
N ALA D 1278 -44.60 65.16 1.37
CA ALA D 1278 -45.83 65.02 0.58
C ALA D 1278 -45.64 64.47 -0.83
N GLU D 1279 -44.42 64.47 -1.33
CA GLU D 1279 -43.98 63.54 -2.36
C GLU D 1279 -44.70 63.65 -3.70
N ARG D 1280 -45.85 64.33 -3.75
CA ARG D 1280 -46.61 64.32 -5.01
C ARG D 1280 -46.97 65.68 -5.57
N LYS D 1281 -47.61 66.53 -4.76
CA LYS D 1281 -48.26 67.72 -5.29
C LYS D 1281 -47.66 69.00 -4.74
N ASP D 1282 -47.65 69.19 -3.42
CA ASP D 1282 -47.26 70.46 -2.81
C ASP D 1282 -46.80 70.15 -1.39
N ALA D 1283 -45.48 70.19 -1.15
CA ALA D 1283 -44.96 69.83 0.16
C ALA D 1283 -45.57 70.68 1.27
N ALA D 1284 -45.72 71.98 1.02
CA ALA D 1284 -46.23 72.90 2.02
C ALA D 1284 -47.72 73.21 1.88
N ALA D 1285 -48.41 72.59 0.93
CA ALA D 1285 -49.86 72.79 0.85
C ALA D 1285 -50.64 71.50 1.04
N MET D 1286 -50.35 70.50 0.20
CA MET D 1286 -51.03 69.19 0.19
C MET D 1286 -52.54 69.35 0.37
N ASP D 1287 -53.11 70.22 -0.45
CA ASP D 1287 -54.52 70.56 -0.46
C ASP D 1287 -55.41 69.35 -0.76
N PRO D 1288 -55.08 68.51 -1.75
CA PRO D 1288 -55.92 67.30 -1.93
C PRO D 1288 -55.86 66.37 -0.73
N MET D 1289 -54.86 66.53 0.13
CA MET D 1289 -54.73 65.65 1.28
C MET D 1289 -55.18 66.33 2.58
N GLY D 1290 -55.30 67.67 2.58
CA GLY D 1290 -56.17 68.38 3.49
C GLY D 1290 -55.53 69.39 4.44
N ASP D 1291 -54.41 69.05 5.08
CA ASP D 1291 -53.86 69.86 6.18
C ASP D 1291 -52.68 70.67 5.70
N THR D 1292 -51.91 71.20 6.67
CA THR D 1292 -50.48 71.44 6.57
C THR D 1292 -50.05 72.16 7.85
N LEU D 1293 -48.74 72.19 8.11
CA LEU D 1293 -48.16 73.15 9.05
C LEU D 1293 -46.91 73.75 8.42
N GLU D 1294 -47.06 74.90 7.77
CA GLU D 1294 -45.94 75.71 7.29
C GLU D 1294 -45.97 77.04 8.02
N PRO D 1295 -45.19 77.18 9.12
CA PRO D 1295 -45.52 78.15 10.16
C PRO D 1295 -46.98 78.56 10.19
N LEU D 1296 -47.87 77.56 10.25
CA LEU D 1296 -49.31 77.73 10.25
C LEU D 1296 -49.83 77.05 11.50
N SER D 1297 -50.24 77.83 12.50
CA SER D 1297 -50.72 77.26 13.75
C SER D 1297 -51.93 76.38 13.48
N THR D 1298 -53.04 76.99 13.06
CA THR D 1298 -54.21 76.33 12.49
C THR D 1298 -54.50 74.96 13.10
N ILE D 1299 -53.66 73.99 12.76
CA ILE D 1299 -53.85 72.58 13.07
C ILE D 1299 -53.78 72.37 14.58
N GLN D 1300 -54.32 71.25 15.06
CA GLN D 1300 -54.31 70.94 16.49
C GLN D 1300 -54.14 69.44 16.71
N TYR D 1301 -53.12 69.06 17.49
CA TYR D 1301 -52.77 67.66 17.71
C TYR D 1301 -53.29 67.18 19.06
N ASN D 1302 -54.60 66.99 19.16
CA ASN D 1302 -55.24 66.41 20.34
C ASN D 1302 -56.66 65.98 20.01
N VAL D 1303 -57.41 65.60 21.06
CA VAL D 1303 -58.78 65.08 21.01
C VAL D 1303 -59.17 64.50 19.65
N VAL D 1304 -60.21 65.07 19.02
CA VAL D 1304 -60.77 64.50 17.81
C VAL D 1304 -60.60 65.45 16.63
N ASP D 1305 -60.98 66.72 16.82
CA ASP D 1305 -60.92 67.73 15.77
C ASP D 1305 -61.80 67.37 14.59
N GLY D 1306 -61.57 68.03 13.46
CA GLY D 1306 -62.42 67.85 12.30
C GLY D 1306 -62.00 66.73 11.38
N LEU D 1307 -62.64 65.57 11.54
CA LEU D 1307 -62.52 64.43 10.63
C LEU D 1307 -61.13 63.78 10.68
N ARG D 1308 -60.21 64.36 11.45
CA ARG D 1308 -58.88 63.78 11.63
C ARG D 1308 -58.52 63.58 13.09
N ASP D 1309 -58.61 62.34 13.58
CA ASP D 1309 -58.49 62.05 15.01
C ASP D 1309 -57.23 62.64 15.63
N ARG D 1310 -56.07 62.37 15.03
CA ARG D 1310 -54.80 62.91 15.48
C ARG D 1310 -54.51 62.55 16.93
N ARG D 1311 -55.13 61.48 17.42
CA ARG D 1311 -54.88 60.97 18.76
C ARG D 1311 -53.82 59.87 18.67
N SER D 1312 -53.41 59.33 19.83
CA SER D 1312 -52.44 58.26 19.86
C SER D 1312 -52.88 57.21 20.87
N PHE D 1313 -52.84 55.95 20.46
CA PHE D 1313 -53.12 54.84 21.37
C PHE D 1313 -51.96 54.52 22.30
N HIS D 1314 -50.93 55.37 22.30
CA HIS D 1314 -49.76 55.20 23.17
C HIS D 1314 -49.64 56.37 24.15
N GLY D 1315 -50.75 57.05 24.42
CA GLY D 1315 -50.76 58.19 25.30
C GLY D 1315 -50.54 59.48 24.56
N PRO D 1316 -50.63 60.60 25.27
CA PRO D 1316 -50.42 61.91 24.63
C PRO D 1316 -48.96 62.12 24.28
N TYR D 1317 -48.69 62.36 22.99
CA TYR D 1317 -47.34 62.57 22.51
C TYR D 1317 -46.94 64.04 22.56
N THR D 1318 -45.80 64.37 21.95
CA THR D 1318 -45.16 65.67 22.15
C THR D 1318 -45.21 66.46 20.85
N VAL D 1319 -45.52 67.75 20.94
CA VAL D 1319 -45.59 68.65 19.80
C VAL D 1319 -44.46 69.67 19.93
N GLN D 1320 -43.35 69.25 20.53
CA GLN D 1320 -42.22 70.12 20.87
C GLN D 1320 -41.85 71.11 19.76
N ALA D 1321 -41.49 70.61 18.59
CA ALA D 1321 -40.99 71.46 17.53
C ALA D 1321 -42.12 72.03 16.68
N GLY D 1322 -43.33 72.04 17.22
CA GLY D 1322 -44.49 72.50 16.47
C GLY D 1322 -45.09 71.39 15.65
N LEU D 1323 -44.23 70.54 15.10
CA LEU D 1323 -44.62 69.37 14.34
C LEU D 1323 -44.61 68.15 15.24
N PRO D 1324 -45.42 67.13 14.93
CA PRO D 1324 -45.50 65.96 15.82
C PRO D 1324 -44.24 65.12 15.79
N LEU D 1325 -44.19 64.08 16.64
CA LEU D 1325 -43.04 63.20 16.73
C LEU D 1325 -43.51 61.81 17.08
N ASN D 1326 -43.04 60.81 16.34
CA ASN D 1326 -43.44 59.42 16.57
C ASN D 1326 -42.84 58.87 17.85
N PRO D 1327 -43.64 58.58 18.87
CA PRO D 1327 -43.10 58.30 20.21
C PRO D 1327 -42.12 57.14 20.27
N MET D 1328 -42.30 56.15 19.40
CA MET D 1328 -41.52 54.92 19.48
C MET D 1328 -40.07 55.07 19.02
N GLY D 1329 -39.62 56.29 18.73
CA GLY D 1329 -38.22 56.54 18.43
C GLY D 1329 -38.05 57.46 17.25
N ARG D 1330 -36.81 57.96 17.12
CA ARG D 1330 -36.43 58.87 16.04
C ARG D 1330 -35.91 58.04 14.88
N THR D 1331 -36.71 57.99 13.80
CA THR D 1331 -36.34 57.16 12.65
C THR D 1331 -35.64 57.95 11.55
N GLY D 1332 -35.42 59.24 11.74
CA GLY D 1332 -34.45 59.95 10.92
C GLY D 1332 -34.94 60.62 9.65
N LEU D 1333 -36.00 61.41 9.75
CA LEU D 1333 -36.40 62.29 8.65
C LEU D 1333 -37.20 63.43 9.28
N ARG D 1334 -37.71 64.35 8.45
CA ARG D 1334 -38.41 65.50 9.04
C ARG D 1334 -39.88 65.54 8.65
N GLY D 1335 -40.19 65.51 7.36
CA GLY D 1335 -41.57 65.63 6.93
C GLY D 1335 -42.17 64.32 6.48
N ARG D 1336 -43.50 64.24 6.54
CA ARG D 1336 -44.24 63.04 6.16
C ARG D 1336 -43.97 62.71 4.70
N GLY D 1337 -43.83 61.42 4.39
CA GLY D 1337 -43.61 61.04 3.00
C GLY D 1337 -44.89 60.99 2.18
N SER D 1338 -45.81 60.10 2.56
CA SER D 1338 -46.99 59.84 1.75
C SER D 1338 -48.27 59.79 2.57
N LEU D 1339 -48.18 60.12 3.85
CA LEU D 1339 -49.24 59.71 4.77
C LEU D 1339 -50.37 60.73 4.90
N SER D 1340 -50.27 61.84 4.15
CA SER D 1340 -51.41 62.74 3.95
C SER D 1340 -51.93 63.38 5.24
N CYS D 1341 -51.21 63.22 6.34
CA CYS D 1341 -51.55 63.88 7.60
C CYS D 1341 -50.40 63.80 8.58
N PHE D 1342 -50.01 64.92 9.19
CA PHE D 1342 -48.93 64.89 10.17
C PHE D 1342 -49.37 64.15 11.43
N GLY D 1343 -50.65 64.21 11.76
CA GLY D 1343 -51.16 63.46 12.87
C GLY D 1343 -51.12 61.98 12.60
N PRO D 1344 -51.04 61.16 13.66
CA PRO D 1344 -51.03 59.71 13.47
C PRO D 1344 -52.24 59.22 12.68
N ASN D 1345 -52.01 58.70 11.48
CA ASN D 1345 -53.11 58.18 10.68
C ASN D 1345 -53.65 56.90 11.31
N HIS D 1346 -54.94 56.69 11.18
CA HIS D 1346 -55.62 55.55 11.80
C HIS D 1346 -56.16 54.62 10.73
N THR D 1347 -55.89 53.33 10.93
CA THR D 1347 -56.32 52.30 10.00
C THR D 1347 -56.41 50.98 10.76
N LEU D 1348 -57.16 50.03 10.21
CA LEU D 1348 -57.28 48.71 10.79
C LEU D 1348 -57.18 47.66 9.70
N TYR D 1349 -56.82 46.44 10.09
CA TYR D 1349 -56.63 45.35 9.15
C TYR D 1349 -57.45 44.16 9.60
N PRO D 1350 -58.69 44.00 9.14
CA PRO D 1350 -59.49 42.85 9.56
C PRO D 1350 -59.11 41.58 8.82
N MET D 1351 -58.54 40.63 9.55
CA MET D 1351 -58.18 39.34 8.95
C MET D 1351 -59.28 38.32 9.25
N VAL D 1352 -59.72 37.62 8.21
CA VAL D 1352 -60.73 36.58 8.34
C VAL D 1352 -60.01 35.24 8.24
N THR D 1353 -60.20 34.39 9.25
CA THR D 1353 -59.48 33.14 9.38
C THR D 1353 -60.46 31.97 9.49
N ARG D 1354 -60.14 30.88 8.81
CA ARG D 1354 -60.89 29.63 8.92
C ARG D 1354 -59.93 28.49 9.21
N TRP D 1355 -60.47 27.42 9.78
CA TRP D 1355 -59.65 26.47 10.53
C TRP D 1355 -58.87 25.47 9.67
N ARG D 1356 -58.75 25.74 8.37
CA ARG D 1356 -57.95 24.89 7.48
C ARG D 1356 -58.53 23.47 7.47
N ARG D 1357 -59.79 23.34 7.07
CA ARG D 1357 -60.39 22.03 6.95
C ARG D 1357 -59.75 21.24 5.83
N ASN D 1358 -59.57 19.94 6.06
CA ASN D 1358 -59.26 18.98 5.01
C ASN D 1358 -60.57 18.45 4.45
N GLU D 1359 -60.52 17.32 3.74
CA GLU D 1359 -61.68 16.77 3.06
C GLU D 1359 -62.85 16.50 3.99
N ASP D 1360 -62.61 16.52 5.31
CA ASP D 1360 -63.70 16.44 6.28
C ASP D 1360 -63.44 17.43 7.42
N GLY D 1361 -64.21 17.33 8.50
CA GLY D 1361 -64.04 18.23 9.62
C GLY D 1361 -62.64 18.21 10.19
N ALA D 1362 -62.28 17.12 10.85
CA ALA D 1362 -60.91 16.82 11.26
C ALA D 1362 -60.16 17.97 11.92
N ILE D 1363 -59.93 19.04 11.16
CA ILE D 1363 -58.99 20.15 11.37
C ILE D 1363 -57.73 19.69 10.64
N CYS D 1364 -56.63 20.42 10.75
CA CYS D 1364 -55.38 20.00 10.11
C CYS D 1364 -54.23 20.52 10.97
N ARG D 1365 -53.69 19.66 11.82
CA ARG D 1365 -52.59 20.04 12.69
C ARG D 1365 -51.27 19.91 11.95
N LYS D 1366 -50.35 20.83 12.24
CA LYS D 1366 -49.05 20.81 11.58
C LYS D 1366 -48.15 19.77 12.25
N SER D 1367 -47.84 19.97 13.52
CA SER D 1367 -47.16 18.94 14.30
C SER D 1367 -48.07 18.47 15.42
N ILE D 1368 -48.44 19.39 16.31
CA ILE D 1368 -49.50 19.12 17.28
C ILE D 1368 -50.49 20.28 17.34
N LYS D 1369 -50.15 21.43 16.78
CA LYS D 1369 -50.98 22.62 16.86
C LYS D 1369 -51.79 22.78 15.58
N LYS D 1370 -52.96 23.43 15.73
CA LYS D 1370 -53.87 23.60 14.61
C LYS D 1370 -53.33 24.65 13.63
N MET D 1371 -53.94 24.70 12.46
CA MET D 1371 -53.48 25.57 11.38
C MET D 1371 -54.62 26.45 10.91
N LEU D 1372 -54.30 27.69 10.55
CA LEU D 1372 -55.29 28.66 10.10
C LEU D 1372 -55.19 28.91 8.60
N GLU D 1373 -56.20 29.59 8.08
CA GLU D 1373 -56.20 30.08 6.71
C GLU D 1373 -56.72 31.51 6.71
N VAL D 1374 -55.87 32.45 6.32
CA VAL D 1374 -56.28 33.85 6.23
C VAL D 1374 -56.59 34.18 4.78
N LEU D 1375 -57.31 35.29 4.58
CA LEU D 1375 -57.65 35.78 3.25
C LEU D 1375 -56.72 36.95 2.93
N VAL D 1376 -56.01 36.85 1.81
CA VAL D 1376 -55.06 37.88 1.41
C VAL D 1376 -55.28 38.20 -0.05
N VAL D 1377 -54.92 39.41 -0.45
CA VAL D 1377 -55.09 39.89 -1.81
C VAL D 1377 -53.74 40.38 -2.34
N LYS D 1378 -53.45 40.03 -3.59
CA LYS D 1378 -52.23 40.47 -4.26
C LYS D 1378 -52.63 41.43 -5.38
N LEU D 1379 -52.23 42.69 -5.25
CA LEU D 1379 -52.51 43.67 -6.28
C LEU D 1379 -51.74 43.34 -7.54
N PRO D 1380 -52.27 43.70 -8.72
CA PRO D 1380 -51.65 43.29 -9.99
C PRO D 1380 -50.17 43.66 -10.11
N LEU D 1381 -49.81 44.87 -9.70
CA LEU D 1381 -48.43 45.34 -9.81
C LEU D 1381 -47.65 45.16 -8.51
N SER D 1382 -48.33 45.11 -7.36
CA SER D 1382 -47.64 44.89 -6.11
C SER D 1382 -47.03 43.49 -6.09
N GLU D 1383 -45.80 43.40 -5.55
CA GLU D 1383 -45.03 42.17 -5.57
C GLU D 1383 -45.16 41.39 -4.27
N HIS D 1384 -46.17 41.72 -3.46
CA HIS D 1384 -46.40 40.99 -2.21
C HIS D 1384 -47.88 40.69 -2.02
N TRP D 1385 -48.22 40.10 -0.88
CA TRP D 1385 -49.61 39.86 -0.52
C TRP D 1385 -49.90 40.69 0.71
N ALA D 1386 -51.13 41.16 0.86
CA ALA D 1386 -51.49 41.99 1.99
C ALA D 1386 -52.86 41.60 2.51
N LEU D 1387 -53.01 41.68 3.83
CA LEU D 1387 -54.33 41.55 4.44
C LEU D 1387 -55.19 42.71 3.97
N PRO D 1388 -56.47 42.48 3.66
CA PRO D 1388 -57.33 43.59 3.24
C PRO D 1388 -57.38 44.68 4.29
N GLY D 1389 -56.80 45.84 3.98
CA GLY D 1389 -56.72 46.92 4.93
C GLY D 1389 -57.27 48.21 4.38
N GLY D 1390 -56.51 49.28 4.47
CA GLY D 1390 -56.87 50.52 3.86
C GLY D 1390 -56.64 51.68 4.82
N SER D 1391 -57.30 52.80 4.52
CA SER D 1391 -57.30 53.98 5.38
C SER D 1391 -58.59 54.73 5.10
N ARG D 1392 -59.25 55.23 6.14
CA ARG D 1392 -60.62 55.68 6.01
C ARG D 1392 -60.76 56.80 4.97
N GLU D 1393 -61.52 56.51 3.94
CA GLU D 1393 -61.67 57.35 2.76
C GLU D 1393 -62.93 58.21 2.90
N PRO D 1394 -63.03 59.35 2.18
CA PRO D 1394 -63.93 60.44 2.62
C PRO D 1394 -64.46 60.36 4.04
N GLY D 1395 -63.65 60.81 4.99
CA GLY D 1395 -64.04 60.82 6.38
C GLY D 1395 -63.47 59.66 7.17
N GLU D 1396 -63.41 59.82 8.50
CA GLU D 1396 -62.86 58.79 9.36
C GLU D 1396 -63.90 58.31 10.37
N MET D 1397 -64.93 59.12 10.60
CA MET D 1397 -66.07 58.65 11.38
C MET D 1397 -67.00 57.80 10.54
N LEU D 1398 -66.90 57.90 9.22
CA LEU D 1398 -67.76 57.21 8.27
C LEU D 1398 -67.35 55.73 8.20
N PRO D 1399 -68.09 54.85 7.42
CA PRO D 1399 -68.16 53.42 7.75
C PRO D 1399 -66.91 52.72 8.28
N ARG D 1400 -67.12 51.78 9.20
CA ARG D 1400 -66.08 50.85 9.65
C ARG D 1400 -65.90 49.76 8.60
N LYS D 1401 -65.76 50.16 7.34
CA LYS D 1401 -65.99 49.27 6.21
C LYS D 1401 -64.92 49.47 5.15
N LEU D 1402 -63.64 49.29 5.54
CA LEU D 1402 -62.47 49.87 4.88
C LEU D 1402 -62.46 49.83 3.35
N LYS D 1403 -61.75 50.79 2.76
CA LYS D 1403 -61.78 51.07 1.33
C LYS D 1403 -61.32 49.88 0.49
N ARG D 1404 -60.27 49.20 0.94
CA ARG D 1404 -59.80 48.04 0.20
C ARG D 1404 -60.87 46.96 0.12
N ILE D 1405 -61.54 46.68 1.23
CA ILE D 1405 -62.61 45.68 1.20
C ILE D 1405 -63.77 46.17 0.34
N LEU D 1406 -64.07 47.48 0.42
CA LEU D 1406 -65.13 48.04 -0.41
C LEU D 1406 -64.85 47.80 -1.90
N ARG D 1407 -63.63 48.11 -2.33
CA ARG D 1407 -63.23 47.86 -3.71
C ARG D 1407 -63.20 46.37 -4.02
N GLN D 1408 -62.94 45.54 -3.00
CA GLN D 1408 -62.70 44.12 -3.17
C GLN D 1408 -63.93 43.27 -2.86
N GLU D 1409 -64.92 43.82 -2.17
CA GLU D 1409 -66.10 43.06 -1.79
C GLU D 1409 -67.31 43.98 -1.84
N HIS D 1410 -68.45 43.43 -2.28
CA HIS D 1410 -69.69 44.20 -2.33
C HIS D 1410 -70.26 44.36 -0.93
N TRP D 1411 -69.97 45.50 -0.30
CA TRP D 1411 -70.29 45.87 1.08
C TRP D 1411 -71.72 45.51 1.48
N PRO D 1412 -71.89 44.62 2.47
CA PRO D 1412 -73.26 44.32 2.93
C PRO D 1412 -73.40 44.29 4.45
N SER D 1413 -72.88 43.24 5.10
CA SER D 1413 -72.92 43.07 6.55
C SER D 1413 -71.57 42.72 7.16
N PHE D 1414 -70.48 42.92 6.43
CA PHE D 1414 -69.16 42.75 7.00
C PHE D 1414 -68.98 43.73 8.14
N GLU D 1415 -69.68 44.87 8.07
CA GLU D 1415 -69.72 45.81 9.17
C GLU D 1415 -70.33 45.17 10.42
N ASN D 1416 -71.45 44.47 10.24
CA ASN D 1416 -72.17 43.84 11.34
C ASN D 1416 -71.29 42.76 11.96
N LEU D 1417 -70.59 42.01 11.11
CA LEU D 1417 -69.63 41.01 11.55
C LEU D 1417 -68.43 41.61 12.28
N LEU D 1418 -67.95 42.75 11.82
CA LEU D 1418 -66.72 43.33 12.37
C LEU D 1418 -66.97 44.00 13.70
N LYS D 1419 -68.15 44.59 13.88
CA LYS D 1419 -68.41 45.38 15.09
C LYS D 1419 -68.28 44.54 16.34
N CYS D 1420 -68.54 43.22 16.24
CA CYS D 1420 -68.43 42.35 17.40
C CYS D 1420 -67.16 41.50 17.34
N GLY D 1421 -66.17 41.92 16.57
CA GLY D 1421 -64.93 41.18 16.45
C GLY D 1421 -64.02 41.37 17.65
N MET D 1422 -63.04 40.48 17.76
CA MET D 1422 -62.10 40.52 18.86
C MET D 1422 -60.88 41.39 18.48
N GLU D 1423 -60.43 42.18 19.45
CA GLU D 1423 -59.37 43.16 19.25
C GLU D 1423 -58.03 42.52 19.59
N VAL D 1424 -57.17 42.35 18.58
CA VAL D 1424 -55.89 41.70 18.78
C VAL D 1424 -54.79 42.66 19.22
N TYR D 1425 -54.55 43.75 18.49
CA TYR D 1425 -53.37 44.57 18.74
C TYR D 1425 -53.73 46.04 18.50
N LYS D 1426 -53.84 46.79 19.60
CA LYS D 1426 -53.91 48.25 19.53
C LYS D 1426 -52.53 48.82 19.81
N GLY D 1427 -51.89 49.37 18.79
CA GLY D 1427 -50.53 49.85 18.95
C GLY D 1427 -49.98 50.47 17.69
N TYR D 1428 -48.65 50.51 17.63
CA TYR D 1428 -47.91 51.23 16.62
C TYR D 1428 -47.50 50.27 15.50
N MET D 1429 -47.68 50.71 14.26
CA MET D 1429 -47.31 49.90 13.09
C MET D 1429 -45.96 50.36 12.55
N ASP D 1430 -45.02 49.42 12.39
CA ASP D 1430 -43.69 49.76 11.93
C ASP D 1430 -43.66 49.86 10.40
N ASP D 1431 -44.39 50.84 9.87
CA ASP D 1431 -44.47 51.07 8.43
C ASP D 1431 -43.14 51.62 7.92
N PRO D 1432 -42.74 51.33 6.68
CA PRO D 1432 -41.50 51.90 6.16
C PRO D 1432 -41.69 53.34 5.68
N ARG D 1433 -42.79 53.97 6.10
CA ARG D 1433 -43.10 55.32 5.62
C ARG D 1433 -43.13 56.34 6.76
N ASN D 1434 -42.61 55.99 7.93
CA ASN D 1434 -42.51 56.92 9.05
C ASN D 1434 -41.20 57.69 8.98
N THR D 1435 -41.27 59.01 9.23
CA THR D 1435 -40.13 59.85 8.96
C THR D 1435 -39.50 60.46 10.21
N ASP D 1436 -40.26 61.31 10.90
CA ASP D 1436 -40.15 61.44 12.34
C ASP D 1436 -41.51 61.81 12.90
N ASN D 1437 -42.53 61.88 12.05
CA ASN D 1437 -43.87 62.33 12.38
C ASN D 1437 -44.79 61.69 11.37
N ALA D 1438 -46.11 61.83 11.58
CA ALA D 1438 -47.06 61.14 10.71
C ALA D 1438 -46.76 59.64 10.74
N TRP D 1439 -46.99 59.01 11.88
CA TRP D 1439 -46.68 57.60 12.05
C TRP D 1439 -47.98 56.81 12.11
N ILE D 1440 -47.98 55.64 11.50
CA ILE D 1440 -49.17 54.80 11.39
C ILE D 1440 -49.26 53.97 12.66
N GLU D 1441 -50.33 54.17 13.41
CA GLU D 1441 -50.77 53.24 14.43
C GLU D 1441 -52.07 52.61 13.99
N THR D 1442 -52.33 51.40 14.46
CA THR D 1442 -53.43 50.64 13.91
C THR D 1442 -54.16 49.90 15.03
N VAL D 1443 -55.36 49.40 14.73
CA VAL D 1443 -56.11 48.55 15.63
C VAL D 1443 -56.40 47.25 14.87
N ALA D 1444 -56.30 46.12 15.56
CA ALA D 1444 -56.40 44.82 14.93
C ALA D 1444 -57.71 44.16 15.35
N VAL D 1445 -58.64 44.06 14.39
CA VAL D 1445 -59.88 43.31 14.59
C VAL D 1445 -59.74 41.98 13.87
N SER D 1446 -60.08 40.90 14.56
CA SER D 1446 -59.93 39.55 14.02
C SER D 1446 -61.23 38.79 14.22
N VAL D 1447 -62.09 38.82 13.21
CA VAL D 1447 -63.26 37.95 13.24
C VAL D 1447 -62.87 36.54 12.81
N HIS D 1448 -63.32 35.57 13.59
CA HIS D 1448 -62.89 34.19 13.39
C HIS D 1448 -64.11 33.31 13.19
N PHE D 1449 -64.02 32.40 12.22
CA PHE D 1449 -65.12 31.51 11.87
C PHE D 1449 -64.80 30.08 12.28
N GLN D 1450 -65.79 29.42 12.88
CA GLN D 1450 -65.55 28.15 13.56
C GLN D 1450 -66.09 26.96 12.78
N ASP D 1451 -67.34 27.05 12.32
CA ASP D 1451 -67.95 25.95 11.59
C ASP D 1451 -67.29 25.80 10.22
N GLN D 1452 -67.73 24.80 9.47
CA GLN D 1452 -67.12 24.46 8.20
C GLN D 1452 -67.73 25.21 7.01
N ASN D 1453 -69.05 25.40 6.99
CA ASN D 1453 -69.68 26.11 5.89
C ASN D 1453 -70.38 27.36 6.42
N ASP D 1454 -71.35 27.21 7.33
CA ASP D 1454 -72.12 28.35 7.81
C ASP D 1454 -72.79 29.15 6.71
N VAL D 1455 -73.96 29.73 7.03
CA VAL D 1455 -74.50 30.76 6.16
C VAL D 1455 -73.43 31.83 5.93
N GLU D 1456 -72.65 32.14 6.96
CA GLU D 1456 -71.63 33.14 6.78
C GLU D 1456 -70.43 32.69 5.96
N LEU D 1457 -69.84 31.50 6.17
CA LEU D 1457 -68.74 31.13 5.27
C LEU D 1457 -69.20 31.05 3.83
N ASN D 1458 -70.35 30.41 3.56
CA ASN D 1458 -70.72 30.26 2.15
C ASN D 1458 -71.07 31.60 1.53
N ARG D 1459 -71.74 32.48 2.27
CA ARG D 1459 -72.06 33.82 1.82
C ARG D 1459 -70.80 34.66 1.58
N LEU D 1460 -69.82 34.57 2.47
CA LEU D 1460 -68.67 35.45 2.40
C LEU D 1460 -67.62 34.86 1.46
N ASN D 1461 -67.82 33.63 0.98
CA ASN D 1461 -67.11 33.15 -0.19
C ASN D 1461 -67.82 33.47 -1.49
N SER D 1462 -69.15 33.55 -1.49
CA SER D 1462 -69.89 33.87 -2.70
C SER D 1462 -69.94 35.38 -2.99
N ASN D 1463 -69.58 36.20 -2.01
CA ASN D 1463 -69.61 37.66 -2.18
C ASN D 1463 -68.29 38.23 -2.69
N LEU D 1464 -67.53 37.46 -3.46
CA LEU D 1464 -66.22 37.90 -3.96
C LEU D 1464 -66.39 38.41 -5.39
N HIS D 1465 -66.38 39.73 -5.55
CA HIS D 1465 -66.45 40.33 -6.89
C HIS D 1465 -65.06 40.69 -7.40
N ALA D 1466 -64.36 41.57 -6.67
CA ALA D 1466 -62.98 41.96 -7.00
C ALA D 1466 -62.90 42.57 -8.39
N CYS D 1467 -62.55 41.75 -9.38
CA CYS D 1467 -62.45 42.14 -10.79
C CYS D 1467 -61.64 43.43 -10.96
N ASP D 1468 -60.38 43.36 -10.52
CA ASP D 1468 -59.44 44.45 -10.67
C ASP D 1468 -58.32 44.14 -11.65
N SER D 1469 -58.59 43.32 -12.66
CA SER D 1469 -57.62 42.97 -13.70
C SER D 1469 -56.36 42.37 -13.10
N GLY D 1470 -56.49 41.22 -12.44
CA GLY D 1470 -55.32 40.54 -11.91
C GLY D 1470 -55.28 40.44 -10.40
N ALA D 1471 -56.13 41.20 -9.72
CA ALA D 1471 -56.20 41.13 -8.26
C ALA D 1471 -56.64 39.74 -7.83
N SER D 1472 -55.74 39.00 -7.20
CA SER D 1472 -55.98 37.60 -6.85
C SER D 1472 -56.31 37.48 -5.38
N ILE D 1473 -57.51 36.99 -5.09
CA ILE D 1473 -57.92 36.69 -3.72
C ILE D 1473 -58.04 35.18 -3.56
N ARG D 1474 -56.96 34.56 -3.08
CA ARG D 1474 -56.99 33.14 -2.72
C ARG D 1474 -56.78 32.95 -1.22
N TRP D 1475 -57.51 31.98 -0.69
CA TRP D 1475 -57.31 31.58 0.71
C TRP D 1475 -55.91 31.00 0.87
N GLN D 1476 -55.17 31.49 1.85
CA GLN D 1476 -53.79 31.06 2.04
C GLN D 1476 -53.57 30.64 3.48
N VAL D 1477 -52.79 29.56 3.64
CA VAL D 1477 -52.47 29.05 4.96
C VAL D 1477 -51.53 30.01 5.68
N VAL D 1478 -51.52 29.92 7.00
CA VAL D 1478 -50.70 30.79 7.83
C VAL D 1478 -49.39 30.07 8.15
N ASP D 1479 -48.30 30.84 8.10
CA ASP D 1479 -46.98 30.31 8.42
C ASP D 1479 -46.04 31.51 8.60
N ARG D 1480 -44.78 31.25 8.93
CA ARG D 1480 -43.81 32.33 9.05
C ARG D 1480 -43.06 32.49 7.72
N ARG D 1481 -43.64 31.96 6.64
CA ARG D 1481 -43.02 32.03 5.33
C ARG D 1481 -43.99 32.61 4.28
N ILE D 1482 -44.93 33.41 4.72
CA ILE D 1482 -45.87 34.02 3.77
C ILE D 1482 -45.25 35.26 3.16
N PRO D 1483 -45.46 35.55 1.89
CA PRO D 1483 -44.85 36.75 1.29
C PRO D 1483 -45.46 38.06 1.73
N LEU D 1484 -46.31 38.04 2.77
CA LEU D 1484 -46.88 39.26 3.35
C LEU D 1484 -45.80 40.26 3.72
N TYR D 1485 -46.16 41.54 3.76
CA TYR D 1485 -45.26 42.56 4.28
C TYR D 1485 -44.86 42.22 5.72
N ALA D 1486 -43.76 42.82 6.18
CA ALA D 1486 -43.26 42.50 7.52
C ALA D 1486 -44.25 42.89 8.61
N ASN D 1487 -44.85 44.07 8.51
CA ASN D 1487 -45.82 44.50 9.50
C ASN D 1487 -47.06 43.61 9.47
N HIS D 1488 -47.53 43.24 8.29
CA HIS D 1488 -48.65 42.31 8.20
C HIS D 1488 -48.29 40.97 8.82
N LYS D 1489 -47.05 40.51 8.62
CA LYS D 1489 -46.63 39.24 9.17
C LYS D 1489 -46.59 39.28 10.69
N THR D 1490 -46.07 40.37 11.27
CA THR D 1490 -46.04 40.45 12.73
C THR D 1490 -47.44 40.64 13.30
N LEU D 1491 -48.33 41.31 12.56
CA LEU D 1491 -49.72 41.40 12.99
C LEU D 1491 -50.39 40.03 12.97
N LEU D 1492 -50.09 39.23 11.95
CA LEU D 1492 -50.61 37.86 11.91
C LEU D 1492 -50.04 37.02 13.03
N GLN D 1493 -48.76 37.24 13.37
CA GLN D 1493 -48.18 36.57 14.52
C GLN D 1493 -48.92 36.93 15.79
N LYS D 1494 -49.25 38.21 15.97
CA LYS D 1494 -50.03 38.61 17.14
C LYS D 1494 -51.40 37.98 17.15
N ALA D 1495 -52.04 37.88 15.99
CA ALA D 1495 -53.39 37.33 15.88
C ALA D 1495 -53.42 35.81 15.98
N ALA D 1496 -52.29 35.13 15.77
CA ALA D 1496 -52.23 33.68 15.76
C ALA D 1496 -51.85 33.12 17.13
N ALA D 1497 -51.76 33.98 18.13
CA ALA D 1497 -51.47 33.55 19.49
C ALA D 1497 -52.70 33.51 20.38
N GLU D 1498 -53.74 34.27 20.05
CA GLU D 1498 -54.98 34.23 20.83
C GLU D 1498 -55.70 32.91 20.67
N PHE D 1499 -55.59 32.28 19.50
CA PHE D 1499 -56.32 31.05 19.20
C PHE D 1499 -55.42 29.82 19.22
N GLY D 1500 -54.18 29.94 19.67
CA GLY D 1500 -53.27 28.82 19.67
C GLY D 1500 -52.97 28.27 18.29
N ALA D 1501 -52.79 29.14 17.31
CA ALA D 1501 -52.58 28.71 15.93
C ALA D 1501 -51.15 28.18 15.77
N HIS D 1502 -50.79 27.82 14.54
CA HIS D 1502 -49.47 27.28 14.27
C HIS D 1502 -48.41 28.34 14.12
N TYR D 1503 -48.55 29.23 13.14
CA TYR D 1503 -47.51 30.19 12.73
C TYR D 1503 -46.09 29.63 12.85
C10 UOZ E . 38.99 24.70 26.08
C13 UOZ E . 39.05 22.25 27.61
C15 UOZ E . 37.84 23.90 26.26
C17 UOZ E . 38.46 27.60 27.32
C21 UOZ E . 37.00 29.00 28.56
C22 UOZ E . 35.60 29.83 28.51
C02 UOZ E . 39.04 28.28 22.18
C04 UOZ E . 38.62 30.28 23.41
C06 UOZ E . 38.71 28.31 24.66
C07 UOZ E . 38.96 27.56 23.48
C09 UOZ E . 38.93 26.06 25.23
C11 UOZ E . 40.17 24.23 26.71
C12 UOZ E . 40.21 23.03 27.46
C14 UOZ E . 37.86 22.69 27.00
C18 UOZ E . 39.18 28.87 27.76
C19 UOZ E . 38.08 29.89 28.00
C29 UOZ E . 34.65 30.47 22.53
C30 UOZ E . 35.32 30.48 21.06
C32 UOZ E . 34.73 30.10 18.83
C34 UOZ E . 34.37 31.57 19.06
C36 UOZ E . 35.08 31.87 20.45
N01 UOZ E . 39.27 27.65 20.96
N03 UOZ E . 38.86 29.64 22.18
N05 UOZ E . 38.54 29.71 24.63
N08 UOZ E . 39.09 26.18 23.87
N16 UOZ E . 38.69 27.35 25.77
O20 UOZ E . 38.35 30.85 28.99
O23 UOZ E . 34.64 29.26 27.74
O25 UOZ E . 34.18 30.91 25.49
O27 UOZ E . 34.71 33.27 24.77
O28 UOZ E . 34.07 31.65 22.87
O31 UOZ E . 34.80 29.54 20.08
O33 UOZ E . 33.71 29.55 17.98
O35 UOZ E . 32.97 31.57 19.10
O37 UOZ E . 36.35 32.45 20.32
O38 UOZ E . 32.26 32.55 24.64
O39 UOZ E . 32.28 29.41 26.47
O40 UOZ E . 33.21 31.38 27.83
O41 UOZ E . 37.12 27.79 27.75
P24 UOZ E . 33.42 30.31 26.83
P26 UOZ E . 33.71 32.22 24.54
C10 UOZ F . 31.34 60.47 6.52
C13 UOZ F . 33.97 60.21 5.33
C15 UOZ F . 31.54 60.47 5.11
C17 UOZ F . 29.38 62.94 5.99
C21 UOZ F . 30.32 65.01 6.70
C22 UOZ F . 30.07 65.31 8.28
C02 UOZ F . 26.88 59.69 9.26
C04 UOZ F . 25.63 61.65 8.69
C06 UOZ F . 27.76 61.47 7.72
C07 UOZ F . 27.96 60.22 8.39
C09 UOZ F . 29.87 60.62 7.17
C11 UOZ F . 32.52 60.35 7.31
C12 UOZ F . 33.81 60.22 6.73
C14 UOZ F . 32.83 60.34 4.52
C18 UOZ F . 28.30 64.01 5.99
C19 UOZ F . 29.05 65.36 5.97
N01 UOZ F . 26.96 58.49 9.97
N03 UOZ F . 25.72 60.45 9.39
N05 UOZ F . 26.57 62.20 7.88
N08 UOZ F . 29.26 59.73 8.03
N16 UOZ F . 28.99 61.72 6.94
O20 UOZ F . 29.45 65.81 4.69
O23 UOZ F . 29.05 66.16 8.52
O25 UOZ F . 30.96 68.31 8.47
O27 UOZ F . 32.58 67.09 6.94
O28 UOZ F . 33.21 69.57 7.44
O38 UOZ F . 31.12 68.90 5.88
O39 UOZ F . 28.75 68.49 9.88
O40 UOZ F . 28.64 68.37 7.33
O41 UOZ F . 30.58 63.63 6.30
P24 UOZ F . 29.32 68.01 8.60
P26 UOZ F . 31.86 68.39 7.05
C10 UOZ G . -3.14 -14.98 50.75
C13 UOZ G . -5.88 -15.57 50.06
C15 UOZ G . -3.82 -14.27 49.74
C17 UOZ G . -2.25 -12.94 53.06
C21 UOZ G . -2.35 -10.73 53.89
C22 UOZ G . -1.82 -9.21 53.69
C02 UOZ G . 2.14 -14.76 50.92
C04 UOZ G . 2.47 -13.20 52.69
C06 UOZ G . 0.25 -13.69 52.16
C07 UOZ G . 0.69 -14.59 51.14
C09 UOZ G . -1.61 -14.64 51.13
C11 UOZ G . -3.89 -15.99 51.41
C12 UOZ G . -5.23 -16.29 51.07
C14 UOZ G . -5.17 -14.55 49.38
C18 UOZ G . -1.76 -12.90 54.49
C19 UOZ G . -1.32 -11.45 54.72
C29 UOZ G . 3.15 -9.99 50.27
C30 UOZ G . 4.31 -11.02 49.80
C32 UOZ G . 5.77 -11.38 48.01
C34 UOZ G . 6.52 -10.38 48.90
C36 UOZ G . 5.66 -10.43 50.24
N01 UOZ G . 2.69 -15.61 49.96
N03 UOZ G . 3.01 -14.05 51.71
N05 UOZ G . 1.17 -12.98 52.95
N08 UOZ G . -0.49 -15.15 50.53
N16 UOZ G . -1.21 -13.73 52.14
O20 UOZ G . -1.46 -10.99 56.03
O23 UOZ G . -1.63 -8.87 52.39
O25 UOZ G . 1.14 -8.48 51.96
O27 UOZ G . 3.23 -8.19 53.36
O28 UOZ G . 3.63 -8.91 50.91
O31 UOZ G . 4.45 -11.28 48.37
O33 UOZ G . 6.04 -10.99 46.64
O35 UOZ G . 6.44 -9.18 48.19
O37 UOZ G . 6.16 -11.33 51.20
O38 UOZ G . 2.80 -6.43 51.56
O39 UOZ G . -0.62 -7.18 50.56
O40 UOZ G . -0.38 -6.73 53.07
O41 UOZ G . -2.49 -11.58 52.72
P24 UOZ G . -0.28 -7.66 51.92
P26 UOZ G . 2.70 -7.84 52.03
C10 UOZ H . 34.55 0.23 59.06
C13 UOZ H . 35.37 -2.50 59.58
C15 UOZ H . 35.63 -0.39 58.37
C17 UOZ H . 36.48 2.75 59.35
C21 UOZ H . 37.28 3.02 61.58
C22 UOZ H . 36.25 3.86 62.52
C02 UOZ H . 31.82 4.58 57.78
C04 UOZ H . 33.47 6.27 58.09
C06 UOZ H . 34.17 4.08 58.52
C07 UOZ H . 32.86 3.60 58.19
C09 UOZ H . 34.10 1.74 58.76
C11 UOZ H . 33.90 -0.59 60.03
C12 UOZ H . 34.30 -1.93 60.29
C14 UOZ H . 36.04 -1.73 58.62
C18 UOZ H . 37.14 4.12 59.48
C19 UOZ H . 38.04 4.03 60.73
N01 UOZ H . 30.51 4.24 57.43
N03 UOZ H . 32.17 5.92 57.74
N05 UOZ H . 34.48 5.45 58.47
N08 UOZ H . 32.86 2.17 58.35
N16 UOZ H . 34.96 2.88 58.89
O20 UOZ H . 39.32 3.48 60.52
O23 UOZ H . 36.59 5.17 62.68
O25 UOZ H . 38.06 4.40 65.03
O27 UOZ H . 38.50 2.03 64.22
O28 UOZ H . 39.72 2.67 66.43
O38 UOZ H . 40.43 3.70 64.05
O39 UOZ H . 37.02 6.81 64.79
O40 UOZ H . 38.90 6.05 63.24
O41 UOZ H . 36.72 2.11 60.59
P24 UOZ H . 37.72 5.72 64.06
P26 UOZ H . 39.22 3.22 64.76
C10 UOZ I . -48.66 12.36 17.02
C13 UOZ I . -48.57 14.25 14.83
C15 UOZ I . -47.44 12.93 16.55
C17 UOZ I . -49.10 13.17 20.08
C21 UOZ I . -48.33 14.43 21.94
C22 UOZ I . -47.19 14.54 23.07
C02 UOZ I . -48.50 7.99 19.98
C04 UOZ I . -48.85 8.90 22.16
C06 UOZ I . -48.83 10.43 20.39
C07 UOZ I . -48.60 9.38 19.47
C09 UOZ I . -48.69 11.32 18.24
C11 UOZ I . -49.84 12.79 16.35
C12 UOZ I . -49.80 13.72 15.26
C14 UOZ I . -47.40 13.85 15.47
C18 UOZ I . -50.16 13.22 21.17
C19 UOZ I . -49.40 13.51 22.47
C29 UOZ I . -44.92 8.90 23.24
C30 UOZ I . -45.18 7.33 22.90
C32 UOZ I . -43.99 5.38 22.43
C34 UOZ I . -44.02 5.43 23.96
C36 UOZ I . -45.11 6.56 24.23
N01 UOZ I . -48.29 6.87 19.18
N03 UOZ I . -48.62 7.79 21.34
N05 UOZ I . -48.95 10.20 21.77
N08 UOZ I . -48.52 9.96 18.15
N16 UOZ I . -48.87 11.67 19.60
O20 UOZ I . -50.11 14.23 23.42
O23 UOZ I . -45.97 14.10 22.68
O25 UOZ I . -45.32 11.76 24.12
O27 UOZ I . -46.14 10.55 26.17
O28 UOZ I . -44.71 9.14 24.55
O31 UOZ I . -44.25 6.66 22.02
O33 UOZ I . -42.69 4.88 22.06
O35 UOZ I . -42.72 5.77 24.30
O37 UOZ I . -46.40 6.06 24.45
O38 UOZ I . -43.64 11.07 26.08
O39 UOZ I . -43.45 13.38 23.27
O40 UOZ I . -45.08 14.14 25.09
O41 UOZ I . -47.98 13.84 20.66
P24 UOZ I . -44.80 13.31 23.89
P26 UOZ I . -44.91 10.73 25.38
C10 UOZ J . -44.26 -10.99 51.02
C13 UOZ J . -46.38 -12.65 49.96
C15 UOZ J . -44.08 -12.38 50.79
C17 UOZ J . -42.80 -11.50 53.82
C21 UOZ J . -44.32 -11.38 55.65
C22 UOZ J . -44.53 -9.85 56.19
C02 UOZ J . -40.56 -7.25 51.71
C04 UOZ J . -39.67 -7.87 53.83
C06 UOZ J . -41.39 -9.23 53.01
C07 UOZ J . -41.47 -8.42 51.84
C09 UOZ J . -43.07 -10.07 51.60
C11 UOZ J . -45.54 -10.47 50.69
C12 UOZ J . -46.58 -11.27 50.18
C14 UOZ J . -45.12 -13.21 50.27
C18 UOZ J . -42.02 -11.45 55.11
C19 UOZ J . -43.01 -11.87 56.22
N01 UOZ J . -40.55 -6.38 50.61
N03 UOZ J . -39.66 -7.01 52.74
N05 UOZ J . -40.46 -8.95 54.04
N08 UOZ J . -42.52 -8.97 51.01
N16 UOZ J . -42.41 -10.29 52.85
O20 UOZ J . -43.16 -13.26 56.40
O23 UOZ J . -43.81 -9.55 57.29
O25 UOZ J . -46.07 -10.39 58.87
O27 UOZ J . -46.95 -12.00 57.12
O28 UOZ J . -48.21 -12.09 59.40
O38 UOZ J . -45.70 -13.01 59.10
O39 UOZ J . -44.38 -8.59 59.76
O40 UOZ J . -43.62 -11.00 59.39
O41 UOZ J . -44.16 -11.58 54.21
P24 UOZ J . -44.49 -9.86 59.01
P26 UOZ J . -46.59 -11.96 58.56
C10 UOZ K . -6.54 52.05 -7.66
C13 UOZ K . -3.64 52.07 -7.62
C15 UOZ K . -5.78 51.09 -6.92
C17 UOZ K . -8.39 53.71 -5.65
C21 UOZ K . -8.98 54.16 -3.40
C22 UOZ K . -9.76 53.58 -2.10
C02 UOZ K . -11.60 51.03 -8.75
C04 UOZ K . -12.71 52.39 -7.13
C06 UOZ K . -10.37 52.44 -7.11
C07 UOZ K . -10.32 51.53 -8.20
C09 UOZ K . -8.14 52.02 -7.66
C11 UOZ K . -5.78 53.02 -8.37
C12 UOZ K . -4.35 53.03 -8.35
C14 UOZ K . -4.37 51.09 -6.90
C18 UOZ K . -9.22 54.98 -5.57
C19 UOZ K . -10.01 54.86 -4.26
C29 UOZ K . -13.42 49.36 -4.50
C30 UOZ K . -14.17 48.84 -5.83
C32 UOZ K . -15.02 46.86 -6.75
C34 UOZ K . -16.17 47.39 -5.88
C36 UOZ K . -15.69 48.86 -5.56
N01 UOZ K . -11.69 50.13 -9.82
N03 UOZ K . -12.78 51.48 -8.19
N05 UOZ K . -11.58 52.89 -6.55
N08 UOZ K . -8.94 51.29 -8.51
N16 UOZ K . -8.97 52.75 -6.78
O20 UOZ K . -10.30 56.07 -3.62
O23 UOZ K . -9.70 52.23 -1.97
O25 UOZ K . -12.29 51.16 -2.35
O27 UOZ K . -14.66 52.00 -2.42
O28 UOZ K . -14.27 49.69 -3.50
O31 UOZ K . -13.90 47.48 -6.28
O33 UOZ K . -15.02 45.42 -6.61
O35 UOZ K . -16.18 46.52 -4.78
O37 UOZ K . -16.21 49.83 -6.43
O38 UOZ K . -14.18 50.06 -0.84
O39 UOZ K . -10.55 49.96 -0.81
O40 UOZ K . -11.50 52.24 -0.15
O41 UOZ K . -8.37 53.21 -4.32
P24 UOZ K . -11.10 51.29 -1.21
P26 UOZ K . -13.90 50.78 -2.11
C10 UOZ L . -47.47 49.26 -1.53
C13 UOZ L . -47.78 50.06 -4.29
C15 UOZ L . -48.18 48.47 -2.46
C17 UOZ L . -49.90 48.69 0.46
C21 UOZ L . -51.28 50.60 0.78
C22 UOZ L . -50.72 51.59 1.95
C02 UOZ L . -45.50 47.86 3.20
C04 UOZ L . -47.51 47.50 4.45
C06 UOZ L . -47.80 48.16 2.21
C07 UOZ L . -46.37 48.20 2.04
C09 UOZ L . -47.30 48.81 0.02
C11 UOZ L . -46.92 50.48 -2.03
C12 UOZ L . -47.07 50.87 -3.38
C14 UOZ L . -48.34 48.86 -3.82
C18 UOZ L . -50.85 48.43 1.63
C19 UOZ L . -51.99 49.46 1.45
N01 UOZ L . -44.10 47.87 3.15
N03 UOZ L . -46.11 47.52 4.39
N05 UOZ L . -48.37 47.80 3.45
N08 UOZ L . -46.12 48.61 0.68
N16 UOZ L . -48.37 48.55 0.91
O20 UOZ L . -53.03 49.07 0.58
O23 UOZ L . -51.36 51.44 3.14
O25 UOZ L . -53.17 53.52 2.31
O27 UOZ L . -52.88 53.06 -0.17
O28 UOZ L . -54.71 54.81 0.40
O38 UOZ L . -55.01 52.19 0.93
O39 UOZ L . -52.65 53.09 4.85
O40 UOZ L . -53.88 51.33 3.47
O41 UOZ L . -50.30 49.94 -0.08
P24 UOZ L . -52.89 52.43 3.55
P26 UOZ L . -53.94 53.21 0.85
#